data_2C39
#
_entry.id   2C39
#
_cell.length_a   206.200
_cell.length_b   214.000
_cell.length_c   432.500
_cell.angle_alpha   90.00
_cell.angle_beta   90.00
_cell.angle_gamma   90.00
#
_symmetry.space_group_name_H-M   'C 2 2 21'
#
loop_
_entity.id
_entity.type
_entity.pdbx_description
1 polymer 'PROBABLE EXOSOME COMPLEX EXONUCLEASE 2'
2 polymer 'PROBABLE EXOSOME COMPLEX EXONUCLEASE 1'
3 non-polymer "ADENOSINE-5'-DIPHOSPHATE"
#
loop_
_entity_poly.entity_id
_entity_poly.type
_entity_poly.pdbx_seq_one_letter_code
_entity_poly.pdbx_strand_id
1 'polypeptide(L)'
;MSSTPSNQNIIPIIKKESIVSLFEKGIRQDGRKLTDYRPLSITLDYAKKADGSALVKLGTTMVLAGTKLEIDKPYEDTPN
QGNLIVNVELLPLAYETFEPGPPDENAIELARVVDRSLRDSKALDLTKLVIEPGKSVWTVWLDVYVLDYGGNVLDACTLA
SVAALYNTKVYKVEQHSNGISVNKNEVVGKLPLNYPVVTISVAKVDKYLVVDPDLDEESIMDAKISFSYTPDLKIVGIQK
SGKGSMSLQDIDQAENTARSTAVKLLEELKKHLGI
;
A,C,E,G,I,K,M,O,Q,S,U,W
2 'polypeptide(L)'
;MREMLQVERPKLILDDGKRTDGRKPDELRSIKIELGVLKNADGSAIFEMGNTKAIAAVYGPKEMHPRHLSLPDRAVLRVR
YHMTPFSTDERKNPAPSRREIELSKVIREALESAVLVELFPRTAIDVFTEILQADAGSRLVSLMAASLALADAGIPMRDL
IAGVAVGKADGVIILDLNETEDMWGEADMPIAMMPSLNQVTLFQLNGSMTPDEFRQAFDLAVKGINIIYNLEREALKSKY
VEFKEEGV
;
B,D,F,H,J,L,N,P,R,T,V,X
#
loop_
_chem_comp.id
_chem_comp.type
_chem_comp.name
_chem_comp.formula
ADP non-polymer ADENOSINE-5'-DIPHOSPHATE 'C10 H15 N5 O10 P2'
#
# COMPACT_ATOMS: atom_id res chain seq x y z
N MET A 1 0.34 -12.60 39.42
CA MET A 1 -0.42 -11.53 38.69
C MET A 1 -1.48 -12.10 37.76
N SER A 2 -2.74 -11.88 38.09
CA SER A 2 -3.90 -12.47 37.40
C SER A 2 -4.49 -11.53 36.36
N SER A 3 -4.53 -11.96 35.10
CA SER A 3 -5.03 -11.12 34.02
C SER A 3 -6.09 -11.81 33.13
N THR A 4 -6.96 -10.98 32.55
CA THR A 4 -8.03 -11.42 31.66
C THR A 4 -7.44 -12.31 30.56
N PRO A 5 -7.93 -13.57 30.46
CA PRO A 5 -7.34 -14.50 29.51
C PRO A 5 -7.54 -14.02 28.07
N SER A 6 -6.46 -13.98 27.29
CA SER A 6 -6.51 -13.50 25.88
C SER A 6 -6.97 -14.57 24.88
N ASN A 7 -7.08 -15.80 25.36
CA ASN A 7 -7.74 -16.90 24.66
C ASN A 7 -9.24 -16.89 24.98
N GLN A 8 -9.75 -15.71 25.33
CA GLN A 8 -11.17 -15.47 25.52
C GLN A 8 -11.87 -15.95 24.25
N ASN A 9 -12.36 -17.19 24.32
CA ASN A 9 -12.91 -17.84 23.14
C ASN A 9 -14.29 -17.29 22.85
N ILE A 10 -14.31 -16.23 22.05
CA ILE A 10 -15.49 -15.41 21.84
C ILE A 10 -16.56 -16.13 21.02
N ILE A 11 -17.82 -15.93 21.41
CA ILE A 11 -18.97 -16.57 20.77
C ILE A 11 -19.98 -15.52 20.29
N PRO A 12 -20.19 -15.42 18.96
CA PRO A 12 -20.91 -14.33 18.29
C PRO A 12 -22.26 -13.99 18.90
N ILE A 13 -22.68 -12.74 18.73
CA ILE A 13 -23.92 -12.25 19.31
C ILE A 13 -25.10 -13.01 18.74
N ILE A 14 -24.98 -13.42 17.47
CA ILE A 14 -26.04 -14.15 16.75
C ILE A 14 -26.26 -15.55 17.33
N LYS A 15 -25.19 -16.26 17.61
CA LYS A 15 -25.30 -17.58 18.22
C LYS A 15 -25.84 -17.51 19.65
N LYS A 16 -25.50 -16.44 20.36
CA LYS A 16 -25.99 -16.25 21.71
C LYS A 16 -27.51 -16.14 21.72
N GLU A 17 -28.05 -15.42 20.75
CA GLU A 17 -29.48 -15.17 20.65
C GLU A 17 -30.28 -16.43 20.32
N SER A 18 -29.61 -17.36 19.64
CA SER A 18 -30.23 -18.64 19.30
C SER A 18 -30.45 -19.47 20.55
N ILE A 19 -29.44 -19.50 21.39
CA ILE A 19 -29.48 -20.27 22.61
C ILE A 19 -30.46 -19.66 23.61
N VAL A 20 -30.48 -18.33 23.69
CA VAL A 20 -31.37 -17.59 24.61
C VAL A 20 -32.83 -17.75 24.20
N SER A 21 -33.08 -17.74 22.88
CA SER A 21 -34.41 -17.97 22.35
C SER A 21 -34.98 -19.33 22.71
N LEU A 22 -34.10 -20.31 22.86
CA LEU A 22 -34.50 -21.64 23.32
C LEU A 22 -34.79 -21.65 24.82
N PHE A 23 -33.98 -20.91 25.59
CA PHE A 23 -34.14 -20.82 27.05
C PHE A 23 -35.53 -20.26 27.37
N GLU A 24 -35.95 -19.32 26.54
CA GLU A 24 -37.23 -18.64 26.61
C GLU A 24 -38.37 -19.65 26.46
N LYS A 25 -38.06 -20.81 25.90
CA LYS A 25 -39.04 -21.89 25.77
C LYS A 25 -38.67 -23.04 26.71
N GLY A 26 -37.75 -22.79 27.63
CA GLY A 26 -37.42 -23.75 28.66
C GLY A 26 -36.73 -25.01 28.18
N ILE A 27 -36.16 -24.94 26.98
CA ILE A 27 -35.41 -26.06 26.42
C ILE A 27 -34.00 -25.61 26.02
N ARG A 28 -33.06 -26.54 25.97
CA ARG A 28 -31.68 -26.22 25.59
C ARG A 28 -31.26 -26.89 24.29
N GLN A 29 -30.05 -26.54 23.81
CA GLN A 29 -29.48 -27.18 22.63
C GLN A 29 -29.54 -28.70 22.79
N ASP A 30 -28.88 -29.24 23.83
CA ASP A 30 -28.84 -30.71 24.00
C ASP A 30 -30.16 -31.41 24.35
N GLY A 31 -31.24 -30.64 24.49
CA GLY A 31 -32.59 -31.18 24.67
C GLY A 31 -33.12 -31.12 26.08
N ARG A 32 -32.23 -30.97 27.05
CA ARG A 32 -32.63 -30.97 28.47
C ARG A 32 -33.29 -29.67 28.93
N LYS A 33 -34.05 -29.77 30.02
CA LYS A 33 -34.71 -28.63 30.65
C LYS A 33 -33.69 -27.76 31.35
N LEU A 34 -34.08 -26.52 31.63
CA LEU A 34 -33.18 -25.55 32.25
C LEU A 34 -32.51 -26.07 33.55
N THR A 35 -33.13 -27.07 34.17
CA THR A 35 -32.67 -27.55 35.49
C THR A 35 -32.04 -28.95 35.48
N ASP A 36 -31.88 -29.55 34.30
CA ASP A 36 -31.38 -30.92 34.18
C ASP A 36 -29.86 -31.00 34.18
N TYR A 37 -29.35 -32.04 34.83
CA TYR A 37 -27.93 -32.40 34.70
C TYR A 37 -27.68 -33.21 33.43
N ARG A 38 -26.45 -33.16 32.94
CA ARG A 38 -26.09 -33.97 31.78
C ARG A 38 -25.98 -35.45 32.17
N PRO A 39 -25.95 -36.35 31.17
CA PRO A 39 -25.74 -37.78 31.41
C PRO A 39 -24.45 -38.04 32.20
N LEU A 40 -24.51 -38.94 33.18
CA LEU A 40 -23.40 -39.15 34.12
C LEU A 40 -22.87 -40.57 34.12
N SER A 41 -21.59 -40.74 33.76
CA SER A 41 -20.93 -42.04 33.82
C SER A 41 -19.84 -42.01 34.85
N ILE A 42 -19.78 -43.04 35.68
CA ILE A 42 -18.64 -43.20 36.60
C ILE A 42 -18.11 -44.62 36.50
N THR A 43 -16.81 -44.71 36.20
CA THR A 43 -16.09 -45.97 36.19
C THR A 43 -15.10 -45.94 37.35
N LEU A 44 -15.31 -46.83 38.32
CA LEU A 44 -14.44 -46.88 39.47
C LEU A 44 -13.22 -47.70 39.17
N ASP A 45 -12.10 -47.33 39.81
CA ASP A 45 -10.92 -48.17 39.81
C ASP A 45 -10.40 -48.26 38.37
N TYR A 46 -10.32 -47.11 37.74
CA TYR A 46 -9.88 -47.02 36.34
C TYR A 46 -8.37 -47.02 36.23
N ALA A 47 -7.70 -46.23 37.06
CA ALA A 47 -6.24 -46.22 37.15
C ALA A 47 -5.81 -47.28 38.16
N LYS A 48 -5.26 -48.38 37.66
CA LYS A 48 -5.07 -49.57 38.49
C LYS A 48 -4.00 -49.41 39.57
N LYS A 49 -3.01 -48.55 39.32
CA LYS A 49 -1.93 -48.35 40.28
C LYS A 49 -2.25 -47.31 41.34
N ALA A 50 -3.37 -46.63 41.19
CA ALA A 50 -3.89 -45.76 42.25
C ALA A 50 -4.40 -46.58 43.40
N ASP A 51 -4.45 -45.96 44.59
CA ASP A 51 -5.02 -46.61 45.77
C ASP A 51 -6.51 -46.71 45.57
N GLY A 52 -7.04 -45.73 44.86
CA GLY A 52 -8.44 -45.70 44.48
C GLY A 52 -8.58 -44.65 43.41
N SER A 53 -9.36 -44.94 42.37
CA SER A 53 -9.54 -44.00 41.28
C SER A 53 -10.96 -43.99 40.75
N ALA A 54 -11.30 -42.95 40.01
CA ALA A 54 -12.60 -42.85 39.36
C ALA A 54 -12.53 -42.00 38.11
N LEU A 55 -13.08 -42.52 37.02
CA LEU A 55 -13.17 -41.77 35.78
C LEU A 55 -14.63 -41.36 35.57
N VAL A 56 -14.86 -40.06 35.53
CA VAL A 56 -16.21 -39.49 35.51
C VAL A 56 -16.46 -38.85 34.16
N LYS A 57 -17.57 -39.20 33.52
CA LYS A 57 -18.00 -38.52 32.30
C LYS A 57 -19.30 -37.83 32.58
N LEU A 58 -19.25 -36.51 32.66
CA LEU A 58 -20.43 -35.69 32.81
C LEU A 58 -20.58 -34.94 31.51
N GLY A 59 -21.50 -35.38 30.65
CA GLY A 59 -21.58 -34.85 29.28
C GLY A 59 -20.31 -35.16 28.51
N THR A 60 -19.70 -34.14 27.91
CA THR A 60 -18.45 -34.33 27.22
C THR A 60 -17.25 -34.05 28.12
N THR A 61 -17.48 -33.50 29.31
CA THR A 61 -16.42 -33.30 30.29
C THR A 61 -15.94 -34.63 30.86
N MET A 62 -14.62 -34.81 30.91
CA MET A 62 -14.03 -36.00 31.54
C MET A 62 -12.98 -35.65 32.57
N VAL A 63 -13.20 -36.17 33.77
CA VAL A 63 -12.23 -36.06 34.85
C VAL A 63 -11.82 -37.45 35.31
N LEU A 64 -10.52 -37.63 35.51
CA LEU A 64 -9.99 -38.82 36.15
C LEU A 64 -9.32 -38.40 37.46
N ALA A 65 -9.80 -38.93 38.59
CA ALA A 65 -9.21 -38.63 39.88
C ALA A 65 -8.68 -39.90 40.53
N GLY A 66 -7.53 -39.77 41.18
CA GLY A 66 -6.88 -40.91 41.79
C GLY A 66 -6.25 -40.56 43.11
N THR A 67 -6.34 -41.49 44.05
CA THR A 67 -5.73 -41.31 45.36
C THR A 67 -4.49 -42.16 45.50
N LYS A 68 -3.56 -41.67 46.31
CA LYS A 68 -2.33 -42.35 46.57
C LYS A 68 -2.01 -42.07 48.01
N LEU A 69 -1.91 -43.12 48.83
CA LEU A 69 -1.74 -42.98 50.29
C LEU A 69 -0.31 -43.09 50.72
N GLU A 70 0.08 -42.28 51.70
CA GLU A 70 1.45 -42.29 52.23
C GLU A 70 1.51 -42.09 53.75
N ILE A 71 2.59 -42.53 54.36
CA ILE A 71 2.80 -42.32 55.80
C ILE A 71 3.83 -41.20 56.04
N ASP A 72 3.35 -40.09 56.60
CA ASP A 72 4.18 -38.93 56.95
C ASP A 72 4.08 -38.60 58.45
N LYS A 73 5.07 -37.90 59.00
CA LYS A 73 4.94 -37.28 60.33
C LYS A 73 3.92 -36.14 60.25
N PRO A 74 2.95 -36.09 61.20
CA PRO A 74 1.93 -35.03 61.12
C PRO A 74 2.59 -33.66 61.30
N TYR A 75 2.05 -32.63 60.65
CA TYR A 75 2.71 -31.33 60.72
C TYR A 75 2.57 -30.72 62.14
N GLU A 76 3.64 -30.07 62.60
CA GLU A 76 3.78 -29.56 63.99
C GLU A 76 2.56 -28.78 64.53
N ASP A 77 1.85 -28.10 63.63
CA ASP A 77 0.62 -27.36 63.97
C ASP A 77 -0.56 -28.30 64.29
N THR A 78 -0.77 -29.32 63.46
CA THR A 78 -1.91 -30.24 63.59
C THR A 78 -1.43 -31.67 63.91
N PRO A 79 -1.13 -31.94 65.19
CA PRO A 79 -0.46 -33.20 65.58
C PRO A 79 -1.35 -34.44 65.61
N ASN A 80 -2.66 -34.26 65.79
CA ASN A 80 -3.57 -35.41 65.77
C ASN A 80 -4.48 -35.51 64.55
N GLN A 81 -3.94 -35.12 63.40
CA GLN A 81 -4.65 -35.14 62.12
C GLN A 81 -3.83 -35.78 61.00
N GLY A 82 -4.52 -36.53 60.14
CA GLY A 82 -3.94 -36.93 58.86
C GLY A 82 -4.01 -35.77 57.87
N ASN A 83 -3.47 -35.98 56.68
CA ASN A 83 -3.40 -34.93 55.68
C ASN A 83 -4.21 -35.25 54.44
N LEU A 84 -4.83 -34.23 53.85
CA LEU A 84 -5.46 -34.36 52.54
C LEU A 84 -4.87 -33.32 51.65
N ILE A 85 -4.28 -33.75 50.53
CA ILE A 85 -3.72 -32.80 49.58
C ILE A 85 -4.38 -32.96 48.23
N VAL A 86 -5.23 -32.00 47.88
CA VAL A 86 -5.92 -32.01 46.60
C VAL A 86 -5.10 -31.28 45.55
N ASN A 87 -5.11 -31.81 44.34
CA ASN A 87 -4.38 -31.23 43.25
C ASN A 87 -5.07 -31.42 41.92
N VAL A 88 -5.35 -30.31 41.22
CA VAL A 88 -6.08 -30.38 39.94
C VAL A 88 -5.14 -30.02 38.79
N GLU A 89 -5.31 -30.69 37.65
CA GLU A 89 -4.52 -30.39 36.48
C GLU A 89 -5.38 -30.40 35.21
N LEU A 90 -5.39 -29.30 34.50
CA LEU A 90 -6.10 -29.19 33.24
C LEU A 90 -5.13 -29.56 32.13
N LEU A 91 -5.59 -30.28 31.12
CA LEU A 91 -4.66 -30.82 30.11
C LEU A 91 -4.81 -30.28 28.69
N PRO A 92 -6.05 -29.93 28.25
CA PRO A 92 -6.27 -29.44 26.88
C PRO A 92 -5.54 -28.13 26.50
N ASP A 104 -1.33 -23.63 37.38
CA ASP A 104 -2.11 -22.79 36.47
C ASP A 104 -2.66 -21.54 37.17
N GLU A 105 -3.95 -21.58 37.54
CA GLU A 105 -4.70 -20.48 38.18
C GLU A 105 -6.16 -20.89 38.34
N ASN A 106 -6.72 -21.45 37.26
CA ASN A 106 -8.06 -22.03 37.33
C ASN A 106 -7.94 -23.37 37.96
N ALA A 107 -6.82 -24.04 37.69
CA ALA A 107 -6.48 -25.33 38.31
C ALA A 107 -6.36 -25.18 39.83
N ILE A 108 -5.56 -24.21 40.26
CA ILE A 108 -5.40 -23.90 41.68
C ILE A 108 -6.74 -23.58 42.34
N GLU A 109 -7.56 -22.75 41.70
CA GLU A 109 -8.89 -22.40 42.21
C GLU A 109 -9.81 -23.63 42.31
N LEU A 110 -9.73 -24.52 41.32
CA LEU A 110 -10.51 -25.75 41.33
C LEU A 110 -10.10 -26.63 42.48
N ALA A 111 -8.79 -26.74 42.67
CA ALA A 111 -8.23 -27.55 43.74
C ALA A 111 -8.73 -27.07 45.09
N ARG A 112 -8.67 -25.76 45.30
CA ARG A 112 -9.05 -25.18 46.59
C ARG A 112 -10.52 -25.32 46.87
N VAL A 113 -11.35 -25.07 45.86
CA VAL A 113 -12.79 -25.22 46.03
C VAL A 113 -13.23 -26.65 46.40
N VAL A 114 -12.63 -27.63 45.72
CA VAL A 114 -12.85 -29.04 46.05
C VAL A 114 -12.33 -29.37 47.44
N ASP A 115 -11.07 -29.01 47.70
CA ASP A 115 -10.47 -29.23 49.01
C ASP A 115 -11.40 -28.74 50.12
N ARG A 116 -11.76 -27.45 50.01
CA ARG A 116 -12.56 -26.78 51.03
C ARG A 116 -13.85 -27.51 51.32
N SER A 117 -14.50 -28.03 50.29
CA SER A 117 -15.81 -28.60 50.48
C SER A 117 -15.70 -30.04 51.00
N LEU A 118 -14.57 -30.69 50.75
CA LEU A 118 -14.32 -32.02 51.31
C LEU A 118 -13.88 -31.97 52.77
N ARG A 119 -13.23 -30.87 53.12
CA ARG A 119 -12.65 -30.68 54.43
C ARG A 119 -13.65 -30.06 55.43
N ASP A 120 -14.33 -29.00 55.01
CA ASP A 120 -15.27 -28.27 55.87
C ASP A 120 -16.54 -29.07 56.11
N SER A 121 -16.90 -29.94 55.17
CA SER A 121 -18.04 -30.84 55.36
C SER A 121 -17.67 -31.97 56.31
N LYS A 122 -16.36 -32.20 56.40
CA LYS A 122 -15.75 -33.31 57.14
C LYS A 122 -16.24 -34.64 56.57
N ALA A 123 -16.49 -34.63 55.27
CA ALA A 123 -16.82 -35.83 54.50
C ALA A 123 -15.73 -36.86 54.64
N LEU A 124 -14.48 -36.37 54.66
CA LEU A 124 -13.36 -37.18 55.09
C LEU A 124 -12.95 -36.72 56.47
N ASP A 125 -12.89 -37.64 57.41
CA ASP A 125 -12.45 -37.33 58.77
C ASP A 125 -10.95 -37.54 58.89
N LEU A 126 -10.21 -36.42 58.92
CA LEU A 126 -8.77 -36.45 58.97
C LEU A 126 -8.23 -36.97 60.30
N THR A 127 -9.03 -36.85 61.36
CA THR A 127 -8.59 -37.23 62.70
C THR A 127 -8.61 -38.76 62.90
N LYS A 128 -9.23 -39.50 61.96
CA LYS A 128 -9.15 -40.97 61.97
C LYS A 128 -8.00 -41.53 61.14
N LEU A 129 -7.30 -40.66 60.40
CA LEU A 129 -6.13 -41.05 59.61
C LEU A 129 -4.84 -41.02 60.44
N VAL A 130 -4.96 -41.12 61.77
CA VAL A 130 -3.80 -41.12 62.66
C VAL A 130 -3.42 -42.57 62.94
N ILE A 131 -2.13 -42.87 62.86
CA ILE A 131 -1.62 -44.20 63.21
C ILE A 131 -1.04 -44.18 64.62
N GLU A 132 0.06 -43.43 64.82
CA GLU A 132 0.62 -43.19 66.16
C GLU A 132 0.71 -41.68 66.43
N PRO A 133 -0.25 -41.13 67.22
CA PRO A 133 -0.45 -39.67 67.36
C PRO A 133 0.87 -38.92 67.57
N GLY A 134 1.07 -37.86 66.79
CA GLY A 134 2.31 -37.08 66.87
C GLY A 134 3.49 -37.73 66.15
N LYS A 135 3.45 -39.05 65.99
CA LYS A 135 4.55 -39.78 65.36
C LYS A 135 4.34 -40.02 63.87
N SER A 136 3.21 -40.63 63.51
CA SER A 136 2.93 -40.99 62.10
C SER A 136 1.43 -41.04 61.75
N VAL A 137 1.10 -40.40 60.63
CA VAL A 137 -0.29 -40.33 60.11
C VAL A 137 -0.33 -40.64 58.62
N TRP A 138 -1.53 -40.93 58.12
CA TRP A 138 -1.77 -41.08 56.69
C TRP A 138 -1.89 -39.72 55.99
N THR A 139 -1.27 -39.60 54.82
CA THR A 139 -1.44 -38.45 53.94
C THR A 139 -2.18 -38.97 52.71
N VAL A 140 -3.34 -38.39 52.44
CA VAL A 140 -4.12 -38.73 51.26
C VAL A 140 -3.84 -37.78 50.09
N TRP A 141 -3.14 -38.27 49.09
CA TRP A 141 -2.89 -37.46 47.91
C TRP A 141 -4.03 -37.68 46.95
N LEU A 142 -4.84 -36.65 46.75
CA LEU A 142 -5.89 -36.67 45.73
C LEU A 142 -5.41 -35.90 44.49
N ASP A 143 -5.37 -36.57 43.35
CA ASP A 143 -4.97 -35.89 42.13
C ASP A 143 -6.06 -36.01 41.08
N VAL A 144 -6.53 -34.86 40.61
CA VAL A 144 -7.64 -34.79 39.68
C VAL A 144 -7.19 -34.30 38.30
N TYR A 145 -7.45 -35.08 37.26
CA TYR A 145 -7.00 -34.75 35.93
C TYR A 145 -8.15 -34.54 34.97
N VAL A 146 -8.29 -33.29 34.52
CA VAL A 146 -9.29 -32.94 33.53
C VAL A 146 -8.75 -33.26 32.15
N LEU A 147 -9.40 -34.22 31.49
CA LEU A 147 -8.92 -34.75 30.22
C LEU A 147 -9.69 -34.16 29.05
N ASP A 148 -10.97 -33.85 29.30
CA ASP A 148 -11.84 -33.32 28.26
C ASP A 148 -12.58 -32.14 28.85
N TYR A 149 -12.31 -30.94 28.36
CA TYR A 149 -12.95 -29.76 28.91
C TYR A 149 -14.29 -29.50 28.25
N GLY A 150 -15.36 -30.07 28.79
CA GLY A 150 -16.68 -29.94 28.20
C GLY A 150 -17.60 -28.97 28.91
N GLY A 151 -17.02 -28.13 29.78
CA GLY A 151 -17.79 -27.16 30.55
C GLY A 151 -18.27 -27.74 31.87
N ASN A 152 -18.37 -26.87 32.87
CA ASN A 152 -18.76 -27.25 34.24
C ASN A 152 -17.82 -28.28 34.82
N VAL A 153 -16.53 -28.01 34.65
CA VAL A 153 -15.48 -28.88 35.12
C VAL A 153 -15.53 -29.07 36.64
N LEU A 154 -15.91 -28.03 37.36
CA LEU A 154 -15.97 -28.07 38.82
C LEU A 154 -16.87 -29.20 39.36
N ASP A 155 -18.06 -29.32 38.83
CA ASP A 155 -19.01 -30.32 39.32
C ASP A 155 -18.51 -31.72 39.07
N ALA A 156 -17.83 -31.89 37.93
CA ALA A 156 -17.25 -33.16 37.55
C ALA A 156 -16.06 -33.47 38.44
N CYS A 157 -15.32 -32.44 38.82
CA CYS A 157 -14.19 -32.62 39.73
C CYS A 157 -14.63 -33.12 41.09
N THR A 158 -15.61 -32.45 41.69
CA THR A 158 -16.16 -32.87 42.97
C THR A 158 -16.59 -34.34 42.91
N LEU A 159 -17.27 -34.71 41.84
CA LEU A 159 -17.74 -36.08 41.66
C LEU A 159 -16.59 -37.07 41.58
N ALA A 160 -15.64 -36.82 40.68
CA ALA A 160 -14.48 -37.69 40.53
C ALA A 160 -13.72 -37.82 41.85
N SER A 161 -13.54 -36.70 42.56
CA SER A 161 -12.86 -36.70 43.85
C SER A 161 -13.56 -37.62 44.83
N VAL A 162 -14.82 -37.30 45.14
CA VAL A 162 -15.61 -38.08 46.07
C VAL A 162 -15.55 -39.56 45.70
N ALA A 163 -15.76 -39.88 44.42
CA ALA A 163 -15.74 -41.26 43.95
C ALA A 163 -14.38 -41.91 44.16
N ALA A 164 -13.31 -41.16 43.92
CA ALA A 164 -11.95 -41.69 44.05
C ALA A 164 -11.65 -42.01 45.50
N LEU A 165 -12.19 -41.20 46.41
CA LEU A 165 -12.01 -41.42 47.84
C LEU A 165 -12.78 -42.63 48.30
N TYR A 166 -13.99 -42.82 47.75
CA TYR A 166 -14.81 -43.97 48.12
C TYR A 166 -14.28 -45.27 47.55
N ASN A 167 -13.43 -45.16 46.54
CA ASN A 167 -12.82 -46.32 45.92
C ASN A 167 -11.48 -46.69 46.55
N THR A 168 -10.98 -45.81 47.40
CA THR A 168 -9.67 -45.96 48.02
C THR A 168 -9.59 -47.14 48.99
N LYS A 169 -8.51 -47.91 48.83
CA LYS A 169 -8.15 -49.06 49.69
C LYS A 169 -6.97 -48.71 50.61
N VAL A 170 -7.15 -48.94 51.91
CA VAL A 170 -6.07 -48.72 52.88
C VAL A 170 -5.35 -50.02 53.17
N TYR A 171 -4.04 -49.94 53.38
CA TYR A 171 -3.22 -51.14 53.52
C TYR A 171 -2.75 -51.41 54.96
N LYS A 172 -2.19 -52.60 55.16
CA LYS A 172 -1.67 -53.02 56.46
C LYS A 172 -0.43 -52.23 56.82
N VAL A 173 -0.36 -51.79 58.07
CA VAL A 173 0.77 -51.01 58.57
C VAL A 173 1.67 -51.94 59.40
N GLU A 174 2.72 -52.44 58.76
CA GLU A 174 3.66 -53.35 59.40
C GLU A 174 4.45 -52.58 60.45
N GLN A 175 4.45 -53.07 61.69
CA GLN A 175 5.18 -52.43 62.78
C GLN A 175 6.55 -53.09 63.01
N ILE A 180 6.74 -49.85 61.20
CA ILE A 180 7.87 -49.44 60.39
C ILE A 180 7.46 -48.87 59.01
N SER A 181 6.67 -49.63 58.24
CA SER A 181 6.22 -49.20 56.90
C SER A 181 4.92 -49.89 56.42
N VAL A 182 4.71 -49.90 55.09
CA VAL A 182 3.44 -50.33 54.47
C VAL A 182 3.57 -51.66 53.71
N ASN A 183 2.66 -52.60 53.97
CA ASN A 183 2.59 -53.86 53.22
C ASN A 183 1.44 -53.86 52.20
N LYS A 184 1.75 -53.41 50.99
CA LYS A 184 0.75 -52.99 50.01
C LYS A 184 -0.06 -54.11 49.32
N ASN A 185 0.05 -55.35 49.78
CA ASN A 185 -0.79 -56.44 49.22
C ASN A 185 -1.78 -57.08 50.22
N GLU A 186 -1.85 -56.48 51.41
CA GLU A 186 -2.89 -56.80 52.38
C GLU A 186 -3.77 -55.55 52.57
N VAL A 187 -5.05 -55.69 52.27
CA VAL A 187 -6.01 -54.60 52.38
C VAL A 187 -6.75 -54.63 53.72
N VAL A 188 -6.52 -53.61 54.53
CA VAL A 188 -7.12 -53.49 55.86
C VAL A 188 -8.57 -52.99 55.80
N GLY A 189 -8.80 -51.91 55.06
CA GLY A 189 -10.12 -51.32 54.96
C GLY A 189 -10.22 -50.14 54.01
N LYS A 190 -11.23 -49.30 54.26
CA LYS A 190 -11.55 -48.14 53.46
C LYS A 190 -11.14 -46.86 54.17
N LEU A 191 -11.36 -45.72 53.52
CA LEU A 191 -11.15 -44.41 54.14
C LEU A 191 -12.28 -44.06 55.12
N PRO A 192 -11.95 -43.35 56.21
CA PRO A 192 -12.96 -42.84 57.12
C PRO A 192 -13.81 -41.73 56.46
N LEU A 193 -14.81 -42.17 55.69
CA LEU A 193 -15.68 -41.25 54.97
C LEU A 193 -17.05 -41.19 55.61
N ASN A 194 -17.46 -39.98 56.01
CA ASN A 194 -18.76 -39.78 56.65
C ASN A 194 -19.93 -39.81 55.67
N TYR A 195 -19.73 -39.16 54.52
CA TYR A 195 -20.75 -39.09 53.47
C TYR A 195 -20.17 -38.49 52.19
N PRO A 196 -20.84 -38.75 51.04
CA PRO A 196 -20.47 -38.02 49.81
C PRO A 196 -20.86 -36.53 49.86
N VAL A 197 -20.30 -35.76 48.93
CA VAL A 197 -20.58 -34.34 48.80
C VAL A 197 -20.79 -34.08 47.31
N VAL A 198 -21.81 -33.29 46.95
CA VAL A 198 -21.99 -32.87 45.56
C VAL A 198 -21.86 -31.36 45.39
N THR A 199 -21.28 -30.93 44.28
CA THR A 199 -21.26 -29.52 43.95
C THR A 199 -22.12 -29.29 42.72
N ILE A 200 -23.05 -28.35 42.83
CA ILE A 200 -23.97 -28.01 41.76
C ILE A 200 -23.71 -26.58 41.29
N SER A 201 -23.38 -26.45 40.00
CA SER A 201 -23.16 -25.15 39.38
C SER A 201 -24.41 -24.70 38.64
N VAL A 202 -24.83 -23.47 38.93
CA VAL A 202 -25.96 -22.84 38.25
C VAL A 202 -25.42 -21.61 37.53
N ALA A 203 -25.61 -21.59 36.20
CA ALA A 203 -25.15 -20.48 35.37
C ALA A 203 -26.28 -19.49 35.14
N LYS A 204 -25.92 -18.24 35.01
CA LYS A 204 -26.87 -17.19 34.78
C LYS A 204 -26.63 -16.68 33.38
N VAL A 205 -27.38 -17.22 32.43
CA VAL A 205 -27.30 -16.77 31.04
C VAL A 205 -28.47 -15.87 30.78
N ASP A 206 -28.17 -14.63 30.41
CA ASP A 206 -29.20 -13.66 30.17
C ASP A 206 -30.01 -13.46 31.44
N LYS A 207 -31.29 -13.80 31.39
CA LYS A 207 -32.15 -13.65 32.55
C LYS A 207 -32.65 -15.00 33.01
N TYR A 208 -31.95 -16.05 32.62
CA TYR A 208 -32.35 -17.42 32.98
C TYR A 208 -31.28 -18.08 33.84
N LEU A 209 -31.71 -18.99 34.71
CA LEU A 209 -30.79 -19.78 35.50
C LEU A 209 -30.76 -21.21 34.97
N VAL A 210 -29.55 -21.70 34.73
CA VAL A 210 -29.35 -22.95 34.01
C VAL A 210 -28.44 -23.86 34.81
N VAL A 211 -28.91 -25.08 35.12
CA VAL A 211 -28.16 -26.05 35.91
C VAL A 211 -27.14 -26.80 35.03
N ASP A 212 -25.92 -26.96 35.55
CA ASP A 212 -24.85 -27.68 34.84
C ASP A 212 -24.70 -27.17 33.40
N PRO A 213 -24.06 -26.01 33.21
CA PRO A 213 -23.90 -25.46 31.87
C PRO A 213 -22.88 -26.25 31.08
N ASP A 214 -23.12 -26.44 29.80
CA ASP A 214 -22.16 -27.10 28.92
C ASP A 214 -21.12 -26.09 28.40
N LEU A 215 -20.35 -26.52 27.40
CA LEU A 215 -19.28 -25.69 26.86
C LEU A 215 -19.81 -24.39 26.28
N ASP A 216 -20.84 -24.50 25.44
CA ASP A 216 -21.46 -23.34 24.82
C ASP A 216 -22.09 -22.37 25.84
N GLU A 217 -22.82 -22.92 26.80
CA GLU A 217 -23.55 -22.11 27.77
C GLU A 217 -22.61 -21.33 28.69
N GLU A 218 -21.45 -21.93 29.00
CA GLU A 218 -20.45 -21.27 29.84
C GLU A 218 -19.83 -20.04 29.15
N SER A 219 -19.74 -20.10 27.82
CA SER A 219 -19.12 -19.00 27.09
C SER A 219 -20.07 -17.82 26.84
N ILE A 220 -21.37 -18.02 27.06
CA ILE A 220 -22.34 -16.93 26.88
C ILE A 220 -22.93 -16.43 28.20
N MET A 221 -22.58 -17.11 29.30
CA MET A 221 -23.10 -16.78 30.63
C MET A 221 -22.50 -15.49 31.18
N ASP A 222 -23.24 -14.83 32.08
CA ASP A 222 -22.73 -13.65 32.78
C ASP A 222 -21.76 -14.11 33.86
N ALA A 223 -22.24 -14.98 34.76
CA ALA A 223 -21.43 -15.59 35.80
C ALA A 223 -22.09 -16.89 36.21
N LYS A 224 -21.36 -17.78 36.86
CA LYS A 224 -21.98 -18.96 37.46
C LYS A 224 -21.71 -19.03 38.95
N ILE A 225 -22.58 -19.70 39.68
CA ILE A 225 -22.39 -19.85 41.12
C ILE A 225 -22.51 -21.33 41.49
N SER A 226 -21.60 -21.79 42.35
CA SER A 226 -21.50 -23.22 42.66
C SER A 226 -21.78 -23.50 44.12
N PHE A 227 -22.72 -24.42 44.38
CA PHE A 227 -23.09 -24.76 45.73
C PHE A 227 -22.71 -26.19 46.05
N SER A 228 -22.07 -26.38 47.20
CA SER A 228 -21.67 -27.71 47.68
C SER A 228 -22.63 -28.14 48.77
N TYR A 229 -23.07 -29.40 48.71
CA TYR A 229 -24.06 -29.92 49.65
C TYR A 229 -23.67 -31.26 50.25
N THR A 230 -24.01 -31.44 51.53
CA THR A 230 -23.91 -32.74 52.17
C THR A 230 -25.27 -33.38 51.98
N PRO A 231 -25.38 -34.72 52.17
CA PRO A 231 -26.65 -35.43 51.97
C PRO A 231 -27.85 -34.93 52.78
N ASP A 232 -27.62 -34.34 53.95
CA ASP A 232 -28.76 -33.71 54.64
C ASP A 232 -28.86 -32.22 54.32
N LEU A 233 -28.40 -31.89 53.13
CA LEU A 233 -28.64 -30.60 52.47
C LEU A 233 -28.23 -29.39 53.29
N LYS A 234 -27.04 -29.48 53.86
CA LYS A 234 -26.36 -28.35 54.45
C LYS A 234 -25.43 -27.77 53.39
N ILE A 235 -25.47 -26.45 53.21
CA ILE A 235 -24.55 -25.77 52.30
C ILE A 235 -23.17 -25.83 52.92
N VAL A 236 -22.20 -26.29 52.15
CA VAL A 236 -20.88 -26.61 52.64
C VAL A 236 -19.80 -25.85 51.88
N GLY A 237 -20.20 -25.10 50.86
CA GLY A 237 -19.29 -24.27 50.06
C GLY A 237 -20.03 -23.54 48.95
N ILE A 238 -19.72 -22.26 48.80
CA ILE A 238 -20.24 -21.49 47.67
C ILE A 238 -19.10 -20.75 46.95
N GLN A 239 -19.13 -20.78 45.63
CA GLN A 239 -18.15 -20.07 44.84
C GLN A 239 -18.79 -19.44 43.61
N LYS A 240 -18.93 -18.12 43.66
CA LYS A 240 -19.27 -17.34 42.47
C LYS A 240 -18.06 -17.26 41.54
N SER A 241 -18.30 -17.32 40.25
CA SER A 241 -17.24 -17.51 39.26
C SER A 241 -17.70 -16.94 37.91
N GLY A 242 -16.80 -16.29 37.20
CA GLY A 242 -17.16 -15.70 35.91
C GLY A 242 -16.92 -14.20 35.89
N LYS A 243 -16.73 -13.63 34.70
CA LYS A 243 -16.37 -12.23 34.53
C LYS A 243 -17.53 -11.26 34.82
N GLY A 244 -18.73 -11.78 35.02
CA GLY A 244 -19.92 -10.93 35.17
C GLY A 244 -20.53 -10.92 36.55
N SER A 245 -21.72 -10.35 36.68
CA SER A 245 -22.40 -10.23 37.97
C SER A 245 -23.77 -10.88 37.95
N MET A 246 -24.33 -11.03 39.15
CA MET A 246 -25.59 -11.71 39.37
C MET A 246 -26.40 -10.92 40.37
N SER A 247 -27.72 -10.88 40.21
CA SER A 247 -28.56 -10.10 41.12
C SER A 247 -28.80 -10.86 42.43
N LEU A 248 -29.41 -10.16 43.39
CA LEU A 248 -29.66 -10.73 44.71
C LEU A 248 -30.67 -11.88 44.70
N GLN A 249 -31.87 -11.64 44.16
CA GLN A 249 -32.83 -12.74 44.01
C GLN A 249 -32.34 -13.87 43.05
N ASP A 250 -31.36 -13.57 42.18
CA ASP A 250 -30.74 -14.59 41.32
C ASP A 250 -30.04 -15.65 42.16
N ILE A 251 -29.19 -15.18 43.07
CA ILE A 251 -28.44 -16.08 43.97
C ILE A 251 -29.39 -16.87 44.86
N ASP A 252 -30.45 -16.19 45.32
CA ASP A 252 -31.50 -16.83 46.10
C ASP A 252 -32.15 -17.97 45.31
N GLN A 253 -32.70 -17.66 44.14
CA GLN A 253 -33.31 -18.65 43.26
C GLN A 253 -32.35 -19.76 42.88
N ALA A 254 -31.12 -19.37 42.55
CA ALA A 254 -30.10 -20.32 42.12
C ALA A 254 -29.95 -21.42 43.15
N GLU A 255 -29.88 -21.05 44.42
CA GLU A 255 -29.65 -22.01 45.48
C GLU A 255 -30.83 -22.98 45.67
N ASN A 256 -32.06 -22.49 45.51
CA ASN A 256 -33.24 -23.37 45.57
C ASN A 256 -33.13 -24.41 44.49
N THR A 257 -32.81 -23.96 43.28
CA THR A 257 -32.65 -24.86 42.15
C THR A 257 -31.50 -25.81 42.44
N ALA A 258 -30.38 -25.25 42.86
CA ALA A 258 -29.17 -26.05 43.15
C ALA A 258 -29.44 -27.17 44.13
N ARG A 259 -30.24 -26.84 45.15
CA ARG A 259 -30.48 -27.77 46.24
C ARG A 259 -31.44 -28.90 45.85
N SER A 260 -32.51 -28.58 45.12
CA SER A 260 -33.45 -29.60 44.70
C SER A 260 -32.82 -30.47 43.59
N THR A 261 -31.76 -29.96 42.98
CA THR A 261 -30.97 -30.73 42.03
C THR A 261 -30.08 -31.68 42.80
N ALA A 262 -29.45 -31.15 43.84
CA ALA A 262 -28.53 -31.91 44.70
C ALA A 262 -29.09 -33.27 45.14
N VAL A 263 -30.37 -33.29 45.52
CA VAL A 263 -31.00 -34.52 45.95
C VAL A 263 -30.96 -35.59 44.86
N LYS A 264 -31.32 -35.17 43.63
CA LYS A 264 -31.27 -36.01 42.43
C LYS A 264 -29.86 -36.55 42.17
N LEU A 265 -28.89 -35.64 42.14
CA LEU A 265 -27.50 -35.98 41.85
C LEU A 265 -26.89 -36.87 42.91
N LEU A 266 -27.23 -36.65 44.17
CA LEU A 266 -26.71 -37.47 45.27
C LEU A 266 -27.13 -38.94 45.17
N GLU A 267 -28.41 -39.18 44.92
CA GLU A 267 -28.90 -40.54 44.75
C GLU A 267 -28.24 -41.23 43.57
N GLU A 268 -28.01 -40.48 42.49
CA GLU A 268 -27.35 -41.05 41.31
C GLU A 268 -25.86 -41.35 41.58
N LEU A 269 -25.19 -40.43 42.27
CA LEU A 269 -23.80 -40.64 42.67
C LEU A 269 -23.71 -41.90 43.52
N LYS A 270 -24.62 -42.05 44.46
CA LYS A 270 -24.63 -43.20 45.37
C LYS A 270 -24.82 -44.53 44.63
N LYS A 271 -25.67 -44.54 43.63
CA LYS A 271 -25.88 -45.74 42.81
C LYS A 271 -24.59 -46.21 42.14
N HIS A 272 -23.81 -45.26 41.61
CA HIS A 272 -22.52 -45.55 41.01
C HIS A 272 -21.53 -46.05 42.05
N LEU A 273 -21.59 -45.43 43.24
CA LEU A 273 -20.70 -45.69 44.38
C LEU A 273 -21.10 -46.90 45.25
N GLY A 274 -22.12 -47.65 44.82
CA GLY A 274 -22.63 -48.81 45.55
C GLY A 274 -23.18 -48.42 46.90
N ILE A 275 -24.32 -47.73 46.89
CA ILE A 275 -24.90 -47.09 48.08
C ILE A 275 -23.83 -46.22 48.79
N GLU B 8 -7.24 -25.22 73.29
CA GLU B 8 -8.39 -24.69 74.07
C GLU B 8 -9.03 -23.48 73.39
N ARG B 9 -10.21 -23.70 72.82
CA ARG B 9 -10.94 -22.67 72.06
C ARG B 9 -11.42 -21.52 72.94
N PRO B 10 -11.67 -20.33 72.33
CA PRO B 10 -12.30 -19.22 73.05
C PRO B 10 -13.82 -19.15 72.86
N LYS B 11 -14.53 -18.77 73.92
CA LYS B 11 -15.93 -18.37 73.77
C LYS B 11 -15.91 -17.13 72.87
N LEU B 12 -16.82 -17.08 71.90
CA LEU B 12 -16.81 -16.07 70.83
C LEU B 12 -17.90 -15.00 70.97
N ILE B 13 -19.09 -15.44 71.33
CA ILE B 13 -20.13 -14.56 71.82
C ILE B 13 -20.34 -14.94 73.27
N LEU B 14 -20.02 -14.01 74.15
CA LEU B 14 -20.21 -14.22 75.58
C LEU B 14 -21.70 -14.05 75.91
N ASP B 15 -22.10 -14.58 77.07
CA ASP B 15 -23.52 -14.74 77.50
C ASP B 15 -24.55 -13.66 77.08
N ASP B 16 -24.13 -12.39 77.05
CA ASP B 16 -24.95 -11.34 76.41
C ASP B 16 -24.26 -10.57 75.27
N GLY B 17 -24.50 -11.04 74.05
CA GLY B 17 -24.37 -10.25 72.84
C GLY B 17 -23.00 -9.85 72.32
N LYS B 18 -22.01 -9.72 73.21
CA LYS B 18 -20.74 -9.13 72.81
C LYS B 18 -19.67 -10.11 72.29
N ARG B 19 -19.05 -9.72 71.19
CA ARG B 19 -18.00 -10.50 70.57
C ARG B 19 -16.66 -10.24 71.24
N THR B 20 -15.63 -10.92 70.74
CA THR B 20 -14.26 -10.82 71.27
C THR B 20 -13.67 -9.41 71.25
N ASP B 21 -14.05 -8.61 70.26
CA ASP B 21 -13.56 -7.23 70.16
C ASP B 21 -14.58 -6.21 70.69
N GLY B 22 -15.57 -6.70 71.41
CA GLY B 22 -16.57 -5.83 72.06
C GLY B 22 -17.66 -5.29 71.15
N ARG B 23 -17.82 -5.89 69.97
CA ARG B 23 -18.84 -5.50 69.02
C ARG B 23 -20.07 -6.38 69.17
N LYS B 24 -21.25 -5.81 68.94
CA LYS B 24 -22.47 -6.59 68.78
C LYS B 24 -22.44 -7.34 67.44
N PRO B 25 -23.27 -8.41 67.29
CA PRO B 25 -23.26 -9.19 66.05
C PRO B 25 -23.57 -8.39 64.75
N ASP B 26 -24.17 -7.23 64.91
CA ASP B 26 -24.52 -6.38 63.78
C ASP B 26 -23.84 -5.02 63.91
N GLU B 27 -22.52 -5.04 64.03
CA GLU B 27 -21.72 -3.82 63.99
C GLU B 27 -20.49 -3.99 63.12
N LEU B 28 -20.25 -3.00 62.26
CA LEU B 28 -19.03 -2.96 61.46
C LEU B 28 -17.84 -2.54 62.30
N ARG B 29 -16.64 -2.88 61.82
CA ARG B 29 -15.41 -2.33 62.37
C ARG B 29 -15.29 -0.87 61.93
N SER B 30 -14.33 -0.15 62.50
CA SER B 30 -14.07 1.22 62.09
C SER B 30 -13.55 1.27 60.65
N ILE B 31 -13.97 2.28 59.90
CA ILE B 31 -13.57 2.40 58.51
C ILE B 31 -12.78 3.68 58.28
N LYS B 32 -11.72 3.58 57.48
CA LYS B 32 -10.94 4.73 57.05
C LYS B 32 -10.61 4.59 55.56
N ILE B 33 -10.91 5.62 54.80
CA ILE B 33 -10.62 5.62 53.38
C ILE B 33 -9.91 6.91 53.03
N GLU B 34 -8.78 6.83 52.32
CA GLU B 34 -8.27 8.03 51.64
C GLU B 34 -7.80 7.80 50.21
N LEU B 35 -8.08 8.78 49.35
CA LEU B 35 -7.86 8.68 47.91
C LEU B 35 -6.71 9.53 47.39
N GLY B 36 -6.12 9.08 46.28
CA GLY B 36 -5.03 9.78 45.60
C GLY B 36 -3.81 9.95 46.50
N VAL B 37 -3.46 8.89 47.21
CA VAL B 37 -2.37 8.93 48.16
C VAL B 37 -1.00 8.68 47.48
N LEU B 38 -1.00 8.00 46.34
CA LEU B 38 0.22 7.78 45.56
C LEU B 38 0.33 8.77 44.42
N LYS B 39 1.45 9.50 44.35
CA LYS B 39 1.64 10.59 43.39
C LYS B 39 1.98 10.13 41.97
N ASN B 40 2.64 8.98 41.85
CA ASN B 40 3.05 8.45 40.53
C ASN B 40 2.12 7.39 39.94
N ALA B 41 1.02 7.11 40.63
CA ALA B 41 -0.01 6.21 40.13
C ALA B 41 -1.06 7.02 39.41
N ASP B 42 -1.82 6.37 38.54
CA ASP B 42 -2.92 7.06 37.86
C ASP B 42 -4.11 7.25 38.79
N GLY B 43 -4.27 6.30 39.70
CA GLY B 43 -5.26 6.38 40.76
C GLY B 43 -4.83 5.51 41.91
N SER B 44 -5.08 5.97 43.13
CA SER B 44 -4.68 5.23 44.32
C SER B 44 -5.68 5.38 45.46
N ALA B 45 -5.65 4.43 46.40
CA ALA B 45 -6.51 4.50 47.59
C ALA B 45 -5.98 3.60 48.68
N ILE B 46 -6.16 4.04 49.93
CA ILE B 46 -5.92 3.22 51.12
C ILE B 46 -7.28 2.96 51.75
N PHE B 47 -7.57 1.70 52.05
CA PHE B 47 -8.82 1.35 52.71
C PHE B 47 -8.51 0.61 54.00
N GLU B 48 -9.14 1.03 55.09
CA GLU B 48 -9.00 0.31 56.34
C GLU B 48 -10.37 -0.16 56.85
N MET B 49 -10.43 -1.44 57.22
CA MET B 49 -11.52 -1.97 58.01
C MET B 49 -10.95 -2.51 59.29
N GLY B 50 -11.14 -1.76 60.35
CA GLY B 50 -10.55 -2.12 61.64
C GLY B 50 -9.05 -2.20 61.51
N ASN B 51 -8.53 -3.43 61.58
CA ASN B 51 -7.10 -3.65 61.49
C ASN B 51 -6.63 -4.17 60.15
N THR B 52 -7.54 -4.26 59.19
CA THR B 52 -7.15 -4.67 57.86
C THR B 52 -6.96 -3.44 56.99
N LYS B 53 -5.69 -3.09 56.74
CA LYS B 53 -5.34 -2.04 55.80
C LYS B 53 -4.99 -2.68 54.45
N ALA B 54 -5.36 -1.99 53.36
CA ALA B 54 -4.89 -2.34 52.02
C ALA B 54 -4.60 -1.04 51.28
N ILE B 55 -3.57 -1.07 50.44
CA ILE B 55 -3.28 0.03 49.52
C ILE B 55 -3.42 -0.46 48.08
N ALA B 56 -4.04 0.35 47.22
CA ALA B 56 -4.24 -0.03 45.83
C ALA B 56 -3.78 1.07 44.89
N ALA B 57 -3.04 0.68 43.87
CA ALA B 57 -2.60 1.62 42.85
C ALA B 57 -3.12 1.15 41.50
N VAL B 58 -3.50 2.10 40.66
CA VAL B 58 -3.95 1.78 39.32
C VAL B 58 -3.04 2.49 38.35
N TYR B 59 -2.56 1.77 37.33
CA TYR B 59 -1.81 2.41 36.26
C TYR B 59 -2.62 2.36 34.98
N GLY B 60 -3.20 3.53 34.67
CA GLY B 60 -4.38 3.73 33.80
C GLY B 60 -4.24 3.26 32.37
N PRO B 61 -5.36 3.21 31.64
CA PRO B 61 -5.38 2.54 30.33
C PRO B 61 -4.15 2.86 29.47
N LYS B 62 -3.41 1.81 29.08
CA LYS B 62 -2.21 1.98 28.26
C LYS B 62 -2.03 0.84 27.26
N GLU B 63 -1.32 1.11 26.17
CA GLU B 63 -0.95 0.08 25.19
C GLU B 63 -0.40 -1.16 25.88
N MET B 64 -0.65 -2.33 25.32
CA MET B 64 -0.14 -3.51 25.96
C MET B 64 1.19 -4.00 25.43
N HIS B 65 2.08 -4.33 26.38
CA HIS B 65 3.47 -4.70 26.10
C HIS B 65 3.64 -5.68 24.93
N PRO B 66 3.32 -6.99 25.11
CA PRO B 66 3.33 -7.91 23.96
C PRO B 66 1.94 -7.98 23.33
N ARG B 67 1.79 -7.37 22.15
CA ARG B 67 0.49 -7.10 21.58
C ARG B 67 -0.42 -8.33 21.35
N HIS B 68 0.17 -9.51 21.28
CA HIS B 68 -0.61 -10.73 21.07
C HIS B 68 -1.45 -11.11 22.29
N LEU B 69 -1.10 -10.54 23.45
CA LEU B 69 -1.81 -10.80 24.70
C LEU B 69 -2.92 -9.79 24.97
N SER B 70 -3.03 -8.77 24.12
CA SER B 70 -4.08 -7.78 24.26
C SER B 70 -5.37 -8.29 23.63
N LEU B 71 -6.47 -7.60 23.90
CA LEU B 71 -7.75 -7.96 23.33
C LEU B 71 -8.22 -6.92 22.33
N PRO B 72 -8.84 -7.38 21.21
CA PRO B 72 -9.28 -6.51 20.12
C PRO B 72 -10.42 -5.54 20.51
N ASP B 73 -11.26 -5.93 21.46
CA ASP B 73 -12.48 -5.19 21.81
C ASP B 73 -12.46 -4.65 23.24
N ARG B 74 -11.62 -5.22 24.09
CA ARG B 74 -11.62 -4.97 25.53
C ARG B 74 -10.28 -4.49 26.01
N ALA B 75 -10.28 -3.89 27.20
CA ALA B 75 -9.06 -3.72 27.97
C ALA B 75 -8.80 -5.02 28.71
N VAL B 76 -7.54 -5.31 28.97
CA VAL B 76 -7.16 -6.47 29.78
C VAL B 76 -6.88 -5.96 31.18
N LEU B 77 -7.64 -6.44 32.17
CA LEU B 77 -7.33 -6.12 33.55
C LEU B 77 -6.22 -7.01 34.02
N ARG B 78 -5.27 -6.40 34.75
CA ARG B 78 -4.18 -7.14 35.38
C ARG B 78 -4.23 -6.84 36.86
N VAL B 79 -4.60 -7.84 37.66
CA VAL B 79 -4.84 -7.64 39.07
C VAL B 79 -3.88 -8.47 39.92
N ARG B 80 -3.29 -7.85 40.94
CA ARG B 80 -2.35 -8.53 41.83
C ARG B 80 -2.77 -8.33 43.29
N TYR B 81 -3.20 -9.41 43.93
CA TYR B 81 -3.42 -9.39 45.37
C TYR B 81 -2.13 -9.88 46.05
N HIS B 82 -1.61 -9.10 47.00
CA HIS B 82 -0.39 -9.49 47.67
C HIS B 82 -0.35 -9.05 49.11
N MET B 83 0.23 -9.90 49.95
CA MET B 83 0.38 -9.59 51.37
C MET B 83 1.83 -9.33 51.74
N THR B 84 2.09 -8.17 52.34
CA THR B 84 3.45 -7.84 52.76
C THR B 84 3.84 -8.82 53.86
N PRO B 85 5.12 -9.21 53.91
CA PRO B 85 5.57 -10.18 54.92
C PRO B 85 5.21 -9.78 56.36
N PHE B 86 5.02 -8.49 56.59
CA PHE B 86 4.75 -7.98 57.93
C PHE B 86 3.29 -7.58 58.13
N SER B 87 2.39 -8.23 57.38
CA SER B 87 0.98 -7.92 57.47
C SER B 87 0.31 -8.82 58.48
N THR B 88 0.99 -9.90 58.84
CA THR B 88 0.41 -10.92 59.72
C THR B 88 1.20 -11.08 61.01
N ASP B 89 0.79 -12.03 61.84
CA ASP B 89 1.51 -12.32 63.07
C ASP B 89 2.79 -13.05 62.78
N GLU B 90 2.68 -14.17 62.07
CA GLU B 90 3.86 -14.92 61.63
C GLU B 90 4.20 -14.40 60.26
N ARG B 91 5.49 -14.19 60.01
CA ARG B 91 5.93 -13.61 58.73
C ARG B 91 5.49 -14.44 57.53
N LYS B 92 4.58 -13.90 56.74
CA LYS B 92 4.18 -14.52 55.48
C LYS B 92 5.34 -14.46 54.49
N ASN B 93 5.59 -15.57 53.80
CA ASN B 93 6.58 -15.62 52.72
C ASN B 93 6.16 -14.71 51.55
N PRO B 94 7.09 -13.88 51.04
CA PRO B 94 6.75 -12.95 49.94
C PRO B 94 6.42 -13.64 48.62
N ALA B 95 7.00 -14.81 48.38
CA ALA B 95 6.66 -15.64 47.20
C ALA B 95 5.17 -15.96 47.21
N PRO B 96 4.50 -15.82 46.05
CA PRO B 96 3.05 -15.91 46.00
C PRO B 96 2.52 -17.30 46.38
N SER B 97 1.51 -17.31 47.25
CA SER B 97 0.91 -18.53 47.76
C SER B 97 -0.28 -18.89 46.90
N ARG B 98 -0.62 -20.17 46.85
CA ARG B 98 -1.78 -20.65 46.11
C ARG B 98 -3.02 -19.84 46.48
N ARG B 99 -3.12 -19.46 47.75
CA ARG B 99 -4.23 -18.64 48.24
C ARG B 99 -4.22 -17.22 47.67
N GLU B 100 -3.03 -16.64 47.52
CA GLU B 100 -2.86 -15.32 46.87
C GLU B 100 -3.21 -15.41 45.38
N ILE B 101 -2.84 -16.52 44.74
CA ILE B 101 -3.16 -16.76 43.35
C ILE B 101 -4.66 -16.87 43.11
N GLU B 102 -5.37 -17.61 43.95
CA GLU B 102 -6.82 -17.72 43.84
C GLU B 102 -7.49 -16.39 44.12
N LEU B 103 -7.08 -15.72 45.18
CA LEU B 103 -7.68 -14.43 45.55
C LEU B 103 -7.54 -13.37 44.46
N SER B 104 -6.40 -13.36 43.79
CA SER B 104 -6.17 -12.48 42.65
C SER B 104 -7.17 -12.72 41.50
N LYS B 105 -7.42 -13.98 41.17
CA LYS B 105 -8.38 -14.36 40.13
C LYS B 105 -9.79 -13.96 40.55
N VAL B 106 -10.09 -14.12 41.83
CA VAL B 106 -11.41 -13.81 42.34
C VAL B 106 -11.62 -12.30 42.28
N ILE B 107 -10.63 -11.55 42.75
CA ILE B 107 -10.70 -10.09 42.71
C ILE B 107 -10.77 -9.53 41.28
N ARG B 108 -10.03 -10.14 40.36
CA ARG B 108 -10.03 -9.65 38.99
C ARG B 108 -11.41 -9.82 38.35
N GLU B 109 -11.96 -11.02 38.51
CA GLU B 109 -13.30 -11.33 37.99
C GLU B 109 -14.33 -10.40 38.61
N ALA B 110 -14.14 -10.09 39.88
CA ALA B 110 -15.00 -9.15 40.55
C ALA B 110 -14.96 -7.79 39.86
N LEU B 111 -13.76 -7.26 39.65
CA LEU B 111 -13.59 -5.94 39.01
C LEU B 111 -14.04 -5.92 37.56
N GLU B 112 -13.89 -7.06 36.87
CA GLU B 112 -14.27 -7.16 35.47
C GLU B 112 -15.75 -6.93 35.25
N SER B 113 -16.57 -7.24 36.24
CA SER B 113 -18.01 -7.00 36.14
C SER B 113 -18.37 -5.54 36.35
N ALA B 114 -17.50 -4.79 37.01
CA ALA B 114 -17.75 -3.37 37.29
C ALA B 114 -17.13 -2.45 36.25
N VAL B 115 -15.86 -2.67 35.91
CA VAL B 115 -15.12 -1.81 34.99
C VAL B 115 -15.58 -2.00 33.53
N LEU B 116 -15.87 -0.87 32.87
CA LEU B 116 -16.31 -0.87 31.47
C LEU B 116 -15.14 -1.05 30.51
N VAL B 117 -14.60 -2.26 30.47
CA VAL B 117 -13.42 -2.57 29.67
C VAL B 117 -13.61 -2.43 28.17
N GLU B 118 -14.82 -2.65 27.66
CA GLU B 118 -15.06 -2.54 26.22
C GLU B 118 -14.81 -1.11 25.66
N LEU B 119 -14.46 -0.16 26.54
CA LEU B 119 -14.16 1.23 26.15
C LEU B 119 -12.70 1.47 25.76
N PHE B 120 -11.80 0.55 26.15
CA PHE B 120 -10.37 0.71 25.92
C PHE B 120 -9.75 -0.52 25.26
N PRO B 121 -10.06 -0.76 23.97
CA PRO B 121 -9.55 -1.96 23.32
C PRO B 121 -8.05 -1.86 23.11
N ARG B 122 -7.37 -3.00 23.10
CA ARG B 122 -5.91 -3.05 22.91
C ARG B 122 -5.11 -2.41 24.04
N THR B 123 -5.75 -2.18 25.18
CA THR B 123 -5.08 -1.57 26.32
C THR B 123 -5.09 -2.49 27.53
N ALA B 124 -4.24 -2.19 28.51
CA ALA B 124 -4.22 -2.91 29.76
C ALA B 124 -4.35 -1.94 30.93
N ILE B 125 -5.20 -2.30 31.88
CA ILE B 125 -5.34 -1.56 33.13
C ILE B 125 -4.73 -2.42 34.23
N ASP B 126 -3.73 -1.89 34.91
CA ASP B 126 -3.05 -2.65 35.96
C ASP B 126 -3.46 -2.20 37.35
N VAL B 127 -3.98 -3.14 38.12
CA VAL B 127 -4.45 -2.87 39.47
C VAL B 127 -3.58 -3.64 40.46
N PHE B 128 -2.70 -2.92 41.15
CA PHE B 128 -1.89 -3.55 42.14
C PHE B 128 -2.47 -3.28 43.51
N THR B 129 -2.44 -4.30 44.37
CA THR B 129 -3.01 -4.25 45.70
C THR B 129 -2.09 -4.92 46.72
N GLU B 130 -1.75 -4.21 47.78
CA GLU B 130 -0.97 -4.85 48.83
C GLU B 130 -1.69 -4.72 50.15
N ILE B 131 -1.68 -5.81 50.91
CA ILE B 131 -2.24 -5.81 52.26
C ILE B 131 -1.12 -5.47 53.26
N LEU B 132 -1.31 -4.37 53.98
CA LEU B 132 -0.31 -3.87 54.92
C LEU B 132 -0.54 -4.42 56.32
N GLN B 133 -1.80 -4.71 56.63
CA GLN B 133 -2.19 -5.37 57.86
C GLN B 133 -3.31 -6.32 57.55
N ALA B 134 -3.17 -7.57 57.97
CA ALA B 134 -4.21 -8.54 57.73
C ALA B 134 -4.91 -8.93 59.02
N ASP B 135 -6.22 -8.71 59.04
CA ASP B 135 -7.08 -9.04 60.18
C ASP B 135 -8.41 -9.58 59.67
N ALA B 136 -8.34 -10.45 58.67
CA ALA B 136 -9.53 -11.01 58.01
C ALA B 136 -10.29 -10.01 57.15
N GLY B 137 -11.00 -10.52 56.16
CA GLY B 137 -11.73 -9.67 55.21
C GLY B 137 -10.80 -8.94 54.25
N SER B 138 -9.54 -9.36 54.22
CA SER B 138 -8.49 -8.71 53.43
C SER B 138 -8.72 -8.79 51.91
N ARG B 139 -9.44 -9.82 51.46
CA ARG B 139 -9.76 -9.93 50.03
C ARG B 139 -10.78 -8.85 49.65
N LEU B 140 -11.61 -8.46 50.61
CA LEU B 140 -12.65 -7.46 50.38
C LEU B 140 -12.09 -6.05 50.52
N VAL B 141 -11.25 -5.85 51.54
CA VAL B 141 -10.62 -4.55 51.78
C VAL B 141 -9.76 -4.22 50.57
N SER B 142 -9.14 -5.25 50.02
CA SER B 142 -8.35 -5.14 48.80
C SER B 142 -9.20 -4.71 47.60
N LEU B 143 -10.33 -5.41 47.43
CA LEU B 143 -11.23 -5.21 46.29
C LEU B 143 -11.81 -3.82 46.30
N MET B 144 -12.19 -3.34 47.48
CA MET B 144 -12.76 -2.00 47.62
C MET B 144 -11.71 -0.91 47.41
N ALA B 145 -10.51 -1.16 47.94
CA ALA B 145 -9.40 -0.24 47.72
C ALA B 145 -9.16 -0.10 46.20
N ALA B 146 -9.22 -1.24 45.50
CA ALA B 146 -9.06 -1.28 44.05
C ALA B 146 -10.15 -0.49 43.34
N SER B 147 -11.41 -0.79 43.67
CA SER B 147 -12.57 -0.10 43.09
C SER B 147 -12.44 1.40 43.21
N LEU B 148 -12.02 1.84 44.39
CA LEU B 148 -11.88 3.25 44.66
C LEU B 148 -10.69 3.83 43.91
N ALA B 149 -9.63 3.03 43.77
CA ALA B 149 -8.43 3.50 43.07
C ALA B 149 -8.70 3.65 41.58
N LEU B 150 -9.57 2.79 41.06
CA LEU B 150 -10.05 2.92 39.68
C LEU B 150 -10.87 4.19 39.50
N ALA B 151 -11.82 4.43 40.39
CA ALA B 151 -12.60 5.67 40.38
C ALA B 151 -11.70 6.90 40.50
N ASP B 152 -10.64 6.79 41.30
CA ASP B 152 -9.65 7.86 41.43
C ASP B 152 -8.87 8.06 40.14
N ALA B 153 -8.59 6.96 39.44
CA ALA B 153 -7.93 7.01 38.15
C ALA B 153 -8.88 7.48 37.05
N GLY B 154 -10.14 7.75 37.43
CA GLY B 154 -11.15 8.30 36.53
C GLY B 154 -11.56 7.32 35.46
N ILE B 155 -11.52 6.03 35.78
CA ILE B 155 -11.90 4.98 34.85
C ILE B 155 -13.36 4.63 35.04
N PRO B 156 -14.14 4.64 33.94
CA PRO B 156 -15.59 4.46 34.00
C PRO B 156 -15.99 3.09 34.50
N MET B 157 -16.93 3.06 35.45
CA MET B 157 -17.44 1.79 36.00
C MET B 157 -18.96 1.82 36.12
N ARG B 158 -19.57 0.64 36.10
CA ARG B 158 -21.03 0.52 36.28
C ARG B 158 -21.46 1.08 37.63
N ASP B 159 -20.66 0.79 38.64
CA ASP B 159 -20.91 1.23 40.01
C ASP B 159 -19.62 1.01 40.82
N LEU B 160 -19.60 1.55 42.04
CA LEU B 160 -18.55 1.24 43.00
C LEU B 160 -18.79 -0.16 43.58
N ILE B 161 -17.72 -0.78 44.08
CA ILE B 161 -17.85 -2.08 44.76
C ILE B 161 -17.68 -1.92 46.28
N ALA B 162 -18.70 -2.37 47.03
CA ALA B 162 -18.68 -2.40 48.49
C ALA B 162 -18.88 -3.83 48.99
N GLY B 163 -18.20 -4.20 50.07
CA GLY B 163 -18.23 -5.57 50.53
C GLY B 163 -17.91 -5.81 52.00
N VAL B 164 -18.62 -6.79 52.57
CA VAL B 164 -18.36 -7.29 53.91
C VAL B 164 -18.25 -8.80 53.93
N ALA B 165 -17.55 -9.30 54.94
CA ALA B 165 -17.57 -10.73 55.24
C ALA B 165 -18.60 -10.92 56.34
N VAL B 166 -19.55 -11.81 56.07
CA VAL B 166 -20.51 -12.19 57.08
C VAL B 166 -20.23 -13.63 57.50
N GLY B 167 -20.50 -13.98 58.75
CA GLY B 167 -20.18 -15.33 59.23
C GLY B 167 -21.10 -15.83 60.32
N LYS B 168 -20.94 -17.08 60.71
CA LYS B 168 -21.61 -17.60 61.90
C LYS B 168 -20.55 -17.98 62.93
N ALA B 169 -20.79 -17.60 64.18
CA ALA B 169 -19.87 -17.95 65.25
C ALA B 169 -20.51 -19.03 66.13
N ASP B 170 -20.66 -18.75 67.43
CA ASP B 170 -21.31 -19.68 68.34
C ASP B 170 -22.78 -19.82 67.93
N GLY B 171 -23.01 -20.28 66.71
CA GLY B 171 -24.38 -20.45 66.21
C GLY B 171 -25.09 -19.13 65.93
N VAL B 172 -24.39 -18.03 66.16
CA VAL B 172 -24.93 -16.68 65.93
C VAL B 172 -24.33 -16.06 64.65
N ILE B 173 -25.19 -15.49 63.80
CA ILE B 173 -24.73 -14.81 62.59
C ILE B 173 -24.19 -13.41 62.91
N ILE B 174 -22.94 -13.18 62.50
CA ILE B 174 -22.21 -11.97 62.80
C ILE B 174 -21.71 -11.25 61.55
N LEU B 175 -21.51 -9.94 61.67
CA LEU B 175 -21.11 -9.11 60.54
C LEU B 175 -19.67 -8.60 60.70
N ASP B 176 -18.87 -8.78 59.65
CA ASP B 176 -17.48 -8.28 59.55
C ASP B 176 -16.55 -8.92 60.55
N LEU B 177 -15.81 -9.94 60.12
CA LEU B 177 -15.13 -10.82 61.06
C LEU B 177 -13.71 -10.42 61.50
N ASN B 178 -13.41 -10.84 62.72
CA ASN B 178 -12.09 -10.75 63.38
C ASN B 178 -11.04 -11.63 62.72
N GLU B 179 -9.80 -11.54 63.22
CA GLU B 179 -8.78 -12.53 62.89
C GLU B 179 -9.26 -13.86 63.50
N THR B 180 -9.86 -13.71 64.68
CA THR B 180 -10.24 -14.77 65.59
C THR B 180 -11.55 -15.42 65.18
N GLU B 181 -12.49 -14.61 64.69
CA GLU B 181 -13.77 -15.13 64.24
C GLU B 181 -13.66 -15.94 62.94
N ASP B 182 -12.76 -15.52 62.07
CA ASP B 182 -12.46 -16.24 60.84
C ASP B 182 -11.87 -17.60 61.18
N MET B 183 -11.06 -17.60 62.24
CA MET B 183 -10.23 -18.71 62.72
C MET B 183 -11.01 -19.86 63.37
N TRP B 184 -12.03 -19.51 64.15
CA TRP B 184 -12.77 -20.47 64.97
C TRP B 184 -14.28 -20.53 64.69
N GLY B 185 -14.78 -19.65 63.84
CA GLY B 185 -16.21 -19.61 63.49
C GLY B 185 -16.60 -20.75 62.56
N GLU B 186 -17.87 -21.16 62.63
CA GLU B 186 -18.34 -22.28 61.81
C GLU B 186 -18.48 -21.93 60.32
N ALA B 187 -18.56 -20.63 59.99
CA ALA B 187 -18.66 -20.15 58.59
C ALA B 187 -18.10 -18.74 58.38
N ASP B 188 -17.65 -18.47 57.16
CA ASP B 188 -17.07 -17.19 56.79
C ASP B 188 -17.43 -16.97 55.33
N MET B 189 -18.20 -15.92 55.09
CA MET B 189 -18.82 -15.72 53.79
C MET B 189 -18.61 -14.29 53.33
N PRO B 190 -17.52 -14.06 52.57
CA PRO B 190 -17.31 -12.74 51.98
C PRO B 190 -18.29 -12.46 50.84
N ILE B 191 -18.89 -11.26 50.85
CA ILE B 191 -19.85 -10.82 49.82
C ILE B 191 -19.49 -9.42 49.34
N ALA B 192 -19.39 -9.24 48.03
CA ALA B 192 -19.14 -7.93 47.47
C ALA B 192 -20.18 -7.57 46.42
N MET B 193 -20.68 -6.34 46.50
CA MET B 193 -21.77 -5.91 45.64
C MET B 193 -21.47 -4.63 44.90
N MET B 194 -22.21 -4.42 43.82
CA MET B 194 -22.41 -3.10 43.23
C MET B 194 -23.79 -2.61 43.72
N PRO B 195 -23.79 -1.94 44.90
CA PRO B 195 -25.01 -1.74 45.70
C PRO B 195 -26.13 -1.03 44.95
N SER B 196 -25.80 -0.08 44.09
CA SER B 196 -26.83 0.68 43.38
C SER B 196 -27.53 -0.14 42.30
N LEU B 197 -26.88 -1.20 41.85
CA LEU B 197 -27.45 -2.09 40.84
C LEU B 197 -27.95 -3.40 41.45
N ASN B 198 -27.71 -3.60 42.75
CA ASN B 198 -27.99 -4.87 43.44
C ASN B 198 -27.33 -6.08 42.77
N GLN B 199 -26.08 -5.89 42.37
CA GLN B 199 -25.33 -6.89 41.64
C GLN B 199 -24.23 -7.45 42.52
N VAL B 200 -24.22 -8.76 42.67
CA VAL B 200 -23.19 -9.44 43.43
C VAL B 200 -21.99 -9.70 42.55
N THR B 201 -20.88 -9.11 42.94
CA THR B 201 -19.64 -9.06 42.18
C THR B 201 -18.72 -10.21 42.60
N LEU B 202 -18.64 -10.45 43.91
CA LEU B 202 -17.87 -11.53 44.51
C LEU B 202 -18.75 -12.22 45.53
N PHE B 203 -18.65 -13.54 45.59
CA PHE B 203 -19.43 -14.32 46.55
C PHE B 203 -18.77 -15.66 46.87
N GLN B 204 -18.39 -15.84 48.13
CA GLN B 204 -17.74 -17.07 48.58
C GLN B 204 -18.27 -17.52 49.94
N LEU B 205 -18.13 -18.80 50.22
CA LEU B 205 -18.37 -19.29 51.56
C LEU B 205 -17.45 -20.46 51.84
N ASN B 206 -16.66 -20.33 52.91
CA ASN B 206 -15.91 -21.47 53.44
C ASN B 206 -16.41 -21.74 54.83
N GLY B 207 -16.71 -23.01 55.10
CA GLY B 207 -17.33 -23.40 56.35
C GLY B 207 -18.67 -24.05 56.06
N SER B 208 -19.59 -23.96 57.02
CA SER B 208 -20.80 -24.75 56.96
C SER B 208 -22.01 -23.91 57.35
N MET B 209 -23.11 -24.04 56.61
CA MET B 209 -24.35 -23.32 56.90
C MET B 209 -25.61 -24.04 56.45
N THR B 210 -26.70 -23.86 57.18
CA THR B 210 -28.00 -24.33 56.72
C THR B 210 -28.54 -23.32 55.71
N PRO B 211 -29.38 -23.78 54.76
CA PRO B 211 -29.96 -22.88 53.76
C PRO B 211 -30.62 -21.64 54.37
N ASP B 212 -31.26 -21.80 55.54
CA ASP B 212 -31.98 -20.72 56.23
C ASP B 212 -31.05 -19.69 56.85
N GLU B 213 -29.93 -20.14 57.42
CA GLU B 213 -28.95 -19.25 58.03
C GLU B 213 -28.12 -18.56 56.95
N PHE B 214 -27.89 -19.25 55.82
CA PHE B 214 -27.30 -18.65 54.58
C PHE B 214 -28.10 -17.45 54.13
N ARG B 215 -29.42 -17.58 54.11
CA ARG B 215 -30.30 -16.47 53.74
C ARG B 215 -30.36 -15.33 54.74
N GLN B 216 -30.13 -15.62 56.02
CA GLN B 216 -30.08 -14.58 57.05
C GLN B 216 -28.78 -13.81 56.93
N ALA B 217 -27.69 -14.56 56.89
CA ALA B 217 -26.34 -14.01 56.75
C ALA B 217 -26.29 -13.09 55.54
N PHE B 218 -26.96 -13.55 54.49
CA PHE B 218 -27.10 -12.84 53.23
C PHE B 218 -27.76 -11.48 53.43
N ASP B 219 -28.89 -11.46 54.14
CA ASP B 219 -29.64 -10.23 54.43
C ASP B 219 -28.84 -9.21 55.23
N LEU B 220 -28.14 -9.68 56.27
CA LEU B 220 -27.30 -8.84 57.11
C LEU B 220 -26.17 -8.19 56.29
N ALA B 221 -25.52 -8.99 55.46
CA ALA B 221 -24.41 -8.53 54.61
C ALA B 221 -24.79 -7.34 53.76
N VAL B 222 -25.98 -7.40 53.17
CA VAL B 222 -26.53 -6.31 52.37
C VAL B 222 -26.57 -5.00 53.15
N LYS B 223 -27.12 -5.04 54.36
CA LYS B 223 -27.24 -3.86 55.23
C LYS B 223 -25.88 -3.23 55.54
N GLY B 224 -24.90 -4.07 55.83
CA GLY B 224 -23.54 -3.62 56.06
C GLY B 224 -22.94 -2.98 54.83
N ILE B 225 -23.11 -3.66 53.69
CA ILE B 225 -22.63 -3.17 52.40
C ILE B 225 -23.17 -1.76 52.12
N ASN B 226 -24.47 -1.57 52.39
CA ASN B 226 -25.12 -0.27 52.16
C ASN B 226 -24.48 0.86 52.95
N ILE B 227 -24.06 0.57 54.17
CA ILE B 227 -23.43 1.57 55.03
C ILE B 227 -22.04 1.93 54.50
N ILE B 228 -21.31 0.90 54.09
CA ILE B 228 -19.96 1.08 53.55
C ILE B 228 -20.00 1.86 52.26
N TYR B 229 -20.97 1.50 51.42
CA TYR B 229 -21.15 2.13 50.13
C TYR B 229 -21.28 3.64 50.28
N ASN B 230 -22.04 4.06 51.29
CA ASN B 230 -22.24 5.47 51.57
C ASN B 230 -20.95 6.18 51.90
N LEU B 231 -20.05 5.48 52.57
CA LEU B 231 -18.76 6.06 52.92
C LEU B 231 -17.85 6.15 51.69
N GLU B 232 -17.96 5.17 50.80
CA GLU B 232 -17.22 5.17 49.56
C GLU B 232 -17.63 6.37 48.71
N ARG B 233 -18.93 6.64 48.69
CA ARG B 233 -19.45 7.78 47.96
C ARG B 233 -18.99 9.10 48.55
N GLU B 234 -18.98 9.17 49.88
CA GLU B 234 -18.46 10.35 50.58
C GLU B 234 -16.95 10.52 50.34
N ALA B 235 -16.22 9.39 50.32
CA ALA B 235 -14.76 9.41 50.15
C ALA B 235 -14.34 9.84 48.76
N LEU B 236 -15.26 9.71 47.82
CA LEU B 236 -15.03 10.07 46.44
C LEU B 236 -15.06 11.58 46.25
N LYS B 237 -15.95 12.25 46.96
CA LYS B 237 -16.06 13.72 46.89
C LYS B 237 -15.04 14.44 47.78
N SER B 238 -14.80 13.93 48.99
CA SER B 238 -13.94 14.64 49.95
C SER B 238 -12.52 14.07 50.08
N LYS B 239 -12.25 12.96 49.40
CA LYS B 239 -10.91 12.31 49.40
C LYS B 239 -10.47 11.63 50.70
N TYR B 240 -11.19 11.89 51.80
CA TYR B 240 -10.82 11.36 53.11
C TYR B 240 -12.03 11.13 54.00
N VAL B 241 -12.17 9.90 54.53
CA VAL B 241 -13.31 9.55 55.34
C VAL B 241 -12.90 8.70 56.54
N GLU B 242 -13.40 9.08 57.71
CA GLU B 242 -13.26 8.27 58.91
C GLU B 242 -14.67 7.86 59.35
N PHE B 243 -14.77 6.71 59.99
CA PHE B 243 -16.06 6.20 60.50
C PHE B 243 -15.84 5.29 61.69
N LYS B 244 -16.30 5.73 62.86
CA LYS B 244 -16.20 4.94 64.08
C LYS B 244 -17.20 3.79 64.04
N GLU B 245 -16.81 2.64 64.61
CA GLU B 245 -17.68 1.45 64.70
C GLU B 245 -19.15 1.81 65.03
N GLU B 246 -20.08 1.28 64.25
CA GLU B 246 -21.51 1.52 64.52
C GLU B 246 -22.38 0.32 64.18
N GLY B 247 -23.55 0.25 64.82
CA GLY B 247 -24.60 -0.73 64.53
C GLY B 247 -25.21 -0.56 63.15
N VAL B 248 -25.40 -1.67 62.44
CA VAL B 248 -25.94 -1.65 61.08
C VAL B 248 -27.35 -1.06 61.08
N MET C 1 6.99 -28.83 28.06
CA MET C 1 6.43 -28.84 26.67
C MET C 1 7.51 -28.60 25.60
N SER C 2 7.81 -29.64 24.82
CA SER C 2 8.91 -29.62 23.84
C SER C 2 8.42 -29.26 22.43
N SER C 3 8.98 -28.20 21.85
CA SER C 3 8.55 -27.74 20.53
C SER C 3 9.68 -27.51 19.55
N THR C 4 9.38 -27.69 18.26
CA THR C 4 10.33 -27.49 17.17
C THR C 4 10.99 -26.14 17.33
N PRO C 5 12.33 -26.09 17.40
CA PRO C 5 13.06 -24.84 17.62
C PRO C 5 12.88 -23.86 16.45
N SER C 6 12.49 -22.62 16.77
CA SER C 6 12.25 -21.60 15.74
C SER C 6 13.52 -20.87 15.31
N ASN C 7 14.58 -21.08 16.09
CA ASN C 7 15.94 -20.63 15.75
C ASN C 7 16.48 -21.39 14.54
N GLN C 8 17.10 -22.55 14.82
CA GLN C 8 17.68 -23.53 13.83
C GLN C 8 17.97 -23.05 12.39
N ASN C 9 19.11 -22.35 12.23
CA ASN C 9 19.47 -21.60 11.00
C ASN C 9 19.51 -22.46 9.72
N ILE C 10 18.36 -22.47 9.04
CA ILE C 10 18.11 -23.17 7.79
C ILE C 10 19.27 -22.99 6.81
N ILE C 11 19.58 -24.05 6.07
CA ILE C 11 20.71 -24.06 5.14
C ILE C 11 20.20 -24.41 3.72
N PRO C 12 20.35 -23.45 2.76
CA PRO C 12 19.76 -23.51 1.41
C PRO C 12 19.95 -24.84 0.66
N ILE C 13 19.04 -25.13 -0.27
CA ILE C 13 19.05 -26.39 -1.01
C ILE C 13 20.31 -26.49 -1.87
N ILE C 14 20.74 -25.33 -2.37
CA ILE C 14 21.93 -25.24 -3.24
C ILE C 14 23.21 -25.59 -2.48
N LYS C 15 23.37 -25.09 -1.26
CA LYS C 15 24.53 -25.42 -0.45
C LYS C 15 24.53 -26.88 -0.04
N LYS C 16 23.34 -27.44 0.19
CA LYS C 16 23.22 -28.86 0.56
C LYS C 16 23.71 -29.75 -0.57
N GLU C 17 23.28 -29.44 -1.78
CA GLU C 17 23.71 -30.13 -3.01
C GLU C 17 25.23 -30.10 -3.26
N SER C 18 25.93 -29.07 -2.74
CA SER C 18 27.39 -28.92 -2.90
C SER C 18 28.09 -29.91 -2.02
N ILE C 19 27.57 -30.05 -0.80
CA ILE C 19 28.16 -30.91 0.21
C ILE C 19 27.93 -32.38 -0.13
N VAL C 20 26.75 -32.67 -0.66
CA VAL C 20 26.37 -34.03 -1.05
C VAL C 20 27.18 -34.52 -2.26
N SER C 21 27.41 -33.61 -3.21
CA SER C 21 28.24 -33.89 -4.41
C SER C 21 29.68 -34.27 -4.05
N LEU C 22 30.15 -33.77 -2.92
CA LEU C 22 31.45 -34.10 -2.39
C LEU C 22 31.41 -35.47 -1.74
N PHE C 23 30.31 -35.76 -1.04
CA PHE C 23 30.11 -37.03 -0.34
C PHE C 23 30.14 -38.18 -1.34
N GLU C 24 29.53 -37.94 -2.50
CA GLU C 24 29.51 -38.92 -3.59
C GLU C 24 30.94 -39.31 -4.00
N LYS C 25 31.89 -38.39 -3.81
CA LYS C 25 33.31 -38.64 -4.11
C LYS C 25 34.10 -38.99 -2.84
N GLY C 26 33.38 -39.24 -1.75
CA GLY C 26 33.98 -39.73 -0.51
C GLY C 26 34.88 -38.74 0.21
N ILE C 27 34.73 -37.46 -0.11
CA ILE C 27 35.50 -36.39 0.53
C ILE C 27 34.54 -35.35 1.12
N ARG C 28 35.00 -34.59 2.10
CA ARG C 28 34.16 -33.57 2.71
C ARG C 28 34.75 -32.18 2.52
N GLN C 29 34.03 -31.18 3.01
CA GLN C 29 34.54 -29.81 2.99
C GLN C 29 35.86 -29.66 3.74
N ASP C 30 35.96 -30.20 4.96
CA ASP C 30 37.19 -30.12 5.74
C ASP C 30 38.37 -30.79 5.03
N GLY C 31 38.07 -31.81 4.23
CA GLY C 31 39.10 -32.57 3.55
C GLY C 31 39.10 -34.03 3.95
N ARG C 32 38.49 -34.32 5.10
CA ARG C 32 38.53 -35.68 5.65
C ARG C 32 37.59 -36.64 4.94
N LYS C 33 37.91 -37.93 5.03
CA LYS C 33 37.08 -38.99 4.47
C LYS C 33 35.77 -39.11 5.25
N LEU C 34 34.80 -39.81 4.66
CA LEU C 34 33.48 -39.94 5.26
C LEU C 34 33.52 -40.49 6.69
N THR C 35 34.59 -41.20 7.01
CA THR C 35 34.69 -41.92 8.29
C THR C 35 35.69 -41.32 9.31
N ASP C 36 36.29 -40.18 8.98
CA ASP C 36 37.33 -39.56 9.82
C ASP C 36 36.77 -38.71 10.93
N TYR C 37 37.41 -38.77 12.10
CA TYR C 37 37.16 -37.80 13.16
C TYR C 37 37.90 -36.49 12.89
N ARG C 38 37.44 -35.41 13.50
CA ARG C 38 38.13 -34.14 13.41
C ARG C 38 39.39 -34.15 14.30
N PRO C 39 40.31 -33.17 14.10
CA PRO C 39 41.48 -33.01 14.96
C PRO C 39 41.09 -32.86 16.43
N LEU C 40 41.79 -33.58 17.30
CA LEU C 40 41.44 -33.67 18.71
C LEU C 40 42.53 -33.11 19.66
N SER C 41 42.19 -32.06 20.40
CA SER C 41 43.04 -31.53 21.47
C SER C 41 42.44 -31.78 22.83
N ILE C 42 43.26 -32.19 23.79
CA ILE C 42 42.85 -32.30 25.18
C ILE C 42 43.93 -31.69 26.04
N THR C 43 43.52 -30.70 26.84
CA THR C 43 44.35 -30.08 27.85
C THR C 43 43.78 -30.44 29.20
N LEU C 44 44.55 -31.17 29.99
CA LEU C 44 44.12 -31.61 31.32
C LEU C 44 44.43 -30.54 32.36
N ASP C 45 43.76 -30.60 33.50
CA ASP C 45 43.93 -29.58 34.55
C ASP C 45 43.90 -28.18 33.96
N TYR C 46 42.80 -27.83 33.31
CA TYR C 46 42.64 -26.49 32.75
C TYR C 46 42.03 -25.51 33.76
N ALA C 47 40.92 -25.93 34.40
CA ALA C 47 40.32 -25.20 35.52
C ALA C 47 41.00 -25.62 36.81
N LYS C 48 41.82 -24.72 37.37
CA LYS C 48 42.71 -25.09 38.48
C LYS C 48 42.00 -25.37 39.79
N LYS C 49 40.88 -24.71 40.02
CA LYS C 49 40.14 -24.94 41.24
C LYS C 49 39.18 -26.14 41.24
N ALA C 50 39.05 -26.80 40.08
CA ALA C 50 38.39 -28.10 39.98
C ALA C 50 39.26 -29.17 40.61
N ASP C 51 38.63 -30.24 41.08
CA ASP C 51 39.37 -31.44 41.54
C ASP C 51 40.05 -32.15 40.37
N GLY C 52 39.42 -32.04 39.21
CA GLY C 52 39.97 -32.53 37.96
C GLY C 52 39.23 -31.86 36.83
N SER C 53 39.93 -31.42 35.80
CA SER C 53 39.29 -30.75 34.67
C SER C 53 39.93 -31.12 33.35
N ALA C 54 39.21 -30.88 32.26
CA ALA C 54 39.70 -31.18 30.92
C ALA C 54 39.05 -30.25 29.90
N LEU C 55 39.89 -29.60 29.10
CA LEU C 55 39.40 -28.78 28.00
C LEU C 55 39.62 -29.53 26.70
N VAL C 56 38.54 -29.83 26.00
CA VAL C 56 38.59 -30.63 24.79
C VAL C 56 38.31 -29.75 23.55
N LYS C 57 39.17 -29.84 22.54
CA LYS C 57 38.88 -29.24 21.25
C LYS C 57 38.75 -30.34 20.21
N LEU C 58 37.52 -30.60 19.80
CA LEU C 58 37.27 -31.48 18.68
C LEU C 58 36.79 -30.60 17.53
N GLY C 59 37.65 -30.40 16.55
CA GLY C 59 37.38 -29.44 15.49
C GLY C 59 37.19 -28.06 16.10
N THR C 60 36.07 -27.41 15.78
CA THR C 60 35.79 -26.08 16.32
C THR C 60 34.95 -26.16 17.59
N THR C 61 34.47 -27.36 17.92
CA THR C 61 33.72 -27.60 19.16
C THR C 61 34.64 -27.55 20.39
N MET C 62 34.25 -26.81 21.43
CA MET C 62 35.03 -26.78 22.65
C MET C 62 34.20 -27.03 23.87
N VAL C 63 34.58 -28.06 24.62
CA VAL C 63 33.94 -28.41 25.86
C VAL C 63 34.96 -28.35 26.98
N LEU C 64 34.57 -27.72 28.08
CA LEU C 64 35.35 -27.76 29.30
C LEU C 64 34.53 -28.50 30.36
N ALA C 65 35.09 -29.58 30.89
CA ALA C 65 34.42 -30.32 31.95
C ALA C 65 35.27 -30.31 33.21
N GLY C 66 34.63 -30.16 34.36
CA GLY C 66 35.35 -30.12 35.63
C GLY C 66 34.62 -30.88 36.70
N THR C 67 35.37 -31.57 37.55
CA THR C 67 34.78 -32.33 38.67
C THR C 67 35.02 -31.63 40.00
N LYS C 68 34.08 -31.80 40.91
CA LYS C 68 34.16 -31.23 42.22
C LYS C 68 33.63 -32.29 43.18
N LEU C 69 34.45 -32.71 44.13
CA LEU C 69 34.09 -33.82 45.05
C LEU C 69 33.54 -33.34 46.38
N GLU C 70 32.51 -34.00 46.89
CA GLU C 70 31.93 -33.63 48.16
C GLU C 70 31.52 -34.84 48.96
N ILE C 71 31.38 -34.68 50.28
CA ILE C 71 30.96 -35.78 51.17
C ILE C 71 29.52 -35.56 51.64
N ASP C 72 28.64 -36.50 51.31
CA ASP C 72 27.25 -36.42 51.74
C ASP C 72 26.80 -37.78 52.24
N LYS C 73 25.65 -37.81 52.89
CA LYS C 73 25.01 -39.06 53.30
C LYS C 73 24.42 -39.74 52.05
N PRO C 74 24.67 -41.05 51.89
CA PRO C 74 24.16 -41.74 50.71
C PRO C 74 22.63 -41.75 50.74
N TYR C 75 22.02 -41.81 49.57
CA TYR C 75 20.57 -41.58 49.45
C TYR C 75 19.79 -42.86 49.84
N GLU C 76 18.85 -42.74 50.80
CA GLU C 76 18.16 -43.88 51.48
C GLU C 76 17.91 -45.15 50.66
N ASP C 77 17.63 -44.94 49.36
CA ASP C 77 17.47 -46.03 48.37
C ASP C 77 18.77 -46.82 48.11
N THR C 78 19.87 -46.08 47.87
CA THR C 78 21.18 -46.66 47.52
C THR C 78 22.21 -46.42 48.63
N PRO C 79 22.17 -47.25 49.70
CA PRO C 79 22.97 -47.00 50.90
C PRO C 79 24.45 -47.34 50.74
N ASN C 80 24.78 -48.18 49.78
CA ASN C 80 26.15 -48.58 49.61
C ASN C 80 26.65 -48.15 48.23
N GLN C 81 26.42 -46.87 47.92
CA GLN C 81 26.87 -46.25 46.66
C GLN C 81 27.22 -44.80 46.83
N GLY C 82 28.25 -44.37 46.12
CA GLY C 82 28.54 -42.95 45.99
C GLY C 82 27.65 -42.37 44.92
N ASN C 83 27.75 -41.07 44.71
CA ASN C 83 26.89 -40.39 43.74
C ASN C 83 27.65 -39.78 42.57
N LEU C 84 27.04 -39.83 41.39
CA LEU C 84 27.57 -39.12 40.24
C LEU C 84 26.48 -38.23 39.70
N ILE C 85 26.75 -36.94 39.63
CA ILE C 85 25.78 -36.00 39.13
C ILE C 85 26.37 -35.24 37.94
N VAL C 86 25.89 -35.59 36.76
CA VAL C 86 26.35 -34.95 35.51
C VAL C 86 25.50 -33.76 35.18
N ASN C 87 26.11 -32.73 34.65
CA ASN C 87 25.41 -31.52 34.34
C ASN C 87 26.03 -30.79 33.18
N VAL C 88 25.23 -30.56 32.14
CA VAL C 88 25.70 -29.95 30.90
C VAL C 88 25.09 -28.58 30.76
N GLU C 89 25.91 -27.64 30.30
CA GLU C 89 25.41 -26.32 29.95
C GLU C 89 25.96 -25.75 28.65
N LEU C 90 25.04 -25.33 27.80
CA LEU C 90 25.34 -24.75 26.52
C LEU C 90 25.38 -23.24 26.73
N LEU C 91 26.31 -22.55 26.08
CA LEU C 91 26.55 -21.13 26.37
C LEU C 91 26.30 -20.14 25.23
N PRO C 92 26.57 -20.54 23.95
CA PRO C 92 26.37 -19.64 22.80
C PRO C 92 24.92 -19.17 22.58
N ASP C 104 17.91 -26.39 30.10
CA ASP C 104 17.56 -26.21 28.69
C ASP C 104 16.60 -27.30 28.23
N GLU C 105 17.13 -28.33 27.56
CA GLU C 105 16.37 -29.42 26.92
C GLU C 105 17.31 -30.27 26.11
N ASN C 106 18.17 -29.64 25.32
CA ASN C 106 19.25 -30.36 24.65
C ASN C 106 20.35 -30.59 25.66
N ALA C 107 20.49 -29.65 26.58
CA ALA C 107 21.47 -29.75 27.64
C ALA C 107 21.11 -30.94 28.54
N ILE C 108 19.86 -30.98 28.97
CA ILE C 108 19.37 -32.05 29.81
C ILE C 108 19.56 -33.39 29.12
N GLU C 109 19.20 -33.48 27.84
CA GLU C 109 19.39 -34.70 27.05
C GLU C 109 20.87 -35.08 26.95
N LEU C 110 21.73 -34.10 26.78
CA LEU C 110 23.17 -34.35 26.72
C LEU C 110 23.69 -34.90 28.04
N ALA C 111 23.22 -34.30 29.13
CA ALA C 111 23.63 -34.70 30.48
C ALA C 111 23.27 -36.16 30.74
N ARG C 112 22.04 -36.51 30.42
CA ARG C 112 21.53 -37.84 30.63
C ARG C 112 22.26 -38.87 29.78
N VAL C 113 22.46 -38.58 28.49
CA VAL C 113 23.15 -39.53 27.62
C VAL C 113 24.56 -39.86 28.13
N VAL C 114 25.29 -38.83 28.54
CA VAL C 114 26.63 -38.98 29.09
C VAL C 114 26.56 -39.77 30.39
N ASP C 115 25.71 -39.31 31.31
CA ASP C 115 25.53 -39.98 32.60
C ASP C 115 25.33 -41.47 32.38
N ARG C 116 24.30 -41.80 31.59
CA ARG C 116 23.92 -43.18 31.33
C ARG C 116 25.08 -44.01 30.89
N SER C 117 25.92 -43.47 30.02
CA SER C 117 26.97 -44.29 29.42
C SER C 117 28.17 -44.44 30.36
N LEU C 118 28.32 -43.49 31.28
CA LEU C 118 29.36 -43.60 32.30
C LEU C 118 28.94 -44.55 33.44
N ARG C 119 27.65 -44.63 33.69
CA ARG C 119 27.11 -45.36 34.82
C ARG C 119 26.83 -46.81 34.44
N ASP C 120 26.17 -47.04 33.30
CA ASP C 120 25.85 -48.39 32.79
C ASP C 120 27.07 -49.20 32.36
N SER C 121 28.12 -48.52 31.90
CA SER C 121 29.36 -49.18 31.52
C SER C 121 30.11 -49.56 32.77
N LYS C 122 29.76 -48.92 33.87
CA LYS C 122 30.49 -49.00 35.14
C LYS C 122 31.95 -48.58 34.95
N ALA C 123 32.16 -47.59 34.10
CA ALA C 123 33.46 -46.96 33.90
C ALA C 123 33.91 -46.28 35.18
N LEU C 124 32.95 -45.66 35.88
CA LEU C 124 33.17 -45.21 37.23
C LEU C 124 32.42 -46.14 38.14
N ASP C 125 33.13 -46.69 39.12
CA ASP C 125 32.52 -47.61 40.10
C ASP C 125 32.05 -46.81 41.31
N LEU C 126 30.74 -46.61 41.40
CA LEU C 126 30.17 -45.83 42.49
C LEU C 126 30.25 -46.54 43.84
N THR C 127 30.34 -47.87 43.82
CA THR C 127 30.33 -48.64 45.06
C THR C 127 31.69 -48.53 45.76
N LYS C 128 32.66 -47.93 45.09
CA LYS C 128 33.95 -47.71 45.69
C LYS C 128 34.09 -46.30 46.26
N LEU C 129 33.08 -45.48 46.04
CA LEU C 129 33.09 -44.12 46.56
C LEU C 129 32.45 -44.06 47.93
N VAL C 130 32.44 -45.17 48.65
CA VAL C 130 31.87 -45.22 49.99
C VAL C 130 32.97 -45.00 51.02
N ILE C 131 32.69 -44.16 52.00
CA ILE C 131 33.64 -43.94 53.09
C ILE C 131 33.20 -44.76 54.30
N GLU C 132 32.06 -44.40 54.90
CA GLU C 132 31.43 -45.22 55.96
C GLU C 132 30.05 -45.62 55.46
N PRO C 133 29.87 -46.91 55.12
CA PRO C 133 28.63 -47.39 54.49
C PRO C 133 27.40 -46.92 55.26
N GLY C 134 26.43 -46.35 54.55
CA GLY C 134 25.21 -45.85 55.17
C GLY C 134 25.38 -44.50 55.87
N LYS C 135 26.60 -44.17 56.26
CA LYS C 135 26.88 -42.90 56.96
C LYS C 135 27.35 -41.81 55.99
N SER C 136 28.44 -42.05 55.29
CA SER C 136 29.01 -41.05 54.40
C SER C 136 29.71 -41.61 53.15
N VAL C 137 29.39 -40.98 52.00
CA VAL C 137 29.94 -41.33 50.68
C VAL C 137 30.39 -40.10 49.90
N TRP C 138 31.24 -40.31 48.90
CA TRP C 138 31.64 -39.26 47.98
C TRP C 138 30.53 -38.97 46.95
N THR C 139 30.34 -37.70 46.61
CA THR C 139 29.45 -37.31 45.53
C THR C 139 30.34 -36.67 44.51
N VAL C 140 30.35 -37.20 43.30
CA VAL C 140 31.12 -36.62 42.21
C VAL C 140 30.25 -35.67 41.39
N TRP C 141 30.49 -34.38 41.54
CA TRP C 141 29.86 -33.39 40.67
C TRP C 141 30.64 -33.19 39.36
N LEU C 142 30.08 -33.68 38.26
CA LEU C 142 30.64 -33.47 36.93
C LEU C 142 29.87 -32.35 36.27
N ASP C 143 30.56 -31.29 35.85
CA ASP C 143 29.92 -30.17 35.16
C ASP C 143 30.61 -29.90 33.85
N VAL C 144 29.82 -29.97 32.78
CA VAL C 144 30.34 -29.91 31.41
C VAL C 144 29.86 -28.62 30.74
N TYR C 145 30.81 -27.81 30.28
CA TYR C 145 30.51 -26.52 29.69
C TYR C 145 30.87 -26.43 28.21
N VAL C 146 29.86 -26.35 27.35
CA VAL C 146 30.06 -26.20 25.92
C VAL C 146 30.28 -24.73 25.64
N LEU C 147 31.48 -24.39 25.20
CA LEU C 147 31.87 -23.00 25.01
C LEU C 147 31.76 -22.59 23.55
N ASP C 148 32.01 -23.55 22.66
CA ASP C 148 31.99 -23.31 21.24
C ASP C 148 31.18 -24.42 20.60
N TYR C 149 30.05 -24.06 20.00
CA TYR C 149 29.18 -25.06 19.39
C TYR C 149 29.58 -25.30 17.94
N GLY C 150 30.45 -26.28 17.74
CA GLY C 150 31.02 -26.57 16.41
C GLY C 150 30.46 -27.83 15.80
N GLY C 151 29.41 -28.36 16.43
CA GLY C 151 28.74 -29.54 15.93
C GLY C 151 29.30 -30.82 16.51
N ASN C 152 28.43 -31.82 16.65
CA ASN C 152 28.76 -33.06 17.33
C ASN C 152 29.26 -32.81 18.74
N VAL C 153 28.50 -31.98 19.48
CA VAL C 153 28.76 -31.64 20.87
C VAL C 153 28.77 -32.87 21.80
N LEU C 154 27.90 -33.83 21.52
CA LEU C 154 27.83 -35.07 22.30
C LEU C 154 29.15 -35.82 22.42
N ASP C 155 29.84 -36.02 21.30
CA ASP C 155 31.08 -36.79 21.30
C ASP C 155 32.16 -36.10 22.09
N ALA C 156 32.21 -34.78 21.96
CA ALA C 156 33.14 -33.92 22.69
C ALA C 156 32.81 -33.94 24.19
N CYS C 157 31.53 -33.96 24.53
CA CYS C 157 31.13 -34.01 25.93
C CYS C 157 31.60 -35.30 26.61
N THR C 158 31.35 -36.44 25.98
CA THR C 158 31.79 -37.72 26.50
C THR C 158 33.30 -37.70 26.74
N LEU C 159 34.06 -37.14 25.79
CA LEU C 159 35.51 -37.04 25.92
C LEU C 159 35.94 -36.15 27.08
N ALA C 160 35.43 -34.93 27.11
CA ALA C 160 35.70 -33.99 28.21
C ALA C 160 35.34 -34.58 29.58
N SER C 161 34.19 -35.25 29.68
CA SER C 161 33.76 -35.93 30.91
C SER C 161 34.78 -36.97 31.36
N VAL C 162 34.95 -38.00 30.52
CA VAL C 162 35.92 -39.08 30.79
C VAL C 162 37.28 -38.52 31.19
N ALA C 163 37.79 -37.56 30.40
CA ALA C 163 39.05 -36.90 30.72
C ALA C 163 39.04 -36.19 32.08
N ALA C 164 37.94 -35.51 32.40
CA ALA C 164 37.86 -34.76 33.64
C ALA C 164 37.88 -35.68 34.82
N LEU C 165 37.28 -36.86 34.68
CA LEU C 165 37.25 -37.90 35.72
C LEU C 165 38.62 -38.54 35.88
N TYR C 166 39.32 -38.72 34.79
CA TYR C 166 40.63 -39.31 34.87
C TYR C 166 41.65 -38.37 35.45
N ASN C 167 41.32 -37.07 35.45
CA ASN C 167 42.21 -36.04 35.98
C ASN C 167 41.92 -35.75 37.45
N THR C 168 40.81 -36.28 37.95
CA THR C 168 40.32 -35.97 39.28
C THR C 168 41.22 -36.53 40.38
N LYS C 169 41.48 -35.68 41.39
CA LYS C 169 42.29 -35.98 42.57
C LYS C 169 41.40 -36.10 43.80
N VAL C 170 41.51 -37.22 44.51
CA VAL C 170 40.75 -37.43 45.75
C VAL C 170 41.60 -37.05 46.95
N TYR C 171 40.96 -36.48 47.98
CA TYR C 171 41.70 -35.91 49.11
C TYR C 171 41.59 -36.72 50.38
N LYS C 172 42.42 -36.39 51.38
CA LYS C 172 42.41 -37.10 52.66
C LYS C 172 41.15 -36.81 53.45
N VAL C 173 40.58 -37.86 54.06
CA VAL C 173 39.33 -37.77 54.83
C VAL C 173 39.57 -37.84 56.36
N GLU C 174 39.22 -36.79 57.10
CA GLU C 174 39.21 -36.87 58.56
C GLU C 174 37.87 -37.48 59.02
N GLN C 175 37.92 -38.63 59.71
CA GLN C 175 36.70 -39.33 60.15
C GLN C 175 36.49 -39.25 61.65
N ILE C 180 34.05 -37.34 57.70
CA ILE C 180 33.59 -36.26 58.58
C ILE C 180 34.10 -34.87 58.18
N SER C 181 35.32 -34.81 57.64
CA SER C 181 35.96 -33.54 57.23
C SER C 181 37.04 -33.77 56.16
N VAL C 182 37.11 -32.88 55.17
CA VAL C 182 38.07 -33.03 54.06
C VAL C 182 39.29 -32.13 54.25
N ASN C 183 40.47 -32.74 54.13
CA ASN C 183 41.70 -31.97 54.11
C ASN C 183 42.20 -31.83 52.67
N LYS C 184 41.96 -30.67 52.08
CA LYS C 184 42.11 -30.50 50.64
C LYS C 184 43.52 -30.23 50.11
N ASN C 185 44.55 -30.36 50.95
CA ASN C 185 45.93 -30.21 50.46
C ASN C 185 46.79 -31.48 50.60
N GLU C 186 46.17 -32.57 51.05
CA GLU C 186 46.78 -33.89 50.96
C GLU C 186 45.97 -34.74 49.95
N VAL C 187 46.67 -35.20 48.91
CA VAL C 187 46.07 -36.02 47.85
C VAL C 187 46.28 -37.51 48.14
N VAL C 188 45.18 -38.22 48.38
CA VAL C 188 45.20 -39.65 48.65
C VAL C 188 45.33 -40.50 47.39
N GLY C 189 44.54 -40.20 46.36
CA GLY C 189 44.55 -40.98 45.13
C GLY C 189 43.63 -40.45 44.04
N LYS C 190 43.28 -41.33 43.11
CA LYS C 190 42.49 -40.99 41.95
C LYS C 190 41.10 -41.61 42.13
N LEU C 191 40.19 -41.36 41.18
CA LEU C 191 38.86 -41.98 41.18
C LEU C 191 38.90 -43.46 40.81
N PRO C 192 37.98 -44.28 41.37
CA PRO C 192 37.86 -45.70 40.96
C PRO C 192 37.30 -45.81 39.53
N LEU C 193 38.19 -45.70 38.55
CA LEU C 193 37.80 -45.75 37.14
C LEU C 193 38.26 -47.03 36.48
N ASN C 194 37.30 -47.79 35.96
CA ASN C 194 37.59 -49.09 35.36
C ASN C 194 38.22 -48.97 33.98
N TYR C 195 37.64 -48.08 33.17
CA TYR C 195 38.14 -47.81 31.80
C TYR C 195 37.51 -46.54 31.24
N PRO C 196 38.13 -45.94 30.21
CA PRO C 196 37.46 -44.87 29.47
C PRO C 196 36.29 -45.38 28.62
N VAL C 197 35.45 -44.45 28.17
CA VAL C 197 34.32 -44.74 27.30
C VAL C 197 34.35 -43.67 26.20
N VAL C 198 34.11 -44.09 24.95
CA VAL C 198 33.94 -43.14 23.84
C VAL C 198 32.53 -43.18 23.23
N THR C 199 32.04 -42.02 22.82
CA THR C 199 30.78 -41.95 22.09
C THR C 199 31.08 -41.53 20.67
N ILE C 200 30.57 -42.29 19.72
CA ILE C 200 30.77 -41.98 18.31
C ILE C 200 29.44 -41.69 17.63
N SER C 201 29.34 -40.51 17.04
CA SER C 201 28.15 -40.09 16.35
C SER C 201 28.33 -40.24 14.87
N VAL C 202 27.35 -40.88 14.24
CA VAL C 202 27.34 -41.09 12.80
C VAL C 202 26.12 -40.37 12.26
N ALA C 203 26.34 -39.40 11.36
CA ALA C 203 25.24 -38.66 10.73
C ALA C 203 24.82 -39.30 9.42
N LYS C 204 23.53 -39.21 9.13
CA LYS C 204 23.02 -39.74 7.88
C LYS C 204 22.60 -38.56 7.03
N VAL C 205 23.50 -38.14 6.13
CA VAL C 205 23.21 -37.04 5.21
C VAL C 205 22.87 -37.63 3.87
N ASP C 206 21.64 -37.37 3.42
CA ASP C 206 21.08 -37.91 2.18
C ASP C 206 21.08 -39.43 2.11
N LYS C 207 22.09 -40.03 1.46
CA LYS C 207 22.24 -41.49 1.42
C LYS C 207 23.62 -41.96 1.88
N TYR C 208 24.33 -41.07 2.58
CA TYR C 208 25.68 -41.36 3.04
C TYR C 208 25.75 -41.35 4.55
N LEU C 209 26.66 -42.14 5.12
CA LEU C 209 26.93 -42.12 6.56
C LEU C 209 28.26 -41.44 6.82
N VAL C 210 28.24 -40.49 7.74
CA VAL C 210 29.36 -39.58 7.97
C VAL C 210 29.70 -39.53 9.46
N VAL C 211 30.94 -39.90 9.78
CA VAL C 211 31.41 -39.95 11.16
C VAL C 211 31.77 -38.54 11.69
N ASP C 212 31.37 -38.24 12.92
CA ASP C 212 31.62 -36.94 13.54
C ASP C 212 31.26 -35.79 12.59
N PRO C 213 29.97 -35.47 12.48
CA PRO C 213 29.55 -34.38 11.61
C PRO C 213 29.92 -33.00 12.19
N ASP C 214 30.38 -32.08 11.33
CA ASP C 214 30.67 -30.72 11.77
C ASP C 214 29.37 -29.88 11.83
N LEU C 215 29.52 -28.56 12.00
CA LEU C 215 28.39 -27.63 12.08
C LEU C 215 27.48 -27.66 10.83
N ASP C 216 28.10 -27.57 9.67
CA ASP C 216 27.38 -27.63 8.39
C ASP C 216 26.66 -28.97 8.18
N GLU C 217 27.36 -30.06 8.48
CA GLU C 217 26.84 -31.39 8.18
C GLU C 217 25.65 -31.72 9.05
N GLU C 218 25.65 -31.18 10.28
CA GLU C 218 24.55 -31.44 11.21
C GLU C 218 23.29 -30.74 10.79
N SER C 219 23.42 -29.62 10.08
CA SER C 219 22.25 -28.86 9.66
C SER C 219 21.64 -29.37 8.36
N ILE C 220 22.32 -30.28 7.67
CA ILE C 220 21.77 -30.85 6.43
C ILE C 220 21.38 -32.33 6.59
N MET C 221 21.74 -32.92 7.73
CA MET C 221 21.55 -34.35 7.97
C MET C 221 20.08 -34.66 8.21
N ASP C 222 19.69 -35.90 7.92
CA ASP C 222 18.33 -36.37 8.24
C ASP C 222 18.20 -36.63 9.73
N ALA C 223 19.08 -37.50 10.23
CA ALA C 223 19.19 -37.78 11.66
C ALA C 223 20.62 -38.27 11.97
N LYS C 224 21.02 -38.22 13.24
CA LYS C 224 22.27 -38.85 13.64
C LYS C 224 22.05 -39.89 14.73
N ILE C 225 22.93 -40.88 14.78
CA ILE C 225 22.84 -41.91 15.81
C ILE C 225 24.19 -42.03 16.52
N SER C 226 24.15 -42.13 17.84
CA SER C 226 25.37 -42.05 18.64
C SER C 226 25.55 -43.33 19.42
N PHE C 227 26.74 -43.93 19.27
CA PHE C 227 27.08 -45.18 19.92
C PHE C 227 28.18 -44.98 20.97
N SER C 228 27.95 -45.53 22.16
CA SER C 228 28.93 -45.47 23.22
C SER C 228 29.58 -46.82 23.35
N TYR C 229 30.92 -46.82 23.48
CA TYR C 229 31.69 -48.06 23.56
C TYR C 229 32.65 -48.13 24.74
N THR C 230 32.79 -49.32 25.33
CA THR C 230 33.87 -49.58 26.27
C THR C 230 35.05 -50.11 25.46
N PRO C 231 36.28 -50.07 26.01
CA PRO C 231 37.46 -50.48 25.24
C PRO C 231 37.40 -51.90 24.69
N ASP C 232 36.58 -52.76 25.27
CA ASP C 232 36.44 -54.13 24.74
C ASP C 232 35.34 -54.20 23.69
N LEU C 233 34.87 -53.03 23.31
CA LEU C 233 33.92 -52.86 22.21
C LEU C 233 32.55 -53.49 22.49
N LYS C 234 32.07 -53.24 23.71
CA LYS C 234 30.69 -53.50 24.07
C LYS C 234 29.91 -52.19 23.87
N ILE C 235 28.77 -52.26 23.20
CA ILE C 235 27.88 -51.12 23.07
C ILE C 235 27.27 -50.86 24.45
N VAL C 236 27.37 -49.60 24.87
CA VAL C 236 27.05 -49.21 26.22
C VAL C 236 26.01 -48.10 26.28
N GLY C 237 25.67 -47.58 25.10
CA GLY C 237 24.57 -46.64 24.93
C GLY C 237 24.34 -46.33 23.46
N ILE C 238 23.07 -46.22 23.07
CA ILE C 238 22.73 -45.71 21.75
C ILE C 238 21.68 -44.58 21.82
N GLN C 239 21.92 -43.49 21.10
CA GLN C 239 20.93 -42.41 21.05
C GLN C 239 20.70 -41.91 19.62
N LYS C 240 19.55 -42.26 19.06
CA LYS C 240 19.11 -41.61 17.81
C LYS C 240 18.67 -40.19 18.12
N SER C 241 19.02 -39.27 17.24
CA SER C 241 18.82 -37.85 17.47
C SER C 241 18.63 -37.14 16.11
N GLY C 242 17.74 -36.16 16.06
CA GLY C 242 17.54 -35.43 14.83
C GLY C 242 16.12 -35.52 14.37
N LYS C 243 15.74 -34.60 13.47
CA LYS C 243 14.34 -34.37 13.12
C LYS C 243 13.82 -35.40 12.12
N GLY C 244 14.72 -36.20 11.57
CA GLY C 244 14.38 -37.15 10.52
C GLY C 244 14.52 -38.61 10.91
N SER C 245 14.48 -39.47 9.90
CA SER C 245 14.52 -40.92 10.10
C SER C 245 15.69 -41.60 9.39
N MET C 246 15.90 -42.86 9.72
CA MET C 246 17.04 -43.61 9.22
C MET C 246 16.53 -44.99 8.91
N SER C 247 17.08 -45.63 7.88
CA SER C 247 16.64 -46.98 7.51
C SER C 247 17.28 -48.06 8.40
N LEU C 248 16.79 -49.29 8.26
CA LEU C 248 17.29 -50.39 9.07
C LEU C 248 18.73 -50.73 8.72
N GLN C 249 19.00 -50.85 7.42
CA GLN C 249 20.33 -51.10 6.91
C GLN C 249 21.29 -50.01 7.32
N ASP C 250 20.76 -48.80 7.52
CA ASP C 250 21.57 -47.63 7.88
C ASP C 250 22.14 -47.72 9.29
N ILE C 251 21.28 -47.99 10.25
CA ILE C 251 21.68 -48.18 11.64
C ILE C 251 22.68 -49.33 11.79
N ASP C 252 22.45 -50.42 11.04
CA ASP C 252 23.37 -51.56 10.98
C ASP C 252 24.76 -51.09 10.56
N GLN C 253 24.84 -50.49 9.36
CA GLN C 253 26.10 -49.99 8.82
C GLN C 253 26.74 -48.93 9.69
N ALA C 254 25.92 -48.02 10.20
CA ALA C 254 26.40 -46.96 11.05
C ALA C 254 27.23 -47.53 12.19
N GLU C 255 26.71 -48.58 12.83
CA GLU C 255 27.35 -49.17 14.01
C GLU C 255 28.67 -49.86 13.68
N ASN C 256 28.76 -50.51 12.52
CA ASN C 256 30.04 -51.06 12.06
C ASN C 256 31.08 -49.97 11.94
N THR C 257 30.69 -48.89 11.26
CA THR C 257 31.54 -47.73 11.09
C THR C 257 31.88 -47.13 12.45
N ALA C 258 30.85 -46.89 13.27
CA ALA C 258 31.02 -46.34 14.61
C ALA C 258 32.04 -47.10 15.45
N ARG C 259 32.01 -48.43 15.35
CA ARG C 259 32.82 -49.30 16.18
C ARG C 259 34.26 -49.32 15.72
N SER C 260 34.48 -49.41 14.41
CA SER C 260 35.86 -49.42 13.90
C SER C 260 36.53 -48.05 14.01
N THR C 261 35.72 -47.01 14.20
CA THR C 261 36.21 -45.68 14.56
C THR C 261 36.58 -45.64 16.03
N ALA C 262 35.74 -46.23 16.88
CA ALA C 262 35.93 -46.25 18.34
C ALA C 262 37.32 -46.72 18.75
N VAL C 263 37.82 -47.74 18.05
CA VAL C 263 39.14 -48.27 18.33
C VAL C 263 40.20 -47.17 18.23
N LYS C 264 40.18 -46.43 17.13
CA LYS C 264 41.16 -45.37 16.87
C LYS C 264 41.00 -44.20 17.83
N LEU C 265 39.76 -43.80 18.09
CA LEU C 265 39.49 -42.72 19.02
C LEU C 265 39.90 -43.09 20.44
N LEU C 266 39.69 -44.35 20.82
CA LEU C 266 40.09 -44.80 22.15
C LEU C 266 41.60 -44.75 22.33
N GLU C 267 42.35 -45.20 21.33
CA GLU C 267 43.81 -45.15 21.40
C GLU C 267 44.29 -43.72 21.55
N GLU C 268 43.65 -42.79 20.84
CA GLU C 268 44.04 -41.40 20.87
C GLU C 268 43.68 -40.72 22.20
N LEU C 269 42.48 -41.02 22.71
CA LEU C 269 42.03 -40.55 24.02
C LEU C 269 43.01 -40.99 25.09
N LYS C 270 43.45 -42.24 25.02
CA LYS C 270 44.38 -42.78 26.00
C LYS C 270 45.72 -42.08 25.98
N LYS C 271 46.21 -41.75 24.78
CA LYS C 271 47.47 -41.01 24.63
C LYS C 271 47.42 -39.67 25.36
N HIS C 272 46.30 -38.96 25.21
CA HIS C 272 46.07 -37.70 25.91
C HIS C 272 46.00 -37.90 27.43
N LEU C 273 45.39 -38.99 27.85
CA LEU C 273 45.17 -39.25 29.28
C LEU C 273 46.36 -39.92 29.97
N GLY C 274 47.39 -40.21 29.19
CA GLY C 274 48.58 -40.91 29.71
C GLY C 274 48.33 -42.35 30.09
N ILE C 275 48.25 -43.25 29.10
CA ILE C 275 48.10 -44.72 29.32
C ILE C 275 46.61 -45.11 29.52
N MET D 1 32.28 -67.51 54.73
CA MET D 1 31.05 -68.01 54.03
C MET D 1 30.43 -67.10 52.94
N ARG D 2 31.31 -66.59 52.09
CA ARG D 2 31.05 -66.26 50.70
C ARG D 2 30.17 -67.34 50.06
N GLU D 3 30.27 -68.54 50.63
CA GLU D 3 29.66 -69.80 50.16
C GLU D 3 28.15 -69.76 50.04
N MET D 4 27.50 -68.94 50.86
CA MET D 4 26.04 -68.84 50.83
C MET D 4 25.55 -67.54 50.18
N LEU D 5 26.45 -66.60 49.90
CA LEU D 5 26.03 -65.36 49.24
C LEU D 5 25.59 -65.74 47.86
N GLN D 6 24.39 -65.27 47.51
CA GLN D 6 23.78 -65.52 46.22
C GLN D 6 23.11 -64.25 45.71
N VAL D 7 23.53 -63.84 44.51
CA VAL D 7 23.07 -62.60 43.86
C VAL D 7 21.71 -62.09 44.32
N GLU D 8 21.65 -60.79 44.53
CA GLU D 8 20.48 -60.12 45.05
C GLU D 8 19.42 -60.11 43.94
N ARG D 9 19.84 -59.73 42.73
CA ARG D 9 18.98 -59.62 41.53
C ARG D 9 18.25 -60.94 41.18
N PRO D 10 16.91 -60.86 40.97
CA PRO D 10 16.07 -62.00 40.57
C PRO D 10 16.33 -62.51 39.14
N LYS D 11 16.10 -63.80 38.93
CA LYS D 11 16.16 -64.40 37.61
C LYS D 11 14.98 -63.93 36.81
N LEU D 12 15.27 -63.50 35.59
CA LEU D 12 14.25 -62.94 34.71
C LEU D 12 13.73 -63.93 33.68
N ILE D 13 14.58 -64.88 33.31
CA ILE D 13 14.19 -66.04 32.51
C ILE D 13 14.11 -67.26 33.44
N LEU D 14 12.96 -67.92 33.42
CA LEU D 14 12.68 -68.97 34.36
C LEU D 14 12.48 -70.30 33.68
N ASP D 15 11.63 -71.16 34.26
CA ASP D 15 11.36 -72.49 33.75
C ASP D 15 10.71 -72.41 32.35
N ASP D 16 10.90 -73.46 31.54
CA ASP D 16 10.63 -73.40 30.09
C ASP D 16 11.36 -72.19 29.54
N GLY D 17 11.06 -71.81 28.32
CA GLY D 17 11.73 -70.64 27.80
C GLY D 17 11.45 -69.37 28.59
N LYS D 18 10.54 -69.45 29.56
CA LYS D 18 9.64 -68.32 29.97
C LYS D 18 10.11 -67.24 30.98
N ARG D 19 9.33 -66.16 31.12
CA ARG D 19 9.68 -64.96 31.91
C ARG D 19 8.83 -64.77 33.18
N THR D 20 9.08 -63.65 33.90
CA THR D 20 8.38 -63.34 35.16
C THR D 20 6.86 -63.22 35.03
N ASP D 21 6.39 -62.71 33.89
CA ASP D 21 4.95 -62.61 33.66
C ASP D 21 4.39 -63.77 32.83
N GLY D 22 5.16 -64.84 32.72
CA GLY D 22 4.72 -66.04 32.03
C GLY D 22 4.76 -65.98 30.52
N ARG D 23 5.48 -64.99 29.97
CA ARG D 23 5.65 -64.87 28.53
C ARG D 23 6.93 -65.51 28.06
N LYS D 24 6.91 -66.06 26.84
CA LYS D 24 8.13 -66.53 26.19
C LYS D 24 8.93 -65.30 25.73
N PRO D 25 10.24 -65.46 25.45
CA PRO D 25 11.08 -64.33 25.06
C PRO D 25 10.61 -63.60 23.80
N ASP D 26 9.82 -64.28 22.97
CA ASP D 26 9.31 -63.70 21.72
C ASP D 26 7.80 -63.43 21.71
N GLU D 27 7.25 -62.98 22.82
CA GLU D 27 5.81 -62.67 22.91
C GLU D 27 5.52 -61.24 23.38
N LEU D 28 4.60 -60.57 22.69
CA LEU D 28 4.15 -59.24 23.10
C LEU D 28 3.22 -59.32 24.29
N ARG D 29 3.06 -58.20 24.99
CA ARG D 29 2.03 -58.08 25.99
C ARG D 29 0.70 -57.85 25.27
N SER D 30 -0.39 -57.89 26.01
CA SER D 30 -1.70 -57.63 25.43
C SER D 30 -1.83 -56.17 25.00
N ILE D 31 -2.46 -55.96 23.86
CA ILE D 31 -2.62 -54.64 23.29
C ILE D 31 -4.09 -54.23 23.23
N LYS D 32 -4.36 -52.98 23.59
CA LYS D 32 -5.68 -52.41 23.47
C LYS D 32 -5.55 -50.99 22.93
N ILE D 33 -6.26 -50.69 21.85
CA ILE D 33 -6.23 -49.38 21.22
C ILE D 33 -7.66 -48.87 21.05
N GLU D 34 -7.88 -47.60 21.39
CA GLU D 34 -9.18 -46.98 21.19
C GLU D 34 -8.97 -45.56 20.67
N LEU D 35 -9.75 -45.18 19.64
CA LEU D 35 -9.60 -43.88 18.98
C LEU D 35 -10.79 -42.96 19.19
N GLY D 36 -10.51 -41.66 19.14
CA GLY D 36 -11.54 -40.62 19.28
C GLY D 36 -12.26 -40.67 20.61
N VAL D 37 -11.50 -40.87 21.67
CA VAL D 37 -12.10 -41.06 22.97
C VAL D 37 -12.40 -39.73 23.65
N LEU D 38 -11.64 -38.69 23.30
CA LEU D 38 -11.87 -37.34 23.81
C LEU D 38 -12.71 -36.50 22.83
N LYS D 39 -13.82 -35.97 23.32
CA LYS D 39 -14.76 -35.21 22.49
C LYS D 39 -14.23 -33.85 22.05
N ASN D 40 -13.58 -33.12 22.97
CA ASN D 40 -13.15 -31.74 22.71
C ASN D 40 -11.76 -31.59 22.10
N ALA D 41 -11.09 -32.72 21.87
CA ALA D 41 -9.82 -32.72 21.18
C ALA D 41 -10.03 -32.88 19.69
N ASP D 42 -9.03 -32.48 18.92
CA ASP D 42 -9.05 -32.62 17.48
C ASP D 42 -8.76 -34.04 17.03
N GLY D 43 -8.08 -34.81 17.87
CA GLY D 43 -7.85 -36.22 17.66
C GLY D 43 -7.38 -36.80 18.97
N SER D 44 -7.84 -38.00 19.31
CA SER D 44 -7.44 -38.63 20.55
C SER D 44 -7.31 -40.14 20.40
N ALA D 45 -6.53 -40.75 21.32
CA ALA D 45 -6.32 -42.20 21.37
C ALA D 45 -5.85 -42.67 22.74
N ILE D 46 -6.30 -43.85 23.13
CA ILE D 46 -5.79 -44.53 24.32
C ILE D 46 -5.07 -45.76 23.82
N PHE D 47 -3.83 -45.98 24.25
CA PHE D 47 -3.06 -47.15 23.87
C PHE D 47 -2.68 -47.91 25.15
N GLU D 48 -2.93 -49.21 25.20
CA GLU D 48 -2.42 -50.02 26.31
C GLU D 48 -1.49 -51.07 25.78
N MET D 49 -0.29 -51.17 26.35
CA MET D 49 0.55 -52.37 26.20
C MET D 49 0.69 -53.04 27.55
N GLY D 50 -0.04 -54.12 27.73
CA GLY D 50 -0.08 -54.81 29.02
C GLY D 50 -0.59 -53.85 30.07
N ASN D 51 0.30 -53.46 30.96
CA ASN D 51 -0.09 -52.57 32.03
C ASN D 51 0.29 -51.12 31.84
N THR D 52 0.88 -50.81 30.68
CA THR D 52 1.23 -49.43 30.34
C THR D 52 0.13 -48.79 29.50
N LYS D 53 -0.54 -47.80 30.09
CA LYS D 53 -1.67 -47.12 29.45
C LYS D 53 -1.41 -45.64 29.25
N ALA D 54 -1.42 -45.20 28.00
CA ALA D 54 -1.25 -43.79 27.70
C ALA D 54 -2.47 -43.21 26.99
N ILE D 55 -2.77 -41.96 27.28
CA ILE D 55 -3.80 -41.23 26.55
C ILE D 55 -3.15 -40.05 25.82
N ALA D 56 -3.56 -39.85 24.58
CA ALA D 56 -2.98 -38.77 23.78
C ALA D 56 -4.08 -37.92 23.14
N ALA D 57 -3.93 -36.61 23.25
CA ALA D 57 -4.84 -35.68 22.66
C ALA D 57 -4.07 -34.81 21.68
N VAL D 58 -4.69 -34.48 20.55
CA VAL D 58 -4.11 -33.57 19.57
C VAL D 58 -5.04 -32.39 19.39
N TYR D 59 -4.50 -31.17 19.48
CA TYR D 59 -5.26 -29.97 19.14
C TYR D 59 -4.73 -29.39 17.84
N GLY D 60 -5.53 -29.62 16.79
CA GLY D 60 -5.14 -29.62 15.36
C GLY D 60 -4.61 -28.32 14.83
N PRO D 61 -4.05 -28.32 13.61
CA PRO D 61 -3.30 -27.15 13.12
C PRO D 61 -4.02 -25.82 13.45
N LYS D 62 -3.38 -24.96 14.24
CA LYS D 62 -3.99 -23.69 14.66
C LYS D 62 -2.93 -22.62 14.53
N GLU D 63 -3.34 -21.34 14.36
CA GLU D 63 -2.39 -20.21 14.32
C GLU D 63 -1.61 -20.14 15.62
N MET D 64 -0.36 -19.68 15.56
CA MET D 64 0.45 -19.72 16.78
C MET D 64 0.43 -18.46 17.64
N HIS D 65 0.31 -18.70 18.95
CA HIS D 65 0.08 -17.67 19.95
C HIS D 65 1.01 -16.44 19.79
N PRO D 66 2.29 -16.56 20.17
CA PRO D 66 3.21 -15.47 19.88
C PRO D 66 3.90 -15.71 18.54
N ARG D 67 3.53 -14.92 17.53
CA ARG D 67 3.90 -15.22 16.14
C ARG D 67 5.40 -15.35 15.85
N HIS D 68 6.24 -14.76 16.69
CA HIS D 68 7.70 -14.82 16.49
C HIS D 68 8.26 -16.21 16.71
N LEU D 69 7.49 -17.05 17.41
CA LEU D 69 7.90 -18.42 17.70
C LEU D 69 7.42 -19.42 16.66
N SER D 70 6.60 -18.96 15.72
CA SER D 70 6.12 -19.81 14.63
C SER D 70 7.18 -19.94 13.53
N LEU D 71 6.96 -20.89 12.62
CA LEU D 71 7.88 -21.12 11.52
C LEU D 71 7.25 -20.74 10.19
N PRO D 72 8.03 -20.11 9.31
CA PRO D 72 7.52 -19.59 8.05
C PRO D 72 7.07 -20.66 7.09
N ASP D 73 7.68 -21.84 7.16
CA ASP D 73 7.45 -22.91 6.18
C ASP D 73 6.79 -24.16 6.77
N ARG D 74 6.92 -24.33 8.09
CA ARG D 74 6.53 -25.54 8.79
C ARG D 74 5.51 -25.25 9.88
N ALA D 75 4.85 -26.30 10.33
CA ALA D 75 4.11 -26.27 11.57
C ALA D 75 5.10 -26.54 12.69
N VAL D 76 4.84 -25.99 13.87
CA VAL D 76 5.66 -26.27 15.03
C VAL D 76 4.93 -27.33 15.85
N LEU D 77 5.55 -28.48 16.05
CA LEU D 77 4.99 -29.49 16.92
C LEU D 77 5.29 -29.09 18.36
N ARG D 78 4.29 -29.25 19.21
CA ARG D 78 4.44 -29.05 20.65
C ARG D 78 4.06 -30.33 21.37
N VAL D 79 5.04 -31.02 21.93
CA VAL D 79 4.82 -32.35 22.50
C VAL D 79 5.08 -32.37 24.00
N ARG D 80 4.19 -33.03 24.75
CA ARG D 80 4.29 -33.12 26.21
C ARG D 80 4.14 -34.55 26.71
N TYR D 81 5.23 -35.12 27.19
CA TYR D 81 5.19 -36.44 27.81
C TYR D 81 5.06 -36.21 29.28
N HIS D 82 4.08 -36.84 29.91
CA HIS D 82 3.83 -36.63 31.33
C HIS D 82 3.24 -37.83 31.99
N MET D 83 3.68 -38.08 33.22
CA MET D 83 3.20 -39.20 34.02
C MET D 83 2.34 -38.71 35.16
N THR D 84 1.12 -39.25 35.25
CA THR D 84 0.22 -38.90 36.35
C THR D 84 0.81 -39.44 37.63
N PRO D 85 0.64 -38.72 38.74
CA PRO D 85 1.27 -39.11 40.00
C PRO D 85 0.91 -40.53 40.43
N PHE D 86 -0.22 -41.04 39.93
CA PHE D 86 -0.70 -42.37 40.26
C PHE D 86 -0.48 -43.41 39.17
N SER D 87 0.52 -43.17 38.35
CA SER D 87 0.84 -44.11 37.28
C SER D 87 1.81 -45.19 37.73
N THR D 88 2.49 -44.92 38.85
CA THR D 88 3.55 -45.79 39.30
C THR D 88 3.18 -46.40 40.66
N ASP D 89 3.99 -47.33 41.18
CA ASP D 89 3.69 -47.91 42.47
C ASP D 89 3.78 -46.83 43.57
N GLU D 90 4.91 -46.16 43.66
CA GLU D 90 5.09 -45.01 44.55
C GLU D 90 4.67 -43.77 43.77
N ARG D 91 4.41 -42.66 44.46
CA ARG D 91 3.86 -41.46 43.81
C ARG D 91 4.89 -40.56 43.10
N LYS D 92 4.76 -40.44 41.78
CA LYS D 92 5.62 -39.56 40.97
C LYS D 92 5.23 -38.12 41.17
N ASN D 93 6.20 -37.30 41.55
CA ASN D 93 5.98 -35.87 41.64
C ASN D 93 5.47 -35.32 40.31
N PRO D 94 4.39 -34.52 40.35
CA PRO D 94 3.80 -33.95 39.13
C PRO D 94 4.72 -32.94 38.38
N ALA D 95 5.54 -32.20 39.13
CA ALA D 95 6.53 -31.30 38.54
C ALA D 95 7.44 -32.06 37.60
N PRO D 96 7.75 -31.48 36.42
CA PRO D 96 8.43 -32.27 35.36
C PRO D 96 9.86 -32.68 35.74
N SER D 97 10.17 -33.95 35.54
CA SER D 97 11.49 -34.49 35.83
C SER D 97 12.39 -34.41 34.61
N ARG D 98 13.69 -34.35 34.83
CA ARG D 98 14.65 -34.31 33.73
C ARG D 98 14.39 -35.45 32.76
N ARG D 99 13.92 -36.58 33.27
CA ARG D 99 13.60 -37.74 32.45
C ARG D 99 12.37 -37.51 31.56
N GLU D 100 11.37 -36.81 32.12
CA GLU D 100 10.21 -36.39 31.35
C GLU D 100 10.59 -35.35 30.28
N ILE D 101 11.52 -34.45 30.62
CA ILE D 101 12.01 -33.46 29.69
C ILE D 101 12.73 -34.10 28.51
N GLU D 102 13.60 -35.05 28.79
CA GLU D 102 14.28 -35.77 27.73
C GLU D 102 13.28 -36.56 26.87
N LEU D 103 12.41 -37.31 27.51
CA LEU D 103 11.47 -38.16 26.78
C LEU D 103 10.55 -37.37 25.86
N SER D 104 10.18 -36.16 26.28
CA SER D 104 9.41 -35.26 25.43
C SER D 104 10.17 -34.87 24.18
N LYS D 105 11.44 -34.49 24.32
CA LYS D 105 12.25 -34.12 23.18
C LYS D 105 12.43 -35.29 22.21
N VAL D 106 12.60 -36.47 22.75
CA VAL D 106 12.80 -37.65 21.92
C VAL D 106 11.53 -38.01 21.17
N ILE D 107 10.38 -37.94 21.87
CA ILE D 107 9.08 -38.21 21.25
C ILE D 107 8.74 -37.18 20.17
N ARG D 108 9.07 -35.91 20.40
CA ARG D 108 8.77 -34.86 19.44
C ARG D 108 9.56 -35.10 18.18
N GLU D 109 10.87 -35.31 18.33
CA GLU D 109 11.75 -35.57 17.19
C GLU D 109 11.29 -36.80 16.42
N ALA D 110 10.79 -37.78 17.15
CA ALA D 110 10.22 -38.95 16.51
C ALA D 110 9.03 -38.57 15.61
N LEU D 111 8.08 -37.81 16.15
CA LEU D 111 6.88 -37.43 15.42
C LEU D 111 7.19 -36.48 14.26
N GLU D 112 8.22 -35.67 14.44
CA GLU D 112 8.59 -34.72 13.42
C GLU D 112 9.01 -35.41 12.14
N SER D 113 9.52 -36.63 12.25
CA SER D 113 9.91 -37.39 11.05
C SER D 113 8.73 -38.02 10.33
N ALA D 114 7.61 -38.18 11.05
CA ALA D 114 6.41 -38.76 10.47
C ALA D 114 5.42 -37.70 9.97
N VAL D 115 5.14 -36.69 10.78
CA VAL D 115 4.15 -35.67 10.44
C VAL D 115 4.64 -34.72 9.32
N LEU D 116 3.82 -34.53 8.30
CA LEU D 116 4.16 -33.63 7.19
C LEU D 116 3.93 -32.17 7.56
N VAL D 117 4.80 -31.64 8.42
CA VAL D 117 4.67 -30.28 8.92
C VAL D 117 4.81 -29.20 7.83
N GLU D 118 5.43 -29.57 6.72
CA GLU D 118 5.62 -28.66 5.58
C GLU D 118 4.30 -28.30 4.88
N LEU D 119 3.20 -28.73 5.47
CA LEU D 119 1.86 -28.44 4.93
C LEU D 119 1.12 -27.32 5.67
N PHE D 120 1.57 -26.99 6.89
CA PHE D 120 0.85 -26.05 7.73
C PHE D 120 1.77 -24.99 8.28
N PRO D 121 2.21 -24.06 7.42
CA PRO D 121 3.17 -23.05 7.89
C PRO D 121 2.48 -22.06 8.80
N ARG D 122 3.24 -21.51 9.75
CA ARG D 122 2.75 -20.52 10.71
C ARG D 122 1.73 -21.09 11.68
N THR D 123 1.68 -22.42 11.78
CA THR D 123 0.72 -23.07 12.68
C THR D 123 1.47 -23.90 13.72
N ALA D 124 0.76 -24.32 14.76
CA ALA D 124 1.27 -25.21 15.78
C ALA D 124 0.31 -26.38 15.98
N ILE D 125 0.86 -27.59 16.00
CA ILE D 125 0.08 -28.78 16.33
C ILE D 125 0.48 -29.24 17.73
N ASP D 126 -0.52 -29.38 18.59
CA ASP D 126 -0.24 -29.70 19.98
C ASP D 126 -0.54 -31.13 20.33
N VAL D 127 0.48 -31.84 20.78
CA VAL D 127 0.31 -33.24 21.13
C VAL D 127 0.58 -33.43 22.62
N PHE D 128 -0.49 -33.61 23.38
CA PHE D 128 -0.38 -33.88 24.80
C PHE D 128 -0.54 -35.37 25.06
N THR D 129 0.23 -35.87 26.01
CA THR D 129 0.32 -37.31 26.30
C THR D 129 0.45 -37.51 27.81
N GLU D 130 -0.50 -38.21 28.43
CA GLU D 130 -0.33 -38.62 29.82
C GLU D 130 -0.11 -40.11 29.87
N ILE D 131 0.68 -40.56 30.83
CA ILE D 131 0.81 -41.97 31.14
C ILE D 131 -0.06 -42.24 32.37
N LEU D 132 -1.06 -43.12 32.23
CA LEU D 132 -2.01 -43.37 33.31
C LEU D 132 -1.61 -44.57 34.16
N GLN D 133 -0.82 -45.45 33.56
CA GLN D 133 -0.19 -46.58 34.25
C GLN D 133 1.16 -46.80 33.60
N ALA D 134 2.20 -46.86 34.42
CA ALA D 134 3.54 -47.06 33.90
C ALA D 134 4.03 -48.45 34.31
N ASP D 135 4.44 -49.24 33.33
CA ASP D 135 5.00 -50.56 33.59
C ASP D 135 6.05 -50.85 32.50
N ALA D 136 6.86 -49.84 32.19
CA ALA D 136 7.90 -49.90 31.15
C ALA D 136 7.35 -49.78 29.73
N GLY D 137 8.20 -49.29 28.83
CA GLY D 137 7.81 -49.04 27.43
C GLY D 137 6.89 -47.85 27.28
N SER D 138 6.76 -47.04 28.33
CA SER D 138 5.83 -45.90 28.38
C SER D 138 6.18 -44.77 27.42
N ARG D 139 7.44 -44.64 27.04
CA ARG D 139 7.83 -43.65 26.02
C ARG D 139 7.36 -44.08 24.63
N LEU D 140 7.20 -45.39 24.44
CA LEU D 140 6.72 -45.95 23.18
C LEU D 140 5.21 -46.02 23.15
N VAL D 141 4.59 -46.37 24.27
CA VAL D 141 3.14 -46.42 24.35
C VAL D 141 2.61 -45.02 24.16
N SER D 142 3.34 -44.05 24.68
CA SER D 142 3.01 -42.64 24.50
C SER D 142 3.13 -42.19 23.03
N LEU D 143 4.24 -42.56 22.39
CA LEU D 143 4.53 -42.16 21.02
C LEU D 143 3.48 -42.72 20.07
N MET D 144 3.10 -43.98 20.28
CA MET D 144 2.12 -44.62 19.43
C MET D 144 0.73 -44.03 19.62
N ALA D 145 0.38 -43.78 20.89
CA ALA D 145 -0.89 -43.14 21.21
C ALA D 145 -0.95 -41.79 20.50
N ALA D 146 0.18 -41.09 20.46
CA ALA D 146 0.27 -39.79 19.77
C ALA D 146 0.09 -39.93 18.25
N SER D 147 0.84 -40.88 17.66
CA SER D 147 0.76 -41.14 16.23
C SER D 147 -0.66 -41.42 15.80
N LEU D 148 -1.36 -42.24 16.58
CA LEU D 148 -2.75 -42.58 16.29
C LEU D 148 -3.69 -41.40 16.51
N ALA D 149 -3.41 -40.59 17.53
CA ALA D 149 -4.24 -39.43 17.80
C ALA D 149 -4.07 -38.40 16.70
N LEU D 150 -2.88 -38.34 16.10
CA LEU D 150 -2.65 -37.50 14.93
C LEU D 150 -3.48 -37.97 13.75
N ALA D 151 -3.43 -39.27 13.46
CA ALA D 151 -4.21 -39.87 12.38
C ALA D 151 -5.69 -39.66 12.61
N ASP D 152 -6.11 -39.72 13.87
CA ASP D 152 -7.50 -39.45 14.26
C ASP D 152 -7.90 -37.99 14.02
N ALA D 153 -6.97 -37.08 14.30
CA ALA D 153 -7.13 -35.65 13.99
C ALA D 153 -7.08 -35.37 12.48
N GLY D 154 -6.82 -36.40 11.70
CA GLY D 154 -6.79 -36.31 10.26
C GLY D 154 -5.61 -35.50 9.76
N ILE D 155 -4.49 -35.57 10.46
CA ILE D 155 -3.30 -34.85 10.06
C ILE D 155 -2.41 -35.76 9.22
N PRO D 156 -1.96 -35.29 8.05
CA PRO D 156 -1.22 -36.11 7.10
C PRO D 156 0.13 -36.53 7.63
N MET D 157 0.46 -37.81 7.46
CA MET D 157 1.73 -38.36 7.91
C MET D 157 2.32 -39.31 6.88
N ARG D 158 3.64 -39.45 6.88
CA ARG D 158 4.33 -40.38 5.97
C ARG D 158 3.88 -41.80 6.22
N ASP D 159 3.74 -42.14 7.51
CA ASP D 159 3.30 -43.46 7.93
C ASP D 159 2.88 -43.38 9.40
N LEU D 160 2.23 -44.44 9.87
CA LEU D 160 2.00 -44.61 11.29
C LEU D 160 3.32 -45.00 12.01
N ILE D 161 3.39 -44.73 13.32
CA ILE D 161 4.56 -45.10 14.12
C ILE D 161 4.23 -46.27 15.06
N ALA D 162 4.97 -47.36 14.91
CA ALA D 162 4.83 -48.54 15.77
C ALA D 162 6.17 -48.80 16.45
N GLY D 163 6.12 -49.25 17.70
CA GLY D 163 7.35 -49.45 18.48
C GLY D 163 7.28 -50.45 19.61
N VAL D 164 8.38 -51.17 19.80
CA VAL D 164 8.58 -52.05 20.97
C VAL D 164 9.90 -51.78 21.65
N ALA D 165 9.96 -52.06 22.94
CA ALA D 165 11.23 -52.12 23.64
C ALA D 165 11.73 -53.57 23.61
N VAL D 166 12.94 -53.75 23.12
CA VAL D 166 13.58 -55.05 23.13
C VAL D 166 14.73 -55.01 24.13
N GLY D 167 15.03 -56.12 24.78
CA GLY D 167 16.06 -56.08 25.82
C GLY D 167 16.81 -57.39 25.98
N LYS D 168 17.76 -57.40 26.90
CA LYS D 168 18.45 -58.63 27.29
C LYS D 168 18.34 -58.82 28.80
N ALA D 169 17.74 -59.92 29.20
CA ALA D 169 17.38 -60.17 30.61
C ALA D 169 18.35 -61.08 31.40
N ASP D 170 18.46 -62.34 30.99
CA ASP D 170 19.42 -63.23 31.62
C ASP D 170 20.30 -63.80 30.52
N GLY D 171 20.97 -62.90 29.84
CA GLY D 171 21.76 -63.28 28.69
C GLY D 171 20.87 -63.64 27.53
N VAL D 172 19.56 -63.63 27.75
CA VAL D 172 18.60 -63.98 26.70
C VAL D 172 17.94 -62.70 26.18
N ILE D 173 17.80 -62.60 24.85
CA ILE D 173 17.14 -61.43 24.24
C ILE D 173 15.63 -61.59 24.30
N ILE D 174 14.95 -60.58 24.86
CA ILE D 174 13.52 -60.64 25.09
C ILE D 174 12.78 -59.47 24.45
N LEU D 175 11.49 -59.66 24.16
CA LEU D 175 10.67 -58.66 23.49
C LEU D 175 9.61 -58.05 24.40
N ASP D 176 9.52 -56.73 24.41
CA ASP D 176 8.51 -55.99 25.19
C ASP D 176 8.62 -56.20 26.69
N LEU D 177 9.30 -55.28 27.39
CA LEU D 177 9.74 -55.50 28.78
C LEU D 177 8.74 -55.13 29.88
N ASN D 178 8.79 -55.88 30.97
CA ASN D 178 8.13 -55.55 32.22
C ASN D 178 8.92 -54.46 32.91
N GLU D 179 8.33 -53.85 33.92
CA GLU D 179 9.06 -52.93 34.76
C GLU D 179 10.20 -53.71 35.41
N THR D 180 9.90 -54.96 35.78
CA THR D 180 10.86 -55.86 36.42
C THR D 180 12.02 -56.19 35.49
N GLU D 181 11.71 -56.42 34.22
CA GLU D 181 12.76 -56.66 33.23
C GLU D 181 13.57 -55.39 32.94
N ASP D 182 12.91 -54.24 32.95
CA ASP D 182 13.56 -52.95 32.76
C ASP D 182 14.53 -52.66 33.90
N MET D 183 14.06 -52.93 35.12
CA MET D 183 14.86 -52.80 36.33
C MET D 183 16.17 -53.61 36.31
N TRP D 184 16.03 -54.92 36.18
CA TRP D 184 17.12 -55.83 36.45
C TRP D 184 17.81 -56.42 35.22
N GLY D 185 17.32 -56.12 34.02
CA GLY D 185 17.92 -56.66 32.80
C GLY D 185 19.21 -55.98 32.43
N GLU D 186 20.06 -56.64 31.66
CA GLU D 186 21.33 -56.03 31.23
C GLU D 186 21.07 -54.81 30.39
N ALA D 187 20.09 -54.93 29.50
CA ALA D 187 19.86 -53.93 28.47
C ALA D 187 18.39 -53.69 28.23
N ASP D 188 18.07 -52.46 27.82
CA ASP D 188 16.71 -52.01 27.53
C ASP D 188 16.81 -51.13 26.30
N MET D 189 16.22 -51.55 25.18
CA MET D 189 16.40 -50.85 23.90
C MET D 189 15.06 -50.55 23.21
N PRO D 190 14.47 -49.37 23.47
CA PRO D 190 13.24 -48.97 22.77
C PRO D 190 13.50 -48.62 21.30
N ILE D 191 12.67 -49.15 20.39
CA ILE D 191 12.81 -48.91 18.95
C ILE D 191 11.44 -48.57 18.39
N ALA D 192 11.37 -47.46 17.66
CA ALA D 192 10.11 -47.08 17.00
C ALA D 192 10.32 -46.90 15.49
N MET D 193 9.39 -47.41 14.72
CA MET D 193 9.54 -47.41 13.27
C MET D 193 8.31 -46.87 12.57
N MET D 194 8.50 -46.42 11.32
CA MET D 194 7.45 -46.24 10.34
C MET D 194 7.55 -47.48 9.45
N PRO D 195 6.85 -48.54 9.84
CA PRO D 195 7.08 -49.90 9.34
C PRO D 195 6.99 -50.06 7.82
N SER D 196 6.07 -49.34 7.19
CA SER D 196 5.88 -49.45 5.75
C SER D 196 7.03 -48.84 4.92
N LEU D 197 7.76 -47.91 5.54
CA LEU D 197 8.90 -47.25 4.92
C LEU D 197 10.22 -47.84 5.40
N ASN D 198 10.14 -48.70 6.42
CA ASN D 198 11.32 -49.24 7.12
C ASN D 198 12.21 -48.14 7.73
N GLN D 199 11.58 -47.14 8.32
CA GLN D 199 12.27 -45.96 8.81
C GLN D 199 12.27 -45.95 10.34
N VAL D 200 13.45 -45.87 10.92
CA VAL D 200 13.54 -45.82 12.36
C VAL D 200 13.39 -44.37 12.81
N THR D 201 12.34 -44.18 13.59
CA THR D 201 11.86 -42.89 14.08
C THR D 201 12.45 -42.51 15.43
N LEU D 202 12.53 -43.51 16.32
CA LEU D 202 13.14 -43.42 17.65
C LEU D 202 14.03 -44.62 17.88
N PHE D 203 15.17 -44.40 18.49
CA PHE D 203 16.09 -45.51 18.76
C PHE D 203 17.00 -45.17 19.95
N GLN D 204 16.90 -45.97 21.00
CA GLN D 204 17.69 -45.78 22.20
C GLN D 204 18.17 -47.10 22.79
N LEU D 205 19.26 -47.05 23.53
CA LEU D 205 19.70 -48.17 24.35
C LEU D 205 20.32 -47.67 25.63
N ASN D 206 19.76 -48.13 26.74
CA ASN D 206 20.43 -48.01 28.04
C ASN D 206 20.75 -49.39 28.57
N GLY D 207 21.97 -49.57 29.04
CA GLY D 207 22.46 -50.89 29.38
C GLY D 207 23.63 -51.28 28.49
N SER D 208 23.85 -52.57 28.34
CA SER D 208 25.08 -53.05 27.76
C SER D 208 24.79 -54.19 26.77
N MET D 209 25.44 -54.15 25.61
CA MET D 209 25.25 -55.19 24.57
C MET D 209 26.44 -55.41 23.65
N THR D 210 26.67 -56.64 23.25
CA THR D 210 27.69 -56.92 22.24
C THR D 210 27.10 -56.57 20.89
N PRO D 211 27.94 -56.19 19.91
CA PRO D 211 27.44 -55.83 18.58
C PRO D 211 26.46 -56.84 17.95
N ASP D 212 26.64 -58.15 18.20
CA ASP D 212 25.80 -59.22 17.60
C ASP D 212 24.46 -59.32 18.29
N GLU D 213 24.50 -59.26 19.62
CA GLU D 213 23.29 -59.19 20.40
C GLU D 213 22.46 -58.04 19.87
N PHE D 214 23.09 -56.87 19.82
CA PHE D 214 22.46 -55.66 19.31
C PHE D 214 21.73 -55.92 18.01
N ARG D 215 22.41 -56.62 17.09
CA ARG D 215 21.82 -57.01 15.83
C ARG D 215 20.71 -58.08 15.91
N GLN D 216 20.76 -58.96 16.91
CA GLN D 216 19.68 -59.93 17.10
C GLN D 216 18.47 -59.23 17.67
N ALA D 217 18.70 -58.46 18.73
CA ALA D 217 17.66 -57.69 19.41
C ALA D 217 16.95 -56.84 18.41
N PHE D 218 17.73 -56.41 17.43
CA PHE D 218 17.30 -55.60 16.32
C PHE D 218 16.25 -56.28 15.42
N ASP D 219 16.47 -57.56 15.12
CA ASP D 219 15.61 -58.36 14.24
C ASP D 219 14.35 -58.80 14.90
N LEU D 220 14.44 -59.00 16.19
CA LEU D 220 13.27 -59.37 16.94
C LEU D 220 12.34 -58.17 17.05
N ALA D 221 12.89 -56.98 17.32
CA ALA D 221 12.10 -55.74 17.46
C ALA D 221 11.24 -55.47 16.21
N VAL D 222 11.85 -55.65 15.05
CA VAL D 222 11.17 -55.44 13.78
C VAL D 222 9.93 -56.29 13.71
N LYS D 223 10.07 -57.59 14.00
CA LYS D 223 8.97 -58.56 13.96
C LYS D 223 7.80 -58.17 14.86
N GLY D 224 8.13 -57.70 16.07
CA GLY D 224 7.14 -57.23 17.02
C GLY D 224 6.44 -55.99 16.50
N ILE D 225 7.23 -55.06 15.99
CA ILE D 225 6.73 -53.81 15.40
C ILE D 225 5.70 -54.10 14.30
N ASN D 226 6.02 -55.08 13.46
CA ASN D 226 5.15 -55.49 12.37
C ASN D 226 3.81 -56.00 12.82
N ILE D 227 3.78 -56.70 13.95
CA ILE D 227 2.50 -57.20 14.49
C ILE D 227 1.66 -56.05 15.08
N ILE D 228 2.33 -55.15 15.80
CA ILE D 228 1.68 -53.97 16.38
C ILE D 228 1.13 -53.04 15.31
N TYR D 229 1.94 -52.80 14.29
CA TYR D 229 1.53 -51.98 13.15
C TYR D 229 0.20 -52.44 12.56
N ASN D 230 0.04 -53.74 12.38
CA ASN D 230 -1.19 -54.31 11.85
C ASN D 230 -2.41 -53.97 12.69
N LEU D 231 -2.21 -53.90 14.01
CA LEU D 231 -3.29 -53.57 14.91
C LEU D 231 -3.61 -52.10 14.82
N GLU D 232 -2.56 -51.29 14.61
CA GLU D 232 -2.74 -49.85 14.44
C GLU D 232 -3.59 -49.57 13.21
N ARG D 233 -3.27 -50.22 12.10
CA ARG D 233 -4.04 -50.05 10.87
C ARG D 233 -5.47 -50.51 11.05
N GLU D 234 -5.65 -51.63 11.75
CA GLU D 234 -6.96 -52.17 12.13
C GLU D 234 -7.74 -51.14 12.96
N ALA D 235 -7.09 -50.59 13.99
CA ALA D 235 -7.70 -49.66 14.94
C ALA D 235 -8.12 -48.36 14.28
N LEU D 236 -7.50 -48.08 13.15
CA LEU D 236 -7.80 -46.90 12.37
C LEU D 236 -9.13 -47.07 11.64
N LYS D 237 -9.36 -48.28 11.14
CA LYS D 237 -10.61 -48.68 10.49
C LYS D 237 -11.77 -48.72 11.47
N SER D 238 -11.60 -49.48 12.54
CA SER D 238 -12.72 -49.84 13.39
C SER D 238 -12.80 -49.08 14.71
N LYS D 239 -11.84 -48.19 14.96
CA LYS D 239 -11.79 -47.36 16.17
C LYS D 239 -11.47 -48.07 17.50
N TYR D 240 -11.57 -49.41 17.50
CA TYR D 240 -11.37 -50.20 18.71
C TYR D 240 -10.77 -51.59 18.43
N VAL D 241 -9.66 -51.88 19.09
CA VAL D 241 -8.90 -53.12 18.88
C VAL D 241 -8.42 -53.75 20.20
N GLU D 242 -8.60 -55.06 20.34
CA GLU D 242 -8.14 -55.83 21.51
C GLU D 242 -7.44 -57.13 21.16
N PHE D 243 -6.17 -57.21 21.55
CA PHE D 243 -5.27 -58.28 21.12
C PHE D 243 -4.65 -59.01 22.32
N LYS D 244 -5.00 -60.28 22.49
CA LYS D 244 -4.44 -61.10 23.57
C LYS D 244 -2.96 -61.38 23.28
N GLU D 245 -2.11 -61.22 24.30
CA GLU D 245 -0.64 -61.35 24.15
C GLU D 245 -0.20 -62.68 23.55
N GLU D 246 0.76 -62.63 22.61
CA GLU D 246 1.21 -63.88 21.96
C GLU D 246 2.42 -63.80 21.03
N GLY D 247 2.83 -64.98 20.57
CA GLY D 247 4.11 -65.22 19.92
C GLY D 247 4.31 -64.49 18.61
N VAL D 248 5.49 -63.90 18.44
CA VAL D 248 5.88 -63.30 17.17
C VAL D 248 6.45 -64.41 16.25
N MET E 1 20.26 -13.33 33.00
CA MET E 1 20.66 -12.51 31.81
C MET E 1 20.13 -11.06 31.86
N SER E 2 21.05 -10.11 32.00
CA SER E 2 20.72 -8.70 32.22
C SER E 2 20.76 -7.88 30.94
N SER E 3 19.64 -7.26 30.58
CA SER E 3 19.56 -6.50 29.33
C SER E 3 18.99 -5.10 29.52
N THR E 4 19.43 -4.19 28.64
CA THR E 4 18.97 -2.79 28.62
C THR E 4 17.44 -2.74 28.63
N PRO E 5 16.86 -2.07 29.64
CA PRO E 5 15.39 -2.03 29.79
C PRO E 5 14.70 -1.33 28.62
N SER E 6 13.68 -1.98 28.04
CA SER E 6 13.00 -1.45 26.86
C SER E 6 11.83 -0.49 27.15
N ASN E 7 11.30 -0.48 28.39
CA ASN E 7 10.07 0.31 28.65
C ASN E 7 10.09 1.45 29.69
N GLN E 8 11.27 1.77 30.23
CA GLN E 8 11.48 3.05 30.95
C GLN E 8 11.42 4.20 29.95
N ASN E 9 11.01 5.38 30.39
CA ASN E 9 10.65 6.45 29.43
C ASN E 9 11.74 7.47 29.05
N ILE E 10 12.04 7.51 27.75
CA ILE E 10 12.94 8.51 27.16
C ILE E 10 12.43 9.94 27.37
N ILE E 11 13.35 10.87 27.58
CA ILE E 11 13.00 12.26 27.85
C ILE E 11 13.68 13.20 26.83
N PRO E 12 12.85 13.91 26.01
CA PRO E 12 13.31 14.68 24.85
C PRO E 12 14.51 15.58 25.11
N ILE E 13 15.27 15.85 24.04
CA ILE E 13 16.48 16.68 24.13
C ILE E 13 16.12 18.10 24.56
N ILE E 14 14.95 18.58 24.12
CA ILE E 14 14.48 19.93 24.44
C ILE E 14 14.20 20.10 25.93
N LYS E 15 13.53 19.12 26.53
CA LYS E 15 13.26 19.16 27.97
C LYS E 15 14.55 19.04 28.78
N LYS E 16 15.52 18.27 28.28
CA LYS E 16 16.80 18.12 28.96
C LYS E 16 17.56 19.46 29.06
N GLU E 17 17.59 20.20 27.94
CA GLU E 17 18.24 21.51 27.91
C GLU E 17 17.62 22.50 28.92
N SER E 18 16.30 22.41 29.09
CA SER E 18 15.57 23.29 30.01
C SER E 18 16.06 23.11 31.43
N ILE E 19 16.23 21.86 31.82
CA ILE E 19 16.66 21.53 33.17
C ILE E 19 18.12 21.91 33.36
N VAL E 20 18.94 21.66 32.34
CA VAL E 20 20.36 22.00 32.37
C VAL E 20 20.58 23.53 32.45
N SER E 21 19.76 24.29 31.72
CA SER E 21 19.85 25.76 31.74
C SER E 21 19.58 26.32 33.13
N LEU E 22 18.78 25.59 33.91
CA LEU E 22 18.51 25.96 35.29
C LEU E 22 19.67 25.60 36.20
N PHE E 23 20.31 24.46 35.93
CA PHE E 23 21.49 24.00 36.68
C PHE E 23 22.62 24.99 36.55
N GLU E 24 22.73 25.54 35.34
CA GLU E 24 23.66 26.59 34.97
C GLU E 24 23.46 27.87 35.79
N LYS E 25 22.32 27.98 36.47
CA LYS E 25 22.03 29.07 37.40
C LYS E 25 21.88 28.58 38.85
N GLY E 26 22.33 27.35 39.11
CA GLY E 26 22.36 26.78 40.46
C GLY E 26 21.01 26.54 41.11
N ILE E 27 19.96 26.47 40.28
CA ILE E 27 18.60 26.22 40.75
C ILE E 27 17.99 25.02 39.99
N ARG E 28 17.00 24.37 40.58
CA ARG E 28 16.33 23.25 39.93
C ARG E 28 14.86 23.53 39.70
N GLN E 29 14.16 22.59 39.07
CA GLN E 29 12.72 22.75 38.76
C GLN E 29 11.88 23.01 40.02
N ASP E 30 11.97 22.10 40.99
CA ASP E 30 11.27 22.24 42.28
C ASP E 30 11.68 23.45 43.14
N GLY E 31 12.86 24.01 42.91
CA GLY E 31 13.28 25.22 43.60
C GLY E 31 14.55 25.10 44.41
N ARG E 32 14.93 23.88 44.77
CA ARG E 32 16.11 23.66 45.60
C ARG E 32 17.45 23.86 44.88
N LYS E 33 18.50 24.13 45.67
CA LYS E 33 19.86 24.29 45.16
C LYS E 33 20.39 22.93 44.72
N LEU E 34 21.47 22.96 43.95
CA LEU E 34 22.07 21.75 43.41
C LEU E 34 22.41 20.71 44.48
N THR E 35 22.57 21.16 45.73
CA THR E 35 23.04 20.28 46.82
C THR E 35 21.99 19.92 47.89
N ASP E 36 20.74 20.35 47.68
CA ASP E 36 19.68 20.17 48.67
C ASP E 36 18.99 18.82 48.57
N TYR E 37 18.64 18.25 49.73
CA TYR E 37 17.76 17.08 49.75
C TYR E 37 16.31 17.52 49.64
N ARG E 38 15.45 16.62 49.18
CA ARG E 38 14.00 16.88 49.12
C ARG E 38 13.40 16.85 50.53
N PRO E 39 12.18 17.41 50.69
CA PRO E 39 11.45 17.33 51.96
C PRO E 39 11.33 15.88 52.46
N LEU E 40 11.58 15.67 53.75
CA LEU E 40 11.64 14.33 54.35
C LEU E 40 10.61 14.08 55.46
N SER E 41 9.70 13.15 55.22
CA SER E 41 8.74 12.70 56.22
C SER E 41 9.03 11.28 56.67
N ILE E 42 9.00 11.06 57.98
CA ILE E 42 9.10 9.70 58.51
C ILE E 42 7.99 9.48 59.53
N THR E 43 7.19 8.45 59.28
CA THR E 43 6.16 8.01 60.20
C THR E 43 6.59 6.63 60.73
N LEU E 44 6.84 6.56 62.04
CA LEU E 44 7.25 5.31 62.65
C LEU E 44 6.05 4.45 63.04
N ASP E 45 6.30 3.14 63.18
CA ASP E 45 5.30 2.06 63.37
C ASP E 45 4.02 2.27 62.58
N TYR E 46 4.18 2.35 61.28
CA TYR E 46 3.06 2.53 60.37
C TYR E 46 2.31 1.20 60.16
N ALA E 47 3.06 0.14 59.85
CA ALA E 47 2.51 -1.21 59.76
C ALA E 47 2.47 -1.82 61.17
N LYS E 48 1.27 -1.95 61.73
CA LYS E 48 1.10 -2.29 63.14
C LYS E 48 1.50 -3.72 63.50
N LYS E 49 1.36 -4.64 62.56
CA LYS E 49 1.71 -6.03 62.83
C LYS E 49 3.20 -6.35 62.65
N ALA E 50 3.95 -5.39 62.15
CA ALA E 50 5.40 -5.50 62.06
C ALA E 50 5.97 -5.38 63.45
N ASP E 51 7.18 -5.92 63.63
CA ASP E 51 7.90 -5.81 64.91
C ASP E 51 8.69 -4.49 64.98
N GLY E 52 8.56 -3.71 63.90
CA GLY E 52 9.04 -2.33 63.80
C GLY E 52 8.92 -1.91 62.35
N SER E 53 8.31 -0.75 62.09
CA SER E 53 8.09 -0.28 60.72
C SER E 53 8.32 1.21 60.58
N ALA E 54 8.49 1.68 59.36
CA ALA E 54 8.66 3.10 59.10
C ALA E 54 8.21 3.41 57.71
N LEU E 55 7.39 4.45 57.57
CA LEU E 55 6.98 4.92 56.26
C LEU E 55 7.69 6.24 55.97
N VAL E 56 8.50 6.24 54.93
CA VAL E 56 9.35 7.37 54.58
C VAL E 56 8.85 8.07 53.32
N LYS E 57 8.64 9.37 53.41
CA LYS E 57 8.38 10.15 52.21
C LYS E 57 9.54 11.09 51.92
N LEU E 58 10.33 10.78 50.91
CA LEU E 58 11.36 11.69 50.45
C LEU E 58 10.93 12.25 49.09
N GLY E 59 10.47 13.50 49.07
CA GLY E 59 9.85 14.06 47.85
C GLY E 59 8.59 13.27 47.52
N THR E 60 8.50 12.79 46.28
CA THR E 60 7.34 11.96 45.89
C THR E 60 7.61 10.45 46.05
N THR E 61 8.87 10.08 46.32
CA THR E 61 9.25 8.69 46.59
C THR E 61 8.69 8.25 47.94
N MET E 62 8.05 7.09 47.97
CA MET E 62 7.57 6.51 49.22
C MET E 62 8.02 5.09 49.45
N VAL E 63 8.69 4.87 50.57
CA VAL E 63 9.13 3.54 50.94
C VAL E 63 8.54 3.19 52.28
N LEU E 64 8.01 1.99 52.39
CA LEU E 64 7.57 1.45 53.66
C LEU E 64 8.45 0.25 53.97
N ALA E 65 9.13 0.28 55.11
CA ALA E 65 9.96 -0.84 55.53
C ALA E 65 9.47 -1.41 56.86
N GLY E 66 9.50 -2.72 56.99
CA GLY E 66 9.02 -3.36 58.21
C GLY E 66 9.89 -4.53 58.60
N THR E 67 10.09 -4.71 59.91
CA THR E 67 10.90 -5.82 60.40
C THR E 67 10.01 -6.85 61.05
N LYS E 68 10.45 -8.09 60.96
CA LYS E 68 9.74 -9.22 61.52
C LYS E 68 10.81 -10.14 62.11
N LEU E 69 10.76 -10.38 63.42
CA LEU E 69 11.79 -11.16 64.11
C LEU E 69 11.40 -12.64 64.29
N GLU E 70 12.39 -13.51 64.14
CA GLU E 70 12.17 -14.95 64.29
C GLU E 70 13.35 -15.65 64.96
N ILE E 71 13.07 -16.81 65.56
CA ILE E 71 14.12 -17.62 66.18
C ILE E 71 14.50 -18.84 65.36
N ASP E 72 15.76 -18.92 65.00
CA ASP E 72 16.25 -20.04 64.21
C ASP E 72 17.51 -20.63 64.80
N LYS E 73 17.99 -21.69 64.14
CA LYS E 73 19.32 -22.23 64.40
C LYS E 73 20.32 -21.43 63.56
N PRO E 74 21.42 -20.97 64.16
CA PRO E 74 22.39 -20.19 63.38
C PRO E 74 23.06 -21.03 62.30
N TYR E 75 23.60 -20.36 61.28
CA TYR E 75 24.27 -21.03 60.16
C TYR E 75 25.48 -21.83 60.59
N GLU E 76 25.60 -23.04 60.08
CA GLU E 76 26.75 -23.89 60.39
C GLU E 76 28.07 -23.13 60.20
N ASP E 77 28.13 -22.24 59.20
CA ASP E 77 29.29 -21.37 58.96
C ASP E 77 29.47 -20.28 60.04
N THR E 78 28.39 -19.58 60.39
CA THR E 78 28.43 -18.49 61.37
C THR E 78 27.64 -18.83 62.67
N PRO E 79 28.27 -19.61 63.57
CA PRO E 79 27.56 -20.17 64.74
C PRO E 79 27.29 -19.17 65.84
N ASN E 80 28.03 -18.07 65.85
CA ASN E 80 27.91 -17.05 66.89
C ASN E 80 27.40 -15.70 66.37
N GLN E 81 26.41 -15.78 65.49
CA GLN E 81 25.81 -14.60 64.86
C GLN E 81 24.33 -14.81 64.63
N GLY E 82 23.59 -13.71 64.80
CA GLY E 82 22.21 -13.64 64.33
C GLY E 82 22.19 -13.35 62.84
N ASN E 83 21.00 -13.34 62.25
CA ASN E 83 20.86 -13.15 60.82
C ASN E 83 20.14 -11.86 60.48
N LEU E 84 20.57 -11.21 59.39
CA LEU E 84 19.84 -10.09 58.82
C LEU E 84 19.54 -10.43 57.38
N ILE E 85 18.27 -10.44 57.03
CA ILE E 85 17.86 -10.71 55.64
C ILE E 85 17.05 -9.55 55.05
N VAL E 86 17.71 -8.79 54.19
CA VAL E 86 17.12 -7.61 53.57
C VAL E 86 16.44 -8.02 52.30
N ASN E 87 15.28 -7.42 52.04
CA ASN E 87 14.50 -7.76 50.86
C ASN E 87 13.74 -6.55 50.31
N VAL E 88 14.01 -6.19 49.05
CA VAL E 88 13.38 -5.00 48.48
C VAL E 88 12.37 -5.38 47.44
N GLU E 89 11.29 -4.62 47.41
CA GLU E 89 10.24 -4.81 46.45
C GLU E 89 9.94 -3.48 45.78
N LEU E 90 9.76 -3.53 44.46
CA LEU E 90 9.26 -2.39 43.70
C LEU E 90 7.87 -2.76 43.23
N LEU E 91 6.93 -1.81 43.28
CA LEU E 91 5.52 -2.15 43.03
C LEU E 91 4.85 -1.51 41.80
N PRO E 92 5.26 -0.27 41.43
CA PRO E 92 4.66 0.40 40.27
C PRO E 92 4.79 -0.32 38.91
N ASP E 104 13.30 -9.24 40.99
CA ASP E 104 13.48 -8.30 39.88
C ASP E 104 14.92 -8.29 39.34
N GLU E 105 15.70 -7.27 39.72
CA GLU E 105 17.10 -7.04 39.29
C GLU E 105 17.57 -5.71 39.89
N ASN E 106 16.74 -4.68 39.77
CA ASN E 106 17.03 -3.43 40.44
C ASN E 106 16.67 -3.58 41.90
N ALA E 107 15.65 -4.40 42.15
CA ALA E 107 15.23 -4.73 43.49
C ALA E 107 16.36 -5.47 44.21
N ILE E 108 16.85 -6.53 43.58
CA ILE E 108 17.96 -7.32 44.12
C ILE E 108 19.18 -6.46 44.39
N GLU E 109 19.52 -5.59 43.44
CA GLU E 109 20.64 -4.65 43.61
C GLU E 109 20.42 -3.68 44.80
N LEU E 110 19.20 -3.18 44.92
CA LEU E 110 18.83 -2.32 46.04
C LEU E 110 18.95 -3.05 47.38
N ALA E 111 18.49 -4.29 47.42
CA ALA E 111 18.52 -5.06 48.63
C ALA E 111 19.97 -5.23 49.06
N ARG E 112 20.83 -5.56 48.11
CA ARG E 112 22.21 -5.88 48.42
C ARG E 112 22.96 -4.66 48.89
N VAL E 113 22.78 -3.53 48.19
CA VAL E 113 23.43 -2.27 48.58
C VAL E 113 23.05 -1.82 50.00
N VAL E 114 21.78 -1.91 50.35
CA VAL E 114 21.31 -1.63 51.71
C VAL E 114 21.90 -2.61 52.71
N ASP E 115 21.74 -3.90 52.44
CA ASP E 115 22.30 -4.95 53.29
C ASP E 115 23.75 -4.68 53.62
N ARG E 116 24.56 -4.53 52.56
CA ARG E 116 25.99 -4.29 52.67
C ARG E 116 26.36 -3.13 53.57
N SER E 117 25.63 -2.04 53.44
CA SER E 117 25.96 -0.86 54.23
C SER E 117 25.48 -0.96 55.69
N LEU E 118 24.45 -1.77 55.95
CA LEU E 118 23.98 -2.01 57.32
C LEU E 118 24.87 -3.01 58.03
N ARG E 119 25.46 -3.91 57.27
CA ARG E 119 26.26 -5.00 57.81
C ARG E 119 27.71 -4.58 58.00
N ASP E 120 28.31 -3.99 56.96
CA ASP E 120 29.72 -3.59 56.98
C ASP E 120 30.01 -2.44 57.94
N SER E 121 29.00 -1.60 58.16
CA SER E 121 29.10 -0.51 59.13
C SER E 121 29.01 -1.04 60.54
N LYS E 122 28.36 -2.19 60.73
CA LYS E 122 28.17 -2.77 62.08
C LYS E 122 27.07 -1.99 62.80
N ALA E 123 26.29 -1.23 62.02
CA ALA E 123 25.19 -0.44 62.55
C ALA E 123 24.25 -1.34 63.33
N LEU E 124 24.00 -2.53 62.77
CA LEU E 124 23.40 -3.63 63.51
C LEU E 124 24.48 -4.64 63.88
N ASP E 125 24.59 -4.94 65.16
CA ASP E 125 25.54 -5.93 65.63
C ASP E 125 24.88 -7.30 65.70
N LEU E 126 25.25 -8.16 64.75
CA LEU E 126 24.61 -9.46 64.62
C LEU E 126 25.01 -10.42 65.72
N THR E 127 26.19 -10.18 66.30
CA THR E 127 26.73 -11.06 67.34
C THR E 127 26.00 -10.89 68.67
N LYS E 128 25.14 -9.87 68.73
CA LYS E 128 24.31 -9.56 69.90
C LYS E 128 22.94 -10.24 69.81
N LEU E 129 22.61 -10.72 68.61
CA LEU E 129 21.34 -11.39 68.37
C LEU E 129 21.41 -12.90 68.66
N VAL E 130 22.33 -13.30 69.52
CA VAL E 130 22.47 -14.71 69.89
C VAL E 130 21.68 -14.94 71.18
N ILE E 131 20.89 -16.00 71.22
CA ILE E 131 20.19 -16.36 72.45
C ILE E 131 20.95 -17.50 73.10
N GLU E 132 21.01 -18.61 72.38
CA GLU E 132 21.83 -19.74 72.78
C GLU E 132 22.92 -20.02 71.72
N PRO E 133 24.19 -19.69 72.02
CA PRO E 133 25.23 -19.86 71.00
C PRO E 133 25.22 -21.27 70.37
N GLY E 134 25.20 -21.32 69.04
CA GLY E 134 25.16 -22.58 68.33
C GLY E 134 23.79 -23.24 68.31
N LYS E 135 22.95 -22.92 69.29
CA LYS E 135 21.61 -23.52 69.38
C LYS E 135 20.51 -22.65 68.72
N SER E 136 20.38 -21.40 69.16
CA SER E 136 19.32 -20.53 68.66
C SER E 136 19.67 -19.04 68.68
N VAL E 137 19.41 -18.37 67.55
CA VAL E 137 19.65 -16.94 67.35
C VAL E 137 18.44 -16.23 66.74
N TRP E 138 18.42 -14.90 66.85
CA TRP E 138 17.38 -14.08 66.20
C TRP E 138 17.69 -13.94 64.71
N THR E 139 16.65 -14.00 63.89
CA THR E 139 16.79 -13.65 62.46
C THR E 139 15.96 -12.42 62.23
N VAL E 140 16.60 -11.34 61.77
CA VAL E 140 15.88 -10.10 61.49
C VAL E 140 15.48 -10.06 60.02
N TRP E 141 14.17 -10.21 59.75
CA TRP E 141 13.68 -10.06 58.41
C TRP E 141 13.33 -8.59 58.17
N LEU E 142 14.09 -7.94 57.29
CA LEU E 142 13.80 -6.57 56.89
C LEU E 142 13.19 -6.61 55.50
N ASP E 143 11.98 -6.08 55.36
CA ASP E 143 11.32 -6.03 54.06
C ASP E 143 10.95 -4.61 53.68
N VAL E 144 11.44 -4.17 52.53
CA VAL E 144 11.33 -2.79 52.11
C VAL E 144 10.46 -2.74 50.86
N TYR E 145 9.40 -1.94 50.93
CA TYR E 145 8.40 -1.83 49.84
C TYR E 145 8.32 -0.43 49.23
N VAL E 146 8.79 -0.31 47.99
CA VAL E 146 8.71 0.94 47.28
C VAL E 146 7.30 1.07 46.69
N LEU E 147 6.56 2.05 47.18
CA LEU E 147 5.16 2.23 46.80
C LEU E 147 5.01 3.30 45.73
N ASP E 148 5.88 4.31 45.81
CA ASP E 148 5.84 5.43 44.88
C ASP E 148 7.26 5.64 44.37
N TYR E 149 7.47 5.44 43.07
CA TYR E 149 8.80 5.62 42.51
C TYR E 149 9.00 7.07 42.07
N GLY E 150 9.52 7.89 42.98
CA GLY E 150 9.73 9.32 42.69
C GLY E 150 11.17 9.70 42.42
N GLY E 151 12.01 8.69 42.22
CA GLY E 151 13.43 8.89 41.93
C GLY E 151 14.25 8.89 43.20
N ASN E 152 15.51 8.44 43.06
CA ASN E 152 16.43 8.26 44.20
C ASN E 152 15.87 7.34 45.28
N VAL E 153 15.42 6.18 44.82
CA VAL E 153 14.77 5.17 45.65
C VAL E 153 15.76 4.63 46.67
N LEU E 154 17.02 4.51 46.26
CA LEU E 154 18.07 3.99 47.14
C LEU E 154 18.19 4.73 48.48
N ASP E 155 18.24 6.05 48.41
CA ASP E 155 18.41 6.87 49.61
C ASP E 155 17.22 6.74 50.54
N ALA E 156 16.04 6.65 49.96
CA ALA E 156 14.80 6.46 50.71
C ALA E 156 14.79 5.09 51.35
N CYS E 157 15.36 4.11 50.66
CA CYS E 157 15.38 2.75 51.16
C CYS E 157 16.24 2.64 52.38
N THR E 158 17.45 3.20 52.31
CA THR E 158 18.36 3.20 53.45
C THR E 158 17.70 3.85 54.67
N LEU E 159 17.01 4.95 54.43
CA LEU E 159 16.29 5.66 55.51
C LEU E 159 15.20 4.80 56.11
N ALA E 160 14.27 4.32 55.28
CA ALA E 160 13.20 3.41 55.74
C ALA E 160 13.74 2.23 56.54
N SER E 161 14.81 1.61 56.04
CA SER E 161 15.43 0.45 56.66
C SER E 161 15.92 0.81 58.05
N VAL E 162 16.86 1.76 58.12
CA VAL E 162 17.42 2.23 59.38
C VAL E 162 16.30 2.59 60.38
N ALA E 163 15.31 3.35 59.92
CA ALA E 163 14.17 3.73 60.76
C ALA E 163 13.35 2.54 61.23
N ALA E 164 13.13 1.56 60.35
CA ALA E 164 12.39 0.38 60.70
C ALA E 164 13.12 -0.45 61.77
N LEU E 165 14.45 -0.48 61.70
CA LEU E 165 15.26 -1.19 62.68
C LEU E 165 15.23 -0.48 64.01
N TYR E 166 15.26 0.85 63.99
CA TYR E 166 15.22 1.62 65.22
C TYR E 166 13.87 1.57 65.91
N ASN E 167 12.83 1.24 65.15
CA ASN E 167 11.48 1.12 65.68
C ASN E 167 11.17 -0.29 66.19
N THR E 168 12.06 -1.24 65.88
CA THR E 168 11.84 -2.66 66.20
C THR E 168 11.82 -2.96 67.69
N LYS E 169 10.83 -3.75 68.09
CA LYS E 169 10.64 -4.22 69.46
C LYS E 169 10.99 -5.70 69.56
N VAL E 170 11.86 -6.05 70.50
CA VAL E 170 12.23 -7.44 70.76
C VAL E 170 11.39 -8.00 71.91
N TYR E 171 11.03 -9.28 71.81
CA TYR E 171 10.10 -9.89 72.76
C TYR E 171 10.75 -10.87 73.75
N LYS E 172 9.99 -11.26 74.76
CA LYS E 172 10.47 -12.20 75.76
C LYS E 172 10.64 -13.60 75.16
N VAL E 173 11.74 -14.26 75.53
CA VAL E 173 12.06 -15.59 75.02
C VAL E 173 11.75 -16.65 76.10
N GLU E 174 10.67 -17.41 75.87
CA GLU E 174 10.02 -18.24 76.91
C GLU E 174 10.02 -19.76 76.67
N GLN E 175 11.01 -20.45 77.27
CA GLN E 175 11.13 -21.91 77.20
C GLN E 175 10.44 -22.59 78.39
N ILE E 180 11.97 -22.78 73.88
CA ILE E 180 10.88 -23.36 73.11
C ILE E 180 10.17 -22.37 72.15
N SER E 181 9.79 -21.19 72.66
CA SER E 181 9.03 -20.21 71.87
C SER E 181 9.27 -18.72 72.23
N VAL E 182 8.44 -17.86 71.66
CA VAL E 182 8.45 -16.40 71.85
C VAL E 182 7.12 -16.00 72.47
N ASN E 183 7.16 -15.10 73.45
CA ASN E 183 5.92 -14.56 74.03
C ASN E 183 5.68 -13.12 73.60
N LYS E 184 4.91 -12.97 72.53
CA LYS E 184 4.85 -11.72 71.77
C LYS E 184 4.08 -10.53 72.37
N ASN E 185 3.69 -10.62 73.65
CA ASN E 185 3.05 -9.47 74.31
C ASN E 185 3.83 -8.91 75.50
N GLU E 186 5.03 -9.44 75.72
CA GLU E 186 5.98 -8.85 76.65
C GLU E 186 7.17 -8.35 75.85
N VAL E 187 7.42 -7.04 75.95
CA VAL E 187 8.52 -6.39 75.24
C VAL E 187 9.78 -6.27 76.12
N VAL E 188 10.84 -6.98 75.72
CA VAL E 188 12.10 -6.99 76.45
C VAL E 188 12.95 -5.73 76.20
N GLY E 189 13.13 -5.37 74.94
CA GLY E 189 13.97 -4.23 74.57
C GLY E 189 13.97 -3.96 73.08
N LYS E 190 15.03 -3.31 72.62
CA LYS E 190 15.16 -2.94 71.21
C LYS E 190 16.44 -3.48 70.61
N LEU E 191 16.54 -3.48 69.29
CA LEU E 191 17.67 -4.10 68.57
C LEU E 191 19.04 -3.53 68.97
N PRO E 192 20.08 -4.38 69.00
CA PRO E 192 21.45 -3.92 69.23
C PRO E 192 21.97 -3.05 68.07
N LEU E 193 21.59 -1.78 68.07
CA LEU E 193 21.98 -0.86 67.01
C LEU E 193 23.04 0.09 67.51
N ASN E 194 24.17 0.11 66.83
CA ASN E 194 25.29 0.99 67.20
C ASN E 194 25.05 2.46 66.80
N TYR E 195 24.52 2.67 65.59
CA TYR E 195 24.27 4.00 65.05
C TYR E 195 23.45 3.89 63.76
N PRO E 196 22.77 5.00 63.36
CA PRO E 196 22.15 5.05 62.03
C PRO E 196 23.17 5.17 60.91
N VAL E 197 22.71 4.93 59.68
CA VAL E 197 23.54 5.03 58.49
C VAL E 197 22.74 5.78 57.45
N VAL E 198 23.36 6.71 56.74
CA VAL E 198 22.69 7.39 55.63
C VAL E 198 23.37 7.08 54.29
N THR E 199 22.57 6.98 53.23
CA THR E 199 23.11 6.86 51.88
C THR E 199 22.75 8.11 51.12
N ILE E 200 23.76 8.72 50.50
CA ILE E 200 23.56 9.93 49.73
C ILE E 200 23.92 9.69 48.28
N SER E 201 22.94 9.88 47.39
CA SER E 201 23.14 9.74 45.96
C SER E 201 23.38 11.09 45.31
N VAL E 202 24.44 11.15 44.51
CA VAL E 202 24.80 12.35 43.76
C VAL E 202 24.74 12.02 42.28
N ALA E 203 23.87 12.71 41.55
CA ALA E 203 23.72 12.49 40.12
C ALA E 203 24.62 13.42 39.34
N LYS E 204 25.11 12.93 38.21
CA LYS E 204 25.92 13.73 37.31
C LYS E 204 25.10 14.01 36.07
N VAL E 205 24.47 15.18 36.05
CA VAL E 205 23.70 15.60 34.90
C VAL E 205 24.53 16.62 34.16
N ASP E 206 24.88 16.27 32.92
CA ASP E 206 25.68 17.14 32.05
C ASP E 206 27.03 17.32 32.68
N LYS E 207 27.30 18.53 33.15
CA LYS E 207 28.57 18.83 33.80
C LYS E 207 28.34 19.31 35.23
N TYR E 208 27.16 19.02 35.76
CA TYR E 208 26.81 19.43 37.12
C TYR E 208 26.60 18.22 38.02
N LEU E 209 26.92 18.40 39.31
CA LEU E 209 26.63 17.37 40.31
C LEU E 209 25.42 17.81 41.15
N VAL E 210 24.47 16.90 41.30
CA VAL E 210 23.17 17.21 41.88
C VAL E 210 22.83 16.18 42.97
N VAL E 211 22.62 16.65 44.20
CA VAL E 211 22.31 15.79 45.33
C VAL E 211 20.83 15.36 45.35
N ASP E 212 20.58 14.08 45.61
CA ASP E 212 19.22 13.52 45.62
C ASP E 212 18.42 13.91 44.36
N PRO E 213 18.67 13.22 43.24
CA PRO E 213 17.95 13.53 42.01
C PRO E 213 16.49 13.07 42.06
N ASP E 214 15.57 13.87 41.52
CA ASP E 214 14.16 13.46 41.45
C ASP E 214 13.91 12.58 40.23
N LEU E 215 12.63 12.36 39.92
CA LEU E 215 12.28 11.51 38.80
C LEU E 215 12.85 12.00 37.47
N ASP E 216 12.65 13.30 37.20
CA ASP E 216 13.11 13.92 35.95
C ASP E 216 14.63 13.95 35.81
N GLU E 217 15.32 14.27 36.90
CA GLU E 217 16.77 14.38 36.92
C GLU E 217 17.45 13.03 36.70
N GLU E 218 16.85 11.97 37.21
CA GLU E 218 17.40 10.62 37.03
C GLU E 218 17.31 10.15 35.60
N SER E 219 16.32 10.60 34.85
CA SER E 219 16.17 10.17 33.48
C SER E 219 17.02 10.96 32.47
N ILE E 220 17.63 12.07 32.91
CA ILE E 220 18.54 12.86 32.06
C ILE E 220 20.01 12.75 32.47
N MET E 221 20.27 12.11 33.61
CA MET E 221 21.62 12.02 34.17
C MET E 221 22.47 11.06 33.37
N ASP E 222 23.78 11.24 33.46
CA ASP E 222 24.73 10.31 32.84
C ASP E 222 24.84 9.07 33.70
N ALA E 223 25.17 9.28 34.97
CA ALA E 223 25.25 8.20 35.95
C ALA E 223 25.13 8.82 37.33
N LYS E 224 24.75 8.02 38.32
CA LYS E 224 24.74 8.50 39.68
C LYS E 224 25.63 7.63 40.56
N ILE E 225 26.13 8.21 41.64
CA ILE E 225 27.01 7.50 42.58
C ILE E 225 26.47 7.70 44.00
N SER E 226 26.44 6.62 44.78
CA SER E 226 25.80 6.65 46.08
C SER E 226 26.82 6.32 47.15
N PHE E 227 26.89 7.19 48.16
CA PHE E 227 27.82 7.03 49.27
C PHE E 227 27.08 6.78 50.59
N SER E 228 27.50 5.74 51.30
CA SER E 228 26.95 5.41 52.59
C SER E 228 27.89 5.88 53.67
N TYR E 229 27.34 6.53 54.71
CA TYR E 229 28.11 7.11 55.81
C TYR E 229 27.63 6.71 57.21
N THR E 230 28.57 6.47 58.11
CA THR E 230 28.26 6.36 59.53
C THR E 230 28.34 7.77 60.11
N PRO E 231 27.74 8.01 61.30
CA PRO E 231 27.71 9.36 61.88
C PRO E 231 29.10 9.95 62.10
N ASP E 232 30.07 9.06 62.25
CA ASP E 232 31.49 9.34 62.38
C ASP E 232 32.15 9.63 61.01
N LEU E 233 31.29 9.85 59.99
CA LEU E 233 31.68 10.17 58.60
C LEU E 233 32.74 9.27 57.98
N LYS E 234 32.57 7.98 58.21
CA LYS E 234 33.36 6.96 57.56
C LYS E 234 32.55 6.48 56.36
N ILE E 235 33.19 6.39 55.19
CA ILE E 235 32.53 5.83 54.01
C ILE E 235 32.36 4.31 54.23
N VAL E 236 31.15 3.82 54.00
CA VAL E 236 30.77 2.49 54.42
C VAL E 236 30.18 1.70 53.25
N GLY E 237 30.01 2.38 52.11
CA GLY E 237 29.54 1.76 50.89
C GLY E 237 29.51 2.76 49.76
N ILE E 238 29.96 2.36 48.59
CA ILE E 238 29.81 3.17 47.39
C ILE E 238 29.21 2.33 46.26
N GLN E 239 28.25 2.90 45.55
CA GLN E 239 27.68 2.23 44.39
C GLN E 239 27.47 3.17 43.21
N LYS E 240 28.30 3.04 42.16
CA LYS E 240 28.05 3.76 40.92
C LYS E 240 26.93 3.05 40.20
N SER E 241 26.08 3.82 39.54
CA SER E 241 24.85 3.29 39.02
C SER E 241 24.42 4.17 37.84
N GLY E 242 23.93 3.56 36.77
CA GLY E 242 23.47 4.32 35.62
C GLY E 242 24.22 3.94 34.38
N LYS E 243 23.62 4.24 33.23
CA LYS E 243 24.10 3.77 31.92
C LYS E 243 25.14 4.67 31.26
N GLY E 244 25.77 5.50 32.09
CA GLY E 244 26.80 6.39 31.61
C GLY E 244 28.02 6.36 32.49
N SER E 245 28.93 7.28 32.22
CA SER E 245 30.20 7.32 32.93
C SER E 245 30.41 8.64 33.65
N MET E 246 31.41 8.66 34.52
CA MET E 246 31.71 9.82 35.35
C MET E 246 33.22 10.01 35.37
N SER E 247 33.68 11.27 35.41
CA SER E 247 35.12 11.53 35.41
C SER E 247 35.73 11.35 36.79
N LEU E 248 37.06 11.36 36.85
CA LEU E 248 37.77 11.17 38.10
C LEU E 248 37.50 12.29 39.09
N GLN E 249 37.67 13.53 38.66
CA GLN E 249 37.39 14.70 39.51
C GLN E 249 35.92 14.79 39.94
N ASP E 250 35.03 14.18 39.15
CA ASP E 250 33.61 14.14 39.44
C ASP E 250 33.33 13.31 40.68
N ILE E 251 33.85 12.09 40.70
CA ILE E 251 33.68 11.21 41.85
C ILE E 251 34.28 11.85 43.10
N ASP E 252 35.44 12.49 42.93
CA ASP E 252 36.11 13.21 44.02
C ASP E 252 35.18 14.27 44.58
N GLN E 253 34.74 15.20 43.73
CA GLN E 253 33.82 16.27 44.13
C GLN E 253 32.52 15.74 44.69
N ALA E 254 31.97 14.71 44.04
CA ALA E 254 30.72 14.09 44.43
C ALA E 254 30.74 13.72 45.91
N GLU E 255 31.83 13.08 46.32
CA GLU E 255 31.96 12.58 47.69
C GLU E 255 32.08 13.71 48.73
N ASN E 256 32.78 14.80 48.39
CA ASN E 256 32.79 15.99 49.26
C ASN E 256 31.38 16.51 49.50
N THR E 257 30.64 16.65 48.41
CA THR E 257 29.26 17.11 48.46
C THR E 257 28.44 16.10 49.24
N ALA E 258 28.60 14.81 48.89
CA ALA E 258 27.87 13.72 49.54
C ALA E 258 28.07 13.71 51.05
N ARG E 259 29.29 14.00 51.47
CA ARG E 259 29.63 13.93 52.88
C ARG E 259 29.11 15.13 53.68
N SER E 260 29.22 16.32 53.13
CA SER E 260 28.75 17.51 53.85
C SER E 260 27.21 17.55 53.87
N THR E 261 26.60 16.78 52.97
CA THR E 261 25.15 16.56 52.95
C THR E 261 24.78 15.57 54.07
N ALA E 262 25.58 14.52 54.18
CA ALA E 262 25.35 13.44 55.15
C ALA E 262 25.15 13.96 56.57
N VAL E 263 25.91 14.99 56.94
CA VAL E 263 25.83 15.58 58.28
C VAL E 263 24.45 16.17 58.53
N LYS E 264 23.97 16.96 57.57
CA LYS E 264 22.64 17.54 57.66
C LYS E 264 21.55 16.45 57.67
N LEU E 265 21.65 15.46 56.79
CA LEU E 265 20.63 14.39 56.71
C LEU E 265 20.60 13.51 57.96
N LEU E 266 21.78 13.27 58.55
CA LEU E 266 21.88 12.45 59.77
C LEU E 266 21.20 13.13 60.93
N GLU E 267 21.41 14.45 61.02
CA GLU E 267 20.75 15.28 62.02
C GLU E 267 19.26 15.07 61.94
N GLU E 268 18.73 15.26 60.74
CA GLU E 268 17.31 15.23 60.49
C GLU E 268 16.74 13.84 60.71
N LEU E 269 17.44 12.81 60.25
CA LEU E 269 17.02 11.42 60.50
C LEU E 269 16.89 11.16 62.00
N LYS E 270 17.85 11.65 62.78
CA LYS E 270 17.84 11.46 64.22
C LYS E 270 16.65 12.11 64.89
N LYS E 271 16.30 13.31 64.43
CA LYS E 271 15.13 14.02 64.97
C LYS E 271 13.86 13.21 64.82
N HIS E 272 13.70 12.58 63.66
CA HIS E 272 12.56 11.71 63.40
C HIS E 272 12.55 10.48 64.30
N LEU E 273 13.73 9.92 64.56
CA LEU E 273 13.86 8.68 65.30
C LEU E 273 13.73 8.89 66.79
N GLY E 274 13.89 10.15 67.22
CA GLY E 274 13.97 10.49 68.64
C GLY E 274 15.41 10.35 69.09
N ILE E 275 16.23 11.26 68.53
CA ILE E 275 17.68 11.07 68.26
C ILE E 275 18.03 9.60 67.92
N GLU F 8 41.03 -19.07 62.62
CA GLU F 8 40.78 -17.88 63.51
C GLU F 8 40.86 -16.56 62.74
N ARG F 9 42.07 -15.98 62.61
CA ARG F 9 42.32 -14.77 61.78
C ARG F 9 43.77 -14.70 61.28
N PRO F 10 43.99 -14.49 59.95
CA PRO F 10 45.33 -14.44 59.34
C PRO F 10 46.01 -13.05 59.27
N LYS F 11 47.34 -13.06 59.15
CA LYS F 11 48.13 -11.86 58.81
C LYS F 11 48.02 -11.57 57.31
N LEU F 12 48.18 -10.30 56.96
CA LEU F 12 47.88 -9.83 55.63
C LEU F 12 49.02 -9.10 54.98
N ILE F 13 49.72 -8.26 55.75
CA ILE F 13 51.04 -7.77 55.38
C ILE F 13 52.03 -8.18 56.47
N LEU F 14 53.18 -8.70 56.04
CA LEU F 14 54.13 -9.33 56.95
C LEU F 14 55.18 -8.36 57.48
N ASP F 15 56.01 -8.83 58.40
CA ASP F 15 57.02 -8.00 59.08
C ASP F 15 58.04 -7.37 58.13
N ASP F 16 58.17 -7.92 56.93
CA ASP F 16 58.98 -7.31 55.86
C ASP F 16 58.20 -6.27 55.03
N GLY F 17 56.88 -6.36 55.00
CA GLY F 17 56.06 -5.44 54.22
C GLY F 17 55.50 -6.08 52.96
N LYS F 18 55.55 -7.41 52.89
CA LYS F 18 54.96 -8.14 51.78
C LYS F 18 53.65 -8.79 52.19
N ARG F 19 52.80 -9.04 51.19
CA ARG F 19 51.48 -9.63 51.39
C ARG F 19 51.54 -11.15 51.43
N THR F 20 50.38 -11.77 51.60
CA THR F 20 50.23 -13.22 51.68
C THR F 20 50.73 -13.98 50.46
N ASP F 21 50.66 -13.36 49.29
CA ASP F 21 51.14 -13.99 48.06
C ASP F 21 52.51 -13.44 47.63
N GLY F 22 53.20 -12.79 48.58
CA GLY F 22 54.55 -12.27 48.34
C GLY F 22 54.67 -11.00 47.50
N ARG F 23 53.54 -10.31 47.30
CA ARG F 23 53.53 -9.04 46.57
C ARG F 23 53.64 -7.85 47.52
N LYS F 24 54.31 -6.80 47.06
CA LYS F 24 54.26 -5.50 47.74
C LYS F 24 52.87 -4.88 47.58
N PRO F 25 52.51 -3.91 48.45
CA PRO F 25 51.17 -3.31 48.36
C PRO F 25 50.85 -2.63 47.03
N ASP F 26 51.88 -2.33 46.25
CA ASP F 26 51.68 -1.64 44.96
C ASP F 26 52.08 -2.47 43.73
N GLU F 27 51.83 -3.79 43.78
CA GLU F 27 52.10 -4.71 42.65
C GLU F 27 50.86 -5.42 42.14
N LEU F 28 50.73 -5.48 40.81
CA LEU F 28 49.67 -6.25 40.18
C LEU F 28 49.99 -7.72 40.19
N ARG F 29 48.94 -8.55 40.05
CA ARG F 29 49.13 -9.97 39.81
C ARG F 29 49.59 -10.16 38.36
N SER F 30 50.00 -11.37 38.01
CA SER F 30 50.38 -11.64 36.62
C SER F 30 49.16 -11.56 35.69
N ILE F 31 49.37 -11.05 34.49
CA ILE F 31 48.29 -10.86 33.52
C ILE F 31 48.52 -11.68 32.27
N LYS F 32 47.45 -12.34 31.80
CA LYS F 32 47.46 -13.06 30.55
C LYS F 32 46.18 -12.73 29.76
N ILE F 33 46.34 -12.29 28.51
CA ILE F 33 45.20 -11.94 27.66
C ILE F 33 45.36 -12.67 26.34
N GLU F 34 44.32 -13.35 25.88
CA GLU F 34 44.33 -13.82 24.49
C GLU F 34 42.99 -13.65 23.79
N LEU F 35 43.06 -13.18 22.54
CA LEU F 35 41.88 -12.77 21.78
C LEU F 35 41.50 -13.75 20.67
N GLY F 36 40.22 -13.74 20.31
CA GLY F 36 39.71 -14.57 19.23
C GLY F 36 39.91 -16.05 19.45
N VAL F 37 39.67 -16.49 20.68
CA VAL F 37 39.92 -17.88 21.06
C VAL F 37 38.74 -18.80 20.72
N LEU F 38 37.53 -18.23 20.63
CA LEU F 38 36.32 -18.95 20.20
C LEU F 38 35.99 -18.74 18.71
N LYS F 39 35.88 -19.85 17.99
CA LYS F 39 35.69 -19.86 16.54
C LYS F 39 34.30 -19.43 16.09
N ASN F 40 33.27 -19.82 16.84
CA ASN F 40 31.90 -19.59 16.44
C ASN F 40 31.27 -18.34 17.04
N ALA F 41 32.07 -17.59 17.78
CA ALA F 41 31.61 -16.31 18.31
C ALA F 41 32.09 -15.23 17.37
N ASP F 42 31.44 -14.07 17.38
CA ASP F 42 31.88 -12.94 16.57
C ASP F 42 33.07 -12.20 17.17
N GLY F 43 33.25 -12.35 18.48
CA GLY F 43 34.43 -11.88 19.16
C GLY F 43 34.59 -12.60 20.49
N SER F 44 35.81 -12.95 20.83
CA SER F 44 36.08 -13.64 22.09
C SER F 44 37.39 -13.23 22.71
N ALA F 45 37.52 -13.50 24.02
CA ALA F 45 38.73 -13.18 24.77
C ALA F 45 38.79 -13.99 26.07
N ILE F 46 40.01 -14.37 26.44
CA ILE F 46 40.31 -14.91 27.77
C ILE F 46 41.19 -13.89 28.50
N PHE F 47 40.80 -13.52 29.72
CA PHE F 47 41.60 -12.64 30.55
C PHE F 47 41.92 -13.33 31.87
N GLU F 48 43.18 -13.28 32.30
CA GLU F 48 43.62 -13.89 33.57
C GLU F 48 44.43 -12.96 34.45
N MET F 49 43.83 -12.54 35.55
CA MET F 49 44.57 -11.81 36.56
C MET F 49 44.97 -12.77 37.67
N GLY F 50 46.24 -13.14 37.69
CA GLY F 50 46.73 -14.08 38.69
C GLY F 50 45.95 -15.36 38.52
N ASN F 51 45.10 -15.67 39.50
CA ASN F 51 44.30 -16.90 39.45
C ASN F 51 42.85 -16.72 39.01
N THR F 52 42.47 -15.50 38.62
CA THR F 52 41.11 -15.27 38.19
C THR F 52 41.10 -15.27 36.67
N LYS F 53 40.51 -16.30 36.06
CA LYS F 53 40.42 -16.48 34.60
C LYS F 53 39.00 -16.31 34.17
N ALA F 54 38.75 -15.40 33.22
CA ALA F 54 37.40 -15.27 32.66
C ALA F 54 37.43 -15.42 31.15
N ILE F 55 36.40 -16.04 30.59
CA ILE F 55 36.24 -16.14 29.14
C ILE F 55 35.00 -15.36 28.73
N ALA F 56 35.12 -14.59 27.65
CA ALA F 56 34.02 -13.76 27.18
C ALA F 56 33.76 -13.99 25.69
N ALA F 57 32.50 -14.21 25.35
CA ALA F 57 32.09 -14.35 23.96
C ALA F 57 31.09 -13.26 23.61
N VAL F 58 31.18 -12.75 22.38
CA VAL F 58 30.25 -11.73 21.89
C VAL F 58 29.57 -12.27 20.64
N TYR F 59 28.26 -12.20 20.60
CA TYR F 59 27.54 -12.55 19.37
C TYR F 59 26.95 -11.29 18.77
N GLY F 60 27.62 -10.85 17.71
CA GLY F 60 27.59 -9.47 17.16
C GLY F 60 26.26 -8.92 16.72
N PRO F 61 26.19 -7.59 16.45
CA PRO F 61 24.89 -6.92 16.27
C PRO F 61 23.92 -7.75 15.43
N LYS F 62 22.76 -8.05 16.00
CA LYS F 62 21.80 -8.98 15.44
C LYS F 62 20.34 -8.60 15.71
N GLU F 63 19.52 -8.69 14.66
CA GLU F 63 18.05 -8.49 14.71
C GLU F 63 17.39 -9.17 15.93
N MET F 64 16.65 -8.41 16.75
CA MET F 64 16.19 -8.93 18.05
C MET F 64 14.96 -9.82 18.03
N HIS F 65 15.06 -10.93 18.77
CA HIS F 65 14.09 -12.03 18.77
C HIS F 65 12.62 -11.56 18.86
N PRO F 66 12.16 -11.13 20.04
CA PRO F 66 10.82 -10.54 20.10
C PRO F 66 10.93 -9.01 19.94
N ARG F 67 10.47 -8.51 18.81
CA ARG F 67 10.77 -7.14 18.40
C ARG F 67 10.33 -6.05 19.37
N HIS F 68 9.33 -6.34 20.22
CA HIS F 68 8.82 -5.35 21.19
C HIS F 68 9.84 -5.03 22.30
N LEU F 69 10.83 -5.89 22.46
CA LEU F 69 11.86 -5.71 23.47
C LEU F 69 13.09 -4.99 22.93
N SER F 70 13.10 -4.73 21.62
CA SER F 70 14.19 -4.00 21.00
C SER F 70 14.00 -2.49 21.18
N LEU F 71 15.06 -1.74 20.94
CA LEU F 71 14.99 -0.29 21.04
C LEU F 71 15.04 0.37 19.66
N PRO F 72 14.26 1.45 19.47
CA PRO F 72 14.16 2.14 18.20
C PRO F 72 15.45 2.85 17.74
N ASP F 73 16.26 3.31 18.70
CA ASP F 73 17.44 4.14 18.43
C ASP F 73 18.75 3.45 18.81
N ARG F 74 18.68 2.48 19.72
CA ARG F 74 19.86 1.87 20.31
C ARG F 74 19.90 0.38 20.08
N ALA F 75 21.08 -0.20 20.27
CA ALA F 75 21.20 -1.65 20.43
C ALA F 75 20.87 -1.96 21.87
N VAL F 76 20.39 -3.17 22.10
CA VAL F 76 20.16 -3.64 23.45
C VAL F 76 21.32 -4.56 23.82
N LEU F 77 22.08 -4.20 24.85
CA LEU F 77 23.13 -5.08 25.36
C LEU F 77 22.51 -6.13 26.24
N ARG F 78 22.95 -7.37 26.06
CA ARG F 78 22.52 -8.49 26.87
C ARG F 78 23.75 -9.11 27.50
N VAL F 79 23.90 -8.95 28.81
CA VAL F 79 25.13 -9.32 29.49
C VAL F 79 24.87 -10.41 30.53
N ARG F 80 25.71 -11.44 30.55
CA ARG F 80 25.60 -12.53 31.51
C ARG F 80 26.92 -12.76 32.24
N TYR F 81 26.94 -12.49 33.54
CA TYR F 81 28.06 -12.83 34.38
C TYR F 81 27.73 -14.17 35.03
N HIS F 82 28.61 -15.15 34.90
CA HIS F 82 28.37 -16.44 35.46
C HIS F 82 29.65 -17.10 35.92
N MET F 83 29.55 -17.83 37.04
CA MET F 83 30.66 -18.61 37.58
C MET F 83 30.44 -20.10 37.41
N THR F 84 31.42 -20.77 36.82
CA THR F 84 31.33 -22.21 36.66
C THR F 84 31.35 -22.85 38.05
N PRO F 85 30.63 -23.98 38.22
CA PRO F 85 30.62 -24.63 39.54
C PRO F 85 32.02 -24.92 40.11
N PHE F 86 32.99 -25.11 39.23
CA PHE F 86 34.36 -25.48 39.61
C PHE F 86 35.35 -24.30 39.53
N SER F 87 34.84 -23.09 39.73
CA SER F 87 35.67 -21.90 39.68
C SER F 87 36.16 -21.56 41.08
N THR F 88 35.52 -22.14 42.08
CA THR F 88 35.81 -21.80 43.47
C THR F 88 36.28 -23.03 44.24
N ASP F 89 36.40 -22.90 45.56
CA ASP F 89 36.86 -24.01 46.36
C ASP F 89 35.73 -24.91 46.79
N GLU F 90 34.64 -24.32 47.24
CA GLU F 90 33.44 -25.09 47.54
C GLU F 90 32.45 -24.87 46.40
N ARG F 91 32.03 -25.96 45.74
CA ARG F 91 31.23 -25.91 44.51
C ARG F 91 30.05 -24.92 44.56
N LYS F 92 30.18 -23.80 43.86
CA LYS F 92 29.09 -22.83 43.75
C LYS F 92 27.98 -23.43 42.91
N ASN F 93 26.74 -23.29 43.36
CA ASN F 93 25.58 -23.76 42.60
C ASN F 93 25.46 -23.06 41.23
N PRO F 94 25.17 -23.83 40.15
CA PRO F 94 25.05 -23.23 38.80
C PRO F 94 23.86 -22.27 38.63
N ALA F 95 22.78 -22.49 39.40
CA ALA F 95 21.59 -21.62 39.43
C ALA F 95 22.01 -20.22 39.84
N PRO F 96 21.55 -19.17 39.11
CA PRO F 96 22.09 -17.83 39.30
C PRO F 96 21.81 -17.27 40.71
N SER F 97 22.85 -16.71 41.34
CA SER F 97 22.76 -16.18 42.69
C SER F 97 22.44 -14.71 42.63
N ARG F 98 21.87 -14.17 43.70
CA ARG F 98 21.54 -12.75 43.76
C ARG F 98 22.76 -11.91 43.43
N ARG F 99 23.91 -12.38 43.90
CA ARG F 99 25.21 -11.74 43.62
C ARG F 99 25.57 -11.74 42.13
N GLU F 100 25.28 -12.85 41.45
CA GLU F 100 25.51 -12.95 40.00
C GLU F 100 24.57 -11.99 39.27
N ILE F 101 23.34 -11.87 39.79
CA ILE F 101 22.33 -11.02 39.19
C ILE F 101 22.70 -9.54 39.31
N GLU F 102 23.17 -9.13 40.48
CA GLU F 102 23.67 -7.78 40.65
C GLU F 102 24.87 -7.51 39.77
N LEU F 103 25.87 -8.42 39.81
CA LEU F 103 27.12 -8.24 39.05
C LEU F 103 26.90 -8.09 37.55
N SER F 104 25.91 -8.82 37.03
CA SER F 104 25.49 -8.72 35.64
C SER F 104 25.01 -7.33 35.30
N LYS F 105 24.16 -6.77 36.16
CA LYS F 105 23.62 -5.43 35.94
C LYS F 105 24.70 -4.41 36.02
N VAL F 106 25.63 -4.59 36.93
CA VAL F 106 26.72 -3.64 37.11
C VAL F 106 27.64 -3.67 35.89
N ILE F 107 27.98 -4.87 35.43
CA ILE F 107 28.82 -5.05 34.24
C ILE F 107 28.16 -4.52 32.95
N ARG F 108 26.86 -4.74 32.82
CA ARG F 108 26.13 -4.25 31.65
C ARG F 108 26.19 -2.73 31.59
N GLU F 109 25.82 -2.07 32.70
CA GLU F 109 25.82 -0.61 32.81
C GLU F 109 27.20 -0.05 32.56
N ALA F 110 28.21 -0.81 32.95
CA ALA F 110 29.59 -0.45 32.68
C ALA F 110 29.86 -0.44 31.18
N LEU F 111 29.48 -1.52 30.50
CA LEU F 111 29.71 -1.66 29.05
C LEU F 111 28.86 -0.67 28.25
N GLU F 112 27.68 -0.36 28.75
CA GLU F 112 26.79 0.58 28.07
C GLU F 112 27.38 1.96 27.92
N SER F 113 28.27 2.34 28.85
CA SER F 113 28.92 3.64 28.77
C SER F 113 30.06 3.66 27.75
N ALA F 114 30.58 2.48 27.42
CA ALA F 114 31.69 2.39 26.47
C ALA F 114 31.24 2.09 25.04
N VAL F 115 30.32 1.13 24.88
CA VAL F 115 29.84 0.69 23.57
C VAL F 115 28.89 1.71 22.95
N LEU F 116 29.18 2.10 21.71
CA LEU F 116 28.37 3.03 20.93
C LEU F 116 27.09 2.37 20.39
N VAL F 117 26.13 2.12 21.27
CA VAL F 117 24.92 1.40 20.92
C VAL F 117 24.04 2.19 19.98
N GLU F 118 24.17 3.53 20.01
CA GLU F 118 23.48 4.44 19.06
C GLU F 118 23.45 3.90 17.63
N LEU F 119 24.54 3.21 17.28
CA LEU F 119 24.87 2.84 15.91
C LEU F 119 24.08 1.66 15.36
N PHE F 120 23.50 0.85 16.24
CA PHE F 120 22.81 -0.36 15.80
C PHE F 120 21.38 -0.46 16.33
N PRO F 121 20.46 0.36 15.77
CA PRO F 121 19.11 0.36 16.32
C PRO F 121 18.41 -0.93 15.96
N ARG F 122 17.47 -1.35 16.80
CA ARG F 122 16.68 -2.57 16.61
C ARG F 122 17.50 -3.85 16.67
N THR F 123 18.72 -3.76 17.21
CA THR F 123 19.58 -4.93 17.30
C THR F 123 19.91 -5.23 18.75
N ALA F 124 20.44 -6.43 18.98
CA ALA F 124 20.92 -6.84 20.30
C ALA F 124 22.36 -7.36 20.20
N ILE F 125 23.22 -6.89 21.10
CA ILE F 125 24.56 -7.41 21.19
C ILE F 125 24.62 -8.27 22.42
N ASP F 126 24.89 -9.55 22.22
CA ASP F 126 25.04 -10.48 23.34
C ASP F 126 26.49 -10.50 23.88
N VAL F 127 26.64 -10.42 25.19
CA VAL F 127 27.95 -10.57 25.83
C VAL F 127 27.85 -11.61 26.92
N PHE F 128 28.35 -12.80 26.64
CA PHE F 128 28.38 -13.87 27.65
C PHE F 128 29.75 -13.95 28.30
N THR F 129 29.77 -14.16 29.61
CA THR F 129 31.00 -14.15 30.40
C THR F 129 30.97 -15.27 31.41
N GLU F 130 31.96 -16.16 31.37
CA GLU F 130 32.05 -17.22 32.39
C GLU F 130 33.32 -17.00 33.19
N ILE F 131 33.25 -17.24 34.50
CA ILE F 131 34.45 -17.23 35.32
C ILE F 131 34.91 -18.70 35.50
N LEU F 132 36.13 -18.98 35.06
CA LEU F 132 36.67 -20.35 35.09
C LEU F 132 37.46 -20.64 36.35
N GLN F 133 38.01 -19.58 36.93
CA GLN F 133 38.68 -19.61 38.22
C GLN F 133 38.42 -18.31 38.96
N ALA F 134 37.95 -18.41 40.18
CA ALA F 134 37.65 -17.22 40.96
C ALA F 134 38.63 -17.07 42.10
N ASP F 135 39.34 -15.93 42.11
CA ASP F 135 40.32 -15.62 43.15
C ASP F 135 40.24 -14.13 43.52
N ALA F 136 39.03 -13.58 43.43
CA ALA F 136 38.72 -12.16 43.66
C ALA F 136 38.99 -11.30 42.42
N GLY F 137 38.31 -10.15 42.36
CA GLY F 137 38.39 -9.25 41.20
C GLY F 137 37.72 -9.81 39.97
N SER F 138 36.93 -10.87 40.16
CA SER F 138 36.28 -11.60 39.05
C SER F 138 35.25 -10.77 38.29
N ARG F 139 34.67 -9.75 38.94
CA ARG F 139 33.74 -8.86 38.26
C ARG F 139 34.47 -7.92 37.31
N LEU F 140 35.73 -7.62 37.62
CA LEU F 140 36.57 -6.81 36.74
C LEU F 140 37.25 -7.60 35.63
N VAL F 141 37.75 -8.79 35.96
CA VAL F 141 38.36 -9.66 34.97
C VAL F 141 37.31 -10.02 33.93
N SER F 142 36.05 -10.13 34.38
CA SER F 142 34.96 -10.42 33.47
C SER F 142 34.67 -9.25 32.55
N LEU F 143 34.63 -8.05 33.13
CA LEU F 143 34.31 -6.83 32.42
C LEU F 143 35.36 -6.53 31.38
N MET F 144 36.63 -6.71 31.73
CA MET F 144 37.70 -6.50 30.76
C MET F 144 37.68 -7.55 29.63
N ALA F 145 37.46 -8.81 30.00
CA ALA F 145 37.38 -9.85 29.00
C ALA F 145 36.29 -9.49 28.01
N ALA F 146 35.20 -8.92 28.52
CA ALA F 146 34.06 -8.52 27.71
C ALA F 146 34.42 -7.37 26.81
N SER F 147 35.03 -6.34 27.38
CA SER F 147 35.50 -5.16 26.63
C SER F 147 36.37 -5.56 25.44
N LEU F 148 37.32 -6.48 25.69
CA LEU F 148 38.22 -6.97 24.66
C LEU F 148 37.49 -7.82 23.62
N ALA F 149 36.54 -8.63 24.07
CA ALA F 149 35.78 -9.49 23.16
C ALA F 149 34.94 -8.64 22.22
N LEU F 150 34.48 -7.49 22.71
CA LEU F 150 33.73 -6.55 21.90
C LEU F 150 34.63 -5.95 20.85
N ALA F 151 35.82 -5.53 21.25
CA ALA F 151 36.80 -4.99 20.33
C ALA F 151 37.21 -6.03 19.30
N ASP F 152 37.25 -7.30 19.72
CA ASP F 152 37.57 -8.42 18.82
C ASP F 152 36.44 -8.63 17.81
N ALA F 153 35.20 -8.43 18.27
CA ALA F 153 34.02 -8.51 17.43
C ALA F 153 33.90 -7.30 16.53
N GLY F 154 34.83 -6.37 16.69
CA GLY F 154 34.93 -5.18 15.84
C GLY F 154 33.80 -4.22 16.07
N ILE F 155 33.29 -4.18 17.30
CA ILE F 155 32.20 -3.29 17.65
C ILE F 155 32.73 -1.98 18.21
N PRO F 156 32.29 -0.85 17.64
CA PRO F 156 32.84 0.47 17.99
C PRO F 156 32.61 0.86 19.46
N MET F 157 33.65 1.37 20.11
CA MET F 157 33.52 1.77 21.50
C MET F 157 34.26 3.06 21.73
N ARG F 158 33.84 3.83 22.73
CA ARG F 158 34.52 5.09 23.10
C ARG F 158 35.99 4.83 23.45
N ASP F 159 36.22 3.77 24.21
CA ASP F 159 37.53 3.37 24.67
C ASP F 159 37.45 1.92 25.17
N LEU F 160 38.61 1.31 25.44
CA LEU F 160 38.68 0.02 26.12
C LEU F 160 38.42 0.24 27.60
N ILE F 161 37.99 -0.80 28.30
CA ILE F 161 37.77 -0.72 29.74
C ILE F 161 38.83 -1.49 30.47
N ALA F 162 39.54 -0.82 31.37
CA ALA F 162 40.55 -1.45 32.23
C ALA F 162 40.15 -1.26 33.68
N GLY F 163 40.45 -2.25 34.52
CA GLY F 163 40.04 -2.16 35.93
C GLY F 163 40.82 -2.98 36.93
N VAL F 164 40.96 -2.43 38.13
CA VAL F 164 41.55 -3.12 39.28
C VAL F 164 40.68 -2.96 40.51
N ALA F 165 40.80 -3.93 41.42
CA ALA F 165 40.21 -3.80 42.74
C ALA F 165 41.30 -3.27 43.65
N VAL F 166 41.03 -2.15 44.31
CA VAL F 166 41.97 -1.63 45.30
C VAL F 166 41.32 -1.83 46.68
N GLY F 167 42.11 -2.02 47.72
CA GLY F 167 41.53 -2.32 49.02
C GLY F 167 42.40 -1.89 50.17
N LYS F 168 41.95 -2.17 51.38
CA LYS F 168 42.83 -1.97 52.52
C LYS F 168 42.94 -3.25 53.31
N ALA F 169 44.14 -3.83 53.34
CA ALA F 169 44.45 -4.93 54.25
C ALA F 169 44.63 -4.36 55.66
N ASP F 170 45.61 -4.83 56.43
CA ASP F 170 45.80 -4.31 57.77
C ASP F 170 46.22 -2.84 57.74
N GLY F 171 45.23 -1.95 57.69
CA GLY F 171 45.46 -0.50 57.72
C GLY F 171 46.24 0.03 56.53
N VAL F 172 46.74 -0.87 55.68
CA VAL F 172 47.56 -0.51 54.52
C VAL F 172 46.76 -0.63 53.22
N ILE F 173 46.86 0.37 52.35
CA ILE F 173 46.17 0.33 51.07
C ILE F 173 46.93 -0.52 50.07
N ILE F 174 46.23 -1.48 49.48
CA ILE F 174 46.83 -2.48 48.60
C ILE F 174 46.15 -2.54 47.24
N LEU F 175 46.88 -3.00 46.23
CA LEU F 175 46.40 -3.04 44.86
C LEU F 175 46.21 -4.48 44.39
N ASP F 176 45.04 -4.75 43.80
CA ASP F 176 44.70 -6.05 43.21
C ASP F 176 44.67 -7.18 44.24
N LEU F 177 43.49 -7.50 44.75
CA LEU F 177 43.35 -8.37 45.92
C LEU F 177 43.28 -9.89 45.64
N ASN F 178 43.75 -10.67 46.61
CA ASN F 178 43.59 -12.14 46.69
C ASN F 178 42.20 -12.45 47.19
N GLU F 179 41.77 -13.70 47.08
CA GLU F 179 40.55 -14.13 47.77
C GLU F 179 40.72 -13.88 49.26
N THR F 180 41.94 -14.09 49.75
CA THR F 180 42.30 -13.93 51.16
C THR F 180 42.20 -12.47 51.63
N GLU F 181 42.67 -11.55 50.78
CA GLU F 181 42.59 -10.13 51.09
C GLU F 181 41.15 -9.61 51.00
N ASP F 182 40.38 -10.14 50.04
CA ASP F 182 38.97 -9.80 49.88
C ASP F 182 38.23 -10.26 51.12
N MET F 183 38.59 -11.45 51.58
CA MET F 183 37.96 -12.14 52.69
C MET F 183 38.13 -11.43 54.02
N TRP F 184 39.35 -11.01 54.33
CA TRP F 184 39.68 -10.49 55.66
C TRP F 184 40.09 -9.02 55.72
N GLY F 185 40.19 -8.35 54.57
CA GLY F 185 40.56 -6.94 54.53
C GLY F 185 39.43 -6.02 54.98
N GLU F 186 39.81 -4.86 55.50
CA GLU F 186 38.85 -3.85 55.97
C GLU F 186 37.97 -3.23 54.85
N ALA F 187 38.46 -3.22 53.61
CA ALA F 187 37.76 -2.65 52.46
C ALA F 187 38.15 -3.31 51.14
N ASP F 188 37.25 -3.21 50.17
CA ASP F 188 37.37 -3.85 48.87
C ASP F 188 36.64 -2.95 47.88
N MET F 189 37.42 -2.32 46.99
CA MET F 189 36.90 -1.29 46.09
C MET F 189 37.29 -1.56 44.64
N PRO F 190 36.42 -2.24 43.89
CA PRO F 190 36.65 -2.40 42.46
C PRO F 190 36.42 -1.09 41.68
N ILE F 191 37.34 -0.75 40.78
CA ILE F 191 37.23 0.46 39.95
C ILE F 191 37.56 0.11 38.53
N ALA F 192 36.70 0.53 37.59
CA ALA F 192 36.95 0.29 36.18
C ALA F 192 36.84 1.58 35.39
N MET F 193 37.78 1.79 34.48
CA MET F 193 37.89 3.06 33.78
C MET F 193 37.99 2.90 32.28
N MET F 194 37.63 3.96 31.56
CA MET F 194 38.03 4.15 30.18
C MET F 194 39.24 5.09 30.24
N PRO F 195 40.45 4.53 30.37
CA PRO F 195 41.63 5.27 30.81
C PRO F 195 41.97 6.47 29.95
N SER F 196 41.77 6.36 28.63
CA SER F 196 42.13 7.45 27.71
C SER F 196 41.22 8.66 27.81
N LEU F 197 40.01 8.44 28.34
CA LEU F 197 39.01 9.50 28.56
C LEU F 197 38.92 9.92 30.03
N ASN F 198 39.61 9.19 30.91
CA ASN F 198 39.51 9.35 32.37
C ASN F 198 38.08 9.22 32.88
N GLN F 199 37.39 8.22 32.36
CA GLN F 199 35.99 8.02 32.65
C GLN F 199 35.82 6.77 33.48
N VAL F 200 35.19 6.92 34.64
CA VAL F 200 34.93 5.80 35.52
C VAL F 200 33.63 5.12 35.10
N THR F 201 33.79 3.85 34.73
CA THR F 201 32.77 3.03 34.10
C THR F 201 32.04 2.19 35.14
N LEU F 202 32.81 1.69 36.11
CA LEU F 202 32.31 0.91 37.23
C LEU F 202 33.00 1.42 38.51
N PHE F 203 32.25 1.50 39.59
CA PHE F 203 32.82 1.96 40.84
C PHE F 203 32.02 1.43 42.01
N GLN F 204 32.65 0.61 42.85
CA GLN F 204 32.01 0.07 44.03
C GLN F 204 32.95 0.05 45.23
N LEU F 205 32.36 0.02 46.43
CA LEU F 205 33.12 -0.23 47.64
C LEU F 205 32.28 -0.98 48.66
N ASN F 206 32.76 -2.15 49.05
CA ASN F 206 32.22 -2.86 50.22
C ASN F 206 33.27 -2.91 51.30
N GLY F 207 32.87 -2.58 52.52
CA GLY F 207 33.81 -2.44 53.61
C GLY F 207 33.79 -1.02 54.13
N SER F 208 34.90 -0.58 54.73
CA SER F 208 34.94 0.68 55.48
C SER F 208 36.18 1.48 55.14
N MET F 209 36.04 2.79 54.95
CA MET F 209 37.16 3.69 54.64
C MET F 209 36.95 5.13 55.10
N THR F 210 38.03 5.80 55.50
CA THR F 210 37.95 7.23 55.79
C THR F 210 38.07 7.96 54.45
N PRO F 211 37.49 9.16 54.36
CA PRO F 211 37.50 9.93 53.10
C PRO F 211 38.90 10.13 52.53
N ASP F 212 39.85 10.45 53.42
CA ASP F 212 41.26 10.62 53.05
C ASP F 212 41.88 9.30 52.51
N GLU F 213 41.52 8.16 53.10
CA GLU F 213 41.96 6.84 52.61
C GLU F 213 41.38 6.53 51.22
N PHE F 214 40.06 6.62 51.12
CA PHE F 214 39.34 6.50 49.85
C PHE F 214 40.05 7.23 48.71
N ARG F 215 40.53 8.46 48.98
CA ARG F 215 41.27 9.22 47.97
C ARG F 215 42.67 8.70 47.63
N GLN F 216 43.33 8.02 48.56
CA GLN F 216 44.61 7.37 48.28
C GLN F 216 44.41 6.11 47.45
N ALA F 217 43.51 5.24 47.93
CA ALA F 217 43.17 4.00 47.26
C ALA F 217 42.78 4.28 45.81
N PHE F 218 42.13 5.42 45.62
CA PHE F 218 41.73 5.85 44.30
C PHE F 218 42.95 6.10 43.38
N ASP F 219 43.85 7.00 43.79
CA ASP F 219 45.07 7.29 43.02
C ASP F 219 45.85 6.06 42.63
N LEU F 220 46.02 5.13 43.59
CA LEU F 220 46.72 3.88 43.34
C LEU F 220 46.04 3.07 42.22
N ALA F 221 44.71 2.94 42.33
CA ALA F 221 43.90 2.22 41.35
C ALA F 221 44.13 2.74 39.93
N VAL F 222 44.20 4.06 39.79
CA VAL F 222 44.44 4.69 38.51
C VAL F 222 45.75 4.21 37.90
N LYS F 223 46.81 4.22 38.70
CA LYS F 223 48.15 3.79 38.25
C LYS F 223 48.16 2.34 37.76
N GLY F 224 47.47 1.48 38.49
CA GLY F 224 47.32 0.08 38.12
C GLY F 224 46.55 -0.04 36.82
N ILE F 225 45.43 0.66 36.74
CA ILE F 225 44.60 0.67 35.55
C ILE F 225 45.42 1.04 34.32
N ASN F 226 46.29 2.04 34.46
CA ASN F 226 47.11 2.52 33.36
C ASN F 226 48.06 1.44 32.82
N ILE F 227 48.57 0.61 33.71
CA ILE F 227 49.48 -0.45 33.31
C ILE F 227 48.74 -1.56 32.57
N ILE F 228 47.56 -1.92 33.09
CA ILE F 228 46.69 -2.92 32.49
C ILE F 228 46.20 -2.46 31.12
N TYR F 229 45.79 -1.21 31.05
CA TYR F 229 45.35 -0.61 29.81
C TYR F 229 46.36 -0.82 28.69
N ASN F 230 47.64 -0.58 29.00
CA ASN F 230 48.71 -0.75 28.03
C ASN F 230 48.79 -2.16 27.47
N LEU F 231 48.49 -3.15 28.32
CA LEU F 231 48.52 -4.54 27.91
C LEU F 231 47.32 -4.88 27.05
N GLU F 232 46.17 -4.30 27.38
CA GLU F 232 44.99 -4.43 26.55
C GLU F 232 45.24 -3.89 25.15
N ARG F 233 45.71 -2.63 25.07
CA ARG F 233 46.14 -2.01 23.82
C ARG F 233 47.11 -2.90 23.06
N GLU F 234 47.93 -3.61 23.83
CA GLU F 234 48.94 -4.51 23.31
C GLU F 234 48.26 -5.72 22.70
N ALA F 235 47.47 -6.37 23.53
CA ALA F 235 46.79 -7.60 23.20
C ALA F 235 45.87 -7.48 22.01
N LEU F 236 45.50 -6.25 21.68
CA LEU F 236 44.63 -5.97 20.55
C LEU F 236 45.41 -6.10 19.26
N LYS F 237 46.68 -5.69 19.32
CA LYS F 237 47.58 -5.63 18.17
C LYS F 237 48.22 -6.98 17.86
N SER F 238 48.48 -7.79 18.88
CA SER F 238 49.20 -9.07 18.73
C SER F 238 48.40 -10.31 19.12
N LYS F 239 47.18 -10.11 19.62
CA LYS F 239 46.25 -11.19 20.00
C LYS F 239 46.62 -12.00 21.25
N TYR F 240 47.85 -11.86 21.73
CA TYR F 240 48.34 -12.62 22.88
C TYR F 240 49.36 -11.85 23.72
N VAL F 241 49.10 -11.75 25.01
CA VAL F 241 49.94 -10.98 25.91
C VAL F 241 50.17 -11.70 27.25
N GLU F 242 51.44 -11.80 27.63
CA GLU F 242 51.87 -12.30 28.94
C GLU F 242 52.57 -11.17 29.73
N PHE F 243 52.29 -11.07 31.02
CA PHE F 243 52.88 -10.04 31.88
C PHE F 243 53.13 -10.57 33.29
N LYS F 244 54.42 -10.71 33.64
CA LYS F 244 54.83 -11.15 34.98
C LYS F 244 54.57 -10.04 36.01
N GLU F 245 54.17 -10.45 37.21
CA GLU F 245 53.88 -9.50 38.29
C GLU F 245 54.95 -8.44 38.41
N GLU F 246 54.53 -7.20 38.60
CA GLU F 246 55.49 -6.14 38.93
C GLU F 246 54.86 -4.89 39.57
N GLY F 247 55.74 -4.04 40.09
CA GLY F 247 55.40 -2.81 40.79
C GLY F 247 54.76 -1.74 39.91
N VAL F 248 53.70 -1.13 40.44
CA VAL F 248 52.93 -0.09 39.74
C VAL F 248 53.78 1.12 39.30
N MET G 1 -17.66 -27.54 -25.91
CA MET G 1 -16.26 -27.04 -25.68
C MET G 1 -15.62 -27.53 -24.36
N SER G 2 -14.64 -28.43 -24.47
CA SER G 2 -14.04 -29.12 -23.32
C SER G 2 -12.79 -28.41 -22.86
N SER G 3 -12.77 -27.99 -21.60
CA SER G 3 -11.62 -27.29 -21.02
C SER G 3 -11.11 -27.86 -19.70
N THR G 4 -9.81 -27.67 -19.46
CA THR G 4 -9.14 -28.14 -18.23
C THR G 4 -9.94 -27.67 -17.00
N PRO G 5 -10.39 -28.61 -16.15
CA PRO G 5 -11.21 -28.22 -15.00
C PRO G 5 -10.44 -27.32 -14.03
N SER G 6 -11.01 -26.16 -13.67
CA SER G 6 -10.34 -25.21 -12.76
C SER G 6 -10.58 -25.57 -11.30
N ASN G 7 -11.50 -26.54 -11.15
CA ASN G 7 -11.84 -27.29 -9.93
C ASN G 7 -10.62 -28.02 -9.40
N GLN G 8 -9.85 -27.32 -8.56
CA GLN G 8 -8.57 -27.80 -8.11
C GLN G 8 -8.65 -29.06 -7.22
N ASN G 9 -8.37 -28.86 -5.93
CA ASN G 9 -7.84 -29.94 -5.06
C ASN G 9 -6.58 -30.57 -5.69
N ILE G 10 -5.73 -29.70 -6.23
CA ILE G 10 -4.29 -29.95 -6.40
C ILE G 10 -3.76 -30.57 -5.10
N ILE G 11 -2.83 -31.51 -5.25
CA ILE G 11 -2.29 -32.24 -4.10
C ILE G 11 -0.75 -32.06 -4.03
N PRO G 12 -0.26 -31.43 -2.93
CA PRO G 12 1.13 -30.96 -2.79
C PRO G 12 2.19 -31.99 -3.16
N ILE G 13 3.36 -31.49 -3.57
CA ILE G 13 4.45 -32.35 -4.00
C ILE G 13 4.91 -33.24 -2.84
N ILE G 14 4.86 -32.68 -1.62
CA ILE G 14 5.30 -33.38 -0.42
C ILE G 14 4.42 -34.59 -0.11
N LYS G 15 3.10 -34.43 -0.21
CA LYS G 15 2.18 -35.54 0.02
C LYS G 15 2.30 -36.61 -1.06
N LYS G 16 2.62 -36.19 -2.28
CA LYS G 16 2.82 -37.13 -3.38
C LYS G 16 4.01 -38.04 -3.11
N GLU G 17 5.11 -37.46 -2.63
CA GLU G 17 6.34 -38.20 -2.30
C GLU G 17 6.14 -39.24 -1.15
N SER G 18 5.16 -38.99 -0.28
CA SER G 18 4.82 -39.89 0.83
C SER G 18 4.19 -41.15 0.30
N ILE G 19 3.24 -40.96 -0.61
CA ILE G 19 2.50 -42.05 -1.22
C ILE G 19 3.41 -42.89 -2.11
N VAL G 20 4.25 -42.22 -2.89
CA VAL G 20 5.19 -42.89 -3.79
C VAL G 20 6.23 -43.71 -3.02
N SER G 21 6.71 -43.17 -1.89
CA SER G 21 7.64 -43.88 -1.02
C SER G 21 7.07 -45.19 -0.47
N LEU G 22 5.75 -45.21 -0.29
CA LEU G 22 5.04 -46.42 0.12
C LEU G 22 4.92 -47.43 -1.03
N PHE G 23 4.66 -46.92 -2.24
CA PHE G 23 4.57 -47.72 -3.46
C PHE G 23 5.87 -48.49 -3.72
N GLU G 24 6.99 -47.84 -3.44
CA GLU G 24 8.31 -48.43 -3.57
C GLU G 24 8.48 -49.61 -2.62
N LYS G 25 7.67 -49.67 -1.57
CA LYS G 25 7.67 -50.83 -0.68
C LYS G 25 6.45 -51.72 -0.94
N GLY G 26 5.77 -51.50 -2.07
CA GLY G 26 4.64 -52.34 -2.50
C GLY G 26 3.43 -52.31 -1.60
N ILE G 27 3.31 -51.25 -0.80
CA ILE G 27 2.18 -51.05 0.10
C ILE G 27 1.53 -49.68 -0.15
N ARG G 28 0.26 -49.53 0.19
CA ARG G 28 -0.44 -48.26 0.03
C ARG G 28 -0.90 -47.69 1.38
N GLN G 29 -1.48 -46.48 1.38
CA GLN G 29 -1.92 -45.78 2.62
C GLN G 29 -2.93 -46.59 3.48
N ASP G 30 -3.96 -47.11 2.81
CA ASP G 30 -4.96 -47.97 3.47
C ASP G 30 -4.35 -49.28 3.97
N GLY G 31 -3.48 -49.89 3.18
CA GLY G 31 -2.84 -51.12 3.60
C GLY G 31 -2.72 -52.16 2.53
N ARG G 32 -3.48 -52.02 1.44
CA ARG G 32 -3.50 -53.02 0.38
C ARG G 32 -2.27 -52.99 -0.53
N LYS G 33 -2.00 -54.13 -1.17
CA LYS G 33 -0.91 -54.27 -2.13
C LYS G 33 -1.22 -53.50 -3.39
N LEU G 34 -0.19 -53.28 -4.21
CA LEU G 34 -0.36 -52.48 -5.43
C LEU G 34 -1.45 -53.01 -6.37
N THR G 35 -1.81 -54.28 -6.25
CA THR G 35 -2.74 -54.93 -7.17
C THR G 35 -4.13 -55.27 -6.58
N ASP G 36 -4.37 -54.87 -5.34
CA ASP G 36 -5.61 -55.22 -4.63
C ASP G 36 -6.77 -54.29 -4.94
N TYR G 37 -7.96 -54.85 -5.04
CA TYR G 37 -9.19 -54.05 -5.07
C TYR G 37 -9.60 -53.65 -3.66
N ARG G 38 -10.39 -52.58 -3.57
CA ARG G 38 -10.94 -52.15 -2.30
C ARG G 38 -12.08 -53.08 -1.85
N PRO G 39 -12.46 -53.03 -0.56
CA PRO G 39 -13.60 -53.81 -0.06
C PRO G 39 -14.86 -53.53 -0.87
N LEU G 40 -15.60 -54.58 -1.21
CA LEU G 40 -16.76 -54.45 -2.09
C LEU G 40 -18.08 -54.89 -1.46
N SER G 41 -19.02 -53.95 -1.38
CA SER G 41 -20.37 -54.24 -0.91
C SER G 41 -21.38 -54.09 -2.04
N ILE G 42 -22.29 -55.05 -2.16
CA ILE G 42 -23.40 -54.91 -3.10
C ILE G 42 -24.68 -55.28 -2.39
N THR G 43 -25.62 -54.33 -2.41
CA THR G 43 -26.98 -54.52 -1.91
C THR G 43 -27.95 -54.47 -3.09
N LEU G 44 -28.58 -55.60 -3.38
CA LEU G 44 -29.53 -55.69 -4.49
C LEU G 44 -30.91 -55.24 -4.03
N ASP G 45 -31.76 -54.83 -4.97
CA ASP G 45 -33.15 -54.43 -4.68
C ASP G 45 -33.23 -53.21 -3.72
N TYR G 46 -32.29 -52.28 -3.84
CA TYR G 46 -32.22 -51.16 -2.90
C TYR G 46 -33.30 -50.12 -3.17
N ALA G 47 -33.44 -49.71 -4.44
CA ALA G 47 -34.50 -48.79 -4.87
C ALA G 47 -35.71 -49.61 -5.24
N LYS G 48 -36.74 -49.57 -4.40
CA LYS G 48 -37.84 -50.54 -4.50
C LYS G 48 -38.72 -50.37 -5.72
N LYS G 49 -38.84 -49.12 -6.18
CA LYS G 49 -39.70 -48.83 -7.31
C LYS G 49 -39.00 -49.02 -8.66
N ALA G 50 -37.72 -49.29 -8.62
CA ALA G 50 -37.00 -49.71 -9.81
C ALA G 50 -37.45 -51.12 -10.16
N ASP G 51 -37.36 -51.49 -11.43
CA ASP G 51 -37.65 -52.87 -11.79
C ASP G 51 -36.51 -53.76 -11.26
N GLY G 52 -35.29 -53.21 -11.25
CA GLY G 52 -34.12 -53.85 -10.66
C GLY G 52 -33.10 -52.78 -10.29
N SER G 53 -32.49 -52.92 -9.11
CA SER G 53 -31.51 -51.93 -8.63
C SER G 53 -30.37 -52.57 -7.86
N ALA G 54 -29.31 -51.81 -7.67
CA ALA G 54 -28.16 -52.26 -6.91
C ALA G 54 -27.39 -51.08 -6.38
N LEU G 55 -27.09 -51.13 -5.08
CA LEU G 55 -26.26 -50.15 -4.44
C LEU G 55 -24.89 -50.76 -4.18
N VAL G 56 -23.88 -50.18 -4.82
CA VAL G 56 -22.51 -50.70 -4.74
C VAL G 56 -21.62 -49.77 -3.87
N LYS G 57 -20.92 -50.36 -2.90
CA LYS G 57 -19.87 -49.67 -2.16
C LYS G 57 -18.53 -50.31 -2.47
N LEU G 58 -17.72 -49.59 -3.24
CA LEU G 58 -16.34 -49.99 -3.51
C LEU G 58 -15.48 -48.96 -2.81
N GLY G 59 -14.94 -49.35 -1.65
CA GLY G 59 -14.23 -48.40 -0.79
C GLY G 59 -15.17 -47.34 -0.29
N THR G 60 -14.83 -46.07 -0.50
CA THR G 60 -15.70 -44.97 -0.13
C THR G 60 -16.60 -44.52 -1.29
N THR G 61 -16.31 -45.00 -2.49
CA THR G 61 -17.15 -44.76 -3.67
C THR G 61 -18.51 -45.47 -3.53
N MET G 62 -19.59 -44.73 -3.78
CA MET G 62 -20.93 -45.31 -3.80
C MET G 62 -21.69 -45.02 -5.08
N VAL G 63 -22.12 -46.09 -5.73
CA VAL G 63 -22.96 -45.96 -6.91
C VAL G 63 -24.26 -46.72 -6.69
N LEU G 64 -25.37 -46.05 -7.03
CA LEU G 64 -26.68 -46.68 -7.07
C LEU G 64 -27.16 -46.70 -8.53
N ALA G 65 -27.43 -47.89 -9.04
CA ALA G 65 -27.92 -48.02 -10.41
C ALA G 65 -29.27 -48.70 -10.37
N GLY G 66 -30.18 -48.23 -11.22
CA GLY G 66 -31.53 -48.79 -11.28
C GLY G 66 -32.05 -48.88 -12.69
N THR G 67 -32.81 -49.94 -12.96
CA THR G 67 -33.39 -50.14 -14.28
C THR G 67 -34.88 -49.90 -14.24
N LYS G 68 -35.38 -49.40 -15.36
CA LYS G 68 -36.79 -49.12 -15.54
C LYS G 68 -37.14 -49.57 -16.97
N LEU G 69 -38.06 -50.53 -17.09
CA LEU G 69 -38.42 -51.11 -18.37
C LEU G 69 -39.65 -50.47 -18.99
N GLU G 70 -39.62 -50.29 -20.31
CA GLU G 70 -40.72 -49.67 -21.07
C GLU G 70 -40.94 -50.33 -22.41
N ILE G 71 -42.14 -50.19 -22.97
CA ILE G 71 -42.44 -50.73 -24.29
C ILE G 71 -42.52 -49.61 -25.33
N ASP G 72 -41.63 -49.66 -26.32
CA ASP G 72 -41.50 -48.63 -27.36
C ASP G 72 -41.53 -49.29 -28.72
N LYS G 73 -41.84 -48.52 -29.77
CA LYS G 73 -41.66 -48.99 -31.14
C LYS G 73 -40.15 -49.00 -31.41
N PRO G 74 -39.62 -50.10 -32.01
CA PRO G 74 -38.18 -50.15 -32.28
C PRO G 74 -37.75 -49.10 -33.32
N TYR G 75 -36.48 -48.68 -33.28
CA TYR G 75 -36.01 -47.54 -34.09
C TYR G 75 -35.83 -47.93 -35.54
N GLU G 76 -36.43 -47.17 -36.46
CA GLU G 76 -36.51 -47.53 -37.90
C GLU G 76 -35.26 -48.20 -38.47
N ASP G 77 -34.10 -47.81 -37.93
CA ASP G 77 -32.80 -48.39 -38.32
C ASP G 77 -32.62 -49.85 -37.83
N THR G 78 -32.94 -50.11 -36.56
CA THR G 78 -32.77 -51.42 -35.91
C THR G 78 -34.12 -52.05 -35.54
N PRO G 79 -34.80 -52.67 -36.52
CA PRO G 79 -36.19 -53.10 -36.34
C PRO G 79 -36.32 -54.38 -35.51
N ASN G 80 -35.25 -55.16 -35.42
CA ASN G 80 -35.25 -56.42 -34.66
C ASN G 80 -34.49 -56.42 -33.33
N GLN G 81 -34.45 -55.25 -32.69
CA GLN G 81 -33.69 -55.04 -31.47
C GLN G 81 -34.47 -54.27 -30.41
N GLY G 82 -34.26 -54.64 -29.16
CA GLY G 82 -34.66 -53.82 -28.04
C GLY G 82 -33.66 -52.70 -27.83
N ASN G 83 -33.93 -51.83 -26.88
CA ASN G 83 -33.07 -50.69 -26.63
C ASN G 83 -32.42 -50.75 -25.26
N LEU G 84 -31.18 -50.30 -25.18
CA LEU G 84 -30.53 -50.05 -23.90
C LEU G 84 -30.07 -48.60 -23.84
N ILE G 85 -30.53 -47.87 -22.84
CA ILE G 85 -30.14 -46.48 -22.68
C ILE G 85 -29.49 -46.29 -21.32
N VAL G 86 -28.16 -46.13 -21.35
CA VAL G 86 -27.38 -45.91 -20.14
C VAL G 86 -27.28 -44.42 -19.84
N ASN G 87 -27.36 -44.08 -18.56
CA ASN G 87 -27.29 -42.70 -18.16
C ASN G 87 -26.61 -42.55 -16.81
N VAL G 88 -25.56 -41.75 -16.75
CA VAL G 88 -24.78 -41.58 -15.51
C VAL G 88 -24.98 -40.17 -14.94
N GLU G 89 -25.11 -40.07 -13.61
CA GLU G 89 -25.22 -38.77 -12.95
C GLU G 89 -24.34 -38.68 -11.72
N LEU G 90 -23.44 -37.68 -11.74
CA LEU G 90 -22.55 -37.39 -10.62
C LEU G 90 -23.25 -36.35 -9.77
N LEU G 91 -23.16 -36.48 -8.44
CA LEU G 91 -23.96 -35.64 -7.55
C LEU G 91 -23.19 -34.69 -6.65
N PRO G 92 -22.00 -35.08 -6.18
CA PRO G 92 -21.20 -34.22 -5.29
C PRO G 92 -20.82 -32.83 -5.84
N ASP G 104 -23.25 -33.43 -18.07
CA ASP G 104 -21.93 -33.01 -17.59
C ASP G 104 -20.85 -33.09 -18.70
N GLU G 105 -20.01 -34.13 -18.66
CA GLU G 105 -18.88 -34.37 -19.57
C GLU G 105 -18.11 -35.63 -19.13
N ASN G 106 -17.84 -35.73 -17.84
CA ASN G 106 -17.28 -36.95 -17.30
C ASN G 106 -18.39 -37.94 -17.13
N ALA G 107 -19.58 -37.43 -16.80
CA ALA G 107 -20.80 -38.23 -16.73
C ALA G 107 -21.10 -38.90 -18.08
N ILE G 108 -21.17 -38.08 -19.13
CA ILE G 108 -21.38 -38.55 -20.50
C ILE G 108 -20.34 -39.61 -20.87
N GLU G 109 -19.08 -39.35 -20.59
CA GLU G 109 -18.00 -40.28 -20.89
C GLU G 109 -18.18 -41.59 -20.11
N LEU G 110 -18.58 -41.49 -18.85
CA LEU G 110 -18.82 -42.66 -18.04
C LEU G 110 -19.96 -43.50 -18.58
N ALA G 111 -21.01 -42.82 -19.01
CA ALA G 111 -22.20 -43.47 -19.59
C ALA G 111 -21.80 -44.27 -20.83
N ARG G 112 -21.03 -43.63 -21.71
CA ARG G 112 -20.67 -44.24 -22.99
C ARG G 112 -19.78 -45.43 -22.79
N VAL G 113 -18.82 -45.31 -21.89
CA VAL G 113 -17.87 -46.40 -21.64
C VAL G 113 -18.59 -47.64 -21.08
N VAL G 114 -19.53 -47.42 -20.17
CA VAL G 114 -20.32 -48.50 -19.62
C VAL G 114 -21.20 -49.10 -20.72
N ASP G 115 -21.96 -48.23 -21.39
CA ASP G 115 -22.82 -48.65 -22.51
C ASP G 115 -22.04 -49.56 -23.45
N ARG G 116 -20.94 -49.03 -23.99
CA ARG G 116 -20.12 -49.74 -24.96
C ARG G 116 -19.73 -51.13 -24.52
N SER G 117 -19.37 -51.30 -23.25
CA SER G 117 -18.87 -52.59 -22.80
C SER G 117 -19.99 -53.59 -22.47
N LEU G 118 -21.18 -53.06 -22.20
CA LEU G 118 -22.34 -53.91 -22.01
C LEU G 118 -22.93 -54.36 -23.36
N ARG G 119 -22.77 -53.52 -24.37
CA ARG G 119 -23.35 -53.73 -25.68
C ARG G 119 -22.43 -54.58 -26.57
N ASP G 120 -21.15 -54.21 -26.66
CA ASP G 120 -20.18 -54.90 -27.52
C ASP G 120 -19.85 -56.31 -27.03
N SER G 121 -19.94 -56.51 -25.72
CA SER G 121 -19.76 -57.84 -25.13
C SER G 121 -20.96 -58.72 -25.42
N LYS G 122 -22.10 -58.07 -25.71
CA LYS G 122 -23.40 -58.71 -25.80
C LYS G 122 -23.71 -59.45 -24.50
N ALA G 123 -23.38 -58.80 -23.39
CA ALA G 123 -23.72 -59.28 -22.06
C ALA G 123 -25.23 -59.21 -21.90
N LEU G 124 -25.81 -58.15 -22.44
CA LEU G 124 -27.24 -58.08 -22.63
C LEU G 124 -27.53 -58.30 -24.12
N ASP G 125 -28.40 -59.26 -24.41
CA ASP G 125 -28.79 -59.52 -25.78
C ASP G 125 -30.03 -58.70 -26.11
N LEU G 126 -29.84 -57.66 -26.91
CA LEU G 126 -30.93 -56.75 -27.27
C LEU G 126 -31.93 -57.38 -28.24
N THR G 127 -31.49 -58.39 -28.99
CA THR G 127 -32.35 -59.01 -29.98
C THR G 127 -33.39 -59.93 -29.33
N LYS G 128 -33.22 -60.21 -28.04
CA LYS G 128 -34.19 -61.00 -27.29
C LYS G 128 -35.26 -60.14 -26.61
N LEU G 129 -35.04 -58.83 -26.62
CA LEU G 129 -35.98 -57.88 -26.02
C LEU G 129 -37.04 -57.44 -27.02
N VAL G 130 -37.32 -58.29 -28.01
CA VAL G 130 -38.36 -58.01 -29.00
C VAL G 130 -39.65 -58.69 -28.57
N ILE G 131 -40.77 -57.96 -28.65
CA ILE G 131 -42.07 -58.56 -28.36
C ILE G 131 -42.78 -58.97 -29.68
N GLU G 132 -43.17 -58.02 -30.52
CA GLU G 132 -43.71 -58.33 -31.85
C GLU G 132 -42.93 -57.54 -32.92
N PRO G 133 -41.93 -58.17 -33.57
CA PRO G 133 -40.86 -57.56 -34.39
C PRO G 133 -41.36 -56.41 -35.24
N GLY G 134 -40.64 -55.29 -35.23
CA GLY G 134 -41.04 -54.10 -35.98
C GLY G 134 -42.18 -53.29 -35.34
N LYS G 135 -42.99 -53.95 -34.53
CA LYS G 135 -44.13 -53.29 -33.86
C LYS G 135 -43.77 -52.77 -32.47
N SER G 136 -43.30 -53.66 -31.59
CA SER G 136 -43.02 -53.28 -30.20
C SER G 136 -41.89 -54.08 -29.53
N VAL G 137 -40.99 -53.36 -28.85
CA VAL G 137 -39.84 -53.92 -28.16
C VAL G 137 -39.70 -53.32 -26.77
N TRP G 138 -38.94 -54.00 -25.90
CA TRP G 138 -38.56 -53.46 -24.61
C TRP G 138 -37.45 -52.44 -24.74
N THR G 139 -37.53 -51.36 -23.97
CA THR G 139 -36.45 -50.39 -23.82
C THR G 139 -35.98 -50.49 -22.37
N VAL G 140 -34.71 -50.80 -22.18
CA VAL G 140 -34.13 -50.87 -20.85
C VAL G 140 -33.48 -49.53 -20.47
N TRP G 141 -34.09 -48.81 -19.54
CA TRP G 141 -33.48 -47.60 -19.04
C TRP G 141 -32.59 -47.94 -17.85
N LEU G 142 -31.29 -47.74 -18.02
CA LEU G 142 -30.33 -47.93 -16.95
C LEU G 142 -29.87 -46.56 -16.48
N ASP G 143 -30.09 -46.27 -15.20
CA ASP G 143 -29.68 -45.00 -14.66
C ASP G 143 -28.76 -45.22 -13.48
N VAL G 144 -27.56 -44.64 -13.59
CA VAL G 144 -26.50 -44.85 -12.62
C VAL G 144 -26.21 -43.56 -11.85
N TYR G 145 -26.30 -43.63 -10.53
CA TYR G 145 -26.14 -42.44 -9.69
C TYR G 145 -24.94 -42.54 -8.76
N VAL G 146 -23.94 -41.71 -9.02
CA VAL G 146 -22.76 -41.64 -8.16
C VAL G 146 -23.10 -40.72 -7.01
N LEU G 147 -23.14 -41.30 -5.81
CA LEU G 147 -23.52 -40.60 -4.59
C LEU G 147 -22.30 -40.15 -3.79
N ASP G 148 -21.25 -40.97 -3.83
CA ASP G 148 -20.04 -40.70 -3.07
C ASP G 148 -18.85 -40.87 -4.01
N TYR G 149 -18.15 -39.78 -4.30
CA TYR G 149 -17.02 -39.84 -5.22
C TYR G 149 -15.75 -40.21 -4.46
N GLY G 150 -15.48 -41.50 -4.36
CA GLY G 150 -14.32 -41.97 -3.64
C GLY G 150 -13.17 -42.41 -4.54
N GLY G 151 -13.25 -42.07 -5.82
CA GLY G 151 -12.21 -42.45 -6.78
C GLY G 151 -12.51 -43.78 -7.45
N ASN G 152 -12.05 -43.91 -8.69
CA ASN G 152 -12.32 -45.08 -9.53
C ASN G 152 -13.82 -45.33 -9.69
N VAL G 153 -14.51 -44.26 -10.05
CA VAL G 153 -15.95 -44.26 -10.19
C VAL G 153 -16.40 -45.20 -11.31
N LEU G 154 -15.61 -45.28 -12.37
CA LEU G 154 -15.89 -46.16 -13.52
C LEU G 154 -16.07 -47.64 -13.17
N ASP G 155 -15.20 -48.17 -12.34
CA ASP G 155 -15.25 -49.58 -11.98
C ASP G 155 -16.49 -49.89 -11.17
N ALA G 156 -16.83 -48.97 -10.29
CA ALA G 156 -18.02 -49.06 -9.46
C ALA G 156 -19.29 -48.96 -10.30
N CYS G 157 -19.25 -48.13 -11.34
CA CYS G 157 -20.39 -47.97 -12.26
C CYS G 157 -20.69 -49.24 -13.02
N THR G 158 -19.66 -49.82 -13.64
CA THR G 158 -19.79 -51.10 -14.33
C THR G 158 -20.40 -52.16 -13.42
N LEU G 159 -19.96 -52.19 -12.16
CA LEU G 159 -20.47 -53.15 -11.19
C LEU G 159 -21.94 -52.91 -10.86
N ALA G 160 -22.26 -51.68 -10.50
CA ALA G 160 -23.63 -51.30 -10.21
C ALA G 160 -24.55 -51.60 -11.39
N SER G 161 -24.14 -51.22 -12.59
CA SER G 161 -24.90 -51.45 -13.80
C SER G 161 -25.21 -52.93 -13.99
N VAL G 162 -24.16 -53.75 -14.12
CA VAL G 162 -24.29 -55.20 -14.26
C VAL G 162 -25.22 -55.77 -13.19
N ALA G 163 -25.00 -55.38 -11.93
CA ALA G 163 -25.81 -55.85 -10.81
C ALA G 163 -27.26 -55.44 -10.96
N ALA G 164 -27.49 -54.21 -11.39
CA ALA G 164 -28.86 -53.71 -11.52
C ALA G 164 -29.60 -54.48 -12.63
N LEU G 165 -28.87 -54.86 -13.69
CA LEU G 165 -29.45 -55.61 -14.79
C LEU G 165 -29.82 -57.03 -14.34
N TYR G 166 -28.97 -57.61 -13.51
CA TYR G 166 -29.17 -58.97 -13.04
C TYR G 166 -30.30 -59.04 -12.03
N ASN G 167 -30.61 -57.89 -11.44
CA ASN G 167 -31.67 -57.81 -10.46
C ASN G 167 -33.03 -57.49 -11.10
N THR G 168 -32.99 -57.11 -12.37
CA THR G 168 -34.17 -56.65 -13.10
C THR G 168 -35.22 -57.73 -13.29
N LYS G 169 -36.46 -57.37 -13.02
CA LYS G 169 -37.63 -58.22 -13.19
C LYS G 169 -38.47 -57.77 -14.39
N VAL G 170 -38.78 -58.70 -15.30
CA VAL G 170 -39.62 -58.38 -16.47
C VAL G 170 -41.06 -58.77 -16.18
N TYR G 171 -42.00 -57.99 -16.70
CA TYR G 171 -43.41 -58.18 -16.38
C TYR G 171 -44.25 -58.79 -17.52
N LYS G 172 -45.49 -59.17 -17.20
CA LYS G 172 -46.40 -59.76 -18.18
C LYS G 172 -46.88 -58.73 -19.19
N VAL G 173 -46.91 -59.12 -20.46
CA VAL G 173 -47.30 -58.21 -21.53
C VAL G 173 -48.72 -58.53 -21.99
N GLU G 174 -49.64 -57.61 -21.71
CA GLU G 174 -51.06 -57.80 -22.06
C GLU G 174 -51.36 -57.56 -23.55
N GLN G 175 -51.65 -58.65 -24.27
CA GLN G 175 -51.98 -58.59 -25.70
C GLN G 175 -53.45 -58.24 -25.96
N ILE G 180 -49.62 -54.87 -25.82
CA ILE G 180 -50.45 -53.65 -25.83
C ILE G 180 -50.31 -52.84 -24.55
N SER G 181 -50.25 -53.53 -23.41
CA SER G 181 -50.12 -52.90 -22.08
C SER G 181 -49.35 -53.81 -21.12
N VAL G 182 -48.69 -53.19 -20.13
CA VAL G 182 -47.89 -53.93 -19.15
C VAL G 182 -48.70 -54.17 -17.86
N ASN G 183 -48.70 -55.40 -17.37
CA ASN G 183 -49.31 -55.72 -16.10
C ASN G 183 -48.22 -55.92 -15.05
N LYS G 184 -47.95 -54.85 -14.29
CA LYS G 184 -46.74 -54.75 -13.47
C LYS G 184 -46.72 -55.52 -12.14
N ASN G 185 -47.72 -56.36 -11.89
CA ASN G 185 -47.71 -57.20 -10.68
C ASN G 185 -47.66 -58.72 -10.93
N GLU G 186 -47.50 -59.09 -12.21
CA GLU G 186 -47.14 -60.45 -12.58
C GLU G 186 -45.73 -60.43 -13.17
N VAL G 187 -44.83 -61.18 -12.55
CA VAL G 187 -43.43 -61.25 -13.01
C VAL G 187 -43.21 -62.47 -13.92
N VAL G 188 -42.85 -62.20 -15.17
CA VAL G 188 -42.65 -63.24 -16.18
C VAL G 188 -41.26 -63.89 -16.05
N GLY G 189 -40.23 -63.07 -15.96
CA GLY G 189 -38.86 -63.59 -15.87
C GLY G 189 -37.85 -62.48 -15.74
N LYS G 190 -36.69 -62.70 -16.32
CA LYS G 190 -35.60 -61.78 -16.14
C LYS G 190 -35.04 -61.31 -17.47
N LEU G 191 -34.02 -60.48 -17.41
CA LEU G 191 -33.39 -60.00 -18.63
C LEU G 191 -32.55 -61.06 -19.32
N PRO G 192 -32.55 -61.08 -20.67
CA PRO G 192 -31.68 -61.95 -21.44
C PRO G 192 -30.22 -61.54 -21.27
N LEU G 193 -29.61 -62.01 -20.19
CA LEU G 193 -28.22 -61.69 -19.88
C LEU G 193 -27.32 -62.88 -20.10
N ASN G 194 -26.30 -62.69 -20.94
CA ASN G 194 -25.39 -63.77 -21.26
C ASN G 194 -24.36 -64.04 -20.17
N TYR G 195 -23.80 -62.96 -19.62
CA TYR G 195 -22.79 -63.03 -18.57
C TYR G 195 -22.52 -61.64 -17.97
N PRO G 196 -21.98 -61.59 -16.74
CA PRO G 196 -21.54 -60.31 -16.20
C PRO G 196 -20.30 -59.80 -16.91
N VAL G 197 -19.99 -58.52 -16.71
CA VAL G 197 -18.81 -57.87 -17.29
C VAL G 197 -18.14 -57.07 -16.17
N VAL G 198 -16.82 -57.13 -16.07
CA VAL G 198 -16.11 -56.26 -15.11
C VAL G 198 -15.21 -55.26 -15.82
N THR G 199 -15.08 -54.07 -15.23
CA THR G 199 -14.10 -53.10 -15.70
C THR G 199 -13.06 -52.89 -14.62
N ILE G 200 -11.78 -53.04 -15.00
CA ILE G 200 -10.66 -52.87 -14.07
C ILE G 200 -9.81 -51.69 -14.52
N SER G 201 -9.71 -50.70 -13.63
CA SER G 201 -8.86 -49.50 -13.82
C SER G 201 -7.49 -49.68 -13.17
N VAL G 202 -6.46 -49.45 -13.96
CA VAL G 202 -5.10 -49.48 -13.48
C VAL G 202 -4.53 -48.07 -13.63
N ALA G 203 -4.11 -47.48 -12.51
CA ALA G 203 -3.52 -46.15 -12.49
C ALA G 203 -2.01 -46.23 -12.58
N LYS G 204 -1.42 -45.27 -13.28
CA LYS G 204 0.02 -45.19 -13.39
C LYS G 204 0.47 -43.99 -12.57
N VAL G 205 0.86 -44.26 -11.32
CA VAL G 205 1.41 -43.23 -10.45
C VAL G 205 2.92 -43.34 -10.44
N ASP G 206 3.58 -42.27 -10.89
CA ASP G 206 5.04 -42.22 -10.97
C ASP G 206 5.57 -43.27 -11.93
N LYS G 207 6.16 -44.33 -11.38
CA LYS G 207 6.64 -45.48 -12.18
C LYS G 207 6.01 -46.82 -11.74
N TYR G 208 4.90 -46.73 -11.00
CA TYR G 208 4.23 -47.91 -10.48
C TYR G 208 2.85 -48.03 -11.10
N LEU G 209 2.35 -49.27 -11.22
CA LEU G 209 0.98 -49.51 -11.66
C LEU G 209 0.17 -49.97 -10.48
N VAL G 210 -0.99 -49.35 -10.31
CA VAL G 210 -1.81 -49.50 -9.13
C VAL G 210 -3.26 -49.84 -9.53
N VAL G 211 -3.76 -50.97 -9.04
CA VAL G 211 -5.11 -51.43 -9.36
C VAL G 211 -6.14 -50.70 -8.48
N ASP G 212 -7.24 -50.25 -9.10
CA ASP G 212 -8.34 -49.57 -8.39
C ASP G 212 -7.80 -48.44 -7.50
N PRO G 213 -7.45 -47.29 -8.11
CA PRO G 213 -6.93 -46.16 -7.34
C PRO G 213 -8.03 -45.49 -6.53
N ASP G 214 -7.72 -45.12 -5.28
CA ASP G 214 -8.65 -44.38 -4.43
C ASP G 214 -8.64 -42.89 -4.77
N LEU G 215 -9.27 -42.07 -3.92
CA LEU G 215 -9.37 -40.65 -4.16
C LEU G 215 -8.01 -39.94 -4.26
N ASP G 216 -7.14 -40.21 -3.30
CA ASP G 216 -5.78 -39.68 -3.26
C ASP G 216 -4.90 -40.11 -4.44
N GLU G 217 -4.95 -41.40 -4.76
CA GLU G 217 -4.12 -41.97 -5.82
C GLU G 217 -4.49 -41.43 -7.19
N GLU G 218 -5.77 -41.16 -7.39
CA GLU G 218 -6.24 -40.60 -8.66
C GLU G 218 -5.75 -39.15 -8.88
N SER G 219 -5.55 -38.40 -7.79
CA SER G 219 -5.14 -37.01 -7.95
C SER G 219 -3.62 -36.85 -8.11
N ILE G 220 -2.87 -37.93 -7.92
CA ILE G 220 -1.41 -37.89 -8.10
C ILE G 220 -0.92 -38.71 -9.30
N MET G 221 -1.86 -39.40 -9.95
CA MET G 221 -1.54 -40.28 -11.07
C MET G 221 -1.26 -39.50 -12.34
N ASP G 222 -0.50 -40.11 -13.24
CA ASP G 222 -0.23 -39.54 -14.55
C ASP G 222 -1.45 -39.72 -15.45
N ALA G 223 -1.84 -40.99 -15.61
CA ALA G 223 -3.04 -41.35 -16.33
C ALA G 223 -3.52 -42.70 -15.82
N LYS G 224 -4.79 -43.03 -16.05
CA LYS G 224 -5.29 -44.38 -15.76
C LYS G 224 -5.85 -45.03 -17.00
N ILE G 225 -5.79 -46.35 -17.05
CA ILE G 225 -6.33 -47.10 -18.18
C ILE G 225 -7.31 -48.19 -17.70
N SER G 226 -8.46 -48.30 -18.36
CA SER G 226 -9.53 -49.16 -17.88
C SER G 226 -9.80 -50.25 -18.87
N PHE G 227 -9.82 -51.49 -18.39
CA PHE G 227 -10.04 -52.66 -19.24
C PHE G 227 -11.31 -53.37 -18.83
N SER G 228 -12.16 -53.65 -19.82
CA SER G 228 -13.40 -54.38 -19.61
C SER G 228 -13.23 -55.82 -20.04
N TYR G 229 -13.71 -56.75 -19.22
CA TYR G 229 -13.56 -58.18 -19.49
C TYR G 229 -14.85 -58.98 -19.35
N THR G 230 -15.02 -59.95 -20.25
CA THR G 230 -16.06 -60.97 -20.11
C THR G 230 -15.46 -62.10 -19.28
N PRO G 231 -16.30 -63.01 -18.72
CA PRO G 231 -15.80 -64.10 -17.88
C PRO G 231 -14.78 -65.04 -18.54
N ASP G 232 -14.84 -65.16 -19.87
CA ASP G 232 -13.87 -65.99 -20.61
C ASP G 232 -12.53 -65.27 -20.73
N LEU G 233 -12.51 -63.99 -20.34
CA LEU G 233 -11.33 -63.09 -20.37
C LEU G 233 -11.00 -62.51 -21.76
N LYS G 234 -12.05 -62.11 -22.46
CA LYS G 234 -11.92 -61.37 -23.69
C LYS G 234 -11.98 -59.90 -23.32
N ILE G 235 -11.04 -59.11 -23.84
CA ILE G 235 -11.05 -57.65 -23.67
C ILE G 235 -12.18 -57.10 -24.50
N VAL G 236 -13.03 -56.33 -23.85
CA VAL G 236 -14.30 -55.93 -24.42
C VAL G 236 -14.43 -54.40 -24.47
N GLY G 237 -13.43 -53.70 -23.91
CA GLY G 237 -13.36 -52.25 -23.90
C GLY G 237 -12.13 -51.74 -23.19
N ILE G 238 -11.46 -50.76 -23.82
CA ILE G 238 -10.34 -50.07 -23.18
C ILE G 238 -10.52 -48.57 -23.27
N GLN G 239 -10.27 -47.91 -22.14
CA GLN G 239 -10.35 -46.46 -22.08
C GLN G 239 -9.18 -45.87 -21.29
N LYS G 240 -8.25 -45.25 -22.01
CA LYS G 240 -7.24 -44.43 -21.35
C LYS G 240 -7.88 -43.12 -20.91
N SER G 241 -7.49 -42.66 -19.72
CA SER G 241 -8.14 -41.53 -19.08
C SER G 241 -7.15 -40.81 -18.16
N GLY G 242 -7.16 -39.49 -18.18
CA GLY G 242 -6.25 -38.74 -17.33
C GLY G 242 -5.42 -37.75 -18.12
N LYS G 243 -4.89 -36.74 -17.42
CA LYS G 243 -4.18 -35.59 -18.01
C LYS G 243 -2.74 -35.86 -18.46
N GLY G 244 -2.30 -37.10 -18.28
CA GLY G 244 -0.93 -37.46 -18.60
C GLY G 244 -0.79 -38.59 -19.58
N SER G 245 0.42 -39.12 -19.69
CA SER G 245 0.71 -40.17 -20.64
C SER G 245 1.26 -41.42 -20.00
N MET G 246 1.30 -42.51 -20.76
CA MET G 246 1.72 -43.81 -20.29
C MET G 246 2.63 -44.45 -21.33
N SER G 247 3.63 -45.21 -20.90
CA SER G 247 4.54 -45.83 -21.87
C SER G 247 3.96 -47.09 -22.49
N LEU G 248 4.62 -47.61 -23.51
CA LEU G 248 4.14 -48.79 -24.21
C LEU G 248 4.15 -50.02 -23.31
N GLN G 249 5.25 -50.21 -22.60
CA GLN G 249 5.42 -51.36 -21.73
C GLN G 249 4.49 -51.26 -20.52
N ASP G 250 4.05 -50.04 -20.21
CA ASP G 250 3.10 -49.79 -19.13
C ASP G 250 1.73 -50.34 -19.43
N ILE G 251 1.21 -50.01 -20.61
CA ILE G 251 -0.10 -50.50 -21.05
C ILE G 251 -0.11 -52.03 -21.15
N ASP G 252 1.00 -52.60 -21.65
CA ASP G 252 1.20 -54.03 -21.72
C ASP G 252 1.07 -54.66 -20.32
N GLN G 253 1.94 -54.24 -19.40
CA GLN G 253 1.91 -54.71 -18.02
C GLN G 253 0.57 -54.45 -17.33
N ALA G 254 0.02 -53.27 -17.55
CA ALA G 254 -1.25 -52.90 -16.93
C ALA G 254 -2.29 -53.97 -17.23
N GLU G 255 -2.37 -54.38 -18.50
CA GLU G 255 -3.41 -55.30 -18.92
C GLU G 255 -3.24 -56.70 -18.30
N ASN G 256 -2.00 -57.15 -18.15
CA ASN G 256 -1.74 -58.42 -17.44
C ASN G 256 -2.30 -58.35 -16.04
N THR G 257 -1.97 -57.26 -15.36
CA THR G 257 -2.42 -57.04 -14.01
C THR G 257 -3.92 -56.97 -14.03
N ALA G 258 -4.47 -56.11 -14.90
CA ALA G 258 -5.92 -55.92 -15.01
C ALA G 258 -6.68 -57.22 -15.18
N ARG G 259 -6.11 -58.13 -15.97
CA ARG G 259 -6.77 -59.38 -16.32
C ARG G 259 -6.75 -60.39 -15.19
N SER G 260 -5.59 -60.53 -14.53
CA SER G 260 -5.49 -61.47 -13.42
C SER G 260 -6.30 -60.97 -12.21
N THR G 261 -6.58 -59.67 -12.19
CA THR G 261 -7.47 -59.07 -11.20
C THR G 261 -8.92 -59.40 -11.54
N ALA G 262 -9.24 -59.29 -12.83
CA ALA G 262 -10.59 -59.52 -13.33
C ALA G 262 -11.18 -60.85 -12.87
N VAL G 263 -10.36 -61.90 -12.85
CA VAL G 263 -10.77 -63.23 -12.44
C VAL G 263 -11.29 -63.18 -11.00
N LYS G 264 -10.46 -62.62 -10.12
CA LYS G 264 -10.84 -62.40 -8.73
C LYS G 264 -12.18 -61.65 -8.63
N LEU G 265 -12.22 -60.44 -9.19
CA LEU G 265 -13.39 -59.55 -9.11
C LEU G 265 -14.67 -60.20 -9.64
N LEU G 266 -14.56 -60.94 -10.73
CA LEU G 266 -15.70 -61.64 -11.31
C LEU G 266 -16.30 -62.68 -10.37
N GLU G 267 -15.45 -63.50 -9.73
CA GLU G 267 -15.95 -64.46 -8.75
C GLU G 267 -16.73 -63.71 -7.69
N GLU G 268 -16.11 -62.65 -7.16
CA GLU G 268 -16.70 -61.91 -6.06
C GLU G 268 -18.02 -61.27 -6.47
N LEU G 269 -18.06 -60.69 -7.67
CA LEU G 269 -19.31 -60.12 -8.21
C LEU G 269 -20.39 -61.20 -8.27
N LYS G 270 -20.03 -62.39 -8.73
CA LYS G 270 -20.98 -63.48 -8.88
C LYS G 270 -21.54 -63.94 -7.55
N LYS G 271 -20.70 -63.95 -6.52
CA LYS G 271 -21.17 -64.30 -5.17
C LYS G 271 -22.27 -63.36 -4.68
N HIS G 272 -22.09 -62.06 -4.93
CA HIS G 272 -23.10 -61.05 -4.59
C HIS G 272 -24.40 -61.24 -5.37
N LEU G 273 -24.31 -61.57 -6.65
CA LEU G 273 -25.51 -61.73 -7.50
C LEU G 273 -26.27 -63.04 -7.23
N GLY G 274 -25.58 -63.99 -6.62
CA GLY G 274 -26.07 -65.37 -6.53
C GLY G 274 -25.76 -66.12 -7.82
N ILE G 275 -24.46 -66.23 -8.14
CA ILE G 275 -23.95 -66.52 -9.52
C ILE G 275 -24.63 -65.62 -10.59
N GLY H 17 -5.32 -62.28 -49.31
CA GLY H 17 -6.20 -61.23 -49.92
C GLY H 17 -6.13 -59.89 -49.21
N LYS H 18 -6.53 -58.83 -49.91
CA LYS H 18 -6.51 -57.46 -49.40
C LYS H 18 -7.87 -57.01 -48.85
N ARG H 19 -8.07 -55.70 -48.78
CA ARG H 19 -9.24 -55.12 -48.12
C ARG H 19 -10.21 -54.48 -49.12
N THR H 20 -11.30 -53.93 -48.61
CA THR H 20 -12.33 -53.26 -49.40
C THR H 20 -11.82 -52.11 -50.29
N ASP H 21 -10.82 -51.37 -49.79
CA ASP H 21 -10.23 -50.26 -50.55
C ASP H 21 -8.94 -50.64 -51.29
N GLY H 22 -8.69 -51.95 -51.39
CA GLY H 22 -7.55 -52.46 -52.13
C GLY H 22 -6.22 -52.38 -51.40
N ARG H 23 -6.27 -52.18 -50.08
CA ARG H 23 -5.05 -52.15 -49.26
C ARG H 23 -4.77 -53.50 -48.61
N LYS H 24 -3.49 -53.83 -48.46
CA LYS H 24 -3.08 -54.96 -47.63
C LYS H 24 -3.33 -54.63 -46.14
N PRO H 25 -3.38 -55.65 -45.26
CA PRO H 25 -3.63 -55.40 -43.84
C PRO H 25 -2.62 -54.48 -43.12
N ASP H 26 -1.42 -54.28 -43.67
CA ASP H 26 -0.43 -53.40 -43.02
C ASP H 26 -0.06 -52.15 -43.84
N GLU H 27 -1.03 -51.58 -44.52
CA GLU H 27 -0.79 -50.38 -45.32
C GLU H 27 -1.60 -49.20 -44.80
N LEU H 28 -0.96 -48.05 -44.75
CA LEU H 28 -1.64 -46.81 -44.40
C LEU H 28 -2.42 -46.27 -45.60
N ARG H 29 -3.38 -45.42 -45.32
CA ARG H 29 -4.03 -44.64 -46.35
C ARG H 29 -3.08 -43.54 -46.77
N SER H 30 -3.42 -42.83 -47.85
CA SER H 30 -2.61 -41.69 -48.28
C SER H 30 -2.66 -40.57 -47.25
N ILE H 31 -1.53 -39.88 -47.06
CA ILE H 31 -1.44 -38.81 -46.09
C ILE H 31 -1.12 -37.48 -46.76
N LYS H 32 -1.82 -36.44 -46.33
CA LYS H 32 -1.54 -35.07 -46.76
C LYS H 32 -1.52 -34.13 -45.55
N ILE H 33 -0.44 -33.37 -45.40
CA ILE H 33 -0.32 -32.41 -44.31
C ILE H 33 0.09 -31.06 -44.87
N GLU H 34 -0.65 -30.00 -44.50
CA GLU H 34 -0.15 -28.64 -44.71
C GLU H 34 -0.35 -27.71 -43.54
N LEU H 35 0.66 -26.88 -43.30
CA LEU H 35 0.75 -26.04 -42.13
C LEU H 35 0.59 -24.55 -42.43
N GLY H 36 0.10 -23.81 -41.44
CA GLY H 36 -0.05 -22.36 -41.51
C GLY H 36 -1.00 -21.96 -42.61
N VAL H 37 -2.11 -22.68 -42.71
CA VAL H 37 -3.07 -22.47 -43.79
C VAL H 37 -4.09 -21.35 -43.45
N LEU H 38 -4.30 -21.11 -42.15
CA LEU H 38 -5.15 -20.01 -41.68
C LEU H 38 -4.30 -18.81 -41.27
N LYS H 39 -4.53 -17.65 -41.88
CA LYS H 39 -3.72 -16.46 -41.59
C LYS H 39 -3.98 -15.91 -40.19
N ASN H 40 -5.26 -15.75 -39.84
CA ASN H 40 -5.66 -15.08 -38.59
C ASN H 40 -5.57 -15.95 -37.31
N ALA H 41 -5.11 -17.18 -37.48
CA ALA H 41 -4.85 -18.07 -36.36
C ALA H 41 -3.41 -17.94 -35.96
N ASP H 42 -3.07 -18.30 -34.72
CA ASP H 42 -1.68 -18.26 -34.29
C ASP H 42 -0.89 -19.49 -34.75
N GLY H 43 -1.61 -20.58 -35.00
CA GLY H 43 -1.07 -21.76 -35.67
C GLY H 43 -2.22 -22.53 -36.30
N SER H 44 -1.99 -23.09 -37.48
CA SER H 44 -3.02 -23.88 -38.18
C SER H 44 -2.43 -25.06 -38.96
N ALA H 45 -3.27 -26.04 -39.25
CA ALA H 45 -2.86 -27.22 -40.02
C ALA H 45 -4.06 -27.95 -40.57
N ILE H 46 -3.89 -28.53 -41.76
CA ILE H 46 -4.87 -29.45 -42.33
C ILE H 46 -4.19 -30.81 -42.41
N PHE H 47 -4.86 -31.85 -41.96
CA PHE H 47 -4.34 -33.20 -42.01
C PHE H 47 -5.35 -34.09 -42.71
N GLU H 48 -4.90 -34.96 -43.61
CA GLU H 48 -5.81 -35.80 -44.42
C GLU H 48 -5.35 -37.27 -44.52
N MET H 49 -5.97 -38.15 -43.74
CA MET H 49 -5.71 -39.56 -43.87
C MET H 49 -6.75 -40.18 -44.77
N GLY H 50 -6.35 -40.43 -46.01
CA GLY H 50 -7.26 -40.96 -47.02
C GLY H 50 -8.38 -39.98 -47.23
N ASN H 51 -9.56 -40.35 -46.78
CA ASN H 51 -10.73 -39.49 -46.92
C ASN H 51 -11.12 -38.72 -45.65
N THR H 52 -10.34 -38.87 -44.60
CA THR H 52 -10.61 -38.11 -43.39
C THR H 52 -9.73 -36.85 -43.35
N LYS H 53 -10.36 -35.68 -43.52
CA LYS H 53 -9.66 -34.38 -43.55
C LYS H 53 -10.11 -33.44 -42.43
N ALA H 54 -9.19 -33.14 -41.52
CA ALA H 54 -9.44 -32.26 -40.39
C ALA H 54 -8.65 -30.98 -40.52
N ILE H 55 -9.25 -29.87 -40.09
CA ILE H 55 -8.55 -28.60 -39.98
C ILE H 55 -8.46 -28.18 -38.50
N ALA H 56 -7.29 -27.69 -38.09
CA ALA H 56 -7.09 -27.27 -36.71
C ALA H 56 -6.51 -25.87 -36.62
N ALA H 57 -7.12 -25.05 -35.78
CA ALA H 57 -6.64 -23.69 -35.54
C ALA H 57 -6.28 -23.56 -34.06
N VAL H 58 -5.19 -22.84 -33.79
CA VAL H 58 -4.76 -22.56 -32.42
C VAL H 58 -4.74 -21.06 -32.24
N TYR H 59 -5.39 -20.58 -31.17
CA TYR H 59 -5.27 -19.17 -30.79
C TYR H 59 -4.43 -19.05 -29.53
N GLY H 60 -3.16 -18.64 -29.75
CA GLY H 60 -1.99 -18.82 -28.86
C GLY H 60 -2.12 -18.24 -27.46
N PRO H 61 -1.17 -18.58 -26.56
CA PRO H 61 -1.31 -18.25 -25.14
C PRO H 61 -1.80 -16.80 -24.91
N LYS H 62 -2.91 -16.64 -24.18
CA LYS H 62 -3.46 -15.30 -23.89
C LYS H 62 -4.22 -15.28 -22.56
N GLU H 63 -4.33 -14.10 -21.97
CA GLU H 63 -5.05 -13.91 -20.69
C GLU H 63 -6.42 -14.58 -20.74
N MET H 64 -6.86 -15.14 -19.62
CA MET H 64 -8.17 -15.80 -19.65
C MET H 64 -9.35 -14.90 -19.29
N HIS H 65 -10.40 -15.03 -20.11
CA HIS H 65 -11.60 -14.17 -20.03
C HIS H 65 -12.11 -13.95 -18.59
N PRO H 66 -12.78 -14.95 -17.98
CA PRO H 66 -13.15 -14.82 -16.56
C PRO H 66 -12.04 -15.42 -15.69
N ARG H 67 -11.30 -14.56 -15.02
CA ARG H 67 -10.05 -14.96 -14.36
C ARG H 67 -10.17 -16.09 -13.32
N HIS H 68 -11.35 -16.30 -12.77
CA HIS H 68 -11.57 -17.35 -11.76
C HIS H 68 -11.47 -18.76 -12.36
N LEU H 69 -11.59 -18.86 -13.68
CA LEU H 69 -11.51 -20.13 -14.40
C LEU H 69 -10.09 -20.46 -14.87
N SER H 70 -9.17 -19.51 -14.71
CA SER H 70 -7.77 -19.73 -15.09
C SER H 70 -7.03 -20.50 -14.00
N LEU H 71 -5.84 -20.97 -14.33
CA LEU H 71 -5.05 -21.72 -13.37
C LEU H 71 -3.81 -20.93 -12.99
N PRO H 72 -3.45 -20.98 -11.69
CA PRO H 72 -2.33 -20.20 -11.14
C PRO H 72 -0.94 -20.61 -11.69
N ASP H 73 -0.79 -21.88 -12.06
CA ASP H 73 0.50 -22.46 -12.44
C ASP H 73 0.56 -22.92 -13.89
N ARG H 74 -0.62 -23.17 -14.46
CA ARG H 74 -0.75 -23.80 -15.77
C ARG H 74 -1.51 -22.92 -16.75
N ALA H 75 -1.36 -23.25 -18.04
CA ALA H 75 -2.29 -22.78 -19.06
C ALA H 75 -3.48 -23.70 -19.06
N VAL H 76 -4.64 -23.17 -19.41
CA VAL H 76 -5.83 -23.99 -19.54
C VAL H 76 -6.01 -24.28 -21.03
N LEU H 77 -6.00 -25.56 -21.39
CA LEU H 77 -6.30 -25.94 -22.75
C LEU H 77 -7.80 -25.96 -22.93
N ARG H 78 -8.22 -25.40 -24.06
CA ARG H 78 -9.62 -25.41 -24.48
C ARG H 78 -9.75 -26.09 -25.84
N VAL H 79 -10.31 -27.30 -25.85
CA VAL H 79 -10.30 -28.12 -27.05
C VAL H 79 -11.73 -28.39 -27.54
N ARG H 80 -11.94 -28.26 -28.85
CA ARG H 80 -13.26 -28.48 -29.45
C ARG H 80 -13.13 -29.40 -30.64
N TYR H 81 -13.68 -30.60 -30.51
CA TYR H 81 -13.80 -31.53 -31.63
C TYR H 81 -15.18 -31.35 -32.23
N HIS H 82 -15.25 -31.08 -33.53
CA HIS H 82 -16.52 -30.86 -34.18
C HIS H 82 -16.55 -31.38 -35.61
N MET H 83 -17.69 -31.93 -36.00
CA MET H 83 -17.91 -32.41 -37.37
C MET H 83 -18.86 -31.50 -38.12
N THR H 84 -18.41 -31.02 -39.27
CA THR H 84 -19.26 -30.23 -40.15
C THR H 84 -20.44 -31.09 -40.61
N PRO H 85 -21.63 -30.48 -40.75
CA PRO H 85 -22.80 -31.25 -41.18
C PRO H 85 -22.59 -32.04 -42.47
N PHE H 86 -21.64 -31.60 -43.29
CA PHE H 86 -21.38 -32.22 -44.59
C PHE H 86 -20.10 -33.07 -44.61
N SER H 87 -19.73 -33.58 -43.45
CA SER H 87 -18.52 -34.38 -43.34
C SER H 87 -18.83 -35.85 -43.55
N THR H 88 -20.11 -36.18 -43.43
CA THR H 88 -20.55 -37.57 -43.47
C THR H 88 -21.49 -37.89 -44.61
N ASP H 89 -21.84 -39.17 -44.62
CA ASP H 89 -22.79 -39.80 -45.52
C ASP H 89 -24.11 -39.09 -45.34
N GLU H 90 -24.67 -39.19 -44.14
CA GLU H 90 -25.94 -38.55 -43.81
C GLU H 90 -25.71 -37.36 -42.88
N ARG H 91 -26.37 -36.23 -43.19
CA ARG H 91 -26.09 -34.96 -42.53
C ARG H 91 -26.10 -35.05 -41.01
N LYS H 92 -24.92 -35.05 -40.40
CA LYS H 92 -24.77 -34.93 -38.94
C LYS H 92 -25.34 -33.57 -38.49
N ASN H 93 -26.09 -33.59 -37.39
CA ASN H 93 -26.62 -32.37 -36.74
C ASN H 93 -25.46 -31.53 -36.17
N PRO H 94 -25.48 -30.19 -36.43
CA PRO H 94 -24.40 -29.32 -35.93
C PRO H 94 -24.34 -29.22 -34.41
N ALA H 95 -25.49 -29.32 -33.74
CA ALA H 95 -25.54 -29.34 -32.28
C ALA H 95 -24.66 -30.47 -31.75
N PRO H 96 -23.85 -30.22 -30.71
CA PRO H 96 -22.85 -31.18 -30.27
C PRO H 96 -23.45 -32.46 -29.72
N SER H 97 -22.93 -33.59 -30.21
CA SER H 97 -23.40 -34.92 -29.82
C SER H 97 -22.60 -35.44 -28.64
N ARG H 98 -23.20 -36.33 -27.85
CA ARG H 98 -22.51 -36.95 -26.71
C ARG H 98 -21.17 -37.51 -27.14
N ARG H 99 -21.11 -38.03 -28.37
CA ARG H 99 -19.88 -38.58 -28.93
C ARG H 99 -18.84 -37.50 -29.20
N GLU H 100 -19.29 -36.34 -29.67
CA GLU H 100 -18.42 -35.17 -29.86
C GLU H 100 -17.89 -34.63 -28.51
N ILE H 101 -18.76 -34.68 -27.49
CA ILE H 101 -18.39 -34.26 -26.15
C ILE H 101 -17.30 -35.16 -25.55
N GLU H 102 -17.48 -36.48 -25.67
CA GLU H 102 -16.47 -37.42 -25.20
C GLU H 102 -15.15 -37.24 -25.97
N LEU H 103 -15.23 -37.19 -27.30
CA LEU H 103 -14.04 -37.08 -28.16
C LEU H 103 -13.22 -35.84 -27.86
N SER H 104 -13.90 -34.75 -27.51
CA SER H 104 -13.24 -33.51 -27.14
C SER H 104 -12.42 -33.69 -25.86
N LYS H 105 -13.00 -34.37 -24.87
CA LYS H 105 -12.36 -34.61 -23.56
C LYS H 105 -11.18 -35.53 -23.74
N VAL H 106 -11.31 -36.52 -24.62
CA VAL H 106 -10.24 -37.46 -24.89
C VAL H 106 -9.07 -36.77 -25.59
N ILE H 107 -9.37 -35.98 -26.62
CA ILE H 107 -8.38 -35.20 -27.35
C ILE H 107 -7.69 -34.14 -26.47
N ARG H 108 -8.43 -33.50 -25.58
CA ARG H 108 -7.84 -32.50 -24.70
C ARG H 108 -6.84 -33.15 -23.76
N GLU H 109 -7.25 -34.23 -23.10
CA GLU H 109 -6.36 -35.00 -22.21
C GLU H 109 -5.13 -35.54 -22.95
N ALA H 110 -5.34 -35.90 -24.20
CA ALA H 110 -4.21 -36.29 -25.04
C ALA H 110 -3.21 -35.18 -25.19
N LEU H 111 -3.67 -34.00 -25.60
CA LEU H 111 -2.82 -32.82 -25.81
C LEU H 111 -2.16 -32.30 -24.53
N GLU H 112 -2.88 -32.43 -23.41
CA GLU H 112 -2.35 -32.00 -22.11
C GLU H 112 -1.09 -32.74 -21.69
N SER H 113 -0.95 -33.99 -22.13
CA SER H 113 0.27 -34.73 -21.85
C SER H 113 1.47 -34.28 -22.71
N ALA H 114 1.19 -33.66 -23.85
CA ALA H 114 2.25 -33.20 -24.75
C ALA H 114 2.64 -31.74 -24.53
N VAL H 115 1.64 -30.86 -24.43
CA VAL H 115 1.89 -29.41 -24.33
C VAL H 115 2.38 -29.03 -22.95
N LEU H 116 3.45 -28.24 -22.92
CA LEU H 116 4.08 -27.80 -21.67
C LEU H 116 3.33 -26.62 -21.08
N VAL H 117 2.15 -26.91 -20.55
CA VAL H 117 1.25 -25.87 -20.01
C VAL H 117 1.84 -25.10 -18.80
N GLU H 118 2.78 -25.73 -18.10
CA GLU H 118 3.39 -25.17 -16.89
C GLU H 118 4.21 -23.93 -17.22
N LEU H 119 4.28 -23.58 -18.50
CA LEU H 119 5.05 -22.41 -18.95
C LEU H 119 4.23 -21.13 -19.07
N PHE H 120 2.90 -21.27 -19.15
CA PHE H 120 2.01 -20.13 -19.39
C PHE H 120 0.88 -20.06 -18.33
N PRO H 121 1.23 -19.65 -17.10
CA PRO H 121 0.20 -19.61 -16.05
C PRO H 121 -0.76 -18.47 -16.30
N ARG H 122 -2.01 -18.65 -15.86
CA ARG H 122 -3.06 -17.64 -16.02
C ARG H 122 -3.48 -17.40 -17.48
N THR H 123 -3.09 -18.28 -18.38
CA THR H 123 -3.42 -18.13 -19.79
C THR H 123 -4.26 -19.28 -20.27
N ALA H 124 -4.85 -19.11 -21.45
CA ALA H 124 -5.62 -20.16 -22.10
C ALA H 124 -5.14 -20.36 -23.53
N ILE H 125 -4.91 -21.62 -23.90
CA ILE H 125 -4.62 -21.99 -25.28
C ILE H 125 -5.85 -22.66 -25.91
N ASP H 126 -6.34 -22.06 -26.98
CA ASP H 126 -7.57 -22.51 -27.61
C ASP H 126 -7.25 -23.29 -28.85
N VAL H 127 -7.69 -24.56 -28.86
CA VAL H 127 -7.49 -25.48 -29.98
C VAL H 127 -8.84 -25.89 -30.58
N PHE H 128 -9.16 -25.33 -31.74
CA PHE H 128 -10.38 -25.64 -32.46
C PHE H 128 -10.06 -26.60 -33.60
N THR H 129 -10.94 -27.59 -33.78
CA THR H 129 -10.76 -28.68 -34.74
C THR H 129 -12.10 -28.97 -35.44
N GLU H 130 -12.14 -28.89 -36.76
CA GLU H 130 -13.35 -29.26 -37.44
C GLU H 130 -13.06 -30.36 -38.46
N ILE H 131 -13.84 -31.44 -38.44
CA ILE H 131 -13.72 -32.53 -39.41
C ILE H 131 -14.51 -32.16 -40.67
N LEU H 132 -13.81 -32.08 -41.79
CA LEU H 132 -14.40 -31.68 -43.08
C LEU H 132 -14.89 -32.87 -43.89
N GLN H 133 -14.25 -34.02 -43.68
CA GLN H 133 -14.64 -35.30 -44.26
C GLN H 133 -14.37 -36.38 -43.25
N ALA H 134 -15.38 -37.18 -42.94
CA ALA H 134 -15.22 -38.25 -41.95
C ALA H 134 -15.26 -39.61 -42.63
N ASP H 135 -14.20 -40.40 -42.42
CA ASP H 135 -14.10 -41.75 -42.99
C ASP H 135 -13.43 -42.70 -42.02
N ALA H 136 -13.67 -42.44 -40.73
CA ALA H 136 -13.05 -43.19 -39.64
C ALA H 136 -11.66 -42.65 -39.29
N GLY H 137 -11.29 -42.85 -38.03
CA GLY H 137 -10.00 -42.36 -37.52
C GLY H 137 -9.98 -40.85 -37.36
N SER H 138 -11.18 -40.24 -37.39
CA SER H 138 -11.36 -38.78 -37.31
C SER H 138 -10.96 -38.15 -36.00
N ARG H 139 -11.01 -38.91 -34.91
CA ARG H 139 -10.51 -38.43 -33.61
C ARG H 139 -8.98 -38.32 -33.61
N LEU H 140 -8.31 -39.15 -34.43
CA LEU H 140 -6.86 -39.16 -34.52
C LEU H 140 -6.38 -38.13 -35.51
N VAL H 141 -7.09 -38.03 -36.64
CA VAL H 141 -6.77 -37.03 -37.67
C VAL H 141 -6.93 -35.64 -37.09
N SER H 142 -7.92 -35.49 -36.23
CA SER H 142 -8.15 -34.25 -35.49
C SER H 142 -6.98 -33.95 -34.54
N LEU H 143 -6.58 -34.96 -33.77
CA LEU H 143 -5.58 -34.83 -32.71
C LEU H 143 -4.21 -34.44 -33.30
N MET H 144 -3.86 -35.07 -34.41
CA MET H 144 -2.61 -34.80 -35.07
C MET H 144 -2.62 -33.43 -35.72
N ALA H 145 -3.75 -33.06 -36.33
CA ALA H 145 -3.93 -31.73 -36.90
C ALA H 145 -3.70 -30.70 -35.81
N ALA H 146 -4.26 -30.95 -34.63
CA ALA H 146 -4.09 -30.08 -33.47
C ALA H 146 -2.63 -29.99 -33.02
N SER H 147 -1.97 -31.15 -32.86
CA SER H 147 -0.54 -31.23 -32.45
C SER H 147 0.34 -30.41 -33.36
N LEU H 148 0.07 -30.53 -34.66
CA LEU H 148 0.81 -29.80 -35.66
C LEU H 148 0.49 -28.31 -35.62
N ALA H 149 -0.77 -27.97 -35.41
CA ALA H 149 -1.17 -26.57 -35.35
C ALA H 149 -0.56 -25.87 -34.14
N LEU H 150 -0.39 -26.62 -33.06
CA LEU H 150 0.31 -26.12 -31.89
C LEU H 150 1.77 -25.84 -32.22
N ALA H 151 2.44 -26.81 -32.85
CA ALA H 151 3.84 -26.67 -33.28
C ALA H 151 3.99 -25.48 -34.24
N ASP H 152 2.99 -25.26 -35.08
CA ASP H 152 2.95 -24.11 -35.99
C ASP H 152 2.78 -22.78 -35.22
N ALA H 153 1.97 -22.83 -34.17
CA ALA H 153 1.80 -21.69 -33.26
C ALA H 153 3.05 -21.45 -32.39
N GLY H 154 4.05 -22.31 -32.56
CA GLY H 154 5.31 -22.18 -31.85
C GLY H 154 5.19 -22.44 -30.37
N ILE H 155 4.26 -23.30 -29.99
CA ILE H 155 4.02 -23.64 -28.58
C ILE H 155 4.84 -24.88 -28.20
N PRO H 156 5.65 -24.77 -27.13
CA PRO H 156 6.56 -25.84 -26.73
C PRO H 156 5.81 -27.11 -26.32
N MET H 157 6.29 -28.25 -26.84
CA MET H 157 5.69 -29.54 -26.50
C MET H 157 6.76 -30.59 -26.26
N ARG H 158 6.46 -31.59 -25.43
CA ARG H 158 7.40 -32.69 -25.18
C ARG H 158 7.79 -33.39 -26.47
N ASP H 159 6.80 -33.58 -27.35
CA ASP H 159 6.98 -34.24 -28.62
C ASP H 159 5.75 -33.95 -29.48
N LEU H 160 5.83 -34.29 -30.77
CA LEU H 160 4.66 -34.31 -31.65
C LEU H 160 3.80 -35.55 -31.35
N ILE H 161 2.51 -35.46 -31.67
CA ILE H 161 1.61 -36.60 -31.49
C ILE H 161 1.26 -37.23 -32.84
N ALA H 162 1.53 -38.53 -32.98
CA ALA H 162 1.20 -39.30 -34.16
C ALA H 162 0.28 -40.46 -33.77
N GLY H 163 -0.70 -40.78 -34.62
CA GLY H 163 -1.67 -41.81 -34.28
C GLY H 163 -2.35 -42.53 -35.43
N VAL H 164 -2.62 -43.81 -35.22
CA VAL H 164 -3.42 -44.64 -36.13
C VAL H 164 -4.47 -45.42 -35.38
N ALA H 165 -5.53 -45.77 -36.10
CA ALA H 165 -6.49 -46.71 -35.57
C ALA H 165 -6.10 -48.08 -36.14
N VAL H 166 -5.94 -49.04 -35.24
CA VAL H 166 -5.70 -50.42 -35.63
C VAL H 166 -6.92 -51.24 -35.25
N GLY H 167 -7.19 -52.30 -36.00
CA GLY H 167 -8.42 -53.07 -35.75
C GLY H 167 -8.43 -54.48 -36.28
N LYS H 168 -9.63 -55.07 -36.36
CA LYS H 168 -9.86 -56.42 -36.84
C LYS H 168 -10.99 -56.38 -37.87
N GLY H 171 -11.29 -61.51 -38.55
CA GLY H 171 -10.29 -62.28 -37.81
C GLY H 171 -8.83 -61.89 -38.08
N VAL H 172 -8.64 -60.95 -39.00
CA VAL H 172 -7.31 -60.47 -39.39
C VAL H 172 -7.08 -59.07 -38.83
N ILE H 173 -5.90 -58.84 -38.25
CA ILE H 173 -5.54 -57.51 -37.72
C ILE H 173 -5.08 -56.56 -38.83
N ILE H 174 -5.74 -55.41 -38.91
CA ILE H 174 -5.55 -54.45 -39.99
C ILE H 174 -5.19 -53.06 -39.46
N LEU H 175 -4.52 -52.29 -40.30
CA LEU H 175 -4.01 -50.98 -39.92
C LEU H 175 -4.76 -49.86 -40.64
N ASP H 176 -5.20 -48.86 -39.87
CA ASP H 176 -5.86 -47.65 -40.41
C ASP H 176 -7.16 -47.95 -41.15
N LEU H 177 -8.27 -47.81 -40.45
CA LEU H 177 -9.56 -48.35 -40.91
C LEU H 177 -10.36 -47.39 -41.80
N ASN H 178 -11.23 -47.94 -42.65
CA ASN H 178 -12.14 -47.14 -43.48
C ASN H 178 -13.53 -46.99 -42.85
N GLU H 179 -14.44 -46.31 -43.55
CA GLU H 179 -15.81 -46.09 -43.04
C GLU H 179 -16.52 -47.41 -42.83
N THR H 180 -16.04 -48.41 -43.56
CA THR H 180 -16.64 -49.74 -43.69
C THR H 180 -16.03 -50.74 -42.71
N GLU H 181 -14.73 -50.63 -42.48
CA GLU H 181 -14.04 -51.50 -41.53
C GLU H 181 -14.41 -51.17 -40.08
N ASP H 182 -14.60 -49.88 -39.82
CA ASP H 182 -15.05 -49.40 -38.51
C ASP H 182 -16.43 -49.95 -38.19
N MET H 183 -17.32 -49.98 -39.19
CA MET H 183 -18.74 -50.32 -39.01
C MET H 183 -19.08 -51.81 -38.98
N TRP H 184 -18.18 -52.65 -39.51
CA TRP H 184 -18.42 -54.11 -39.55
C TRP H 184 -17.31 -54.96 -38.95
N GLY H 185 -16.19 -54.34 -38.58
CA GLY H 185 -15.08 -55.03 -37.95
C GLY H 185 -15.37 -55.44 -36.51
N GLU H 186 -14.69 -56.49 -36.05
CA GLU H 186 -14.87 -57.01 -34.69
C GLU H 186 -14.28 -56.09 -33.61
N ALA H 187 -13.31 -55.24 -33.99
CA ALA H 187 -12.66 -54.28 -33.08
C ALA H 187 -12.10 -53.03 -33.76
N ASP H 188 -12.03 -51.95 -33.01
CA ASP H 188 -11.51 -50.65 -33.49
C ASP H 188 -10.77 -49.98 -32.35
N MET H 189 -9.45 -49.88 -32.50
CA MET H 189 -8.59 -49.45 -31.43
C MET H 189 -7.70 -48.29 -31.90
N PRO H 190 -8.17 -47.04 -31.68
CA PRO H 190 -7.32 -45.87 -31.94
C PRO H 190 -6.20 -45.75 -30.93
N ILE H 191 -4.98 -45.51 -31.41
CA ILE H 191 -3.80 -45.35 -30.56
C ILE H 191 -3.00 -44.12 -30.97
N ALA H 192 -2.71 -43.23 -30.02
CA ALA H 192 -1.90 -42.05 -30.32
C ALA H 192 -0.66 -41.95 -29.41
N MET H 193 0.49 -41.66 -30.02
CA MET H 193 1.75 -41.69 -29.30
C MET H 193 2.52 -40.40 -29.43
N MET H 194 3.43 -40.19 -28.48
CA MET H 194 4.57 -39.28 -28.63
C MET H 194 5.78 -40.16 -28.96
N PRO H 195 5.99 -40.44 -30.26
CA PRO H 195 6.82 -41.55 -30.73
C PRO H 195 8.25 -41.54 -30.21
N SER H 196 8.83 -40.36 -30.10
CA SER H 196 10.22 -40.22 -29.68
C SER H 196 10.41 -40.55 -28.20
N LEU H 197 9.32 -40.44 -27.43
CA LEU H 197 9.32 -40.72 -26.00
C LEU H 197 8.72 -42.08 -25.69
N ASN H 198 8.14 -42.72 -26.73
CA ASN H 198 7.36 -43.97 -26.59
C ASN H 198 6.21 -43.86 -25.59
N GLN H 199 5.55 -42.70 -25.61
CA GLN H 199 4.50 -42.36 -24.66
C GLN H 199 3.14 -42.42 -25.35
N VAL H 200 2.24 -43.22 -24.77
CA VAL H 200 0.88 -43.33 -25.27
C VAL H 200 0.04 -42.21 -24.69
N THR H 201 -0.39 -41.35 -25.59
CA THR H 201 -1.13 -40.13 -25.31
C THR H 201 -2.65 -40.37 -25.26
N LEU H 202 -3.13 -41.15 -26.24
CA LEU H 202 -4.53 -41.57 -26.37
C LEU H 202 -4.57 -43.07 -26.62
N PHE H 203 -5.55 -43.75 -25.98
CA PHE H 203 -5.68 -45.18 -26.15
C PHE H 203 -7.10 -45.63 -25.87
N GLN H 204 -7.77 -46.15 -26.89
CA GLN H 204 -9.13 -46.67 -26.77
C GLN H 204 -9.33 -47.97 -27.52
N LEU H 205 -10.32 -48.73 -27.09
CA LEU H 205 -10.78 -49.88 -27.86
C LEU H 205 -12.29 -50.05 -27.71
N ASN H 206 -12.99 -50.02 -28.84
CA ASN H 206 -14.38 -50.46 -28.88
C ASN H 206 -14.48 -51.70 -29.74
N GLY H 207 -15.18 -52.70 -29.23
CA GLY H 207 -15.25 -53.98 -29.89
C GLY H 207 -14.69 -55.06 -28.99
N SER H 208 -14.18 -56.13 -29.59
CA SER H 208 -13.78 -57.32 -28.86
C SER H 208 -12.43 -57.85 -29.33
N MET H 209 -11.55 -58.22 -28.39
CA MET H 209 -10.21 -58.79 -28.71
C MET H 209 -9.69 -59.75 -27.64
N THR H 210 -8.94 -60.77 -28.06
CA THR H 210 -8.22 -61.61 -27.11
C THR H 210 -6.94 -60.87 -26.70
N PRO H 211 -6.43 -61.14 -25.48
CA PRO H 211 -5.22 -60.47 -25.00
C PRO H 211 -4.05 -60.56 -25.97
N ASP H 212 -3.93 -61.69 -26.67
CA ASP H 212 -2.79 -61.92 -27.58
C ASP H 212 -2.90 -61.00 -28.79
N GLU H 213 -4.11 -60.96 -29.37
CA GLU H 213 -4.41 -60.14 -30.56
C GLU H 213 -4.29 -58.67 -30.26
N PHE H 214 -4.76 -58.26 -29.07
CA PHE H 214 -4.55 -56.91 -28.54
C PHE H 214 -3.08 -56.56 -28.62
N ARG H 215 -2.21 -57.48 -28.22
CA ARG H 215 -0.77 -57.26 -28.28
C ARG H 215 -0.19 -57.23 -29.69
N GLN H 216 -0.80 -57.94 -30.62
CA GLN H 216 -0.37 -57.89 -32.01
C GLN H 216 -0.77 -56.57 -32.62
N ALA H 217 -2.04 -56.23 -32.46
CA ALA H 217 -2.60 -54.97 -32.94
C ALA H 217 -1.78 -53.77 -32.44
N PHE H 218 -1.30 -53.82 -31.20
CA PHE H 218 -0.46 -52.75 -30.64
C PHE H 218 0.89 -52.65 -31.35
N ASP H 219 1.49 -53.80 -31.68
CA ASP H 219 2.79 -53.84 -32.37
C ASP H 219 2.75 -53.38 -33.81
N LEU H 220 1.59 -53.49 -34.43
CA LEU H 220 1.39 -52.99 -35.78
C LEU H 220 1.17 -51.48 -35.74
N ALA H 221 0.36 -51.04 -34.77
CA ALA H 221 0.04 -49.62 -34.59
C ALA H 221 1.30 -48.77 -34.43
N VAL H 222 2.24 -49.26 -33.63
CA VAL H 222 3.49 -48.59 -33.42
C VAL H 222 4.23 -48.33 -34.74
N LYS H 223 4.34 -49.36 -35.57
CA LYS H 223 5.04 -49.26 -36.86
C LYS H 223 4.41 -48.20 -37.75
N GLY H 224 3.07 -48.17 -37.75
CA GLY H 224 2.31 -47.20 -38.52
C GLY H 224 2.56 -45.81 -38.01
N ILE H 225 2.49 -45.67 -36.70
CA ILE H 225 2.73 -44.39 -36.03
C ILE H 225 4.12 -43.84 -36.39
N ASN H 226 5.11 -44.71 -36.41
CA ASN H 226 6.47 -44.33 -36.76
C ASN H 226 6.63 -43.73 -38.15
N ILE H 227 5.87 -44.25 -39.10
CA ILE H 227 5.89 -43.77 -40.47
C ILE H 227 5.24 -42.39 -40.58
N ILE H 228 4.11 -42.24 -39.91
CA ILE H 228 3.35 -40.99 -39.86
C ILE H 228 4.18 -39.90 -39.17
N TYR H 229 4.82 -40.27 -38.07
CA TYR H 229 5.62 -39.34 -37.31
C TYR H 229 6.67 -38.71 -38.18
N ASN H 230 7.29 -39.52 -39.04
CA ASN H 230 8.32 -39.04 -39.96
C ASN H 230 7.79 -37.97 -40.90
N LEU H 231 6.53 -38.12 -41.32
CA LEU H 231 5.90 -37.17 -42.22
C LEU H 231 5.58 -35.87 -41.48
N GLU H 232 5.18 -36.01 -40.21
CA GLU H 232 4.91 -34.85 -39.38
C GLU H 232 6.17 -34.05 -39.23
N ARG H 233 7.25 -34.78 -38.91
CA ARG H 233 8.53 -34.19 -38.61
C ARG H 233 9.11 -33.59 -39.88
N GLU H 234 8.58 -33.99 -41.03
CA GLU H 234 8.99 -33.39 -42.31
C GLU H 234 8.10 -32.20 -42.64
N ALA H 235 6.79 -32.36 -42.45
CA ALA H 235 5.80 -31.31 -42.69
C ALA H 235 6.06 -30.05 -41.88
N LEU H 236 6.83 -30.21 -40.81
CA LEU H 236 7.19 -29.11 -39.94
C LEU H 236 8.28 -28.26 -40.58
N LYS H 237 9.20 -28.94 -41.28
CA LYS H 237 10.30 -28.32 -42.00
C LYS H 237 9.83 -27.60 -43.27
N SER H 238 9.04 -28.29 -44.11
CA SER H 238 8.70 -27.81 -45.44
C SER H 238 7.27 -27.28 -45.61
N LYS H 239 6.47 -27.34 -44.54
CA LYS H 239 5.07 -26.83 -44.52
C LYS H 239 4.03 -27.63 -45.33
N TYR H 240 4.49 -28.51 -46.21
CA TYR H 240 3.62 -29.28 -47.09
C TYR H 240 4.16 -30.68 -47.40
N VAL H 241 3.35 -31.71 -47.13
CA VAL H 241 3.76 -33.10 -47.32
C VAL H 241 2.63 -33.93 -47.96
N GLU H 242 2.97 -34.73 -48.97
CA GLU H 242 2.03 -35.68 -49.57
C GLU H 242 2.68 -37.05 -49.62
N PHE H 243 1.93 -38.08 -49.26
CA PHE H 243 2.45 -39.42 -49.13
C PHE H 243 1.44 -40.44 -49.68
N LYS H 244 1.81 -41.10 -50.78
CA LYS H 244 0.97 -42.13 -51.38
C LYS H 244 0.94 -43.36 -50.46
N GLU H 245 -0.26 -43.95 -50.30
CA GLU H 245 -0.49 -45.07 -49.38
C GLU H 245 0.57 -46.19 -49.51
N GLU H 246 1.11 -46.67 -48.41
CA GLU H 246 2.23 -47.61 -48.48
C GLU H 246 2.24 -48.70 -47.39
N GLY H 247 2.97 -49.79 -47.68
CA GLY H 247 3.21 -50.89 -46.73
C GLY H 247 4.07 -50.48 -45.55
N VAL H 248 3.67 -50.94 -44.36
CA VAL H 248 4.24 -50.48 -43.10
C VAL H 248 4.87 -51.62 -42.28
N MET I 1 -30.43 -11.46 -24.85
CA MET I 1 -29.91 -10.12 -24.38
C MET I 1 -28.58 -9.72 -25.06
N SER I 2 -28.64 -8.71 -25.91
CA SER I 2 -27.52 -8.30 -26.74
C SER I 2 -26.74 -7.16 -26.12
N SER I 3 -25.44 -7.38 -25.91
CA SER I 3 -24.59 -6.36 -25.29
C SER I 3 -23.31 -6.04 -26.06
N THR I 4 -22.83 -4.80 -25.91
CA THR I 4 -21.57 -4.34 -26.52
C THR I 4 -20.44 -5.33 -26.20
N PRO I 5 -19.79 -5.87 -27.25
CA PRO I 5 -18.76 -6.89 -27.05
C PRO I 5 -17.56 -6.35 -26.29
N SER I 6 -17.14 -7.05 -25.24
CA SER I 6 -16.03 -6.60 -24.39
C SER I 6 -14.64 -7.08 -24.85
N ASN I 7 -14.60 -8.17 -25.61
CA ASN I 7 -13.34 -8.79 -26.06
C ASN I 7 -12.69 -8.13 -27.30
N GLN I 8 -13.25 -6.99 -27.71
CA GLN I 8 -12.79 -6.21 -28.86
C GLN I 8 -11.31 -5.87 -28.85
N ASN I 9 -10.72 -5.77 -30.04
CA ASN I 9 -9.35 -5.29 -30.21
C ASN I 9 -9.33 -3.83 -30.67
N ILE I 10 -9.58 -2.91 -29.71
CA ILE I 10 -9.44 -1.45 -29.91
C ILE I 10 -8.17 -1.12 -30.68
N ILE I 11 -8.29 -0.14 -31.58
CA ILE I 11 -7.19 0.24 -32.47
C ILE I 11 -6.83 1.71 -32.29
N PRO I 12 -5.60 2.00 -31.81
CA PRO I 12 -5.17 3.33 -31.35
C PRO I 12 -5.50 4.47 -32.31
N ILE I 13 -5.65 5.67 -31.76
CA ILE I 13 -5.97 6.85 -32.55
C ILE I 13 -4.88 7.15 -33.58
N ILE I 14 -3.63 6.88 -33.21
CA ILE I 14 -2.48 7.14 -34.07
C ILE I 14 -2.50 6.25 -35.32
N LYS I 15 -2.80 4.97 -35.15
CA LYS I 15 -2.89 4.03 -36.27
C LYS I 15 -4.07 4.36 -37.18
N LYS I 16 -5.15 4.86 -36.59
CA LYS I 16 -6.31 5.30 -37.37
C LYS I 16 -5.96 6.46 -38.32
N GLU I 17 -5.18 7.43 -37.79
CA GLU I 17 -4.71 8.62 -38.53
C GLU I 17 -3.46 8.38 -39.38
N SER I 18 -3.21 7.11 -39.67
CA SER I 18 -2.25 6.68 -40.68
C SER I 18 -3.03 6.14 -41.85
N ILE I 19 -4.07 5.37 -41.54
CA ILE I 19 -4.92 4.76 -42.55
C ILE I 19 -5.77 5.81 -43.25
N VAL I 20 -6.26 6.78 -42.49
CA VAL I 20 -7.09 7.87 -43.02
C VAL I 20 -6.27 8.80 -43.93
N SER I 21 -5.03 9.08 -43.54
CA SER I 21 -4.13 9.89 -44.36
C SER I 21 -3.85 9.26 -45.72
N LEU I 22 -3.92 7.94 -45.80
CA LEU I 22 -3.78 7.21 -47.06
C LEU I 22 -5.06 7.32 -47.87
N PHE I 23 -6.21 7.23 -47.19
CA PHE I 23 -7.54 7.38 -47.82
C PHE I 23 -7.65 8.73 -48.52
N GLU I 24 -7.12 9.76 -47.84
CA GLU I 24 -6.98 11.12 -48.34
C GLU I 24 -6.22 11.21 -49.67
N LYS I 25 -5.44 10.16 -49.98
CA LYS I 25 -4.73 10.05 -51.26
C LYS I 25 -5.29 8.91 -52.13
N GLY I 26 -6.48 8.42 -51.77
CA GLY I 26 -7.19 7.39 -52.54
C GLY I 26 -6.51 6.04 -52.65
N ILE I 27 -5.60 5.76 -51.72
CA ILE I 27 -4.87 4.48 -51.66
C ILE I 27 -5.02 3.86 -50.27
N ARG I 28 -4.88 2.54 -50.18
CA ARG I 28 -5.00 1.83 -48.89
C ARG I 28 -3.70 1.09 -48.56
N GLN I 29 -3.71 0.28 -47.48
CA GLN I 29 -2.54 -0.54 -47.01
C GLN I 29 -2.09 -1.68 -47.95
N ASP I 30 -3.04 -2.50 -48.39
CA ASP I 30 -2.78 -3.56 -49.41
C ASP I 30 -2.69 -3.00 -50.85
N GLY I 31 -2.66 -1.68 -50.97
CA GLY I 31 -2.35 -1.03 -52.24
C GLY I 31 -3.52 -0.68 -53.13
N ARG I 32 -4.68 -1.28 -52.84
CA ARG I 32 -5.88 -1.08 -53.68
C ARG I 32 -6.55 0.28 -53.49
N LYS I 33 -7.26 0.71 -54.53
CA LYS I 33 -8.04 1.94 -54.53
C LYS I 33 -9.23 1.79 -53.58
N LEU I 34 -9.83 2.93 -53.23
CA LEU I 34 -10.94 2.96 -52.29
C LEU I 34 -12.11 2.05 -52.69
N THR I 35 -12.21 1.74 -53.98
CA THR I 35 -13.36 1.00 -54.53
C THR I 35 -13.06 -0.44 -54.98
N ASP I 36 -11.82 -0.91 -54.77
CA ASP I 36 -11.39 -2.26 -55.19
C ASP I 36 -11.75 -3.37 -54.22
N TYR I 37 -12.14 -4.52 -54.77
CA TYR I 37 -12.29 -5.75 -53.99
C TYR I 37 -10.91 -6.40 -53.81
N ARG I 38 -10.80 -7.21 -52.75
CA ARG I 38 -9.58 -8.00 -52.50
C ARG I 38 -9.47 -9.16 -53.48
N PRO I 39 -8.28 -9.75 -53.61
CA PRO I 39 -8.08 -10.92 -54.45
C PRO I 39 -9.05 -12.06 -54.09
N LEU I 40 -9.64 -12.70 -55.10
CA LEU I 40 -10.70 -13.68 -54.87
C LEU I 40 -10.38 -15.09 -55.39
N SER I 41 -10.33 -16.05 -54.48
CA SER I 41 -10.13 -17.46 -54.85
C SER I 41 -11.38 -18.26 -54.55
N ILE I 42 -11.79 -19.09 -55.50
CA ILE I 42 -12.87 -20.05 -55.26
C ILE I 42 -12.43 -21.43 -55.71
N THR I 43 -12.45 -22.37 -54.77
CA THR I 43 -12.23 -23.78 -55.04
C THR I 43 -13.58 -24.50 -54.84
N LEU I 44 -14.10 -25.08 -55.91
CA LEU I 44 -15.35 -25.84 -55.85
C LEU I 44 -15.06 -27.30 -55.45
N ASP I 45 -16.06 -27.99 -54.93
CA ASP I 45 -15.95 -29.41 -54.53
C ASP I 45 -14.84 -29.66 -53.51
N TYR I 46 -14.73 -28.75 -52.53
CA TYR I 46 -13.66 -28.85 -51.55
C TYR I 46 -13.96 -29.93 -50.50
N ALA I 47 -15.14 -29.85 -49.90
CA ALA I 47 -15.61 -30.89 -48.97
C ALA I 47 -16.30 -31.97 -49.79
N LYS I 48 -15.66 -33.14 -49.88
CA LYS I 48 -16.07 -34.18 -50.84
C LYS I 48 -17.37 -34.90 -50.49
N LYS I 49 -17.66 -35.01 -49.20
CA LYS I 49 -18.91 -35.66 -48.75
C LYS I 49 -20.14 -34.74 -48.76
N ALA I 50 -19.93 -33.46 -49.00
CA ALA I 50 -21.01 -32.51 -49.23
C ALA I 50 -21.67 -32.85 -50.55
N ASP I 51 -22.95 -32.52 -50.67
CA ASP I 51 -23.65 -32.59 -51.96
C ASP I 51 -23.08 -31.55 -52.98
N GLY I 52 -22.56 -30.44 -52.43
CA GLY I 52 -21.88 -29.40 -53.19
C GLY I 52 -21.21 -28.46 -52.21
N SER I 53 -19.96 -28.09 -52.47
CA SER I 53 -19.21 -27.22 -51.55
C SER I 53 -18.38 -26.19 -52.28
N ALA I 54 -17.93 -25.19 -51.54
CA ALA I 54 -17.07 -24.16 -52.09
C ALA I 54 -16.24 -23.49 -51.00
N LEU I 55 -14.92 -23.45 -51.23
CA LEU I 55 -14.00 -22.76 -50.35
C LEU I 55 -13.60 -21.44 -50.99
N VAL I 56 -13.95 -20.37 -50.31
CA VAL I 56 -13.74 -19.02 -50.83
C VAL I 56 -12.65 -18.26 -50.04
N LYS I 57 -11.66 -17.75 -50.74
CA LYS I 57 -10.66 -16.89 -50.11
C LYS I 57 -10.80 -15.49 -50.67
N LEU I 58 -11.33 -14.60 -49.85
CA LEU I 58 -11.40 -13.19 -50.19
C LEU I 58 -10.43 -12.45 -49.28
N GLY I 59 -9.28 -12.07 -49.83
CA GLY I 59 -8.18 -11.55 -49.01
C GLY I 59 -7.70 -12.60 -48.03
N THR I 60 -7.68 -12.26 -46.74
CA THR I 60 -7.33 -13.23 -45.72
C THR I 60 -8.55 -13.97 -45.15
N THR I 61 -9.75 -13.47 -45.46
CA THR I 61 -11.00 -14.13 -45.02
C THR I 61 -11.21 -15.45 -45.74
N MET I 62 -11.53 -16.51 -44.99
CA MET I 62 -11.84 -17.81 -45.59
C MET I 62 -13.15 -18.38 -45.13
N VAL I 63 -14.02 -18.64 -46.09
CA VAL I 63 -15.31 -19.27 -45.81
C VAL I 63 -15.39 -20.58 -46.57
N LEU I 64 -15.78 -21.64 -45.86
CA LEU I 64 -16.13 -22.89 -46.51
C LEU I 64 -17.63 -23.14 -46.37
N ALA I 65 -18.34 -23.24 -47.50
CA ALA I 65 -19.77 -23.52 -47.47
C ALA I 65 -20.08 -24.87 -48.11
N GLY I 66 -20.99 -25.62 -47.51
CA GLY I 66 -21.37 -26.92 -48.05
C GLY I 66 -22.86 -27.17 -47.96
N THR I 67 -23.40 -27.84 -48.98
CA THR I 67 -24.79 -28.18 -49.00
C THR I 67 -24.96 -29.67 -48.76
N LYS I 68 -26.09 -30.00 -48.13
CA LYS I 68 -26.48 -31.37 -47.83
C LYS I 68 -27.98 -31.48 -48.08
N LEU I 69 -28.37 -32.35 -49.02
CA LEU I 69 -29.79 -32.47 -49.42
C LEU I 69 -30.50 -33.58 -48.67
N GLU I 70 -31.76 -33.33 -48.31
CA GLU I 70 -32.61 -34.31 -47.61
C GLU I 70 -34.05 -34.28 -48.08
N ILE I 71 -34.77 -35.39 -47.87
CA ILE I 71 -36.19 -35.46 -48.22
C ILE I 71 -37.05 -35.47 -46.95
N ASP I 72 -37.92 -34.47 -46.82
CA ASP I 72 -38.84 -34.42 -45.69
C ASP I 72 -40.23 -34.12 -46.19
N LYS I 73 -41.18 -34.08 -45.26
CA LYS I 73 -42.52 -33.60 -45.54
C LYS I 73 -42.51 -32.07 -45.51
N PRO I 74 -43.13 -31.41 -46.51
CA PRO I 74 -43.15 -29.94 -46.50
C PRO I 74 -43.92 -29.40 -45.29
N TYR I 75 -43.57 -28.22 -44.81
CA TYR I 75 -44.28 -27.62 -43.67
C TYR I 75 -45.76 -27.49 -43.99
N GLU I 76 -46.61 -27.67 -42.98
CA GLU I 76 -48.07 -27.50 -43.12
C GLU I 76 -48.49 -26.12 -43.66
N ASP I 77 -47.72 -25.09 -43.34
CA ASP I 77 -47.93 -23.73 -43.86
C ASP I 77 -47.59 -23.60 -45.36
N THR I 78 -46.43 -24.14 -45.77
CA THR I 78 -45.96 -24.03 -47.15
C THR I 78 -45.92 -25.40 -47.86
N PRO I 79 -47.08 -25.88 -48.33
CA PRO I 79 -47.19 -27.26 -48.80
C PRO I 79 -46.56 -27.53 -50.17
N ASN I 80 -46.28 -26.50 -50.96
CA ASN I 80 -45.78 -26.77 -52.31
C ASN I 80 -44.38 -26.22 -52.56
N GLN I 81 -43.64 -26.07 -51.46
CA GLN I 81 -42.31 -25.52 -51.45
C GLN I 81 -41.32 -26.48 -50.82
N GLY I 82 -40.10 -26.48 -51.35
CA GLY I 82 -38.97 -27.10 -50.69
C GLY I 82 -38.45 -26.16 -49.61
N ASN I 83 -37.43 -26.61 -48.88
CA ASN I 83 -36.88 -25.85 -47.78
C ASN I 83 -35.45 -25.44 -48.00
N LEU I 84 -35.10 -24.24 -47.56
CA LEU I 84 -33.70 -23.81 -47.53
C LEU I 84 -33.36 -23.41 -46.11
N ILE I 85 -32.37 -24.08 -45.53
CA ILE I 85 -31.95 -23.75 -44.17
C ILE I 85 -30.49 -23.35 -44.14
N VAL I 86 -30.27 -22.04 -43.97
CA VAL I 86 -28.93 -21.46 -43.93
C VAL I 86 -28.42 -21.44 -42.50
N ASN I 87 -27.15 -21.75 -42.34
CA ASN I 87 -26.56 -21.80 -41.03
C ASN I 87 -25.09 -21.36 -41.04
N VAL I 88 -24.77 -20.32 -40.28
CA VAL I 88 -23.40 -19.76 -40.26
C VAL I 88 -22.70 -20.10 -38.95
N GLU I 89 -21.41 -20.47 -39.05
CA GLU I 89 -20.60 -20.84 -37.88
C GLU I 89 -19.24 -20.14 -37.90
N LEU I 90 -18.99 -19.22 -36.95
CA LEU I 90 -17.70 -18.55 -36.79
C LEU I 90 -16.83 -19.41 -35.90
N LEU I 91 -15.55 -19.55 -36.22
CA LEU I 91 -14.69 -20.49 -35.52
C LEU I 91 -13.53 -19.91 -34.68
N PRO I 92 -12.93 -18.77 -35.13
CA PRO I 92 -11.80 -18.16 -34.39
C PRO I 92 -12.08 -17.74 -32.94
N ASP I 104 -24.52 -18.09 -31.88
CA ASP I 104 -23.76 -16.89 -31.51
C ASP I 104 -24.65 -15.64 -31.41
N GLU I 105 -24.62 -14.79 -32.44
CA GLU I 105 -25.39 -13.53 -32.54
C GLU I 105 -25.02 -12.83 -33.84
N ASN I 106 -23.72 -12.76 -34.11
CA ASN I 106 -23.22 -12.27 -35.39
C ASN I 106 -23.39 -13.37 -36.44
N ALA I 107 -23.22 -14.60 -35.99
CA ALA I 107 -23.45 -15.79 -36.79
C ALA I 107 -24.90 -15.82 -37.25
N ILE I 108 -25.80 -15.72 -36.28
CA ILE I 108 -27.24 -15.71 -36.56
C ILE I 108 -27.60 -14.60 -37.54
N GLU I 109 -27.11 -13.38 -37.29
CA GLU I 109 -27.34 -12.24 -38.18
C GLU I 109 -26.77 -12.48 -39.60
N LEU I 110 -25.59 -13.08 -39.68
CA LEU I 110 -25.01 -13.47 -40.97
C LEU I 110 -25.89 -14.48 -41.72
N ALA I 111 -26.37 -15.47 -40.98
CA ALA I 111 -27.20 -16.52 -41.55
C ALA I 111 -28.44 -15.91 -42.16
N ARG I 112 -29.08 -15.03 -41.40
CA ARG I 112 -30.33 -14.43 -41.83
C ARG I 112 -30.16 -13.53 -43.04
N VAL I 113 -29.13 -12.69 -43.02
CA VAL I 113 -28.86 -11.77 -44.14
C VAL I 113 -28.61 -12.54 -45.46
N VAL I 114 -27.82 -13.62 -45.39
CA VAL I 114 -27.59 -14.50 -46.53
C VAL I 114 -28.89 -15.16 -46.99
N ASP I 115 -29.57 -15.83 -46.05
CA ASP I 115 -30.85 -16.48 -46.32
C ASP I 115 -31.77 -15.53 -47.06
N ARG I 116 -32.02 -14.37 -46.45
CA ARG I 116 -32.93 -13.36 -47.00
C ARG I 116 -32.63 -13.00 -48.44
N SER I 117 -31.36 -12.82 -48.75
CA SER I 117 -31.00 -12.39 -50.08
C SER I 117 -31.02 -13.55 -51.11
N LEU I 118 -30.87 -14.78 -50.65
CA LEU I 118 -31.01 -15.93 -51.53
C LEU I 118 -32.48 -16.24 -51.80
N ARG I 119 -33.32 -15.95 -50.82
CA ARG I 119 -34.72 -16.30 -50.86
C ARG I 119 -35.56 -15.25 -51.57
N ASP I 120 -35.36 -13.97 -51.19
CA ASP I 120 -36.12 -12.84 -51.75
C ASP I 120 -35.77 -12.54 -53.20
N SER I 121 -34.54 -12.83 -53.60
CA SER I 121 -34.12 -12.72 -55.00
C SER I 121 -34.74 -13.83 -55.84
N LYS I 122 -35.11 -14.92 -55.16
CA LYS I 122 -35.54 -16.19 -55.75
C LYS I 122 -34.41 -16.85 -56.58
N ALA I 123 -33.17 -16.51 -56.25
CA ALA I 123 -32.00 -17.09 -56.89
C ALA I 123 -32.10 -18.60 -56.85
N LEU I 124 -32.60 -19.11 -55.73
CA LEU I 124 -33.03 -20.50 -55.62
C LEU I 124 -34.55 -20.56 -55.63
N ASP I 125 -35.11 -21.36 -56.54
CA ASP I 125 -36.55 -21.49 -56.63
C ASP I 125 -36.99 -22.68 -55.80
N LEU I 126 -37.57 -22.38 -54.65
CA LEU I 126 -37.97 -23.42 -53.70
C LEU I 126 -39.14 -24.26 -54.21
N THR I 127 -39.97 -23.66 -55.08
CA THR I 127 -41.19 -24.33 -55.56
C THR I 127 -40.85 -25.43 -56.55
N LYS I 128 -39.57 -25.49 -56.93
CA LYS I 128 -39.07 -26.49 -57.85
C LYS I 128 -38.31 -27.58 -57.11
N LEU I 129 -38.35 -27.51 -55.79
CA LEU I 129 -37.77 -28.56 -54.97
C LEU I 129 -38.86 -29.49 -54.42
N VAL I 130 -39.98 -29.57 -55.15
CA VAL I 130 -41.08 -30.44 -54.75
C VAL I 130 -40.96 -31.75 -55.49
N ILE I 131 -41.10 -32.87 -54.77
CA ILE I 131 -41.11 -34.19 -55.40
C ILE I 131 -42.56 -34.66 -55.53
N GLU I 132 -43.19 -34.89 -54.39
CA GLU I 132 -44.62 -35.15 -54.32
C GLU I 132 -45.30 -34.01 -53.53
N PRO I 133 -46.10 -33.15 -54.24
CA PRO I 133 -46.71 -32.00 -53.54
C PRO I 133 -47.48 -32.41 -52.29
N GLY I 134 -47.21 -31.74 -51.19
CA GLY I 134 -47.87 -32.07 -49.93
C GLY I 134 -47.30 -33.31 -49.23
N LYS I 135 -46.69 -34.20 -50.00
CA LYS I 135 -46.14 -35.45 -49.45
C LYS I 135 -44.65 -35.38 -49.13
N SER I 136 -43.83 -35.06 -50.13
CA SER I 136 -42.37 -35.01 -49.94
C SER I 136 -41.64 -33.98 -50.83
N VAL I 137 -40.73 -33.21 -50.19
CA VAL I 137 -39.95 -32.17 -50.84
C VAL I 137 -38.48 -32.26 -50.44
N TRP I 138 -37.62 -31.60 -51.21
CA TRP I 138 -36.21 -31.47 -50.87
C TRP I 138 -36.00 -30.37 -49.83
N THR I 139 -35.13 -30.63 -48.86
CA THR I 139 -34.65 -29.64 -47.91
C THR I 139 -33.18 -29.40 -48.20
N VAL I 140 -32.84 -28.16 -48.51
CA VAL I 140 -31.45 -27.82 -48.77
C VAL I 140 -30.83 -27.27 -47.49
N TRP I 141 -29.92 -28.04 -46.89
CA TRP I 141 -29.14 -27.56 -45.74
C TRP I 141 -27.87 -26.88 -46.23
N LEU I 142 -27.81 -25.57 -46.05
CA LEU I 142 -26.61 -24.83 -46.40
C LEU I 142 -25.87 -24.51 -45.11
N ASP I 143 -24.63 -24.96 -45.02
CA ASP I 143 -23.83 -24.69 -43.82
C ASP I 143 -22.53 -23.96 -44.15
N VAL I 144 -22.37 -22.79 -43.55
CA VAL I 144 -21.30 -21.88 -43.91
C VAL I 144 -20.34 -21.77 -42.73
N TYR I 145 -19.07 -22.08 -42.98
CA TYR I 145 -18.04 -22.08 -41.94
C TYR I 145 -16.94 -21.04 -42.15
N VAL I 146 -16.91 -20.03 -41.29
CA VAL I 146 -15.87 -19.03 -41.33
C VAL I 146 -14.64 -19.56 -40.59
N LEU I 147 -13.58 -19.78 -41.35
CA LEU I 147 -12.35 -20.38 -40.82
C LEU I 147 -11.29 -19.33 -40.47
N ASP I 148 -11.30 -18.25 -41.23
CA ASP I 148 -10.33 -17.20 -41.08
C ASP I 148 -11.08 -15.89 -41.12
N TYR I 149 -11.09 -15.17 -40.00
CA TYR I 149 -11.81 -13.90 -39.94
C TYR I 149 -10.90 -12.76 -40.38
N GLY I 150 -10.94 -12.44 -41.66
CA GLY I 150 -10.08 -11.38 -42.23
C GLY I 150 -10.82 -10.10 -42.58
N GLY I 151 -12.03 -9.97 -42.04
CA GLY I 151 -12.87 -8.80 -42.28
C GLY I 151 -13.77 -8.93 -43.50
N ASN I 152 -14.94 -8.29 -43.44
CA ASN I 152 -15.97 -8.39 -44.49
C ASN I 152 -16.38 -9.84 -44.75
N VAL I 153 -16.66 -10.52 -43.64
CA VAL I 153 -17.07 -11.91 -43.64
C VAL I 153 -18.37 -12.12 -44.43
N LEU I 154 -19.28 -11.15 -44.33
CA LEU I 154 -20.56 -11.20 -45.04
C LEU I 154 -20.43 -11.41 -46.56
N ASP I 155 -19.56 -10.64 -47.21
CA ASP I 155 -19.44 -10.72 -48.67
C ASP I 155 -18.89 -12.06 -49.09
N ALA I 156 -17.95 -12.58 -48.29
CA ALA I 156 -17.36 -13.89 -48.51
C ALA I 156 -18.37 -14.99 -48.26
N CYS I 157 -19.27 -14.80 -47.29
CA CYS I 157 -20.32 -15.78 -47.01
C CYS I 157 -21.30 -15.91 -48.17
N THR I 158 -21.79 -14.78 -48.66
CA THR I 158 -22.68 -14.76 -49.82
C THR I 158 -22.06 -15.50 -51.00
N LEU I 159 -20.79 -15.23 -51.27
CA LEU I 159 -20.05 -15.91 -52.34
C LEU I 159 -19.94 -17.42 -52.10
N ALA I 160 -19.44 -17.82 -50.95
CA ALA I 160 -19.33 -19.22 -50.61
C ALA I 160 -20.68 -19.94 -50.74
N SER I 161 -21.74 -19.30 -50.25
CA SER I 161 -23.08 -19.86 -50.33
C SER I 161 -23.54 -20.09 -51.77
N VAL I 162 -23.62 -19.01 -52.54
CA VAL I 162 -23.96 -19.05 -53.98
C VAL I 162 -23.14 -20.13 -54.70
N ALA I 163 -21.82 -20.12 -54.50
CA ALA I 163 -20.94 -21.11 -55.11
C ALA I 163 -21.26 -22.53 -54.67
N ALA I 164 -21.51 -22.74 -53.37
CA ALA I 164 -21.86 -24.06 -52.85
C ALA I 164 -23.16 -24.61 -53.46
N LEU I 165 -24.14 -23.73 -53.67
CA LEU I 165 -25.39 -24.09 -54.31
C LEU I 165 -25.20 -24.45 -55.79
N TYR I 166 -24.34 -23.70 -56.48
CA TYR I 166 -24.07 -23.96 -57.89
C TYR I 166 -23.28 -25.23 -58.11
N ASN I 167 -22.61 -25.68 -57.06
CA ASN I 167 -21.85 -26.92 -57.10
C ASN I 167 -22.67 -28.14 -56.72
N THR I 168 -23.86 -27.90 -56.17
CA THR I 168 -24.69 -28.96 -55.62
C THR I 168 -25.20 -29.92 -56.68
N LYS I 169 -25.08 -31.22 -56.37
CA LYS I 169 -25.57 -32.32 -57.19
C LYS I 169 -26.81 -32.96 -56.57
N VAL I 170 -27.89 -33.08 -57.36
CA VAL I 170 -29.12 -33.73 -56.89
C VAL I 170 -29.14 -35.17 -57.33
N TYR I 171 -29.71 -36.03 -56.49
CA TYR I 171 -29.66 -37.47 -56.73
C TYR I 171 -30.98 -38.09 -57.20
N LYS I 172 -30.92 -39.34 -57.67
CA LYS I 172 -32.11 -40.08 -58.09
C LYS I 172 -33.03 -40.41 -56.91
N VAL I 173 -34.32 -40.20 -57.11
CA VAL I 173 -35.32 -40.45 -56.06
C VAL I 173 -35.97 -41.80 -56.30
N GLU I 174 -35.44 -42.82 -55.61
CA GLU I 174 -35.86 -44.21 -55.75
C GLU I 174 -37.18 -44.45 -55.02
N GLN I 175 -38.28 -44.34 -55.76
CA GLN I 175 -39.64 -44.36 -55.23
C GLN I 175 -40.21 -45.78 -55.13
N ILE I 180 -39.46 -42.20 -51.67
CA ILE I 180 -39.34 -42.85 -50.37
C ILE I 180 -37.88 -43.02 -49.93
N SER I 181 -36.98 -43.26 -50.89
CA SER I 181 -35.54 -43.42 -50.59
C SER I 181 -34.61 -42.86 -51.69
N VAL I 182 -33.51 -42.23 -51.26
CA VAL I 182 -32.53 -41.59 -52.16
C VAL I 182 -31.45 -42.58 -52.58
N ASN I 183 -31.10 -42.57 -53.85
CA ASN I 183 -30.01 -43.39 -54.35
C ASN I 183 -28.79 -42.53 -54.69
N LYS I 184 -27.88 -42.44 -53.74
CA LYS I 184 -26.86 -41.39 -53.75
C LYS I 184 -25.67 -41.57 -54.71
N ASN I 185 -25.73 -42.56 -55.61
CA ASN I 185 -24.65 -42.71 -56.60
C ASN I 185 -25.09 -42.54 -58.06
N GLU I 186 -26.35 -42.16 -58.24
CA GLU I 186 -26.86 -41.71 -59.53
C GLU I 186 -27.21 -40.21 -59.43
N VAL I 187 -26.56 -39.40 -60.25
CA VAL I 187 -26.77 -37.96 -60.25
C VAL I 187 -27.79 -37.55 -61.32
N VAL I 188 -28.92 -37.02 -60.88
CA VAL I 188 -30.01 -36.59 -61.77
C VAL I 188 -29.73 -35.22 -62.43
N GLY I 189 -29.36 -34.23 -61.62
CA GLY I 189 -29.12 -32.87 -62.10
C GLY I 189 -28.58 -31.93 -61.01
N LYS I 190 -28.74 -30.63 -61.20
CA LYS I 190 -28.32 -29.63 -60.19
C LYS I 190 -29.54 -28.99 -59.55
N LEU I 191 -29.30 -27.92 -58.80
CA LEU I 191 -30.37 -27.18 -58.14
C LEU I 191 -31.06 -26.22 -59.10
N PRO I 192 -32.37 -25.98 -58.89
CA PRO I 192 -33.10 -24.96 -59.64
C PRO I 192 -32.65 -23.54 -59.26
N LEU I 193 -31.56 -23.10 -59.88
CA LEU I 193 -30.98 -21.80 -59.60
C LEU I 193 -31.23 -20.86 -60.77
N ASN I 194 -31.89 -19.75 -60.48
CA ASN I 194 -32.17 -18.74 -61.49
C ASN I 194 -30.95 -17.91 -61.88
N TYR I 195 -30.18 -17.47 -60.89
CA TYR I 195 -28.99 -16.64 -61.09
C TYR I 195 -28.18 -16.54 -59.80
N PRO I 196 -26.88 -16.19 -59.91
CA PRO I 196 -26.10 -15.85 -58.72
C PRO I 196 -26.50 -14.50 -58.10
N VAL I 197 -26.07 -14.29 -56.86
CA VAL I 197 -26.34 -13.08 -56.10
C VAL I 197 -25.03 -12.65 -55.45
N VAL I 198 -24.73 -11.37 -55.51
CA VAL I 198 -23.57 -10.85 -54.80
C VAL I 198 -23.98 -9.87 -53.70
N THR I 199 -23.21 -9.87 -52.61
CA THR I 199 -23.36 -8.85 -51.60
C THR I 199 -22.10 -8.03 -51.53
N ILE I 200 -22.28 -6.71 -51.61
CA ILE I 200 -21.18 -5.76 -51.55
C ILE I 200 -21.28 -4.86 -50.32
N SER I 201 -20.26 -4.95 -49.47
CA SER I 201 -20.17 -4.13 -48.27
C SER I 201 -19.30 -2.90 -48.50
N VAL I 202 -19.85 -1.74 -48.16
CA VAL I 202 -19.15 -0.46 -48.27
C VAL I 202 -19.01 0.08 -46.85
N ALA I 203 -17.75 0.28 -46.43
CA ALA I 203 -17.45 0.83 -45.11
C ALA I 203 -17.31 2.34 -45.16
N LYS I 204 -17.76 2.99 -44.09
CA LYS I 204 -17.63 4.43 -43.96
C LYS I 204 -16.58 4.72 -42.90
N VAL I 205 -15.35 4.92 -43.34
CA VAL I 205 -14.26 5.26 -42.43
C VAL I 205 -14.00 6.75 -42.55
N ASP I 206 -14.14 7.44 -41.42
CA ASP I 206 -13.91 8.90 -41.35
C ASP I 206 -14.92 9.63 -42.22
N LYS I 207 -14.49 10.11 -43.39
CA LYS I 207 -15.38 10.75 -44.37
C LYS I 207 -15.23 10.12 -45.76
N TYR I 208 -14.72 8.90 -45.79
CA TYR I 208 -14.48 8.17 -47.04
C TYR I 208 -15.33 6.90 -47.08
N LEU I 209 -15.72 6.52 -48.29
CA LEU I 209 -16.40 5.24 -48.50
C LEU I 209 -15.44 4.24 -49.14
N VAL I 210 -15.37 3.05 -48.56
CA VAL I 210 -14.36 2.05 -48.89
C VAL I 210 -15.03 0.69 -49.16
N VAL I 211 -14.81 0.16 -50.35
CA VAL I 211 -15.42 -1.11 -50.76
C VAL I 211 -14.66 -2.29 -50.19
N ASP I 212 -15.39 -3.28 -49.65
CA ASP I 212 -14.77 -4.48 -49.07
C ASP I 212 -13.66 -4.13 -48.08
N PRO I 213 -14.05 -3.73 -46.85
CA PRO I 213 -13.06 -3.40 -45.84
C PRO I 213 -12.33 -4.63 -45.29
N ASP I 214 -11.02 -4.51 -45.07
CA ASP I 214 -10.24 -5.62 -44.49
C ASP I 214 -10.38 -5.63 -42.97
N LEU I 215 -9.53 -6.40 -42.29
CA LEU I 215 -9.57 -6.50 -40.83
C LEU I 215 -9.36 -5.16 -40.11
N ASP I 216 -8.30 -4.46 -40.53
CA ASP I 216 -7.98 -3.15 -39.99
C ASP I 216 -9.05 -2.08 -40.24
N GLU I 217 -9.55 -2.01 -41.47
CA GLU I 217 -10.53 -1.00 -41.86
C GLU I 217 -11.86 -1.15 -41.13
N GLU I 218 -12.23 -2.39 -40.83
CA GLU I 218 -13.47 -2.67 -40.11
C GLU I 218 -13.40 -2.20 -38.66
N SER I 219 -12.22 -2.21 -38.07
CA SER I 219 -12.11 -1.82 -36.68
C SER I 219 -11.97 -0.30 -36.48
N ILE I 220 -11.77 0.45 -37.57
CA ILE I 220 -11.72 1.93 -37.51
C ILE I 220 -12.94 2.62 -38.13
N MET I 221 -13.79 1.83 -38.79
CA MET I 221 -14.95 2.36 -39.49
C MET I 221 -16.03 2.84 -38.51
N ASP I 222 -16.87 3.76 -38.97
CA ASP I 222 -18.04 4.21 -38.21
C ASP I 222 -19.12 3.15 -38.28
N ALA I 223 -19.54 2.84 -39.50
CA ALA I 223 -20.48 1.78 -39.78
C ALA I 223 -20.27 1.28 -41.21
N LYS I 224 -20.74 0.08 -41.50
CA LYS I 224 -20.73 -0.41 -42.88
C LYS I 224 -22.15 -0.75 -43.34
N ILE I 225 -22.38 -0.67 -44.65
CA ILE I 225 -23.67 -0.99 -45.25
C ILE I 225 -23.47 -1.99 -46.39
N SER I 226 -24.32 -3.01 -46.43
CA SER I 226 -24.15 -4.11 -47.36
C SER I 226 -25.34 -4.21 -48.31
N PHE I 227 -25.03 -4.24 -49.60
CA PHE I 227 -26.04 -4.29 -50.66
C PHE I 227 -25.97 -5.60 -51.43
N SER I 228 -27.12 -6.26 -51.56
CA SER I 228 -27.22 -7.51 -52.31
C SER I 228 -27.79 -7.22 -53.67
N TYR I 229 -27.20 -7.78 -54.71
CA TYR I 229 -27.64 -7.56 -56.09
C TYR I 229 -27.87 -8.83 -56.91
N THR I 230 -28.90 -8.80 -57.75
CA THR I 230 -29.08 -9.83 -58.78
C THR I 230 -28.33 -9.33 -60.01
N PRO I 231 -28.03 -10.22 -60.97
CA PRO I 231 -27.23 -9.84 -62.15
C PRO I 231 -27.85 -8.72 -62.97
N ASP I 232 -29.18 -8.62 -62.99
CA ASP I 232 -29.89 -7.50 -63.60
C ASP I 232 -29.67 -6.15 -62.88
N LEU I 233 -29.09 -6.20 -61.67
CA LEU I 233 -28.81 -5.03 -60.80
C LEU I 233 -30.03 -4.49 -60.06
N LYS I 234 -30.82 -5.43 -59.55
CA LYS I 234 -31.90 -5.11 -58.65
C LYS I 234 -31.37 -5.28 -57.22
N ILE I 235 -31.63 -4.29 -56.37
CA ILE I 235 -31.30 -4.38 -54.96
C ILE I 235 -32.22 -5.41 -54.31
N VAL I 236 -31.63 -6.37 -53.60
CA VAL I 236 -32.32 -7.56 -53.13
C VAL I 236 -32.16 -7.74 -51.62
N GLY I 237 -31.34 -6.88 -51.02
CA GLY I 237 -31.14 -6.84 -49.58
C GLY I 237 -30.18 -5.74 -49.15
N ILE I 238 -30.53 -5.02 -48.10
CA ILE I 238 -29.63 -4.04 -47.51
C ILE I 238 -29.49 -4.28 -45.99
N GLN I 239 -28.27 -4.25 -45.51
CA GLN I 239 -28.03 -4.35 -44.08
C GLN I 239 -27.00 -3.35 -43.57
N LYS I 240 -27.47 -2.32 -42.85
CA LYS I 240 -26.55 -1.44 -42.15
C LYS I 240 -26.05 -2.21 -40.94
N SER I 241 -24.77 -2.01 -40.62
CA SER I 241 -24.07 -2.81 -39.64
C SER I 241 -22.94 -1.97 -39.04
N GLY I 242 -22.75 -2.05 -37.73
CA GLY I 242 -21.67 -1.32 -37.08
C GLY I 242 -22.15 -0.37 -36.02
N LYS I 243 -21.22 0.04 -35.18
CA LYS I 243 -21.49 0.72 -33.92
C LYS I 243 -21.78 2.21 -34.10
N GLY I 244 -21.70 2.69 -35.34
CA GLY I 244 -21.81 4.10 -35.64
C GLY I 244 -22.93 4.42 -36.62
N SER I 245 -22.91 5.66 -37.11
CA SER I 245 -23.95 6.12 -38.00
C SER I 245 -23.38 6.59 -39.33
N MET I 246 -24.28 6.84 -40.28
CA MET I 246 -23.90 7.20 -41.63
C MET I 246 -24.84 8.28 -42.11
N SER I 247 -24.36 9.23 -42.91
CA SER I 247 -25.24 10.30 -43.38
C SER I 247 -26.11 9.85 -44.56
N LEU I 248 -27.06 10.70 -44.93
CA LEU I 248 -28.00 10.39 -46.01
C LEU I 248 -27.30 10.29 -47.36
N GLN I 249 -26.50 11.28 -47.70
CA GLN I 249 -25.73 11.28 -48.95
C GLN I 249 -24.51 10.34 -48.93
N ASP I 250 -24.31 9.65 -47.80
CA ASP I 250 -23.35 8.55 -47.69
C ASP I 250 -23.95 7.27 -48.20
N ILE I 251 -25.16 6.96 -47.73
CA ILE I 251 -25.89 5.75 -48.15
C ILE I 251 -26.20 5.81 -49.65
N ASP I 252 -26.58 6.98 -50.13
CA ASP I 252 -26.79 7.23 -51.56
C ASP I 252 -25.53 6.91 -52.38
N GLN I 253 -24.44 7.59 -52.07
CA GLN I 253 -23.14 7.34 -52.71
C GLN I 253 -22.69 5.90 -52.58
N ALA I 254 -22.80 5.35 -51.38
CA ALA I 254 -22.39 3.97 -51.09
C ALA I 254 -23.00 3.03 -52.11
N GLU I 255 -24.30 3.17 -52.35
CA GLU I 255 -25.02 2.26 -53.24
C GLU I 255 -24.57 2.37 -54.68
N ASN I 256 -24.27 3.59 -55.16
CA ASN I 256 -23.70 3.79 -56.50
C ASN I 256 -22.41 3.02 -56.68
N THR I 257 -21.53 3.19 -55.69
CA THR I 257 -20.24 2.49 -55.64
C THR I 257 -20.49 0.99 -55.54
N ALA I 258 -21.35 0.59 -54.61
CA ALA I 258 -21.68 -0.81 -54.39
C ALA I 258 -22.17 -1.51 -55.66
N ARG I 259 -23.01 -0.81 -56.43
CA ARG I 259 -23.60 -1.36 -57.66
C ARG I 259 -22.64 -1.47 -58.83
N SER I 260 -21.82 -0.45 -59.06
CA SER I 260 -20.82 -0.52 -60.14
C SER I 260 -19.70 -1.53 -59.81
N THR I 261 -19.54 -1.83 -58.52
CA THR I 261 -18.65 -2.88 -58.06
C THR I 261 -19.27 -4.25 -58.32
N ALA I 262 -20.58 -4.35 -58.05
CA ALA I 262 -21.34 -5.58 -58.24
C ALA I 262 -21.18 -6.18 -59.63
N VAL I 263 -21.15 -5.33 -60.65
CA VAL I 263 -20.95 -5.78 -62.03
C VAL I 263 -19.62 -6.56 -62.17
N LYS I 264 -18.54 -5.99 -61.62
CA LYS I 264 -17.18 -6.57 -61.69
C LYS I 264 -17.06 -7.86 -60.90
N LEU I 265 -17.72 -7.88 -59.74
CA LEU I 265 -17.69 -9.04 -58.87
C LEU I 265 -18.53 -10.19 -59.44
N LEU I 266 -19.67 -9.86 -60.05
CA LEU I 266 -20.53 -10.89 -60.66
C LEU I 266 -19.83 -11.59 -61.81
N GLU I 267 -19.19 -10.80 -62.67
CA GLU I 267 -18.43 -11.29 -63.82
C GLU I 267 -17.30 -12.24 -63.40
N GLU I 268 -16.67 -11.94 -62.26
CA GLU I 268 -15.58 -12.75 -61.69
C GLU I 268 -16.12 -14.00 -60.99
N LEU I 269 -17.21 -13.85 -60.25
CA LEU I 269 -17.88 -14.98 -59.62
C LEU I 269 -18.30 -16.01 -60.67
N LYS I 270 -18.85 -15.54 -61.79
CA LYS I 270 -19.28 -16.43 -62.87
C LYS I 270 -18.12 -17.22 -63.49
N LYS I 271 -16.98 -16.56 -63.67
CA LYS I 271 -15.79 -17.23 -64.20
C LYS I 271 -15.39 -18.43 -63.34
N HIS I 272 -15.43 -18.25 -62.01
CA HIS I 272 -15.14 -19.32 -61.06
C HIS I 272 -16.14 -20.48 -61.15
N LEU I 273 -17.43 -20.19 -61.29
CA LEU I 273 -18.47 -21.23 -61.32
C LEU I 273 -18.48 -21.98 -62.65
N GLY I 274 -17.94 -21.34 -63.69
CA GLY I 274 -18.12 -21.80 -65.07
C GLY I 274 -19.46 -21.26 -65.53
N ILE I 275 -19.67 -19.97 -65.23
CA ILE I 275 -20.97 -19.25 -65.34
C ILE I 275 -22.16 -19.95 -64.64
N GLU J 8 -54.20 -17.24 -52.00
CA GLU J 8 -53.52 -16.15 -52.76
C GLU J 8 -53.79 -14.76 -52.17
N ARG J 9 -52.90 -13.82 -52.51
CA ARG J 9 -52.82 -12.45 -51.97
C ARG J 9 -54.12 -11.64 -52.06
N PRO J 10 -54.22 -10.54 -51.25
CA PRO J 10 -55.26 -9.54 -51.41
C PRO J 10 -54.75 -8.25 -52.10
N LYS J 11 -55.71 -7.47 -52.60
CA LYS J 11 -55.47 -6.20 -53.28
C LYS J 11 -54.77 -5.21 -52.33
N LEU J 12 -53.50 -4.93 -52.61
CA LEU J 12 -52.67 -4.08 -51.75
C LEU J 12 -53.02 -2.59 -51.77
N ILE J 13 -53.39 -2.08 -52.94
CA ILE J 13 -53.90 -0.70 -53.07
C ILE J 13 -55.19 -0.70 -53.94
N LEU J 14 -56.32 -0.43 -53.29
CA LEU J 14 -57.65 -0.46 -53.95
C LEU J 14 -57.75 0.61 -55.05
N ASP J 15 -58.52 0.30 -56.10
CA ASP J 15 -58.57 1.09 -57.35
C ASP J 15 -58.98 2.58 -57.24
N ASP J 16 -58.26 3.32 -56.39
CA ASP J 16 -58.49 4.75 -56.15
C ASP J 16 -57.24 5.43 -55.59
N GLY J 17 -56.24 4.63 -55.24
CA GLY J 17 -54.99 5.14 -54.66
C GLY J 17 -54.92 5.04 -53.15
N LYS J 18 -55.83 4.26 -52.56
CA LYS J 18 -55.92 4.14 -51.11
C LYS J 18 -55.69 2.71 -50.63
N ARG J 19 -54.85 2.56 -49.61
CA ARG J 19 -54.33 1.27 -49.13
C ARG J 19 -55.37 0.45 -48.37
N THR J 20 -54.96 -0.72 -47.90
CA THR J 20 -55.82 -1.66 -47.18
C THR J 20 -56.44 -1.09 -45.89
N ASP J 21 -55.71 -0.19 -45.23
CA ASP J 21 -56.23 0.46 -44.01
C ASP J 21 -56.76 1.87 -44.27
N GLY J 22 -57.05 2.18 -45.52
CA GLY J 22 -57.63 3.46 -45.91
C GLY J 22 -56.68 4.65 -45.94
N ARG J 23 -55.37 4.37 -45.88
CA ARG J 23 -54.35 5.42 -45.95
C ARG J 23 -53.85 5.65 -47.37
N LYS J 24 -53.53 6.90 -47.69
CA LYS J 24 -52.82 7.21 -48.92
C LYS J 24 -51.38 6.72 -48.78
N PRO J 25 -50.65 6.56 -49.92
CA PRO J 25 -49.28 6.06 -49.87
C PRO J 25 -48.33 6.97 -49.08
N ASP J 26 -48.77 8.21 -48.85
CA ASP J 26 -47.97 9.25 -48.19
C ASP J 26 -48.46 9.63 -46.77
N GLU J 27 -49.03 8.68 -46.03
CA GLU J 27 -49.59 8.94 -44.69
C GLU J 27 -49.07 8.00 -43.60
N LEU J 28 -48.74 8.58 -42.44
CA LEU J 28 -48.35 7.80 -41.27
C LEU J 28 -49.56 7.21 -40.58
N ARG J 29 -49.33 6.16 -39.80
CA ARG J 29 -50.35 5.64 -38.90
C ARG J 29 -50.47 6.59 -37.71
N SER J 30 -51.47 6.38 -36.87
CA SER J 30 -51.63 7.23 -35.68
C SER J 30 -50.48 6.98 -34.70
N ILE J 31 -50.03 8.04 -34.03
CA ILE J 31 -48.92 7.94 -33.10
C ILE J 31 -49.34 8.32 -31.69
N LYS J 32 -48.91 7.50 -30.72
CA LYS J 32 -49.11 7.77 -29.31
C LYS J 32 -47.80 7.54 -28.56
N ILE J 33 -47.36 8.55 -27.82
CA ILE J 33 -46.14 8.45 -27.01
C ILE J 33 -46.44 8.87 -25.57
N GLU J 34 -46.01 8.05 -24.61
CA GLU J 34 -46.00 8.46 -23.21
C GLU J 34 -44.66 8.14 -22.58
N LEU J 35 -44.26 9.01 -21.66
CA LEU J 35 -42.98 8.89 -20.96
C LEU J 35 -43.11 8.71 -19.46
N GLY J 36 -42.10 8.07 -18.86
CA GLY J 36 -42.04 7.85 -17.42
C GLY J 36 -43.21 7.07 -16.89
N VAL J 37 -43.60 6.03 -17.63
CA VAL J 37 -44.77 5.25 -17.28
C VAL J 37 -44.45 4.15 -16.24
N LEU J 38 -43.19 3.72 -16.19
CA LEU J 38 -42.73 2.76 -15.18
C LEU J 38 -42.04 3.47 -14.02
N LYS J 39 -42.59 3.28 -12.83
CA LYS J 39 -42.06 3.87 -11.60
C LYS J 39 -40.66 3.40 -11.18
N ASN J 40 -40.40 2.09 -11.25
CA ASN J 40 -39.14 1.51 -10.76
C ASN J 40 -38.01 1.44 -11.77
N ALA J 41 -38.24 1.96 -12.96
CA ALA J 41 -37.19 2.09 -13.95
C ALA J 41 -36.55 3.48 -13.86
N ASP J 42 -35.34 3.62 -14.39
CA ASP J 42 -34.65 4.92 -14.44
C ASP J 42 -35.21 5.81 -15.54
N GLY J 43 -35.70 5.17 -16.60
CA GLY J 43 -36.42 5.85 -17.66
C GLY J 43 -37.29 4.87 -18.40
N SER J 44 -38.49 5.30 -18.78
CA SER J 44 -39.44 4.45 -19.48
C SER J 44 -40.24 5.21 -20.52
N ALA J 45 -40.79 4.47 -21.49
CA ALA J 45 -41.64 5.03 -22.54
C ALA J 45 -42.47 3.96 -23.22
N ILE J 46 -43.70 4.33 -23.56
CA ILE J 46 -44.57 3.51 -24.42
C ILE J 46 -44.69 4.23 -25.77
N PHE J 47 -44.44 3.53 -26.86
CA PHE J 47 -44.59 4.11 -28.17
C PHE J 47 -45.58 3.28 -28.98
N GLU J 48 -46.51 3.96 -29.64
CA GLU J 48 -47.51 3.29 -30.48
C GLU J 48 -47.52 3.89 -31.89
N MET J 49 -47.29 3.02 -32.88
CA MET J 49 -47.52 3.35 -34.27
C MET J 49 -48.67 2.51 -34.78
N GLY J 50 -49.85 3.13 -34.86
CA GLY J 50 -51.07 2.44 -35.25
C GLY J 50 -51.33 1.31 -34.27
N ASN J 51 -51.15 0.09 -34.73
CA ASN J 51 -51.36 -1.07 -33.89
C ASN J 51 -50.10 -1.72 -33.32
N THR J 52 -48.95 -1.10 -33.57
CA THR J 52 -47.70 -1.59 -33.02
C THR J 52 -47.37 -0.82 -31.75
N LYS J 53 -47.50 -1.48 -30.61
CA LYS J 53 -47.11 -0.93 -29.31
C LYS J 53 -45.76 -1.49 -28.90
N ALA J 54 -44.97 -0.66 -28.23
CA ALA J 54 -43.79 -1.17 -27.55
C ALA J 54 -43.61 -0.40 -26.27
N ILE J 55 -43.14 -1.10 -25.25
CA ILE J 55 -42.75 -0.50 -23.99
C ILE J 55 -41.24 -0.68 -23.79
N ALA J 56 -40.59 0.39 -23.34
CA ALA J 56 -39.15 0.38 -23.10
C ALA J 56 -38.79 0.87 -21.71
N ALA J 57 -37.95 0.11 -21.03
CA ALA J 57 -37.43 0.48 -19.73
C ALA J 57 -35.92 0.60 -19.79
N VAL J 58 -35.38 1.59 -19.09
CA VAL J 58 -33.93 1.79 -18.99
C VAL J 58 -33.53 1.72 -17.52
N TYR J 59 -32.54 0.89 -17.21
CA TYR J 59 -31.97 0.87 -15.87
C TYR J 59 -30.59 1.48 -15.93
N GLY J 60 -30.53 2.73 -15.45
CA GLY J 60 -29.50 3.74 -15.73
C GLY J 60 -28.09 3.39 -15.30
N PRO J 61 -27.09 4.19 -15.75
CA PRO J 61 -25.67 3.81 -15.62
C PRO J 61 -25.32 3.25 -14.22
N LYS J 62 -24.70 2.07 -14.15
CA LYS J 62 -24.39 1.43 -12.87
C LYS J 62 -23.23 0.48 -13.07
N GLU J 63 -22.48 0.22 -11.99
CA GLU J 63 -21.33 -0.68 -12.05
C GLU J 63 -21.69 -2.08 -12.56
N MET J 64 -20.82 -2.65 -13.38
CA MET J 64 -21.14 -3.91 -14.05
C MET J 64 -20.85 -5.19 -13.26
N HIS J 65 -21.83 -6.10 -13.29
CA HIS J 65 -21.82 -7.33 -12.50
C HIS J 65 -20.47 -8.09 -12.51
N PRO J 66 -20.14 -8.80 -13.61
CA PRO J 66 -18.79 -9.39 -13.68
C PRO J 66 -17.83 -8.43 -14.37
N ARG J 67 -16.93 -7.82 -13.59
CA ARG J 67 -16.14 -6.68 -14.05
C ARG J 67 -15.29 -6.90 -15.32
N HIS J 68 -14.97 -8.16 -15.63
CA HIS J 68 -14.17 -8.48 -16.81
C HIS J 68 -14.93 -8.22 -18.11
N LEU J 69 -16.26 -8.13 -18.01
CA LEU J 69 -17.12 -7.88 -19.17
C LEU J 69 -17.39 -6.39 -19.41
N SER J 70 -16.95 -5.55 -18.48
CA SER J 70 -17.10 -4.09 -18.60
C SER J 70 -16.02 -3.51 -19.51
N LEU J 71 -16.22 -2.27 -19.93
CA LEU J 71 -15.26 -1.59 -20.76
C LEU J 71 -14.56 -0.46 -20.01
N PRO J 72 -13.24 -0.31 -20.23
CA PRO J 72 -12.43 0.68 -19.51
C PRO J 72 -12.78 2.13 -19.82
N ASP J 73 -13.28 2.39 -21.02
CA ASP J 73 -13.52 3.75 -21.52
C ASP J 73 -15.00 4.06 -21.77
N ARG J 74 -15.80 3.01 -21.98
CA ARG J 74 -17.19 3.12 -22.42
C ARG J 74 -18.16 2.47 -21.45
N ALA J 75 -19.43 2.83 -21.57
CA ALA J 75 -20.50 2.07 -20.96
C ALA J 75 -20.79 0.93 -21.92
N VAL J 76 -21.29 -0.18 -21.39
CA VAL J 76 -21.72 -1.31 -22.21
C VAL J 76 -23.22 -1.25 -22.29
N LEU J 77 -23.75 -1.10 -23.50
CA LEU J 77 -25.19 -1.14 -23.68
C LEU J 77 -25.63 -2.58 -23.68
N ARG J 78 -26.73 -2.86 -22.98
CA ARG J 78 -27.36 -4.17 -22.98
C ARG J 78 -28.79 -4.04 -23.46
N VAL J 79 -29.08 -4.55 -24.65
CA VAL J 79 -30.37 -4.30 -25.29
C VAL J 79 -31.12 -5.62 -25.54
N ARG J 80 -32.42 -5.62 -25.23
CA ARG J 80 -33.24 -6.80 -25.40
C ARG J 80 -34.50 -6.47 -26.15
N TYR J 81 -34.61 -6.98 -27.37
CA TYR J 81 -35.84 -6.88 -28.15
C TYR J 81 -36.62 -8.17 -27.91
N HIS J 82 -37.88 -8.03 -27.49
CA HIS J 82 -38.70 -9.18 -27.19
C HIS J 82 -40.18 -8.95 -27.52
N MET J 83 -40.80 -10.01 -28.02
CA MET J 83 -42.24 -10.00 -28.32
C MET J 83 -43.00 -10.86 -27.33
N THR J 84 -44.01 -10.27 -26.70
CA THR J 84 -44.88 -11.00 -25.80
C THR J 84 -45.63 -12.03 -26.63
N PRO J 85 -45.88 -13.22 -26.06
CA PRO J 85 -46.58 -14.27 -26.79
C PRO J 85 -47.90 -13.80 -27.42
N PHE J 86 -48.52 -12.77 -26.82
CA PHE J 86 -49.83 -12.29 -27.24
C PHE J 86 -49.76 -11.00 -28.05
N SER J 87 -48.62 -10.78 -28.70
CA SER J 87 -48.43 -9.58 -29.49
C SER J 87 -48.88 -9.79 -30.93
N THR J 88 -49.02 -11.06 -31.30
CA THR J 88 -49.32 -11.43 -32.67
C THR J 88 -50.65 -12.15 -32.78
N ASP J 89 -51.02 -12.51 -33.99
CA ASP J 89 -52.28 -13.18 -34.20
C ASP J 89 -52.16 -14.67 -33.83
N GLU J 90 -50.97 -15.23 -34.05
CA GLU J 90 -50.69 -16.62 -33.65
C GLU J 90 -49.53 -16.79 -32.66
N ARG J 91 -49.86 -17.25 -31.46
CA ARG J 91 -48.96 -17.16 -30.29
C ARG J 91 -47.48 -17.39 -30.59
N LYS J 92 -46.69 -16.32 -30.52
CA LYS J 92 -45.24 -16.39 -30.72
C LYS J 92 -44.55 -16.95 -29.47
N ASN J 93 -43.82 -18.06 -29.63
CA ASN J 93 -43.07 -18.70 -28.54
C ASN J 93 -42.20 -17.69 -27.76
N PRO J 94 -42.27 -17.73 -26.42
CA PRO J 94 -41.49 -16.78 -25.59
C PRO J 94 -39.98 -16.98 -25.67
N ALA J 95 -39.53 -18.21 -25.90
CA ALA J 95 -38.11 -18.51 -26.15
C ALA J 95 -37.59 -17.69 -27.33
N PRO J 96 -36.39 -17.06 -27.18
CA PRO J 96 -35.93 -16.08 -28.18
C PRO J 96 -35.65 -16.67 -29.58
N SER J 97 -36.19 -16.02 -30.60
CA SER J 97 -36.08 -16.50 -31.96
C SER J 97 -34.86 -15.88 -32.60
N ARG J 98 -34.30 -16.56 -33.60
CA ARG J 98 -33.17 -16.04 -34.36
C ARG J 98 -33.45 -14.61 -34.81
N ARG J 99 -34.71 -14.35 -35.19
CA ARG J 99 -35.14 -13.03 -35.63
C ARG J 99 -35.09 -12.01 -34.48
N GLU J 100 -35.42 -12.44 -33.27
CA GLU J 100 -35.33 -11.58 -32.10
C GLU J 100 -33.88 -11.31 -31.75
N ILE J 101 -33.02 -12.31 -31.96
CA ILE J 101 -31.60 -12.16 -31.70
C ILE J 101 -30.93 -11.16 -32.67
N GLU J 102 -31.28 -11.27 -33.95
CA GLU J 102 -30.78 -10.32 -34.93
C GLU J 102 -31.28 -8.93 -34.60
N LEU J 103 -32.59 -8.79 -34.35
CA LEU J 103 -33.19 -7.47 -34.12
C LEU J 103 -32.61 -6.75 -32.93
N SER J 104 -32.25 -7.52 -31.91
CA SER J 104 -31.59 -7.00 -30.72
C SER J 104 -30.25 -6.38 -31.08
N LYS J 105 -29.43 -7.12 -31.84
CA LYS J 105 -28.12 -6.63 -32.26
C LYS J 105 -28.24 -5.37 -33.10
N VAL J 106 -29.23 -5.35 -33.98
CA VAL J 106 -29.43 -4.22 -34.87
C VAL J 106 -29.86 -2.98 -34.08
N ILE J 107 -30.81 -3.14 -33.15
CA ILE J 107 -31.26 -2.06 -32.28
C ILE J 107 -30.14 -1.56 -31.36
N ARG J 108 -29.29 -2.48 -30.87
CA ARG J 108 -28.21 -2.10 -29.99
C ARG J 108 -27.23 -1.23 -30.72
N GLU J 109 -26.80 -1.69 -31.90
CA GLU J 109 -25.86 -0.93 -32.74
C GLU J 109 -26.43 0.42 -33.13
N ALA J 110 -27.75 0.47 -33.32
CA ALA J 110 -28.45 1.72 -33.57
C ALA J 110 -28.29 2.71 -32.40
N LEU J 111 -28.59 2.23 -31.18
CA LEU J 111 -28.50 3.07 -29.98
C LEU J 111 -27.07 3.50 -29.66
N GLU J 112 -26.12 2.61 -29.95
CA GLU J 112 -24.71 2.90 -29.70
C GLU J 112 -24.19 4.12 -30.44
N SER J 113 -24.78 4.42 -31.59
CA SER J 113 -24.37 5.60 -32.36
C SER J 113 -24.96 6.88 -31.79
N ALA J 114 -26.04 6.75 -31.02
CA ALA J 114 -26.70 7.92 -30.44
C ALA J 114 -26.26 8.20 -29.01
N VAL J 115 -26.21 7.17 -28.18
CA VAL J 115 -25.85 7.31 -26.76
C VAL J 115 -24.36 7.57 -26.56
N LEU J 116 -24.05 8.62 -25.79
CA LEU J 116 -22.67 8.99 -25.47
C LEU J 116 -22.09 8.10 -24.38
N VAL J 117 -21.77 6.88 -24.76
CA VAL J 117 -21.27 5.86 -23.84
C VAL J 117 -19.92 6.17 -23.24
N GLU J 118 -19.08 6.94 -23.94
CA GLU J 118 -17.76 7.24 -23.41
C GLU J 118 -17.82 7.95 -22.04
N LEU J 119 -18.99 8.49 -21.70
CA LEU J 119 -19.18 9.27 -20.47
C LEU J 119 -19.26 8.42 -19.21
N PHE J 120 -19.54 7.13 -19.36
CA PHE J 120 -19.75 6.25 -18.20
C PHE J 120 -18.92 4.99 -18.29
N PRO J 121 -17.60 5.11 -18.05
CA PRO J 121 -16.74 3.94 -18.18
C PRO J 121 -17.00 2.96 -17.05
N ARG J 122 -16.77 1.68 -17.31
CA ARG J 122 -16.98 0.61 -16.33
C ARG J 122 -18.43 0.43 -15.89
N THR J 123 -19.37 0.99 -16.64
CA THR J 123 -20.78 0.87 -16.30
C THR J 123 -21.55 0.15 -17.41
N ALA J 124 -22.78 -0.26 -17.09
CA ALA J 124 -23.68 -0.87 -18.06
C ALA J 124 -25.05 -0.18 -18.04
N ILE J 125 -25.53 0.18 -19.22
CA ILE J 125 -26.88 0.72 -19.36
C ILE J 125 -27.78 -0.37 -19.96
N ASP J 126 -28.84 -0.71 -19.23
CA ASP J 126 -29.72 -1.78 -19.65
C ASP J 126 -30.98 -1.22 -20.28
N VAL J 127 -31.21 -1.61 -21.53
CA VAL J 127 -32.39 -1.19 -22.27
C VAL J 127 -33.26 -2.43 -22.60
N PHE J 128 -34.34 -2.58 -21.87
CA PHE J 128 -35.28 -3.66 -22.13
C PHE J 128 -36.47 -3.13 -22.91
N THR J 129 -36.92 -3.92 -23.88
CA THR J 129 -37.98 -3.53 -24.82
C THR J 129 -38.96 -4.69 -25.04
N GLU J 130 -40.23 -4.46 -24.82
CA GLU J 130 -41.23 -5.47 -25.13
C GLU J 130 -42.16 -5.01 -26.24
N ILE J 131 -42.51 -5.90 -27.14
CA ILE J 131 -43.56 -5.55 -28.08
C ILE J 131 -44.87 -6.13 -27.55
N LEU J 132 -45.84 -5.25 -27.27
CA LEU J 132 -47.12 -5.65 -26.73
C LEU J 132 -48.16 -5.96 -27.82
N GLN J 133 -48.01 -5.32 -28.96
CA GLN J 133 -48.80 -5.57 -30.15
C GLN J 133 -47.91 -5.41 -31.35
N ALA J 134 -47.88 -6.42 -32.22
CA ALA J 134 -47.03 -6.37 -33.41
C ALA J 134 -47.88 -6.20 -34.64
N ASP J 135 -47.66 -5.10 -35.34
CA ASP J 135 -48.35 -4.81 -36.58
C ASP J 135 -47.39 -4.28 -37.62
N ALA J 136 -46.19 -4.88 -37.69
CA ALA J 136 -45.08 -4.42 -38.55
C ALA J 136 -44.45 -3.12 -38.04
N GLY J 137 -43.19 -2.92 -38.41
CA GLY J 137 -42.44 -1.75 -37.97
C GLY J 137 -42.03 -1.84 -36.51
N SER J 138 -42.21 -3.03 -35.93
CA SER J 138 -41.98 -3.25 -34.50
C SER J 138 -40.52 -3.08 -34.08
N ARG J 139 -39.57 -3.28 -35.00
CA ARG J 139 -38.17 -3.04 -34.66
C ARG J 139 -37.91 -1.54 -34.50
N LEU J 140 -38.68 -0.73 -35.21
CA LEU J 140 -38.54 0.72 -35.16
C LEU J 140 -39.31 1.32 -33.99
N VAL J 141 -40.50 0.80 -33.73
CA VAL J 141 -41.31 1.28 -32.63
C VAL J 141 -40.56 0.97 -31.35
N SER J 142 -39.84 -0.16 -31.35
CA SER J 142 -39.01 -0.57 -30.22
C SER J 142 -37.84 0.36 -30.02
N LEU J 143 -37.15 0.66 -31.12
CA LEU J 143 -35.97 1.53 -31.10
C LEU J 143 -36.28 2.93 -30.62
N MET J 144 -37.38 3.48 -31.10
CA MET J 144 -37.83 4.81 -30.69
C MET J 144 -38.28 4.85 -29.23
N ALA J 145 -39.02 3.82 -28.81
CA ALA J 145 -39.42 3.70 -27.42
C ALA J 145 -38.17 3.68 -26.53
N ALA J 146 -37.12 2.99 -27.00
CA ALA J 146 -35.84 2.92 -26.31
C ALA J 146 -35.17 4.28 -26.21
N SER J 147 -35.03 4.93 -27.37
CA SER J 147 -34.41 6.25 -27.46
C SER J 147 -35.06 7.24 -26.51
N LEU J 148 -36.39 7.19 -26.46
CA LEU J 148 -37.16 8.07 -25.58
C LEU J 148 -36.98 7.70 -24.12
N ALA J 149 -36.94 6.39 -23.83
CA ALA J 149 -36.75 5.93 -22.46
C ALA J 149 -35.37 6.34 -21.92
N LEU J 150 -34.38 6.36 -22.81
CA LEU J 150 -33.05 6.83 -22.46
C LEU J 150 -33.10 8.31 -22.13
N ALA J 151 -33.76 9.09 -22.97
CA ALA J 151 -33.92 10.53 -22.72
C ALA J 151 -34.67 10.78 -21.39
N ASP J 152 -35.64 9.92 -21.11
CA ASP J 152 -36.39 9.97 -19.86
C ASP J 152 -35.48 9.63 -18.67
N ALA J 153 -34.59 8.66 -18.86
CA ALA J 153 -33.57 8.31 -17.86
C ALA J 153 -32.48 9.37 -17.74
N GLY J 154 -32.59 10.41 -18.57
CA GLY J 154 -31.69 11.57 -18.52
C GLY J 154 -30.28 11.24 -18.94
N ILE J 155 -30.15 10.27 -19.85
CA ILE J 155 -28.86 9.84 -20.35
C ILE J 155 -28.51 10.62 -21.63
N PRO J 156 -27.31 11.24 -21.66
CA PRO J 156 -26.91 12.13 -22.76
C PRO J 156 -26.80 11.41 -24.10
N MET J 157 -27.39 12.01 -25.13
CA MET J 157 -27.33 11.43 -26.47
C MET J 157 -27.07 12.50 -27.51
N ARG J 158 -26.52 12.09 -28.65
CA ARG J 158 -26.25 13.01 -29.75
C ARG J 158 -27.54 13.65 -30.23
N ASP J 159 -28.57 12.81 -30.34
CA ASP J 159 -29.87 13.23 -30.81
C ASP J 159 -30.87 12.15 -30.40
N LEU J 160 -32.16 12.45 -30.59
CA LEU J 160 -33.21 11.43 -30.50
C LEU J 160 -33.20 10.59 -31.78
N ILE J 161 -33.71 9.36 -31.69
CA ILE J 161 -33.84 8.50 -32.87
C ILE J 161 -35.30 8.37 -33.32
N ALA J 162 -35.56 8.73 -34.58
CA ALA J 162 -36.89 8.64 -35.20
C ALA J 162 -36.82 7.73 -36.42
N GLY J 163 -37.88 6.96 -36.67
CA GLY J 163 -37.83 5.97 -37.74
C GLY J 163 -39.14 5.50 -38.32
N VAL J 164 -39.13 5.25 -39.63
CA VAL J 164 -40.26 4.65 -40.33
C VAL J 164 -39.78 3.52 -41.21
N ALA J 165 -40.69 2.57 -41.47
CA ALA J 165 -40.50 1.57 -42.49
C ALA J 165 -41.18 2.09 -43.77
N VAL J 166 -40.40 2.17 -44.85
CA VAL J 166 -40.94 2.56 -46.14
C VAL J 166 -40.89 1.31 -47.02
N GLY J 167 -41.82 1.19 -47.97
CA GLY J 167 -41.90 -0.04 -48.74
C GLY J 167 -42.46 0.14 -50.13
N LYS J 168 -42.56 -0.97 -50.85
CA LYS J 168 -43.13 -0.99 -52.18
C LYS J 168 -44.15 -2.11 -52.25
N ALA J 169 -45.41 -1.73 -52.46
CA ALA J 169 -46.52 -2.67 -52.58
C ALA J 169 -46.65 -3.12 -54.03
N ASP J 170 -47.79 -2.81 -54.64
CA ASP J 170 -48.03 -3.18 -56.03
C ASP J 170 -47.43 -2.14 -56.96
N GLY J 171 -46.13 -1.97 -56.84
CA GLY J 171 -45.37 -1.09 -57.70
C GLY J 171 -45.35 0.34 -57.19
N VAL J 172 -46.12 0.60 -56.13
CA VAL J 172 -46.20 1.95 -55.59
C VAL J 172 -45.43 2.04 -54.27
N ILE J 173 -44.64 3.10 -54.11
CA ILE J 173 -43.90 3.32 -52.87
C ILE J 173 -44.78 3.91 -51.77
N ILE J 174 -44.79 3.23 -50.63
CA ILE J 174 -45.69 3.55 -49.52
C ILE J 174 -44.92 3.78 -48.21
N LEU J 175 -45.53 4.54 -47.31
CA LEU J 175 -44.90 4.93 -46.05
C LEU J 175 -45.59 4.28 -44.85
N ASP J 176 -44.80 3.66 -43.98
CA ASP J 176 -45.28 3.05 -42.73
C ASP J 176 -46.24 1.89 -42.95
N LEU J 177 -45.72 0.67 -42.95
CA LEU J 177 -46.45 -0.51 -43.43
C LEU J 177 -47.29 -1.23 -42.38
N ASN J 178 -48.28 -1.98 -42.87
CA ASN J 178 -49.09 -2.88 -42.04
C ASN J 178 -48.55 -4.31 -42.08
N GLU J 179 -49.04 -5.17 -41.19
CA GLU J 179 -48.81 -6.61 -41.23
C GLU J 179 -49.04 -7.13 -42.64
N THR J 180 -50.07 -6.59 -43.27
CA THR J 180 -50.51 -7.01 -44.59
C THR J 180 -49.57 -6.52 -45.69
N GLU J 181 -49.14 -5.25 -45.59
CA GLU J 181 -48.20 -4.69 -46.55
C GLU J 181 -46.80 -5.29 -46.42
N ASP J 182 -46.39 -5.58 -45.19
CA ASP J 182 -45.13 -6.25 -44.92
C ASP J 182 -45.16 -7.65 -45.52
N MET J 183 -46.30 -8.31 -45.41
CA MET J 183 -46.46 -9.71 -45.80
C MET J 183 -46.58 -9.98 -47.32
N TRP J 184 -47.10 -9.01 -48.07
CA TRP J 184 -47.34 -9.20 -49.50
C TRP J 184 -46.68 -8.17 -50.40
N GLY J 185 -46.06 -7.15 -49.81
CA GLY J 185 -45.35 -6.12 -50.58
C GLY J 185 -44.05 -6.63 -51.17
N GLU J 186 -43.61 -6.01 -52.26
CA GLU J 186 -42.37 -6.42 -52.92
C GLU J 186 -41.12 -6.10 -52.07
N ALA J 187 -41.20 -5.02 -51.31
CA ALA J 187 -40.10 -4.56 -50.47
C ALA J 187 -40.57 -3.99 -49.11
N ASP J 188 -39.75 -4.18 -48.09
CA ASP J 188 -39.94 -3.54 -46.78
C ASP J 188 -38.55 -3.00 -46.38
N MET J 189 -38.49 -1.69 -46.11
CA MET J 189 -37.23 -0.99 -45.82
C MET J 189 -37.35 -0.11 -44.58
N PRO J 190 -37.02 -0.67 -43.39
CA PRO J 190 -36.97 0.15 -42.19
C PRO J 190 -35.76 1.10 -42.18
N ILE J 191 -36.00 2.37 -41.85
CA ILE J 191 -34.95 3.38 -41.75
C ILE J 191 -35.11 4.13 -40.44
N ALA J 192 -34.02 4.27 -39.69
CA ALA J 192 -34.03 5.08 -38.48
C ALA J 192 -32.92 6.12 -38.50
N MET J 193 -33.26 7.35 -38.12
CA MET J 193 -32.34 8.49 -38.23
C MET J 193 -32.17 9.26 -36.93
N MET J 194 -31.07 10.00 -36.83
CA MET J 194 -30.91 11.07 -35.87
C MET J 194 -31.17 12.33 -36.68
N PRO J 195 -32.45 12.76 -36.76
CA PRO J 195 -32.91 13.71 -37.78
C PRO J 195 -32.18 15.04 -37.79
N SER J 196 -31.80 15.55 -36.62
CA SER J 196 -31.15 16.84 -36.53
C SER J 196 -29.71 16.83 -37.03
N LEU J 197 -29.11 15.64 -37.05
CA LEU J 197 -27.75 15.44 -37.55
C LEU J 197 -27.73 14.81 -38.94
N ASN J 198 -28.91 14.44 -39.45
CA ASN J 198 -29.05 13.71 -40.72
C ASN J 198 -28.21 12.44 -40.75
N GLN J 199 -28.24 11.71 -39.63
CA GLN J 199 -27.44 10.51 -39.46
C GLN J 199 -28.33 9.29 -39.44
N VAL J 200 -28.04 8.35 -40.32
CA VAL J 200 -28.80 7.10 -40.39
C VAL J 200 -28.23 6.10 -39.41
N THR J 201 -29.09 5.75 -38.47
CA THR J 201 -28.76 4.96 -37.30
C THR J 201 -29.00 3.48 -37.57
N LEU J 202 -30.11 3.20 -38.25
CA LEU J 202 -30.50 1.86 -38.64
C LEU J 202 -30.94 1.93 -40.10
N PHE J 203 -30.59 0.90 -40.86
CA PHE J 203 -30.98 0.85 -42.27
C PHE J 203 -31.01 -0.59 -42.77
N GLN J 204 -32.18 -1.05 -43.18
CA GLN J 204 -32.36 -2.40 -43.70
C GLN J 204 -33.28 -2.42 -44.88
N LEU J 205 -33.18 -3.45 -45.70
CA LEU J 205 -34.15 -3.74 -46.75
C LEU J 205 -34.26 -5.23 -46.99
N ASN J 206 -35.45 -5.75 -46.82
CA ASN J 206 -35.77 -7.09 -47.29
C ASN J 206 -36.80 -6.97 -48.40
N GLY J 207 -36.56 -7.70 -49.48
CA GLY J 207 -37.40 -7.62 -50.68
C GLY J 207 -36.56 -7.15 -51.83
N SER J 208 -37.19 -6.49 -52.79
CA SER J 208 -36.56 -6.18 -54.08
C SER J 208 -36.86 -4.75 -54.53
N MET J 209 -35.84 -4.04 -55.01
CA MET J 209 -36.00 -2.66 -55.49
C MET J 209 -35.01 -2.27 -56.57
N THR J 210 -35.43 -1.44 -57.51
CA THR J 210 -34.49 -0.83 -58.45
C THR J 210 -33.76 0.31 -57.74
N PRO J 211 -32.53 0.63 -58.18
CA PRO J 211 -31.78 1.73 -57.58
C PRO J 211 -32.55 3.06 -57.46
N ASP J 212 -33.42 3.34 -58.44
CA ASP J 212 -34.26 4.56 -58.39
C ASP J 212 -35.37 4.51 -57.33
N GLU J 213 -36.19 3.45 -57.36
CA GLU J 213 -37.20 3.20 -56.31
C GLU J 213 -36.61 3.20 -54.90
N PHE J 214 -35.38 2.71 -54.78
CA PHE J 214 -34.65 2.80 -53.52
C PHE J 214 -34.44 4.26 -53.12
N ARG J 215 -34.04 5.10 -54.08
CA ARG J 215 -33.82 6.53 -53.83
C ARG J 215 -35.10 7.35 -53.61
N GLN J 216 -36.22 6.93 -54.21
CA GLN J 216 -37.52 7.55 -53.93
C GLN J 216 -38.02 7.19 -52.53
N ALA J 217 -38.06 5.87 -52.24
CA ALA J 217 -38.49 5.34 -50.96
C ALA J 217 -37.73 5.99 -49.84
N PHE J 218 -36.45 6.25 -50.12
CA PHE J 218 -35.56 6.84 -49.16
C PHE J 218 -35.97 8.29 -48.86
N ASP J 219 -36.40 8.99 -49.90
CA ASP J 219 -36.72 10.43 -49.85
C ASP J 219 -38.15 10.70 -49.35
N LEU J 220 -38.94 9.64 -49.20
CA LEU J 220 -40.24 9.68 -48.53
C LEU J 220 -40.03 9.39 -47.05
N ALA J 221 -39.19 8.39 -46.74
CA ALA J 221 -38.88 7.98 -45.36
C ALA J 221 -38.36 9.14 -44.51
N VAL J 222 -37.51 9.98 -45.11
CA VAL J 222 -36.99 11.16 -44.45
C VAL J 222 -38.10 12.09 -44.00
N LYS J 223 -39.04 12.38 -44.91
CA LYS J 223 -40.22 13.25 -44.61
C LYS J 223 -41.07 12.74 -43.45
N GLY J 224 -41.33 11.43 -43.46
CA GLY J 224 -42.05 10.76 -42.37
C GLY J 224 -41.29 10.86 -41.07
N ILE J 225 -39.99 10.57 -41.12
CA ILE J 225 -39.10 10.67 -39.95
C ILE J 225 -39.17 12.05 -39.31
N ASN J 226 -39.15 13.09 -40.15
CA ASN J 226 -39.21 14.47 -39.68
C ASN J 226 -40.47 14.81 -38.89
N ILE J 227 -41.59 14.23 -39.32
CA ILE J 227 -42.87 14.45 -38.64
C ILE J 227 -42.90 13.75 -37.29
N ILE J 228 -42.41 12.50 -37.25
CA ILE J 228 -42.32 11.72 -36.02
C ILE J 228 -41.37 12.36 -35.01
N TYR J 229 -40.23 12.81 -35.50
CA TYR J 229 -39.23 13.49 -34.69
C TYR J 229 -39.83 14.64 -33.91
N ASN J 230 -40.68 15.42 -34.59
CA ASN J 230 -41.36 16.57 -33.97
C ASN J 230 -42.23 16.14 -32.80
N LEU J 231 -42.85 14.97 -32.92
CA LEU J 231 -43.71 14.46 -31.88
C LEU J 231 -42.87 13.94 -30.70
N GLU J 232 -41.71 13.36 -31.02
CA GLU J 232 -40.76 12.94 -29.99
C GLU J 232 -40.28 14.12 -29.15
N ARG J 233 -39.81 15.16 -29.83
CA ARG J 233 -39.44 16.38 -29.15
C ARG J 233 -40.53 16.88 -28.24
N GLU J 234 -41.78 16.80 -28.71
CA GLU J 234 -42.94 17.33 -27.99
C GLU J 234 -43.40 16.43 -26.85
N ALA J 235 -43.14 15.13 -27.00
CA ALA J 235 -43.44 14.15 -25.98
C ALA J 235 -42.42 14.24 -24.85
N LEU J 236 -41.27 14.83 -25.17
CA LEU J 236 -40.20 15.03 -24.21
C LEU J 236 -40.53 16.17 -23.24
N LYS J 237 -41.07 17.27 -23.77
CA LYS J 237 -41.59 18.35 -22.92
C LYS J 237 -42.77 17.83 -22.10
N SER J 238 -43.87 17.49 -22.77
CA SER J 238 -45.18 17.31 -22.13
C SER J 238 -45.49 15.91 -21.60
N LYS J 239 -44.57 14.96 -21.82
CA LYS J 239 -44.70 13.55 -21.35
C LYS J 239 -45.77 12.70 -22.04
N TYR J 240 -46.66 13.33 -22.80
CA TYR J 240 -47.77 12.63 -23.44
C TYR J 240 -48.17 13.27 -24.76
N VAL J 241 -48.20 12.47 -25.82
CA VAL J 241 -48.50 12.95 -27.16
C VAL J 241 -49.43 12.02 -27.94
N GLU J 242 -50.48 12.60 -28.53
CA GLU J 242 -51.37 11.92 -29.47
C GLU J 242 -51.27 12.56 -30.84
N PHE J 243 -51.39 11.75 -31.88
CA PHE J 243 -51.32 12.24 -33.24
C PHE J 243 -52.17 11.37 -34.17
N LYS J 244 -53.27 11.94 -34.67
CA LYS J 244 -54.14 11.26 -35.64
C LYS J 244 -53.45 11.18 -37.00
N GLU J 245 -53.69 10.10 -37.74
CA GLU J 245 -53.04 9.90 -39.04
C GLU J 245 -53.05 11.18 -39.89
N GLU J 246 -51.90 11.57 -40.42
CA GLU J 246 -51.86 12.70 -41.37
C GLU J 246 -50.84 12.51 -42.51
N GLY J 247 -51.21 13.03 -43.69
CA GLY J 247 -50.34 13.08 -44.87
C GLY J 247 -49.02 13.79 -44.62
N VAL J 248 -47.97 13.35 -45.31
CA VAL J 248 -46.63 13.95 -45.18
C VAL J 248 -46.66 15.49 -45.30
N MET K 1 -30.15 -26.22 -9.48
CA MET K 1 -29.48 -25.83 -8.19
C MET K 1 -29.85 -24.42 -7.67
N SER K 2 -30.62 -24.38 -6.57
CA SER K 2 -31.16 -23.13 -6.03
C SER K 2 -30.29 -22.52 -4.93
N SER K 3 -29.84 -21.27 -5.13
CA SER K 3 -28.95 -20.61 -4.17
C SER K 3 -29.40 -19.21 -3.74
N THR K 4 -29.02 -18.84 -2.52
CA THR K 4 -29.34 -17.54 -1.94
C THR K 4 -28.92 -16.47 -2.93
N PRO K 5 -29.85 -15.60 -3.34
CA PRO K 5 -29.55 -14.56 -4.33
C PRO K 5 -28.50 -13.55 -3.84
N SER K 6 -27.46 -13.29 -4.65
CA SER K 6 -26.36 -12.39 -4.26
C SER K 6 -26.60 -10.94 -4.63
N ASN K 7 -27.50 -10.73 -5.60
CA ASN K 7 -28.12 -9.43 -5.80
C ASN K 7 -29.11 -9.14 -4.63
N GLN K 8 -28.74 -9.64 -3.45
CA GLN K 8 -29.53 -9.52 -2.23
C GLN K 8 -29.62 -8.05 -1.84
N ASN K 9 -30.78 -7.44 -2.09
CA ASN K 9 -30.95 -6.01 -1.82
C ASN K 9 -31.10 -5.71 -0.33
N ILE K 10 -29.96 -5.32 0.28
CA ILE K 10 -29.92 -5.14 1.72
C ILE K 10 -30.41 -3.77 2.12
N ILE K 11 -31.22 -3.74 3.19
CA ILE K 11 -31.82 -2.51 3.70
C ILE K 11 -31.42 -2.28 5.17
N PRO K 12 -30.67 -1.18 5.44
CA PRO K 12 -30.00 -0.91 6.72
C PRO K 12 -30.89 -1.10 7.93
N ILE K 13 -30.27 -1.41 9.06
CA ILE K 13 -30.97 -1.65 10.32
C ILE K 13 -31.74 -0.40 10.77
N ILE K 14 -31.15 0.77 10.51
CA ILE K 14 -31.73 2.07 10.89
C ILE K 14 -33.04 2.33 10.14
N LYS K 15 -33.05 2.06 8.83
CA LYS K 15 -34.27 2.24 8.05
C LYS K 15 -35.35 1.24 8.44
N LYS K 16 -34.94 0.03 8.83
CA LYS K 16 -35.89 -0.99 9.28
C LYS K 16 -36.66 -0.56 10.52
N GLU K 17 -35.93 -0.04 11.50
CA GLU K 17 -36.55 0.45 12.71
C GLU K 17 -37.58 1.53 12.44
N SER K 18 -37.26 2.46 11.53
CA SER K 18 -38.15 3.57 11.18
C SER K 18 -39.50 3.06 10.76
N ILE K 19 -39.49 2.00 9.93
CA ILE K 19 -40.70 1.42 9.39
C ILE K 19 -41.46 0.68 10.49
N VAL K 20 -40.71 0.01 11.36
CA VAL K 20 -41.30 -0.77 12.45
C VAL K 20 -41.96 0.15 13.49
N SER K 21 -41.31 1.29 13.75
CA SER K 21 -41.84 2.27 14.70
C SER K 21 -43.16 2.84 14.22
N LEU K 22 -43.36 2.85 12.91
CA LEU K 22 -44.62 3.25 12.33
C LEU K 22 -45.67 2.14 12.48
N PHE K 23 -45.25 0.90 12.29
CA PHE K 23 -46.13 -0.26 12.44
C PHE K 23 -46.68 -0.31 13.85
N GLU K 24 -45.81 0.06 14.79
CA GLU K 24 -46.15 0.09 16.18
C GLU K 24 -47.34 1.05 16.45
N LYS K 25 -47.52 2.04 15.57
CA LYS K 25 -48.64 2.96 15.64
C LYS K 25 -49.71 2.64 14.59
N GLY K 26 -49.63 1.46 14.00
CA GLY K 26 -50.64 0.99 13.04
C GLY K 26 -50.74 1.75 11.73
N ILE K 27 -49.68 2.46 11.37
CA ILE K 27 -49.63 3.21 10.12
C ILE K 27 -48.39 2.79 9.33
N ARG K 28 -48.40 3.00 8.02
CA ARG K 28 -47.25 2.67 7.18
C ARG K 28 -46.70 3.91 6.48
N GLN K 29 -45.65 3.71 5.69
CA GLN K 29 -45.06 4.78 4.89
C GLN K 29 -46.04 5.32 3.86
N ASP K 30 -46.63 4.42 3.07
CA ASP K 30 -47.65 4.81 2.10
C ASP K 30 -48.83 5.61 2.72
N GLY K 31 -49.09 5.41 4.01
CA GLY K 31 -50.21 6.06 4.72
C GLY K 31 -51.28 5.08 5.17
N ARG K 32 -51.29 3.91 4.54
CA ARG K 32 -52.34 2.92 4.80
C ARG K 32 -52.17 2.14 6.08
N LYS K 33 -53.30 1.62 6.58
CA LYS K 33 -53.32 0.82 7.79
C LYS K 33 -52.67 -0.51 7.52
N LEU K 34 -52.30 -1.20 8.60
CA LEU K 34 -51.60 -2.48 8.48
C LEU K 34 -52.31 -3.48 7.58
N THR K 35 -53.62 -3.32 7.41
CA THR K 35 -54.42 -4.32 6.70
C THR K 35 -54.93 -3.88 5.32
N ASP K 36 -54.52 -2.70 4.87
CA ASP K 36 -55.01 -2.14 3.61
C ASP K 36 -54.27 -2.65 2.39
N TYR K 37 -55.01 -2.86 1.30
CA TYR K 37 -54.41 -3.05 -0.02
C TYR K 37 -53.99 -1.71 -0.63
N ARG K 38 -53.03 -1.76 -1.56
CA ARG K 38 -52.65 -0.58 -2.32
C ARG K 38 -53.70 -0.22 -3.38
N PRO K 39 -53.66 1.01 -3.91
CA PRO K 39 -54.57 1.43 -4.99
C PRO K 39 -54.52 0.48 -6.17
N LEU K 40 -55.68 0.13 -6.71
CA LEU K 40 -55.77 -0.89 -7.75
C LEU K 40 -56.36 -0.40 -9.08
N SER K 41 -55.56 -0.47 -10.15
CA SER K 41 -56.02 -0.14 -11.49
C SER K 41 -56.04 -1.38 -12.36
N ILE K 42 -57.12 -1.56 -13.12
CA ILE K 42 -57.19 -2.63 -14.12
C ILE K 42 -57.69 -2.03 -15.44
N THR K 43 -56.90 -2.23 -16.49
CA THR K 43 -57.27 -1.86 -17.82
C THR K 43 -57.39 -3.17 -18.58
N LEU K 44 -58.60 -3.46 -19.05
CA LEU K 44 -58.86 -4.65 -19.84
C LEU K 44 -58.56 -4.43 -21.33
N ASP K 45 -58.29 -5.52 -22.04
CA ASP K 45 -58.01 -5.51 -23.47
C ASP K 45 -56.92 -4.50 -23.79
N TYR K 46 -55.79 -4.59 -23.08
CA TYR K 46 -54.68 -3.67 -23.30
C TYR K 46 -53.80 -4.08 -24.50
N ALA K 47 -53.45 -5.36 -24.55
CA ALA K 47 -52.74 -5.94 -25.68
C ALA K 47 -53.78 -6.40 -26.67
N LYS K 48 -53.87 -5.68 -27.78
CA LYS K 48 -54.99 -5.87 -28.71
C LYS K 48 -54.92 -7.17 -29.48
N LYS K 49 -53.72 -7.69 -29.72
CA LYS K 49 -53.62 -8.93 -30.47
C LYS K 49 -53.78 -10.19 -29.63
N ALA K 50 -53.91 -10.01 -28.31
CA ALA K 50 -54.23 -11.10 -27.40
C ALA K 50 -55.70 -11.47 -27.57
N ASP K 51 -56.02 -12.72 -27.27
CA ASP K 51 -57.40 -13.20 -27.18
C ASP K 51 -58.13 -12.56 -26.00
N GLY K 52 -57.37 -12.14 -25.00
CA GLY K 52 -57.89 -11.42 -23.86
C GLY K 52 -56.69 -10.95 -23.07
N SER K 53 -56.73 -9.72 -22.60
CA SER K 53 -55.58 -9.18 -21.88
C SER K 53 -56.00 -8.23 -20.75
N ALA K 54 -55.10 -8.00 -19.80
CA ALA K 54 -55.39 -7.11 -18.70
C ALA K 54 -54.10 -6.54 -18.18
N LEU K 55 -54.08 -5.22 -18.02
CA LEU K 55 -52.94 -4.53 -17.42
C LEU K 55 -53.33 -4.10 -16.02
N VAL K 56 -52.62 -4.59 -15.01
CA VAL K 56 -52.96 -4.36 -13.62
C VAL K 56 -51.90 -3.47 -12.96
N LYS K 57 -52.35 -2.40 -12.31
CA LYS K 57 -51.48 -1.59 -11.48
C LYS K 57 -51.92 -1.72 -10.03
N LEU K 58 -51.12 -2.44 -9.25
CA LEU K 58 -51.32 -2.52 -7.82
C LEU K 58 -50.16 -1.76 -7.21
N GLY K 59 -50.43 -0.56 -6.72
CA GLY K 59 -49.38 0.31 -6.26
C GLY K 59 -48.43 0.63 -7.42
N THR K 60 -47.14 0.40 -7.21
CA THR K 60 -46.14 0.63 -8.25
C THR K 60 -45.87 -0.64 -9.06
N THR K 61 -46.36 -1.79 -8.57
CA THR K 61 -46.27 -3.05 -9.31
C THR K 61 -47.15 -3.05 -10.57
N MET K 62 -46.58 -3.45 -11.70
CA MET K 62 -47.38 -3.60 -12.92
C MET K 62 -47.23 -4.94 -13.57
N VAL K 63 -48.35 -5.58 -13.78
CA VAL K 63 -48.38 -6.84 -14.47
C VAL K 63 -49.29 -6.71 -15.67
N LEU K 64 -48.83 -7.22 -16.80
CA LEU K 64 -49.65 -7.36 -17.99
C LEU K 64 -49.81 -8.85 -18.29
N ALA K 65 -51.03 -9.33 -18.34
CA ALA K 65 -51.29 -10.73 -18.68
C ALA K 65 -52.16 -10.82 -19.91
N GLY K 66 -51.88 -11.80 -20.75
CA GLY K 66 -52.63 -11.96 -21.98
C GLY K 66 -52.82 -13.41 -22.32
N THR K 67 -53.99 -13.73 -22.87
CA THR K 67 -54.30 -15.10 -23.27
C THR K 67 -54.26 -15.23 -24.77
N LYS K 68 -53.91 -16.44 -25.20
CA LYS K 68 -53.84 -16.78 -26.61
C LYS K 68 -54.38 -18.20 -26.74
N LEU K 69 -55.46 -18.38 -27.50
CA LEU K 69 -56.14 -19.68 -27.60
C LEU K 69 -55.69 -20.49 -28.80
N GLU K 70 -55.54 -21.79 -28.62
CA GLU K 70 -55.13 -22.68 -29.72
C GLU K 70 -55.87 -24.01 -29.70
N ILE K 71 -55.92 -24.70 -30.84
CA ILE K 71 -56.53 -26.03 -30.90
C ILE K 71 -55.46 -27.10 -31.05
N ASP K 72 -55.31 -27.96 -30.05
CA ASP K 72 -54.36 -29.09 -30.17
C ASP K 72 -54.97 -30.35 -29.59
N LYS K 73 -54.45 -31.51 -30.01
CA LYS K 73 -54.96 -32.81 -29.55
C LYS K 73 -54.78 -32.93 -28.05
N PRO K 74 -55.83 -33.39 -27.32
CA PRO K 74 -55.68 -33.50 -25.87
C PRO K 74 -54.61 -34.52 -25.50
N TYR K 75 -53.98 -34.32 -24.35
CA TYR K 75 -52.82 -35.11 -23.94
C TYR K 75 -53.23 -36.54 -23.49
N GLU K 76 -52.65 -37.58 -24.09
CA GLU K 76 -53.06 -39.01 -23.91
C GLU K 76 -53.58 -39.40 -22.51
N ASP K 77 -52.97 -38.83 -21.49
CA ASP K 77 -53.41 -39.01 -20.10
C ASP K 77 -54.81 -38.39 -19.81
N THR K 78 -55.01 -37.14 -20.24
CA THR K 78 -56.26 -36.40 -19.99
C THR K 78 -57.06 -36.17 -21.28
N PRO K 79 -57.80 -37.19 -21.74
CA PRO K 79 -58.41 -37.14 -23.07
C PRO K 79 -59.64 -36.25 -23.10
N ASN K 80 -60.12 -35.91 -21.90
CA ASN K 80 -61.42 -35.27 -21.68
C ASN K 80 -61.21 -33.94 -20.98
N GLN K 81 -60.24 -33.18 -21.48
CA GLN K 81 -59.85 -31.92 -20.88
C GLN K 81 -59.15 -31.03 -21.87
N GLY K 82 -59.44 -29.74 -21.78
CA GLY K 82 -58.63 -28.74 -22.44
C GLY K 82 -57.37 -28.46 -21.62
N ASN K 83 -56.52 -27.57 -22.11
CA ASN K 83 -55.28 -27.29 -21.45
C ASN K 83 -55.18 -25.85 -20.98
N LEU K 84 -54.54 -25.65 -19.83
CA LEU K 84 -54.17 -24.32 -19.37
C LEU K 84 -52.69 -24.30 -19.11
N ILE K 85 -51.98 -23.40 -19.78
CA ILE K 85 -50.54 -23.28 -19.58
C ILE K 85 -50.19 -21.87 -19.14
N VAL K 86 -49.86 -21.76 -17.86
CA VAL K 86 -49.50 -20.47 -17.26
C VAL K 86 -48.00 -20.24 -17.40
N ASN K 87 -47.62 -18.99 -17.64
CA ASN K 87 -46.23 -18.67 -17.81
C ASN K 87 -45.93 -17.25 -17.35
N VAL K 88 -45.00 -17.13 -16.41
CA VAL K 88 -44.68 -15.84 -15.81
C VAL K 88 -43.31 -15.37 -16.22
N GLU K 89 -43.18 -14.05 -16.30
CA GLU K 89 -42.04 -13.35 -16.90
C GLU K 89 -41.65 -12.10 -16.13
N LEU K 90 -40.51 -12.16 -15.44
CA LEU K 90 -40.00 -10.98 -14.77
C LEU K 90 -39.05 -10.26 -15.71
N LEU K 91 -39.11 -8.94 -15.76
CA LEU K 91 -38.34 -8.20 -16.77
C LEU K 91 -37.26 -7.24 -16.27
N PRO K 92 -37.46 -6.59 -15.08
CA PRO K 92 -36.45 -5.66 -14.53
C PRO K 92 -35.06 -6.27 -14.25
N ASP K 104 -36.62 -18.70 -15.09
CA ASP K 104 -35.95 -18.10 -13.94
C ASP K 104 -35.89 -19.05 -12.74
N GLU K 105 -36.84 -18.92 -11.80
CA GLU K 105 -36.94 -19.68 -10.54
C GLU K 105 -38.03 -19.07 -9.68
N ASN K 106 -38.03 -17.76 -9.54
CA ASN K 106 -39.13 -17.05 -8.88
C ASN K 106 -40.28 -16.95 -9.86
N ALA K 107 -39.94 -16.81 -11.13
CA ALA K 107 -40.90 -16.78 -12.20
C ALA K 107 -41.63 -18.14 -12.25
N ILE K 108 -40.86 -19.22 -12.32
CA ILE K 108 -41.42 -20.57 -12.31
C ILE K 108 -42.34 -20.77 -11.11
N GLU K 109 -41.86 -20.43 -9.91
CA GLU K 109 -42.65 -20.55 -8.68
C GLU K 109 -43.95 -19.72 -8.77
N LEU K 110 -43.87 -18.51 -9.32
CA LEU K 110 -45.04 -17.65 -9.51
C LEU K 110 -46.04 -18.30 -10.46
N ALA K 111 -45.52 -18.86 -11.56
CA ALA K 111 -46.36 -19.50 -12.57
C ALA K 111 -47.11 -20.64 -11.94
N ARG K 112 -46.41 -21.47 -11.18
CA ARG K 112 -47.03 -22.65 -10.57
C ARG K 112 -48.06 -22.27 -9.51
N VAL K 113 -47.77 -21.29 -8.67
CA VAL K 113 -48.71 -20.88 -7.64
C VAL K 113 -50.02 -20.36 -8.25
N VAL K 114 -49.90 -19.53 -9.28
CA VAL K 114 -51.08 -19.04 -10.00
C VAL K 114 -51.82 -20.20 -10.62
N ASP K 115 -51.13 -21.01 -11.42
CA ASP K 115 -51.70 -22.17 -12.10
C ASP K 115 -52.49 -23.00 -11.12
N ARG K 116 -51.85 -23.43 -10.05
CA ARG K 116 -52.47 -24.27 -9.02
C ARG K 116 -53.77 -23.70 -8.48
N SER K 117 -53.80 -22.40 -8.25
CA SER K 117 -55.01 -21.80 -7.65
C SER K 117 -56.12 -21.57 -8.68
N LEU K 118 -55.77 -21.44 -9.95
CA LEU K 118 -56.78 -21.34 -11.00
C LEU K 118 -57.38 -22.69 -11.33
N ARG K 119 -56.58 -23.75 -11.15
CA ARG K 119 -56.94 -25.11 -11.58
C ARG K 119 -57.66 -25.89 -10.47
N ASP K 120 -57.13 -25.83 -9.26
CA ASP K 120 -57.70 -26.51 -8.09
C ASP K 120 -59.03 -25.91 -7.65
N SER K 121 -59.21 -24.60 -7.85
CA SER K 121 -60.45 -23.92 -7.52
C SER K 121 -61.50 -24.30 -8.53
N LYS K 122 -61.06 -24.82 -9.67
CA LYS K 122 -61.89 -24.99 -10.86
C LYS K 122 -62.56 -23.65 -11.26
N ALA K 123 -61.81 -22.56 -11.14
CA ALA K 123 -62.27 -21.24 -11.61
C ALA K 123 -62.40 -21.27 -13.12
N LEU K 124 -61.47 -21.95 -13.77
CA LEU K 124 -61.62 -22.26 -15.18
C LEU K 124 -61.90 -23.74 -15.27
N ASP K 125 -62.99 -24.09 -15.95
CA ASP K 125 -63.37 -25.49 -16.13
C ASP K 125 -62.77 -26.02 -17.42
N LEU K 126 -61.72 -26.81 -17.29
CA LEU K 126 -61.01 -27.33 -18.45
C LEU K 126 -61.82 -28.35 -19.22
N THR K 127 -62.78 -29.01 -18.56
CA THR K 127 -63.54 -30.07 -19.21
C THR K 127 -64.57 -29.49 -20.19
N LYS K 128 -64.73 -28.18 -20.20
CA LYS K 128 -65.65 -27.58 -21.15
C LYS K 128 -64.87 -26.92 -22.29
N LEU K 129 -63.57 -27.10 -22.29
CA LEU K 129 -62.74 -26.63 -23.39
C LEU K 129 -62.51 -27.76 -24.38
N VAL K 130 -63.43 -28.73 -24.41
CA VAL K 130 -63.36 -29.84 -25.36
C VAL K 130 -64.18 -29.53 -26.60
N ILE K 131 -63.60 -29.76 -27.78
CA ILE K 131 -64.35 -29.58 -29.01
C ILE K 131 -64.85 -30.95 -29.49
N GLU K 132 -63.94 -31.84 -29.84
CA GLU K 132 -64.28 -33.23 -30.20
C GLU K 132 -63.49 -34.19 -29.33
N PRO K 133 -64.13 -34.73 -28.27
CA PRO K 133 -63.44 -35.47 -27.21
C PRO K 133 -62.43 -36.46 -27.78
N GLY K 134 -61.22 -36.44 -27.22
CA GLY K 134 -60.17 -37.31 -27.71
C GLY K 134 -59.51 -36.84 -29.00
N LYS K 135 -60.24 -36.07 -29.80
CA LYS K 135 -59.70 -35.58 -31.07
C LYS K 135 -59.07 -34.17 -30.97
N SER K 136 -59.83 -33.18 -30.48
CA SER K 136 -59.38 -31.77 -30.42
C SER K 136 -60.00 -30.94 -29.29
N VAL K 137 -59.11 -30.25 -28.58
CA VAL K 137 -59.48 -29.38 -27.46
C VAL K 137 -58.79 -28.00 -27.55
N TRP K 138 -59.33 -27.02 -26.84
CA TRP K 138 -58.69 -25.73 -26.69
C TRP K 138 -57.51 -25.80 -25.69
N THR K 139 -56.44 -25.08 -26.00
CA THR K 139 -55.33 -24.88 -25.09
C THR K 139 -55.30 -23.40 -24.82
N VAL K 140 -55.41 -23.03 -23.55
CA VAL K 140 -55.37 -21.64 -23.14
C VAL K 140 -53.94 -21.30 -22.70
N TRP K 141 -53.26 -20.51 -23.52
CA TRP K 141 -51.95 -19.99 -23.15
C TRP K 141 -52.09 -18.67 -22.41
N LEU K 142 -51.78 -18.72 -21.11
CA LEU K 142 -51.78 -17.52 -20.25
C LEU K 142 -50.34 -17.07 -20.05
N ASP K 143 -50.03 -15.86 -20.47
CA ASP K 143 -48.70 -15.32 -20.29
C ASP K 143 -48.74 -14.03 -19.50
N VAL K 144 -47.98 -14.01 -18.41
CA VAL K 144 -48.03 -12.95 -17.44
C VAL K 144 -46.68 -12.26 -17.45
N TYR K 145 -46.69 -10.95 -17.65
CA TYR K 145 -45.46 -10.15 -17.74
C TYR K 145 -45.37 -9.10 -16.65
N VAL K 146 -44.42 -9.31 -15.74
CA VAL K 146 -44.14 -8.32 -14.70
C VAL K 146 -43.23 -7.23 -15.27
N LEU K 147 -43.78 -6.03 -15.39
CA LEU K 147 -43.08 -4.90 -16.02
C LEU K 147 -42.44 -3.99 -14.97
N ASP K 148 -43.08 -3.89 -13.82
CA ASP K 148 -42.61 -3.03 -12.77
C ASP K 148 -42.65 -3.83 -11.49
N TYR K 149 -41.48 -4.08 -10.90
CA TYR K 149 -41.43 -4.86 -9.67
C TYR K 149 -41.59 -3.97 -8.45
N GLY K 150 -42.83 -3.78 -8.00
CA GLY K 150 -43.12 -2.87 -6.89
C GLY K 150 -43.46 -3.58 -5.60
N GLY K 151 -43.20 -4.89 -5.57
CA GLY K 151 -43.44 -5.69 -4.39
C GLY K 151 -44.81 -6.32 -4.38
N ASN K 152 -44.90 -7.52 -3.79
CA ASN K 152 -46.12 -8.33 -3.79
C ASN K 152 -46.60 -8.65 -5.22
N VAL K 153 -45.65 -9.10 -6.03
CA VAL K 153 -45.88 -9.42 -7.42
C VAL K 153 -46.92 -10.53 -7.55
N LEU K 154 -46.89 -11.49 -6.63
CA LEU K 154 -47.83 -12.60 -6.64
C LEU K 154 -49.30 -12.19 -6.69
N ASP K 155 -49.69 -11.24 -5.84
CA ASP K 155 -51.08 -10.83 -5.77
C ASP K 155 -51.53 -10.16 -7.06
N ALA K 156 -50.60 -9.41 -7.64
CA ALA K 156 -50.88 -8.70 -8.86
C ALA K 156 -51.00 -9.68 -10.00
N CYS K 157 -50.20 -10.74 -9.95
CA CYS K 157 -50.25 -11.75 -11.00
C CYS K 157 -51.60 -12.51 -11.03
N THR K 158 -52.06 -12.96 -9.88
CA THR K 158 -53.34 -13.60 -9.77
C THR K 158 -54.41 -12.69 -10.35
N LEU K 159 -54.37 -11.40 -10.00
CA LEU K 159 -55.35 -10.45 -10.54
C LEU K 159 -55.29 -10.31 -12.07
N ALA K 160 -54.12 -9.97 -12.59
CA ALA K 160 -53.89 -9.90 -14.01
C ALA K 160 -54.33 -11.18 -14.75
N SER K 161 -53.97 -12.35 -14.21
CA SER K 161 -54.40 -13.62 -14.77
C SER K 161 -55.91 -13.74 -14.85
N VAL K 162 -56.56 -13.73 -13.70
CA VAL K 162 -58.03 -13.79 -13.62
C VAL K 162 -58.67 -12.79 -14.58
N ALA K 163 -58.21 -11.55 -14.55
CA ALA K 163 -58.75 -10.49 -15.44
C ALA K 163 -58.56 -10.81 -16.92
N ALA K 164 -57.38 -11.34 -17.26
CA ALA K 164 -57.06 -11.71 -18.64
C ALA K 164 -57.95 -12.83 -19.14
N LEU K 165 -58.28 -13.78 -18.26
CA LEU K 165 -59.19 -14.87 -18.60
C LEU K 165 -60.61 -14.38 -18.79
N TYR K 166 -61.03 -13.43 -17.96
CA TYR K 166 -62.38 -12.90 -18.06
C TYR K 166 -62.55 -12.01 -19.27
N ASN K 167 -61.45 -11.53 -19.82
CA ASN K 167 -61.49 -10.69 -21.00
C ASN K 167 -61.39 -11.52 -22.28
N THR K 168 -61.06 -12.79 -22.14
CA THR K 168 -60.79 -13.66 -23.29
C THR K 168 -62.04 -13.92 -24.14
N LYS K 169 -61.85 -13.80 -25.46
CA LYS K 169 -62.86 -14.04 -26.48
C LYS K 169 -62.57 -15.35 -27.21
N VAL K 170 -63.55 -16.25 -27.28
CA VAL K 170 -63.40 -17.52 -28.01
C VAL K 170 -64.00 -17.38 -29.41
N TYR K 171 -63.37 -18.04 -30.38
CA TYR K 171 -63.74 -17.88 -31.80
C TYR K 171 -64.54 -19.04 -32.40
N LYS K 172 -65.09 -18.83 -33.60
CA LYS K 172 -65.82 -19.88 -34.29
C LYS K 172 -64.89 -20.99 -34.77
N VAL K 173 -65.34 -22.24 -34.60
CA VAL K 173 -64.54 -23.41 -34.99
C VAL K 173 -65.09 -24.02 -36.28
N GLU K 174 -64.34 -23.91 -37.37
CA GLU K 174 -64.70 -24.56 -38.64
C GLU K 174 -64.18 -26.01 -38.68
N GLN K 175 -64.97 -26.95 -38.13
CA GLN K 175 -64.63 -28.39 -38.10
C GLN K 175 -65.22 -29.17 -39.28
N ILE K 180 -60.84 -28.04 -36.07
CA ILE K 180 -60.15 -28.13 -37.36
C ILE K 180 -59.61 -26.77 -37.86
N SER K 181 -60.50 -25.81 -38.14
CA SER K 181 -60.06 -24.46 -38.55
C SER K 181 -60.61 -23.40 -37.61
N VAL K 182 -59.77 -22.45 -37.23
CA VAL K 182 -60.29 -21.34 -36.44
C VAL K 182 -60.60 -20.17 -37.35
N ASN K 183 -61.81 -19.64 -37.22
CA ASN K 183 -62.18 -18.41 -37.89
C ASN K 183 -62.13 -17.21 -36.94
N LYS K 184 -61.01 -16.49 -36.95
CA LYS K 184 -60.71 -15.53 -35.89
C LYS K 184 -61.42 -14.15 -35.94
N ASN K 185 -62.39 -13.98 -36.82
CA ASN K 185 -63.15 -12.72 -36.81
C ASN K 185 -64.64 -12.88 -36.50
N GLU K 186 -65.04 -14.10 -36.17
CA GLU K 186 -66.35 -14.37 -35.58
C GLU K 186 -66.18 -14.83 -34.11
N VAL K 187 -66.76 -14.06 -33.20
CA VAL K 187 -66.65 -14.35 -31.77
C VAL K 187 -67.86 -15.15 -31.28
N VAL K 188 -67.61 -16.38 -30.84
CA VAL K 188 -68.66 -17.28 -30.37
C VAL K 188 -69.10 -16.98 -28.94
N GLY K 189 -68.12 -16.81 -28.04
CA GLY K 189 -68.40 -16.57 -26.63
C GLY K 189 -67.17 -16.36 -25.78
N LYS K 190 -67.30 -16.73 -24.54
CA LYS K 190 -66.31 -16.45 -23.54
C LYS K 190 -65.75 -17.76 -22.97
N LEU K 191 -64.75 -17.66 -22.08
CA LEU K 191 -64.21 -18.85 -21.44
C LEU K 191 -65.17 -19.40 -20.37
N PRO K 192 -65.22 -20.74 -20.22
CA PRO K 192 -65.99 -21.36 -19.13
C PRO K 192 -65.39 -21.03 -17.76
N LEU K 193 -65.73 -19.86 -17.23
CA LEU K 193 -65.21 -19.42 -15.95
C LEU K 193 -66.27 -19.48 -14.89
N ASN K 194 -66.02 -20.24 -13.82
CA ASN K 194 -66.97 -20.38 -12.74
C ASN K 194 -67.01 -19.18 -11.80
N TYR K 195 -65.83 -18.65 -11.47
CA TYR K 195 -65.72 -17.48 -10.61
C TYR K 195 -64.30 -16.93 -10.63
N PRO K 196 -64.12 -15.66 -10.23
CA PRO K 196 -62.77 -15.16 -10.00
C PRO K 196 -62.11 -15.79 -8.74
N VAL K 197 -60.81 -15.58 -8.62
CA VAL K 197 -60.01 -16.05 -7.50
C VAL K 197 -59.07 -14.93 -7.13
N VAL K 198 -58.94 -14.64 -5.83
CA VAL K 198 -57.94 -13.66 -5.35
C VAL K 198 -56.85 -14.28 -4.49
N THR K 199 -55.64 -13.76 -4.61
CA THR K 199 -54.57 -14.20 -3.73
C THR K 199 -54.19 -13.02 -2.84
N ILE K 200 -54.15 -13.26 -1.53
CA ILE K 200 -53.79 -12.22 -0.58
C ILE K 200 -52.51 -12.59 0.17
N SER K 201 -51.51 -11.73 0.06
CA SER K 201 -50.23 -11.96 0.73
C SER K 201 -50.17 -11.12 1.97
N VAL K 202 -49.79 -11.78 3.07
CA VAL K 202 -49.62 -11.15 4.37
C VAL K 202 -48.16 -11.31 4.75
N ALA K 203 -47.48 -10.19 4.95
CA ALA K 203 -46.08 -10.20 5.36
C ALA K 203 -45.96 -10.12 6.86
N LYS K 204 -44.94 -10.75 7.40
CA LYS K 204 -44.66 -10.71 8.82
C LYS K 204 -43.38 -9.93 9.01
N VAL K 205 -43.53 -8.64 9.33
CA VAL K 205 -42.39 -7.77 9.58
C VAL K 205 -42.29 -7.59 11.07
N ASP K 206 -41.12 -7.94 11.62
CA ASP K 206 -40.87 -7.98 13.06
C ASP K 206 -41.93 -8.80 13.82
N LYS K 207 -42.88 -8.12 14.49
CA LYS K 207 -43.95 -8.80 15.21
C LYS K 207 -45.33 -8.36 14.72
N TYR K 208 -45.37 -7.76 13.53
CA TYR K 208 -46.61 -7.26 12.96
C TYR K 208 -46.96 -7.97 11.67
N LEU K 209 -48.26 -8.11 11.42
CA LEU K 209 -48.71 -8.70 10.17
C LEU K 209 -49.24 -7.59 9.29
N VAL K 210 -48.78 -7.58 8.04
CA VAL K 210 -49.00 -6.50 7.08
C VAL K 210 -49.54 -7.03 5.75
N VAL K 211 -50.72 -6.55 5.36
CA VAL K 211 -51.39 -6.96 4.12
C VAL K 211 -50.83 -6.26 2.89
N ASP K 212 -50.56 -7.02 1.84
CA ASP K 212 -49.98 -6.46 0.60
C ASP K 212 -48.75 -5.61 0.89
N PRO K 213 -47.60 -6.26 1.12
CA PRO K 213 -46.38 -5.50 1.38
C PRO K 213 -45.84 -4.82 0.11
N ASP K 214 -45.40 -3.56 0.24
CA ASP K 214 -44.74 -2.88 -0.89
C ASP K 214 -43.26 -3.32 -1.07
N LEU K 215 -42.51 -2.60 -1.91
CA LEU K 215 -41.11 -2.93 -2.15
C LEU K 215 -40.23 -2.91 -0.88
N ASP K 216 -40.35 -1.83 -0.10
CA ASP K 216 -39.60 -1.68 1.15
C ASP K 216 -39.96 -2.74 2.20
N GLU K 217 -41.26 -2.97 2.38
CA GLU K 217 -41.75 -3.89 3.39
C GLU K 217 -41.31 -5.33 3.11
N GLU K 218 -41.22 -5.69 1.84
CA GLU K 218 -40.81 -7.03 1.47
C GLU K 218 -39.35 -7.27 1.76
N SER K 219 -38.55 -6.22 1.75
CA SER K 219 -37.12 -6.40 1.99
C SER K 219 -36.76 -6.39 3.48
N ILE K 220 -37.70 -6.05 4.35
CA ILE K 220 -37.45 -6.07 5.78
C ILE K 220 -38.23 -7.15 6.51
N MET K 221 -39.09 -7.86 5.77
CA MET K 221 -39.96 -8.89 6.33
C MET K 221 -39.21 -10.16 6.67
N ASP K 222 -39.72 -10.92 7.64
CA ASP K 222 -39.16 -12.24 7.95
C ASP K 222 -39.54 -13.23 6.88
N ALA K 223 -40.85 -13.38 6.67
CA ALA K 223 -41.41 -14.21 5.61
C ALA K 223 -42.78 -13.70 5.28
N LYS K 224 -43.30 -14.04 4.10
CA LYS K 224 -44.71 -13.74 3.76
C LYS K 224 -45.48 -15.01 3.44
N ILE K 225 -46.78 -14.98 3.66
CA ILE K 225 -47.63 -16.14 3.37
C ILE K 225 -48.81 -15.69 2.53
N SER K 226 -49.15 -16.46 1.49
CA SER K 226 -50.13 -16.01 0.52
C SER K 226 -51.27 -16.98 0.51
N PHE K 227 -52.48 -16.43 0.63
CA PHE K 227 -53.71 -17.23 0.63
C PHE K 227 -54.54 -16.93 -0.62
N SER K 228 -55.01 -18.00 -1.27
CA SER K 228 -55.89 -17.88 -2.42
C SER K 228 -57.29 -18.23 -2.01
N TYR K 229 -58.28 -17.44 -2.45
CA TYR K 229 -59.67 -17.62 -2.07
C TYR K 229 -60.66 -17.58 -3.22
N THR K 230 -61.67 -18.45 -3.17
CA THR K 230 -62.78 -18.35 -4.09
C THR K 230 -63.78 -17.40 -3.43
N PRO K 231 -64.75 -16.85 -4.19
CA PRO K 231 -65.72 -15.91 -3.65
C PRO K 231 -66.53 -16.48 -2.47
N ASP K 232 -66.60 -17.81 -2.43
CA ASP K 232 -67.21 -18.56 -1.32
C ASP K 232 -66.35 -18.54 -0.05
N LEU K 233 -65.17 -17.95 -0.16
CA LEU K 233 -64.17 -17.92 0.91
C LEU K 233 -63.70 -19.32 1.31
N LYS K 234 -63.44 -20.14 0.30
CA LYS K 234 -62.77 -21.40 0.49
C LYS K 234 -61.30 -21.12 0.19
N ILE K 235 -60.42 -21.59 1.08
CA ILE K 235 -58.96 -21.52 0.84
C ILE K 235 -58.63 -22.51 -0.29
N VAL K 236 -57.90 -22.00 -1.29
CA VAL K 236 -57.73 -22.71 -2.52
C VAL K 236 -56.25 -22.85 -2.86
N GLY K 237 -55.42 -22.17 -2.06
CA GLY K 237 -53.97 -22.28 -2.14
C GLY K 237 -53.25 -21.48 -1.08
N ILE K 238 -52.24 -22.09 -0.47
CA ILE K 238 -51.38 -21.35 0.45
C ILE K 238 -49.90 -21.49 0.06
N GLN K 239 -49.17 -20.39 0.08
CA GLN K 239 -47.74 -20.44 -0.20
C GLN K 239 -46.94 -19.58 0.76
N LYS K 240 -46.23 -20.23 1.69
CA LYS K 240 -45.23 -19.53 2.50
C LYS K 240 -44.01 -19.24 1.64
N SER K 241 -43.43 -18.07 1.84
CA SER K 241 -42.40 -17.54 0.97
C SER K 241 -41.53 -16.57 1.76
N GLY K 242 -40.22 -16.62 1.54
CA GLY K 242 -39.30 -15.74 2.25
C GLY K 242 -38.27 -16.53 3.02
N LYS K 243 -37.12 -15.91 3.33
CA LYS K 243 -36.01 -16.66 3.90
C LYS K 243 -36.13 -16.82 5.41
N GLY K 244 -37.22 -16.34 5.98
CA GLY K 244 -37.39 -16.46 7.43
C GLY K 244 -38.54 -17.37 7.82
N SER K 245 -38.88 -17.32 9.10
CA SER K 245 -39.92 -18.17 9.66
C SER K 245 -41.04 -17.38 10.31
N MET K 246 -42.12 -18.08 10.63
CA MET K 246 -43.34 -17.47 11.14
C MET K 246 -43.87 -18.40 12.21
N SER K 247 -44.48 -17.84 13.25
CA SER K 247 -44.98 -18.66 14.36
C SER K 247 -46.35 -19.23 14.05
N LEU K 248 -46.81 -20.14 14.90
CA LEU K 248 -48.08 -20.83 14.68
C LEU K 248 -49.27 -19.89 14.73
N GLN K 249 -49.33 -19.07 15.77
CA GLN K 249 -50.41 -18.09 15.89
C GLN K 249 -50.37 -17.11 14.74
N ASP K 250 -49.18 -16.88 14.22
CA ASP K 250 -48.99 -15.91 13.17
C ASP K 250 -49.77 -16.30 11.94
N ILE K 251 -49.56 -17.55 11.50
CA ILE K 251 -50.25 -18.10 10.32
C ILE K 251 -51.76 -18.13 10.53
N ASP K 252 -52.18 -18.47 11.74
CA ASP K 252 -53.58 -18.41 12.13
C ASP K 252 -54.11 -17.00 11.91
N GLN K 253 -53.55 -16.02 12.61
CA GLN K 253 -53.97 -14.62 12.50
C GLN K 253 -53.89 -14.10 11.08
N ALA K 254 -52.80 -14.41 10.40
CA ALA K 254 -52.60 -13.97 9.03
C ALA K 254 -53.81 -14.34 8.17
N GLU K 255 -54.30 -15.57 8.32
CA GLU K 255 -55.37 -16.06 7.46
C GLU K 255 -56.68 -15.35 7.76
N ASN K 256 -56.94 -15.03 9.03
CA ASN K 256 -58.13 -14.25 9.36
C ASN K 256 -58.09 -12.93 8.63
N THR K 257 -56.96 -12.23 8.78
CA THR K 257 -56.75 -10.98 8.11
C THR K 257 -56.86 -11.16 6.59
N ALA K 258 -56.16 -12.17 6.06
CA ALA K 258 -56.16 -12.43 4.65
C ALA K 258 -57.57 -12.59 4.11
N ARG K 259 -58.41 -13.26 4.87
CA ARG K 259 -59.75 -13.62 4.42
C ARG K 259 -60.68 -12.43 4.43
N SER K 260 -60.63 -11.64 5.50
CA SER K 260 -61.52 -10.48 5.58
C SER K 260 -61.10 -9.37 4.62
N THR K 261 -59.85 -9.46 4.15
CA THR K 261 -59.35 -8.62 3.07
C THR K 261 -59.87 -9.11 1.72
N ALA K 262 -59.87 -10.43 1.54
CA ALA K 262 -60.34 -11.06 0.31
C ALA K 262 -61.73 -10.58 -0.16
N VAL K 263 -62.62 -10.39 0.81
CA VAL K 263 -63.98 -9.94 0.52
C VAL K 263 -63.95 -8.56 -0.15
N LYS K 264 -63.18 -7.63 0.43
CA LYS K 264 -62.98 -6.28 -0.15
C LYS K 264 -62.37 -6.33 -1.54
N LEU K 265 -61.29 -7.10 -1.69
CA LEU K 265 -60.56 -7.21 -2.95
C LEU K 265 -61.39 -7.90 -4.02
N LEU K 266 -62.16 -8.91 -3.65
CA LEU K 266 -63.03 -9.56 -4.63
C LEU K 266 -64.07 -8.58 -5.19
N GLU K 267 -64.63 -7.77 -4.31
CA GLU K 267 -65.68 -6.84 -4.69
C GLU K 267 -65.14 -5.81 -5.66
N GLU K 268 -63.89 -5.41 -5.42
CA GLU K 268 -63.23 -4.42 -6.26
C GLU K 268 -62.80 -5.01 -7.60
N LEU K 269 -62.27 -6.23 -7.58
CA LEU K 269 -61.92 -6.95 -8.80
C LEU K 269 -63.13 -7.09 -9.69
N LYS K 270 -64.27 -7.46 -9.10
CA LYS K 270 -65.50 -7.63 -9.87
C LYS K 270 -65.97 -6.34 -10.54
N LYS K 271 -65.85 -5.22 -9.83
CA LYS K 271 -66.20 -3.92 -10.41
C LYS K 271 -65.39 -3.61 -11.68
N HIS K 272 -64.10 -3.90 -11.64
CA HIS K 272 -63.24 -3.74 -12.81
C HIS K 272 -63.62 -4.63 -13.98
N LEU K 273 -64.02 -5.86 -13.71
CA LEU K 273 -64.31 -6.78 -14.79
C LEU K 273 -65.71 -6.57 -15.38
N GLY K 274 -66.57 -5.91 -14.62
CA GLY K 274 -67.98 -5.79 -14.98
C GLY K 274 -68.73 -6.97 -14.38
N ILE K 275 -68.61 -7.08 -13.05
CA ILE K 275 -69.00 -8.24 -12.19
C ILE K 275 -68.31 -9.57 -12.51
N ARG L 2 -76.75 -44.30 -17.90
CA ARG L 2 -78.02 -43.77 -17.29
C ARG L 2 -77.82 -43.43 -15.79
N GLU L 3 -78.61 -44.08 -14.94
CA GLU L 3 -78.47 -44.00 -13.48
C GLU L 3 -77.53 -45.10 -12.96
N MET L 4 -76.87 -45.81 -13.88
CA MET L 4 -75.87 -46.82 -13.59
C MET L 4 -74.51 -46.19 -13.26
N LEU L 5 -74.35 -44.91 -13.58
CA LEU L 5 -73.07 -44.19 -13.43
C LEU L 5 -72.60 -44.05 -11.96
N GLN L 6 -71.29 -44.00 -11.79
CA GLN L 6 -70.67 -44.05 -10.47
C GLN L 6 -69.24 -43.50 -10.55
N VAL L 7 -68.96 -42.49 -9.73
CA VAL L 7 -67.69 -41.73 -9.73
C VAL L 7 -66.46 -42.59 -9.97
N GLU L 8 -65.62 -42.15 -10.90
CA GLU L 8 -64.47 -42.94 -11.31
C GLU L 8 -63.47 -43.05 -10.16
N ARG L 9 -63.45 -42.04 -9.31
CA ARG L 9 -62.49 -41.92 -8.22
C ARG L 9 -62.77 -42.91 -7.10
N PRO L 10 -61.70 -43.45 -6.49
CA PRO L 10 -61.79 -44.36 -5.37
C PRO L 10 -62.09 -43.72 -4.02
N LYS L 11 -62.75 -44.48 -3.16
CA LYS L 11 -62.96 -44.09 -1.78
C LYS L 11 -61.66 -44.19 -1.03
N LEU L 12 -61.34 -43.15 -0.27
CA LEU L 12 -60.09 -43.03 0.43
C LEU L 12 -60.20 -43.38 1.89
N ILE L 13 -61.38 -43.14 2.47
CA ILE L 13 -61.74 -43.66 3.81
C ILE L 13 -62.66 -44.87 3.65
N LEU L 14 -62.29 -45.98 4.27
CA LEU L 14 -62.97 -47.23 4.03
C LEU L 14 -63.63 -47.78 5.29
N ASP L 15 -63.70 -49.10 5.42
CA ASP L 15 -64.30 -49.77 6.57
C ASP L 15 -63.55 -49.43 7.88
N ASP L 16 -64.27 -49.51 9.01
CA ASP L 16 -63.79 -48.98 10.30
C ASP L 16 -63.45 -47.54 10.00
N GLY L 17 -62.69 -46.87 10.85
CA GLY L 17 -62.32 -45.49 10.55
C GLY L 17 -61.33 -45.33 9.39
N LYS L 18 -60.94 -46.46 8.79
CA LYS L 18 -59.61 -46.64 8.17
C LYS L 18 -59.36 -46.22 6.69
N ARG L 19 -58.07 -46.06 6.33
CA ARG L 19 -57.60 -45.56 5.01
C ARG L 19 -57.13 -46.69 4.09
N THR L 20 -56.70 -46.32 2.88
CA THR L 20 -56.24 -47.27 1.86
C THR L 20 -55.06 -48.16 2.27
N ASP L 21 -54.16 -47.63 3.09
CA ASP L 21 -53.04 -48.41 3.58
C ASP L 21 -53.26 -48.98 4.99
N GLY L 22 -54.51 -48.96 5.45
CA GLY L 22 -54.87 -49.53 6.75
C GLY L 22 -54.56 -48.68 7.96
N ARG L 23 -54.27 -47.40 7.73
CA ARG L 23 -53.98 -46.47 8.82
C ARG L 23 -55.22 -45.71 9.24
N LYS L 24 -55.32 -45.40 10.53
CA LYS L 24 -56.34 -44.46 11.01
C LYS L 24 -55.99 -43.03 10.58
N PRO L 25 -56.96 -42.10 10.58
CA PRO L 25 -56.69 -40.74 10.11
C PRO L 25 -55.62 -39.99 10.89
N ASP L 26 -55.31 -40.44 12.10
CA ASP L 26 -54.30 -39.76 12.90
C ASP L 26 -53.00 -40.55 13.11
N GLU L 27 -52.63 -41.45 12.19
CA GLU L 27 -51.40 -42.26 12.33
C GLU L 27 -50.34 -41.95 11.31
N LEU L 28 -49.10 -41.86 11.75
CA LEU L 28 -47.97 -41.65 10.83
C LEU L 28 -47.63 -42.95 10.12
N ARG L 29 -46.92 -42.82 9.00
CA ARG L 29 -46.29 -43.96 8.37
C ARG L 29 -45.06 -44.38 9.19
N SER L 30 -44.46 -45.52 8.85
CA SER L 30 -43.26 -45.94 9.54
C SER L 30 -42.09 -45.03 9.19
N ILE L 31 -41.26 -44.74 10.19
CA ILE L 31 -40.12 -43.86 10.02
C ILE L 31 -38.80 -44.60 10.20
N LYS L 32 -37.83 -44.27 9.34
CA LYS L 32 -36.47 -44.79 9.45
C LYS L 32 -35.48 -43.68 9.15
N ILE L 33 -34.56 -43.43 10.08
CA ILE L 33 -33.53 -42.40 9.92
C ILE L 33 -32.14 -43.01 10.13
N GLU L 34 -31.20 -42.75 9.22
CA GLU L 34 -29.79 -43.15 9.40
C GLU L 34 -28.84 -41.98 9.07
N LEU L 35 -27.89 -41.70 9.97
CA LEU L 35 -26.97 -40.56 9.82
C LEU L 35 -25.55 -40.96 9.47
N GLY L 36 -24.85 -40.06 8.78
CA GLY L 36 -23.45 -40.27 8.39
C GLY L 36 -23.26 -41.50 7.51
N VAL L 37 -24.15 -41.66 6.55
CA VAL L 37 -24.14 -42.84 5.70
C VAL L 37 -23.19 -42.68 4.51
N LEU L 38 -22.93 -41.44 4.11
CA LEU L 38 -21.95 -41.15 3.05
C LEU L 38 -20.62 -40.75 3.65
N LYS L 39 -19.56 -41.49 3.32
CA LYS L 39 -18.27 -41.14 3.89
C LYS L 39 -17.70 -39.81 3.37
N ASN L 40 -17.64 -39.65 2.04
CA ASN L 40 -16.98 -38.47 1.44
C ASN L 40 -17.73 -37.12 1.54
N ALA L 41 -18.90 -37.13 2.18
CA ALA L 41 -19.66 -35.91 2.41
C ALA L 41 -19.29 -35.38 3.77
N ASP L 42 -19.54 -34.08 3.97
CA ASP L 42 -19.29 -33.44 5.26
C ASP L 42 -20.36 -33.82 6.29
N GLY L 43 -21.56 -34.12 5.80
CA GLY L 43 -22.66 -34.66 6.60
C GLY L 43 -23.67 -35.33 5.68
N SER L 44 -24.29 -36.40 6.15
CA SER L 44 -25.26 -37.14 5.33
C SER L 44 -26.35 -37.77 6.16
N ALA L 45 -27.50 -38.02 5.53
CA ALA L 45 -28.62 -38.73 6.18
C ALA L 45 -29.56 -39.36 5.15
N ILE L 46 -30.15 -40.49 5.53
CA ILE L 46 -31.25 -41.14 4.79
C ILE L 46 -32.48 -41.09 5.67
N PHE L 47 -33.60 -40.62 5.13
CA PHE L 47 -34.84 -40.49 5.89
C PHE L 47 -35.91 -41.25 5.14
N GLU L 48 -36.74 -42.03 5.85
CA GLU L 48 -37.70 -42.96 5.20
C GLU L 48 -39.12 -42.95 5.74
N MET L 49 -39.97 -42.04 5.27
CA MET L 49 -41.40 -42.06 5.68
C MET L 49 -42.21 -43.04 4.85
N GLY L 50 -42.44 -44.20 5.43
CA GLY L 50 -43.19 -45.23 4.74
C GLY L 50 -42.41 -45.59 3.50
N ASN L 51 -42.96 -45.25 2.34
CA ASN L 51 -42.29 -45.61 1.10
C ASN L 51 -41.54 -44.47 0.45
N THR L 52 -41.49 -43.33 1.12
CA THR L 52 -40.75 -42.20 0.60
C THR L 52 -39.41 -42.11 1.30
N LYS L 53 -38.36 -42.17 0.51
CA LYS L 53 -37.04 -42.25 1.05
C LYS L 53 -36.25 -41.20 0.31
N ALA L 54 -35.47 -40.46 1.07
CA ALA L 54 -34.61 -39.46 0.51
C ALA L 54 -33.22 -39.62 1.10
N ILE L 55 -32.20 -39.29 0.31
CA ILE L 55 -30.82 -39.23 0.81
C ILE L 55 -30.31 -37.80 0.66
N ALA L 56 -29.64 -37.31 1.69
CA ALA L 56 -29.14 -35.94 1.67
C ALA L 56 -27.67 -35.88 2.01
N ALA L 57 -26.91 -35.15 1.19
CA ALA L 57 -25.49 -34.94 1.43
C ALA L 57 -25.22 -33.47 1.62
N VAL L 58 -24.34 -33.12 2.56
CA VAL L 58 -23.93 -31.74 2.77
C VAL L 58 -22.43 -31.64 2.56
N TYR L 59 -22.01 -30.68 1.74
CA TYR L 59 -20.59 -30.39 1.58
C TYR L 59 -20.28 -29.04 2.23
N GLY L 60 -19.67 -29.15 3.42
CA GLY L 60 -19.64 -28.15 4.50
C GLY L 60 -19.03 -26.82 4.14
N PRO L 61 -19.16 -25.81 5.02
CA PRO L 61 -18.79 -24.44 4.66
C PRO L 61 -17.45 -24.35 3.92
N LYS L 62 -17.47 -23.81 2.69
CA LYS L 62 -16.25 -23.62 1.91
C LYS L 62 -16.31 -22.29 1.15
N GLU L 63 -15.15 -21.68 0.90
CA GLU L 63 -15.06 -20.46 0.07
C GLU L 63 -15.76 -20.72 -1.24
N MET L 64 -16.27 -19.68 -1.87
CA MET L 64 -17.12 -19.87 -3.05
C MET L 64 -16.42 -19.71 -4.40
N HIS L 65 -16.78 -20.60 -5.32
CA HIS L 65 -16.13 -20.73 -6.63
C HIS L 65 -15.91 -19.37 -7.33
N PRO L 66 -16.98 -18.76 -7.90
CA PRO L 66 -16.83 -17.41 -8.44
C PRO L 66 -17.20 -16.38 -7.39
N ARG L 67 -16.19 -15.69 -6.86
CA ARG L 67 -16.34 -14.89 -5.64
C ARG L 67 -17.44 -13.81 -5.71
N HIS L 68 -17.79 -13.36 -6.90
CA HIS L 68 -18.81 -12.31 -7.06
C HIS L 68 -20.22 -12.80 -6.68
N LEU L 69 -20.39 -14.12 -6.65
CA LEU L 69 -21.67 -14.73 -6.29
C LEU L 69 -21.80 -15.04 -4.79
N SER L 70 -20.71 -14.84 -4.05
CA SER L 70 -20.72 -15.06 -2.61
C SER L 70 -21.30 -13.84 -1.90
N LEU L 71 -21.61 -14.01 -0.62
CA LEU L 71 -22.16 -12.93 0.18
C LEU L 71 -21.18 -12.45 1.25
N PRO L 72 -21.09 -11.13 1.46
CA PRO L 72 -20.14 -10.53 2.38
C PRO L 72 -20.36 -10.91 3.84
N ASP L 73 -21.61 -11.16 4.22
CA ASP L 73 -21.99 -11.36 5.62
C ASP L 73 -22.53 -12.76 5.91
N ARG L 74 -22.98 -13.45 4.86
CA ARG L 74 -23.68 -14.71 4.98
C ARG L 74 -22.98 -15.84 4.23
N ALA L 75 -23.34 -17.08 4.55
CA ALA L 75 -23.08 -18.21 3.69
C ALA L 75 -24.18 -18.26 2.66
N VAL L 76 -23.87 -18.78 1.49
CA VAL L 76 -24.87 -18.97 0.44
C VAL L 76 -25.25 -20.44 0.46
N LEU L 77 -26.52 -20.73 0.68
CA LEU L 77 -27.00 -22.11 0.64
C LEU L 77 -27.25 -22.45 -0.79
N ARG L 78 -26.85 -23.65 -1.17
CA ARG L 78 -27.11 -24.19 -2.51
C ARG L 78 -27.85 -25.49 -2.36
N VAL L 79 -29.13 -25.49 -2.72
CA VAL L 79 -29.99 -26.63 -2.46
C VAL L 79 -30.50 -27.23 -3.77
N ARG L 80 -30.47 -28.56 -3.86
CA ARG L 80 -30.91 -29.30 -5.03
C ARG L 80 -31.86 -30.45 -4.64
N TYR L 81 -33.11 -30.31 -5.06
CA TYR L 81 -34.11 -31.35 -4.86
C TYR L 81 -34.17 -32.06 -6.17
N HIS L 82 -34.04 -33.38 -6.12
CA HIS L 82 -34.03 -34.17 -7.34
C HIS L 82 -34.63 -35.54 -7.12
N MET L 83 -35.38 -36.01 -8.12
CA MET L 83 -35.94 -37.35 -8.11
C MET L 83 -35.22 -38.27 -9.09
N THR L 84 -34.79 -39.43 -8.60
CA THR L 84 -34.15 -40.43 -9.47
C THR L 84 -35.19 -40.99 -10.40
N PRO L 85 -34.81 -41.29 -11.65
CA PRO L 85 -35.77 -41.75 -12.64
C PRO L 85 -36.56 -42.97 -12.20
N PHE L 86 -36.03 -43.72 -11.24
CA PHE L 86 -36.68 -44.93 -10.75
C PHE L 86 -37.32 -44.76 -9.36
N SER L 87 -37.67 -43.54 -9.02
CA SER L 87 -38.28 -43.26 -7.72
C SER L 87 -39.79 -43.40 -7.80
N THR L 88 -40.33 -43.42 -9.02
CA THR L 88 -41.76 -43.39 -9.22
C THR L 88 -42.23 -44.65 -9.95
N ASP L 89 -43.55 -44.83 -10.10
CA ASP L 89 -44.13 -46.00 -10.79
C ASP L 89 -43.76 -46.07 -12.28
N GLU L 90 -43.84 -44.93 -12.95
CA GLU L 90 -43.29 -44.78 -14.29
C GLU L 90 -42.07 -43.89 -14.20
N ARG L 91 -41.28 -43.86 -15.26
CA ARG L 91 -39.96 -43.24 -15.22
C ARG L 91 -39.97 -41.71 -15.36
N LYS L 92 -39.55 -41.04 -14.29
CA LYS L 92 -39.37 -39.59 -14.31
C LYS L 92 -38.18 -39.26 -15.19
N ASN L 93 -38.33 -38.24 -16.02
CA ASN L 93 -37.21 -37.71 -16.77
C ASN L 93 -36.20 -37.08 -15.83
N PRO L 94 -34.90 -37.39 -16.00
CA PRO L 94 -33.85 -36.84 -15.14
C PRO L 94 -33.65 -35.32 -15.26
N ALA L 95 -33.87 -34.76 -16.45
CA ALA L 95 -33.85 -33.31 -16.67
C ALA L 95 -34.80 -32.61 -15.71
N PRO L 96 -34.36 -31.50 -15.09
CA PRO L 96 -35.14 -30.92 -14.00
C PRO L 96 -36.49 -30.38 -14.45
N SER L 97 -37.54 -30.73 -13.72
CA SER L 97 -38.89 -30.30 -14.00
C SER L 97 -39.21 -29.00 -13.27
N ARG L 98 -40.14 -28.21 -13.81
CA ARG L 98 -40.57 -26.98 -13.17
C ARG L 98 -40.93 -27.24 -11.69
N ARG L 99 -41.53 -28.39 -11.42
CA ARG L 99 -41.90 -28.79 -10.07
C ARG L 99 -40.69 -29.04 -9.17
N GLU L 100 -39.63 -29.61 -9.75
CA GLU L 100 -38.34 -29.78 -9.06
C GLU L 100 -37.68 -28.43 -8.82
N ILE L 101 -37.82 -27.52 -9.77
CA ILE L 101 -37.29 -26.19 -9.59
C ILE L 101 -37.99 -25.43 -8.47
N GLU L 102 -39.32 -25.50 -8.42
CA GLU L 102 -40.04 -24.85 -7.35
C GLU L 102 -39.71 -25.47 -6.00
N LEU L 103 -39.72 -26.80 -5.94
CA LEU L 103 -39.48 -27.49 -4.68
C LEU L 103 -38.12 -27.20 -4.11
N SER L 104 -37.12 -27.01 -4.97
CA SER L 104 -35.79 -26.63 -4.53
C SER L 104 -35.80 -25.28 -3.84
N LYS L 105 -36.44 -24.29 -4.46
CA LYS L 105 -36.52 -22.94 -3.89
C LYS L 105 -37.23 -22.98 -2.57
N VAL L 106 -38.28 -23.79 -2.47
CA VAL L 106 -39.06 -23.85 -1.26
C VAL L 106 -38.22 -24.45 -0.13
N ILE L 107 -37.51 -25.55 -0.46
CA ILE L 107 -36.68 -26.25 0.50
C ILE L 107 -35.51 -25.41 0.93
N ARG L 108 -34.94 -24.62 0.02
CA ARG L 108 -33.83 -23.75 0.37
C ARG L 108 -34.27 -22.68 1.35
N GLU L 109 -35.37 -21.99 1.04
CA GLU L 109 -35.90 -20.94 1.89
C GLU L 109 -36.26 -21.52 3.24
N ALA L 110 -36.69 -22.77 3.26
CA ALA L 110 -36.98 -23.43 4.52
C ALA L 110 -35.72 -23.57 5.38
N LEU L 111 -34.64 -24.08 4.78
CA LEU L 111 -33.39 -24.29 5.49
C LEU L 111 -32.76 -22.97 5.90
N GLU L 112 -32.95 -21.94 5.07
CA GLU L 112 -32.36 -20.64 5.34
C GLU L 112 -32.86 -20.07 6.63
N SER L 113 -34.07 -20.40 7.01
CA SER L 113 -34.59 -19.91 8.27
C SER L 113 -33.99 -20.65 9.47
N ALA L 114 -33.48 -21.87 9.26
CA ALA L 114 -32.93 -22.69 10.35
C ALA L 114 -31.42 -22.55 10.49
N VAL L 115 -30.70 -22.58 9.37
CA VAL L 115 -29.24 -22.55 9.38
C VAL L 115 -28.70 -21.15 9.64
N LEU L 116 -27.79 -21.05 10.62
CA LEU L 116 -27.16 -19.77 11.00
C LEU L 116 -26.08 -19.36 10.02
N VAL L 117 -26.51 -18.95 8.83
CA VAL L 117 -25.61 -18.56 7.74
C VAL L 117 -24.73 -17.34 8.03
N GLU L 118 -25.18 -16.44 8.92
CA GLU L 118 -24.38 -15.28 9.31
C GLU L 118 -23.05 -15.62 10.03
N LEU L 119 -22.77 -16.90 10.19
CA LEU L 119 -21.54 -17.36 10.82
C LEU L 119 -20.43 -17.68 9.82
N PHE L 120 -20.79 -17.83 8.55
CA PHE L 120 -19.81 -18.25 7.54
C PHE L 120 -19.84 -17.34 6.33
N PRO L 121 -19.33 -16.10 6.46
CA PRO L 121 -19.39 -15.17 5.34
C PRO L 121 -18.43 -15.61 4.23
N ARG L 122 -18.80 -15.28 3.00
CA ARG L 122 -18.01 -15.62 1.81
C ARG L 122 -17.90 -17.11 1.54
N THR L 123 -18.77 -17.90 2.16
CA THR L 123 -18.71 -19.35 1.97
C THR L 123 -20.00 -19.83 1.37
N ALA L 124 -20.00 -21.07 0.89
CA ALA L 124 -21.20 -21.73 0.38
C ALA L 124 -21.39 -23.09 1.04
N ILE L 125 -22.60 -23.36 1.49
CA ILE L 125 -22.96 -24.67 1.99
C ILE L 125 -23.84 -25.34 0.94
N ASP L 126 -23.40 -26.48 0.44
CA ASP L 126 -24.17 -27.20 -0.58
C ASP L 126 -24.94 -28.34 0.06
N VAL L 127 -26.23 -28.37 -0.23
CA VAL L 127 -27.10 -29.42 0.27
C VAL L 127 -27.73 -30.12 -0.93
N PHE L 128 -27.29 -31.34 -1.21
CA PHE L 128 -27.84 -32.14 -2.28
C PHE L 128 -28.80 -33.19 -1.71
N THR L 129 -29.91 -33.40 -2.42
CA THR L 129 -31.00 -34.24 -1.96
C THR L 129 -31.52 -35.06 -3.13
N GLU L 130 -31.50 -36.37 -2.99
CA GLU L 130 -32.09 -37.25 -3.98
C GLU L 130 -33.28 -37.97 -3.35
N ILE L 131 -34.37 -38.11 -4.12
CA ILE L 131 -35.49 -38.95 -3.71
C ILE L 131 -35.32 -40.31 -4.40
N LEU L 132 -35.20 -41.36 -3.60
CA LEU L 132 -34.95 -42.71 -4.13
C LEU L 132 -36.23 -43.48 -4.35
N GLN L 133 -37.25 -43.13 -3.59
CA GLN L 133 -38.59 -43.66 -3.73
C GLN L 133 -39.56 -42.55 -3.41
N ALA L 134 -40.51 -42.32 -4.32
CA ALA L 134 -41.49 -41.27 -4.11
C ALA L 134 -42.87 -41.89 -3.84
N ASP L 135 -43.43 -41.57 -2.68
CA ASP L 135 -44.80 -41.96 -2.37
C ASP L 135 -45.47 -40.85 -1.58
N ALA L 136 -45.37 -39.62 -2.10
CA ALA L 136 -45.90 -38.40 -1.50
C ALA L 136 -45.12 -37.94 -0.27
N GLY L 137 -45.17 -36.63 0.00
CA GLY L 137 -44.49 -36.03 1.13
C GLY L 137 -42.99 -35.98 0.92
N SER L 138 -42.57 -36.23 -0.32
CA SER L 138 -41.15 -36.24 -0.71
C SER L 138 -40.43 -34.90 -0.54
N ARG L 139 -41.16 -33.78 -0.58
CA ARG L 139 -40.55 -32.49 -0.37
C ARG L 139 -40.19 -32.34 1.10
N LEU L 140 -40.96 -33.02 1.96
CA LEU L 140 -40.73 -32.95 3.40
C LEU L 140 -39.69 -33.95 3.87
N VAL L 141 -39.72 -35.13 3.26
CA VAL L 141 -38.75 -36.18 3.57
C VAL L 141 -37.38 -35.68 3.16
N SER L 142 -37.34 -34.97 2.04
CA SER L 142 -36.13 -34.37 1.56
C SER L 142 -35.59 -33.29 2.50
N LEU L 143 -36.49 -32.42 2.96
CA LEU L 143 -36.15 -31.28 3.83
C LEU L 143 -35.61 -31.74 5.18
N MET L 144 -36.23 -32.76 5.75
CA MET L 144 -35.77 -33.32 7.01
C MET L 144 -34.44 -34.07 6.86
N ALA L 145 -34.32 -34.84 5.78
CA ALA L 145 -33.05 -35.50 5.50
C ALA L 145 -31.95 -34.44 5.45
N ALA L 146 -32.23 -33.32 4.79
CA ALA L 146 -31.29 -32.22 4.69
C ALA L 146 -30.96 -31.61 6.08
N SER L 147 -32.00 -31.30 6.85
CA SER L 147 -31.82 -30.74 8.18
C SER L 147 -30.90 -31.62 9.03
N LEU L 148 -31.12 -32.93 8.93
CA LEU L 148 -30.33 -33.89 9.69
C LEU L 148 -28.93 -34.02 9.14
N ALA L 149 -28.78 -33.96 7.83
CA ALA L 149 -27.46 -33.98 7.21
C ALA L 149 -26.63 -32.75 7.57
N LEU L 150 -27.30 -31.62 7.75
CA LEU L 150 -26.63 -30.42 8.24
C LEU L 150 -26.11 -30.62 9.65
N ALA L 151 -26.98 -31.09 10.54
CA ALA L 151 -26.62 -31.39 11.94
C ALA L 151 -25.49 -32.40 12.00
N ASP L 152 -25.53 -33.40 11.11
CA ASP L 152 -24.44 -34.37 10.98
C ASP L 152 -23.13 -33.70 10.52
N ALA L 153 -23.24 -32.74 9.61
CA ALA L 153 -22.09 -31.95 9.15
C ALA L 153 -21.61 -30.99 10.24
N GLY L 154 -22.35 -30.96 11.35
CA GLY L 154 -22.02 -30.13 12.51
C GLY L 154 -22.19 -28.64 12.25
N ILE L 155 -23.16 -28.29 11.43
CA ILE L 155 -23.39 -26.90 11.10
C ILE L 155 -24.43 -26.39 12.05
N PRO L 156 -24.17 -25.23 12.69
CA PRO L 156 -25.07 -24.66 13.69
C PRO L 156 -26.44 -24.25 13.14
N MET L 157 -27.50 -24.64 13.82
CA MET L 157 -28.85 -24.26 13.41
C MET L 157 -29.70 -23.81 14.59
N ARG L 158 -30.72 -23.01 14.34
CA ARG L 158 -31.64 -22.59 15.40
C ARG L 158 -32.34 -23.80 16.03
N ASP L 159 -32.73 -24.75 15.18
CA ASP L 159 -33.42 -25.95 15.61
C ASP L 159 -33.39 -26.96 14.46
N LEU L 160 -33.77 -28.19 14.76
CA LEU L 160 -34.00 -29.17 13.72
C LEU L 160 -35.33 -28.87 13.00
N ILE L 161 -35.50 -29.38 11.77
CA ILE L 161 -36.73 -29.19 11.02
C ILE L 161 -37.48 -30.51 10.91
N ALA L 162 -38.71 -30.53 11.43
CA ALA L 162 -39.60 -31.69 11.32
C ALA L 162 -40.84 -31.31 10.52
N GLY L 163 -41.38 -32.24 9.73
CA GLY L 163 -42.53 -31.95 8.87
C GLY L 163 -43.42 -33.11 8.45
N VAL L 164 -44.73 -32.84 8.38
CA VAL L 164 -45.70 -33.76 7.83
C VAL L 164 -46.60 -33.06 6.83
N ALA L 165 -47.11 -33.83 5.88
CA ALA L 165 -48.19 -33.37 5.02
C ALA L 165 -49.52 -33.80 5.67
N VAL L 166 -50.41 -32.84 5.82
CA VAL L 166 -51.72 -33.15 6.36
C VAL L 166 -52.70 -32.88 5.22
N GLY L 167 -53.81 -33.59 5.17
CA GLY L 167 -54.71 -33.44 4.04
C GLY L 167 -56.17 -33.68 4.40
N LYS L 168 -57.04 -33.55 3.41
CA LYS L 168 -58.45 -33.87 3.56
C LYS L 168 -58.78 -34.97 2.54
N ALA L 169 -59.32 -36.09 3.00
CA ALA L 169 -59.51 -37.25 2.13
C ALA L 169 -60.93 -37.34 1.57
N ASP L 170 -61.85 -37.97 2.29
CA ASP L 170 -63.24 -37.98 1.84
C ASP L 170 -63.94 -37.16 2.89
N GLY L 171 -63.60 -35.88 2.92
CA GLY L 171 -64.18 -34.96 3.89
C GLY L 171 -63.56 -35.10 5.27
N VAL L 172 -62.67 -36.07 5.42
CA VAL L 172 -62.04 -36.35 6.72
C VAL L 172 -60.62 -35.85 6.68
N ILE L 173 -60.18 -35.19 7.76
CA ILE L 173 -58.81 -34.70 7.84
C ILE L 173 -57.84 -35.81 8.25
N ILE L 174 -56.82 -36.04 7.42
CA ILE L 174 -55.89 -37.16 7.59
C ILE L 174 -54.43 -36.69 7.71
N LEU L 175 -53.60 -37.51 8.37
CA LEU L 175 -52.21 -37.16 8.64
C LEU L 175 -51.29 -38.05 7.83
N ASP L 176 -50.34 -37.41 7.13
CA ASP L 176 -49.26 -38.10 6.37
C ASP L 176 -49.77 -38.93 5.21
N LEU L 177 -49.79 -38.33 4.02
CA LEU L 177 -50.52 -38.91 2.86
C LEU L 177 -49.74 -39.94 2.00
N ASN L 178 -50.46 -40.89 1.41
CA ASN L 178 -49.88 -41.74 0.37
C ASN L 178 -50.00 -41.01 -0.94
N GLU L 179 -49.48 -41.66 -1.97
CA GLU L 179 -49.54 -41.10 -3.28
C GLU L 179 -50.96 -41.24 -3.82
N THR L 180 -51.71 -42.16 -3.22
CA THR L 180 -53.13 -42.33 -3.56
C THR L 180 -53.96 -41.22 -2.91
N GLU L 181 -53.63 -40.89 -1.66
CA GLU L 181 -54.33 -39.82 -0.97
C GLU L 181 -53.98 -38.43 -1.54
N ASP L 182 -52.75 -38.29 -2.01
CA ASP L 182 -52.29 -37.06 -2.64
C ASP L 182 -53.01 -36.86 -3.95
N MET L 183 -53.13 -37.93 -4.72
CA MET L 183 -53.78 -37.85 -6.01
C MET L 183 -55.26 -37.56 -5.99
N TRP L 184 -56.02 -38.24 -5.11
CA TRP L 184 -57.49 -38.15 -5.10
C TRP L 184 -58.15 -37.37 -3.97
N GLY L 185 -57.36 -36.88 -3.03
CA GLY L 185 -57.87 -36.09 -1.90
C GLY L 185 -58.23 -34.65 -2.25
N GLU L 186 -59.09 -34.01 -1.45
CA GLU L 186 -59.56 -32.64 -1.73
C GLU L 186 -58.54 -31.58 -1.36
N ALA L 187 -57.55 -31.99 -0.58
CA ALA L 187 -56.48 -31.09 -0.14
C ALA L 187 -55.23 -31.85 0.30
N ASP L 188 -54.10 -31.15 0.17
CA ASP L 188 -52.78 -31.66 0.52
C ASP L 188 -51.99 -30.47 1.02
N MET L 189 -51.63 -30.50 2.29
CA MET L 189 -51.00 -29.36 2.94
C MET L 189 -49.72 -29.78 3.67
N PRO L 190 -48.56 -29.67 3.00
CA PRO L 190 -47.29 -29.94 3.68
C PRO L 190 -46.90 -28.82 4.64
N ILE L 191 -46.47 -29.18 5.86
CA ILE L 191 -46.10 -28.23 6.92
C ILE L 191 -44.79 -28.67 7.57
N ALA L 192 -43.83 -27.77 7.58
CA ALA L 192 -42.58 -28.03 8.26
C ALA L 192 -42.28 -27.00 9.36
N MET L 193 -41.81 -27.50 10.50
CA MET L 193 -41.61 -26.69 11.67
C MET L 193 -40.22 -26.83 12.28
N MET L 194 -39.79 -25.80 13.01
CA MET L 194 -38.72 -25.90 14.01
C MET L 194 -39.42 -26.04 15.36
N PRO L 195 -39.74 -27.27 15.74
CA PRO L 195 -40.75 -27.57 16.77
C PRO L 195 -40.49 -26.92 18.12
N SER L 196 -39.21 -26.83 18.50
CA SER L 196 -38.84 -26.27 19.81
C SER L 196 -39.06 -24.76 19.91
N LEU L 197 -39.12 -24.09 18.74
CA LEU L 197 -39.32 -22.65 18.64
C LEU L 197 -40.73 -22.33 18.20
N ASN L 198 -41.49 -23.35 17.81
CA ASN L 198 -42.82 -23.20 17.23
C ASN L 198 -42.81 -22.33 15.97
N GLN L 199 -41.82 -22.58 15.11
CA GLN L 199 -41.59 -21.74 13.95
C GLN L 199 -41.88 -22.53 12.69
N VAL L 200 -42.78 -22.00 11.87
CA VAL L 200 -43.12 -22.64 10.62
C VAL L 200 -42.13 -22.22 9.56
N THR L 201 -41.42 -23.23 9.08
CA THR L 201 -40.33 -23.14 8.14
C THR L 201 -40.78 -23.25 6.67
N LEU L 202 -41.68 -24.20 6.42
CA LEU L 202 -42.32 -24.42 5.13
C LEU L 202 -43.82 -24.58 5.36
N PHE L 203 -44.61 -24.01 4.47
CA PHE L 203 -46.06 -24.11 4.58
C PHE L 203 -46.71 -23.94 3.21
N GLN L 204 -47.41 -24.99 2.76
CA GLN L 204 -48.09 -24.97 1.45
C GLN L 204 -49.43 -25.65 1.54
N LEU L 205 -50.32 -25.32 0.60
CA LEU L 205 -51.55 -26.06 0.42
C LEU L 205 -51.92 -26.05 -1.04
N ASN L 206 -52.07 -27.24 -1.61
CA ASN L 206 -52.75 -27.39 -2.88
C ASN L 206 -54.04 -28.16 -2.70
N GLY L 207 -55.11 -27.66 -3.28
CA GLY L 207 -56.43 -28.26 -3.04
C GLY L 207 -57.32 -27.23 -2.42
N SER L 208 -58.32 -27.69 -1.70
CA SER L 208 -59.40 -26.81 -1.27
C SER L 208 -59.74 -27.08 0.20
N MET L 209 -59.91 -26.02 0.99
CA MET L 209 -60.29 -26.16 2.42
C MET L 209 -61.10 -24.99 2.97
N THR L 210 -62.05 -25.28 3.86
CA THR L 210 -62.71 -24.21 4.60
C THR L 210 -61.77 -23.70 5.67
N PRO L 211 -61.88 -22.42 6.06
CA PRO L 211 -61.00 -21.85 7.09
C PRO L 211 -60.90 -22.71 8.37
N ASP L 212 -61.95 -23.49 8.65
CA ASP L 212 -62.04 -24.28 9.88
C ASP L 212 -61.34 -25.63 9.81
N GLU L 213 -61.45 -26.29 8.67
CA GLU L 213 -60.71 -27.51 8.48
C GLU L 213 -59.23 -27.17 8.44
N PHE L 214 -58.88 -26.11 7.71
CA PHE L 214 -57.53 -25.57 7.68
C PHE L 214 -56.95 -25.50 9.09
N ARG L 215 -57.70 -24.94 10.03
CA ARG L 215 -57.28 -24.86 11.41
C ARG L 215 -57.24 -26.21 12.14
N GLN L 216 -58.08 -27.17 11.74
CA GLN L 216 -58.05 -28.48 12.34
C GLN L 216 -56.84 -29.21 11.81
N ALA L 217 -56.71 -29.23 10.49
CA ALA L 217 -55.59 -29.87 9.82
C ALA L 217 -54.31 -29.37 10.42
N PHE L 218 -54.38 -28.19 11.02
CA PHE L 218 -53.23 -27.54 11.64
C PHE L 218 -52.84 -28.17 12.96
N ASP L 219 -53.82 -28.28 13.86
CA ASP L 219 -53.65 -28.90 15.16
C ASP L 219 -53.13 -30.31 14.99
N LEU L 220 -53.60 -31.01 13.95
CA LEU L 220 -53.15 -32.37 13.75
C LEU L 220 -51.70 -32.44 13.28
N ALA L 221 -51.33 -31.64 12.28
CA ALA L 221 -49.96 -31.60 11.75
C ALA L 221 -48.93 -31.34 12.83
N VAL L 222 -49.23 -30.41 13.75
CA VAL L 222 -48.35 -30.09 14.89
C VAL L 222 -48.02 -31.33 15.73
N LYS L 223 -49.07 -32.07 16.11
CA LYS L 223 -48.95 -33.32 16.88
C LYS L 223 -48.04 -34.35 16.22
N GLY L 224 -48.22 -34.54 14.92
CA GLY L 224 -47.39 -35.44 14.13
C GLY L 224 -45.96 -34.98 14.10
N ILE L 225 -45.77 -33.69 13.85
CA ILE L 225 -44.45 -33.04 13.82
C ILE L 225 -43.71 -33.31 15.13
N ASN L 226 -44.42 -33.15 16.24
CA ASN L 226 -43.84 -33.39 17.57
C ASN L 226 -43.31 -34.80 17.79
N ILE L 227 -43.99 -35.78 17.21
CA ILE L 227 -43.58 -37.17 17.30
C ILE L 227 -42.33 -37.42 16.45
N ILE L 228 -42.33 -36.84 15.25
CA ILE L 228 -41.21 -36.97 14.31
C ILE L 228 -39.97 -36.30 14.84
N TYR L 229 -40.16 -35.13 15.42
CA TYR L 229 -39.09 -34.36 16.04
C TYR L 229 -38.34 -35.18 17.09
N ASN L 230 -39.09 -35.89 17.92
CA ASN L 230 -38.52 -36.76 18.93
C ASN L 230 -37.61 -37.82 18.35
N LEU L 231 -37.96 -38.34 17.20
CA LEU L 231 -37.16 -39.35 16.54
C LEU L 231 -35.90 -38.73 15.95
N GLU L 232 -36.03 -37.52 15.43
CA GLU L 232 -34.89 -36.78 14.92
C GLU L 232 -33.87 -36.56 16.05
N ARG L 233 -34.37 -36.07 17.19
CA ARG L 233 -33.60 -35.90 18.42
C ARG L 233 -32.78 -37.15 18.68
N GLU L 234 -33.47 -38.28 18.72
CA GLU L 234 -32.90 -39.57 19.05
C GLU L 234 -31.91 -40.04 18.00
N ALA L 235 -32.25 -39.85 16.73
CA ALA L 235 -31.39 -40.23 15.60
C ALA L 235 -30.06 -39.48 15.61
N LEU L 236 -30.08 -38.32 16.25
CA LEU L 236 -28.90 -37.49 16.34
C LEU L 236 -27.91 -38.09 17.34
N LYS L 237 -28.42 -38.65 18.44
CA LYS L 237 -27.56 -39.32 19.43
C LYS L 237 -27.04 -40.66 18.90
N SER L 238 -27.98 -41.52 18.50
CA SER L 238 -27.66 -42.92 18.23
C SER L 238 -27.39 -43.25 16.76
N LYS L 239 -27.51 -42.25 15.87
CA LYS L 239 -27.22 -42.41 14.43
C LYS L 239 -28.21 -43.27 13.62
N TYR L 240 -29.05 -44.03 14.32
CA TYR L 240 -29.99 -44.94 13.66
C TYR L 240 -31.28 -45.12 14.43
N VAL L 241 -32.40 -44.88 13.77
CA VAL L 241 -33.71 -44.93 14.41
C VAL L 241 -34.76 -45.65 13.56
N GLU L 242 -35.51 -46.55 14.19
CA GLU L 242 -36.63 -47.25 13.56
C GLU L 242 -37.92 -47.08 14.34
N PHE L 243 -38.99 -46.70 13.63
CA PHE L 243 -40.27 -46.42 14.27
C PHE L 243 -41.45 -47.01 13.48
N LYS L 244 -42.11 -48.00 14.07
CA LYS L 244 -43.30 -48.62 13.47
C LYS L 244 -44.50 -47.65 13.50
N GLU L 245 -45.25 -47.61 12.38
CA GLU L 245 -46.50 -46.83 12.22
C GLU L 245 -47.34 -46.78 13.48
N GLU L 246 -47.72 -45.59 13.95
CA GLU L 246 -48.74 -45.52 15.00
C GLU L 246 -49.41 -44.18 15.26
N GLY L 247 -50.39 -44.24 16.18
CA GLY L 247 -51.32 -43.15 16.47
C GLY L 247 -50.70 -41.95 17.16
N VAL L 248 -51.14 -40.76 16.78
CA VAL L 248 -50.53 -39.51 17.23
C VAL L 248 -51.03 -39.05 18.62
N MET M 1 -8.55 35.60 18.32
CA MET M 1 -7.71 34.43 18.73
C MET M 1 -6.37 34.35 17.98
N SER M 2 -5.27 34.57 18.68
CA SER M 2 -3.93 34.67 18.09
C SER M 2 -3.18 33.35 18.17
N SER M 3 -2.77 32.83 17.02
CA SER M 3 -2.07 31.53 16.97
C SER M 3 -0.77 31.56 16.17
N THR M 4 0.17 30.67 16.57
CA THR M 4 1.47 30.51 15.91
C THR M 4 1.27 30.35 14.40
N PRO M 5 1.88 31.24 13.60
CA PRO M 5 1.66 31.23 12.14
C PRO M 5 2.19 29.94 11.52
N SER M 6 1.37 29.28 10.69
CA SER M 6 1.72 28.00 10.06
C SER M 6 2.46 28.10 8.70
N ASN M 7 2.36 29.24 8.02
CA ASN M 7 3.09 29.44 6.75
C ASN M 7 4.60 29.69 6.92
N GLN M 8 4.96 30.64 7.82
CA GLN M 8 6.31 31.27 7.93
C GLN M 8 7.55 30.40 7.57
N ASN M 9 8.50 31.02 6.86
CA ASN M 9 9.74 30.33 6.43
C ASN M 9 10.55 29.71 7.56
N ILE M 10 10.52 28.37 7.63
CA ILE M 10 11.55 27.66 8.39
C ILE M 10 12.89 27.74 7.60
N ILE M 11 13.98 28.01 8.32
CA ILE M 11 15.29 28.17 7.71
C ILE M 11 16.29 27.22 8.35
N PRO M 12 16.83 26.26 7.55
CA PRO M 12 17.62 25.10 8.00
C PRO M 12 18.72 25.42 8.99
N ILE M 13 19.06 24.44 9.82
CA ILE M 13 20.06 24.62 10.87
C ILE M 13 21.41 24.94 10.25
N ILE M 14 21.67 24.35 9.08
CA ILE M 14 22.94 24.51 8.37
C ILE M 14 23.13 25.95 7.89
N LYS M 15 22.08 26.53 7.30
CA LYS M 15 22.12 27.95 6.88
C LYS M 15 22.23 28.92 8.04
N LYS M 16 21.65 28.57 9.18
CA LYS M 16 21.75 29.41 10.35
C LYS M 16 23.19 29.52 10.83
N GLU M 17 23.89 28.39 10.83
CA GLU M 17 25.26 28.34 11.31
C GLU M 17 26.17 29.19 10.44
N SER M 18 25.91 29.20 9.14
CA SER M 18 26.68 29.99 8.15
C SER M 18 26.65 31.46 8.50
N ILE M 19 25.45 31.94 8.82
CA ILE M 19 25.22 33.34 9.15
C ILE M 19 25.86 33.67 10.50
N VAL M 20 25.72 32.75 11.46
CA VAL M 20 26.27 32.95 12.80
C VAL M 20 27.80 32.97 12.76
N SER M 21 28.39 32.13 11.92
CA SER M 21 29.83 32.05 11.78
C SER M 21 30.41 33.37 11.26
N LEU M 22 29.62 34.07 10.47
CA LEU M 22 29.98 35.39 9.98
C LEU M 22 29.86 36.47 11.08
N PHE M 23 28.82 36.35 11.91
CA PHE M 23 28.60 37.25 13.03
C PHE M 23 29.77 37.19 13.99
N GLU M 24 30.29 35.98 14.16
CA GLU M 24 31.46 35.73 14.98
C GLU M 24 32.67 36.55 14.51
N LYS M 25 32.66 36.92 13.24
CA LYS M 25 33.72 37.75 12.67
C LYS M 25 33.24 39.20 12.44
N GLY M 26 32.10 39.53 13.03
CA GLY M 26 31.57 40.90 12.99
C GLY M 26 31.14 41.40 11.61
N ILE M 27 30.92 40.47 10.70
CA ILE M 27 30.45 40.80 9.35
C ILE M 27 29.15 40.04 9.03
N ARG M 28 28.37 40.58 8.12
CA ARG M 28 27.12 39.92 7.70
C ARG M 28 27.14 39.54 6.22
N GLN M 29 26.06 38.89 5.78
CA GLN M 29 25.91 38.45 4.38
C GLN M 29 26.26 39.57 3.40
N ASP M 30 25.41 40.61 3.36
CA ASP M 30 25.54 41.74 2.44
C ASP M 30 26.87 42.46 2.57
N GLY M 31 27.42 42.46 3.77
CA GLY M 31 28.72 43.06 3.97
C GLY M 31 28.84 44.05 5.10
N ARG M 32 27.70 44.50 5.63
CA ARG M 32 27.70 45.47 6.72
C ARG M 32 28.09 44.90 8.08
N LYS M 33 28.57 45.79 8.95
CA LYS M 33 28.92 45.45 10.32
C LYS M 33 27.67 45.15 11.13
N LEU M 34 27.87 44.51 12.29
CA LEU M 34 26.75 44.13 13.15
C LEU M 34 25.80 45.28 13.52
N THR M 35 26.31 46.51 13.44
CA THR M 35 25.57 47.68 13.90
C THR M 35 25.09 48.64 12.79
N ASP M 36 25.34 48.29 11.53
CA ASP M 36 24.98 49.15 10.39
C ASP M 36 23.54 49.02 9.94
N TYR M 37 22.96 50.15 9.54
CA TYR M 37 21.67 50.14 8.87
C TYR M 37 21.86 49.84 7.39
N ARG M 38 20.80 49.34 6.76
CA ARG M 38 20.82 49.11 5.32
C ARG M 38 20.75 50.43 4.55
N PRO M 39 21.07 50.42 3.25
CA PRO M 39 20.93 51.61 2.41
C PRO M 39 19.51 52.18 2.47
N LEU M 40 19.40 53.50 2.58
CA LEU M 40 18.11 54.17 2.77
C LEU M 40 17.72 55.15 1.65
N SER M 41 16.60 54.89 0.98
CA SER M 41 16.07 55.78 -0.04
C SER M 41 14.74 56.35 0.41
N ILE M 42 14.56 57.64 0.26
CA ILE M 42 13.26 58.26 0.51
C ILE M 42 12.92 59.15 -0.67
N THR M 43 11.75 58.90 -1.25
CA THR M 43 11.17 59.71 -2.31
C THR M 43 9.90 60.34 -1.76
N LEU M 44 9.93 61.66 -1.63
CA LEU M 44 8.79 62.40 -1.10
C LEU M 44 7.78 62.68 -2.19
N ASP M 45 6.52 62.91 -1.79
CA ASP M 45 5.42 63.19 -2.72
C ASP M 45 5.34 62.19 -3.87
N TYR M 46 5.31 60.90 -3.51
CA TYR M 46 5.27 59.85 -4.51
C TYR M 46 3.85 59.60 -4.99
N ALA M 47 2.91 59.50 -4.05
CA ALA M 47 1.47 59.40 -4.36
C ALA M 47 0.91 60.80 -4.49
N LYS M 48 0.58 61.19 -5.71
CA LYS M 48 0.30 62.62 -5.98
C LYS M 48 -1.02 63.11 -5.40
N LYS M 49 -1.98 62.20 -5.24
CA LYS M 49 -3.27 62.60 -4.73
C LYS M 49 -3.35 62.57 -3.21
N ALA M 50 -2.28 62.13 -2.58
CA ALA M 50 -2.14 62.25 -1.13
C ALA M 50 -1.85 63.69 -0.77
N ASP M 51 -2.15 64.05 0.48
CA ASP M 51 -1.89 65.40 0.98
C ASP M 51 -0.45 65.48 1.43
N GLY M 52 0.19 64.32 1.49
CA GLY M 52 1.62 64.21 1.74
C GLY M 52 1.95 62.73 1.75
N SER M 53 2.99 62.35 1.02
CA SER M 53 3.38 60.94 0.88
C SER M 53 4.88 60.75 0.86
N ALA M 54 5.30 59.52 1.14
CA ALA M 54 6.71 59.17 1.08
C ALA M 54 6.89 57.69 0.78
N LEU M 55 7.77 57.41 -0.17
CA LEU M 55 8.13 56.05 -0.49
C LEU M 55 9.54 55.76 0.03
N VAL M 56 9.62 54.85 0.99
CA VAL M 56 10.87 54.51 1.64
C VAL M 56 11.43 53.15 1.20
N LYS M 57 12.68 53.11 0.79
CA LYS M 57 13.38 51.87 0.51
C LYS M 57 14.49 51.69 1.52
N LEU M 58 14.27 50.79 2.45
CA LEU M 58 15.31 50.39 3.41
C LEU M 58 15.74 48.98 3.07
N GLY M 59 16.87 48.85 2.39
CA GLY M 59 17.27 47.55 1.85
C GLY M 59 16.29 47.10 0.78
N THR M 60 15.75 45.89 0.91
CA THR M 60 14.75 45.42 -0.03
C THR M 60 13.32 45.72 0.45
N THR M 61 13.17 46.15 1.71
CA THR M 61 11.87 46.55 2.26
C THR M 61 11.39 47.85 1.66
N MET M 62 10.13 47.88 1.23
CA MET M 62 9.52 49.09 0.67
C MET M 62 8.22 49.43 1.36
N VAL M 63 8.16 50.64 1.89
CA VAL M 63 6.95 51.12 2.49
C VAL M 63 6.55 52.39 1.77
N LEU M 64 5.26 52.50 1.44
CA LEU M 64 4.67 53.75 0.97
C LEU M 64 3.64 54.25 1.99
N ALA M 65 3.84 55.46 2.51
CA ALA M 65 2.90 56.03 3.45
C ALA M 65 2.31 57.30 2.87
N GLY M 66 1.03 57.50 3.10
CA GLY M 66 0.40 58.71 2.61
C GLY M 66 -0.61 59.27 3.61
N THR M 67 -0.68 60.60 3.67
CA THR M 67 -1.62 61.29 4.54
C THR M 67 -2.77 61.87 3.74
N LYS M 68 -3.92 61.92 4.38
CA LYS M 68 -5.13 62.48 3.80
C LYS M 68 -5.82 63.22 4.94
N LEU M 69 -6.01 64.52 4.76
CA LEU M 69 -6.57 65.38 5.80
C LEU M 69 -8.07 65.60 5.65
N GLU M 70 -8.78 65.61 6.78
CA GLU M 70 -10.25 65.81 6.78
C GLU M 70 -10.71 66.66 7.95
N ILE M 71 -11.88 67.29 7.82
CA ILE M 71 -12.46 68.09 8.90
C ILE M 71 -13.61 67.38 9.58
N ASP M 72 -13.46 67.12 10.87
CA ASP M 72 -14.44 66.36 11.66
C ASP M 72 -14.78 67.10 12.96
N LYS M 73 -15.92 66.79 13.55
CA LYS M 73 -16.21 67.21 14.91
C LYS M 73 -15.29 66.44 15.87
N PRO M 74 -14.61 67.13 16.80
CA PRO M 74 -13.71 66.43 17.73
C PRO M 74 -14.45 65.49 18.66
N TYR M 75 -13.74 64.51 19.21
CA TYR M 75 -14.35 63.49 20.07
C TYR M 75 -14.97 64.14 21.30
N GLU M 76 -16.14 63.67 21.72
CA GLU M 76 -16.76 64.19 22.94
C GLU M 76 -15.80 64.11 24.14
N ASP M 77 -14.95 63.07 24.15
CA ASP M 77 -13.94 62.91 25.20
C ASP M 77 -12.80 63.94 25.08
N THR M 78 -12.28 64.13 23.87
CA THR M 78 -11.13 65.03 23.61
C THR M 78 -11.54 66.25 22.77
N PRO M 79 -12.15 67.27 23.40
CA PRO M 79 -12.78 68.35 22.64
C PRO M 79 -11.79 69.36 22.06
N ASN M 80 -10.54 69.34 22.55
CA ASN M 80 -9.54 70.35 22.19
C ASN M 80 -8.38 69.79 21.37
N GLN M 81 -8.65 68.68 20.69
CA GLN M 81 -7.63 67.94 19.98
C GLN M 81 -8.06 67.57 18.58
N GLY M 82 -7.12 67.61 17.65
CA GLY M 82 -7.31 66.98 16.36
C GLY M 82 -7.10 65.48 16.50
N ASN M 83 -7.28 64.76 15.39
CA ASN M 83 -7.17 63.30 15.41
C ASN M 83 -6.03 62.80 14.54
N LEU M 84 -5.37 61.73 14.98
CA LEU M 84 -4.41 61.01 14.15
C LEU M 84 -4.82 59.56 14.08
N ILE M 85 -5.05 59.06 12.88
CA ILE M 85 -5.44 57.68 12.71
C ILE M 85 -4.43 56.98 11.82
N VAL M 86 -3.61 56.14 12.44
CA VAL M 86 -2.61 55.37 11.74
C VAL M 86 -3.21 54.04 11.30
N ASN M 87 -2.80 53.60 10.12
CA ASN M 87 -3.29 52.36 9.56
C ASN M 87 -2.24 51.68 8.67
N VAL M 88 -1.90 50.44 9.01
CA VAL M 88 -0.85 49.72 8.27
C VAL M 88 -1.46 48.58 7.48
N GLU M 89 -0.92 48.36 6.29
CA GLU M 89 -1.32 47.25 5.43
C GLU M 89 -0.16 46.51 4.81
N LEU M 90 -0.15 45.21 5.05
CA LEU M 90 0.83 44.32 4.45
C LEU M 90 0.20 43.72 3.21
N LEU M 91 0.97 43.61 2.14
CA LEU M 91 0.40 43.21 0.84
C LEU M 91 0.88 41.87 0.27
N PRO M 92 2.16 41.49 0.50
CA PRO M 92 2.68 40.22 -0.03
C PRO M 92 1.94 38.95 0.41
N ASP M 104 -5.36 42.54 9.90
CA ASP M 104 -4.45 41.40 10.04
C ASP M 104 -4.21 41.01 11.50
N GLU M 105 -3.06 41.43 12.05
CA GLU M 105 -2.61 41.14 13.43
C GLU M 105 -1.23 41.71 13.61
N ASN M 106 -0.35 41.44 12.65
CA ASN M 106 0.96 42.07 12.63
C ASN M 106 0.81 43.48 12.12
N ALA M 107 -0.13 43.65 11.20
CA ALA M 107 -0.47 44.96 10.70
C ALA M 107 -0.99 45.86 11.85
N ILE M 108 -1.98 45.35 12.58
CA ILE M 108 -2.56 46.06 13.71
C ILE M 108 -1.46 46.43 14.70
N GLU M 109 -0.61 45.47 15.03
CA GLU M 109 0.48 45.72 15.98
C GLU M 109 1.43 46.80 15.42
N LEU M 110 1.68 46.77 14.12
CA LEU M 110 2.56 47.76 13.52
C LEU M 110 1.93 49.14 13.60
N ALA M 111 0.64 49.20 13.31
CA ALA M 111 -0.09 50.47 13.37
C ALA M 111 0.01 51.09 14.73
N ARG M 112 -0.27 50.29 15.76
CA ARG M 112 -0.28 50.75 17.14
C ARG M 112 1.10 51.22 17.60
N VAL M 113 2.14 50.45 17.29
CA VAL M 113 3.49 50.82 17.69
C VAL M 113 3.92 52.15 17.07
N VAL M 114 3.63 52.35 15.78
CA VAL M 114 3.90 53.61 15.12
C VAL M 114 3.06 54.73 15.74
N ASP M 115 1.74 54.51 15.80
CA ASP M 115 0.84 55.49 16.42
C ASP M 115 1.37 55.96 17.76
N ARG M 116 1.59 55.01 18.67
CA ARG M 116 2.09 55.30 20.03
C ARG M 116 3.33 56.18 20.06
N SER M 117 4.30 55.90 19.20
CA SER M 117 5.54 56.65 19.25
C SER M 117 5.40 58.04 18.62
N LEU M 118 4.45 58.19 17.71
CA LEU M 118 4.19 59.50 17.13
C LEU M 118 3.38 60.38 18.08
N ARG M 119 2.58 59.74 18.90
CA ARG M 119 1.65 60.44 19.76
C ARG M 119 2.29 60.76 21.11
N ASP M 120 2.92 59.77 21.73
CA ASP M 120 3.58 59.94 23.06
C ASP M 120 4.80 60.85 23.01
N SER M 121 5.47 60.92 21.86
CA SER M 121 6.59 61.82 21.67
C SER M 121 6.12 63.26 21.53
N LYS M 122 4.86 63.46 21.17
CA LYS M 122 4.40 64.79 20.78
C LYS M 122 5.27 65.26 19.60
N ALA M 123 5.50 64.37 18.64
CA ALA M 123 6.14 64.74 17.37
C ALA M 123 5.12 65.46 16.48
N LEU M 124 3.88 64.98 16.51
CA LEU M 124 2.75 65.73 15.99
C LEU M 124 1.95 66.27 17.16
N ASP M 125 1.75 67.58 17.18
CA ASP M 125 0.94 68.22 18.19
C ASP M 125 -0.53 68.26 17.75
N LEU M 126 -1.34 67.38 18.33
CA LEU M 126 -2.77 67.27 17.99
C LEU M 126 -3.59 68.48 18.44
N THR M 127 -3.11 69.19 19.46
CA THR M 127 -3.84 70.33 20.00
C THR M 127 -3.71 71.56 19.12
N LYS M 128 -2.74 71.57 18.21
CA LYS M 128 -2.74 72.58 17.13
C LYS M 128 -3.28 72.08 15.77
N LEU M 129 -4.22 71.14 15.82
CA LEU M 129 -5.04 70.74 14.68
C LEU M 129 -6.50 71.11 14.94
N VAL M 130 -6.71 72.09 15.82
CA VAL M 130 -8.06 72.58 16.12
C VAL M 130 -8.39 73.78 15.25
N ILE M 131 -9.57 73.78 14.64
CA ILE M 131 -10.00 74.93 13.85
C ILE M 131 -10.93 75.79 14.72
N GLU M 132 -12.11 75.27 15.02
CA GLU M 132 -13.00 75.87 16.02
C GLU M 132 -13.17 74.87 17.17
N PRO M 133 -12.63 75.20 18.36
CA PRO M 133 -12.65 74.29 19.51
C PRO M 133 -14.04 73.75 19.82
N GLY M 134 -14.15 72.42 19.98
CA GLY M 134 -15.44 71.80 20.23
C GLY M 134 -16.33 71.66 19.00
N LYS M 135 -16.13 72.52 17.99
CA LYS M 135 -16.94 72.48 16.75
C LYS M 135 -16.30 71.64 15.62
N SER M 136 -15.07 71.99 15.23
CA SER M 136 -14.39 71.33 14.11
C SER M 136 -12.85 71.30 14.21
N VAL M 137 -12.29 70.12 13.96
CA VAL M 137 -10.84 69.88 14.00
C VAL M 137 -10.37 69.09 12.77
N TRP M 138 -9.07 69.12 12.52
CA TRP M 138 -8.46 68.28 11.49
C TRP M 138 -8.29 66.84 11.96
N THR M 139 -8.59 65.89 11.08
CA THR M 139 -8.26 64.49 11.29
C THR M 139 -7.19 64.12 10.29
N VAL M 140 -6.06 63.63 10.79
CA VAL M 140 -4.96 63.21 9.93
C VAL M 140 -5.02 61.70 9.72
N TRP M 141 -5.39 61.28 8.52
CA TRP M 141 -5.39 59.88 8.17
C TRP M 141 -4.02 59.51 7.62
N LEU M 142 -3.29 58.71 8.39
CA LEU M 142 -2.01 58.17 7.95
C LEU M 142 -2.20 56.72 7.51
N ASP M 143 -1.89 56.41 6.26
CA ASP M 143 -2.01 55.04 5.76
C ASP M 143 -0.70 54.55 5.19
N VAL M 144 -0.23 53.45 5.75
CA VAL M 144 1.11 52.94 5.49
C VAL M 144 0.96 51.61 4.77
N TYR M 145 1.58 51.51 3.60
CA TYR M 145 1.48 50.30 2.80
C TYR M 145 2.83 49.63 2.60
N VAL M 146 2.95 48.43 3.15
CA VAL M 146 4.15 47.63 2.96
C VAL M 146 4.03 46.89 1.63
N LEU M 147 4.90 47.23 0.67
CA LEU M 147 4.83 46.68 -0.66
C LEU M 147 5.81 45.53 -0.85
N ASP M 148 6.94 45.61 -0.16
CA ASP M 148 7.99 44.63 -0.29
C ASP M 148 8.44 44.27 1.11
N TYR M 149 8.20 43.02 1.51
CA TYR M 149 8.57 42.58 2.85
C TYR M 149 10.03 42.09 2.89
N GLY M 150 10.96 43.01 3.15
CA GLY M 150 12.39 42.69 3.15
C GLY M 150 12.98 42.59 4.56
N GLY M 151 12.11 42.52 5.56
CA GLY M 151 12.54 42.38 6.96
C GLY M 151 12.71 43.73 7.63
N ASN M 152 12.51 43.76 8.95
CA ASN M 152 12.53 45.01 9.72
C ASN M 152 11.57 46.06 9.18
N VAL M 153 10.33 45.61 8.99
CA VAL M 153 9.28 46.41 8.41
C VAL M 153 8.97 47.58 9.32
N LEU M 154 9.04 47.35 10.63
CA LEU M 154 8.73 48.39 11.60
C LEU M 154 9.53 49.67 11.43
N ASP M 155 10.83 49.53 11.24
CA ASP M 155 11.71 50.68 11.15
C ASP M 155 11.41 51.48 9.92
N ALA M 156 11.11 50.77 8.83
CA ALA M 156 10.74 51.38 7.56
C ALA M 156 9.41 52.10 7.68
N CYS M 157 8.47 51.53 8.44
CA CYS M 157 7.17 52.16 8.66
C CYS M 157 7.27 53.49 9.37
N THR M 158 7.99 53.52 10.50
CA THR M 158 8.24 54.74 11.27
C THR M 158 8.81 55.82 10.36
N LEU M 159 9.78 55.45 9.53
CA LEU M 159 10.39 56.40 8.60
C LEU M 159 9.39 56.93 7.57
N ALA M 160 8.70 56.00 6.88
CA ALA M 160 7.68 56.37 5.90
C ALA M 160 6.63 57.28 6.54
N SER M 161 6.12 56.91 7.70
CA SER M 161 5.16 57.72 8.42
C SER M 161 5.67 59.14 8.65
N VAL M 162 6.74 59.26 9.44
CA VAL M 162 7.35 60.56 9.75
C VAL M 162 7.54 61.36 8.47
N ALA M 163 8.08 60.72 7.43
CA ALA M 163 8.33 61.40 6.15
C ALA M 163 7.04 61.89 5.49
N ALA M 164 6.00 61.07 5.56
CA ALA M 164 4.74 61.39 4.94
C ALA M 164 4.08 62.56 5.65
N LEU M 165 4.29 62.65 6.97
CA LEU M 165 3.76 63.76 7.76
C LEU M 165 4.50 65.07 7.46
N TYR M 166 5.80 64.96 7.28
CA TYR M 166 6.61 66.11 6.95
C TYR M 166 6.36 66.63 5.54
N ASN M 167 5.78 65.78 4.70
CA ASN M 167 5.48 66.15 3.33
C ASN M 167 4.06 66.70 3.18
N THR M 168 3.27 66.57 4.24
CA THR M 168 1.87 66.93 4.22
C THR M 168 1.64 68.43 4.07
N LYS M 169 0.71 68.77 3.18
CA LYS M 169 0.27 70.12 2.91
C LYS M 169 -1.13 70.35 3.46
N VAL M 170 -1.29 71.41 4.27
CA VAL M 170 -2.60 71.78 4.80
C VAL M 170 -3.25 72.85 3.93
N TYR M 171 -4.57 72.79 3.80
CA TYR M 171 -5.30 73.67 2.88
C TYR M 171 -6.11 74.79 3.53
N LYS M 172 -6.59 75.72 2.72
CA LYS M 172 -7.40 76.83 3.21
C LYS M 172 -8.76 76.36 3.70
N VAL M 173 -9.18 76.87 4.84
CA VAL M 173 -10.47 76.50 5.43
C VAL M 173 -11.50 77.62 5.19
N GLU M 174 -12.44 77.35 4.27
CA GLU M 174 -13.43 78.37 3.89
C GLU M 174 -14.56 78.46 4.92
N GLN M 175 -15.09 79.67 5.08
CA GLN M 175 -16.23 79.93 5.97
C GLN M 175 -17.37 80.67 5.23
N ILE M 180 -17.81 76.85 5.58
CA ILE M 180 -18.07 75.46 5.88
C ILE M 180 -16.95 74.52 5.40
N SER M 181 -16.31 74.87 4.29
CA SER M 181 -15.61 73.89 3.44
C SER M 181 -14.07 73.99 3.36
N VAL M 182 -13.44 72.97 2.77
CA VAL M 182 -12.01 72.97 2.42
C VAL M 182 -11.80 73.40 0.98
N ASN M 183 -10.90 74.36 0.77
CA ASN M 183 -10.51 74.72 -0.60
C ASN M 183 -9.14 74.14 -0.94
N LYS M 184 -9.17 73.04 -1.69
CA LYS M 184 -7.99 72.19 -1.85
C LYS M 184 -6.94 72.63 -2.86
N ASN M 185 -7.03 73.85 -3.38
CA ASN M 185 -5.98 74.36 -4.28
C ASN M 185 -5.25 75.61 -3.78
N GLU M 186 -5.57 76.01 -2.55
CA GLU M 186 -4.79 77.00 -1.83
C GLU M 186 -4.12 76.32 -0.64
N VAL M 187 -2.80 76.35 -0.62
CA VAL M 187 -2.01 75.75 0.45
C VAL M 187 -1.67 76.76 1.54
N VAL M 188 -2.18 76.51 2.74
CA VAL M 188 -1.97 77.39 3.89
C VAL M 188 -0.59 77.16 4.56
N GLY M 189 -0.25 75.91 4.82
CA GLY M 189 1.00 75.59 5.51
C GLY M 189 1.19 74.11 5.66
N LYS M 190 1.98 73.71 6.65
CA LYS M 190 2.26 72.29 6.87
C LYS M 190 1.79 71.86 8.25
N LEU M 191 2.00 70.60 8.58
CA LEU M 191 1.54 70.08 9.86
C LEU M 191 2.34 70.61 11.07
N PRO M 192 1.68 70.78 12.24
CA PRO M 192 2.36 71.16 13.48
C PRO M 192 3.26 70.04 13.98
N LEU M 193 4.45 69.93 13.38
CA LEU M 193 5.40 68.87 13.72
C LEU M 193 6.54 69.44 14.56
N ASN M 194 6.71 68.88 15.76
CA ASN M 194 7.77 69.30 16.67
C ASN M 194 9.15 68.78 16.24
N TYR M 195 9.22 67.50 15.89
CA TYR M 195 10.47 66.88 15.47
C TYR M 195 10.20 65.50 14.84
N PRO M 196 11.16 64.96 14.05
CA PRO M 196 11.04 63.59 13.58
C PRO M 196 11.29 62.58 14.72
N VAL M 197 10.93 61.33 14.47
CA VAL M 197 11.12 60.24 15.42
C VAL M 197 11.70 59.10 14.60
N VAL M 198 12.69 58.40 15.16
CA VAL M 198 13.18 57.13 14.56
C VAL M 198 12.94 55.91 15.42
N THR M 199 12.65 54.78 14.78
CA THR M 199 12.57 53.51 15.50
C THR M 199 13.70 52.61 15.05
N ILE M 200 14.48 52.11 16.00
CA ILE M 200 15.61 51.24 15.71
C ILE M 200 15.35 49.86 16.27
N SER M 201 15.36 48.87 15.39
CA SER M 201 15.23 47.47 15.77
C SER M 201 16.58 46.75 15.89
N VAL M 202 16.79 46.09 17.03
CA VAL M 202 17.99 45.32 17.28
C VAL M 202 17.57 43.87 17.46
N ALA M 203 18.06 43.00 16.59
CA ALA M 203 17.76 41.56 16.65
C ALA M 203 18.81 40.84 17.46
N LYS M 204 18.36 39.82 18.18
CA LYS M 204 19.26 38.98 18.97
C LYS M 204 19.34 37.62 18.28
N VAL M 205 20.39 37.45 17.48
CA VAL M 205 20.63 36.18 16.78
C VAL M 205 21.73 35.45 17.51
N ASP M 206 21.43 34.23 17.95
CA ASP M 206 22.36 33.44 18.79
C ASP M 206 22.77 34.29 19.99
N LYS M 207 24.03 34.69 20.05
CA LYS M 207 24.56 35.48 21.16
C LYS M 207 25.04 36.86 20.71
N TYR M 208 24.58 37.30 19.54
CA TYR M 208 25.00 38.58 18.97
C TYR M 208 23.82 39.52 18.85
N LEU M 209 24.10 40.81 18.94
CA LEU M 209 23.08 41.84 18.69
C LEU M 209 23.34 42.51 17.33
N VAL M 210 22.27 42.58 16.53
CA VAL M 210 22.36 42.98 15.15
C VAL M 210 21.33 44.08 14.82
N VAL M 211 21.82 45.24 14.40
CA VAL M 211 20.98 46.39 14.09
C VAL M 211 20.31 46.23 12.72
N ASP M 212 19.01 46.51 12.65
CA ASP M 212 18.24 46.43 11.39
C ASP M 212 18.44 45.08 10.69
N PRO M 213 17.78 44.03 11.20
CA PRO M 213 17.92 42.70 10.61
C PRO M 213 17.22 42.62 9.27
N ASP M 214 17.83 41.92 8.31
CA ASP M 214 17.19 41.71 7.01
C ASP M 214 16.22 40.52 7.06
N LEU M 215 15.76 40.09 5.90
CA LEU M 215 14.81 38.98 5.81
C LEU M 215 15.35 37.67 6.41
N ASP M 216 16.57 37.31 6.04
CA ASP M 216 17.22 36.12 6.56
C ASP M 216 17.48 36.19 8.07
N GLU M 217 17.99 37.32 8.53
CA GLU M 217 18.35 37.48 9.93
C GLU M 217 17.12 37.39 10.85
N GLU M 218 15.99 37.90 10.36
CA GLU M 218 14.76 37.88 11.13
C GLU M 218 14.23 36.48 11.33
N SER M 219 14.51 35.59 10.38
CA SER M 219 13.99 34.23 10.48
C SER M 219 14.88 33.29 11.29
N ILE M 220 16.08 33.75 11.66
CA ILE M 220 16.94 32.96 12.52
C ILE M 220 17.12 33.55 13.93
N MET M 221 16.58 34.75 14.14
CA MET M 221 16.69 35.46 15.42
C MET M 221 15.87 34.82 16.53
N ASP M 222 16.26 35.08 17.77
CA ASP M 222 15.50 34.62 18.91
C ASP M 222 14.34 35.56 19.11
N ALA M 223 14.65 36.84 19.25
CA ALA M 223 13.66 37.91 19.38
C ALA M 223 14.29 39.23 18.98
N LYS M 224 13.46 40.20 18.61
CA LYS M 224 13.99 41.52 18.35
C LYS M 224 13.33 42.56 19.24
N ILE M 225 14.06 43.65 19.52
CA ILE M 225 13.52 44.69 20.36
C ILE M 225 13.66 46.02 19.63
N SER M 226 12.63 46.85 19.70
CA SER M 226 12.61 48.07 18.92
C SER M 226 12.51 49.28 19.83
N PHE M 227 13.41 50.24 19.62
CA PHE M 227 13.43 51.46 20.41
C PHE M 227 13.09 52.67 19.57
N SER M 228 12.21 53.52 20.09
CA SER M 228 11.83 54.75 19.41
C SER M 228 12.50 55.91 20.12
N TYR M 229 13.06 56.83 19.35
CA TYR M 229 13.79 57.97 19.91
C TYR M 229 13.40 59.32 19.30
N THR M 230 13.36 60.35 20.15
CA THR M 230 13.24 61.71 19.67
C THR M 230 14.67 62.21 19.44
N PRO M 231 14.83 63.31 18.68
CA PRO M 231 16.19 63.82 18.38
C PRO M 231 17.09 64.15 19.57
N ASP M 232 16.51 64.49 20.73
CA ASP M 232 17.30 64.73 21.95
C ASP M 232 17.63 63.41 22.65
N LEU M 233 17.22 62.30 22.03
CA LEU M 233 17.52 60.95 22.49
C LEU M 233 16.78 60.52 23.76
N LYS M 234 15.50 60.85 23.80
CA LYS M 234 14.59 60.33 24.80
C LYS M 234 13.95 59.08 24.21
N ILE M 235 13.91 58.00 24.99
CA ILE M 235 13.21 56.77 24.60
C ILE M 235 11.73 57.06 24.68
N VAL M 236 11.03 56.75 23.59
CA VAL M 236 9.66 57.18 23.37
C VAL M 236 8.72 55.98 23.08
N GLY M 237 9.32 54.81 22.93
CA GLY M 237 8.59 53.57 22.72
C GLY M 237 9.51 52.36 22.63
N ILE M 238 9.14 51.28 23.31
CA ILE M 238 9.91 50.05 23.20
C ILE M 238 8.94 48.92 22.92
N GLN M 239 9.30 48.06 21.97
CA GLN M 239 8.50 46.89 21.69
C GLN M 239 9.36 45.65 21.48
N LYS M 240 9.33 44.74 22.45
CA LYS M 240 9.93 43.43 22.22
C LYS M 240 9.01 42.63 21.32
N SER M 241 9.61 41.90 20.40
CA SER M 241 8.90 41.20 19.34
C SER M 241 9.63 39.90 18.94
N GLY M 242 8.89 38.83 18.73
CA GLY M 242 9.51 37.60 18.29
C GLY M 242 9.21 36.43 19.18
N LYS M 243 9.43 35.23 18.63
CA LYS M 243 9.05 33.96 19.25
C LYS M 243 9.85 33.58 20.50
N GLY M 244 10.97 34.27 20.71
CA GLY M 244 11.92 33.86 21.72
C GLY M 244 12.13 34.87 22.81
N SER M 245 13.18 34.67 23.60
CA SER M 245 13.48 35.52 24.74
C SER M 245 14.86 36.14 24.65
N MET M 246 15.11 37.11 25.53
CA MET M 246 16.31 37.93 25.52
C MET M 246 16.75 38.13 26.95
N SER M 247 18.05 38.18 27.19
CA SER M 247 18.53 38.31 28.57
C SER M 247 18.48 39.77 29.01
N LEU M 248 18.67 39.98 30.31
CA LEU M 248 18.66 41.32 30.87
C LEU M 248 19.79 42.17 30.32
N GLN M 249 21.00 41.64 30.39
CA GLN M 249 22.18 42.24 29.83
C GLN M 249 22.04 42.56 28.33
N ASP M 250 21.22 41.76 27.64
CA ASP M 250 20.98 41.93 26.20
C ASP M 250 20.20 43.18 25.88
N ILE M 251 19.10 43.38 26.61
CA ILE M 251 18.24 44.56 26.44
C ILE M 251 18.99 45.83 26.77
N ASP M 252 19.80 45.76 27.82
CA ASP M 252 20.68 46.86 28.19
C ASP M 252 21.59 47.24 27.03
N GLN M 253 22.40 46.29 26.57
CA GLN M 253 23.32 46.50 25.46
C GLN M 253 22.61 46.95 24.20
N ALA M 254 21.50 46.28 23.89
CA ALA M 254 20.72 46.58 22.70
C ALA M 254 20.42 48.08 22.64
N GLU M 255 19.97 48.64 23.77
CA GLU M 255 19.54 50.03 23.80
C GLU M 255 20.70 50.99 23.57
N ASN M 256 21.90 50.65 24.06
CA ASN M 256 23.09 51.47 23.82
C ASN M 256 23.39 51.52 22.35
N THR M 257 23.36 50.34 21.73
CA THR M 257 23.57 50.24 20.31
C THR M 257 22.48 50.99 19.57
N ALA M 258 21.23 50.72 19.95
CA ALA M 258 20.07 51.35 19.29
C ALA M 258 20.16 52.86 19.29
N ARG M 259 20.62 53.42 20.41
CA ARG M 259 20.65 54.86 20.61
C ARG M 259 21.78 55.53 19.82
N SER M 260 22.97 54.94 19.81
CA SER M 260 24.08 55.51 19.04
C SER M 260 23.86 55.33 17.53
N THR M 261 22.99 54.40 17.17
CA THR M 261 22.53 54.24 15.79
C THR M 261 21.53 55.34 15.46
N ALA M 262 20.62 55.60 16.40
CA ALA M 262 19.57 56.61 16.22
C ALA M 262 20.09 57.96 15.75
N VAL M 263 21.22 58.38 16.31
CA VAL M 263 21.85 59.65 15.95
C VAL M 263 22.18 59.68 14.46
N LYS M 264 22.83 58.62 13.99
CA LYS M 264 23.14 58.45 12.57
C LYS M 264 21.86 58.54 11.78
N LEU M 265 20.94 57.61 12.04
CA LEU M 265 19.72 57.51 11.26
C LEU M 265 18.92 58.81 11.22
N LEU M 266 18.88 59.54 12.33
CA LEU M 266 18.15 60.82 12.40
C LEU M 266 18.76 61.85 11.46
N GLU M 267 20.09 61.94 11.47
CA GLU M 267 20.82 62.84 10.58
C GLU M 267 20.45 62.56 9.12
N GLU M 268 20.41 61.28 8.77
CA GLU M 268 20.15 60.85 7.41
C GLU M 268 18.71 61.10 7.00
N LEU M 269 17.79 60.81 7.92
CA LEU M 269 16.36 61.10 7.69
C LEU M 269 16.16 62.58 7.41
N LYS M 270 16.82 63.42 8.22
CA LYS M 270 16.69 64.86 8.06
C LYS M 270 17.19 65.34 6.71
N LYS M 271 18.28 64.75 6.23
CA LYS M 271 18.80 65.10 4.91
C LYS M 271 17.78 64.85 3.81
N HIS M 272 17.09 63.71 3.90
CA HIS M 272 16.02 63.38 2.96
C HIS M 272 14.85 64.34 3.07
N LEU M 273 14.50 64.68 4.32
CA LEU M 273 13.40 65.59 4.64
C LEU M 273 13.81 67.06 4.70
N GLY M 274 14.84 67.44 3.97
CA GLY M 274 15.29 68.84 3.89
C GLY M 274 15.37 69.45 5.27
N ILE M 275 16.29 68.89 6.07
CA ILE M 275 16.41 69.10 7.52
C ILE M 275 15.07 69.54 8.12
N PRO N 10 -5.06 65.29 37.82
CA PRO N 10 -4.96 64.49 39.04
C PRO N 10 -3.50 64.21 39.45
N LYS N 11 -3.17 64.44 40.73
CA LYS N 11 -1.80 64.26 41.24
C LYS N 11 -1.55 62.90 41.91
N LEU N 12 -0.86 62.03 41.15
CA LEU N 12 -0.63 60.62 41.51
C LEU N 12 0.41 60.40 42.61
N ILE N 13 1.25 61.42 42.85
CA ILE N 13 2.09 61.45 44.05
C ILE N 13 1.71 62.60 44.99
N LEU N 14 0.99 62.25 46.05
CA LEU N 14 0.71 63.15 47.15
C LEU N 14 2.05 63.44 47.81
N ASP N 15 2.22 64.66 48.31
CA ASP N 15 3.50 65.09 48.91
C ASP N 15 3.78 64.45 50.28
N ASP N 16 2.88 63.57 50.71
CA ASP N 16 3.18 62.71 51.86
C ASP N 16 4.11 61.56 51.43
N GLY N 17 4.44 61.50 50.14
CA GLY N 17 5.30 60.46 49.56
C GLY N 17 4.54 59.32 48.91
N LYS N 18 3.36 59.04 49.47
CA LYS N 18 2.54 57.91 49.08
C LYS N 18 1.71 58.26 47.86
N ARG N 19 1.40 57.22 47.09
CA ARG N 19 0.61 57.31 45.86
C ARG N 19 -0.89 57.42 46.12
N THR N 20 -1.66 57.45 45.03
CA THR N 20 -3.11 57.61 45.09
C THR N 20 -3.83 56.52 45.90
N ASP N 21 -3.32 55.30 45.83
CA ASP N 21 -3.89 54.17 46.59
C ASP N 21 -3.15 53.89 47.91
N GLY N 22 -2.36 54.87 48.37
CA GLY N 22 -1.66 54.79 49.65
C GLY N 22 -0.43 53.90 49.66
N ARG N 23 0.08 53.55 48.49
CA ARG N 23 1.30 52.75 48.36
C ARG N 23 2.55 53.64 48.19
N LYS N 24 3.67 53.21 48.75
CA LYS N 24 4.96 53.81 48.44
C LYS N 24 5.34 53.44 47.00
N PRO N 25 6.28 54.20 46.38
CA PRO N 25 6.68 53.92 44.99
C PRO N 25 7.24 52.50 44.70
N ASP N 26 7.69 51.80 45.75
CA ASP N 26 8.19 50.45 45.57
C ASP N 26 7.40 49.51 46.43
N GLU N 27 6.08 49.48 46.23
CA GLU N 27 5.23 48.46 46.84
C GLU N 27 4.33 47.81 45.81
N LEU N 28 4.19 46.49 45.86
CA LEU N 28 3.25 45.78 45.01
C LEU N 28 1.83 45.93 45.54
N ARG N 29 0.86 45.72 44.67
CA ARG N 29 -0.53 45.58 45.10
C ARG N 29 -0.69 44.21 45.75
N SER N 30 -1.84 43.97 46.37
CA SER N 30 -2.10 42.65 46.95
C SER N 30 -2.23 41.58 45.86
N ILE N 31 -1.73 40.38 46.15
CA ILE N 31 -1.74 39.30 45.19
C ILE N 31 -2.55 38.10 45.67
N LYS N 32 -3.37 37.55 44.78
CA LYS N 32 -4.11 36.35 45.06
C LYS N 32 -4.00 35.39 43.86
N ILE N 33 -3.61 34.15 44.14
CA ILE N 33 -3.49 33.15 43.08
C ILE N 33 -4.19 31.88 43.48
N GLU N 34 -4.91 31.31 42.52
CA GLU N 34 -5.64 30.07 42.71
C GLU N 34 -5.43 29.17 41.50
N LEU N 35 -5.27 27.88 41.75
CA LEU N 35 -5.05 26.94 40.66
C LEU N 35 -6.11 25.85 40.59
N GLY N 36 -6.32 25.35 39.37
CA GLY N 36 -7.28 24.26 39.13
C GLY N 36 -8.69 24.62 39.54
N VAL N 37 -9.11 25.83 39.18
CA VAL N 37 -10.42 26.32 39.56
C VAL N 37 -11.51 25.89 38.58
N LEU N 38 -11.13 25.60 37.33
CA LEU N 38 -12.09 25.10 36.33
C LEU N 38 -12.01 23.60 36.17
N LYS N 39 -13.13 22.92 36.36
CA LYS N 39 -13.16 21.46 36.33
C LYS N 39 -12.85 20.90 34.94
N ASN N 40 -13.51 21.44 33.92
CA ASN N 40 -13.49 20.87 32.58
C ASN N 40 -12.34 21.33 31.69
N ALA N 41 -11.45 22.15 32.25
CA ALA N 41 -10.22 22.55 31.57
C ALA N 41 -9.11 21.60 31.95
N ASP N 42 -8.04 21.55 31.16
CA ASP N 42 -6.91 20.68 31.50
C ASP N 42 -6.01 21.35 32.53
N GLY N 43 -6.02 22.69 32.50
CA GLY N 43 -5.34 23.48 33.52
C GLY N 43 -6.01 24.81 33.61
N SER N 44 -6.12 25.35 34.82
CA SER N 44 -6.75 26.65 35.02
C SER N 44 -6.12 27.40 36.19
N ALA N 45 -6.28 28.73 36.18
CA ALA N 45 -5.78 29.58 37.26
C ALA N 45 -6.50 30.93 37.28
N ILE N 46 -6.70 31.47 38.49
CA ILE N 46 -7.19 32.84 38.67
C ILE N 46 -6.02 33.60 39.26
N PHE N 47 -5.71 34.76 38.70
CA PHE N 47 -4.66 35.62 39.22
C PHE N 47 -5.24 36.98 39.51
N GLU N 48 -4.97 37.50 40.70
CA GLU N 48 -5.40 38.86 41.08
C GLU N 48 -4.22 39.71 41.54
N MET N 49 -4.01 40.83 40.85
CA MET N 49 -3.13 41.89 41.31
C MET N 49 -3.97 43.08 41.67
N GLY N 50 -4.17 43.28 42.97
CA GLY N 50 -4.99 44.36 43.46
C GLY N 50 -6.39 44.20 42.93
N ASN N 51 -6.79 45.08 42.02
CA ASN N 51 -8.12 45.01 41.42
C ASN N 51 -8.19 44.42 40.03
N THR N 52 -7.05 43.94 39.53
CA THR N 52 -7.02 43.31 38.23
C THR N 52 -7.10 41.80 38.42
N LYS N 53 -8.25 41.23 38.08
CA LYS N 53 -8.48 39.78 38.11
C LYS N 53 -8.52 39.21 36.69
N ALA N 54 -7.76 38.13 36.46
CA ALA N 54 -7.84 37.38 35.21
C ALA N 54 -8.09 35.91 35.49
N ILE N 55 -8.83 35.26 34.62
CA ILE N 55 -8.97 33.79 34.66
C ILE N 55 -8.41 33.19 33.37
N ALA N 56 -7.70 32.08 33.50
CA ALA N 56 -7.07 31.43 32.36
C ALA N 56 -7.34 29.95 32.35
N ALA N 57 -7.76 29.46 31.20
CA ALA N 57 -8.01 28.05 31.01
C ALA N 57 -7.08 27.55 29.88
N VAL N 58 -6.58 26.32 30.05
CA VAL N 58 -5.76 25.68 29.03
C VAL N 58 -6.45 24.39 28.62
N TYR N 59 -6.58 24.18 27.31
CA TYR N 59 -7.09 22.89 26.83
C TYR N 59 -5.98 22.12 26.14
N GLY N 60 -5.47 21.12 26.88
CA GLY N 60 -4.13 20.52 26.73
C GLY N 60 -3.80 19.95 25.37
N PRO N 61 -2.52 19.60 25.14
CA PRO N 61 -2.07 19.20 23.79
C PRO N 61 -3.04 18.24 23.09
N LYS N 62 -3.49 18.65 21.90
CA LYS N 62 -4.39 17.80 21.14
C LYS N 62 -4.37 18.03 19.63
N GLU N 63 -4.62 16.95 18.88
CA GLU N 63 -4.75 16.93 17.41
C GLU N 63 -5.35 18.20 16.84
N MET N 64 -4.74 18.78 15.81
CA MET N 64 -5.30 20.03 15.31
C MET N 64 -6.40 19.89 14.27
N HIS N 65 -7.46 20.69 14.46
CA HIS N 65 -8.69 20.61 13.67
C HIS N 65 -8.46 20.49 12.14
N PRO N 66 -8.06 21.60 11.46
CA PRO N 66 -7.67 21.49 10.05
C PRO N 66 -6.16 21.27 9.94
N ARG N 67 -5.78 20.04 9.61
CA ARG N 67 -4.39 19.62 9.74
C ARG N 67 -3.36 20.47 8.99
N HIS N 68 -3.78 21.19 7.97
CA HIS N 68 -2.85 22.04 7.20
C HIS N 68 -2.32 23.23 8.00
N LEU N 69 -3.03 23.57 9.08
CA LEU N 69 -2.65 24.69 9.94
C LEU N 69 -1.74 24.26 11.09
N SER N 70 -1.54 22.96 11.25
CA SER N 70 -0.65 22.43 12.29
C SER N 70 0.81 22.49 11.84
N LEU N 71 1.71 22.30 12.79
CA LEU N 71 3.12 22.35 12.51
C LEU N 71 3.75 20.97 12.65
N PRO N 72 4.68 20.63 11.75
CA PRO N 72 5.31 19.32 11.69
C PRO N 72 6.17 18.99 12.91
N ASP N 73 6.76 20.02 13.53
CA ASP N 73 7.76 19.85 14.59
C ASP N 73 7.32 20.41 15.94
N ARG N 74 6.36 21.34 15.90
CA ARG N 74 5.94 22.11 17.07
C ARG N 74 4.47 21.92 17.39
N ALA N 75 4.09 22.27 18.62
CA ALA N 75 2.70 22.52 18.91
C ALA N 75 2.40 23.94 18.47
N VAL N 76 1.14 24.19 18.12
CA VAL N 76 0.68 25.54 17.79
C VAL N 76 -0.03 26.11 19.01
N LEU N 77 0.48 27.23 19.54
CA LEU N 77 -0.18 27.90 20.63
C LEU N 77 -1.29 28.74 20.06
N ARG N 78 -2.45 28.68 20.71
CA ARG N 78 -3.59 29.51 20.35
C ARG N 78 -3.95 30.32 21.56
N VAL N 79 -3.72 31.62 21.52
CA VAL N 79 -3.90 32.46 22.69
C VAL N 79 -4.98 33.53 22.47
N ARG N 80 -5.86 33.72 23.45
CA ARG N 80 -6.94 34.72 23.38
C ARG N 80 -6.94 35.60 24.62
N TYR N 81 -6.61 36.86 24.45
CA TYR N 81 -6.78 37.85 25.51
C TYR N 81 -8.12 38.54 25.32
N HIS N 82 -8.93 38.56 26.36
CA HIS N 82 -10.27 39.13 26.23
C HIS N 82 -10.76 39.76 27.53
N MET N 83 -11.42 40.91 27.39
CA MET N 83 -11.98 41.62 28.52
C MET N 83 -13.49 41.50 28.53
N THR N 84 -14.04 41.05 29.66
CA THR N 84 -15.50 40.95 29.83
C THR N 84 -16.06 42.37 29.82
N PRO N 85 -17.24 42.56 29.24
CA PRO N 85 -17.83 43.90 29.14
C PRO N 85 -17.90 44.63 30.48
N PHE N 86 -17.95 43.87 31.57
CA PHE N 86 -18.09 44.43 32.89
C PHE N 86 -16.78 44.47 33.68
N SER N 87 -15.66 44.47 32.97
CA SER N 87 -14.37 44.48 33.63
C SER N 87 -13.91 45.89 33.89
N THR N 88 -14.55 46.85 33.23
CA THR N 88 -14.11 48.23 33.28
C THR N 88 -15.14 49.18 33.88
N ASP N 89 -14.73 50.44 34.02
CA ASP N 89 -15.56 51.47 34.60
C ASP N 89 -16.68 51.78 33.64
N GLU N 90 -16.42 51.62 32.34
CA GLU N 90 -17.45 51.84 31.32
C GLU N 90 -17.49 50.69 30.34
N ARG N 91 -18.70 50.23 29.97
CA ARG N 91 -18.88 48.94 29.30
C ARG N 91 -18.07 48.76 28.02
N LYS N 92 -17.09 47.85 28.08
CA LYS N 92 -16.22 47.51 26.93
C LYS N 92 -16.95 46.60 25.95
N ASN N 93 -17.04 47.04 24.70
CA ASN N 93 -17.69 46.24 23.66
C ASN N 93 -17.06 44.85 23.59
N PRO N 94 -17.89 43.78 23.58
CA PRO N 94 -17.37 42.40 23.55
C PRO N 94 -16.62 42.04 22.26
N ALA N 95 -17.00 42.65 21.13
CA ALA N 95 -16.27 42.49 19.85
C ALA N 95 -14.81 42.89 20.04
N PRO N 96 -13.86 42.09 19.49
CA PRO N 96 -12.44 42.26 19.80
C PRO N 96 -11.87 43.57 19.26
N SER N 97 -11.16 44.30 20.12
CA SER N 97 -10.62 45.60 19.77
C SER N 97 -9.21 45.43 19.24
N ARG N 98 -8.76 46.38 18.43
CA ARG N 98 -7.37 46.35 17.93
C ARG N 98 -6.37 46.16 19.07
N ARG N 99 -6.68 46.72 20.22
CA ARG N 99 -5.84 46.60 21.41
C ARG N 99 -5.85 45.18 21.96
N GLU N 100 -7.01 44.54 21.94
CA GLU N 100 -7.13 43.11 22.30
C GLU N 100 -6.38 42.19 21.32
N ILE N 101 -6.40 42.56 20.04
CA ILE N 101 -5.71 41.81 19.01
C ILE N 101 -4.21 41.87 19.21
N GLU N 102 -3.68 43.08 19.46
CA GLU N 102 -2.26 43.26 19.71
C GLU N 102 -1.83 42.52 20.98
N LEU N 103 -2.57 42.73 22.08
CA LEU N 103 -2.25 42.10 23.36
C LEU N 103 -2.20 40.59 23.28
N SER N 104 -3.07 40.00 22.45
CA SER N 104 -3.08 38.57 22.23
C SER N 104 -1.78 38.10 21.59
N LYS N 105 -1.36 38.80 20.53
CA LYS N 105 -0.12 38.44 19.84
C LYS N 105 1.08 38.58 20.76
N VAL N 106 1.06 39.60 21.61
CA VAL N 106 2.18 39.86 22.50
C VAL N 106 2.24 38.75 23.55
N ILE N 107 1.09 38.42 24.13
CA ILE N 107 1.02 37.35 25.14
C ILE N 107 1.37 35.96 24.56
N ARG N 108 1.00 35.72 23.31
CA ARG N 108 1.31 34.43 22.68
C ARG N 108 2.81 34.29 22.51
N GLU N 109 3.43 35.32 21.94
CA GLU N 109 4.86 35.32 21.70
C GLU N 109 5.61 35.20 23.01
N ALA N 110 5.05 35.77 24.08
CA ALA N 110 5.63 35.66 25.41
C ALA N 110 5.64 34.19 25.86
N LEU N 111 4.48 33.53 25.74
CA LEU N 111 4.32 32.12 26.14
C LEU N 111 5.15 31.19 25.27
N GLU N 112 5.31 31.57 23.99
CA GLU N 112 6.05 30.74 23.08
C GLU N 112 7.50 30.58 23.46
N SER N 113 8.04 31.55 24.20
CA SER N 113 9.42 31.47 24.64
C SER N 113 9.56 30.59 25.89
N ALA N 114 8.45 30.42 26.62
CA ALA N 114 8.48 29.60 27.83
C ALA N 114 8.07 28.15 27.58
N VAL N 115 6.97 27.94 26.87
CA VAL N 115 6.45 26.60 26.60
C VAL N 115 7.30 25.80 25.61
N LEU N 116 7.65 24.57 26.00
CA LEU N 116 8.43 23.65 25.14
C LEU N 116 7.55 22.99 24.06
N VAL N 117 7.15 23.78 23.08
CA VAL N 117 6.27 23.33 22.01
C VAL N 117 6.84 22.22 21.15
N GLU N 118 8.17 22.13 21.09
CA GLU N 118 8.85 21.14 20.26
C GLU N 118 8.34 19.73 20.61
N LEU N 119 7.90 19.58 21.86
CA LEU N 119 7.54 18.28 22.41
C LEU N 119 6.24 17.69 21.90
N PHE N 120 5.38 18.53 21.29
CA PHE N 120 4.05 18.10 20.85
C PHE N 120 3.78 18.50 19.40
N PRO N 121 4.40 17.79 18.44
CA PRO N 121 4.23 18.16 17.05
C PRO N 121 2.83 17.79 16.60
N ARG N 122 2.31 18.53 15.63
CA ARG N 122 0.97 18.31 15.07
C ARG N 122 -0.16 18.54 16.05
N THR N 123 0.12 19.18 17.18
CA THR N 123 -0.91 19.42 18.18
C THR N 123 -1.10 20.91 18.38
N ALA N 124 -2.19 21.28 19.05
CA ALA N 124 -2.47 22.66 19.41
C ALA N 124 -2.75 22.77 20.89
N ILE N 125 -2.10 23.73 21.54
CA ILE N 125 -2.41 24.05 22.92
C ILE N 125 -3.21 25.35 22.92
N ASP N 126 -4.41 25.28 23.47
CA ASP N 126 -5.26 26.44 23.54
C ASP N 126 -5.08 27.07 24.90
N VAL N 127 -4.91 28.40 24.90
CA VAL N 127 -4.86 29.19 26.13
C VAL N 127 -5.88 30.33 26.04
N PHE N 128 -6.99 30.20 26.74
CA PHE N 128 -7.99 31.26 26.81
C PHE N 128 -7.85 32.06 28.08
N THR N 129 -8.02 33.37 27.97
CA THR N 129 -7.78 34.30 29.09
C THR N 129 -8.88 35.36 29.16
N GLU N 130 -9.50 35.51 30.31
CA GLU N 130 -10.54 36.52 30.43
C GLU N 130 -10.21 37.47 31.55
N ILE N 131 -10.29 38.77 31.27
CA ILE N 131 -10.10 39.78 32.32
C ILE N 131 -11.45 40.12 32.97
N LEU N 132 -11.57 39.84 34.27
CA LEU N 132 -12.85 39.96 34.96
C LEU N 132 -12.94 41.33 35.63
N GLN N 133 -11.79 41.88 35.96
CA GLN N 133 -11.69 43.25 36.46
C GLN N 133 -10.43 43.86 35.91
N ALA N 134 -10.55 45.03 35.31
CA ALA N 134 -9.40 45.69 34.73
C ALA N 134 -9.05 46.91 35.55
N ASP N 135 -7.86 46.88 36.12
CA ASP N 135 -7.29 48.02 36.82
C ASP N 135 -5.78 48.14 36.49
N ALA N 136 -5.48 48.15 35.19
CA ALA N 136 -4.11 48.24 34.68
C ALA N 136 -3.28 47.00 34.99
N GLY N 137 -2.24 46.79 34.16
CA GLY N 137 -1.39 45.62 34.27
C GLY N 137 -2.09 44.35 33.86
N SER N 138 -3.24 44.49 33.18
CA SER N 138 -4.11 43.37 32.78
C SER N 138 -3.49 42.41 31.76
N ARG N 139 -2.57 42.93 30.94
CA ARG N 139 -1.85 42.08 30.00
C ARG N 139 -0.88 41.18 30.74
N LEU N 140 -0.37 41.65 31.87
CA LEU N 140 0.54 40.87 32.71
C LEU N 140 -0.16 39.90 33.65
N VAL N 141 -1.27 40.33 34.24
CA VAL N 141 -2.08 39.46 35.07
C VAL N 141 -2.62 38.31 34.23
N SER N 142 -2.96 38.62 32.99
CA SER N 142 -3.42 37.63 32.03
C SER N 142 -2.33 36.63 31.71
N LEU N 143 -1.14 37.14 31.37
CA LEU N 143 0.02 36.31 30.99
C LEU N 143 0.44 35.35 32.11
N MET N 144 0.47 35.85 33.34
CA MET N 144 0.83 35.03 34.49
C MET N 144 -0.24 33.99 34.80
N ALA N 145 -1.50 34.37 34.72
CA ALA N 145 -2.61 33.43 34.89
C ALA N 145 -2.47 32.29 33.88
N ALA N 146 -2.04 32.65 32.68
CA ALA N 146 -1.82 31.69 31.60
C ALA N 146 -0.67 30.74 31.96
N SER N 147 0.48 31.31 32.28
CA SER N 147 1.68 30.54 32.63
C SER N 147 1.36 29.50 33.70
N LEU N 148 0.64 29.94 34.73
CA LEU N 148 0.27 29.08 35.82
C LEU N 148 -0.73 28.02 35.39
N ALA N 149 -1.64 28.40 34.49
CA ALA N 149 -2.66 27.48 33.99
C ALA N 149 -2.01 26.39 33.15
N LEU N 150 -0.95 26.75 32.45
CA LEU N 150 -0.15 25.77 31.71
C LEU N 150 0.52 24.80 32.67
N ALA N 151 1.18 25.33 33.70
CA ALA N 151 1.82 24.52 34.72
C ALA N 151 0.80 23.61 35.41
N ASP N 152 -0.42 24.11 35.60
CA ASP N 152 -1.50 23.30 36.15
C ASP N 152 -1.94 22.17 35.20
N ALA N 153 -1.92 22.49 33.90
CA ALA N 153 -2.20 21.52 32.84
C ALA N 153 -1.03 20.53 32.67
N GLY N 154 0.02 20.73 33.45
CA GLY N 154 1.18 19.83 33.47
C GLY N 154 1.96 19.88 32.18
N ILE N 155 1.96 21.04 31.52
CA ILE N 155 2.69 21.23 30.27
C ILE N 155 4.07 21.77 30.57
N PRO N 156 5.12 21.10 30.03
CA PRO N 156 6.52 21.43 30.31
C PRO N 156 6.90 22.83 29.82
N MET N 157 7.56 23.59 30.68
CA MET N 157 8.02 24.94 30.33
C MET N 157 9.44 25.19 30.86
N ARG N 158 10.16 26.08 30.19
CA ARG N 158 11.52 26.42 30.63
C ARG N 158 11.51 26.96 32.05
N ASP N 159 10.50 27.79 32.33
CA ASP N 159 10.33 28.43 33.63
C ASP N 159 8.91 28.95 33.73
N LEU N 160 8.50 29.37 34.92
CA LEU N 160 7.29 30.18 35.07
C LEU N 160 7.51 31.62 34.58
N ILE N 161 6.43 32.30 34.22
CA ILE N 161 6.50 33.72 33.84
C ILE N 161 5.92 34.61 34.95
N ALA N 162 6.74 35.58 35.38
CA ALA N 162 6.31 36.58 36.36
C ALA N 162 6.48 37.95 35.76
N GLY N 163 5.57 38.86 36.08
CA GLY N 163 5.59 40.20 35.49
C GLY N 163 4.95 41.35 36.25
N VAL N 164 5.58 42.53 36.19
CA VAL N 164 5.02 43.79 36.72
C VAL N 164 5.08 44.88 35.68
N ALA N 165 4.19 45.84 35.81
CA ALA N 165 4.30 47.05 35.05
C ALA N 165 5.01 48.05 35.93
N VAL N 166 6.08 48.63 35.42
CA VAL N 166 6.78 49.69 36.12
C VAL N 166 6.57 51.00 35.36
N GLY N 167 6.50 52.11 36.08
CA GLY N 167 6.17 53.36 35.41
C GLY N 167 6.81 54.60 35.96
N LYS N 168 6.62 55.68 35.24
CA LYS N 168 6.98 57.00 35.68
C LYS N 168 5.69 57.77 35.92
N ALA N 169 5.59 58.43 37.06
CA ALA N 169 4.45 59.27 37.36
C ALA N 169 4.97 60.70 37.33
N ASP N 170 4.79 61.40 38.43
CA ASP N 170 5.17 62.81 38.53
C ASP N 170 6.68 62.96 38.70
N GLY N 171 7.42 62.33 37.80
CA GLY N 171 8.88 62.34 37.79
C GLY N 171 9.50 61.27 38.65
N VAL N 172 8.67 60.50 39.35
CA VAL N 172 9.12 59.45 40.26
C VAL N 172 8.82 58.08 39.69
N ILE N 173 9.79 57.17 39.74
CA ILE N 173 9.60 55.81 39.24
C ILE N 173 8.85 54.95 40.24
N ILE N 174 7.77 54.33 39.78
CA ILE N 174 6.84 53.60 40.64
C ILE N 174 6.63 52.17 40.12
N LEU N 175 6.27 51.28 41.04
CA LEU N 175 6.11 49.86 40.72
C LEU N 175 4.65 49.45 40.79
N ASP N 176 4.16 48.81 39.73
CA ASP N 176 2.80 48.22 39.66
C ASP N 176 1.70 49.26 39.69
N LEU N 177 1.24 49.67 38.51
CA LEU N 177 0.41 50.85 38.38
C LEU N 177 -1.09 50.65 38.56
N ASN N 178 -1.77 51.72 38.98
CA ASN N 178 -3.24 51.85 38.92
C ASN N 178 -3.68 52.31 37.55
N GLU N 179 -4.97 52.19 37.29
CA GLU N 179 -5.53 52.73 36.06
C GLU N 179 -5.31 54.25 36.09
N THR N 180 -5.37 54.82 37.29
CA THR N 180 -5.09 56.24 37.47
C THR N 180 -3.64 56.57 37.11
N GLU N 181 -2.70 55.74 37.55
CA GLU N 181 -1.30 55.93 37.24
C GLU N 181 -0.99 55.64 35.78
N ASP N 182 -1.70 54.68 35.23
CA ASP N 182 -1.58 54.32 33.81
C ASP N 182 -2.07 55.45 32.93
N MET N 183 -3.20 56.04 33.30
CA MET N 183 -3.81 57.18 32.58
C MET N 183 -2.94 58.43 32.54
N TRP N 184 -2.50 58.88 33.71
CA TRP N 184 -1.89 60.20 33.85
C TRP N 184 -0.38 60.23 34.01
N GLY N 185 0.25 59.06 34.16
CA GLY N 185 1.71 59.00 34.31
C GLY N 185 2.46 59.29 33.01
N GLU N 186 3.71 59.74 33.13
CA GLU N 186 4.53 60.01 31.95
C GLU N 186 4.92 58.76 31.16
N ALA N 187 4.96 57.60 31.82
CA ALA N 187 5.38 56.33 31.22
C ALA N 187 4.76 55.11 31.90
N ASP N 188 4.63 54.01 31.15
CA ASP N 188 4.07 52.77 31.66
C ASP N 188 4.75 51.65 30.88
N MET N 189 5.54 50.87 31.60
CA MET N 189 6.42 49.88 31.01
C MET N 189 6.17 48.48 31.59
N PRO N 190 5.31 47.68 30.94
CA PRO N 190 5.12 46.29 31.38
C PRO N 190 6.33 45.42 31.06
N ILE N 191 6.80 44.65 32.05
CA ILE N 191 7.95 43.74 31.89
C ILE N 191 7.61 42.35 32.44
N ALA N 192 7.82 41.31 31.64
CA ALA N 192 7.58 39.95 32.07
C ALA N 192 8.84 39.10 31.88
N MET N 193 9.17 38.30 32.88
CA MET N 193 10.41 37.54 32.87
C MET N 193 10.21 36.08 33.19
N MET N 194 11.19 35.28 32.78
CA MET N 194 11.40 33.93 33.32
C MET N 194 12.51 34.05 34.35
N PRO N 195 12.13 34.36 35.60
CA PRO N 195 13.04 34.89 36.60
C PRO N 195 14.25 34.02 36.86
N SER N 196 14.07 32.71 36.86
CA SER N 196 15.18 31.79 37.14
C SER N 196 16.25 31.74 36.05
N LEU N 197 15.86 32.11 34.83
CA LEU N 197 16.75 32.15 33.67
C LEU N 197 17.19 33.57 33.33
N ASN N 198 16.63 34.55 34.03
CA ASN N 198 16.84 35.97 33.72
C ASN N 198 16.51 36.33 32.25
N GLN N 199 15.40 35.78 31.79
CA GLN N 199 14.97 35.94 30.41
C GLN N 199 13.73 36.79 30.34
N VAL N 200 13.82 37.86 29.55
CA VAL N 200 12.71 38.77 29.33
C VAL N 200 11.81 38.23 28.21
N THR N 201 10.60 37.91 28.61
CA THR N 201 9.61 37.22 27.81
C THR N 201 8.72 38.23 27.07
N LEU N 202 8.32 39.28 27.80
CA LEU N 202 7.53 40.40 27.30
C LEU N 202 8.17 41.71 27.74
N PHE N 203 8.18 42.70 26.86
CA PHE N 203 8.76 44.00 27.17
C PHE N 203 8.19 45.11 26.31
N GLN N 204 7.48 46.04 26.94
CA GLN N 204 6.87 47.18 26.26
C GLN N 204 7.05 48.48 27.00
N LEU N 205 7.00 49.59 26.27
CA LEU N 205 6.92 50.90 26.90
C LEU N 205 6.06 51.82 26.06
N ASN N 206 5.02 52.36 26.67
CA ASN N 206 4.27 53.46 26.10
C ASN N 206 4.43 54.66 27.01
N GLY N 207 4.75 55.80 26.41
CA GLY N 207 5.09 56.97 27.20
C GLY N 207 6.51 57.40 26.90
N SER N 208 7.11 58.13 27.83
CA SER N 208 8.38 58.81 27.56
C SER N 208 9.34 58.62 28.71
N MET N 209 10.61 58.32 28.40
CA MET N 209 11.65 58.10 29.44
C MET N 209 13.05 58.44 28.96
N THR N 210 13.88 58.95 29.88
CA THR N 210 15.31 59.11 29.58
C THR N 210 15.99 57.76 29.73
N PRO N 211 17.09 57.53 28.98
CA PRO N 211 17.82 56.25 29.06
C PRO N 211 18.19 55.81 30.47
N ASP N 212 18.61 56.74 31.32
CA ASP N 212 18.96 56.45 32.73
C ASP N 212 17.75 55.94 33.52
N GLU N 213 16.60 56.62 33.32
CA GLU N 213 15.35 56.31 34.03
C GLU N 213 14.84 54.95 33.64
N PHE N 214 14.89 54.72 32.33
CA PHE N 214 14.59 53.43 31.77
C PHE N 214 15.35 52.36 32.51
N ARG N 215 16.64 52.60 32.76
CA ARG N 215 17.48 51.63 33.48
C ARG N 215 17.15 51.49 34.97
N GLN N 216 16.63 52.55 35.58
CA GLN N 216 16.22 52.49 36.98
C GLN N 216 14.94 51.69 37.05
N ALA N 217 13.97 52.08 36.22
CA ALA N 217 12.65 51.44 36.16
C ALA N 217 12.78 49.95 35.91
N PHE N 218 13.61 49.59 34.95
CA PHE N 218 13.96 48.21 34.63
C PHE N 218 14.46 47.42 35.88
N ASP N 219 15.34 48.05 36.66
CA ASP N 219 15.94 47.46 37.87
C ASP N 219 14.94 47.24 39.02
N LEU N 220 14.00 48.17 39.20
CA LEU N 220 12.93 48.04 40.18
C LEU N 220 11.98 46.90 39.78
N ALA N 221 11.68 46.81 38.48
CA ALA N 221 10.78 45.79 37.94
C ALA N 221 11.26 44.40 38.31
N VAL N 222 12.57 44.20 38.16
CA VAL N 222 13.19 42.90 38.46
C VAL N 222 12.88 42.49 39.89
N LYS N 223 13.11 43.41 40.84
CA LYS N 223 12.88 43.14 42.25
C LYS N 223 11.43 42.71 42.52
N GLY N 224 10.49 43.42 41.88
CA GLY N 224 9.06 43.13 42.00
C GLY N 224 8.76 41.76 41.43
N ILE N 225 9.29 41.50 40.24
CA ILE N 225 9.12 40.21 39.57
C ILE N 225 9.57 39.06 40.48
N ASN N 226 10.72 39.23 41.14
CA ASN N 226 11.27 38.23 42.06
C ASN N 226 10.36 37.88 43.20
N ILE N 227 9.66 38.87 43.74
CA ILE N 227 8.72 38.65 44.83
C ILE N 227 7.47 37.90 44.36
N ILE N 228 6.95 38.29 43.19
CA ILE N 228 5.80 37.63 42.56
C ILE N 228 6.12 36.18 42.20
N TYR N 229 7.30 35.98 41.60
CA TYR N 229 7.76 34.65 41.22
C TYR N 229 7.69 33.68 42.39
N ASN N 230 8.12 34.15 43.56
CA ASN N 230 8.09 33.36 44.79
C ASN N 230 6.70 32.89 45.16
N LEU N 231 5.71 33.76 44.90
CA LEU N 231 4.33 33.43 45.17
C LEU N 231 3.81 32.43 44.16
N GLU N 232 4.26 32.57 42.92
CA GLU N 232 3.87 31.64 41.88
C GLU N 232 4.34 30.25 42.23
N ARG N 233 5.60 30.11 42.62
CA ARG N 233 6.11 28.79 42.94
C ARG N 233 5.39 28.18 44.14
N GLU N 234 5.00 29.04 45.09
CA GLU N 234 4.30 28.64 46.31
C GLU N 234 2.82 28.37 46.04
N ALA N 235 2.28 28.97 44.98
CA ALA N 235 0.90 28.69 44.55
C ALA N 235 0.84 27.37 43.77
N LEU N 236 1.99 26.96 43.25
CA LEU N 236 2.08 25.72 42.48
C LEU N 236 2.03 24.54 43.44
N LYS N 237 2.67 24.72 44.60
CA LYS N 237 2.74 23.72 45.64
C LYS N 237 1.41 23.55 46.38
N SER N 238 0.81 24.66 46.78
CA SER N 238 -0.36 24.65 47.68
C SER N 238 -1.70 25.01 47.04
N LYS N 239 -1.66 25.33 45.75
CA LYS N 239 -2.87 25.63 44.95
C LYS N 239 -3.57 26.96 45.28
N TYR N 240 -3.21 27.57 46.41
CA TYR N 240 -3.85 28.81 46.85
C TYR N 240 -2.90 29.72 47.63
N VAL N 241 -2.80 30.97 47.21
CA VAL N 241 -1.87 31.93 47.80
C VAL N 241 -2.48 33.31 47.94
N GLU N 242 -2.31 33.89 49.12
CA GLU N 242 -2.72 35.28 49.38
C GLU N 242 -1.57 36.10 49.95
N PHE N 243 -1.38 37.30 49.41
CA PHE N 243 -0.28 38.16 49.78
C PHE N 243 -0.71 39.62 49.91
N LYS N 244 -0.64 40.14 51.13
CA LYS N 244 -0.99 41.54 51.40
C LYS N 244 0.10 42.47 50.85
N GLU N 245 -0.32 43.64 50.36
CA GLU N 245 0.57 44.67 49.77
C GLU N 245 1.88 44.82 50.52
N GLU N 246 3.01 44.80 49.81
CA GLU N 246 4.32 44.85 50.48
C GLU N 246 5.43 45.61 49.76
N GLY N 247 6.33 46.21 50.57
CA GLY N 247 7.53 46.88 50.09
C GLY N 247 8.53 45.96 49.43
N VAL N 248 9.22 46.53 48.42
CA VAL N 248 10.00 45.80 47.43
C VAL N 248 11.52 46.01 47.56
N MET O 1 -10.54 39.57 -2.29
CA MET O 1 -9.67 38.67 -3.13
C MET O 1 -10.42 37.63 -4.00
N SER O 2 -10.38 37.83 -5.32
CA SER O 2 -11.19 37.05 -6.27
C SER O 2 -10.39 35.91 -6.86
N SER O 3 -10.87 34.68 -6.68
CA SER O 3 -10.17 33.49 -7.16
C SER O 3 -11.02 32.52 -7.97
N THR O 4 -10.37 31.80 -8.88
CA THR O 4 -11.02 30.85 -9.77
C THR O 4 -11.84 29.88 -8.92
N PRO O 5 -13.14 29.76 -9.21
CA PRO O 5 -14.02 28.92 -8.39
C PRO O 5 -13.65 27.44 -8.47
N SER O 6 -13.48 26.80 -7.31
CA SER O 6 -13.07 25.39 -7.25
C SER O 6 -14.21 24.34 -7.32
N ASN O 7 -15.43 24.71 -6.93
CA ASN O 7 -16.57 23.84 -7.26
C ASN O 7 -17.04 24.29 -8.65
N GLN O 8 -16.05 24.44 -9.54
CA GLN O 8 -16.29 24.70 -10.96
C GLN O 8 -16.78 23.39 -11.57
N ASN O 9 -18.01 23.45 -12.10
CA ASN O 9 -18.61 22.26 -12.70
C ASN O 9 -17.98 21.93 -14.07
N ILE O 10 -17.16 20.88 -14.09
CA ILE O 10 -16.48 20.50 -15.31
C ILE O 10 -17.37 19.59 -16.13
N ILE O 11 -17.36 19.81 -17.45
CA ILE O 11 -18.20 19.08 -18.39
C ILE O 11 -17.34 18.44 -19.49
N PRO O 12 -17.33 17.08 -19.55
CA PRO O 12 -16.39 16.27 -20.36
C PRO O 12 -16.24 16.72 -21.81
N ILE O 13 -15.09 16.43 -22.39
CA ILE O 13 -14.79 16.85 -23.76
C ILE O 13 -15.77 16.18 -24.73
N ILE O 14 -16.16 14.94 -24.41
CA ILE O 14 -17.05 14.15 -25.25
C ILE O 14 -18.46 14.77 -25.34
N LYS O 15 -18.99 15.19 -24.19
CA LYS O 15 -20.29 15.86 -24.15
C LYS O 15 -20.25 17.23 -24.86
N LYS O 16 -19.12 17.91 -24.79
CA LYS O 16 -18.94 19.20 -25.48
C LYS O 16 -19.05 19.08 -27.00
N GLU O 17 -18.36 18.12 -27.60
CA GLU O 17 -18.50 17.85 -29.04
C GLU O 17 -19.93 17.51 -29.49
N SER O 18 -20.67 16.79 -28.65
CA SER O 18 -22.05 16.43 -28.95
C SER O 18 -22.87 17.67 -29.20
N ILE O 19 -22.70 18.66 -28.32
CA ILE O 19 -23.45 19.92 -28.37
C ILE O 19 -22.98 20.79 -29.54
N VAL O 20 -21.67 20.77 -29.80
CA VAL O 20 -21.06 21.54 -30.89
C VAL O 20 -21.45 20.97 -32.26
N SER O 21 -21.54 19.64 -32.35
CA SER O 21 -21.98 18.95 -33.59
C SER O 21 -23.41 19.31 -33.98
N LEU O 22 -24.23 19.63 -32.99
CA LEU O 22 -25.60 20.11 -33.20
C LEU O 22 -25.61 21.56 -33.65
N PHE O 23 -24.74 22.38 -33.03
CA PHE O 23 -24.59 23.78 -33.38
C PHE O 23 -24.22 23.93 -34.86
N GLU O 24 -23.36 23.03 -35.33
CA GLU O 24 -22.97 22.97 -36.73
C GLU O 24 -24.21 22.92 -37.60
N LYS O 25 -25.21 22.17 -37.15
CA LYS O 25 -26.47 22.03 -37.88
C LYS O 25 -27.52 23.07 -37.46
N GLY O 26 -27.09 24.09 -36.71
CA GLY O 26 -27.97 25.20 -36.32
C GLY O 26 -29.12 24.85 -35.40
N ILE O 27 -29.01 23.73 -34.71
CA ILE O 27 -30.02 23.31 -33.74
C ILE O 27 -29.35 23.07 -32.38
N ARG O 28 -30.14 23.16 -31.31
CA ARG O 28 -29.59 22.91 -29.97
C ARG O 28 -30.24 21.69 -29.33
N GLN O 29 -29.76 21.32 -28.14
CA GLN O 29 -30.28 20.14 -27.43
C GLN O 29 -31.76 20.26 -27.08
N ASP O 30 -32.18 21.44 -26.63
CA ASP O 30 -33.58 21.69 -26.28
C ASP O 30 -34.52 21.99 -27.47
N GLY O 31 -33.94 22.13 -28.67
CA GLY O 31 -34.69 22.19 -29.92
C GLY O 31 -34.65 23.53 -30.64
N ARG O 32 -34.33 24.59 -29.92
CA ARG O 32 -34.32 25.93 -30.49
C ARG O 32 -33.12 26.25 -31.38
N LYS O 33 -33.31 27.23 -32.25
CA LYS O 33 -32.28 27.69 -33.17
C LYS O 33 -31.24 28.44 -32.40
N LEU O 34 -30.08 28.65 -33.02
CA LEU O 34 -28.96 29.33 -32.37
C LEU O 34 -29.31 30.69 -31.78
N THR O 35 -30.36 31.31 -32.30
CA THR O 35 -30.70 32.69 -31.91
C THR O 35 -31.98 32.85 -31.07
N ASP O 36 -32.60 31.74 -30.68
CA ASP O 36 -33.88 31.75 -29.96
C ASP O 36 -33.72 31.91 -28.46
N TYR O 37 -34.63 32.68 -27.85
CA TYR O 37 -34.76 32.71 -26.40
C TYR O 37 -35.55 31.52 -25.90
N ARG O 38 -35.36 31.16 -24.63
CA ARG O 38 -36.14 30.09 -24.02
C ARG O 38 -37.55 30.56 -23.71
N PRO O 39 -38.47 29.62 -23.47
CA PRO O 39 -39.83 29.97 -23.07
C PRO O 39 -39.84 30.92 -21.88
N LEU O 40 -40.70 31.94 -21.94
CA LEU O 40 -40.71 32.99 -20.92
C LEU O 40 -42.04 33.12 -20.14
N SER O 41 -41.99 32.90 -18.83
CA SER O 41 -43.15 33.11 -17.96
C SER O 41 -42.90 34.28 -17.03
N ILE O 42 -43.90 35.16 -16.91
CA ILE O 42 -43.89 36.21 -15.89
C ILE O 42 -45.21 36.20 -15.14
N THR O 43 -45.10 36.10 -13.82
CA THR O 43 -46.22 36.24 -12.91
C THR O 43 -45.97 37.51 -12.11
N LEU O 44 -46.87 38.48 -12.24
CA LEU O 44 -46.76 39.74 -11.51
C LEU O 44 -47.44 39.61 -10.16
N ASP O 45 -47.12 40.51 -9.25
CA ASP O 45 -47.64 40.47 -7.86
C ASP O 45 -47.55 39.07 -7.26
N TYR O 46 -46.37 38.48 -7.27
CA TYR O 46 -46.21 37.15 -6.68
C TYR O 46 -46.02 37.22 -5.16
N ALA O 47 -45.08 38.06 -4.72
CA ALA O 47 -44.86 38.33 -3.30
C ALA O 47 -45.79 39.44 -2.87
N LYS O 48 -46.83 39.07 -2.10
CA LYS O 48 -47.94 39.98 -1.81
C LYS O 48 -47.59 41.15 -0.91
N LYS O 49 -46.61 40.97 -0.02
CA LYS O 49 -46.24 42.06 0.88
C LYS O 49 -45.22 43.03 0.27
N ALA O 50 -44.73 42.71 -0.91
CA ALA O 50 -43.91 43.63 -1.67
C ALA O 50 -44.78 44.75 -2.20
N ASP O 51 -44.16 45.90 -2.44
CA ASP O 51 -44.84 47.03 -3.06
C ASP O 51 -45.05 46.74 -4.53
N GLY O 52 -44.23 45.85 -5.07
CA GLY O 52 -44.38 45.35 -6.43
C GLY O 52 -43.43 44.18 -6.63
N SER O 53 -43.88 43.11 -7.28
CA SER O 53 -43.06 41.93 -7.40
C SER O 53 -43.32 41.22 -8.71
N ALA O 54 -42.39 40.37 -9.11
CA ALA O 54 -42.51 39.63 -10.34
C ALA O 54 -41.68 38.35 -10.26
N LEU O 55 -42.29 37.22 -10.62
CA LEU O 55 -41.62 35.95 -10.64
C LEU O 55 -41.44 35.60 -12.09
N VAL O 56 -40.19 35.47 -12.52
CA VAL O 56 -39.87 35.22 -13.92
C VAL O 56 -39.35 33.79 -14.12
N LYS O 57 -39.93 33.05 -15.06
CA LYS O 57 -39.36 31.78 -15.46
C LYS O 57 -38.85 31.87 -16.88
N LEU O 58 -37.54 31.92 -17.04
CA LEU O 58 -36.89 31.85 -18.33
C LEU O 58 -36.23 30.48 -18.42
N GLY O 59 -36.83 29.57 -19.16
CA GLY O 59 -36.38 28.18 -19.18
C GLY O 59 -36.51 27.59 -17.79
N THR O 60 -35.43 27.02 -17.29
CA THR O 60 -35.41 26.46 -15.94
C THR O 60 -34.93 27.46 -14.90
N THR O 61 -34.43 28.62 -15.36
CA THR O 61 -34.00 29.70 -14.47
C THR O 61 -35.20 30.40 -13.86
N MET O 62 -35.15 30.63 -12.54
CA MET O 62 -36.24 31.33 -11.88
C MET O 62 -35.76 32.45 -11.00
N VAL O 63 -36.24 33.65 -11.29
CA VAL O 63 -35.90 34.80 -10.48
C VAL O 63 -37.17 35.40 -9.93
N LEU O 64 -37.14 35.76 -8.65
CA LEU O 64 -38.21 36.51 -8.03
C LEU O 64 -37.66 37.85 -7.58
N ALA O 65 -38.22 38.94 -8.09
CA ALA O 65 -37.78 40.28 -7.68
C ALA O 65 -38.92 41.04 -7.04
N GLY O 66 -38.59 41.80 -6.00
CA GLY O 66 -39.59 42.54 -5.28
C GLY O 66 -39.09 43.91 -4.90
N THR O 67 -39.98 44.90 -4.96
CA THR O 67 -39.64 46.26 -4.57
C THR O 67 -40.28 46.61 -3.24
N LYS O 68 -39.59 47.44 -2.47
CA LYS O 68 -40.05 47.91 -1.19
C LYS O 68 -39.70 49.39 -1.09
N LEU O 69 -40.71 50.27 -0.97
CA LEU O 69 -40.51 51.72 -1.01
C LEU O 69 -40.38 52.35 0.37
N GLU O 70 -39.47 53.32 0.51
CA GLU O 70 -39.28 53.98 1.79
C GLU O 70 -39.01 55.46 1.62
N ILE O 71 -39.23 56.23 2.68
CA ILE O 71 -38.94 57.68 2.66
C ILE O 71 -37.71 58.03 3.50
N ASP O 72 -36.70 58.60 2.84
CA ASP O 72 -35.44 58.95 3.50
C ASP O 72 -35.01 60.36 3.11
N LYS O 73 -34.09 60.93 3.86
CA LYS O 73 -33.47 62.18 3.47
C LYS O 73 -32.52 61.91 2.31
N PRO O 74 -32.58 62.72 1.25
CA PRO O 74 -31.71 62.47 0.10
C PRO O 74 -30.26 62.66 0.48
N TYR O 75 -29.38 62.02 -0.27
CA TYR O 75 -27.97 62.08 0.03
C TYR O 75 -27.50 63.55 -0.03
N GLU O 76 -26.46 63.88 0.75
CA GLU O 76 -25.89 65.24 0.70
C GLU O 76 -25.32 65.58 -0.67
N ASP O 77 -24.77 64.57 -1.35
CA ASP O 77 -24.26 64.70 -2.72
C ASP O 77 -25.37 64.95 -3.77
N THR O 78 -26.42 64.12 -3.74
CA THR O 78 -27.51 64.18 -4.72
C THR O 78 -28.82 64.65 -4.07
N PRO O 79 -28.98 65.98 -3.90
CA PRO O 79 -30.11 66.50 -3.12
C PRO O 79 -31.47 66.49 -3.83
N ASN O 80 -31.46 66.43 -5.16
CA ASN O 80 -32.69 66.42 -5.94
C ASN O 80 -32.84 65.10 -6.72
N GLN O 81 -32.69 64.00 -5.99
CA GLN O 81 -32.84 62.65 -6.52
C GLN O 81 -33.35 61.70 -5.48
N GLY O 82 -34.21 60.80 -5.89
CA GLY O 82 -34.56 59.63 -5.10
C GLY O 82 -33.47 58.58 -5.23
N ASN O 83 -33.62 57.48 -4.52
CA ASN O 83 -32.62 56.44 -4.51
C ASN O 83 -33.12 55.15 -5.11
N LEU O 84 -32.24 54.44 -5.82
CA LEU O 84 -32.52 53.07 -6.23
C LEU O 84 -31.41 52.18 -5.72
N ILE O 85 -31.78 51.17 -4.94
CA ILE O 85 -30.80 50.23 -4.41
C ILE O 85 -31.11 48.80 -4.85
N VAL O 86 -30.30 48.32 -5.78
CA VAL O 86 -30.48 46.97 -6.33
C VAL O 86 -29.70 45.99 -5.48
N ASN O 87 -30.24 44.81 -5.33
CA ASN O 87 -29.59 43.79 -4.55
C ASN O 87 -29.94 42.39 -5.05
N VAL O 88 -28.91 41.62 -5.42
CA VAL O 88 -29.13 40.27 -5.94
C VAL O 88 -28.64 39.24 -4.92
N GLU O 89 -29.41 38.16 -4.75
CA GLU O 89 -29.05 37.04 -3.85
C GLU O 89 -29.30 35.65 -4.47
N LEU O 90 -28.19 34.95 -4.79
CA LEU O 90 -28.20 33.59 -5.31
C LEU O 90 -28.41 32.61 -4.17
N LEU O 91 -29.21 31.56 -4.38
CA LEU O 91 -29.63 30.67 -3.27
C LEU O 91 -29.20 29.20 -3.33
N PRO O 92 -29.07 28.62 -4.54
CA PRO O 92 -28.66 27.22 -4.68
C PRO O 92 -27.26 26.87 -4.14
N ASP O 104 -21.80 37.99 -2.05
CA ASP O 104 -21.12 36.94 -2.79
C ASP O 104 -19.95 37.49 -3.61
N GLU O 105 -20.18 37.73 -4.92
CA GLU O 105 -19.18 38.19 -5.92
C GLU O 105 -19.83 38.17 -7.30
N ASN O 106 -20.51 37.07 -7.63
CA ASN O 106 -21.30 37.00 -8.84
C ASN O 106 -22.59 37.72 -8.60
N ALA O 107 -23.06 37.64 -7.37
CA ALA O 107 -24.27 38.36 -6.97
C ALA O 107 -24.04 39.89 -7.05
N ILE O 108 -22.95 40.35 -6.44
CA ILE O 108 -22.58 41.76 -6.49
C ILE O 108 -22.45 42.24 -7.95
N GLU O 109 -21.75 41.48 -8.78
CA GLU O 109 -21.61 41.80 -10.20
C GLU O 109 -22.98 41.85 -10.89
N LEU O 110 -23.86 40.90 -10.58
CA LEU O 110 -25.20 40.90 -11.14
C LEU O 110 -25.98 42.13 -10.71
N ALA O 111 -25.87 42.48 -9.43
CA ALA O 111 -26.56 43.65 -8.91
C ALA O 111 -26.13 44.91 -9.64
N ARG O 112 -24.81 45.08 -9.77
CA ARG O 112 -24.26 46.26 -10.41
C ARG O 112 -24.64 46.36 -11.88
N VAL O 113 -24.55 45.26 -12.61
CA VAL O 113 -24.92 45.25 -14.03
C VAL O 113 -26.38 45.67 -14.28
N VAL O 114 -27.28 45.12 -13.48
CA VAL O 114 -28.68 45.50 -13.52
C VAL O 114 -28.87 46.97 -13.16
N ASP O 115 -28.35 47.36 -11.98
CA ASP O 115 -28.43 48.74 -11.51
C ASP O 115 -28.00 49.70 -12.58
N ARG O 116 -26.81 49.50 -13.13
CA ARG O 116 -26.25 50.38 -14.16
C ARG O 116 -27.17 50.54 -15.35
N SER O 117 -27.80 49.46 -15.78
CA SER O 117 -28.58 49.53 -16.99
C SER O 117 -29.96 50.14 -16.73
N LEU O 118 -30.43 50.05 -15.50
CA LEU O 118 -31.69 50.71 -15.14
C LEU O 118 -31.51 52.20 -14.92
N ARG O 119 -30.31 52.59 -14.51
CA ARG O 119 -30.00 53.95 -14.09
C ARG O 119 -29.49 54.75 -15.28
N ASP O 120 -28.53 54.22 -16.03
CA ASP O 120 -27.98 54.92 -17.21
C ASP O 120 -28.97 55.08 -18.36
N SER O 121 -29.91 54.15 -18.46
CA SER O 121 -30.95 54.24 -19.46
C SER O 121 -31.94 55.30 -19.07
N LYS O 122 -31.88 55.68 -17.80
CA LYS O 122 -32.94 56.49 -17.18
C LYS O 122 -34.36 55.89 -17.40
N ALA O 123 -34.43 54.55 -17.35
CA ALA O 123 -35.70 53.81 -17.40
C ALA O 123 -36.51 54.16 -16.17
N LEU O 124 -35.85 54.27 -15.03
CA LEU O 124 -36.47 54.84 -13.85
C LEU O 124 -35.90 56.23 -13.67
N ASP O 125 -36.78 57.22 -13.57
CA ASP O 125 -36.33 58.59 -13.40
C ASP O 125 -36.28 58.87 -11.90
N LEU O 126 -35.07 58.94 -11.37
CA LEU O 126 -34.90 59.16 -9.95
C LEU O 126 -35.25 60.59 -9.54
N THR O 127 -35.18 61.53 -10.47
CA THR O 127 -35.43 62.91 -10.11
C THR O 127 -36.94 63.16 -9.91
N LYS O 128 -37.73 62.13 -10.22
CA LYS O 128 -39.16 62.21 -10.05
C LYS O 128 -39.62 61.63 -8.73
N LEU O 129 -38.69 61.02 -8.02
CA LEU O 129 -38.95 60.39 -6.73
C LEU O 129 -38.69 61.35 -5.57
N VAL O 130 -38.75 62.65 -5.84
CA VAL O 130 -38.55 63.66 -4.81
C VAL O 130 -39.90 64.08 -4.23
N ILE O 131 -40.01 64.13 -2.91
CA ILE O 131 -41.22 64.59 -2.27
C ILE O 131 -41.02 66.06 -1.89
N GLU O 132 -40.11 66.34 -0.96
CA GLU O 132 -39.77 67.71 -0.63
C GLU O 132 -38.26 67.86 -0.79
N PRO O 133 -37.83 68.54 -1.89
CA PRO O 133 -36.44 68.60 -2.31
C PRO O 133 -35.51 68.92 -1.16
N GLY O 134 -34.44 68.13 -1.03
CA GLY O 134 -33.48 68.31 0.05
C GLY O 134 -33.96 67.81 1.40
N LYS O 135 -35.27 67.68 1.58
CA LYS O 135 -35.85 67.22 2.86
C LYS O 135 -36.17 65.73 2.84
N SER O 136 -36.98 65.29 1.87
CA SER O 136 -37.41 63.89 1.82
C SER O 136 -37.69 63.34 0.41
N VAL O 137 -37.13 62.17 0.11
CA VAL O 137 -37.29 61.49 -1.17
C VAL O 137 -37.63 60.01 -1.00
N TRP O 138 -38.16 59.39 -2.06
CA TRP O 138 -38.40 57.94 -2.09
C TRP O 138 -37.12 57.15 -2.31
N THR O 139 -36.96 56.04 -1.61
CA THR O 139 -35.87 55.11 -1.85
C THR O 139 -36.51 53.84 -2.35
N VAL O 140 -36.13 53.39 -3.54
CA VAL O 140 -36.67 52.16 -4.08
C VAL O 140 -35.71 51.01 -3.80
N TRP O 141 -36.11 50.12 -2.92
CA TRP O 141 -35.34 48.93 -2.68
C TRP O 141 -35.78 47.81 -3.62
N LEU O 142 -34.92 47.49 -4.57
CA LEU O 142 -35.15 46.35 -5.45
C LEU O 142 -34.33 45.15 -4.97
N ASP O 143 -35.00 44.04 -4.69
CA ASP O 143 -34.30 42.84 -4.26
C ASP O 143 -34.64 41.66 -5.14
N VAL O 144 -33.60 41.07 -5.72
CA VAL O 144 -33.75 40.06 -6.75
C VAL O 144 -33.23 38.74 -6.19
N TYR O 145 -34.06 37.70 -6.26
CA TYR O 145 -33.73 36.41 -5.68
C TYR O 145 -33.71 35.32 -6.73
N VAL O 146 -32.51 34.78 -6.98
CA VAL O 146 -32.36 33.66 -7.90
C VAL O 146 -32.64 32.37 -7.16
N LEU O 147 -33.75 31.73 -7.53
CA LEU O 147 -34.20 30.52 -6.85
C LEU O 147 -33.76 29.24 -7.58
N ASP O 148 -33.67 29.34 -8.90
CA ASP O 148 -33.31 28.21 -9.72
C ASP O 148 -32.28 28.66 -10.72
N TYR O 149 -31.05 28.14 -10.59
CA TYR O 149 -29.96 28.52 -11.47
C TYR O 149 -29.97 27.66 -12.72
N GLY O 150 -30.68 28.12 -13.74
CA GLY O 150 -30.82 27.37 -15.00
C GLY O 150 -30.00 27.94 -16.14
N GLY O 151 -29.09 28.86 -15.81
CA GLY O 151 -28.21 29.50 -16.79
C GLY O 151 -28.77 30.79 -17.34
N ASN O 152 -27.86 31.69 -17.71
CA ASN O 152 -28.22 33.02 -18.18
C ASN O 152 -29.10 33.77 -17.17
N VAL O 153 -28.61 33.76 -15.93
CA VAL O 153 -29.26 34.37 -14.78
C VAL O 153 -29.41 35.87 -15.01
N LEU O 154 -28.38 36.49 -15.56
CA LEU O 154 -28.41 37.92 -15.87
C LEU O 154 -29.64 38.40 -16.65
N ASP O 155 -30.00 37.70 -17.72
CA ASP O 155 -31.11 38.15 -18.55
C ASP O 155 -32.42 38.07 -17.79
N ALA O 156 -32.54 37.02 -16.99
CA ALA O 156 -33.73 36.77 -16.18
C ALA O 156 -33.82 37.79 -15.08
N CYS O 157 -32.68 38.23 -14.56
CA CYS O 157 -32.65 39.27 -13.53
C CYS O 157 -33.14 40.64 -14.01
N THR O 158 -32.60 41.07 -15.15
CA THR O 158 -33.08 42.28 -15.80
C THR O 158 -34.61 42.25 -16.00
N LEU O 159 -35.14 41.11 -16.48
CA LEU O 159 -36.58 40.96 -16.70
C LEU O 159 -37.38 41.05 -15.42
N ALA O 160 -37.01 40.25 -14.42
CA ALA O 160 -37.63 40.27 -13.11
C ALA O 160 -37.59 41.66 -12.48
N SER O 161 -36.44 42.33 -12.57
CA SER O 161 -36.28 43.70 -12.08
C SER O 161 -37.27 44.65 -12.75
N VAL O 162 -37.15 44.81 -14.06
CA VAL O 162 -38.02 45.68 -14.83
C VAL O 162 -39.48 45.37 -14.52
N ALA O 163 -39.83 44.09 -14.49
CA ALA O 163 -41.22 43.70 -14.18
C ALA O 163 -41.67 44.08 -12.76
N ALA O 164 -40.77 43.92 -11.81
CA ALA O 164 -41.09 44.27 -10.43
C ALA O 164 -41.30 45.76 -10.28
N LEU O 165 -40.54 46.57 -11.03
CA LEU O 165 -40.69 48.03 -11.01
C LEU O 165 -42.03 48.43 -11.64
N TYR O 166 -42.39 47.75 -12.71
CA TYR O 166 -43.63 48.09 -13.40
C TYR O 166 -44.84 47.68 -12.60
N ASN O 167 -44.64 46.78 -11.64
CA ASN O 167 -45.71 46.29 -10.81
C ASN O 167 -45.84 47.09 -9.51
N THR O 168 -44.86 47.95 -9.26
CA THR O 168 -44.78 48.71 -8.03
C THR O 168 -45.89 49.74 -7.87
N LYS O 169 -46.51 49.75 -6.67
CA LYS O 169 -47.54 50.69 -6.27
C LYS O 169 -47.00 51.70 -5.26
N VAL O 170 -47.16 52.99 -5.57
CA VAL O 170 -46.74 54.06 -4.65
C VAL O 170 -47.91 54.51 -3.79
N TYR O 171 -47.62 54.88 -2.55
CA TYR O 171 -48.67 55.17 -1.58
C TYR O 171 -48.84 56.65 -1.25
N LYS O 172 -49.91 56.98 -0.53
CA LYS O 172 -50.17 58.37 -0.13
C LYS O 172 -49.19 58.84 0.93
N VAL O 173 -48.73 60.08 0.78
CA VAL O 173 -47.74 60.66 1.69
C VAL O 173 -48.37 61.66 2.63
N GLU O 174 -48.35 61.32 3.93
CA GLU O 174 -49.00 62.09 4.99
C GLU O 174 -48.03 63.01 5.80
N GLN O 175 -48.13 64.31 5.54
CA GLN O 175 -47.45 65.36 6.34
C GLN O 175 -48.45 66.19 7.15
N ILE O 180 -44.74 63.70 5.33
CA ILE O 180 -43.94 63.33 6.49
C ILE O 180 -44.02 61.84 6.88
N SER O 181 -45.17 61.18 6.64
CA SER O 181 -45.38 59.71 6.91
C SER O 181 -46.30 58.97 5.90
N VAL O 182 -46.14 57.64 5.79
CA VAL O 182 -46.77 56.87 4.70
C VAL O 182 -48.09 56.23 5.08
N ASN O 183 -49.07 56.39 4.21
CA ASN O 183 -50.36 55.79 4.40
C ASN O 183 -50.61 54.61 3.45
N LYS O 184 -50.19 53.42 3.88
CA LYS O 184 -50.00 52.26 3.00
C LYS O 184 -51.26 51.54 2.47
N ASN O 185 -52.46 52.06 2.72
CA ASN O 185 -53.65 51.46 2.13
C ASN O 185 -54.38 52.39 1.15
N GLU O 186 -53.78 53.53 0.86
CA GLU O 186 -54.23 54.39 -0.23
C GLU O 186 -53.14 54.42 -1.30
N VAL O 187 -53.48 53.95 -2.50
CA VAL O 187 -52.55 53.89 -3.63
C VAL O 187 -52.66 55.15 -4.51
N VAL O 188 -51.60 55.95 -4.54
CA VAL O 188 -51.56 57.18 -5.31
C VAL O 188 -51.31 56.93 -6.81
N GLY O 189 -50.32 56.08 -7.12
CA GLY O 189 -49.91 55.81 -8.51
C GLY O 189 -48.81 54.77 -8.66
N LYS O 190 -48.14 54.78 -9.81
CA LYS O 190 -47.00 53.89 -10.06
C LYS O 190 -45.67 54.65 -10.05
N LEU O 191 -44.59 53.95 -10.35
CA LEU O 191 -43.27 54.55 -10.42
C LEU O 191 -43.05 55.33 -11.69
N PRO O 192 -42.26 56.41 -11.63
CA PRO O 192 -41.90 57.16 -12.82
C PRO O 192 -40.99 56.36 -13.74
N LEU O 193 -41.58 55.49 -14.54
CA LEU O 193 -40.83 54.66 -15.48
C LEU O 193 -40.99 55.14 -16.92
N ASN O 194 -39.87 55.47 -17.55
CA ASN O 194 -39.86 55.92 -18.94
C ASN O 194 -40.10 54.80 -19.96
N TYR O 195 -39.47 53.65 -19.73
CA TYR O 195 -39.59 52.49 -20.61
C TYR O 195 -38.98 51.25 -19.96
N PRO O 196 -39.36 50.04 -20.42
CA PRO O 196 -38.63 48.83 -20.04
C PRO O 196 -37.21 48.75 -20.67
N VAL O 197 -36.40 47.84 -20.15
CA VAL O 197 -35.02 47.62 -20.63
C VAL O 197 -34.82 46.12 -20.71
N VAL O 198 -34.25 45.64 -21.81
CA VAL O 198 -33.90 44.21 -21.88
C VAL O 198 -32.39 43.97 -21.97
N THR O 199 -31.92 42.89 -21.35
CA THR O 199 -30.53 42.48 -21.48
C THR O 199 -30.48 41.16 -22.21
N ILE O 200 -29.69 41.14 -23.28
CA ILE O 200 -29.52 39.95 -24.08
C ILE O 200 -28.08 39.43 -24.00
N SER O 201 -27.96 38.19 -23.56
CA SER O 201 -26.66 37.54 -23.44
C SER O 201 -26.44 36.62 -24.62
N VAL O 202 -25.27 36.77 -25.24
CA VAL O 202 -24.86 35.96 -26.39
C VAL O 202 -23.61 35.19 -26.00
N ALA O 203 -23.70 33.85 -26.02
CA ALA O 203 -22.57 33.01 -25.65
C ALA O 203 -21.78 32.64 -26.87
N LYS O 204 -20.47 32.51 -26.70
CA LYS O 204 -19.60 32.09 -27.77
C LYS O 204 -19.09 30.70 -27.43
N VAL O 205 -19.76 29.69 -27.99
CA VAL O 205 -19.37 28.30 -27.83
C VAL O 205 -18.68 27.83 -29.10
N ASP O 206 -17.48 27.25 -28.94
CA ASP O 206 -16.57 26.94 -30.04
C ASP O 206 -16.46 28.12 -31.01
N LYS O 207 -17.06 28.01 -32.19
CA LYS O 207 -17.02 29.07 -33.20
C LYS O 207 -18.41 29.54 -33.57
N TYR O 208 -19.36 29.34 -32.66
CA TYR O 208 -20.77 29.71 -32.87
C TYR O 208 -21.23 30.71 -31.84
N LEU O 209 -22.13 31.60 -32.24
CA LEU O 209 -22.77 32.50 -31.29
C LEU O 209 -24.19 32.06 -30.97
N VAL O 210 -24.50 31.98 -29.69
CA VAL O 210 -25.72 31.36 -29.21
C VAL O 210 -26.44 32.31 -28.24
N VAL O 211 -27.70 32.63 -28.56
CA VAL O 211 -28.51 33.55 -27.76
C VAL O 211 -29.10 32.84 -26.56
N ASP O 212 -29.05 33.47 -25.40
CA ASP O 212 -29.60 32.92 -24.15
C ASP O 212 -29.11 31.51 -23.95
N PRO O 213 -27.87 31.33 -23.46
CA PRO O 213 -27.36 30.00 -23.23
C PRO O 213 -28.01 29.35 -22.02
N ASP O 214 -28.26 28.04 -22.07
CA ASP O 214 -28.82 27.33 -20.91
C ASP O 214 -27.69 26.89 -19.94
N LEU O 215 -28.03 26.05 -18.97
CA LEU O 215 -27.05 25.54 -18.01
C LEU O 215 -25.83 24.84 -18.66
N ASP O 216 -26.12 23.90 -19.56
CA ASP O 216 -25.08 23.15 -20.28
C ASP O 216 -24.20 24.04 -21.17
N GLU O 217 -24.84 24.94 -21.91
CA GLU O 217 -24.15 25.80 -22.88
C GLU O 217 -23.21 26.76 -22.18
N GLU O 218 -23.59 27.23 -20.98
CA GLU O 218 -22.76 28.16 -20.24
C GLU O 218 -21.50 27.48 -19.73
N SER O 219 -21.55 26.17 -19.48
CA SER O 219 -20.39 25.48 -18.94
C SER O 219 -19.39 25.02 -20.03
N ILE O 220 -19.80 25.13 -21.30
CA ILE O 220 -18.89 24.78 -22.40
C ILE O 220 -18.45 26.00 -23.21
N MET O 221 -19.02 27.15 -22.92
CA MET O 221 -18.74 28.38 -23.63
C MET O 221 -17.34 28.93 -23.33
N ASP O 222 -16.78 29.70 -24.26
CA ASP O 222 -15.53 30.41 -24.02
C ASP O 222 -15.77 31.63 -23.13
N ALA O 223 -16.67 32.49 -23.58
CA ALA O 223 -17.11 33.64 -22.82
C ALA O 223 -18.49 34.05 -23.31
N LYS O 224 -19.21 34.83 -22.51
CA LYS O 224 -20.46 35.42 -22.97
C LYS O 224 -20.44 36.93 -22.86
N ILE O 225 -21.22 37.60 -23.70
CA ILE O 225 -21.28 39.04 -23.70
C ILE O 225 -22.76 39.49 -23.64
N SER O 226 -23.05 40.45 -22.78
CA SER O 226 -24.43 40.81 -22.52
C SER O 226 -24.67 42.22 -22.94
N PHE O 227 -25.73 42.44 -23.72
CA PHE O 227 -26.09 43.78 -24.19
C PHE O 227 -27.44 44.23 -23.62
N SER O 228 -27.48 45.45 -23.12
CA SER O 228 -28.70 46.03 -22.58
C SER O 228 -29.22 47.03 -23.59
N TYR O 229 -30.53 46.96 -23.87
CA TYR O 229 -31.18 47.83 -24.82
C TYR O 229 -32.42 48.57 -24.29
N THR O 230 -32.60 49.81 -24.74
CA THR O 230 -33.86 50.51 -24.56
C THR O 230 -34.73 50.23 -25.79
N PRO O 231 -36.06 50.42 -25.69
CA PRO O 231 -36.95 50.08 -26.79
C PRO O 231 -36.57 50.77 -28.09
N ASP O 232 -35.86 51.90 -27.99
CA ASP O 232 -35.35 52.60 -29.17
C ASP O 232 -34.09 51.94 -29.74
N LEU O 233 -33.70 50.83 -29.13
CA LEU O 233 -32.52 50.08 -29.53
C LEU O 233 -31.25 50.91 -29.43
N LYS O 234 -31.12 51.59 -28.30
CA LYS O 234 -29.88 52.22 -27.89
C LYS O 234 -29.21 51.26 -26.95
N ILE O 235 -27.91 50.99 -27.18
CA ILE O 235 -27.10 50.18 -26.26
C ILE O 235 -26.88 50.98 -24.96
N VAL O 236 -27.20 50.34 -23.85
CA VAL O 236 -27.30 51.01 -22.57
C VAL O 236 -26.43 50.33 -21.52
N GLY O 237 -25.83 49.21 -21.91
CA GLY O 237 -24.85 48.49 -21.08
C GLY O 237 -24.28 47.26 -21.76
N ILE O 238 -22.98 47.10 -21.68
CA ILE O 238 -22.34 45.88 -22.14
C ILE O 238 -21.47 45.24 -21.04
N GLN O 239 -21.58 43.92 -20.90
CA GLN O 239 -20.76 43.19 -19.95
C GLN O 239 -20.25 41.87 -20.52
N LYS O 240 -18.95 41.83 -20.84
CA LYS O 240 -18.28 40.58 -21.18
C LYS O 240 -18.06 39.83 -19.90
N SER O 241 -18.23 38.52 -19.96
CA SER O 241 -18.26 37.67 -18.80
C SER O 241 -17.82 36.23 -19.21
N GLY O 242 -17.05 35.57 -18.35
CA GLY O 242 -16.61 34.21 -18.63
C GLY O 242 -15.11 34.17 -18.65
N LYS O 243 -14.54 33.00 -18.48
CA LYS O 243 -13.11 32.97 -18.28
C LYS O 243 -12.36 32.68 -19.57
N GLY O 244 -12.97 33.03 -20.68
CA GLY O 244 -12.30 32.95 -21.98
C GLY O 244 -12.32 34.25 -22.73
N SER O 245 -11.95 34.20 -24.00
CA SER O 245 -11.90 35.39 -24.82
C SER O 245 -12.79 35.27 -26.07
N MET O 246 -12.96 36.40 -26.75
CA MET O 246 -13.84 36.50 -27.90
C MET O 246 -13.15 37.36 -28.94
N SER O 247 -13.34 37.05 -30.21
CA SER O 247 -12.67 37.81 -31.28
C SER O 247 -13.39 39.12 -31.58
N LEU O 248 -12.77 39.97 -32.38
CA LEU O 248 -13.32 41.28 -32.68
C LEU O 248 -14.58 41.13 -33.49
N GLN O 249 -14.52 40.31 -34.53
CA GLN O 249 -15.67 40.05 -35.39
C GLN O 249 -16.81 39.34 -34.67
N ASP O 250 -16.47 38.68 -33.57
CA ASP O 250 -17.46 37.99 -32.73
C ASP O 250 -18.34 38.96 -31.99
N ILE O 251 -17.73 39.89 -31.28
CA ILE O 251 -18.44 40.96 -30.56
C ILE O 251 -19.32 41.78 -31.51
N ASP O 252 -18.80 42.10 -32.68
CA ASP O 252 -19.58 42.77 -33.73
C ASP O 252 -20.84 41.97 -34.07
N GLN O 253 -20.66 40.73 -34.54
CA GLN O 253 -21.77 39.84 -34.88
C GLN O 253 -22.72 39.61 -33.72
N ALA O 254 -22.16 39.41 -32.53
CA ALA O 254 -22.95 39.16 -31.33
C ALA O 254 -23.98 40.27 -31.15
N GLU O 255 -23.54 41.52 -31.30
CA GLU O 255 -24.42 42.64 -31.04
C GLU O 255 -25.54 42.75 -32.10
N ASN O 256 -25.26 42.40 -33.35
CA ASN O 256 -26.31 42.38 -34.35
C ASN O 256 -27.35 41.38 -33.96
N THR O 257 -26.91 40.21 -33.55
CA THR O 257 -27.81 39.15 -33.11
C THR O 257 -28.57 39.60 -31.88
N ALA O 258 -27.83 40.12 -30.90
CA ALA O 258 -28.39 40.60 -29.64
C ALA O 258 -29.52 41.60 -29.84
N ARG O 259 -29.35 42.48 -30.83
CA ARG O 259 -30.24 43.60 -31.06
C ARG O 259 -31.49 43.18 -31.78
N SER O 260 -31.36 42.34 -32.79
CA SER O 260 -32.55 41.84 -33.48
C SER O 260 -33.35 40.87 -32.61
N THR O 261 -32.70 40.31 -31.59
CA THR O 261 -33.36 39.52 -30.55
C THR O 261 -34.13 40.42 -29.60
N ALA O 262 -33.49 41.53 -29.23
CA ALA O 262 -34.08 42.49 -28.29
C ALA O 262 -35.47 42.97 -28.69
N VAL O 263 -35.68 43.16 -29.98
CA VAL O 263 -36.97 43.58 -30.48
C VAL O 263 -38.08 42.57 -30.15
N LYS O 264 -37.83 41.29 -30.41
CA LYS O 264 -38.74 40.20 -30.03
C LYS O 264 -38.94 40.06 -28.52
N LEU O 265 -37.87 40.13 -27.75
CA LEU O 265 -37.98 40.01 -26.32
C LEU O 265 -38.73 41.18 -25.72
N LEU O 266 -38.50 42.39 -26.22
CA LEU O 266 -39.20 43.57 -25.69
C LEU O 266 -40.70 43.46 -25.87
N GLU O 267 -41.13 42.94 -27.02
CA GLU O 267 -42.54 42.88 -27.34
C GLU O 267 -43.23 41.70 -26.69
N GLU O 268 -42.44 40.80 -26.12
CA GLU O 268 -42.98 39.76 -25.29
C GLU O 268 -43.04 40.23 -23.85
N LEU O 269 -41.99 40.90 -23.40
CA LEU O 269 -41.99 41.48 -22.07
C LEU O 269 -43.19 42.40 -21.90
N LYS O 270 -43.46 43.23 -22.92
CA LYS O 270 -44.53 44.20 -22.83
C LYS O 270 -45.88 43.53 -22.72
N LYS O 271 -46.05 42.42 -23.43
CA LYS O 271 -47.30 41.67 -23.34
C LYS O 271 -47.58 41.16 -21.93
N HIS O 272 -46.53 40.69 -21.27
CA HIS O 272 -46.64 40.28 -19.88
C HIS O 272 -46.95 41.44 -18.94
N LEU O 273 -46.38 42.61 -19.23
CA LEU O 273 -46.55 43.77 -18.37
C LEU O 273 -47.78 44.59 -18.67
N GLY O 274 -48.57 44.17 -19.66
CA GLY O 274 -49.75 44.94 -20.11
C GLY O 274 -49.28 46.25 -20.72
N ILE O 275 -48.47 46.13 -21.79
CA ILE O 275 -47.52 47.17 -22.30
C ILE O 275 -46.58 47.75 -21.24
N MET P 1 -36.32 80.23 -16.17
CA MET P 1 -36.64 80.86 -17.49
C MET P 1 -36.03 80.05 -18.62
N ARG P 2 -36.82 79.81 -19.67
CA ARG P 2 -36.35 79.10 -20.85
C ARG P 2 -35.15 79.83 -21.45
N GLU P 3 -35.30 81.15 -21.54
CA GLU P 3 -34.42 82.04 -22.32
C GLU P 3 -32.93 81.97 -22.00
N MET P 4 -32.64 81.80 -20.71
CA MET P 4 -31.30 82.02 -20.17
C MET P 4 -30.76 80.79 -19.50
N LEU P 5 -31.54 79.72 -19.42
CA LEU P 5 -31.07 78.52 -18.73
C LEU P 5 -30.05 77.86 -19.64
N GLN P 6 -29.09 77.22 -19.02
CA GLN P 6 -27.94 76.63 -19.70
C GLN P 6 -27.53 75.40 -18.91
N VAL P 7 -27.26 74.30 -19.61
CA VAL P 7 -26.75 73.05 -19.01
C VAL P 7 -25.82 73.27 -17.80
N GLU P 8 -25.94 72.41 -16.78
CA GLU P 8 -25.12 72.56 -15.57
C GLU P 8 -23.74 71.94 -15.77
N ARG P 9 -23.72 70.75 -16.38
CA ARG P 9 -22.51 69.95 -16.58
C ARG P 9 -21.35 70.75 -17.19
N PRO P 10 -20.10 70.47 -16.76
CA PRO P 10 -18.98 71.15 -17.43
C PRO P 10 -18.83 70.72 -18.89
N LYS P 11 -18.27 71.62 -19.70
CA LYS P 11 -17.95 71.29 -21.07
C LYS P 11 -16.74 70.37 -21.08
N LEU P 12 -16.81 69.33 -21.89
CA LEU P 12 -15.75 68.31 -21.93
C LEU P 12 -14.83 68.47 -23.13
N ILE P 13 -15.38 69.01 -24.21
CA ILE P 13 -14.60 69.45 -25.36
C ILE P 13 -14.47 70.96 -25.30
N LEU P 14 -13.24 71.46 -25.34
CA LEU P 14 -13.00 72.87 -25.15
C LEU P 14 -12.39 73.54 -26.38
N ASP P 15 -11.53 74.54 -26.14
CA ASP P 15 -10.89 75.30 -27.22
C ASP P 15 -9.99 74.42 -28.09
N ASP P 16 -9.70 74.85 -29.33
CA ASP P 16 -9.18 73.93 -30.36
C ASP P 16 -9.96 72.63 -30.27
N GLY P 17 -9.58 71.58 -30.98
CA GLY P 17 -10.38 70.36 -30.92
C GLY P 17 -10.51 69.77 -29.51
N LYS P 18 -9.85 70.43 -28.55
CA LYS P 18 -9.26 69.76 -27.38
C LYS P 18 -10.14 69.51 -26.20
N ARG P 19 -9.67 68.53 -25.45
CA ARG P 19 -10.34 68.11 -24.25
C ARG P 19 -9.86 68.93 -23.08
N THR P 20 -10.35 68.55 -21.90
CA THR P 20 -10.06 69.25 -20.65
C THR P 20 -8.61 69.23 -20.26
N ASP P 21 -7.89 68.17 -20.63
CA ASP P 21 -6.47 68.08 -20.36
C ASP P 21 -5.60 68.40 -21.58
N GLY P 22 -6.17 69.08 -22.56
CA GLY P 22 -5.43 69.51 -23.75
C GLY P 22 -5.11 68.44 -24.77
N ARG P 23 -5.78 67.30 -24.70
CA ARG P 23 -5.60 66.24 -25.67
C ARG P 23 -6.65 66.30 -26.76
N LYS P 24 -6.27 65.92 -27.98
CA LYS P 24 -7.24 65.68 -29.05
C LYS P 24 -8.06 64.40 -28.74
N PRO P 25 -9.22 64.22 -29.40
CA PRO P 25 -10.04 63.04 -29.10
C PRO P 25 -9.35 61.68 -29.39
N ASP P 26 -8.25 61.70 -30.14
CA ASP P 26 -7.59 60.49 -30.59
C ASP P 26 -6.22 60.23 -29.93
N GLU P 27 -5.91 60.92 -28.84
CA GLU P 27 -4.59 60.85 -28.18
C GLU P 27 -4.59 60.13 -26.84
N LEU P 28 -3.61 59.25 -26.63
CA LEU P 28 -3.43 58.60 -25.34
C LEU P 28 -2.79 59.54 -24.32
N ARG P 29 -2.96 59.22 -23.04
CA ARG P 29 -2.22 59.88 -21.98
C ARG P 29 -0.77 59.40 -22.03
N SER P 30 0.11 60.02 -21.24
CA SER P 30 1.51 59.56 -21.16
C SER P 30 1.60 58.20 -20.47
N ILE P 31 2.48 57.34 -20.97
CA ILE P 31 2.62 56.01 -20.43
C ILE P 31 4.00 55.79 -19.83
N LYS P 32 4.04 55.13 -18.68
CA LYS P 32 5.28 54.76 -18.02
C LYS P 32 5.15 53.33 -17.48
N ILE P 33 6.07 52.47 -17.87
CA ILE P 33 6.04 51.08 -17.43
C ILE P 33 7.40 50.72 -16.89
N GLU P 34 7.43 49.99 -15.79
CA GLU P 34 8.68 49.46 -15.32
C GLU P 34 8.47 48.10 -14.67
N LEU P 35 9.42 47.21 -14.87
CA LEU P 35 9.27 45.81 -14.47
C LEU P 35 10.27 45.37 -13.40
N GLY P 36 9.90 44.34 -12.64
CA GLY P 36 10.75 43.78 -11.59
C GLY P 36 11.10 44.79 -10.53
N VAL P 37 10.13 45.58 -10.10
CA VAL P 37 10.39 46.65 -9.16
C VAL P 37 10.34 46.16 -7.71
N LEU P 38 9.62 45.07 -7.46
CA LEU P 38 9.58 44.44 -6.14
C LEU P 38 10.51 43.24 -6.06
N LYS P 39 11.43 43.28 -5.10
CA LYS P 39 12.42 42.21 -4.94
C LYS P 39 11.84 40.90 -4.48
N ASN P 40 10.98 40.96 -3.47
CA ASN P 40 10.47 39.74 -2.85
C ASN P 40 9.27 39.09 -3.53
N ALA P 41 8.83 39.67 -4.64
CA ALA P 41 7.77 39.06 -5.43
C ALA P 41 8.37 38.22 -6.52
N ASP P 42 7.58 37.33 -7.11
CA ASP P 42 8.04 36.46 -8.20
C ASP P 42 7.97 37.18 -9.55
N GLY P 43 7.18 38.23 -9.61
CA GLY P 43 7.16 39.15 -10.75
C GLY P 43 6.44 40.40 -10.30
N SER P 44 6.89 41.56 -10.78
CA SER P 44 6.25 42.83 -10.42
C SER P 44 6.31 43.83 -11.54
N ALA P 45 5.41 44.79 -11.51
CA ALA P 45 5.38 45.88 -12.49
C ALA P 45 4.62 47.08 -11.96
N ILE P 46 5.07 48.27 -12.36
CA ILE P 46 4.35 49.50 -12.15
C ILE P 46 3.88 50.01 -13.50
N PHE P 47 2.61 50.34 -13.65
CA PHE P 47 2.08 50.87 -14.89
C PHE P 47 1.46 52.25 -14.64
N GLU P 48 1.72 53.21 -15.52
CA GLU P 48 1.21 54.56 -15.33
C GLU P 48 0.58 55.13 -16.59
N MET P 49 -0.76 55.25 -16.61
CA MET P 49 -1.44 55.98 -17.67
C MET P 49 -1.81 57.35 -17.19
N GLY P 50 -1.03 58.35 -17.61
CA GLY P 50 -1.27 59.72 -17.17
C GLY P 50 -1.16 59.75 -15.67
N ASN P 51 -2.29 59.96 -15.02
CA ASN P 51 -2.30 60.05 -13.57
C ASN P 51 -2.76 58.81 -12.83
N THR P 52 -3.03 57.75 -13.57
CA THR P 52 -3.43 56.49 -12.97
C THR P 52 -2.23 55.56 -12.90
N LYS P 53 -1.82 55.22 -11.70
CA LYS P 53 -0.60 54.47 -11.48
C LYS P 53 -0.99 53.27 -10.66
N ALA P 54 -0.70 52.08 -11.15
CA ALA P 54 -0.96 50.83 -10.44
C ALA P 54 0.33 50.04 -10.24
N ILE P 55 0.44 49.32 -9.14
CA ILE P 55 1.53 48.40 -8.92
C ILE P 55 0.97 46.99 -8.81
N ALA P 56 1.67 46.03 -9.42
CA ALA P 56 1.21 44.65 -9.41
C ALA P 56 2.31 43.69 -9.03
N ALA P 57 2.01 42.81 -8.09
CA ALA P 57 2.95 41.79 -7.66
C ALA P 57 2.36 40.42 -7.98
N VAL P 58 3.22 39.50 -8.41
CA VAL P 58 2.82 38.10 -8.61
C VAL P 58 3.61 37.20 -7.69
N TYR P 59 2.93 36.31 -6.97
CA TYR P 59 3.62 35.27 -6.20
C TYR P 59 3.38 33.90 -6.85
N GLY P 60 4.45 33.45 -7.52
CA GLY P 60 4.44 32.46 -8.62
C GLY P 60 3.95 31.09 -8.26
N PRO P 61 3.70 30.23 -9.26
CA PRO P 61 2.98 28.98 -9.02
C PRO P 61 3.47 28.30 -7.75
N LYS P 62 2.57 28.15 -6.78
CA LYS P 62 2.87 27.46 -5.53
C LYS P 62 1.72 26.52 -5.26
N GLU P 63 1.98 25.42 -4.55
CA GLU P 63 0.93 24.47 -4.14
C GLU P 63 0.01 25.16 -3.14
N MET P 64 -1.26 24.77 -3.11
CA MET P 64 -2.31 25.57 -2.46
C MET P 64 -2.63 25.23 -1.00
N HIS P 65 -2.81 26.29 -0.22
CA HIS P 65 -2.96 26.22 1.23
C HIS P 65 -3.94 25.11 1.70
N PRO P 66 -5.27 25.33 1.57
CA PRO P 66 -6.21 24.24 1.85
C PRO P 66 -6.52 23.44 0.57
N ARG P 67 -5.98 22.23 0.47
CA ARG P 67 -5.93 21.50 -0.80
C ARG P 67 -7.29 21.26 -1.48
N HIS P 68 -8.38 21.30 -0.71
CA HIS P 68 -9.72 21.07 -1.25
C HIS P 68 -10.17 22.21 -2.18
N LEU P 69 -9.52 23.36 -2.06
CA LEU P 69 -9.85 24.53 -2.87
C LEU P 69 -9.01 24.63 -4.13
N SER P 70 -8.05 23.71 -4.29
CA SER P 70 -7.22 23.69 -5.48
C SER P 70 -7.94 22.96 -6.60
N LEU P 71 -7.41 23.07 -7.81
CA LEU P 71 -7.99 22.39 -8.97
C LEU P 71 -7.09 21.26 -9.49
N PRO P 72 -7.69 20.12 -9.86
CA PRO P 72 -6.95 18.93 -10.29
C PRO P 72 -6.15 19.12 -11.58
N ASP P 73 -6.63 20.02 -12.45
CA ASP P 73 -6.07 20.17 -13.80
C ASP P 73 -5.46 21.55 -14.06
N ARG P 74 -5.89 22.53 -13.28
CA ARG P 74 -5.55 23.94 -13.50
C ARG P 74 -4.87 24.56 -12.31
N ALA P 75 -4.24 25.70 -12.53
CA ALA P 75 -3.87 26.59 -11.44
C ALA P 75 -5.07 27.44 -11.09
N VAL P 76 -5.15 27.86 -9.83
CA VAL P 76 -6.20 28.75 -9.40
C VAL P 76 -5.58 30.13 -9.33
N LEU P 77 -6.15 31.06 -10.10
CA LEU P 77 -5.73 32.46 -10.04
C LEU P 77 -6.42 33.09 -8.85
N ARG P 78 -5.66 33.88 -8.10
CA ARG P 78 -6.17 34.67 -7.00
C ARG P 78 -5.84 36.13 -7.25
N VAL P 79 -6.87 36.92 -7.55
CA VAL P 79 -6.66 38.29 -7.98
C VAL P 79 -7.31 39.27 -7.02
N ARG P 80 -6.57 40.32 -6.68
CA ARG P 80 -7.03 41.36 -5.76
C ARG P 80 -6.86 42.77 -6.34
N TYR P 81 -7.97 43.43 -6.62
CA TYR P 81 -7.96 44.82 -7.07
C TYR P 81 -8.25 45.65 -5.87
N HIS P 82 -7.36 46.60 -5.59
CA HIS P 82 -7.48 47.43 -4.41
C HIS P 82 -6.97 48.84 -4.62
N MET P 83 -7.68 49.80 -4.02
CA MET P 83 -7.31 51.20 -4.09
C MET P 83 -6.80 51.68 -2.75
N THR P 84 -5.61 52.25 -2.74
CA THR P 84 -5.06 52.81 -1.51
C THR P 84 -5.93 54.00 -1.12
N PRO P 85 -6.14 54.22 0.19
CA PRO P 85 -7.00 55.34 0.66
C PRO P 85 -6.61 56.71 0.10
N PHE P 86 -5.36 56.85 -0.33
CA PHE P 86 -4.83 58.11 -0.84
C PHE P 86 -4.67 58.12 -2.36
N SER P 87 -5.43 57.28 -3.03
CA SER P 87 -5.36 57.21 -4.49
C SER P 87 -6.33 58.19 -5.13
N THR P 88 -7.28 58.67 -4.35
CA THR P 88 -8.34 59.53 -4.86
C THR P 88 -8.35 60.91 -4.19
N ASP P 89 -9.39 61.70 -4.47
CA ASP P 89 -9.48 63.05 -3.94
C ASP P 89 -9.97 63.04 -2.51
N GLU P 90 -11.15 62.47 -2.33
CA GLU P 90 -11.66 62.14 -1.01
C GLU P 90 -11.03 60.81 -0.66
N ARG P 91 -10.74 60.61 0.62
CA ARG P 91 -10.17 59.36 1.10
C ARG P 91 -11.09 58.14 0.92
N LYS P 92 -10.69 57.21 0.04
CA LYS P 92 -11.42 55.94 -0.15
C LYS P 92 -11.21 55.02 1.05
N ASN P 93 -12.31 54.52 1.64
CA ASN P 93 -12.26 53.58 2.75
C ASN P 93 -11.49 52.33 2.34
N PRO P 94 -10.55 51.87 3.18
CA PRO P 94 -9.72 50.68 2.84
C PRO P 94 -10.51 49.36 2.76
N ALA P 95 -11.59 49.25 3.53
CA ALA P 95 -12.49 48.10 3.48
C ALA P 95 -13.05 47.94 2.06
N PRO P 96 -13.07 46.71 1.54
CA PRO P 96 -13.36 46.52 0.12
C PRO P 96 -14.79 46.91 -0.21
N SER P 97 -14.93 47.68 -1.28
CA SER P 97 -16.22 48.17 -1.78
C SER P 97 -16.80 47.20 -2.81
N ARG P 98 -18.13 47.17 -2.93
CA ARG P 98 -18.77 46.33 -3.93
C ARG P 98 -18.13 46.54 -5.31
N ARG P 99 -17.72 47.75 -5.60
CA ARG P 99 -17.09 48.06 -6.87
C ARG P 99 -15.68 47.42 -7.00
N GLU P 100 -14.94 47.36 -5.89
CA GLU P 100 -13.66 46.64 -5.85
C GLU P 100 -13.88 45.14 -6.03
N ILE P 101 -14.95 44.61 -5.44
CA ILE P 101 -15.28 43.20 -5.54
C ILE P 101 -15.63 42.81 -6.97
N GLU P 102 -16.45 43.62 -7.63
CA GLU P 102 -16.75 43.40 -9.03
C GLU P 102 -15.51 43.50 -9.87
N LEU P 103 -14.74 44.58 -9.70
CA LEU P 103 -13.55 44.77 -10.56
C LEU P 103 -12.54 43.65 -10.47
N SER P 104 -12.42 43.09 -9.27
CA SER P 104 -11.54 41.96 -9.04
C SER P 104 -11.98 40.78 -9.87
N LYS P 105 -13.28 40.46 -9.85
CA LYS P 105 -13.81 39.32 -10.61
C LYS P 105 -13.61 39.52 -12.10
N VAL P 106 -13.79 40.75 -12.56
CA VAL P 106 -13.66 41.06 -13.98
C VAL P 106 -12.21 40.94 -14.43
N ILE P 107 -11.29 41.46 -13.60
CA ILE P 107 -9.84 41.35 -13.88
C ILE P 107 -9.34 39.91 -13.83
N ARG P 108 -9.85 39.10 -12.91
CA ARG P 108 -9.44 37.72 -12.82
C ARG P 108 -9.86 36.97 -14.06
N GLU P 109 -11.14 37.08 -14.41
CA GLU P 109 -11.66 36.42 -15.62
C GLU P 109 -10.90 36.87 -16.86
N ALA P 110 -10.47 38.13 -16.87
CA ALA P 110 -9.66 38.64 -17.96
C ALA P 110 -8.30 37.91 -18.04
N LEU P 111 -7.60 37.79 -16.92
CA LEU P 111 -6.32 37.10 -16.87
C LEU P 111 -6.43 35.59 -17.10
N GLU P 112 -7.52 34.99 -16.69
CA GLU P 112 -7.74 33.57 -16.91
C GLU P 112 -7.77 33.20 -18.37
N SER P 113 -8.18 34.12 -19.24
CA SER P 113 -8.18 33.84 -20.66
C SER P 113 -6.78 33.93 -21.28
N ALA P 114 -5.87 34.63 -20.60
CA ALA P 114 -4.52 34.82 -21.08
C ALA P 114 -3.55 33.80 -20.50
N VAL P 115 -3.56 33.64 -19.18
CA VAL P 115 -2.61 32.75 -18.51
C VAL P 115 -2.92 31.27 -18.76
N LEU P 116 -1.88 30.50 -19.13
CA LEU P 116 -2.01 29.07 -19.40
C LEU P 116 -2.05 28.27 -18.11
N VAL P 117 -3.18 28.35 -17.41
CA VAL P 117 -3.32 27.72 -16.09
C VAL P 117 -3.26 26.19 -16.15
N GLU P 118 -3.60 25.61 -17.30
CA GLU P 118 -3.57 24.15 -17.48
C GLU P 118 -2.16 23.55 -17.39
N LEU P 119 -1.19 24.39 -17.06
CA LEU P 119 0.20 23.95 -16.93
C LEU P 119 0.61 23.69 -15.48
N PHE P 120 -0.15 24.23 -14.54
CA PHE P 120 0.21 24.16 -13.13
C PHE P 120 -0.93 23.63 -12.26
N PRO P 121 -1.22 22.33 -12.37
CA PRO P 121 -2.35 21.81 -11.62
C PRO P 121 -2.02 21.78 -10.13
N ARG P 122 -3.06 21.90 -9.29
CA ARG P 122 -2.93 21.89 -7.83
C ARG P 122 -2.14 23.07 -7.28
N THR P 123 -1.95 24.09 -8.10
CA THR P 123 -1.20 25.26 -7.65
C THR P 123 -2.07 26.50 -7.68
N ALA P 124 -1.59 27.56 -7.04
CA ALA P 124 -2.24 28.86 -7.04
C ALA P 124 -1.25 29.95 -7.44
N ILE P 125 -1.69 30.82 -8.34
CA ILE P 125 -0.92 31.99 -8.71
C ILE P 125 -1.64 33.19 -8.13
N ASP P 126 -0.91 33.96 -7.33
CA ASP P 126 -1.47 35.13 -6.65
C ASP P 126 -1.12 36.41 -7.38
N VAL P 127 -2.12 37.17 -7.76
CA VAL P 127 -1.87 38.45 -8.41
C VAL P 127 -2.45 39.55 -7.56
N PHE P 128 -1.60 40.29 -6.88
CA PHE P 128 -2.06 41.44 -6.09
C PHE P 128 -1.83 42.74 -6.86
N THR P 129 -2.81 43.63 -6.77
CA THR P 129 -2.81 44.88 -7.53
C THR P 129 -3.22 46.05 -6.68
N GLU P 130 -2.46 47.12 -6.77
CA GLU P 130 -2.75 48.32 -6.03
C GLU P 130 -2.86 49.56 -6.90
N ILE P 131 -3.91 50.33 -6.66
CA ILE P 131 -4.01 51.60 -7.34
C ILE P 131 -3.46 52.69 -6.41
N LEU P 132 -2.35 53.31 -6.83
CA LEU P 132 -1.67 54.32 -6.03
C LEU P 132 -2.18 55.73 -6.35
N GLN P 133 -2.68 55.90 -7.57
CA GLN P 133 -3.34 57.12 -7.99
C GLN P 133 -4.44 56.72 -8.95
N ALA P 134 -5.64 57.23 -8.70
CA ALA P 134 -6.77 56.91 -9.54
C ALA P 134 -7.21 58.13 -10.31
N ASP P 135 -7.25 58.02 -11.63
CA ASP P 135 -7.81 59.08 -12.45
C ASP P 135 -8.51 58.47 -13.66
N ALA P 136 -9.29 57.43 -13.40
CA ALA P 136 -10.02 56.70 -14.42
C ALA P 136 -9.15 55.73 -15.19
N GLY P 137 -9.79 54.67 -15.68
CA GLY P 137 -9.11 53.62 -16.42
C GLY P 137 -8.30 52.72 -15.50
N SER P 138 -8.51 52.87 -14.19
CA SER P 138 -7.76 52.15 -13.17
C SER P 138 -7.98 50.64 -13.18
N ARG P 139 -9.11 50.18 -13.71
CA ARG P 139 -9.31 48.74 -13.87
C ARG P 139 -8.41 48.20 -14.97
N LEU P 140 -8.10 49.05 -15.96
CA LEU P 140 -7.26 48.64 -17.08
C LEU P 140 -5.79 48.78 -16.81
N VAL P 141 -5.44 49.83 -16.07
CA VAL P 141 -4.06 50.08 -15.66
C VAL P 141 -3.63 48.97 -14.71
N SER P 142 -4.58 48.53 -13.89
CA SER P 142 -4.38 47.41 -13.00
C SER P 142 -4.16 46.09 -13.75
N LEU P 143 -5.03 45.81 -14.72
CA LEU P 143 -5.00 44.59 -15.51
C LEU P 143 -3.70 44.44 -16.29
N MET P 144 -3.23 45.54 -16.90
CA MET P 144 -2.01 45.51 -17.68
C MET P 144 -0.80 45.35 -16.78
N ALA P 145 -0.82 46.02 -15.63
CA ALA P 145 0.27 45.91 -14.66
C ALA P 145 0.38 44.45 -14.25
N ALA P 146 -0.76 43.81 -14.06
CA ALA P 146 -0.82 42.39 -13.71
C ALA P 146 -0.26 41.51 -14.81
N SER P 147 -0.71 41.75 -16.04
CA SER P 147 -0.26 40.99 -17.21
C SER P 147 1.24 41.04 -17.36
N LEU P 148 1.79 42.23 -17.14
CA LEU P 148 3.23 42.44 -17.21
C LEU P 148 3.97 41.78 -16.04
N ALA P 149 3.37 41.86 -14.85
CA ALA P 149 3.96 41.23 -13.67
C ALA P 149 3.98 39.71 -13.78
N LEU P 150 3.00 39.15 -14.48
CA LEU P 150 2.99 37.73 -14.77
C LEU P 150 4.12 37.37 -15.71
N ALA P 151 4.26 38.11 -16.81
CA ALA P 151 5.35 37.93 -17.76
C ALA P 151 6.70 38.06 -17.05
N ASP P 152 6.80 39.03 -16.14
CA ASP P 152 8.01 39.22 -15.36
C ASP P 152 8.28 38.00 -14.47
N ALA P 153 7.22 37.43 -13.90
CA ALA P 153 7.31 36.21 -13.10
C ALA P 153 7.61 34.97 -13.96
N GLY P 154 7.68 35.18 -15.28
CA GLY P 154 8.00 34.14 -16.26
C GLY P 154 6.91 33.10 -16.40
N ILE P 155 5.67 33.51 -16.21
CA ILE P 155 4.55 32.59 -16.32
C ILE P 155 4.01 32.64 -17.74
N PRO P 156 3.86 31.47 -18.39
CA PRO P 156 3.45 31.38 -19.78
C PRO P 156 2.03 31.91 -20.02
N MET P 157 1.86 32.69 -21.08
CA MET P 157 0.57 33.26 -21.42
C MET P 157 0.36 33.23 -22.92
N ARG P 158 -0.89 33.22 -23.36
CA ARG P 158 -1.21 33.24 -24.80
C ARG P 158 -0.67 34.50 -25.45
N ASP P 159 -0.79 35.61 -24.73
CA ASP P 159 -0.34 36.91 -25.21
C ASP P 159 -0.31 37.88 -24.03
N LEU P 160 0.29 39.04 -24.23
CA LEU P 160 0.12 40.15 -23.30
C LEU P 160 -1.28 40.76 -23.40
N ILE P 161 -1.71 41.44 -22.34
CA ILE P 161 -3.01 42.14 -22.33
C ILE P 161 -2.82 43.66 -22.34
N ALA P 162 -3.39 44.30 -23.35
CA ALA P 162 -3.32 45.74 -23.49
C ALA P 162 -4.76 46.28 -23.53
N GLY P 163 -4.96 47.46 -22.94
CA GLY P 163 -6.29 48.00 -22.84
C GLY P 163 -6.41 49.51 -22.72
N VAL P 164 -7.47 50.05 -23.32
CA VAL P 164 -7.85 51.47 -23.14
C VAL P 164 -9.32 51.57 -22.83
N ALA P 165 -9.70 52.65 -22.15
CA ALA P 165 -11.12 53.00 -22.02
C ALA P 165 -11.45 54.01 -23.14
N VAL P 166 -12.48 53.70 -23.90
CA VAL P 166 -12.91 54.62 -24.92
C VAL P 166 -14.28 55.14 -24.50
N GLY P 167 -14.67 56.34 -24.89
CA GLY P 167 -15.89 56.92 -24.36
C GLY P 167 -16.49 57.94 -25.30
N LYS P 168 -17.68 58.43 -24.97
CA LYS P 168 -18.33 59.48 -25.73
C LYS P 168 -18.45 60.72 -24.84
N ALA P 169 -18.01 61.87 -25.34
CA ALA P 169 -17.85 63.08 -24.49
C ALA P 169 -18.86 64.23 -24.72
N ASP P 170 -18.66 65.05 -25.74
CA ASP P 170 -19.74 65.98 -26.02
C ASP P 170 -20.34 65.57 -27.35
N GLY P 171 -20.83 64.32 -27.36
CA GLY P 171 -21.30 63.69 -28.57
C GLY P 171 -20.14 63.27 -29.42
N VAL P 172 -18.92 63.49 -28.93
CA VAL P 172 -17.69 63.14 -29.66
C VAL P 172 -17.02 61.92 -29.02
N ILE P 173 -16.62 60.94 -29.83
CA ILE P 173 -15.94 59.74 -29.35
C ILE P 173 -14.47 60.02 -29.03
N ILE P 174 -14.09 59.71 -27.79
CA ILE P 174 -12.76 60.05 -27.26
C ILE P 174 -12.01 58.83 -26.73
N LEU P 175 -10.68 58.88 -26.76
CA LEU P 175 -9.85 57.76 -26.37
C LEU P 175 -9.12 58.07 -25.05
N ASP P 176 -9.21 57.13 -24.09
CA ASP P 176 -8.48 57.19 -22.81
C ASP P 176 -8.92 58.35 -21.91
N LEU P 177 -9.86 58.06 -21.00
CA LEU P 177 -10.59 59.12 -20.27
C LEU P 177 -9.93 59.69 -19.01
N ASN P 178 -10.12 61.00 -18.83
CA ASN P 178 -9.94 61.72 -17.58
C ASN P 178 -10.96 61.19 -16.62
N GLU P 179 -10.81 61.47 -15.33
CA GLU P 179 -11.87 61.13 -14.40
C GLU P 179 -12.96 62.15 -14.59
N THR P 180 -12.59 63.36 -15.07
CA THR P 180 -13.58 64.37 -15.44
C THR P 180 -14.45 63.86 -16.60
N GLU P 181 -13.82 63.22 -17.59
CA GLU P 181 -14.55 62.65 -18.73
C GLU P 181 -15.37 61.42 -18.31
N ASP P 182 -14.84 60.66 -17.36
CA ASP P 182 -15.54 59.49 -16.82
C ASP P 182 -16.78 59.94 -16.08
N MET P 183 -16.63 61.00 -15.30
CA MET P 183 -17.70 61.56 -14.47
C MET P 183 -18.88 62.19 -15.28
N TRP P 184 -18.57 62.97 -16.31
CA TRP P 184 -19.60 63.75 -17.01
C TRP P 184 -19.91 63.30 -18.44
N GLY P 185 -19.17 62.32 -18.94
CA GLY P 185 -19.36 61.83 -20.31
C GLY P 185 -20.59 60.97 -20.44
N GLU P 186 -21.14 60.86 -21.65
CA GLU P 186 -22.33 60.06 -21.91
C GLU P 186 -22.08 58.57 -21.87
N ALA P 187 -20.82 58.17 -22.02
CA ALA P 187 -20.43 56.76 -22.06
C ALA P 187 -18.97 56.56 -21.68
N ASP P 188 -18.71 55.35 -21.17
CA ASP P 188 -17.41 54.93 -20.64
C ASP P 188 -17.26 53.43 -20.90
N MET P 189 -16.40 53.10 -21.86
CA MET P 189 -16.28 51.74 -22.34
C MET P 189 -14.85 51.21 -22.27
N PRO P 190 -14.49 50.57 -21.15
CA PRO P 190 -13.17 49.94 -21.07
C PRO P 190 -13.09 48.68 -21.95
N ILE P 191 -12.00 48.56 -22.71
CA ILE P 191 -11.76 47.40 -23.57
C ILE P 191 -10.35 46.91 -23.34
N ALA P 192 -10.20 45.61 -23.10
CA ALA P 192 -8.87 45.00 -23.01
C ALA P 192 -8.72 43.82 -23.99
N MET P 193 -7.57 43.75 -24.66
CA MET P 193 -7.34 42.77 -25.71
C MET P 193 -6.06 42.00 -25.50
N MET P 194 -5.98 40.83 -26.15
CA MET P 194 -4.71 40.16 -26.47
C MET P 194 -4.45 40.48 -27.93
N PRO P 195 -3.75 41.59 -28.19
CA PRO P 195 -3.71 42.23 -29.49
C PRO P 195 -3.24 41.34 -30.63
N SER P 196 -2.26 40.49 -30.35
CA SER P 196 -1.69 39.63 -31.39
C SER P 196 -2.65 38.53 -31.83
N LEU P 197 -3.61 38.21 -30.97
CA LEU P 197 -4.60 37.18 -31.28
C LEU P 197 -5.94 37.81 -31.65
N ASN P 198 -6.03 39.13 -31.49
CA ASN P 198 -7.30 39.88 -31.65
C ASN P 198 -8.41 39.37 -30.75
N GLN P 199 -8.05 39.06 -29.51
CA GLN P 199 -8.98 38.46 -28.55
C GLN P 199 -9.35 39.45 -27.47
N VAL P 200 -10.64 39.68 -27.32
CA VAL P 200 -11.14 40.58 -26.30
C VAL P 200 -11.25 39.86 -24.96
N THR P 201 -10.46 40.36 -24.02
CA THR P 201 -10.24 39.77 -22.70
C THR P 201 -11.17 40.38 -21.68
N LEU P 202 -11.32 41.69 -21.75
CA LEU P 202 -12.25 42.45 -20.92
C LEU P 202 -13.08 43.40 -21.81
N PHE P 203 -14.36 43.54 -21.51
CA PHE P 203 -15.21 44.41 -22.29
C PHE P 203 -16.42 44.87 -21.45
N GLN P 204 -16.47 46.17 -21.18
CA GLN P 204 -17.58 46.77 -20.43
C GLN P 204 -18.08 48.08 -21.01
N LEU P 205 -19.31 48.44 -20.70
CA LEU P 205 -19.80 49.76 -21.04
C LEU P 205 -20.79 50.21 -19.99
N ASN P 206 -20.48 51.35 -19.37
CA ASN P 206 -21.46 52.04 -18.56
C ASN P 206 -21.75 53.35 -19.24
N GLY P 207 -23.03 53.69 -19.33
CA GLY P 207 -23.47 54.85 -20.07
C GLY P 207 -24.34 54.46 -21.24
N SER P 208 -24.36 55.31 -22.25
CA SER P 208 -25.33 55.19 -23.32
C SER P 208 -24.68 55.39 -24.69
N MET P 209 -25.01 54.52 -25.65
CA MET P 209 -24.47 54.61 -27.00
C MET P 209 -25.38 54.02 -28.06
N THR P 210 -25.36 54.62 -29.25
CA THR P 210 -26.05 54.03 -30.40
C THR P 210 -25.18 52.92 -30.96
N PRO P 211 -25.79 51.90 -31.59
CA PRO P 211 -25.03 50.80 -32.17
C PRO P 211 -23.87 51.25 -33.09
N ASP P 212 -24.07 52.37 -33.78
CA ASP P 212 -23.08 52.96 -34.68
C ASP P 212 -21.90 53.45 -33.90
N GLU P 213 -22.15 54.44 -33.04
CA GLU P 213 -21.19 55.00 -32.10
C GLU P 213 -20.39 53.88 -31.45
N PHE P 214 -21.06 52.89 -30.88
CA PHE P 214 -20.41 51.71 -30.28
C PHE P 214 -19.36 51.10 -31.21
N ARG P 215 -19.72 50.92 -32.48
CA ARG P 215 -18.78 50.40 -33.45
C ARG P 215 -17.61 51.33 -33.82
N GLN P 216 -17.82 52.63 -33.73
CA GLN P 216 -16.75 53.60 -33.98
C GLN P 216 -15.82 53.58 -32.78
N ALA P 217 -16.40 53.74 -31.59
CA ALA P 217 -15.66 53.71 -30.34
C ALA P 217 -14.80 52.46 -30.28
N PHE P 218 -15.38 51.36 -30.74
CA PHE P 218 -14.71 50.09 -30.74
C PHE P 218 -13.48 50.12 -31.63
N ASP P 219 -13.59 50.76 -32.79
CA ASP P 219 -12.48 50.85 -33.72
C ASP P 219 -11.30 51.66 -33.22
N LEU P 220 -11.61 52.79 -32.59
CA LEU P 220 -10.61 53.68 -32.05
C LEU P 220 -9.85 53.00 -30.93
N ALA P 221 -10.56 52.27 -30.07
CA ALA P 221 -9.96 51.53 -28.96
C ALA P 221 -8.88 50.54 -29.42
N VAL P 222 -9.17 49.81 -30.50
CA VAL P 222 -8.20 48.90 -31.11
C VAL P 222 -6.86 49.60 -31.44
N LYS P 223 -6.94 50.74 -32.14
CA LYS P 223 -5.79 51.55 -32.51
C LYS P 223 -4.96 51.98 -31.32
N GLY P 224 -5.61 52.41 -30.26
CA GLY P 224 -4.93 52.79 -29.03
C GLY P 224 -4.25 51.60 -28.40
N ILE P 225 -4.99 50.49 -28.33
CA ILE P 225 -4.50 49.23 -27.76
C ILE P 225 -3.20 48.80 -28.45
N ASN P 226 -3.19 48.90 -29.78
CA ASN P 226 -2.02 48.56 -30.60
C ASN P 226 -0.77 49.37 -30.27
N ILE P 227 -0.96 50.64 -29.94
CA ILE P 227 0.15 51.52 -29.55
C ILE P 227 0.67 51.16 -28.17
N ILE P 228 -0.24 50.90 -27.24
CA ILE P 228 0.10 50.46 -25.88
C ILE P 228 0.82 49.11 -25.87
N TYR P 229 0.29 48.18 -26.67
CA TYR P 229 0.88 46.85 -26.80
C TYR P 229 2.34 46.89 -27.21
N ASN P 230 2.68 47.78 -28.14
CA ASN P 230 4.06 47.99 -28.56
C ASN P 230 4.98 48.41 -27.44
N LEU P 231 4.47 49.23 -26.53
CA LEU P 231 5.24 49.68 -25.38
C LEU P 231 5.42 48.57 -24.36
N GLU P 232 4.39 47.74 -24.19
CA GLU P 232 4.46 46.56 -23.33
C GLU P 232 5.54 45.61 -23.85
N ARG P 233 5.46 45.29 -25.13
CA ARG P 233 6.45 44.46 -25.84
C ARG P 233 7.88 44.87 -25.51
N GLU P 234 8.16 46.16 -25.67
CA GLU P 234 9.46 46.78 -25.43
C GLU P 234 9.82 46.92 -23.93
N ALA P 235 8.83 47.19 -23.08
CA ALA P 235 9.05 47.22 -21.63
C ALA P 235 9.49 45.86 -21.10
N LEU P 236 9.15 44.82 -21.87
CA LEU P 236 9.52 43.46 -21.55
C LEU P 236 11.01 43.23 -21.83
N LYS P 237 11.48 43.81 -22.93
CA LYS P 237 12.86 43.70 -23.37
C LYS P 237 13.83 44.60 -22.59
N SER P 238 13.40 45.80 -22.21
CA SER P 238 14.29 46.78 -21.57
C SER P 238 13.97 47.12 -20.11
N LYS P 239 12.88 46.55 -19.60
CA LYS P 239 12.47 46.72 -18.18
C LYS P 239 11.91 48.11 -17.83
N TYR P 240 12.11 49.10 -18.70
CA TYR P 240 11.70 50.48 -18.41
C TYR P 240 11.31 51.25 -19.68
N VAL P 241 10.12 51.82 -19.69
CA VAL P 241 9.58 52.52 -20.86
C VAL P 241 8.87 53.81 -20.46
N GLU P 242 9.23 54.93 -21.12
CA GLU P 242 8.46 56.20 -21.04
C GLU P 242 7.92 56.56 -22.40
N PHE P 243 6.73 57.13 -22.43
CA PHE P 243 6.08 57.50 -23.69
C PHE P 243 5.26 58.77 -23.49
N LYS P 244 5.67 59.84 -24.16
CA LYS P 244 4.95 61.11 -24.09
C LYS P 244 3.65 61.01 -24.88
N GLU P 245 2.57 61.62 -24.36
CA GLU P 245 1.24 61.56 -24.98
C GLU P 245 1.33 61.79 -26.47
N GLU P 246 0.54 61.04 -27.24
CA GLU P 246 0.39 61.43 -28.64
C GLU P 246 -0.74 60.76 -29.40
N GLY P 247 -0.90 61.25 -30.63
CA GLY P 247 -1.98 60.88 -31.52
C GLY P 247 -1.91 59.45 -31.99
N VAL P 248 -3.07 58.81 -31.96
CA VAL P 248 -3.28 57.50 -32.56
C VAL P 248 -3.45 57.69 -34.07
N MET Q 1 -26.08 30.13 8.32
CA MET Q 1 -26.23 28.70 7.94
C MET Q 1 -25.87 27.71 9.07
N SER Q 2 -26.88 27.01 9.61
CA SER Q 2 -26.72 26.17 10.80
C SER Q 2 -26.51 24.71 10.45
N SER Q 3 -25.40 24.14 10.92
CA SER Q 3 -25.06 22.76 10.61
C SER Q 3 -24.70 21.90 11.80
N THR Q 4 -24.96 20.60 11.67
CA THR Q 4 -24.68 19.61 12.70
C THR Q 4 -23.23 19.76 13.15
N PRO Q 5 -23.00 20.00 14.45
CA PRO Q 5 -21.63 20.22 14.94
C PRO Q 5 -20.73 19.00 14.75
N SER Q 6 -19.56 19.18 14.14
CA SER Q 6 -18.64 18.06 13.87
C SER Q 6 -17.72 17.69 15.04
N ASN Q 7 -17.66 18.56 16.04
CA ASN Q 7 -17.04 18.20 17.32
C ASN Q 7 -18.06 17.49 18.23
N GLN Q 8 -19.11 16.97 17.58
CA GLN Q 8 -20.06 16.01 18.17
C GLN Q 8 -19.27 15.06 19.06
N ASN Q 9 -19.14 15.38 20.35
CA ASN Q 9 -18.35 14.51 21.22
C ASN Q 9 -19.10 13.24 21.62
N ILE Q 10 -18.81 12.19 20.86
CA ILE Q 10 -19.58 10.95 20.87
C ILE Q 10 -19.24 10.12 22.10
N ILE Q 11 -20.28 9.48 22.65
CA ILE Q 11 -20.16 8.69 23.88
C ILE Q 11 -20.66 7.26 23.65
N PRO Q 12 -19.74 6.27 23.78
CA PRO Q 12 -19.93 4.88 23.36
C PRO Q 12 -21.23 4.26 23.84
N ILE Q 13 -21.72 3.27 23.10
CA ILE Q 13 -22.98 2.60 23.40
C ILE Q 13 -22.89 1.89 24.75
N ILE Q 14 -21.71 1.36 25.06
CA ILE Q 14 -21.47 0.64 26.30
C ILE Q 14 -21.61 1.56 27.52
N LYS Q 15 -21.03 2.76 27.45
CA LYS Q 15 -21.13 3.72 28.55
C LYS Q 15 -22.56 4.20 28.73
N LYS Q 16 -23.30 4.31 27.62
CA LYS Q 16 -24.68 4.74 27.67
C LYS Q 16 -25.55 3.77 28.46
N GLU Q 17 -25.34 2.47 28.21
CA GLU Q 17 -26.09 1.41 28.88
C GLU Q 17 -25.82 1.36 30.38
N SER Q 18 -24.62 1.79 30.79
CA SER Q 18 -24.23 1.82 32.19
C SER Q 18 -25.06 2.86 32.91
N ILE Q 19 -25.21 4.02 32.30
CA ILE Q 19 -25.93 5.13 32.89
C ILE Q 19 -27.43 4.83 32.92
N VAL Q 20 -27.94 4.25 31.84
CA VAL Q 20 -29.35 3.87 31.74
C VAL Q 20 -29.74 2.77 32.76
N SER Q 21 -28.84 1.80 32.98
CA SER Q 21 -29.07 0.74 33.96
C SER Q 21 -29.19 1.27 35.38
N LEU Q 22 -28.55 2.41 35.64
CA LEU Q 22 -28.68 3.12 36.91
C LEU Q 22 -30.00 3.88 37.00
N PHE Q 23 -30.44 4.47 35.89
CA PHE Q 23 -31.72 5.17 35.79
C PHE Q 23 -32.86 4.22 36.11
N GLU Q 24 -32.78 3.02 35.53
CA GLU Q 24 -33.67 1.90 35.81
C GLU Q 24 -33.84 1.59 37.32
N LYS Q 25 -32.87 2.05 38.13
CA LYS Q 25 -32.92 1.91 39.60
C LYS Q 25 -33.09 3.28 40.27
N GLY Q 26 -33.43 4.30 39.49
CA GLY Q 26 -33.75 5.61 40.02
C GLY Q 26 -32.59 6.35 40.68
N ILE Q 27 -31.37 5.96 40.32
CA ILE Q 27 -30.17 6.60 40.84
C ILE Q 27 -29.26 7.01 39.67
N ARG Q 28 -28.40 8.01 39.89
CA ARG Q 28 -27.50 8.48 38.85
C ARG Q 28 -26.05 8.28 39.24
N GLN Q 29 -25.15 8.65 38.32
CA GLN Q 29 -23.73 8.43 38.53
C GLN Q 29 -23.29 9.00 39.88
N ASP Q 30 -23.39 10.34 39.99
CA ASP Q 30 -22.93 11.08 41.18
C ASP Q 30 -23.71 10.71 42.46
N GLY Q 31 -24.97 10.34 42.32
CA GLY Q 31 -25.70 9.81 43.45
C GLY Q 31 -27.11 10.31 43.65
N ARG Q 32 -27.46 11.39 42.96
CA ARG Q 32 -28.78 12.01 43.10
C ARG Q 32 -29.89 11.21 42.39
N LYS Q 33 -31.12 11.43 42.87
CA LYS Q 33 -32.32 10.86 42.28
C LYS Q 33 -32.61 11.52 40.92
N LEU Q 34 -33.45 10.86 40.14
CA LEU Q 34 -33.78 11.33 38.79
C LEU Q 34 -34.30 12.77 38.75
N THR Q 35 -34.78 13.27 39.87
CA THR Q 35 -35.42 14.60 39.90
C THR Q 35 -34.65 15.68 40.67
N ASP Q 36 -33.45 15.35 41.14
CA ASP Q 36 -32.66 16.25 41.99
C ASP Q 36 -31.85 17.24 41.18
N TYR Q 37 -31.74 18.47 41.68
CA TYR Q 37 -30.79 19.42 41.13
C TYR Q 37 -29.39 19.19 41.68
N ARG Q 38 -28.37 19.64 40.97
CA ARG Q 38 -27.00 19.57 41.47
C ARG Q 38 -26.77 20.61 42.57
N PRO Q 39 -25.69 20.44 43.37
CA PRO Q 39 -25.33 21.41 44.40
C PRO Q 39 -25.19 22.80 43.82
N LEU Q 40 -25.71 23.81 44.52
CA LEU Q 40 -25.78 25.18 44.00
C LEU Q 40 -25.02 26.21 44.85
N SER Q 41 -24.03 26.86 44.25
CA SER Q 41 -23.32 27.95 44.91
C SER Q 41 -23.61 29.26 44.20
N ILE Q 42 -23.88 30.30 44.98
CA ILE Q 42 -23.98 31.66 44.43
C ILE Q 42 -23.16 32.63 45.27
N THR Q 43 -22.21 33.29 44.60
CA THR Q 43 -21.41 34.36 45.17
C THR Q 43 -21.82 35.65 44.49
N LEU Q 44 -22.44 36.56 45.26
CA LEU Q 44 -22.86 37.84 44.73
C LEU Q 44 -21.71 38.82 44.72
N ASP Q 45 -21.81 39.80 43.81
CA ASP Q 45 -20.84 40.87 43.71
C ASP Q 45 -19.41 40.32 43.53
N TYR Q 46 -19.27 39.40 42.58
CA TYR Q 46 -17.98 38.78 42.33
C TYR Q 46 -17.08 39.65 41.46
N ALA Q 47 -17.63 40.18 40.35
CA ALA Q 47 -16.96 41.17 39.51
C ALA Q 47 -17.20 42.58 40.08
N LYS Q 48 -16.16 43.17 40.67
CA LYS Q 48 -16.33 44.40 41.46
C LYS Q 48 -16.66 45.64 40.64
N LYS Q 49 -16.18 45.69 39.40
CA LYS Q 49 -16.46 46.86 38.58
C LYS Q 49 -17.83 46.80 37.88
N ALA Q 50 -18.52 45.66 38.00
CA ALA Q 50 -19.88 45.54 37.51
C ALA Q 50 -20.78 46.33 38.42
N ASP Q 51 -21.91 46.77 37.91
CA ASP Q 51 -22.90 47.45 38.72
C ASP Q 51 -23.61 46.43 39.61
N GLY Q 52 -23.64 45.18 39.14
CA GLY Q 52 -24.10 44.04 39.93
C GLY Q 52 -23.65 42.76 39.24
N SER Q 53 -23.14 41.81 40.01
CA SER Q 53 -22.64 40.56 39.41
C SER Q 53 -22.95 39.35 40.26
N ALA Q 54 -22.88 38.18 39.67
CA ALA Q 54 -23.11 36.93 40.39
C ALA Q 54 -22.34 35.79 39.75
N LEU Q 55 -21.62 35.04 40.57
CA LEU Q 55 -20.92 33.84 40.09
C LEU Q 55 -21.65 32.61 40.61
N VAL Q 56 -22.16 31.81 39.68
CA VAL Q 56 -23.01 30.67 40.01
C VAL Q 56 -22.26 29.35 39.71
N LYS Q 57 -22.20 28.49 40.72
CA LYS Q 57 -21.72 27.14 40.50
C LYS Q 57 -22.86 26.17 40.67
N LEU Q 58 -23.34 25.62 39.56
CA LEU Q 58 -24.30 24.53 39.56
C LEU Q 58 -23.57 23.28 39.11
N GLY Q 59 -23.27 22.38 40.05
CA GLY Q 59 -22.39 21.24 39.75
C GLY Q 59 -21.04 21.72 39.27
N THR Q 60 -20.58 21.22 38.13
CA THR Q 60 -19.30 21.67 37.57
C THR Q 60 -19.45 22.86 36.63
N THR Q 61 -20.70 23.19 36.27
CA THR Q 61 -21.00 24.34 35.41
C THR Q 61 -20.77 25.63 36.15
N MET Q 62 -20.06 26.58 35.54
CA MET Q 62 -19.85 27.89 36.14
C MET Q 62 -20.23 29.01 35.21
N VAL Q 63 -21.13 29.87 35.68
CA VAL Q 63 -21.53 31.06 34.95
C VAL Q 63 -21.24 32.27 35.80
N LEU Q 64 -20.65 33.29 35.19
CA LEU Q 64 -20.51 34.60 35.83
C LEU Q 64 -21.32 35.58 35.01
N ALA Q 65 -22.27 36.24 35.64
CA ALA Q 65 -23.08 37.27 34.97
C ALA Q 65 -22.89 38.65 35.63
N GLY Q 66 -22.80 39.69 34.81
CA GLY Q 66 -22.60 41.02 35.34
C GLY Q 66 -23.41 42.05 34.60
N THR Q 67 -23.94 43.02 35.34
CA THR Q 67 -24.74 44.09 34.76
C THR Q 67 -23.93 45.37 34.71
N LYS Q 68 -24.22 46.18 33.72
CA LYS Q 68 -23.57 47.46 33.53
C LYS Q 68 -24.67 48.43 33.04
N LEU Q 69 -24.92 49.49 33.80
CA LEU Q 69 -26.01 50.42 33.52
C LEU Q 69 -25.58 51.64 32.74
N GLU Q 70 -26.39 52.09 31.79
CA GLU Q 70 -26.08 53.26 30.97
C GLU Q 70 -27.32 54.07 30.67
N ILE Q 71 -27.12 55.35 30.36
CA ILE Q 71 -28.23 56.23 30.00
C ILE Q 71 -28.25 56.50 28.49
N ASP Q 72 -29.28 56.03 27.81
CA ASP Q 72 -29.40 56.30 26.38
C ASP Q 72 -30.78 56.92 26.06
N LYS Q 73 -30.95 57.48 24.86
CA LYS Q 73 -32.28 57.88 24.36
C LYS Q 73 -33.11 56.62 24.05
N PRO Q 74 -34.37 56.58 24.52
CA PRO Q 74 -35.17 55.40 24.28
C PRO Q 74 -35.42 55.24 22.79
N TYR Q 75 -35.67 54.02 22.34
CA TYR Q 75 -35.87 53.82 20.92
C TYR Q 75 -37.08 54.62 20.44
N GLU Q 76 -37.10 54.92 19.15
CA GLU Q 76 -38.25 55.61 18.58
C GLU Q 76 -39.55 54.77 18.64
N ASP Q 77 -39.41 53.44 18.56
CA ASP Q 77 -40.55 52.53 18.65
C ASP Q 77 -41.12 52.46 20.09
N THR Q 78 -40.24 52.31 21.08
CA THR Q 78 -40.65 52.13 22.48
C THR Q 78 -40.23 53.33 23.34
N PRO Q 79 -41.00 54.44 23.29
CA PRO Q 79 -40.54 55.71 23.88
C PRO Q 79 -40.64 55.72 25.41
N ASN Q 80 -41.40 54.77 25.93
CA ASN Q 80 -41.74 54.73 27.34
C ASN Q 80 -41.13 53.56 28.11
N GLN Q 81 -39.99 53.11 27.61
CA GLN Q 81 -39.36 51.92 28.15
C GLN Q 81 -37.87 52.08 28.23
N GLY Q 82 -37.31 51.48 29.27
CA GLY Q 82 -35.88 51.26 29.34
C GLY Q 82 -35.49 50.06 28.48
N ASN Q 83 -34.20 49.78 28.40
CA ASN Q 83 -33.71 48.70 27.60
C ASN Q 83 -33.07 47.59 28.42
N LEU Q 84 -33.26 46.36 27.97
CA LEU Q 84 -32.52 45.24 28.52
C LEU Q 84 -31.80 44.53 27.39
N ILE Q 85 -30.49 44.44 27.45
CA ILE Q 85 -29.74 43.73 26.42
C ILE Q 85 -28.95 42.57 27.01
N VAL Q 86 -29.43 41.35 26.75
CA VAL Q 86 -28.81 40.14 27.28
C VAL Q 86 -27.79 39.65 26.28
N ASN Q 87 -26.69 39.12 26.78
CA ASN Q 87 -25.63 38.67 25.93
C ASN Q 87 -24.89 37.51 26.56
N VAL Q 88 -24.83 36.37 25.87
CA VAL Q 88 -24.17 35.18 26.42
C VAL Q 88 -22.89 34.85 25.68
N GLU Q 89 -21.93 34.32 26.41
CA GLU Q 89 -20.61 34.07 25.87
C GLU Q 89 -20.07 32.76 26.40
N LEU Q 90 -19.85 31.80 25.51
CA LEU Q 90 -19.25 30.53 25.87
C LEU Q 90 -17.74 30.64 25.66
N LEU Q 91 -16.94 30.07 26.56
CA LEU Q 91 -15.48 30.28 26.52
C LEU Q 91 -14.60 29.04 26.24
N PRO Q 92 -15.02 27.84 26.72
CA PRO Q 92 -14.21 26.62 26.52
C PRO Q 92 -13.96 26.25 25.05
N ASP Q 104 -21.76 33.28 18.31
CA ASP Q 104 -21.75 31.83 18.17
C ASP Q 104 -23.01 31.29 17.45
N GLU Q 105 -23.95 30.70 18.21
CA GLU Q 105 -25.20 30.09 17.71
C GLU Q 105 -25.93 29.49 18.88
N ASN Q 106 -25.22 28.77 19.71
CA ASN Q 106 -25.80 28.27 20.97
C ASN Q 106 -25.82 29.41 21.96
N ALA Q 107 -24.81 30.29 21.85
CA ALA Q 107 -24.70 31.46 22.68
C ALA Q 107 -25.89 32.36 22.40
N ILE Q 108 -26.10 32.65 21.12
CA ILE Q 108 -27.23 33.48 20.68
C ILE Q 108 -28.54 32.88 21.20
N GLU Q 109 -28.73 31.58 21.03
CA GLU Q 109 -29.94 30.90 21.48
C GLU Q 109 -30.10 30.96 23.01
N LEU Q 110 -28.99 30.84 23.73
CA LEU Q 110 -29.03 31.00 25.18
C LEU Q 110 -29.44 32.42 25.59
N ALA Q 111 -28.85 33.40 24.91
CA ALA Q 111 -29.16 34.81 25.16
C ALA Q 111 -30.64 35.08 25.00
N ARG Q 112 -31.22 34.61 23.90
CA ARG Q 112 -32.60 34.89 23.59
C ARG Q 112 -33.55 34.21 24.56
N VAL Q 113 -33.29 32.95 24.87
CA VAL Q 113 -34.14 32.21 25.80
C VAL Q 113 -34.17 32.87 27.19
N VAL Q 114 -33.02 33.26 27.73
CA VAL Q 114 -32.94 34.03 28.97
C VAL Q 114 -33.68 35.37 28.85
N ASP Q 115 -33.31 36.17 27.84
CA ASP Q 115 -33.97 37.45 27.58
C ASP Q 115 -35.49 37.28 27.63
N ARG Q 116 -36.01 36.40 26.79
CA ARG Q 116 -37.43 36.18 26.64
C ARG Q 116 -38.11 35.89 27.95
N SER Q 117 -37.46 35.11 28.81
CA SER Q 117 -38.11 34.71 30.04
C SER Q 117 -37.98 35.77 31.13
N LEU Q 118 -36.98 36.66 31.02
CA LEU Q 118 -36.89 37.83 31.91
C LEU Q 118 -37.86 38.96 31.53
N ARG Q 119 -38.12 39.09 30.23
CA ARG Q 119 -38.91 40.15 29.68
C ARG Q 119 -40.41 39.81 29.73
N ASP Q 120 -40.78 38.62 29.25
CA ASP Q 120 -42.17 38.20 29.17
C ASP Q 120 -42.79 37.98 30.54
N SER Q 121 -41.96 37.60 31.52
CA SER Q 121 -42.45 37.41 32.86
C SER Q 121 -42.68 38.76 33.48
N LYS Q 122 -42.01 39.76 32.92
CA LYS Q 122 -41.89 41.09 33.50
C LYS Q 122 -41.25 41.03 34.90
N ALA Q 123 -40.29 40.12 35.05
CA ALA Q 123 -39.51 40.05 36.28
C ALA Q 123 -38.73 41.35 36.45
N LEU Q 124 -38.23 41.88 35.33
CA LEU Q 124 -37.75 43.25 35.28
C LEU Q 124 -38.79 44.14 34.58
N ASP Q 125 -39.17 45.23 35.24
CA ASP Q 125 -40.12 46.15 34.67
C ASP Q 125 -39.36 47.25 33.95
N LEU Q 126 -39.40 47.21 32.62
CA LEU Q 126 -38.65 48.14 31.80
C LEU Q 126 -39.26 49.52 31.80
N THR Q 127 -40.56 49.61 32.05
CA THR Q 127 -41.25 50.89 32.04
C THR Q 127 -40.92 51.71 33.29
N LYS Q 128 -40.25 51.06 34.25
CA LYS Q 128 -39.75 51.72 35.44
C LYS Q 128 -38.32 52.23 35.30
N LEU Q 129 -37.68 51.91 34.18
CA LEU Q 129 -36.33 52.39 33.88
C LEU Q 129 -36.32 53.67 33.04
N VAL Q 130 -37.38 54.48 33.15
CA VAL Q 130 -37.47 55.75 32.44
C VAL Q 130 -37.03 56.87 33.37
N ILE Q 131 -36.17 57.76 32.88
CA ILE Q 131 -35.77 58.93 33.66
C ILE Q 131 -36.58 60.14 33.21
N GLU Q 132 -36.36 60.58 31.98
CA GLU Q 132 -37.24 61.55 31.29
C GLU Q 132 -37.88 60.88 30.05
N PRO Q 133 -39.21 60.66 30.09
CA PRO Q 133 -39.91 59.94 29.02
C PRO Q 133 -39.62 60.54 27.65
N GLY Q 134 -39.26 59.68 26.70
CA GLY Q 134 -38.91 60.15 25.36
C GLY Q 134 -37.53 60.78 25.26
N LYS Q 135 -36.99 61.28 26.37
CA LYS Q 135 -35.68 61.93 26.37
C LYS Q 135 -34.54 60.99 26.78
N SER Q 136 -34.65 60.38 27.96
CA SER Q 136 -33.58 59.52 28.48
C SER Q 136 -34.05 58.39 29.40
N VAL Q 137 -33.55 57.18 29.14
CA VAL Q 137 -33.88 55.98 29.90
C VAL Q 137 -32.63 55.18 30.24
N TRP Q 138 -32.77 54.26 31.19
CA TRP Q 138 -31.69 53.36 31.57
C TRP Q 138 -31.60 52.21 30.58
N THR Q 139 -30.38 51.80 30.24
CA THR Q 139 -30.18 50.60 29.46
C THR Q 139 -29.46 49.63 30.36
N VAL Q 140 -30.06 48.47 30.60
CA VAL Q 140 -29.40 47.43 31.40
C VAL Q 140 -28.63 46.45 30.52
N TRP Q 141 -27.30 46.53 30.55
CA TRP Q 141 -26.47 45.55 29.86
C TRP Q 141 -26.20 44.36 30.76
N LEU Q 142 -26.78 43.21 30.40
CA LEU Q 142 -26.53 41.96 31.11
C LEU Q 142 -25.58 41.13 30.28
N ASP Q 143 -24.45 40.77 30.85
CA ASP Q 143 -23.49 39.94 30.12
C ASP Q 143 -23.16 38.67 30.90
N VAL Q 144 -23.37 37.53 30.28
CA VAL Q 144 -23.31 36.25 30.95
C VAL Q 144 -22.17 35.44 30.35
N TYR Q 145 -21.24 35.03 31.21
CA TYR Q 145 -20.02 34.34 30.78
C TYR Q 145 -19.91 32.92 31.30
N VAL Q 146 -20.07 31.95 30.40
CA VAL Q 146 -19.92 30.55 30.75
C VAL Q 146 -18.42 30.20 30.79
N LEU Q 147 -17.92 29.90 31.99
CA LEU Q 147 -16.51 29.64 32.20
C LEU Q 147 -16.19 28.14 32.24
N ASP Q 148 -17.15 27.37 32.70
CA ASP Q 148 -16.97 25.93 32.82
C ASP Q 148 -18.22 25.29 32.26
N TYR Q 149 -18.08 24.53 31.18
CA TYR Q 149 -19.23 23.88 30.57
C TYR Q 149 -19.46 22.52 31.19
N GLY Q 150 -20.29 22.46 32.22
CA GLY Q 150 -20.51 21.21 32.95
C GLY Q 150 -21.87 20.60 32.68
N GLY Q 151 -22.54 21.10 31.64
CA GLY Q 151 -23.86 20.63 31.26
C GLY Q 151 -24.98 21.38 31.93
N ASN Q 152 -26.10 21.49 31.21
CA ASN Q 152 -27.26 22.28 31.63
C ASN Q 152 -26.90 23.74 31.88
N VAL Q 153 -26.20 24.32 30.90
CA VAL Q 153 -25.72 25.69 30.94
C VAL Q 153 -26.89 26.66 31.06
N LEU Q 154 -27.98 26.37 30.36
CA LEU Q 154 -29.17 27.24 30.40
C LEU Q 154 -29.72 27.55 31.80
N ASP Q 155 -29.81 26.53 32.65
CA ASP Q 155 -30.39 26.72 33.95
C ASP Q 155 -29.49 27.58 34.77
N ALA Q 156 -28.19 27.36 34.63
CA ALA Q 156 -27.20 28.14 35.35
C ALA Q 156 -27.19 29.60 34.87
N CYS Q 157 -27.41 29.80 33.57
CA CYS Q 157 -27.47 31.15 33.01
C CYS Q 157 -28.65 31.95 33.56
N THR Q 158 -29.84 31.36 33.57
CA THR Q 158 -31.00 32.01 34.14
C THR Q 158 -30.74 32.43 35.61
N LEU Q 159 -30.10 31.54 36.37
CA LEU Q 159 -29.77 31.82 37.76
C LEU Q 159 -28.78 32.98 37.91
N ALA Q 160 -27.65 32.87 37.23
CA ALA Q 160 -26.66 33.93 37.20
C ALA Q 160 -27.27 35.27 36.81
N SER Q 161 -28.08 35.28 35.76
CA SER Q 161 -28.76 36.49 35.28
C SER Q 161 -29.63 37.12 36.37
N VAL Q 162 -30.65 36.38 36.79
CA VAL Q 162 -31.51 36.80 37.87
C VAL Q 162 -30.70 37.32 39.06
N ALA Q 163 -29.70 36.56 39.50
CA ALA Q 163 -28.87 36.97 40.64
C ALA Q 163 -28.10 38.26 40.38
N ALA Q 164 -27.58 38.40 39.16
CA ALA Q 164 -26.85 39.61 38.77
C ALA Q 164 -27.75 40.83 38.78
N LEU Q 165 -29.00 40.66 38.38
CA LEU Q 165 -29.93 41.76 38.36
C LEU Q 165 -30.29 42.15 39.76
N TYR Q 166 -30.43 41.16 40.65
CA TYR Q 166 -30.81 41.42 42.05
C TYR Q 166 -29.69 42.09 42.85
N ASN Q 167 -28.46 41.93 42.34
CA ASN Q 167 -27.29 42.52 42.95
C ASN Q 167 -27.00 43.93 42.43
N THR Q 168 -27.68 44.32 41.36
CA THR Q 168 -27.40 45.56 40.67
C THR Q 168 -27.73 46.80 41.50
N LYS Q 169 -26.80 47.76 41.49
CA LYS Q 169 -26.94 49.04 42.17
C LYS Q 169 -27.14 50.16 41.17
N VAL Q 170 -28.19 50.95 41.37
CA VAL Q 170 -28.48 52.12 40.52
C VAL Q 170 -27.94 53.40 41.12
N TYR Q 171 -27.44 54.29 40.26
CA TYR Q 171 -26.74 55.47 40.73
C TYR Q 171 -27.54 56.77 40.63
N LYS Q 172 -27.02 57.84 41.27
CA LYS Q 172 -27.65 59.15 41.21
C LYS Q 172 -27.54 59.75 39.80
N VAL Q 173 -28.64 60.33 39.34
CA VAL Q 173 -28.70 60.95 38.01
C VAL Q 173 -28.60 62.48 38.09
N GLU Q 174 -27.47 63.01 37.61
CA GLU Q 174 -27.18 64.45 37.66
C GLU Q 174 -27.81 65.21 36.48
N GLN Q 175 -28.97 65.83 36.73
CA GLN Q 175 -29.74 66.62 35.76
C GLN Q 175 -29.52 68.14 35.88
N ILE Q 180 -28.71 63.60 32.57
CA ILE Q 180 -27.73 64.56 32.06
C ILE Q 180 -26.29 64.28 32.54
N SER Q 181 -26.16 63.31 33.45
CA SER Q 181 -24.88 62.80 33.95
C SER Q 181 -25.13 61.73 35.02
N VAL Q 182 -24.22 60.76 35.13
CA VAL Q 182 -24.31 59.78 36.20
C VAL Q 182 -23.22 60.06 37.25
N ASN Q 183 -23.61 60.16 38.52
CA ASN Q 183 -22.63 60.29 39.62
C ASN Q 183 -22.43 58.92 40.31
N LYS Q 184 -21.44 58.16 39.84
CA LYS Q 184 -21.30 56.73 40.16
C LYS Q 184 -20.82 56.32 41.56
N ASN Q 185 -20.72 57.28 42.48
CA ASN Q 185 -20.37 56.95 43.87
C ASN Q 185 -21.48 57.25 44.91
N GLU Q 186 -22.64 57.69 44.41
CA GLU Q 186 -23.85 57.78 45.22
C GLU Q 186 -24.86 56.75 44.71
N VAL Q 187 -25.25 55.83 45.60
CA VAL Q 187 -26.18 54.76 45.25
C VAL Q 187 -27.61 55.13 45.63
N VAL Q 188 -28.47 55.26 44.62
CA VAL Q 188 -29.86 55.64 44.81
C VAL Q 188 -30.73 54.47 45.26
N GLY Q 189 -30.63 53.35 44.56
CA GLY Q 189 -31.42 52.16 44.88
C GLY Q 189 -31.07 50.97 44.02
N LYS Q 190 -32.02 50.07 43.87
CA LYS Q 190 -31.80 48.89 43.07
C LYS Q 190 -32.72 48.89 41.85
N LEU Q 191 -32.69 47.80 41.08
CA LEU Q 191 -33.51 47.66 39.89
C LEU Q 191 -34.98 47.37 40.23
N PRO Q 192 -35.91 47.87 39.38
CA PRO Q 192 -37.32 47.53 39.50
C PRO Q 192 -37.57 46.06 39.14
N LEU Q 193 -37.39 45.17 40.11
CA LEU Q 193 -37.55 43.75 39.91
C LEU Q 193 -38.76 43.25 40.64
N ASN Q 194 -39.70 42.67 39.90
CA ASN Q 194 -40.93 42.15 40.47
C ASN Q 194 -40.75 40.84 41.23
N TYR Q 195 -40.01 39.91 40.63
CA TYR Q 195 -39.72 38.61 41.23
C TYR Q 195 -38.58 37.91 40.49
N PRO Q 196 -37.91 36.92 41.15
CA PRO Q 196 -37.00 36.04 40.43
C PRO Q 196 -37.71 35.07 39.49
N VAL Q 197 -36.95 34.46 38.59
CA VAL Q 197 -37.46 33.51 37.61
C VAL Q 197 -36.49 32.34 37.59
N VAL Q 198 -37.00 31.12 37.58
CA VAL Q 198 -36.12 29.95 37.39
C VAL Q 198 -36.39 29.18 36.09
N THR Q 199 -35.33 28.66 35.48
CA THR Q 199 -35.50 27.77 34.34
C THR Q 199 -35.06 26.39 34.74
N ILE Q 200 -35.94 25.41 34.49
CA ILE Q 200 -35.67 24.02 34.82
C ILE Q 200 -35.68 23.18 33.56
N SER Q 201 -34.54 22.56 33.30
CA SER Q 201 -34.36 21.66 32.17
C SER Q 201 -34.55 20.21 32.60
N VAL Q 202 -35.36 19.50 31.82
CA VAL Q 202 -35.61 18.09 32.03
C VAL Q 202 -35.12 17.36 30.79
N ALA Q 203 -34.14 16.47 30.97
CA ALA Q 203 -33.63 15.68 29.85
C ALA Q 203 -34.39 14.38 29.70
N LYS Q 204 -34.52 13.92 28.46
CA LYS Q 204 -35.18 12.64 28.18
C LYS Q 204 -34.12 11.64 27.69
N VAL Q 205 -33.58 10.85 28.62
CA VAL Q 205 -32.57 9.87 28.29
C VAL Q 205 -33.25 8.53 28.27
N ASP Q 206 -33.18 7.86 27.12
CA ASP Q 206 -33.82 6.54 26.94
C ASP Q 206 -35.33 6.65 27.08
N LYS Q 207 -35.85 6.17 28.22
CA LYS Q 207 -37.27 6.26 28.53
C LYS Q 207 -37.47 6.90 29.90
N TYR Q 208 -36.47 7.63 30.38
CA TYR Q 208 -36.50 8.26 31.70
C TYR Q 208 -36.44 9.75 31.56
N LEU Q 209 -37.07 10.45 32.48
CA LEU Q 209 -36.94 11.91 32.55
C LEU Q 209 -36.06 12.32 33.71
N VAL Q 210 -35.10 13.18 33.43
CA VAL Q 210 -34.02 13.49 34.37
C VAL Q 210 -33.86 15.00 34.52
N VAL Q 211 -34.01 15.48 35.76
CA VAL Q 211 -33.90 16.91 36.05
C VAL Q 211 -32.45 17.38 36.12
N ASP Q 212 -32.15 18.53 35.51
CA ASP Q 212 -30.80 19.10 35.49
C ASP Q 212 -29.78 18.03 35.08
N PRO Q 213 -29.65 17.77 33.78
CA PRO Q 213 -28.68 16.78 33.31
C PRO Q 213 -27.24 17.30 33.39
N ASP Q 214 -26.30 16.45 33.80
CA ASP Q 214 -24.89 16.83 33.83
C ASP Q 214 -24.24 16.71 32.44
N LEU Q 215 -22.91 16.80 32.38
CA LEU Q 215 -22.20 16.72 31.12
C LEU Q 215 -22.41 15.38 30.39
N ASP Q 216 -22.27 14.28 31.12
CA ASP Q 216 -22.50 12.94 30.57
C ASP Q 216 -23.93 12.68 30.09
N GLU Q 217 -24.90 13.08 30.92
CA GLU Q 217 -26.32 12.86 30.64
C GLU Q 217 -26.79 13.63 29.40
N GLU Q 218 -26.21 14.80 29.17
CA GLU Q 218 -26.57 15.62 28.03
C GLU Q 218 -26.10 15.03 26.74
N SER Q 219 -25.00 14.27 26.78
CA SER Q 219 -24.47 13.69 25.55
C SER Q 219 -25.09 12.33 25.18
N ILE Q 220 -25.89 11.76 26.08
CA ILE Q 220 -26.63 10.51 25.79
C ILE Q 220 -28.14 10.71 25.64
N MET Q 221 -28.63 11.91 25.95
CA MET Q 221 -30.06 12.22 25.92
C MET Q 221 -30.58 12.31 24.49
N ASP Q 222 -31.88 12.09 24.32
CA ASP Q 222 -32.55 12.25 23.03
C ASP Q 222 -32.77 13.72 22.76
N ALA Q 223 -33.42 14.40 23.70
CA ALA Q 223 -33.65 15.83 23.65
C ALA Q 223 -33.91 16.32 25.08
N LYS Q 224 -33.74 17.62 25.31
CA LYS Q 224 -34.13 18.18 26.60
C LYS Q 224 -35.14 19.29 26.41
N ILE Q 225 -35.98 19.53 27.42
CA ILE Q 225 -36.97 20.60 27.36
C ILE Q 225 -36.83 21.47 28.60
N SER Q 226 -36.91 22.79 28.42
CA SER Q 226 -36.62 23.72 29.50
C SER Q 226 -37.82 24.56 29.78
N PHE Q 227 -38.23 24.60 31.05
CA PHE Q 227 -39.39 25.37 31.49
C PHE Q 227 -38.98 26.52 32.39
N SER Q 228 -39.49 27.72 32.10
CA SER Q 228 -39.25 28.91 32.91
C SER Q 228 -40.46 29.19 33.78
N TYR Q 229 -40.23 29.46 35.06
CA TYR Q 229 -41.32 29.71 36.01
C TYR Q 229 -41.17 31.00 36.83
N THR Q 230 -42.30 31.67 37.07
CA THR Q 230 -42.37 32.75 38.05
C THR Q 230 -42.72 32.10 39.37
N PRO Q 231 -42.46 32.79 40.50
CA PRO Q 231 -42.69 32.19 41.83
C PRO Q 231 -44.12 31.75 42.06
N ASP Q 232 -45.09 32.35 41.36
CA ASP Q 232 -46.45 31.84 41.43
C ASP Q 232 -46.73 30.68 40.48
N LEU Q 233 -45.66 30.11 39.91
CA LEU Q 233 -45.72 28.91 39.07
C LEU Q 233 -46.52 29.07 37.78
N LYS Q 234 -46.34 30.21 37.15
CA LYS Q 234 -46.84 30.44 35.81
C LYS Q 234 -45.72 30.07 34.84
N ILE Q 235 -46.02 29.31 33.79
CA ILE Q 235 -45.02 28.97 32.77
C ILE Q 235 -44.78 30.23 31.97
N VAL Q 236 -43.51 30.56 31.80
CA VAL Q 236 -43.12 31.86 31.26
C VAL Q 236 -42.19 31.73 30.04
N GLY Q 237 -41.79 30.50 29.76
CA GLY Q 237 -40.98 30.17 28.60
C GLY Q 237 -40.73 28.68 28.49
N ILE Q 238 -40.88 28.13 27.29
CA ILE Q 238 -40.50 26.76 27.04
C ILE Q 238 -39.58 26.66 25.82
N GLN Q 239 -38.51 25.86 25.96
CA GLN Q 239 -37.58 25.62 24.87
C GLN Q 239 -37.18 24.15 24.75
N LYS Q 240 -37.72 23.45 23.75
CA LYS Q 240 -37.21 22.14 23.41
C LYS Q 240 -35.86 22.31 22.72
N SER Q 241 -34.93 21.42 23.01
CA SER Q 241 -33.55 21.55 22.59
C SER Q 241 -32.92 20.17 22.52
N GLY Q 242 -32.12 19.93 21.48
CA GLY Q 242 -31.45 18.64 21.31
C GLY Q 242 -31.79 17.99 19.99
N LYS Q 243 -30.91 17.10 19.59
CA LYS Q 243 -30.93 16.52 18.26
C LYS Q 243 -31.93 15.34 18.10
N GLY Q 244 -32.81 15.16 19.08
CA GLY Q 244 -33.84 14.09 19.05
C GLY Q 244 -35.26 14.55 19.32
N SER Q 245 -36.15 13.58 19.52
CA SER Q 245 -37.55 13.90 19.74
C SER Q 245 -38.06 13.39 21.08
N MET Q 246 -39.26 13.85 21.45
CA MET Q 246 -39.86 13.56 22.72
C MET Q 246 -41.34 13.26 22.52
N SER Q 247 -41.90 12.33 23.28
CA SER Q 247 -43.30 11.97 23.10
C SER Q 247 -44.24 12.99 23.75
N LEU Q 248 -45.53 12.86 23.47
CA LEU Q 248 -46.52 13.79 24.02
C LEU Q 248 -46.64 13.66 25.53
N GLN Q 249 -46.83 12.43 26.00
CA GLN Q 249 -46.89 12.16 27.44
C GLN Q 249 -45.56 12.51 28.17
N ASP Q 250 -44.47 12.58 27.41
CA ASP Q 250 -43.16 12.95 27.96
C ASP Q 250 -43.13 14.42 28.36
N ILE Q 251 -43.53 15.28 27.44
CA ILE Q 251 -43.54 16.72 27.69
C ILE Q 251 -44.51 17.06 28.84
N ASP Q 252 -45.64 16.36 28.87
CA ASP Q 252 -46.62 16.49 29.94
C ASP Q 252 -45.97 16.17 31.29
N GLN Q 253 -45.45 14.96 31.43
CA GLN Q 253 -44.76 14.52 32.66
C GLN Q 253 -43.59 15.43 33.02
N ALA Q 254 -42.80 15.80 32.00
CA ALA Q 254 -41.64 16.65 32.19
C ALA Q 254 -42.04 17.91 32.94
N GLU Q 255 -43.11 18.55 32.49
CA GLU Q 255 -43.52 19.82 33.08
C GLU Q 255 -43.99 19.68 34.53
N ASN Q 256 -44.66 18.58 34.87
CA ASN Q 256 -45.01 18.30 36.27
C ASN Q 256 -43.77 18.26 37.15
N THR Q 257 -42.79 17.47 36.69
CA THR Q 257 -41.53 17.31 37.37
C THR Q 257 -40.84 18.66 37.46
N ALA Q 258 -40.71 19.33 36.31
CA ALA Q 258 -40.08 20.66 36.22
C ALA Q 258 -40.66 21.67 37.21
N ARG Q 259 -41.98 21.66 37.37
CA ARG Q 259 -42.68 22.61 38.20
C ARG Q 259 -42.54 22.31 39.68
N SER Q 260 -42.61 21.03 40.06
CA SER Q 260 -42.44 20.70 41.49
C SER Q 260 -40.98 20.88 41.94
N THR Q 261 -40.08 20.86 40.95
CA THR Q 261 -38.66 21.17 41.16
C THR Q 261 -38.50 22.67 41.35
N ALA Q 262 -39.16 23.45 40.49
CA ALA Q 262 -39.09 24.91 40.51
C ALA Q 262 -39.33 25.51 41.89
N VAL Q 263 -40.23 24.91 42.66
CA VAL Q 263 -40.55 25.39 43.99
C VAL Q 263 -39.32 25.31 44.90
N LYS Q 264 -38.68 24.16 44.95
CA LYS Q 264 -37.44 24.03 45.73
C LYS Q 264 -36.33 24.96 45.25
N LEU Q 265 -36.06 24.95 43.94
CA LEU Q 265 -35.03 25.81 43.36
C LEU Q 265 -35.25 27.31 43.63
N LEU Q 266 -36.51 27.74 43.57
CA LEU Q 266 -36.84 29.14 43.86
C LEU Q 266 -36.52 29.49 45.30
N GLU Q 267 -36.80 28.56 46.21
CA GLU Q 267 -36.61 28.75 47.66
C GLU Q 267 -35.13 28.86 47.95
N GLU Q 268 -34.34 28.05 47.26
CA GLU Q 268 -32.91 28.06 47.42
C GLU Q 268 -32.25 29.28 46.78
N LEU Q 269 -32.70 29.64 45.58
CA LEU Q 269 -32.25 30.89 44.93
C LEU Q 269 -32.47 32.09 45.83
N LYS Q 270 -33.64 32.17 46.47
CA LYS Q 270 -33.99 33.31 47.33
C LYS Q 270 -33.09 33.40 48.56
N LYS Q 271 -32.73 32.25 49.13
CA LYS Q 271 -31.83 32.22 50.29
C LYS Q 271 -30.49 32.84 49.94
N HIS Q 272 -29.99 32.52 48.75
CA HIS Q 272 -28.75 33.11 48.25
C HIS Q 272 -28.83 34.62 48.04
N LEU Q 273 -29.92 35.15 47.49
CA LEU Q 273 -30.00 36.60 47.27
C LEU Q 273 -30.19 37.37 48.57
N GLY Q 274 -30.85 36.72 49.52
CA GLY Q 274 -31.34 37.38 50.72
C GLY Q 274 -32.80 37.71 50.48
N ILE Q 275 -33.57 36.66 50.13
CA ILE Q 275 -34.95 36.79 49.64
C ILE Q 275 -35.02 37.64 48.33
N MET R 1 -62.93 61.06 35.75
CA MET R 1 -61.71 61.89 35.86
C MET R 1 -60.45 61.07 35.48
N ARG R 2 -60.33 59.86 36.03
CA ARG R 2 -59.10 59.07 35.88
C ARG R 2 -58.78 58.92 34.39
N GLU R 3 -59.82 58.54 33.64
CA GLU R 3 -59.86 58.64 32.18
C GLU R 3 -61.33 58.71 31.67
N MET R 4 -62.26 57.88 32.18
CA MET R 4 -61.99 56.55 32.72
C MET R 4 -62.04 55.85 31.40
N LEU R 5 -60.86 55.49 30.89
CA LEU R 5 -60.67 55.08 29.50
C LEU R 5 -59.62 53.97 29.36
N GLN R 6 -59.74 53.20 28.28
CA GLN R 6 -59.33 51.78 28.22
C GLN R 6 -57.92 51.39 27.70
N VAL R 7 -57.71 50.07 27.67
CA VAL R 7 -56.50 49.43 27.16
C VAL R 7 -56.17 49.84 25.72
N GLU R 8 -54.88 49.97 25.42
CA GLU R 8 -54.44 50.46 24.11
C GLU R 8 -54.46 49.36 23.05
N ARG R 9 -54.01 48.18 23.42
CA ARG R 9 -53.92 47.03 22.51
C ARG R 9 -55.31 46.44 22.17
N PRO R 10 -55.51 46.11 20.88
CA PRO R 10 -56.76 45.72 20.22
C PRO R 10 -57.38 44.45 20.76
N LYS R 11 -58.70 44.34 20.62
CA LYS R 11 -59.42 43.12 20.95
C LYS R 11 -59.10 42.04 19.91
N LEU R 12 -58.80 40.84 20.40
CA LEU R 12 -58.39 39.77 19.54
C LEU R 12 -59.50 38.79 19.27
N ILE R 13 -60.42 38.68 20.22
CA ILE R 13 -61.65 37.93 20.02
C ILE R 13 -62.78 38.95 19.82
N LEU R 14 -63.51 38.82 18.73
CA LEU R 14 -64.49 39.82 18.35
C LEU R 14 -65.92 39.25 18.33
N ASP R 15 -66.73 39.74 17.39
CA ASP R 15 -68.14 39.32 17.25
C ASP R 15 -68.27 37.82 16.92
N ASP R 16 -69.41 37.24 17.31
CA ASP R 16 -69.63 35.78 17.41
C ASP R 16 -68.56 35.16 18.30
N GLY R 17 -68.03 33.99 17.94
CA GLY R 17 -66.89 33.44 18.69
C GLY R 17 -65.55 33.96 18.18
N LYS R 18 -65.59 34.78 17.13
CA LYS R 18 -64.52 34.88 16.12
C LYS R 18 -63.36 35.85 16.37
N ARG R 19 -62.33 35.70 15.53
CA ARG R 19 -61.07 36.44 15.63
C ARG R 19 -60.98 37.59 14.62
N THR R 20 -59.82 38.24 14.57
CA THR R 20 -59.58 39.39 13.72
C THR R 20 -59.68 39.09 12.23
N ASP R 21 -59.36 37.86 11.85
CA ASP R 21 -59.46 37.44 10.46
C ASP R 21 -60.70 36.60 10.17
N GLY R 22 -61.67 36.65 11.08
CA GLY R 22 -62.97 35.98 10.91
C GLY R 22 -62.96 34.49 11.17
N ARG R 23 -61.90 34.00 11.81
CA ARG R 23 -61.80 32.59 12.18
C ARG R 23 -62.25 32.34 13.62
N LYS R 24 -62.87 31.17 13.83
CA LYS R 24 -63.16 30.67 15.17
C LYS R 24 -61.84 30.29 15.84
N PRO R 25 -61.80 30.18 17.18
CA PRO R 25 -60.56 29.83 17.87
C PRO R 25 -59.97 28.46 17.49
N ASP R 26 -60.78 27.58 16.88
CA ASP R 26 -60.33 26.24 16.49
C ASP R 26 -60.30 25.96 14.98
N GLU R 27 -59.97 26.99 14.18
CA GLU R 27 -59.85 26.88 12.72
C GLU R 27 -58.45 27.22 12.22
N LEU R 28 -57.95 26.41 11.29
CA LEU R 28 -56.67 26.69 10.62
C LEU R 28 -56.86 27.74 9.55
N ARG R 29 -55.76 28.33 9.12
CA ARG R 29 -55.77 29.19 7.95
C ARG R 29 -55.82 28.31 6.72
N SER R 30 -55.98 28.91 5.55
CA SER R 30 -55.97 28.15 4.29
C SER R 30 -54.57 27.59 4.01
N ILE R 31 -54.53 26.36 3.52
CA ILE R 31 -53.26 25.72 3.24
C ILE R 31 -53.08 25.47 1.74
N LYS R 32 -51.87 25.75 1.25
CA LYS R 32 -51.48 25.42 -0.11
C LYS R 32 -50.07 24.81 -0.12
N ILE R 33 -49.93 23.63 -0.73
CA ILE R 33 -48.65 22.93 -0.82
C ILE R 33 -48.38 22.51 -2.25
N GLU R 34 -47.18 22.79 -2.73
CA GLU R 34 -46.77 22.17 -3.98
C GLU R 34 -45.30 21.72 -3.98
N LEU R 35 -45.11 20.60 -4.65
CA LEU R 35 -43.84 19.88 -4.63
C LEU R 35 -43.09 19.91 -5.96
N GLY R 36 -41.78 19.84 -5.89
CA GLY R 36 -40.94 19.77 -7.07
C GLY R 36 -41.08 21.00 -7.95
N VAL R 37 -41.11 22.15 -7.31
CA VAL R 37 -41.32 23.38 -8.05
C VAL R 37 -40.01 23.95 -8.62
N LEU R 38 -38.89 23.59 -8.01
CA LEU R 38 -37.56 23.99 -8.50
C LEU R 38 -36.92 22.85 -9.30
N LYS R 39 -36.59 23.12 -10.56
CA LYS R 39 -35.96 22.14 -11.45
C LYS R 39 -34.56 21.70 -10.99
N ASN R 40 -33.70 22.66 -10.68
CA ASN R 40 -32.28 22.40 -10.40
C ASN R 40 -31.94 22.01 -8.95
N ALA R 41 -32.96 21.90 -8.11
CA ALA R 41 -32.81 21.32 -6.78
C ALA R 41 -33.08 19.82 -6.85
N ASP R 42 -32.63 19.07 -5.85
CA ASP R 42 -32.93 17.65 -5.84
C ASP R 42 -34.30 17.40 -5.22
N GLY R 43 -34.76 18.37 -4.44
CA GLY R 43 -36.11 18.36 -3.91
C GLY R 43 -36.52 19.75 -3.53
N SER R 44 -37.76 20.11 -3.82
CA SER R 44 -38.27 21.43 -3.50
C SER R 44 -39.73 21.41 -3.10
N ALA R 45 -40.18 22.45 -2.41
CA ALA R 45 -41.57 22.58 -2.04
C ALA R 45 -41.91 24.02 -1.67
N ILE R 46 -43.14 24.43 -1.99
CA ILE R 46 -43.70 25.69 -1.50
C ILE R 46 -44.85 25.37 -0.53
N PHE R 47 -44.83 25.97 0.65
CA PHE R 47 -45.89 25.77 1.61
C PHE R 47 -46.48 27.14 1.95
N GLU R 48 -47.81 27.29 1.87
CA GLU R 48 -48.49 28.51 2.33
C GLU R 48 -49.54 28.25 3.40
N MET R 49 -49.32 28.79 4.59
CA MET R 49 -50.38 28.85 5.61
C MET R 49 -50.97 30.26 5.64
N GLY R 50 -52.17 30.40 5.09
CA GLY R 50 -52.78 31.70 4.98
C GLY R 50 -51.86 32.62 4.20
N ASN R 51 -51.28 33.59 4.89
CA ASN R 51 -50.41 34.55 4.23
C ASN R 51 -48.93 34.28 4.43
N THR R 52 -48.58 33.19 5.09
CA THR R 52 -47.19 32.88 5.33
C THR R 52 -46.72 31.87 4.33
N LYS R 53 -45.72 32.26 3.55
CA LYS R 53 -45.40 31.52 2.35
C LYS R 53 -43.90 31.24 2.19
N ALA R 54 -43.53 29.96 2.33
CA ALA R 54 -42.13 29.61 2.36
C ALA R 54 -41.81 28.71 1.19
N ILE R 55 -40.60 28.87 0.66
CA ILE R 55 -40.04 27.96 -0.35
C ILE R 55 -38.81 27.24 0.22
N ALA R 56 -38.72 25.94 -0.03
CA ALA R 56 -37.62 25.16 0.46
C ALA R 56 -36.97 24.32 -0.63
N ALA R 57 -35.65 24.39 -0.72
CA ALA R 57 -34.89 23.60 -1.69
C ALA R 57 -33.94 22.67 -0.94
N VAL R 58 -33.75 21.48 -1.47
CA VAL R 58 -32.81 20.53 -0.90
C VAL R 58 -31.81 20.15 -1.96
N TYR R 59 -30.53 20.25 -1.62
CA TYR R 59 -29.49 19.74 -2.50
C TYR R 59 -28.85 18.48 -1.92
N GLY R 60 -29.24 17.36 -2.53
CA GLY R 60 -29.24 16.00 -1.95
C GLY R 60 -27.90 15.44 -1.55
N PRO R 61 -27.89 14.29 -0.84
CA PRO R 61 -26.65 13.80 -0.19
C PRO R 61 -25.43 13.92 -1.09
N LYS R 62 -24.39 14.57 -0.58
CA LYS R 62 -23.19 14.88 -1.36
C LYS R 62 -21.97 14.96 -0.43
N GLU R 63 -20.82 14.45 -0.91
CA GLU R 63 -19.58 14.45 -0.13
C GLU R 63 -19.22 15.88 0.20
N MET R 64 -18.64 16.09 1.37
CA MET R 64 -18.54 17.43 1.92
C MET R 64 -17.27 18.22 1.56
N HIS R 65 -17.47 19.51 1.27
CA HIS R 65 -16.43 20.41 0.78
C HIS R 65 -15.10 20.27 1.55
N PRO R 66 -15.01 20.83 2.79
CA PRO R 66 -13.79 20.60 3.57
C PRO R 66 -13.98 19.37 4.46
N ARG R 67 -13.31 18.29 4.13
CA ARG R 67 -13.61 16.98 4.70
C ARG R 67 -13.52 16.89 6.23
N HIS R 68 -12.76 17.78 6.85
CA HIS R 68 -12.61 17.76 8.31
C HIS R 68 -13.87 18.14 9.04
N LEU R 69 -14.81 18.77 8.33
CA LEU R 69 -16.09 19.21 8.88
C LEU R 69 -17.21 18.18 8.72
N SER R 70 -16.93 17.12 7.96
CA SER R 70 -17.89 16.05 7.76
C SER R 70 -17.89 15.09 8.94
N LEU R 71 -18.90 14.23 8.99
CA LEU R 71 -19.01 13.25 10.07
C LEU R 71 -18.78 11.84 9.58
N PRO R 72 -18.06 11.03 10.37
CA PRO R 72 -17.70 9.67 9.98
C PRO R 72 -18.89 8.71 9.81
N ASP R 73 -19.96 8.95 10.57
CA ASP R 73 -21.09 8.02 10.67
C ASP R 73 -22.39 8.62 10.15
N ARG R 74 -22.45 9.95 10.14
CA ARG R 74 -23.68 10.70 9.82
C ARG R 74 -23.55 11.64 8.62
N ALA R 75 -24.67 12.03 8.06
CA ALA R 75 -24.69 13.17 7.16
C ALA R 75 -24.75 14.39 8.03
N VAL R 76 -24.21 15.50 7.53
CA VAL R 76 -24.29 16.76 8.23
C VAL R 76 -25.41 17.57 7.58
N LEU R 77 -26.44 17.91 8.35
CA LEU R 77 -27.48 18.77 7.82
C LEU R 77 -26.99 20.20 7.83
N ARG R 78 -27.26 20.93 6.76
CA ARG R 78 -26.98 22.36 6.70
C ARG R 78 -28.28 23.09 6.42
N VAL R 79 -28.78 23.85 7.40
CA VAL R 79 -30.10 24.44 7.30
C VAL R 79 -30.01 25.96 7.35
N ARG R 80 -30.73 26.64 6.46
CA ARG R 80 -30.73 28.09 6.44
C ARG R 80 -32.15 28.62 6.42
N TYR R 81 -32.56 29.30 7.50
CA TYR R 81 -33.86 29.96 7.55
C TYR R 81 -33.56 31.39 7.19
N HIS R 82 -34.30 31.94 6.22
CA HIS R 82 -34.09 33.30 5.79
C HIS R 82 -35.38 33.99 5.35
N MET R 83 -35.49 35.27 5.68
CA MET R 83 -36.62 36.10 5.25
C MET R 83 -36.25 37.07 4.15
N THR R 84 -36.97 37.04 3.04
CA THR R 84 -36.69 38.00 1.97
C THR R 84 -37.05 39.38 2.47
N PRO R 85 -36.29 40.42 2.05
CA PRO R 85 -36.54 41.78 2.54
C PRO R 85 -38.00 42.23 2.37
N PHE R 86 -38.71 41.63 1.42
CA PHE R 86 -40.07 42.00 1.08
C PHE R 86 -41.12 41.00 1.60
N SER R 87 -40.78 40.30 2.67
CA SER R 87 -41.69 39.31 3.23
C SER R 87 -42.57 39.95 4.28
N THR R 88 -42.16 41.12 4.76
CA THR R 88 -42.83 41.81 5.88
C THR R 88 -43.39 43.16 5.41
N ASP R 89 -44.11 43.89 6.23
CA ASP R 89 -44.67 45.14 5.70
C ASP R 89 -43.59 46.21 5.60
N GLU R 90 -42.66 46.18 6.56
CA GLU R 90 -41.50 47.06 6.56
C GLU R 90 -40.22 46.25 6.43
N ARG R 91 -39.40 46.74 5.52
CA ARG R 91 -38.30 45.97 4.94
C ARG R 91 -37.31 45.43 5.97
N LYS R 92 -37.37 44.13 6.27
CA LYS R 92 -36.34 43.49 7.11
C LYS R 92 -35.03 43.42 6.34
N ASN R 93 -33.95 43.81 7.01
CA ASN R 93 -32.57 43.76 6.49
C ASN R 93 -32.15 42.33 6.08
N PRO R 94 -31.56 42.18 4.88
CA PRO R 94 -31.14 40.86 4.38
C PRO R 94 -30.04 40.19 5.20
N ALA R 95 -29.18 40.99 5.84
CA ALA R 95 -28.13 40.50 6.75
C ALA R 95 -28.80 39.70 7.88
N PRO R 96 -28.26 38.50 8.20
CA PRO R 96 -28.94 37.59 9.12
C PRO R 96 -29.05 38.17 10.55
N SER R 97 -30.27 38.09 11.09
CA SER R 97 -30.60 38.61 12.41
C SER R 97 -30.45 37.52 13.45
N ARG R 98 -30.17 37.90 14.69
CA ARG R 98 -30.02 36.94 15.76
C ARG R 98 -31.21 35.98 15.78
N ARG R 99 -32.39 36.49 15.47
CA ARG R 99 -33.60 35.69 15.44
C ARG R 99 -33.56 34.65 14.31
N GLU R 100 -33.04 35.04 13.16
CA GLU R 100 -32.88 34.13 12.04
C GLU R 100 -31.85 33.05 12.39
N ILE R 101 -30.80 33.45 13.12
CA ILE R 101 -29.77 32.52 13.55
C ILE R 101 -30.32 31.46 14.51
N GLU R 102 -31.13 31.90 15.47
CA GLU R 102 -31.77 30.99 16.41
C GLU R 102 -32.74 30.08 15.70
N LEU R 103 -33.57 30.64 14.82
CA LEU R 103 -34.60 29.85 14.14
C LEU R 103 -33.98 28.77 13.29
N SER R 104 -32.84 29.06 12.68
CA SER R 104 -32.12 28.10 11.88
C SER R 104 -31.68 26.92 12.72
N LYS R 105 -31.12 27.20 13.88
CA LYS R 105 -30.68 26.13 14.79
C LYS R 105 -31.83 25.28 15.26
N VAL R 106 -32.97 25.91 15.51
CA VAL R 106 -34.14 25.21 16.01
C VAL R 106 -34.74 24.31 14.91
N ILE R 107 -34.85 24.85 13.69
CA ILE R 107 -35.30 24.08 12.54
C ILE R 107 -34.35 22.92 12.20
N ARG R 108 -33.04 23.15 12.29
CA ARG R 108 -32.10 22.09 11.99
C ARG R 108 -32.29 20.95 12.97
N GLU R 109 -32.24 21.27 14.25
CA GLU R 109 -32.40 20.26 15.28
C GLU R 109 -33.72 19.52 15.10
N ALA R 110 -34.74 20.23 14.64
CA ALA R 110 -36.02 19.62 14.37
C ALA R 110 -35.91 18.57 13.25
N LEU R 111 -35.24 18.92 12.17
CA LEU R 111 -35.09 18.02 11.01
C LEU R 111 -34.19 16.83 11.36
N GLU R 112 -33.20 17.09 12.21
CA GLU R 112 -32.25 16.07 12.57
C GLU R 112 -32.91 14.90 13.27
N SER R 113 -34.04 15.14 13.93
CA SER R 113 -34.76 14.06 14.58
C SER R 113 -35.57 13.24 13.59
N ALA R 114 -35.89 13.82 12.44
CA ALA R 114 -36.70 13.12 11.42
C ALA R 114 -35.86 12.45 10.35
N VAL R 115 -34.85 13.16 9.85
CA VAL R 115 -34.00 12.64 8.77
C VAL R 115 -33.01 11.56 9.25
N LEU R 116 -33.03 10.41 8.56
CA LEU R 116 -32.12 9.29 8.88
C LEU R 116 -30.68 9.53 8.39
N VAL R 117 -29.99 10.43 9.06
CA VAL R 117 -28.65 10.86 8.67
C VAL R 117 -27.62 9.74 8.77
N GLU R 118 -27.92 8.72 9.59
CA GLU R 118 -27.01 7.59 9.80
C GLU R 118 -26.76 6.83 8.50
N LEU R 119 -27.50 7.17 7.44
CA LEU R 119 -27.45 6.47 6.16
C LEU R 119 -26.46 7.04 5.17
N PHE R 120 -26.02 8.27 5.38
CA PHE R 120 -25.14 8.92 4.42
C PHE R 120 -23.90 9.51 5.10
N PRO R 121 -22.94 8.65 5.48
CA PRO R 121 -21.79 9.17 6.20
C PRO R 121 -20.90 9.95 5.25
N ARG R 122 -20.18 10.92 5.80
CA ARG R 122 -19.26 11.78 5.03
C ARG R 122 -19.95 12.67 4.01
N THR R 123 -21.26 12.82 4.13
CA THR R 123 -22.00 13.63 3.17
C THR R 123 -22.67 14.77 3.87
N ALA R 124 -23.13 15.75 3.08
CA ALA R 124 -23.88 16.89 3.60
C ALA R 124 -25.20 17.07 2.83
N ILE R 125 -26.30 17.23 3.56
CA ILE R 125 -27.57 17.56 2.96
C ILE R 125 -27.83 19.03 3.24
N ASP R 126 -27.85 19.84 2.20
CA ASP R 126 -28.13 21.26 2.39
C ASP R 126 -29.65 21.46 2.30
N VAL R 127 -30.25 22.18 3.25
CA VAL R 127 -31.68 22.56 3.19
C VAL R 127 -31.78 24.09 3.26
N PHE R 128 -32.16 24.72 2.16
CA PHE R 128 -32.32 26.17 2.16
C PHE R 128 -33.78 26.51 2.18
N THR R 129 -34.13 27.55 2.94
CA THR R 129 -35.53 27.92 3.17
C THR R 129 -35.69 29.43 3.09
N GLU R 130 -36.54 29.93 2.22
CA GLU R 130 -36.72 31.37 2.17
C GLU R 130 -38.20 31.73 2.40
N ILE R 131 -38.48 32.64 3.35
CA ILE R 131 -39.84 33.10 3.63
C ILE R 131 -40.18 34.23 2.66
N LEU R 132 -41.20 34.03 1.85
CA LEU R 132 -41.57 35.01 0.83
C LEU R 132 -42.65 35.98 1.31
N GLN R 133 -43.45 35.52 2.26
CA GLN R 133 -44.42 36.36 2.96
C GLN R 133 -44.48 35.90 4.41
N ALA R 134 -44.33 36.83 5.33
CA ALA R 134 -44.35 36.49 6.74
C ALA R 134 -45.62 37.02 7.38
N ASP R 135 -46.45 36.11 7.88
CA ASP R 135 -47.53 36.52 8.78
C ASP R 135 -47.74 35.56 9.93
N ALA R 136 -46.65 35.38 10.67
CA ALA R 136 -46.60 34.49 11.82
C ALA R 136 -46.62 33.00 11.47
N GLY R 137 -46.00 32.21 12.33
CA GLY R 137 -45.90 30.77 12.11
C GLY R 137 -44.89 30.45 11.04
N SER R 138 -44.07 31.44 10.67
CA SER R 138 -43.08 31.29 9.60
C SER R 138 -41.97 30.28 9.89
N ARG R 139 -41.68 30.06 11.16
CA ARG R 139 -40.70 29.05 11.51
C ARG R 139 -41.25 27.65 11.27
N LEU R 140 -42.56 27.51 11.34
CA LEU R 140 -43.20 26.23 11.11
C LEU R 140 -43.46 25.99 9.63
N VAL R 141 -43.88 27.04 8.93
CA VAL R 141 -44.17 26.93 7.51
C VAL R 141 -42.88 26.59 6.81
N SER R 142 -41.79 27.08 7.37
CA SER R 142 -40.47 26.83 6.82
C SER R 142 -40.06 25.38 7.05
N LEU R 143 -40.29 24.92 8.27
CA LEU R 143 -39.92 23.57 8.68
C LEU R 143 -40.68 22.51 7.89
N MET R 144 -41.97 22.73 7.72
CA MET R 144 -42.78 21.83 6.91
C MET R 144 -42.40 21.86 5.43
N ALA R 145 -42.12 23.04 4.88
CA ALA R 145 -41.68 23.14 3.49
C ALA R 145 -40.41 22.33 3.32
N ALA R 146 -39.54 22.41 4.33
CA ALA R 146 -38.30 21.66 4.35
C ALA R 146 -38.54 20.15 4.35
N SER R 147 -39.33 19.70 5.32
CA SER R 147 -39.68 18.28 5.48
C SER R 147 -40.21 17.69 4.19
N LEU R 148 -41.08 18.44 3.52
CA LEU R 148 -41.64 18.04 2.24
C LEU R 148 -40.59 18.06 1.15
N ALA R 149 -39.74 19.08 1.15
CA ALA R 149 -38.68 19.15 0.13
C ALA R 149 -37.72 17.96 0.23
N LEU R 150 -37.47 17.52 1.46
CA LEU R 150 -36.65 16.34 1.72
C LEU R 150 -37.33 15.12 1.16
N ALA R 151 -38.60 14.94 1.46
CA ALA R 151 -39.36 13.84 0.92
C ALA R 151 -39.35 13.85 -0.61
N ASP R 152 -39.41 15.05 -1.18
CA ASP R 152 -39.38 15.22 -2.63
C ASP R 152 -38.01 14.85 -3.17
N ALA R 153 -36.96 15.17 -2.41
CA ALA R 153 -35.58 14.78 -2.76
C ALA R 153 -35.35 13.28 -2.53
N GLY R 154 -36.38 12.59 -2.04
CA GLY R 154 -36.34 11.15 -1.88
C GLY R 154 -35.41 10.72 -0.78
N ILE R 155 -35.25 11.56 0.23
CA ILE R 155 -34.38 11.27 1.37
C ILE R 155 -35.17 10.62 2.49
N PRO R 156 -34.71 9.47 3.00
CA PRO R 156 -35.43 8.69 3.99
C PRO R 156 -35.62 9.41 5.32
N MET R 157 -36.83 9.39 5.85
CA MET R 157 -37.11 10.01 7.13
C MET R 157 -38.02 9.14 7.98
N ARG R 158 -37.95 9.31 9.29
CA ARG R 158 -38.80 8.55 10.21
C ARG R 158 -40.27 8.82 9.91
N ASP R 159 -40.58 10.08 9.64
CA ASP R 159 -41.93 10.55 9.37
C ASP R 159 -41.86 11.93 8.74
N LEU R 160 -42.98 12.42 8.25
CA LEU R 160 -43.08 13.81 7.84
C LEU R 160 -43.21 14.68 9.09
N ILE R 161 -42.87 15.96 8.98
CA ILE R 161 -43.08 16.90 10.07
C ILE R 161 -44.23 17.84 9.78
N ALA R 162 -45.20 17.92 10.70
CA ALA R 162 -46.34 18.83 10.60
C ALA R 162 -46.36 19.70 11.83
N GLY R 163 -46.73 20.97 11.67
CA GLY R 163 -46.72 21.90 12.80
C GLY R 163 -47.71 23.05 12.75
N VAL R 164 -48.21 23.44 13.93
CA VAL R 164 -49.00 24.66 14.13
C VAL R 164 -48.47 25.48 15.30
N ALA R 165 -48.69 26.79 15.22
CA ALA R 165 -48.55 27.65 16.38
C ALA R 165 -49.92 27.72 17.08
N VAL R 166 -49.93 27.39 18.37
CA VAL R 166 -51.10 27.57 19.19
C VAL R 166 -50.80 28.72 20.20
N GLY R 167 -51.80 29.49 20.58
CA GLY R 167 -51.55 30.63 21.47
C GLY R 167 -52.74 30.99 22.30
N LYS R 168 -52.65 32.09 23.04
CA LYS R 168 -53.75 32.44 23.91
C LYS R 168 -54.04 33.91 23.89
N ALA R 169 -54.95 34.31 23.00
CA ALA R 169 -55.25 35.71 22.71
C ALA R 169 -55.94 36.49 23.85
N ASP R 170 -57.26 36.48 23.94
CA ASP R 170 -57.90 37.25 25.02
C ASP R 170 -58.42 36.39 26.16
N GLY R 171 -57.46 35.69 26.75
CA GLY R 171 -57.75 34.64 27.71
C GLY R 171 -58.31 33.40 27.05
N VAL R 172 -58.49 33.45 25.73
CA VAL R 172 -58.99 32.31 24.96
C VAL R 172 -57.85 31.64 24.16
N ILE R 173 -57.80 30.31 24.22
CA ILE R 173 -56.80 29.54 23.47
C ILE R 173 -57.20 29.40 22.00
N ILE R 174 -56.29 29.81 21.11
CA ILE R 174 -56.54 29.88 19.68
C ILE R 174 -55.52 29.06 18.88
N LEU R 175 -55.90 28.66 17.67
CA LEU R 175 -55.07 27.81 16.85
C LEU R 175 -54.65 28.54 15.58
N ASP R 176 -53.35 28.49 15.30
CA ASP R 176 -52.74 29.10 14.10
C ASP R 176 -52.90 30.62 14.04
N LEU R 177 -51.86 31.35 14.49
CA LEU R 177 -51.92 32.80 14.73
C LEU R 177 -51.55 33.69 13.53
N ASN R 178 -51.92 34.97 13.53
CA ASN R 178 -51.38 35.91 12.54
C ASN R 178 -50.52 36.95 13.24
N GLU R 179 -49.76 37.75 12.47
CA GLU R 179 -48.90 38.80 13.05
C GLU R 179 -49.64 39.61 14.11
N THR R 180 -50.96 39.74 13.98
CA THR R 180 -51.76 40.51 14.95
C THR R 180 -51.93 39.74 16.26
N GLU R 181 -52.24 38.46 16.17
CA GLU R 181 -52.38 37.62 17.35
C GLU R 181 -51.02 37.30 17.97
N ASP R 182 -50.00 37.18 17.13
CA ASP R 182 -48.63 37.00 17.60
C ASP R 182 -48.18 38.23 18.38
N MET R 183 -48.49 39.43 17.87
CA MET R 183 -47.98 40.66 18.47
C MET R 183 -48.74 41.18 19.68
N TRP R 184 -49.99 40.78 19.86
CA TRP R 184 -50.76 41.27 21.00
C TRP R 184 -51.31 40.19 21.94
N GLY R 185 -51.16 38.93 21.55
CA GLY R 185 -51.63 37.81 22.37
C GLY R 185 -50.74 37.57 23.58
N GLU R 186 -51.33 37.00 24.63
CA GLU R 186 -50.60 36.72 25.86
C GLU R 186 -49.48 35.67 25.65
N ALA R 187 -49.71 34.73 24.72
CA ALA R 187 -48.79 33.60 24.48
C ALA R 187 -48.83 33.15 23.03
N ASP R 188 -47.73 32.54 22.60
CA ASP R 188 -47.48 32.08 21.24
C ASP R 188 -46.63 30.82 21.45
N MET R 189 -47.16 29.68 21.05
CA MET R 189 -46.48 28.40 21.28
C MET R 189 -46.43 27.56 20.00
N PRO R 190 -45.33 27.66 19.23
CA PRO R 190 -45.17 26.80 18.05
C PRO R 190 -44.84 25.36 18.45
N ILE R 191 -45.54 24.40 17.84
CA ILE R 191 -45.35 22.97 18.10
C ILE R 191 -45.23 22.24 16.77
N ALA R 192 -44.20 21.42 16.63
CA ALA R 192 -44.05 20.59 15.44
C ALA R 192 -43.88 19.12 15.81
N MET R 193 -44.59 18.24 15.09
CA MET R 193 -44.62 16.82 15.42
C MET R 193 -44.29 15.95 14.24
N MET R 194 -43.85 14.73 14.55
CA MET R 194 -43.92 13.61 13.62
C MET R 194 -45.18 12.81 13.99
N PRO R 195 -46.32 13.18 13.38
CA PRO R 195 -47.64 12.81 13.87
C PRO R 195 -47.86 11.30 14.01
N SER R 196 -47.32 10.53 13.09
CA SER R 196 -47.54 9.08 13.09
C SER R 196 -46.79 8.38 14.21
N LEU R 197 -45.75 9.06 14.74
CA LEU R 197 -44.94 8.53 15.83
C LEU R 197 -45.27 9.21 17.15
N ASN R 198 -46.11 10.25 17.09
CA ASN R 198 -46.41 11.12 18.23
C ASN R 198 -45.16 11.71 18.89
N GLN R 199 -44.24 12.15 18.04
CA GLN R 199 -42.97 12.67 18.49
C GLN R 199 -42.92 14.16 18.25
N VAL R 200 -42.62 14.91 19.30
CA VAL R 200 -42.48 16.34 19.19
C VAL R 200 -41.06 16.68 18.76
N THR R 201 -41.00 17.33 17.61
CA THR R 201 -39.78 17.63 16.91
C THR R 201 -39.30 19.02 17.27
N LEU R 202 -40.23 19.97 17.32
CA LEU R 202 -39.97 21.35 17.73
C LEU R 202 -40.98 21.75 18.78
N PHE R 203 -40.53 22.51 19.79
CA PHE R 203 -41.45 22.97 20.83
C PHE R 203 -40.96 24.22 21.50
N GLN R 204 -41.72 25.30 21.37
CA GLN R 204 -41.36 26.58 21.98
C GLN R 204 -42.56 27.30 22.56
N LEU R 205 -42.31 28.16 23.53
CA LEU R 205 -43.34 29.08 24.02
C LEU R 205 -42.75 30.43 24.43
N ASN R 206 -43.20 31.49 23.77
CA ASN R 206 -42.89 32.85 24.23
C ASN R 206 -44.17 33.49 24.70
N GLY R 207 -44.12 34.09 25.88
CA GLY R 207 -45.33 34.61 26.48
C GLY R 207 -45.55 33.90 27.80
N SER R 208 -46.81 33.89 28.25
CA SER R 208 -47.14 33.48 29.60
C SER R 208 -48.34 32.54 29.60
N MET R 209 -48.27 31.47 30.39
CA MET R 209 -49.38 30.50 30.47
C MET R 209 -49.42 29.77 31.81
N THR R 210 -50.63 29.43 32.26
CA THR R 210 -50.79 28.56 33.43
C THR R 210 -50.60 27.12 32.98
N PRO R 211 -50.13 26.25 33.89
CA PRO R 211 -49.90 24.86 33.53
C PRO R 211 -51.10 24.25 32.79
N ASP R 212 -52.27 24.83 32.98
CA ASP R 212 -53.46 24.35 32.29
C ASP R 212 -53.64 24.94 30.90
N GLU R 213 -53.73 26.26 30.78
CA GLU R 213 -53.68 26.91 29.46
C GLU R 213 -52.59 26.27 28.58
N PHE R 214 -51.59 25.67 29.22
CA PHE R 214 -50.52 24.98 28.49
C PHE R 214 -50.97 23.61 28.00
N ARG R 215 -51.61 22.83 28.89
CA ARG R 215 -52.10 21.49 28.53
C ARG R 215 -53.31 21.49 27.58
N GLN R 216 -54.13 22.54 27.64
CA GLN R 216 -55.23 22.70 26.69
C GLN R 216 -54.69 23.11 25.33
N ALA R 217 -53.89 24.16 25.30
CA ALA R 217 -53.27 24.64 24.07
C ALA R 217 -52.53 23.51 23.39
N PHE R 218 -51.91 22.68 24.21
CA PHE R 218 -51.20 21.49 23.77
C PHE R 218 -52.11 20.52 23.00
N ASP R 219 -53.26 20.17 23.58
CA ASP R 219 -54.17 19.22 22.95
C ASP R 219 -54.75 19.76 21.64
N LEU R 220 -55.12 21.04 21.60
CA LEU R 220 -55.64 21.68 20.38
C LEU R 220 -54.64 21.59 19.24
N ALA R 221 -53.38 21.89 19.54
CA ALA R 221 -52.29 21.87 18.58
C ALA R 221 -52.17 20.52 17.88
N VAL R 222 -52.33 19.45 18.66
CA VAL R 222 -52.28 18.10 18.12
C VAL R 222 -53.34 17.89 17.03
N LYS R 223 -54.56 18.32 17.32
CA LYS R 223 -55.70 18.19 16.40
C LYS R 223 -55.42 18.90 15.08
N GLY R 224 -54.89 20.12 15.18
CA GLY R 224 -54.52 20.93 14.02
C GLY R 224 -53.41 20.25 13.24
N ILE R 225 -52.41 19.75 13.96
CA ILE R 225 -51.31 19.04 13.34
C ILE R 225 -51.81 17.83 12.54
N ASN R 226 -52.76 17.10 13.10
CA ASN R 226 -53.33 15.94 12.42
C ASN R 226 -53.99 16.27 11.09
N ILE R 227 -54.65 17.42 11.04
CA ILE R 227 -55.30 17.85 9.81
C ILE R 227 -54.28 18.23 8.74
N ILE R 228 -53.25 18.95 9.15
CA ILE R 228 -52.18 19.39 8.25
C ILE R 228 -51.39 18.20 7.73
N TYR R 229 -51.10 17.26 8.63
CA TYR R 229 -50.41 16.02 8.28
C TYR R 229 -51.08 15.31 7.11
N ASN R 230 -52.40 15.20 7.18
CA ASN R 230 -53.19 14.59 6.11
C ASN R 230 -53.00 15.24 4.75
N LEU R 231 -52.81 16.57 4.75
CA LEU R 231 -52.63 17.30 3.51
C LEU R 231 -51.23 17.08 2.99
N GLU R 232 -50.27 16.95 3.91
CA GLU R 232 -48.88 16.65 3.56
C GLU R 232 -48.82 15.28 2.88
N ARG R 233 -49.40 14.27 3.53
CA ARG R 233 -49.59 12.96 2.92
C ARG R 233 -50.08 13.10 1.47
N GLU R 234 -51.19 13.79 1.25
CA GLU R 234 -51.80 13.89 -0.09
C GLU R 234 -50.87 14.63 -1.05
N ALA R 235 -50.30 15.73 -0.55
CA ALA R 235 -49.42 16.55 -1.37
C ALA R 235 -48.24 15.75 -1.87
N LEU R 236 -47.92 14.68 -1.16
CA LEU R 236 -46.83 13.81 -1.54
C LEU R 236 -47.22 12.93 -2.72
N LYS R 237 -48.50 12.52 -2.76
CA LYS R 237 -49.01 11.66 -3.82
C LYS R 237 -49.40 12.42 -5.08
N SER R 238 -49.95 13.62 -4.91
CA SER R 238 -50.48 14.38 -6.07
C SER R 238 -49.70 15.65 -6.43
N LYS R 239 -48.65 15.94 -5.66
CA LYS R 239 -47.77 17.09 -5.90
C LYS R 239 -48.37 18.47 -5.65
N TYR R 240 -49.69 18.56 -5.56
CA TYR R 240 -50.38 19.85 -5.39
C TYR R 240 -51.64 19.76 -4.54
N VAL R 241 -51.72 20.56 -3.49
CA VAL R 241 -52.86 20.49 -2.57
C VAL R 241 -53.35 21.87 -2.17
N GLU R 242 -54.67 22.02 -2.16
CA GLU R 242 -55.34 23.24 -1.70
C GLU R 242 -56.38 22.92 -0.65
N PHE R 243 -56.43 23.76 0.37
CA PHE R 243 -57.33 23.51 1.49
C PHE R 243 -57.87 24.82 2.05
N LYS R 244 -59.19 25.01 1.87
CA LYS R 244 -59.87 26.19 2.40
C LYS R 244 -59.99 26.08 3.93
N GLU R 245 -59.87 27.21 4.62
CA GLU R 245 -59.95 27.25 6.08
C GLU R 245 -61.10 26.39 6.61
N GLU R 246 -60.82 25.56 7.62
CA GLU R 246 -61.87 24.74 8.23
C GLU R 246 -61.63 24.37 9.69
N GLY R 247 -62.74 24.28 10.43
CA GLY R 247 -62.77 23.89 11.84
C GLY R 247 -62.08 22.58 12.18
N VAL R 248 -61.50 22.56 13.37
CA VAL R 248 -60.54 21.53 13.74
C VAL R 248 -60.96 20.86 15.04
N MET S 1 36.94 -5.08 -17.21
CA MET S 1 36.17 -5.77 -16.12
C MET S 1 35.01 -6.64 -16.64
N SER S 2 35.17 -7.95 -16.52
CA SER S 2 34.24 -8.94 -17.08
C SER S 2 33.20 -9.41 -16.06
N SER S 3 31.92 -9.23 -16.38
CA SER S 3 30.86 -9.59 -15.46
C SER S 3 29.76 -10.43 -16.07
N THR S 4 29.14 -11.26 -15.22
CA THR S 4 28.03 -12.13 -15.60
C THR S 4 26.99 -11.32 -16.37
N PRO S 5 26.68 -11.72 -17.61
CA PRO S 5 25.75 -10.96 -18.44
C PRO S 5 24.33 -10.94 -17.84
N SER S 6 23.74 -9.75 -17.71
CA SER S 6 22.41 -9.61 -17.10
C SER S 6 21.26 -9.77 -18.10
N ASN S 7 21.58 -9.69 -19.38
CA ASN S 7 20.59 -9.82 -20.46
C ASN S 7 20.38 -11.26 -20.94
N GLN S 8 21.45 -12.07 -20.91
CA GLN S 8 21.39 -13.48 -21.32
C GLN S 8 20.08 -14.11 -20.83
N ASN S 9 19.38 -14.79 -21.73
CA ASN S 9 18.00 -15.26 -21.49
C ASN S 9 17.89 -16.58 -20.71
N ILE S 10 17.08 -16.55 -19.67
CA ILE S 10 16.83 -17.73 -18.84
C ILE S 10 15.79 -18.63 -19.50
N ILE S 11 15.98 -19.93 -19.38
CA ILE S 11 15.07 -20.91 -20.00
C ILE S 11 14.53 -21.87 -18.93
N PRO S 12 13.19 -21.87 -18.71
CA PRO S 12 12.51 -22.53 -17.58
C PRO S 12 12.93 -23.98 -17.35
N ILE S 13 12.78 -24.44 -16.11
CA ILE S 13 13.19 -25.79 -15.72
C ILE S 13 12.35 -26.83 -16.48
N ILE S 14 11.09 -26.50 -16.71
CA ILE S 14 10.15 -27.39 -17.41
C ILE S 14 10.57 -27.63 -18.87
N LYS S 15 10.95 -26.57 -19.59
CA LYS S 15 11.41 -26.70 -20.96
C LYS S 15 12.72 -27.46 -21.04
N LYS S 16 13.57 -27.33 -20.02
CA LYS S 16 14.86 -28.02 -19.97
C LYS S 16 14.70 -29.54 -19.91
N GLU S 17 13.83 -30.01 -19.01
CA GLU S 17 13.58 -31.44 -18.90
C GLU S 17 12.96 -32.05 -20.18
N SER S 18 12.18 -31.27 -20.93
CA SER S 18 11.61 -31.71 -22.21
C SER S 18 12.69 -32.07 -23.19
N ILE S 19 13.71 -31.21 -23.26
CA ILE S 19 14.82 -31.38 -24.17
C ILE S 19 15.69 -32.53 -23.70
N VAL S 20 15.90 -32.63 -22.39
CA VAL S 20 16.69 -33.71 -21.78
C VAL S 20 16.03 -35.09 -21.94
N SER S 21 14.71 -35.13 -21.80
CA SER S 21 13.95 -36.37 -22.02
C SER S 21 14.10 -36.91 -23.44
N LEU S 22 14.34 -36.01 -24.38
CA LEU S 22 14.60 -36.36 -25.78
C LEU S 22 16.02 -36.89 -25.98
N PHE S 23 16.97 -36.29 -25.27
CA PHE S 23 18.37 -36.71 -25.29
C PHE S 23 18.51 -38.14 -24.79
N GLU S 24 17.73 -38.46 -23.77
CA GLU S 24 17.61 -39.79 -23.19
C GLU S 24 17.20 -40.86 -24.20
N LYS S 25 16.58 -40.41 -25.29
CA LYS S 25 16.22 -41.29 -26.40
C LYS S 25 17.07 -41.03 -27.64
N GLY S 26 18.18 -40.29 -27.44
CA GLY S 26 19.17 -40.04 -28.49
C GLY S 26 18.68 -39.22 -29.67
N ILE S 27 17.59 -38.47 -29.46
CA ILE S 27 17.04 -37.59 -30.48
C ILE S 27 16.93 -36.16 -29.93
N ARG S 28 16.91 -35.17 -30.82
CA ARG S 28 16.79 -33.76 -30.40
C ARG S 28 15.51 -33.13 -30.91
N GLN S 29 15.21 -31.92 -30.42
CA GLN S 29 13.99 -31.16 -30.78
C GLN S 29 13.77 -30.98 -32.29
N ASP S 30 14.86 -30.86 -33.04
CA ASP S 30 14.80 -30.61 -34.48
C ASP S 30 14.99 -31.85 -35.34
N GLY S 31 15.42 -32.95 -34.73
CA GLY S 31 15.34 -34.27 -35.35
C GLY S 31 16.64 -35.04 -35.42
N ARG S 32 17.76 -34.32 -35.37
CA ARG S 32 19.08 -34.94 -35.53
C ARG S 32 19.54 -35.73 -34.30
N LYS S 33 20.49 -36.66 -34.52
CA LYS S 33 21.09 -37.47 -33.46
C LYS S 33 22.00 -36.61 -32.62
N LEU S 34 22.34 -37.11 -31.44
CA LEU S 34 23.19 -36.37 -30.51
C LEU S 34 24.53 -35.90 -31.12
N THR S 35 24.95 -36.56 -32.19
CA THR S 35 26.28 -36.28 -32.79
C THR S 35 26.25 -35.59 -34.17
N ASP S 36 25.06 -35.21 -34.62
CA ASP S 36 24.90 -34.62 -35.96
C ASP S 36 25.15 -33.11 -36.00
N TYR S 37 25.78 -32.66 -37.08
CA TYR S 37 25.85 -31.24 -37.37
C TYR S 37 24.57 -30.78 -38.03
N ARG S 38 24.28 -29.50 -37.90
CA ARG S 38 23.14 -28.89 -38.58
C ARG S 38 23.41 -28.75 -40.09
N PRO S 39 22.35 -28.55 -40.89
CA PRO S 39 22.50 -28.29 -42.33
C PRO S 39 23.46 -27.14 -42.62
N LEU S 40 24.34 -27.33 -43.59
CA LEU S 40 25.41 -26.38 -43.87
C LEU S 40 25.36 -25.80 -45.30
N SER S 41 25.19 -24.48 -45.39
CA SER S 41 25.25 -23.78 -46.66
C SER S 41 26.45 -22.86 -46.71
N ILE S 42 27.17 -22.89 -47.82
CA ILE S 42 28.25 -21.93 -48.05
C ILE S 42 28.13 -21.31 -49.43
N THR S 43 28.02 -19.98 -49.44
CA THR S 43 28.03 -19.21 -50.68
C THR S 43 29.32 -18.42 -50.73
N LEU S 44 30.15 -18.72 -51.72
CA LEU S 44 31.43 -18.05 -51.87
C LEU S 44 31.28 -16.73 -52.65
N ASP S 45 32.29 -15.89 -52.51
CA ASP S 45 32.29 -14.47 -52.92
C ASP S 45 30.94 -13.80 -52.87
N TYR S 46 30.40 -13.71 -51.67
CA TYR S 46 29.11 -13.07 -51.48
C TYR S 46 29.23 -11.52 -51.46
N ALA S 47 30.23 -11.02 -50.72
CA ALA S 47 30.57 -9.59 -50.71
C ALA S 47 31.55 -9.30 -51.84
N LYS S 48 31.08 -8.61 -52.87
CA LYS S 48 31.82 -8.51 -54.12
C LYS S 48 33.08 -7.66 -54.02
N LYS S 49 33.06 -6.66 -53.14
CA LYS S 49 34.19 -5.76 -53.02
C LYS S 49 35.29 -6.30 -52.09
N ALA S 50 35.02 -7.43 -51.45
CA ALA S 50 36.02 -8.16 -50.68
C ALA S 50 36.99 -8.83 -51.63
N ASP S 51 38.20 -9.10 -51.17
CA ASP S 51 39.21 -9.81 -51.97
C ASP S 51 38.93 -11.32 -51.94
N GLY S 52 38.05 -11.70 -51.02
CA GLY S 52 37.50 -13.04 -50.92
C GLY S 52 36.51 -13.06 -49.78
N SER S 53 35.32 -13.60 -50.00
CA SER S 53 34.29 -13.63 -48.96
C SER S 53 33.54 -14.96 -48.96
N ALA S 54 32.81 -15.21 -47.88
CA ALA S 54 31.99 -16.42 -47.77
C ALA S 54 30.84 -16.21 -46.79
N LEU S 55 29.64 -16.53 -47.23
CA LEU S 55 28.48 -16.46 -46.37
C LEU S 55 28.06 -17.87 -45.98
N VAL S 56 28.13 -18.16 -44.70
CA VAL S 56 27.90 -19.51 -44.16
C VAL S 56 26.56 -19.58 -43.45
N LYS S 57 25.75 -20.56 -43.80
CA LYS S 57 24.57 -20.83 -43.01
C LYS S 57 24.68 -22.19 -42.36
N LEU S 58 24.93 -22.20 -41.05
CA LEU S 58 24.91 -23.43 -40.26
C LEU S 58 23.66 -23.39 -39.38
N GLY S 59 22.64 -24.14 -39.77
CA GLY S 59 21.34 -24.05 -39.12
C GLY S 59 20.75 -22.66 -39.29
N THR S 60 20.37 -22.02 -38.19
CA THR S 60 19.87 -20.64 -38.26
C THR S 60 20.98 -19.58 -38.08
N THR S 61 22.18 -20.04 -37.68
CA THR S 61 23.35 -19.16 -37.51
C THR S 61 23.87 -18.71 -38.87
N MET S 62 24.12 -17.42 -39.01
CA MET S 62 24.70 -16.88 -40.24
C MET S 62 25.91 -16.03 -39.99
N VAL S 63 27.01 -16.42 -40.60
CA VAL S 63 28.26 -15.66 -40.55
C VAL S 63 28.66 -15.24 -41.96
N LEU S 64 29.04 -13.98 -42.11
CA LEU S 64 29.64 -13.51 -43.34
C LEU S 64 31.06 -13.09 -43.00
N ALA S 65 32.04 -13.72 -43.66
CA ALA S 65 33.44 -13.35 -43.48
C ALA S 65 34.02 -12.79 -44.78
N GLY S 66 34.82 -11.73 -44.70
CA GLY S 66 35.43 -11.17 -45.90
C GLY S 66 36.87 -10.80 -45.68
N THR S 67 37.72 -11.06 -46.67
CA THR S 67 39.15 -10.69 -46.58
C THR S 67 39.45 -9.43 -47.39
N LYS S 68 40.42 -8.65 -46.92
CA LYS S 68 40.83 -7.45 -47.60
C LYS S 68 42.34 -7.38 -47.45
N LEU S 69 43.05 -7.36 -48.57
CA LEU S 69 44.54 -7.43 -48.60
C LEU S 69 45.22 -6.08 -48.73
N GLU S 70 46.30 -5.89 -48.01
CA GLU S 70 47.02 -4.61 -48.02
C GLU S 70 48.51 -4.81 -47.92
N ILE S 71 49.29 -3.82 -48.36
CA ILE S 71 50.75 -3.89 -48.28
C ILE S 71 51.29 -2.98 -47.18
N ASP S 72 51.91 -3.61 -46.17
CA ASP S 72 52.50 -2.91 -45.00
C ASP S 72 53.99 -3.22 -44.87
N LYS S 73 54.70 -2.37 -44.12
CA LYS S 73 56.03 -2.73 -43.66
C LYS S 73 55.86 -3.78 -42.55
N PRO S 74 56.62 -4.89 -42.61
CA PRO S 74 56.49 -5.92 -41.58
C PRO S 74 56.92 -5.38 -40.21
N TYR S 75 56.34 -5.93 -39.14
CA TYR S 75 56.72 -5.52 -37.78
C TYR S 75 58.23 -5.52 -37.64
N GLU S 76 58.72 -4.75 -36.68
CA GLU S 76 60.13 -4.80 -36.32
C GLU S 76 60.50 -6.15 -35.66
N ASP S 77 59.55 -6.73 -34.93
CA ASP S 77 59.74 -8.03 -34.27
C ASP S 77 59.79 -9.20 -35.27
N THR S 78 58.81 -9.24 -36.20
CA THR S 78 58.68 -10.32 -37.17
C THR S 78 58.96 -9.83 -38.59
N PRO S 79 60.25 -9.72 -38.97
CA PRO S 79 60.62 -9.06 -40.22
C PRO S 79 60.39 -9.93 -41.45
N ASN S 80 60.23 -11.23 -41.21
CA ASN S 80 60.09 -12.17 -42.30
C ASN S 80 58.75 -12.89 -42.28
N GLN S 81 57.71 -12.10 -42.05
CA GLN S 81 56.34 -12.59 -41.98
C GLN S 81 55.33 -11.57 -42.44
N GLY S 82 54.30 -12.07 -43.11
CA GLY S 82 53.11 -11.30 -43.40
C GLY S 82 52.22 -11.28 -42.16
N ASN S 83 51.14 -10.52 -42.23
CA ASN S 83 50.25 -10.31 -41.08
C ASN S 83 48.86 -10.90 -41.31
N LEU S 84 48.29 -11.47 -40.26
CA LEU S 84 46.90 -11.88 -40.31
C LEU S 84 46.21 -11.19 -39.18
N ILE S 85 45.18 -10.42 -39.47
CA ILE S 85 44.42 -9.74 -38.43
C ILE S 85 42.96 -10.16 -38.47
N VAL S 86 42.55 -10.97 -37.49
CA VAL S 86 41.19 -11.49 -37.43
C VAL S 86 40.37 -10.52 -36.61
N ASN S 87 39.13 -10.34 -37.00
CA ASN S 87 38.23 -9.45 -36.31
C ASN S 87 36.78 -9.92 -36.38
N VAL S 88 36.17 -10.14 -35.21
CA VAL S 88 34.80 -10.64 -35.15
C VAL S 88 33.86 -9.55 -34.62
N GLU S 89 32.65 -9.49 -35.15
CA GLU S 89 31.66 -8.49 -34.73
C GLU S 89 30.27 -9.08 -34.73
N LEU S 90 29.69 -9.16 -33.53
CA LEU S 90 28.32 -9.63 -33.34
C LEU S 90 27.35 -8.47 -33.56
N LEU S 91 26.19 -8.73 -34.17
CA LEU S 91 25.30 -7.65 -34.60
C LEU S 91 23.92 -7.59 -33.94
N PRO S 92 23.30 -8.77 -33.61
CA PRO S 92 21.96 -8.79 -32.99
C PRO S 92 21.82 -8.05 -31.65
N ASP S 104 33.69 -5.87 -28.05
CA ASP S 104 32.74 -6.53 -27.17
C ASP S 104 33.45 -7.26 -26.03
N GLU S 105 33.58 -8.58 -26.13
CA GLU S 105 34.18 -9.47 -25.12
C GLU S 105 34.03 -10.92 -25.59
N ASN S 106 32.85 -11.27 -26.08
CA ASN S 106 32.63 -12.58 -26.70
C ASN S 106 33.16 -12.51 -28.11
N ALA S 107 33.05 -11.31 -28.69
CA ALA S 107 33.59 -11.05 -30.01
C ALA S 107 35.10 -11.20 -29.99
N ILE S 108 35.74 -10.49 -29.07
CA ILE S 108 37.19 -10.57 -28.88
C ILE S 108 37.64 -12.01 -28.67
N GLU S 109 36.96 -12.73 -27.77
CA GLU S 109 37.26 -14.16 -27.53
C GLU S 109 37.09 -15.03 -28.79
N LEU S 110 36.02 -14.78 -29.55
CA LEU S 110 35.82 -15.44 -30.83
C LEU S 110 36.96 -15.16 -31.82
N ALA S 111 37.33 -13.89 -31.93
CA ALA S 111 38.41 -13.49 -32.82
C ALA S 111 39.68 -14.23 -32.48
N ARG S 112 40.04 -14.22 -31.21
CA ARG S 112 41.29 -14.83 -30.80
C ARG S 112 41.29 -16.34 -31.04
N VAL S 113 40.19 -17.01 -30.71
CA VAL S 113 40.12 -18.49 -30.84
C VAL S 113 40.29 -18.90 -32.30
N VAL S 114 39.63 -18.17 -33.22
CA VAL S 114 39.79 -18.36 -34.67
C VAL S 114 41.22 -18.07 -35.12
N ASP S 115 41.71 -16.87 -34.79
CA ASP S 115 43.08 -16.49 -35.10
C ASP S 115 44.07 -17.59 -34.71
N ARG S 116 44.06 -17.95 -33.43
CA ARG S 116 44.94 -18.96 -32.88
C ARG S 116 44.93 -20.27 -33.63
N SER S 117 43.76 -20.74 -34.06
CA SER S 117 43.66 -22.02 -34.74
C SER S 117 44.06 -21.93 -36.23
N LEU S 118 43.97 -20.73 -36.82
CA LEU S 118 44.44 -20.52 -38.19
C LEU S 118 45.95 -20.33 -38.25
N ARG S 119 46.49 -19.76 -37.18
CA ARG S 119 47.91 -19.43 -37.10
C ARG S 119 48.77 -20.61 -36.63
N ASP S 120 48.39 -21.23 -35.51
CA ASP S 120 49.12 -22.35 -34.92
C ASP S 120 49.11 -23.61 -35.80
N SER S 121 48.04 -23.78 -36.57
CA SER S 121 47.94 -24.90 -37.51
C SER S 121 48.85 -24.60 -38.70
N LYS S 122 49.17 -23.31 -38.87
CA LYS S 122 49.84 -22.77 -40.05
C LYS S 122 49.07 -23.09 -41.33
N ALA S 123 47.73 -23.16 -41.20
CA ALA S 123 46.81 -23.33 -42.34
C ALA S 123 47.03 -22.21 -43.35
N LEU S 124 47.29 -21.02 -42.83
CA LEU S 124 47.84 -19.94 -43.63
C LEU S 124 49.32 -19.79 -43.27
N ASP S 125 50.17 -19.81 -44.30
CA ASP S 125 51.60 -19.61 -44.12
C ASP S 125 51.92 -18.13 -44.29
N LEU S 126 52.18 -17.48 -43.17
CA LEU S 126 52.47 -16.06 -43.16
C LEU S 126 53.83 -15.73 -43.74
N THR S 127 54.76 -16.67 -43.71
CA THR S 127 56.12 -16.43 -44.20
C THR S 127 56.16 -16.39 -45.73
N LYS S 128 55.05 -16.81 -46.34
CA LYS S 128 54.89 -16.76 -47.78
C LYS S 128 54.02 -15.57 -48.21
N LEU S 129 53.81 -14.63 -47.30
CA LEU S 129 53.16 -13.35 -47.62
C LEU S 129 54.18 -12.21 -47.63
N VAL S 130 55.43 -12.55 -47.90
CA VAL S 130 56.49 -11.55 -47.97
C VAL S 130 56.71 -11.15 -49.42
N ILE S 131 56.82 -9.85 -49.67
CA ILE S 131 57.10 -9.36 -51.02
C ILE S 131 58.58 -9.01 -51.11
N GLU S 132 58.99 -7.98 -50.40
CA GLU S 132 60.40 -7.82 -50.15
C GLU S 132 60.56 -8.02 -48.67
N PRO S 133 61.51 -8.86 -48.26
CA PRO S 133 61.85 -9.09 -46.84
C PRO S 133 62.34 -7.83 -46.11
N GLY S 134 61.75 -7.56 -44.94
CA GLY S 134 62.07 -6.36 -44.17
C GLY S 134 61.51 -5.05 -44.70
N LYS S 135 61.19 -5.00 -46.00
CA LYS S 135 60.67 -3.79 -46.64
C LYS S 135 59.13 -3.78 -46.70
N SER S 136 58.54 -4.80 -47.34
CA SER S 136 57.10 -4.84 -47.56
C SER S 136 56.50 -6.26 -47.60
N VAL S 137 55.39 -6.42 -46.88
CA VAL S 137 54.65 -7.69 -46.80
C VAL S 137 53.15 -7.48 -46.93
N TRP S 138 52.44 -8.56 -47.25
CA TRP S 138 50.98 -8.57 -47.30
C TRP S 138 50.41 -8.63 -45.89
N THR S 139 49.36 -7.84 -45.63
CA THR S 139 48.56 -7.94 -44.42
C THR S 139 47.18 -8.45 -44.80
N VAL S 140 46.78 -9.58 -44.23
CA VAL S 140 45.47 -10.14 -44.50
C VAL S 140 44.52 -9.69 -43.42
N TRP S 141 43.57 -8.83 -43.78
CA TRP S 141 42.48 -8.43 -42.87
C TRP S 141 41.30 -9.38 -43.06
N LEU S 142 41.05 -10.19 -42.04
CA LEU S 142 39.90 -11.07 -42.05
C LEU S 142 38.85 -10.47 -41.13
N ASP S 143 37.65 -10.22 -41.66
CA ASP S 143 36.57 -9.62 -40.86
C ASP S 143 35.34 -10.51 -40.91
N VAL S 144 34.91 -10.94 -39.73
CA VAL S 144 33.86 -11.95 -39.61
C VAL S 144 32.65 -11.30 -38.95
N TYR S 145 31.50 -11.37 -39.65
CA TYR S 145 30.26 -10.70 -39.19
C TYR S 145 29.14 -11.68 -38.92
N VAL S 146 28.79 -11.80 -37.65
CA VAL S 146 27.70 -12.66 -37.22
C VAL S 146 26.40 -11.89 -37.39
N LEU S 147 25.57 -12.37 -38.33
CA LEU S 147 24.35 -11.67 -38.69
C LEU S 147 23.16 -12.26 -37.98
N ASP S 148 23.19 -13.57 -37.77
CA ASP S 148 22.09 -14.30 -37.16
C ASP S 148 22.66 -15.17 -36.07
N TYR S 149 22.34 -14.86 -34.82
CA TYR S 149 22.85 -15.66 -33.73
C TYR S 149 21.97 -16.89 -33.45
N GLY S 150 22.30 -18.01 -34.09
CA GLY S 150 21.52 -19.24 -33.96
C GLY S 150 22.15 -20.32 -33.09
N GLY S 151 23.19 -19.93 -32.35
CA GLY S 151 23.90 -20.83 -31.45
C GLY S 151 25.05 -21.53 -32.15
N ASN S 152 26.10 -21.82 -31.38
CA ASN S 152 27.34 -22.39 -31.92
C ASN S 152 27.99 -21.49 -32.98
N VAL S 153 28.09 -20.20 -32.64
CA VAL S 153 28.63 -19.18 -33.51
C VAL S 153 30.09 -19.46 -33.85
N LEU S 154 30.83 -20.02 -32.89
CA LEU S 154 32.25 -20.35 -33.08
C LEU S 154 32.52 -21.25 -34.27
N ASP S 155 31.75 -22.34 -34.40
CA ASP S 155 31.97 -23.31 -35.46
C ASP S 155 31.70 -22.71 -36.83
N ALA S 156 30.69 -21.87 -36.88
CA ALA S 156 30.32 -21.14 -38.08
C ALA S 156 31.37 -20.10 -38.43
N CYS S 157 31.99 -19.49 -37.43
CA CYS S 157 33.04 -18.51 -37.67
C CYS S 157 34.29 -19.13 -38.29
N THR S 158 34.73 -20.24 -37.73
CA THR S 158 35.88 -20.97 -38.27
C THR S 158 35.64 -21.33 -39.73
N LEU S 159 34.44 -21.82 -40.05
CA LEU S 159 34.06 -22.17 -41.43
C LEU S 159 34.04 -20.98 -42.39
N ALA S 160 33.33 -19.91 -42.02
CA ALA S 160 33.32 -18.67 -42.78
C ALA S 160 34.74 -18.12 -43.02
N SER S 161 35.55 -18.12 -41.97
CA SER S 161 36.93 -17.66 -42.05
C SER S 161 37.75 -18.45 -43.08
N VAL S 162 37.88 -19.75 -42.82
CA VAL S 162 38.59 -20.67 -43.73
C VAL S 162 38.08 -20.49 -45.16
N ALA S 163 36.75 -20.51 -45.35
CA ALA S 163 36.14 -20.32 -46.67
C ALA S 163 36.48 -18.97 -47.32
N ALA S 164 36.47 -17.89 -46.53
CA ALA S 164 36.80 -16.55 -47.02
C ALA S 164 38.25 -16.47 -47.48
N LEU S 165 39.13 -17.17 -46.76
CA LEU S 165 40.54 -17.22 -47.12
C LEU S 165 40.76 -18.01 -48.39
N TYR S 166 40.03 -19.11 -48.54
CA TYR S 166 40.14 -19.94 -49.74
C TYR S 166 39.58 -19.27 -51.01
N ASN S 167 38.70 -18.30 -50.80
CA ASN S 167 38.12 -17.52 -51.88
C ASN S 167 38.97 -16.29 -52.27
N THR S 168 39.94 -15.95 -51.43
CA THR S 168 40.72 -14.74 -51.57
C THR S 168 41.56 -14.75 -52.85
N LYS S 169 41.53 -13.61 -53.55
CA LYS S 169 42.33 -13.37 -54.75
C LYS S 169 43.45 -12.37 -54.46
N VAL S 170 44.68 -12.75 -54.80
CA VAL S 170 45.85 -11.86 -54.64
C VAL S 170 46.16 -11.15 -55.93
N TYR S 171 46.58 -9.89 -55.82
CA TYR S 171 46.75 -9.04 -57.01
C TYR S 171 48.19 -8.78 -57.42
N LYS S 172 48.38 -8.21 -58.63
CA LYS S 172 49.70 -7.90 -59.15
C LYS S 172 50.33 -6.77 -58.34
N VAL S 173 51.62 -6.90 -58.06
CA VAL S 173 52.37 -5.92 -57.27
C VAL S 173 53.32 -5.06 -58.08
N GLU S 174 53.19 -3.74 -57.94
CA GLU S 174 54.18 -2.77 -58.43
C GLU S 174 55.40 -2.67 -57.49
N GLN S 175 56.58 -2.52 -58.09
CA GLN S 175 57.86 -2.40 -57.37
C GLN S 175 58.72 -1.22 -57.86
N ILE S 180 55.64 -0.71 -54.36
CA ILE S 180 55.24 0.70 -54.43
C ILE S 180 53.73 0.87 -54.57
N SER S 181 53.06 -0.08 -55.21
CA SER S 181 51.61 -0.03 -55.46
C SER S 181 50.98 -1.41 -55.79
N VAL S 182 49.65 -1.48 -55.76
CA VAL S 182 48.87 -2.67 -56.12
C VAL S 182 48.03 -2.36 -57.37
N ASN S 183 48.07 -3.27 -58.35
CA ASN S 183 47.20 -3.18 -59.52
C ASN S 183 46.05 -4.17 -59.33
N LYS S 184 44.90 -3.65 -58.91
CA LYS S 184 43.77 -4.47 -58.44
C LYS S 184 42.84 -5.09 -59.50
N ASN S 185 43.22 -5.03 -60.78
CA ASN S 185 42.43 -5.72 -61.82
C ASN S 185 43.20 -6.81 -62.58
N GLU S 186 44.42 -7.08 -62.14
CA GLU S 186 45.16 -8.25 -62.57
C GLU S 186 45.32 -9.20 -61.38
N VAL S 187 44.80 -10.41 -61.52
CA VAL S 187 44.84 -11.43 -60.47
C VAL S 187 46.04 -12.37 -60.67
N VAL S 188 46.97 -12.34 -59.72
CA VAL S 188 48.19 -13.15 -59.73
C VAL S 188 47.95 -14.61 -59.28
N GLY S 189 47.28 -14.77 -58.13
CA GLY S 189 47.02 -16.09 -57.57
C GLY S 189 46.17 -16.07 -56.32
N LYS S 190 46.23 -17.14 -55.54
CA LYS S 190 45.48 -17.23 -54.29
C LYS S 190 46.41 -17.08 -53.08
N LEU S 191 45.87 -17.26 -51.88
CA LEU S 191 46.63 -17.25 -50.64
C LEU S 191 47.43 -18.54 -50.42
N PRO S 192 48.61 -18.43 -49.81
CA PRO S 192 49.39 -19.61 -49.43
C PRO S 192 48.68 -20.39 -48.31
N LEU S 193 47.74 -21.24 -48.70
CA LEU S 193 46.96 -22.02 -47.74
C LEU S 193 47.35 -23.47 -47.78
N ASN S 194 47.77 -24.00 -46.63
CA ASN S 194 48.23 -25.37 -46.54
C ASN S 194 47.07 -26.37 -46.52
N TYR S 195 46.05 -26.05 -45.73
CA TYR S 195 44.85 -26.88 -45.58
C TYR S 195 43.74 -26.13 -44.85
N PRO S 196 42.48 -26.57 -45.03
CA PRO S 196 41.40 -26.04 -44.18
C PRO S 196 41.50 -26.50 -42.71
N VAL S 197 40.76 -25.83 -41.85
CA VAL S 197 40.71 -26.16 -40.44
C VAL S 197 39.23 -26.11 -40.00
N VAL S 198 38.80 -27.10 -39.23
CA VAL S 198 37.44 -27.11 -38.67
C VAL S 198 37.45 -27.04 -37.15
N THR S 199 36.46 -26.31 -36.61
CA THR S 199 36.23 -26.28 -35.17
C THR S 199 34.91 -26.94 -34.86
N ILE S 200 34.95 -27.91 -33.95
CA ILE S 200 33.80 -28.69 -33.55
C ILE S 200 33.53 -28.45 -32.09
N SER S 201 32.33 -27.94 -31.82
CA SER S 201 31.86 -27.67 -30.46
C SER S 201 30.96 -28.80 -29.99
N VAL S 202 31.28 -29.30 -28.80
CA VAL S 202 30.52 -30.32 -28.13
C VAL S 202 29.97 -29.72 -26.83
N ALA S 203 28.63 -29.66 -26.71
CA ALA S 203 27.98 -29.16 -25.51
C ALA S 203 27.67 -30.29 -24.53
N LYS S 204 27.75 -29.97 -23.26
CA LYS S 204 27.47 -30.94 -22.21
C LYS S 204 26.19 -30.50 -21.55
N VAL S 205 25.07 -31.06 -21.99
CA VAL S 205 23.75 -30.77 -21.43
C VAL S 205 23.38 -31.92 -20.51
N ASP S 206 23.16 -31.60 -19.25
CA ASP S 206 22.86 -32.60 -18.22
C ASP S 206 23.99 -33.63 -18.15
N LYS S 207 23.73 -34.84 -18.66
CA LYS S 207 24.71 -35.92 -18.65
C LYS S 207 24.95 -36.45 -20.06
N TYR S 208 24.61 -35.63 -21.05
CA TYR S 208 24.76 -36.03 -22.45
C TYR S 208 25.71 -35.10 -23.15
N LEU S 209 26.43 -35.63 -24.14
CA LEU S 209 27.27 -34.80 -25.00
C LEU S 209 26.61 -34.63 -26.37
N VAL S 210 26.55 -33.38 -26.81
CA VAL S 210 25.77 -33.02 -27.98
C VAL S 210 26.61 -32.19 -28.92
N VAL S 211 26.77 -32.66 -30.15
CA VAL S 211 27.56 -31.98 -31.19
C VAL S 211 26.79 -30.81 -31.82
N ASP S 212 27.49 -29.68 -32.01
CA ASP S 212 26.91 -28.47 -32.60
C ASP S 212 25.58 -28.14 -31.92
N PRO S 213 25.62 -27.51 -30.75
CA PRO S 213 24.38 -27.14 -30.07
C PRO S 213 23.68 -25.96 -30.76
N ASP S 214 22.35 -26.00 -30.82
CA ASP S 214 21.57 -24.88 -31.36
C ASP S 214 21.31 -23.83 -30.28
N LEU S 215 20.43 -22.87 -30.59
CA LEU S 215 20.15 -21.77 -29.69
C LEU S 215 19.64 -22.25 -28.34
N ASP S 216 18.64 -23.13 -28.38
CA ASP S 216 18.03 -23.70 -27.17
C ASP S 216 19.00 -24.52 -26.33
N GLU S 217 19.78 -25.38 -27.00
CA GLU S 217 20.70 -26.29 -26.33
C GLU S 217 21.82 -25.54 -25.61
N GLU S 218 22.24 -24.41 -26.18
CA GLU S 218 23.30 -23.60 -25.59
C GLU S 218 22.86 -22.93 -24.30
N SER S 219 21.57 -22.63 -24.21
CA SER S 219 21.07 -21.94 -23.03
C SER S 219 20.74 -22.89 -21.85
N ILE S 220 20.73 -24.20 -22.11
CA ILE S 220 20.50 -25.20 -21.05
C ILE S 220 21.75 -26.02 -20.69
N MET S 221 22.82 -25.84 -21.48
CA MET S 221 24.06 -26.59 -21.30
C MET S 221 24.78 -26.16 -20.04
N ASP S 222 25.63 -27.05 -19.51
CA ASP S 222 26.50 -26.72 -18.40
C ASP S 222 27.69 -25.92 -18.92
N ALA S 223 28.40 -26.50 -19.88
CA ALA S 223 29.53 -25.84 -20.53
C ALA S 223 29.71 -26.51 -21.88
N LYS S 224 30.37 -25.83 -22.81
CA LYS S 224 30.72 -26.46 -24.08
C LYS S 224 32.23 -26.43 -24.27
N ILE S 225 32.74 -27.38 -25.05
CA ILE S 225 34.18 -27.44 -25.34
C ILE S 225 34.40 -27.53 -26.85
N SER S 226 35.32 -26.73 -27.37
CA SER S 226 35.51 -26.61 -28.81
C SER S 226 36.89 -27.11 -29.24
N PHE S 227 36.90 -28.04 -30.21
CA PHE S 227 38.13 -28.63 -30.70
C PHE S 227 38.40 -28.23 -32.15
N SER S 228 39.60 -27.74 -32.43
CA SER S 228 40.02 -27.37 -33.77
C SER S 228 40.89 -28.48 -34.33
N TYR S 229 40.62 -28.87 -35.59
CA TYR S 229 41.34 -29.96 -36.24
C TYR S 229 41.91 -29.60 -37.62
N THR S 230 43.11 -30.10 -37.90
CA THR S 230 43.65 -30.11 -39.27
C THR S 230 43.21 -31.41 -39.94
N PRO S 231 43.21 -31.44 -41.29
CA PRO S 231 42.71 -32.61 -42.00
C PRO S 231 43.39 -33.92 -41.62
N ASP S 232 44.64 -33.84 -41.15
CA ASP S 232 45.31 -35.03 -40.64
C ASP S 232 45.01 -35.25 -39.14
N LEU S 233 43.91 -34.65 -38.68
CA LEU S 233 43.32 -34.88 -37.33
C LEU S 233 44.29 -34.67 -36.19
N LYS S 234 45.04 -33.58 -36.31
CA LYS S 234 45.84 -33.06 -35.21
C LYS S 234 44.98 -32.00 -34.51
N ILE S 235 44.91 -32.08 -33.18
CA ILE S 235 44.21 -31.07 -32.39
C ILE S 235 45.07 -29.81 -32.45
N VAL S 236 44.43 -28.69 -32.78
CA VAL S 236 45.13 -27.46 -33.12
C VAL S 236 44.65 -26.28 -32.26
N GLY S 237 43.61 -26.55 -31.46
CA GLY S 237 43.04 -25.58 -30.52
C GLY S 237 41.91 -26.19 -29.71
N ILE S 238 41.92 -25.93 -28.41
CA ILE S 238 40.80 -26.29 -27.56
C ILE S 238 40.37 -25.08 -26.71
N GLN S 239 39.06 -24.87 -26.64
CA GLN S 239 38.50 -23.80 -25.82
C GLN S 239 37.24 -24.25 -25.04
N LYS S 240 37.40 -24.46 -23.73
CA LYS S 240 36.24 -24.67 -22.88
C LYS S 240 35.54 -23.33 -22.72
N SER S 241 34.22 -23.38 -22.65
CA SER S 241 33.42 -22.17 -22.71
C SER S 241 32.09 -22.43 -22.02
N GLY S 242 31.59 -21.45 -21.27
CA GLY S 242 30.30 -21.60 -20.58
C GLY S 242 30.43 -21.49 -19.08
N LYS S 243 29.30 -21.21 -18.43
CA LYS S 243 29.28 -20.88 -17.00
C LYS S 243 29.23 -22.09 -16.06
N GLY S 244 29.54 -23.27 -16.59
CA GLY S 244 29.53 -24.49 -15.79
C GLY S 244 30.77 -25.31 -15.98
N SER S 245 30.76 -26.51 -15.43
CA SER S 245 31.92 -27.38 -15.45
C SER S 245 31.65 -28.70 -16.15
N MET S 246 32.72 -29.44 -16.41
CA MET S 246 32.65 -30.68 -17.16
C MET S 246 33.56 -31.68 -16.49
N SER S 247 33.18 -32.96 -16.50
CA SER S 247 34.03 -33.96 -15.85
C SER S 247 35.23 -34.38 -16.71
N LEU S 248 36.13 -35.17 -16.13
CA LEU S 248 37.33 -35.58 -16.85
C LEU S 248 36.98 -36.50 -18.02
N GLN S 249 36.14 -37.52 -17.76
CA GLN S 249 35.75 -38.48 -18.81
C GLN S 249 34.85 -37.84 -19.87
N ASP S 250 34.24 -36.70 -19.51
CA ASP S 250 33.43 -35.93 -20.45
C ASP S 250 34.29 -35.34 -21.52
N ILE S 251 35.37 -34.67 -21.13
CA ILE S 251 36.29 -34.02 -22.07
C ILE S 251 36.93 -35.08 -22.97
N ASP S 252 37.30 -36.20 -22.36
CA ASP S 252 37.83 -37.35 -23.09
C ASP S 252 36.85 -37.78 -24.19
N GLN S 253 35.64 -38.17 -23.77
CA GLN S 253 34.58 -38.60 -24.70
C GLN S 253 34.25 -37.53 -25.74
N ALA S 254 34.15 -36.27 -25.28
CA ALA S 254 33.83 -35.15 -26.15
C ALA S 254 34.78 -35.12 -27.33
N GLU S 255 36.08 -35.27 -27.06
CA GLU S 255 37.06 -35.16 -28.12
C GLU S 255 36.98 -36.29 -29.13
N ASN S 256 36.66 -37.51 -28.69
CA ASN S 256 36.45 -38.65 -29.61
C ASN S 256 35.32 -38.33 -30.56
N THR S 257 34.21 -37.86 -29.99
CA THR S 257 33.05 -37.48 -30.77
C THR S 257 33.42 -36.32 -31.71
N ALA S 258 34.07 -35.30 -31.15
CA ALA S 258 34.47 -34.12 -31.89
C ALA S 258 35.31 -34.48 -33.11
N ARG S 259 36.19 -35.47 -32.93
CA ARG S 259 37.16 -35.84 -33.96
C ARG S 259 36.51 -36.65 -35.08
N SER S 260 35.64 -37.60 -34.72
CA SER S 260 35.00 -38.43 -35.75
C SER S 260 33.95 -37.61 -36.51
N THR S 261 33.52 -36.51 -35.89
CA THR S 261 32.68 -35.52 -36.55
C THR S 261 33.49 -34.70 -37.53
N ALA S 262 34.69 -34.27 -37.08
CA ALA S 262 35.60 -33.45 -37.87
C ALA S 262 35.84 -34.01 -39.27
N VAL S 263 35.93 -35.33 -39.37
CA VAL S 263 36.16 -36.00 -40.66
C VAL S 263 35.01 -35.68 -41.63
N LYS S 264 33.78 -35.83 -41.13
CA LYS S 264 32.60 -35.62 -41.96
C LYS S 264 32.41 -34.15 -42.32
N LEU S 265 32.70 -33.26 -41.38
CA LEU S 265 32.60 -31.83 -41.62
C LEU S 265 33.66 -31.33 -42.61
N LEU S 266 34.86 -31.88 -42.51
CA LEU S 266 35.95 -31.50 -43.39
C LEU S 266 35.64 -31.85 -44.81
N GLU S 267 35.05 -33.03 -44.99
CA GLU S 267 34.69 -33.54 -46.32
C GLU S 267 33.62 -32.65 -46.94
N GLU S 268 32.70 -32.18 -46.12
CA GLU S 268 31.63 -31.33 -46.59
C GLU S 268 32.11 -29.91 -46.86
N LEU S 269 32.96 -29.38 -45.97
CA LEU S 269 33.60 -28.09 -46.21
C LEU S 269 34.34 -28.06 -47.54
N LYS S 270 35.12 -29.11 -47.82
CA LYS S 270 35.89 -29.21 -49.05
C LYS S 270 35.02 -29.20 -50.31
N LYS S 271 33.86 -29.88 -50.24
CA LYS S 271 32.92 -29.92 -51.37
C LYS S 271 32.44 -28.52 -51.72
N HIS S 272 32.20 -27.71 -50.70
CA HIS S 272 31.79 -26.33 -50.87
C HIS S 272 32.90 -25.45 -51.48
N LEU S 273 34.15 -25.65 -51.08
CA LEU S 273 35.23 -24.80 -51.57
C LEU S 273 35.82 -25.29 -52.88
N GLY S 274 35.38 -26.45 -53.33
CA GLY S 274 35.89 -27.06 -54.56
C GLY S 274 37.20 -27.78 -54.29
N MET T 1 74.76 -24.43 -46.16
CA MET T 1 75.71 -24.87 -47.23
C MET T 1 75.18 -25.96 -48.19
N ARG T 2 74.01 -26.55 -47.95
CA ARG T 2 72.99 -26.04 -47.06
C ARG T 2 72.79 -26.91 -45.80
N GLU T 3 73.83 -27.64 -45.41
CA GLU T 3 73.73 -28.61 -44.30
C GLU T 3 74.26 -28.08 -42.96
N MET T 4 74.84 -26.88 -42.94
CA MET T 4 75.34 -26.27 -41.70
C MET T 4 74.35 -25.35 -40.97
N LEU T 5 73.17 -25.13 -41.54
CA LEU T 5 72.11 -24.38 -40.86
C LEU T 5 71.75 -25.14 -39.58
N GLN T 6 71.18 -24.42 -38.62
CA GLN T 6 70.72 -25.00 -37.37
C GLN T 6 69.57 -24.15 -36.88
N VAL T 7 68.42 -24.79 -36.68
CA VAL T 7 67.17 -24.10 -36.36
C VAL T 7 67.30 -23.18 -35.10
N GLU T 8 66.80 -21.94 -35.21
CA GLU T 8 67.04 -20.92 -34.17
C GLU T 8 66.43 -21.26 -32.81
N ARG T 9 65.34 -22.04 -32.80
CA ARG T 9 64.65 -22.44 -31.57
C ARG T 9 65.61 -23.10 -30.57
N PRO T 10 65.72 -22.54 -29.35
CA PRO T 10 66.50 -23.21 -28.30
C PRO T 10 65.97 -24.61 -27.93
N LYS T 11 66.85 -25.49 -27.49
CA LYS T 11 66.45 -26.79 -26.98
C LYS T 11 65.75 -26.61 -25.64
N LEU T 12 64.62 -27.27 -25.47
CA LEU T 12 63.80 -27.11 -24.27
C LEU T 12 63.98 -28.25 -23.27
N ILE T 13 64.34 -29.41 -23.80
CA ILE T 13 64.76 -30.54 -23.01
C ILE T 13 66.28 -30.68 -23.14
N LEU T 14 66.97 -30.67 -22.00
CA LEU T 14 68.42 -30.60 -21.99
C LEU T 14 69.06 -31.85 -21.39
N ASP T 15 70.18 -31.66 -20.68
CA ASP T 15 70.92 -32.77 -20.06
C ASP T 15 70.10 -33.47 -18.97
N ASP T 16 70.42 -34.74 -18.74
CA ASP T 16 69.56 -35.67 -18.00
C ASP T 16 68.19 -35.64 -18.66
N GLY T 17 67.13 -35.92 -17.90
CA GLY T 17 65.78 -35.79 -18.44
C GLY T 17 65.32 -34.34 -18.59
N LYS T 18 66.17 -33.41 -18.13
CA LYS T 18 65.74 -32.14 -17.59
C LYS T 18 65.48 -30.99 -18.54
N ARG T 19 64.79 -30.00 -18.00
CA ARG T 19 64.37 -28.83 -18.73
C ARG T 19 65.30 -27.64 -18.52
N THR T 20 64.93 -26.50 -19.10
CA THR T 20 65.70 -25.27 -19.02
C THR T 20 65.89 -24.73 -17.60
N ASP T 21 64.91 -24.96 -16.74
CA ASP T 21 65.05 -24.59 -15.33
C ASP T 21 65.44 -25.73 -14.39
N GLY T 22 65.94 -26.83 -14.95
CA GLY T 22 66.48 -27.94 -14.17
C GLY T 22 65.43 -28.87 -13.60
N ARG T 23 64.20 -28.76 -14.11
CA ARG T 23 63.13 -29.65 -13.71
C ARG T 23 62.96 -30.84 -14.68
N LYS T 24 62.60 -31.99 -14.12
CA LYS T 24 62.18 -33.12 -14.93
C LYS T 24 60.82 -32.78 -15.55
N PRO T 25 60.41 -33.50 -16.62
CA PRO T 25 59.14 -33.20 -17.28
C PRO T 25 57.88 -33.30 -16.40
N ASP T 26 57.98 -33.93 -15.24
CA ASP T 26 56.82 -34.17 -14.40
C ASP T 26 56.89 -33.50 -13.03
N GLU T 27 57.66 -32.42 -12.92
CA GLU T 27 57.83 -31.69 -11.66
C GLU T 27 57.18 -30.30 -11.71
N LEU T 28 56.51 -29.94 -10.63
CA LEU T 28 55.94 -28.61 -10.48
C LEU T 28 57.01 -27.62 -10.09
N ARG T 29 56.71 -26.35 -10.31
CA ARG T 29 57.53 -25.28 -9.79
C ARG T 29 57.24 -25.16 -8.30
N SER T 30 58.03 -24.36 -7.61
CA SER T 30 57.81 -24.09 -6.18
C SER T 30 56.52 -23.30 -5.98
N ILE T 31 55.78 -23.66 -4.94
CA ILE T 31 54.51 -23.01 -4.65
C ILE T 31 54.55 -22.26 -3.32
N LYS T 32 54.00 -21.06 -3.33
CA LYS T 32 53.80 -20.29 -2.11
C LYS T 32 52.40 -19.68 -2.10
N ILE T 33 51.65 -19.94 -1.03
CA ILE T 33 50.29 -19.42 -0.86
C ILE T 33 50.15 -18.74 0.48
N GLU T 34 49.51 -17.57 0.47
CA GLU T 34 49.23 -16.84 1.69
C GLU T 34 47.86 -16.20 1.61
N LEU T 35 47.11 -16.30 2.70
CA LEU T 35 45.74 -15.84 2.75
C LEU T 35 45.51 -14.65 3.67
N GLY T 36 44.49 -13.87 3.38
CA GLY T 36 44.12 -12.73 4.21
C GLY T 36 45.22 -11.70 4.35
N VAL T 37 45.88 -11.41 3.24
CA VAL T 37 47.02 -10.51 3.26
C VAL T 37 46.59 -9.04 3.14
N LEU T 38 45.42 -8.81 2.56
CA LEU T 38 44.87 -7.46 2.45
C LEU T 38 43.83 -7.21 3.53
N LYS T 39 44.04 -6.15 4.31
CA LYS T 39 43.17 -5.80 5.41
C LYS T 39 41.78 -5.40 4.94
N ASN T 40 41.73 -4.40 4.08
CA ASN T 40 40.48 -3.78 3.70
C ASN T 40 39.62 -4.54 2.67
N ALA T 41 40.08 -5.72 2.28
CA ALA T 41 39.29 -6.58 1.42
C ALA T 41 38.53 -7.55 2.29
N ASP T 42 37.50 -8.19 1.73
CA ASP T 42 36.70 -9.17 2.44
C ASP T 42 37.28 -10.57 2.34
N GLY T 43 38.13 -10.74 1.34
CA GLY T 43 39.03 -11.89 1.26
C GLY T 43 40.18 -11.61 0.32
N SER T 44 41.37 -12.07 0.68
CA SER T 44 42.53 -11.88 -0.17
C SER T 44 43.47 -13.08 -0.16
N ALA T 45 44.31 -13.17 -1.19
CA ALA T 45 45.32 -14.22 -1.28
C ALA T 45 46.43 -13.85 -2.24
N ILE T 46 47.64 -14.29 -1.93
CA ILE T 46 48.78 -14.21 -2.86
C ILE T 46 49.15 -15.64 -3.24
N PHE T 47 49.25 -15.91 -4.53
CA PHE T 47 49.63 -17.25 -4.99
C PHE T 47 50.90 -17.14 -5.82
N GLU T 48 51.87 -18.01 -5.53
CA GLU T 48 53.15 -18.05 -6.27
C GLU T 48 53.50 -19.42 -6.86
N MET T 49 53.46 -19.52 -8.20
CA MET T 49 54.01 -20.67 -8.89
C MET T 49 55.35 -20.30 -9.50
N GLY T 50 56.42 -20.70 -8.84
CA GLY T 50 57.77 -20.36 -9.27
C GLY T 50 57.88 -18.85 -9.34
N ASN T 51 57.99 -18.33 -10.55
CA ASN T 51 58.14 -16.91 -10.69
C ASN T 51 56.88 -16.16 -11.04
N THR T 52 55.74 -16.85 -11.09
CA THR T 52 54.48 -16.19 -11.40
C THR T 52 53.74 -15.88 -10.10
N LYS T 53 53.59 -14.58 -9.78
CA LYS T 53 52.99 -14.12 -8.49
C LYS T 53 51.74 -13.27 -8.70
N ALA T 54 50.61 -13.80 -8.27
CA ALA T 54 49.35 -13.09 -8.40
C ALA T 54 48.79 -12.74 -7.04
N ILE T 55 48.17 -11.57 -6.97
CA ILE T 55 47.41 -11.17 -5.78
C ILE T 55 45.95 -11.00 -6.17
N ALA T 56 45.07 -11.48 -5.30
CA ALA T 56 43.62 -11.45 -5.54
C ALA T 56 42.88 -10.88 -4.35
N ALA T 57 42.01 -9.94 -4.61
CA ALA T 57 41.17 -9.34 -3.59
C ALA T 57 39.71 -9.60 -3.93
N VAL T 58 38.91 -9.91 -2.91
CA VAL T 58 37.46 -10.08 -3.06
C VAL T 58 36.73 -9.05 -2.21
N TYR T 59 35.80 -8.34 -2.82
CA TYR T 59 34.93 -7.44 -2.06
C TYR T 59 33.51 -8.02 -2.04
N GLY T 60 33.18 -8.58 -0.87
CA GLY T 60 32.13 -9.61 -0.65
C GLY T 60 30.72 -9.20 -0.97
N PRO T 61 29.78 -10.16 -0.99
CA PRO T 61 28.44 -9.91 -1.55
C PRO T 61 27.91 -8.56 -1.10
N LYS T 62 27.62 -7.69 -2.07
CA LYS T 62 27.18 -6.30 -1.84
C LYS T 62 26.07 -5.88 -2.83
N GLU T 63 25.06 -5.14 -2.35
CA GLU T 63 24.00 -4.62 -3.25
C GLU T 63 24.59 -3.91 -4.49
N MET T 64 24.01 -4.14 -5.67
CA MET T 64 24.63 -3.64 -6.91
C MET T 64 24.32 -2.19 -7.32
N HIS T 65 25.37 -1.49 -7.72
CA HIS T 65 25.35 -0.06 -8.00
C HIS T 65 24.16 0.39 -8.85
N PRO T 66 24.17 0.10 -10.19
CA PRO T 66 22.97 0.38 -10.98
C PRO T 66 22.09 -0.87 -11.04
N ARG T 67 20.96 -0.83 -10.34
CA ARG T 67 20.17 -2.04 -10.08
C ARG T 67 19.69 -2.81 -11.31
N HIS T 68 19.61 -2.14 -12.45
CA HIS T 68 19.17 -2.80 -13.69
C HIS T 68 20.19 -3.82 -14.21
N LEU T 69 21.43 -3.72 -13.75
CA LEU T 69 22.50 -4.63 -14.15
C LEU T 69 22.65 -5.84 -13.24
N SER T 70 21.90 -5.84 -12.12
CA SER T 70 21.92 -6.96 -11.19
C SER T 70 21.02 -8.08 -11.68
N LEU T 71 21.15 -9.25 -11.05
CA LEU T 71 20.33 -10.40 -11.41
C LEU T 71 19.33 -10.76 -10.32
N PRO T 72 18.09 -11.12 -10.72
CA PRO T 72 17.02 -11.41 -9.77
C PRO T 72 17.26 -12.64 -8.88
N ASP T 73 17.99 -13.62 -9.40
CA ASP T 73 18.16 -14.90 -8.74
C ASP T 73 19.61 -15.18 -8.32
N ARG T 74 20.57 -14.49 -8.96
CA ARG T 74 22.00 -14.76 -8.83
C ARG T 74 22.79 -13.56 -8.37
N ALA T 75 23.98 -13.80 -7.86
CA ALA T 75 24.97 -12.76 -7.70
C ALA T 75 25.61 -12.56 -9.06
N VAL T 76 26.09 -11.36 -9.33
CA VAL T 76 26.83 -11.07 -10.55
C VAL T 76 28.29 -11.04 -10.17
N LEU T 77 29.08 -11.95 -10.76
CA LEU T 77 30.52 -11.91 -10.55
C LEU T 77 31.11 -10.85 -11.42
N ARG T 78 32.07 -10.09 -10.87
CA ARG T 78 32.81 -9.08 -11.61
C ARG T 78 34.28 -9.38 -11.47
N VAL T 79 34.91 -9.84 -12.54
CA VAL T 79 36.27 -10.35 -12.47
C VAL T 79 37.21 -9.51 -13.31
N ARG T 80 38.38 -9.18 -12.77
CA ARG T 80 39.36 -8.37 -13.50
C ARG T 80 40.74 -9.04 -13.46
N TYR T 81 41.22 -9.48 -14.62
CA TYR T 81 42.58 -10.00 -14.73
C TYR T 81 43.41 -8.85 -15.23
N HIS T 82 44.49 -8.55 -14.52
CA HIS T 82 45.36 -7.46 -14.90
C HIS T 82 46.82 -7.71 -14.60
N MET T 83 47.69 -7.28 -15.51
CA MET T 83 49.14 -7.38 -15.32
C MET T 83 49.76 -6.03 -15.03
N THR T 84 50.53 -5.95 -13.94
CA THR T 84 51.20 -4.70 -13.61
C THR T 84 52.27 -4.44 -14.66
N PRO T 85 52.53 -3.16 -15.01
CA PRO T 85 53.50 -2.87 -16.08
C PRO T 85 54.85 -3.53 -15.85
N PHE T 86 55.19 -3.82 -14.59
CA PHE T 86 56.50 -4.36 -14.20
C PHE T 86 56.48 -5.86 -13.88
N SER T 87 55.53 -6.56 -14.50
CA SER T 87 55.37 -8.00 -14.26
C SER T 87 56.18 -8.79 -15.27
N THR T 88 56.58 -8.12 -16.33
CA THR T 88 57.21 -8.81 -17.43
C THR T 88 58.59 -8.26 -17.71
N ASP T 89 59.19 -8.77 -18.79
CA ASP T 89 60.50 -8.31 -19.26
C ASP T 89 60.43 -6.89 -19.81
N GLU T 90 59.82 -6.73 -20.99
CA GLU T 90 59.55 -5.40 -21.53
C GLU T 90 58.25 -4.91 -20.90
N ARG T 91 58.19 -3.62 -20.53
CA ARG T 91 57.04 -3.03 -19.84
C ARG T 91 55.71 -3.20 -20.60
N LYS T 92 54.81 -4.01 -20.05
CA LYS T 92 53.48 -4.11 -20.61
C LYS T 92 52.74 -2.79 -20.35
N ASN T 93 52.01 -2.32 -21.36
CA ASN T 93 51.09 -1.18 -21.22
C ASN T 93 49.96 -1.45 -20.20
N PRO T 94 49.70 -0.49 -19.30
CA PRO T 94 48.62 -0.67 -18.30
C PRO T 94 47.20 -0.73 -18.89
N ALA T 95 46.97 -0.03 -20.01
CA ALA T 95 45.69 -0.11 -20.74
C ALA T 95 45.38 -1.54 -21.12
N PRO T 96 44.13 -1.99 -20.90
CA PRO T 96 43.82 -3.42 -21.03
C PRO T 96 43.98 -3.93 -22.47
N SER T 97 44.66 -5.08 -22.59
CA SER T 97 44.92 -5.68 -23.89
C SER T 97 43.85 -6.68 -24.23
N ARG T 98 43.62 -6.91 -25.51
CA ARG T 98 42.63 -7.90 -25.94
C ARG T 98 42.83 -9.21 -25.18
N ARG T 99 44.09 -9.54 -24.91
CA ARG T 99 44.45 -10.77 -24.22
C ARG T 99 44.02 -10.73 -22.75
N GLU T 100 44.12 -9.56 -22.15
CA GLU T 100 43.61 -9.39 -20.78
C GLU T 100 42.08 -9.50 -20.76
N ILE T 101 41.45 -8.97 -21.80
CA ILE T 101 40.01 -8.99 -21.91
C ILE T 101 39.49 -10.41 -22.06
N GLU T 102 40.14 -11.21 -22.91
CA GLU T 102 39.77 -12.62 -23.04
C GLU T 102 40.02 -13.40 -21.74
N LEU T 103 41.18 -13.19 -21.13
CA LEU T 103 41.55 -13.94 -19.93
C LEU T 103 40.60 -13.68 -18.81
N SER T 104 40.14 -12.43 -18.71
CA SER T 104 39.13 -12.06 -17.72
C SER T 104 37.84 -12.84 -17.87
N LYS T 105 37.35 -12.93 -19.10
CA LYS T 105 36.12 -13.66 -19.40
C LYS T 105 36.28 -15.15 -19.10
N VAL T 106 37.46 -15.68 -19.38
CA VAL T 106 37.73 -17.08 -19.17
C VAL T 106 37.78 -17.39 -17.66
N ILE T 107 38.48 -16.55 -16.90
CA ILE T 107 38.56 -16.69 -15.46
C ILE T 107 37.20 -16.52 -14.78
N ARG T 108 36.38 -15.60 -15.28
CA ARG T 108 35.08 -15.37 -14.65
C ARG T 108 34.22 -16.60 -14.84
N GLU T 109 34.09 -17.07 -16.08
CA GLU T 109 33.32 -18.26 -16.39
C GLU T 109 33.82 -19.46 -15.60
N ALA T 110 35.11 -19.51 -15.35
CA ALA T 110 35.68 -20.55 -14.52
C ALA T 110 35.13 -20.45 -13.08
N LEU T 111 35.16 -19.25 -12.50
CA LEU T 111 34.72 -19.03 -11.11
C LEU T 111 33.21 -19.23 -10.97
N GLU T 112 32.49 -18.90 -12.03
CA GLU T 112 31.04 -19.01 -12.01
C GLU T 112 30.58 -20.45 -11.83
N SER T 113 31.40 -21.40 -12.27
CA SER T 113 31.03 -22.79 -12.09
C SER T 113 31.28 -23.29 -10.67
N ALA T 114 32.17 -22.60 -9.95
CA ALA T 114 32.52 -22.97 -8.57
C ALA T 114 31.71 -22.23 -7.50
N VAL T 115 31.59 -20.91 -7.65
CA VAL T 115 30.88 -20.06 -6.68
C VAL T 115 29.35 -20.24 -6.73
N LEU T 116 28.76 -20.49 -5.56
CA LEU T 116 27.30 -20.67 -5.45
C LEU T 116 26.55 -19.33 -5.51
N VAL T 117 26.50 -18.73 -6.69
CA VAL T 117 25.91 -17.40 -6.88
C VAL T 117 24.41 -17.37 -6.59
N GLU T 118 23.77 -18.53 -6.67
CA GLU T 118 22.33 -18.66 -6.45
C GLU T 118 21.90 -18.08 -5.12
N LEU T 119 22.87 -17.99 -4.20
CA LEU T 119 22.66 -17.68 -2.79
C LEU T 119 22.55 -16.20 -2.49
N PHE T 120 23.04 -15.36 -3.40
CA PHE T 120 23.08 -13.93 -3.16
C PHE T 120 22.44 -13.14 -4.30
N PRO T 121 21.10 -13.15 -4.39
CA PRO T 121 20.45 -12.46 -5.50
C PRO T 121 20.54 -10.96 -5.29
N ARG T 122 20.54 -10.22 -6.41
CA ARG T 122 20.64 -8.77 -6.41
C ARG T 122 21.94 -8.21 -5.85
N THR T 123 22.97 -9.06 -5.77
CA THR T 123 24.27 -8.62 -5.23
C THR T 123 25.33 -8.83 -6.27
N ALA T 124 26.50 -8.22 -6.03
CA ALA T 124 27.69 -8.38 -6.88
C ALA T 124 28.90 -8.75 -6.06
N ILE T 125 29.63 -9.78 -6.49
CA ILE T 125 30.89 -10.17 -5.87
C ILE T 125 32.01 -9.73 -6.80
N ASP T 126 32.83 -8.79 -6.36
CA ASP T 126 33.92 -8.31 -7.21
C ASP T 126 35.20 -9.05 -6.84
N VAL T 127 35.86 -9.62 -7.86
CA VAL T 127 37.13 -10.34 -7.72
C VAL T 127 38.18 -9.62 -8.55
N PHE T 128 39.09 -8.92 -7.89
CA PHE T 128 40.17 -8.25 -8.60
C PHE T 128 41.44 -9.08 -8.51
N THR T 129 42.20 -9.13 -9.59
CA THR T 129 43.37 -9.98 -9.65
C THR T 129 44.53 -9.25 -10.29
N GLU T 130 45.66 -9.28 -9.62
CA GLU T 130 46.85 -8.64 -10.14
C GLU T 130 47.92 -9.67 -10.44
N ILE T 131 48.62 -9.52 -11.57
CA ILE T 131 49.83 -10.32 -11.78
C ILE T 131 51.04 -9.42 -11.50
N LEU T 132 51.80 -9.77 -10.47
CA LEU T 132 52.96 -8.98 -10.03
C LEU T 132 54.26 -9.42 -10.72
N GLN T 133 54.27 -10.69 -11.12
CA GLN T 133 55.37 -11.28 -11.88
C GLN T 133 54.76 -12.31 -12.82
N ALA T 134 55.06 -12.17 -14.10
CA ALA T 134 54.55 -13.10 -15.09
C ALA T 134 55.67 -13.98 -15.59
N ASP T 135 55.55 -15.28 -15.32
CA ASP T 135 56.38 -16.24 -15.98
C ASP T 135 55.57 -17.44 -16.43
N ALA T 136 54.57 -17.20 -17.26
CA ALA T 136 53.66 -18.23 -17.78
C ALA T 136 52.78 -18.88 -16.72
N GLY T 137 51.61 -19.37 -17.16
CA GLY T 137 50.62 -19.95 -16.27
C GLY T 137 49.93 -18.90 -15.42
N SER T 138 50.11 -17.63 -15.78
CA SER T 138 49.55 -16.51 -15.03
C SER T 138 48.02 -16.44 -14.99
N ARG T 139 47.34 -17.03 -15.98
CA ARG T 139 45.89 -17.08 -15.97
C ARG T 139 45.42 -18.08 -14.93
N LEU T 140 46.23 -19.10 -14.65
CA LEU T 140 45.89 -20.10 -13.65
C LEU T 140 46.28 -19.64 -12.27
N VAL T 141 47.43 -19.00 -12.14
CA VAL T 141 47.89 -18.51 -10.86
C VAL T 141 46.89 -17.48 -10.36
N SER T 142 46.34 -16.73 -11.30
CA SER T 142 45.34 -15.73 -11.01
C SER T 142 44.02 -16.36 -10.56
N LEU T 143 43.58 -17.38 -11.30
CA LEU T 143 42.34 -18.08 -11.01
C LEU T 143 42.37 -18.75 -9.64
N MET T 144 43.49 -19.35 -9.29
CA MET T 144 43.63 -20.01 -7.99
C MET T 144 43.70 -19.00 -6.86
N ALA T 145 44.41 -17.91 -7.10
CA ALA T 145 44.50 -16.85 -6.10
C ALA T 145 43.11 -16.33 -5.82
N ALA T 146 42.30 -16.27 -6.87
CA ALA T 146 40.91 -15.81 -6.77
C ALA T 146 40.06 -16.78 -5.98
N SER T 147 40.11 -18.06 -6.35
CA SER T 147 39.39 -19.12 -5.68
C SER T 147 39.68 -19.11 -4.19
N LEU T 148 40.95 -18.96 -3.83
CA LEU T 148 41.36 -18.91 -2.44
C LEU T 148 40.90 -17.65 -1.73
N ALA T 149 40.95 -16.51 -2.42
CA ALA T 149 40.50 -15.25 -1.85
C ALA T 149 38.99 -15.25 -1.60
N LEU T 150 38.25 -16.00 -2.44
CA LEU T 150 36.82 -16.22 -2.24
C LEU T 150 36.60 -17.02 -0.98
N ALA T 151 37.33 -18.12 -0.84
CA ALA T 151 37.24 -18.96 0.35
C ALA T 151 37.61 -18.18 1.60
N ASP T 152 38.58 -17.28 1.47
CA ASP T 152 38.99 -16.41 2.56
C ASP T 152 37.87 -15.42 2.90
N ALA T 153 37.18 -14.93 1.87
CA ALA T 153 36.04 -14.05 2.07
C ALA T 153 34.84 -14.81 2.61
N GLY T 154 35.01 -16.12 2.79
CA GLY T 154 33.97 -17.01 3.35
C GLY T 154 32.76 -17.20 2.47
N ILE T 155 32.96 -17.10 1.15
CA ILE T 155 31.89 -17.24 0.19
C ILE T 155 31.78 -18.69 -0.23
N PRO T 156 30.56 -19.27 -0.15
CA PRO T 156 30.34 -20.70 -0.39
C PRO T 156 30.63 -21.13 -1.83
N MET T 157 31.38 -22.21 -1.99
CA MET T 157 31.71 -22.73 -3.30
C MET T 157 31.56 -24.24 -3.36
N ARG T 158 31.35 -24.77 -4.55
CA ARG T 158 31.24 -26.22 -4.75
C ARG T 158 32.53 -26.89 -4.30
N ASP T 159 33.65 -26.28 -4.68
CA ASP T 159 34.98 -26.81 -4.39
C ASP T 159 35.99 -25.67 -4.59
N LEU T 160 37.24 -25.91 -4.19
CA LEU T 160 38.32 -25.02 -4.55
C LEU T 160 38.73 -25.29 -5.98
N ILE T 161 39.36 -24.32 -6.62
CA ILE T 161 39.88 -24.49 -7.98
C ILE T 161 41.39 -24.60 -8.01
N ALA T 162 41.89 -25.70 -8.57
CA ALA T 162 43.33 -25.94 -8.70
C ALA T 162 43.66 -26.12 -10.18
N GLY T 163 44.84 -25.64 -10.60
CA GLY T 163 45.18 -25.67 -12.03
C GLY T 163 46.64 -25.66 -12.41
N VAL T 164 46.97 -26.39 -13.47
CA VAL T 164 48.31 -26.36 -14.08
C VAL T 164 48.21 -26.20 -15.58
N ALA T 165 49.26 -25.63 -16.15
CA ALA T 165 49.42 -25.63 -17.59
C ALA T 165 50.29 -26.83 -17.92
N VAL T 166 49.81 -27.67 -18.82
CA VAL T 166 50.60 -28.78 -19.30
C VAL T 166 50.92 -28.51 -20.78
N GLY T 167 52.05 -29.00 -21.26
CA GLY T 167 52.47 -28.66 -22.62
C GLY T 167 53.37 -29.69 -23.27
N LYS T 168 53.84 -29.38 -24.47
CA LYS T 168 54.81 -30.23 -25.13
C LYS T 168 55.97 -29.39 -25.61
N ALA T 169 57.16 -29.70 -25.09
CA ALA T 169 58.39 -29.01 -25.50
C ALA T 169 58.98 -29.69 -26.73
N ASP T 170 60.02 -30.49 -26.55
CA ASP T 170 60.70 -31.12 -27.69
C ASP T 170 60.12 -32.50 -27.98
N GLY T 171 58.83 -32.52 -28.31
CA GLY T 171 58.10 -33.77 -28.52
C GLY T 171 57.83 -34.49 -27.22
N VAL T 172 58.26 -33.89 -26.11
CA VAL T 172 58.06 -34.45 -24.79
C VAL T 172 56.99 -33.66 -24.03
N ILE T 173 56.04 -34.37 -23.41
CA ILE T 173 55.01 -33.74 -22.60
C ILE T 173 55.54 -33.35 -21.23
N ILE T 174 55.36 -32.07 -20.89
CA ILE T 174 55.92 -31.47 -19.67
C ILE T 174 54.83 -30.80 -18.82
N LEU T 175 55.09 -30.69 -17.54
CA LEU T 175 54.13 -30.14 -16.58
C LEU T 175 54.59 -28.78 -16.01
N ASP T 176 53.69 -27.80 -16.06
CA ASP T 176 53.92 -26.46 -15.50
C ASP T 176 55.05 -25.71 -16.20
N LEU T 177 54.69 -24.87 -17.17
CA LEU T 177 55.64 -24.26 -18.10
C LEU T 177 56.28 -22.96 -17.60
N ASN T 178 57.53 -22.73 -17.97
CA ASN T 178 58.17 -21.44 -17.77
C ASN T 178 57.65 -20.61 -18.94
N GLU T 179 58.09 -19.36 -19.02
CA GLU T 179 57.80 -18.52 -20.17
C GLU T 179 58.60 -18.96 -21.41
N THR T 180 59.78 -19.55 -21.18
CA THR T 180 60.62 -20.08 -22.26
C THR T 180 59.95 -21.29 -22.92
N GLU T 181 59.35 -22.15 -22.11
CA GLU T 181 58.62 -23.30 -22.64
C GLU T 181 57.32 -22.88 -23.35
N ASP T 182 56.66 -21.85 -22.80
CA ASP T 182 55.46 -21.29 -23.39
C ASP T 182 55.77 -20.69 -24.77
N MET T 183 56.88 -19.96 -24.84
CA MET T 183 57.37 -19.25 -26.05
C MET T 183 57.75 -20.18 -27.22
N TRP T 184 58.50 -21.24 -26.93
CA TRP T 184 59.06 -22.10 -27.97
C TRP T 184 58.50 -23.53 -28.04
N GLY T 185 57.65 -23.93 -27.11
CA GLY T 185 57.04 -25.27 -27.14
C GLY T 185 55.98 -25.46 -28.22
N GLU T 186 55.77 -26.70 -28.67
CA GLU T 186 54.72 -26.99 -29.65
C GLU T 186 53.31 -26.66 -29.15
N ALA T 187 53.07 -26.87 -27.86
CA ALA T 187 51.75 -26.73 -27.28
C ALA T 187 51.79 -26.21 -25.84
N ASP T 188 50.73 -25.48 -25.48
CA ASP T 188 50.50 -24.84 -24.17
C ASP T 188 49.01 -25.07 -23.82
N MET T 189 48.76 -25.93 -22.85
CA MET T 189 47.40 -26.32 -22.49
C MET T 189 47.10 -26.09 -21.00
N PRO T 190 46.55 -24.90 -20.65
CA PRO T 190 46.15 -24.66 -19.28
C PRO T 190 44.87 -25.42 -18.90
N ILE T 191 44.88 -26.09 -17.74
CA ILE T 191 43.73 -26.86 -17.26
C ILE T 191 43.48 -26.50 -15.79
N ALA T 192 42.24 -26.19 -15.48
CA ALA T 192 41.84 -25.91 -14.10
C ALA T 192 40.65 -26.78 -13.67
N MET T 193 40.74 -27.34 -12.47
CA MET T 193 39.74 -28.30 -12.01
C MET T 193 39.18 -27.96 -10.66
N MET T 194 38.00 -28.49 -10.40
CA MET T 194 37.49 -28.65 -9.05
C MET T 194 37.76 -30.10 -8.71
N PRO T 195 38.97 -30.38 -8.14
CA PRO T 195 39.54 -31.72 -8.02
C PRO T 195 38.68 -32.74 -7.29
N SER T 196 37.97 -32.33 -6.25
CA SER T 196 37.15 -33.26 -5.48
C SER T 196 35.89 -33.69 -6.20
N LEU T 197 35.46 -32.90 -7.18
CA LEU T 197 34.30 -33.22 -8.01
C LEU T 197 34.70 -33.77 -9.38
N ASN T 198 36.00 -33.75 -9.68
CA ASN T 198 36.53 -34.06 -11.01
C ASN T 198 35.90 -33.21 -12.12
N GLN T 199 35.76 -31.92 -11.84
CA GLN T 199 35.09 -31.01 -12.74
C GLN T 199 36.09 -30.04 -13.36
N VAL T 200 36.11 -29.98 -14.68
CA VAL T 200 37.00 -29.08 -15.38
C VAL T 200 36.30 -27.75 -15.52
N THR T 201 36.96 -26.77 -14.91
CA THR T 201 36.47 -25.42 -14.76
C THR T 201 36.95 -24.52 -15.89
N LEU T 202 38.23 -24.68 -16.23
CA LEU T 202 38.88 -23.97 -17.33
C LEU T 202 39.63 -24.99 -18.17
N PHE T 203 39.60 -24.81 -19.49
CA PHE T 203 40.32 -25.70 -20.38
C PHE T 203 40.63 -25.02 -21.70
N GLN T 204 41.93 -24.88 -22.01
CA GLN T 204 42.38 -24.26 -23.25
C GLN T 204 43.58 -24.98 -23.82
N LEU T 205 43.77 -24.83 -25.13
CA LEU T 205 44.99 -25.26 -25.79
C LEU T 205 45.33 -24.32 -26.94
N ASN T 206 46.54 -23.76 -26.88
CA ASN T 206 47.14 -23.05 -28.02
C ASN T 206 48.39 -23.78 -28.45
N GLY T 207 48.52 -24.01 -29.75
CA GLY T 207 49.57 -24.87 -30.26
C GLY T 207 48.97 -26.10 -30.92
N SER T 208 49.73 -27.17 -30.97
CA SER T 208 49.37 -28.32 -31.80
C SER T 208 49.57 -29.63 -31.07
N MET T 209 48.64 -30.57 -31.17
CA MET T 209 48.78 -31.87 -30.51
C MET T 209 48.02 -32.98 -31.21
N THR T 210 48.55 -34.21 -31.15
CA THR T 210 47.82 -35.38 -31.64
C THR T 210 46.83 -35.79 -30.57
N PRO T 211 45.73 -36.43 -30.98
CA PRO T 211 44.71 -36.86 -30.01
C PRO T 211 45.30 -37.67 -28.83
N ASP T 212 46.40 -38.38 -29.10
CA ASP T 212 47.02 -39.28 -28.12
C ASP T 212 47.88 -38.61 -27.06
N GLU T 213 48.65 -37.59 -27.46
CA GLU T 213 49.34 -36.72 -26.52
C GLU T 213 48.31 -35.94 -25.73
N PHE T 214 47.38 -35.29 -26.42
CA PHE T 214 46.34 -34.55 -25.74
C PHE T 214 45.87 -35.36 -24.55
N ARG T 215 45.63 -36.66 -24.75
CA ARG T 215 45.18 -37.55 -23.66
C ARG T 215 46.23 -37.87 -22.61
N GLN T 216 47.50 -37.86 -23.00
CA GLN T 216 48.60 -38.04 -22.04
C GLN T 216 48.79 -36.78 -21.23
N ALA T 217 48.94 -35.65 -21.93
CA ALA T 217 49.09 -34.35 -21.31
C ALA T 217 48.02 -34.17 -20.26
N PHE T 218 46.89 -34.80 -20.53
CA PHE T 218 45.72 -34.70 -19.73
C PHE T 218 45.87 -35.47 -18.42
N ASP T 219 46.44 -36.68 -18.51
CA ASP T 219 46.67 -37.57 -17.35
C ASP T 219 47.69 -36.98 -16.40
N LEU T 220 48.64 -36.25 -16.97
CA LEU T 220 49.69 -35.61 -16.20
C LEU T 220 49.16 -34.40 -15.44
N ALA T 221 48.40 -33.55 -16.14
CA ALA T 221 47.79 -32.34 -15.57
C ALA T 221 46.97 -32.67 -14.33
N VAL T 222 46.19 -33.74 -14.40
CA VAL T 222 45.39 -34.17 -13.26
C VAL T 222 46.26 -34.40 -12.03
N LYS T 223 47.35 -35.16 -12.21
CA LYS T 223 48.28 -35.50 -11.11
C LYS T 223 48.86 -34.25 -10.45
N GLY T 224 49.27 -33.30 -11.28
CA GLY T 224 49.79 -32.01 -10.82
C GLY T 224 48.73 -31.24 -10.07
N ILE T 225 47.54 -31.16 -10.65
CA ILE T 225 46.41 -30.50 -10.00
C ILE T 225 46.18 -31.07 -8.59
N ASN T 226 46.23 -32.39 -8.47
CA ASN T 226 45.99 -33.06 -7.20
C ASN T 226 46.96 -32.67 -6.10
N ILE T 227 48.21 -32.44 -6.49
CA ILE T 227 49.24 -32.03 -5.54
C ILE T 227 49.02 -30.57 -5.10
N ILE T 228 48.67 -29.73 -6.06
CA ILE T 228 48.39 -28.33 -5.78
C ILE T 228 47.17 -28.20 -4.89
N TYR T 229 46.14 -28.96 -5.20
CA TYR T 229 44.89 -28.95 -4.44
C TYR T 229 45.15 -29.19 -2.97
N ASN T 230 46.01 -30.15 -2.67
CA ASN T 230 46.38 -30.47 -1.29
C ASN T 230 46.98 -29.29 -0.54
N LEU T 231 47.75 -28.46 -1.26
CA LEU T 231 48.39 -27.29 -0.68
C LEU T 231 47.38 -26.19 -0.47
N GLU T 232 46.40 -26.10 -1.35
CA GLU T 232 45.30 -25.15 -1.19
C GLU T 232 44.53 -25.49 0.06
N ARG T 233 44.20 -26.77 0.20
CA ARG T 233 43.58 -27.30 1.40
C ARG T 233 44.29 -26.88 2.70
N GLU T 234 45.60 -27.11 2.77
CA GLU T 234 46.40 -26.75 3.97
C GLU T 234 46.45 -25.24 4.13
N ALA T 235 46.63 -24.52 3.03
CA ALA T 235 46.76 -23.06 3.08
C ALA T 235 45.50 -22.44 3.65
N LEU T 236 44.40 -23.16 3.55
CA LEU T 236 43.11 -22.71 4.05
C LEU T 236 43.07 -22.77 5.57
N LYS T 237 43.66 -23.81 6.17
CA LYS T 237 43.65 -23.95 7.61
C LYS T 237 44.79 -23.21 8.31
N SER T 238 45.94 -23.11 7.66
CA SER T 238 47.12 -22.50 8.31
C SER T 238 47.48 -21.12 7.78
N LYS T 239 46.76 -20.67 6.75
CA LYS T 239 46.94 -19.32 6.16
C LYS T 239 48.25 -19.10 5.39
N TYR T 240 49.22 -20.01 5.53
CA TYR T 240 50.52 -19.85 4.89
C TYR T 240 51.16 -21.19 4.52
N VAL T 241 51.53 -21.34 3.25
CA VAL T 241 52.07 -22.60 2.76
C VAL T 241 53.27 -22.36 1.83
N GLU T 242 54.33 -23.13 2.06
CA GLU T 242 55.49 -23.17 1.16
C GLU T 242 55.71 -24.59 0.68
N PHE T 243 56.12 -24.73 -0.57
CA PHE T 243 56.33 -26.04 -1.16
C PHE T 243 57.46 -26.00 -2.18
N LYS T 244 58.58 -26.66 -1.86
CA LYS T 244 59.74 -26.77 -2.76
C LYS T 244 59.37 -27.68 -3.94
N GLU T 245 59.79 -27.31 -5.15
CA GLU T 245 59.39 -28.02 -6.39
C GLU T 245 59.49 -29.53 -6.19
N GLU T 246 58.49 -30.30 -6.61
CA GLU T 246 58.66 -31.77 -6.53
C GLU T 246 58.06 -32.60 -7.64
N GLY T 247 58.64 -33.79 -7.83
CA GLY T 247 58.15 -34.81 -8.75
C GLY T 247 56.71 -35.19 -8.48
N VAL T 248 55.95 -35.27 -9.57
CA VAL T 248 54.52 -35.27 -9.48
C VAL T 248 53.94 -36.64 -9.75
N MET U 1 25.72 3.77 -32.16
CA MET U 1 24.27 3.46 -32.01
C MET U 1 23.44 4.70 -31.62
N SER U 2 22.59 5.13 -32.55
CA SER U 2 21.83 6.38 -32.43
C SER U 2 20.40 6.12 -31.94
N SER U 3 20.05 6.71 -30.80
CA SER U 3 18.73 6.50 -30.21
C SER U 3 17.98 7.81 -29.86
N THR U 4 16.65 7.75 -29.93
CA THR U 4 15.76 8.87 -29.56
C THR U 4 16.15 9.45 -28.21
N PRO U 5 16.48 10.76 -28.16
CA PRO U 5 16.97 11.37 -26.90
C PRO U 5 15.90 11.35 -25.82
N SER U 6 16.26 10.84 -24.62
CA SER U 6 15.31 10.72 -23.49
C SER U 6 15.22 11.97 -22.61
N ASN U 7 16.25 12.82 -22.67
CA ASN U 7 16.25 14.11 -22.00
C ASN U 7 16.17 15.25 -23.00
N GLN U 8 14.98 15.42 -23.56
CA GLN U 8 14.62 16.59 -24.35
C GLN U 8 13.52 17.36 -23.60
N ASN U 9 13.02 18.44 -24.22
CA ASN U 9 12.00 19.30 -23.59
C ASN U 9 10.59 19.06 -24.14
N ILE U 10 9.83 18.08 -23.60
CA ILE U 10 8.43 17.96 -24.04
C ILE U 10 7.70 19.25 -23.73
N ILE U 11 6.93 19.73 -24.70
CA ILE U 11 6.22 21.01 -24.58
C ILE U 11 4.72 20.80 -24.80
N PRO U 12 3.90 21.07 -23.74
CA PRO U 12 2.47 20.71 -23.68
C PRO U 12 1.66 21.09 -24.91
N ILE U 13 0.59 20.35 -25.15
CA ILE U 13 -0.26 20.57 -26.31
C ILE U 13 -0.88 21.96 -26.25
N ILE U 14 -1.18 22.43 -25.03
CA ILE U 14 -1.83 23.72 -24.81
C ILE U 14 -0.93 24.88 -25.21
N LYS U 15 0.35 24.80 -24.84
CA LYS U 15 1.33 25.82 -25.22
C LYS U 15 1.60 25.83 -26.74
N LYS U 16 1.55 24.65 -27.35
CA LYS U 16 1.74 24.54 -28.80
C LYS U 16 0.64 25.27 -29.55
N GLU U 17 -0.60 25.12 -29.10
CA GLU U 17 -1.77 25.74 -29.72
C GLU U 17 -1.82 27.26 -29.56
N SER U 18 -1.05 27.78 -28.59
CA SER U 18 -0.91 29.22 -28.37
C SER U 18 -0.01 29.81 -29.43
N ILE U 19 1.09 29.12 -29.69
CA ILE U 19 2.07 29.56 -30.66
C ILE U 19 1.52 29.45 -32.06
N VAL U 20 0.81 28.35 -32.35
CA VAL U 20 0.20 28.12 -33.66
C VAL U 20 -0.90 29.14 -33.98
N SER U 21 -1.70 29.50 -32.96
CA SER U 21 -2.73 30.53 -33.13
C SER U 21 -2.15 31.88 -33.52
N LEU U 22 -0.91 32.14 -33.11
CA LEU U 22 -0.18 33.36 -33.46
C LEU U 22 0.33 33.30 -34.90
N PHE U 23 0.81 32.13 -35.30
CA PHE U 23 1.26 31.85 -36.68
C PHE U 23 0.12 32.08 -37.69
N GLU U 24 -1.09 31.69 -37.31
CA GLU U 24 -2.33 31.90 -38.09
C GLU U 24 -2.53 33.37 -38.40
N LYS U 25 -1.98 34.23 -37.54
CA LYS U 25 -2.03 35.68 -37.72
C LYS U 25 -0.70 36.27 -38.20
N GLY U 26 0.23 35.39 -38.60
CA GLY U 26 1.50 35.80 -39.20
C GLY U 26 2.45 36.52 -38.26
N ILE U 27 2.24 36.33 -36.96
CA ILE U 27 3.10 36.91 -35.94
C ILE U 27 3.61 35.80 -35.02
N ARG U 28 4.72 36.05 -34.34
CA ARG U 28 5.30 35.09 -33.39
C ARG U 28 5.37 35.64 -31.96
N GLN U 29 5.81 34.81 -31.01
CA GLN U 29 5.96 35.21 -29.58
C GLN U 29 7.04 36.29 -29.28
N ASP U 30 8.00 36.48 -30.20
CA ASP U 30 9.05 37.50 -30.10
C ASP U 30 8.55 38.81 -30.66
N GLY U 31 7.68 38.71 -31.64
CA GLY U 31 7.13 39.87 -32.35
C GLY U 31 7.38 39.86 -33.86
N ARG U 32 8.35 39.06 -34.29
CA ARG U 32 8.74 39.00 -35.71
C ARG U 32 7.75 38.22 -36.59
N LYS U 33 7.73 38.57 -37.87
CA LYS U 33 6.93 37.90 -38.88
C LYS U 33 7.47 36.50 -39.11
N LEU U 34 6.66 35.66 -39.77
CA LEU U 34 7.02 34.26 -40.03
C LEU U 34 8.36 34.07 -40.76
N THR U 35 8.83 35.10 -41.46
CA THR U 35 10.02 35.01 -42.29
C THR U 35 11.25 35.81 -41.79
N ASP U 36 11.14 36.41 -40.60
CA ASP U 36 12.21 37.26 -40.06
C ASP U 36 13.29 36.47 -39.32
N TYR U 37 14.54 36.90 -39.49
CA TYR U 37 15.64 36.44 -38.66
C TYR U 37 15.63 37.16 -37.32
N ARG U 38 16.24 36.54 -36.32
CA ARG U 38 16.42 37.18 -35.02
C ARG U 38 17.52 38.24 -35.09
N PRO U 39 17.57 39.16 -34.11
CA PRO U 39 18.64 40.16 -34.01
C PRO U 39 20.02 39.51 -34.02
N LEU U 40 20.93 40.10 -34.80
CA LEU U 40 22.25 39.48 -35.04
C LEU U 40 23.43 40.34 -34.56
N SER U 41 24.22 39.79 -33.64
CA SER U 41 25.44 40.44 -33.17
C SER U 41 26.65 39.63 -33.56
N ILE U 42 27.66 40.30 -34.12
CA ILE U 42 28.95 39.67 -34.36
C ILE U 42 30.07 40.54 -33.81
N THR U 43 30.87 39.96 -32.93
CA THR U 43 32.06 40.59 -32.38
C THR U 43 33.25 39.81 -32.92
N LEU U 44 34.08 40.47 -33.72
CA LEU U 44 35.26 39.82 -34.30
C LEU U 44 36.45 39.86 -33.35
N ASP U 45 37.39 38.94 -33.58
CA ASP U 45 38.59 38.74 -32.74
C ASP U 45 38.32 38.72 -31.23
N TYR U 46 37.30 37.97 -30.83
CA TYR U 46 36.91 37.89 -29.44
C TYR U 46 37.89 37.06 -28.62
N ALA U 47 38.26 35.88 -29.12
CA ALA U 47 39.34 35.07 -28.52
C ALA U 47 40.70 35.53 -29.04
N LYS U 48 41.47 36.20 -28.19
CA LYS U 48 42.69 36.91 -28.62
C LYS U 48 43.84 36.00 -29.08
N LYS U 49 43.92 34.80 -28.51
CA LYS U 49 44.98 33.88 -28.86
C LYS U 49 44.66 33.00 -30.07
N ALA U 50 43.43 33.08 -30.55
CA ALA U 50 43.05 32.48 -31.83
C ALA U 50 43.70 33.29 -32.95
N ASP U 51 43.91 32.65 -34.09
CA ASP U 51 44.48 33.40 -35.19
C ASP U 51 43.38 34.26 -35.84
N GLY U 52 42.14 33.83 -35.65
CA GLY U 52 40.96 34.61 -36.01
C GLY U 52 39.76 34.03 -35.28
N SER U 53 38.93 34.89 -34.70
CA SER U 53 37.76 34.44 -33.95
C SER U 53 36.53 35.33 -34.18
N ALA U 54 35.37 34.81 -33.80
CA ALA U 54 34.14 35.56 -33.92
C ALA U 54 33.12 35.04 -32.92
N LEU U 55 32.53 35.95 -32.17
CA LEU U 55 31.45 35.63 -31.25
C LEU U 55 30.15 36.13 -31.83
N VAL U 56 29.26 35.19 -32.15
CA VAL U 56 27.99 35.49 -32.80
C VAL U 56 26.81 35.38 -31.84
N LYS U 57 26.00 36.42 -31.75
CA LYS U 57 24.74 36.34 -31.01
C LYS U 57 23.60 36.44 -31.98
N LEU U 58 22.92 35.33 -32.22
CA LEU U 58 21.70 35.29 -33.00
C LEU U 58 20.55 34.98 -32.03
N GLY U 59 19.80 36.01 -31.66
CA GLY U 59 18.79 35.87 -30.60
C GLY U 59 19.47 35.55 -29.27
N THR U 60 19.03 34.47 -28.62
CA THR U 60 19.66 34.01 -27.38
C THR U 60 20.77 32.99 -27.64
N THR U 61 20.85 32.46 -28.87
CA THR U 61 21.90 31.52 -29.26
C THR U 61 23.27 32.20 -29.34
N MET U 62 24.28 31.61 -28.72
CA MET U 62 25.64 32.16 -28.80
C MET U 62 26.64 31.13 -29.24
N VAL U 63 27.37 31.46 -30.31
CA VAL U 63 28.42 30.62 -30.80
C VAL U 63 29.69 31.42 -30.82
N LEU U 64 30.78 30.82 -30.35
CA LEU U 64 32.12 31.38 -30.47
C LEU U 64 32.95 30.41 -31.34
N ALA U 65 33.45 30.91 -32.47
CA ALA U 65 34.27 30.09 -33.35
C ALA U 65 35.65 30.68 -33.41
N GLY U 66 36.66 29.83 -33.41
CA GLY U 66 38.04 30.30 -33.52
C GLY U 66 38.90 29.44 -34.44
N THR U 67 39.77 30.09 -35.21
CA THR U 67 40.70 29.37 -36.07
C THR U 67 42.10 29.33 -35.46
N LYS U 68 42.82 28.26 -35.77
CA LYS U 68 44.18 28.08 -35.36
C LYS U 68 44.92 27.44 -36.52
N LEU U 69 45.94 28.11 -37.06
CA LEU U 69 46.66 27.65 -38.23
C LEU U 69 47.94 26.88 -37.91
N GLU U 70 48.18 25.81 -38.67
CA GLU U 70 49.34 24.96 -38.47
C GLU U 70 49.95 24.48 -39.78
N ILE U 71 51.23 24.12 -39.75
CA ILE U 71 51.93 23.59 -40.93
C ILE U 71 52.10 22.08 -40.81
N ASP U 72 51.38 21.36 -41.69
CA ASP U 72 51.39 19.88 -41.80
C ASP U 72 51.98 19.41 -43.17
N LYS U 73 52.42 18.16 -43.27
CA LYS U 73 52.63 17.52 -44.57
C LYS U 73 51.25 17.19 -45.13
N PRO U 74 51.00 17.52 -46.41
CA PRO U 74 49.67 17.24 -46.97
C PRO U 74 49.43 15.74 -47.02
N TYR U 75 48.16 15.33 -46.96
CA TYR U 75 47.83 13.90 -47.00
C TYR U 75 48.35 13.28 -48.30
N GLU U 76 48.68 12.00 -48.23
CA GLU U 76 49.16 11.25 -49.40
C GLU U 76 48.14 11.22 -50.53
N ASP U 77 46.85 11.22 -50.18
CA ASP U 77 45.76 11.26 -51.16
C ASP U 77 45.65 12.63 -51.87
N THR U 78 45.67 13.71 -51.09
CA THR U 78 45.49 15.10 -51.62
C THR U 78 46.79 15.92 -51.47
N PRO U 79 47.75 15.74 -52.40
CA PRO U 79 49.09 16.32 -52.24
C PRO U 79 49.18 17.83 -52.52
N ASN U 80 48.26 18.38 -53.31
CA ASN U 80 48.29 19.81 -53.64
C ASN U 80 47.18 20.64 -52.95
N GLN U 81 46.80 20.22 -51.74
CA GLN U 81 45.73 20.87 -50.98
C GLN U 81 46.13 21.13 -49.54
N GLY U 82 45.67 22.25 -49.00
CA GLY U 82 45.68 22.48 -47.57
C GLY U 82 44.54 21.74 -46.91
N ASN U 83 44.49 21.80 -45.58
CA ASN U 83 43.46 21.09 -44.82
C ASN U 83 42.51 22.02 -44.08
N LEU U 84 41.24 21.64 -44.03
CA LEU U 84 40.28 22.32 -43.17
C LEU U 84 39.66 21.30 -42.25
N ILE U 85 39.78 21.51 -40.95
CA ILE U 85 39.19 20.60 -39.98
C ILE U 85 38.22 21.33 -39.07
N VAL U 86 36.93 21.10 -39.32
CA VAL U 86 35.86 21.74 -38.55
C VAL U 86 35.54 20.86 -37.36
N ASN U 87 35.22 21.50 -36.24
CA ASN U 87 34.90 20.80 -35.02
C ASN U 87 33.91 21.57 -34.16
N VAL U 88 32.75 20.97 -33.89
CA VAL U 88 31.70 21.64 -33.13
C VAL U 88 31.58 21.06 -31.72
N GLU U 89 31.38 21.95 -30.73
CA GLU U 89 31.26 21.61 -29.32
C GLU U 89 30.06 22.29 -28.63
N LEU U 90 29.08 21.46 -28.23
CA LEU U 90 27.92 21.90 -27.46
C LEU U 90 28.27 21.82 -25.99
N LEU U 91 27.91 22.83 -25.21
CA LEU U 91 28.35 22.92 -23.82
C LEU U 91 27.27 22.82 -22.72
N PRO U 92 26.04 23.33 -22.99
CA PRO U 92 24.98 23.28 -21.98
C PRO U 92 24.56 21.87 -21.52
N ASP U 104 29.94 14.02 -29.58
CA ASP U 104 28.52 13.92 -29.31
C ASP U 104 27.75 13.10 -30.36
N GLU U 105 27.03 13.79 -31.26
CA GLU U 105 26.19 13.19 -32.32
C GLU U 105 25.49 14.30 -33.08
N ASN U 106 24.94 15.25 -32.34
CA ASN U 106 24.42 16.47 -32.94
C ASN U 106 25.58 17.39 -33.24
N ALA U 107 26.60 17.35 -32.39
CA ALA U 107 27.83 18.10 -32.59
C ALA U 107 28.52 17.66 -33.88
N ILE U 108 28.72 16.34 -34.01
CA ILE U 108 29.31 15.72 -35.20
C ILE U 108 28.54 16.09 -36.48
N GLU U 109 27.22 15.97 -36.43
CA GLU U 109 26.34 16.38 -37.53
C GLU U 109 26.48 17.88 -37.86
N LEU U 110 26.57 18.73 -36.84
CA LEU U 110 26.77 20.16 -37.06
C LEU U 110 28.11 20.47 -37.71
N ALA U 111 29.14 19.77 -37.24
CA ALA U 111 30.49 19.91 -37.79
C ALA U 111 30.51 19.56 -39.26
N ARG U 112 29.92 18.43 -39.62
CA ARG U 112 29.89 17.95 -41.01
C ARG U 112 29.10 18.87 -41.95
N VAL U 113 27.93 19.31 -41.52
CA VAL U 113 27.09 20.20 -42.33
C VAL U 113 27.79 21.52 -42.63
N VAL U 114 28.42 22.13 -41.62
CA VAL U 114 29.23 23.33 -41.80
C VAL U 114 30.42 23.06 -42.72
N ASP U 115 31.22 22.05 -42.40
CA ASP U 115 32.35 21.63 -43.23
C ASP U 115 31.94 21.52 -44.70
N ARG U 116 30.92 20.70 -44.96
CA ARG U 116 30.45 20.44 -46.32
C ARG U 116 30.11 21.70 -47.10
N SER U 117 29.47 22.65 -46.44
CA SER U 117 29.04 23.84 -47.14
C SER U 117 30.19 24.85 -47.34
N LEU U 118 31.22 24.80 -46.49
CA LEU U 118 32.41 25.65 -46.66
C LEU U 118 33.34 25.08 -47.73
N ARG U 119 33.31 23.76 -47.86
CA ARG U 119 34.21 23.04 -48.74
C ARG U 119 33.64 22.93 -50.18
N ASP U 120 32.39 22.49 -50.29
CA ASP U 120 31.70 22.33 -51.59
C ASP U 120 31.43 23.65 -52.31
N SER U 121 31.22 24.73 -51.55
CA SER U 121 31.06 26.05 -52.13
C SER U 121 32.37 26.58 -52.66
N LYS U 122 33.48 26.06 -52.14
CA LYS U 122 34.81 26.58 -52.45
C LYS U 122 34.99 27.98 -51.85
N ALA U 123 34.26 28.28 -50.77
CA ALA U 123 34.34 29.57 -50.09
C ALA U 123 35.74 29.75 -49.54
N LEU U 124 36.30 28.65 -49.04
CA LEU U 124 37.71 28.57 -48.73
C LEU U 124 38.37 27.74 -49.80
N ASP U 125 39.38 28.30 -50.47
CA ASP U 125 40.14 27.57 -51.46
C ASP U 125 41.33 26.88 -50.80
N LEU U 126 41.23 25.56 -50.66
CA LEU U 126 42.25 24.76 -50.00
C LEU U 126 43.51 24.62 -50.83
N THR U 127 43.37 24.75 -52.15
CA THR U 127 44.52 24.63 -53.05
C THR U 127 45.44 25.86 -52.99
N LYS U 128 44.96 26.94 -52.35
CA LYS U 128 45.75 28.16 -52.07
C LYS U 128 46.32 28.21 -50.62
N LEU U 129 46.29 27.06 -49.96
CA LEU U 129 46.94 26.89 -48.66
C LEU U 129 48.17 25.98 -48.76
N VAL U 130 48.77 25.92 -49.95
CA VAL U 130 49.97 25.12 -50.16
C VAL U 130 51.18 26.03 -50.02
N ILE U 131 52.19 25.57 -49.28
CA ILE U 131 53.45 26.32 -49.17
C ILE U 131 54.48 25.71 -50.14
N GLU U 132 54.90 24.48 -49.87
CA GLU U 132 55.67 23.69 -50.82
C GLU U 132 54.83 22.46 -51.16
N PRO U 133 54.43 22.33 -52.44
CA PRO U 133 53.59 21.22 -52.89
C PRO U 133 54.17 19.86 -52.55
N GLY U 134 53.36 19.01 -51.92
CA GLY U 134 53.79 17.68 -51.51
C GLY U 134 54.63 17.66 -50.24
N LYS U 135 55.29 18.78 -49.93
CA LYS U 135 56.15 18.89 -48.74
C LYS U 135 55.42 19.46 -47.51
N SER U 136 54.85 20.66 -47.65
CA SER U 136 54.20 21.33 -46.53
C SER U 136 53.04 22.26 -46.94
N VAL U 137 51.93 22.14 -46.21
CA VAL U 137 50.72 22.94 -46.42
C VAL U 137 50.16 23.48 -45.11
N TRP U 138 49.27 24.48 -45.20
CA TRP U 138 48.55 24.97 -44.04
C TRP U 138 47.40 24.05 -43.66
N THR U 139 47.21 23.83 -42.37
CA THR U 139 46.01 23.18 -41.86
C THR U 139 45.20 24.21 -41.07
N VAL U 140 43.96 24.44 -41.49
CA VAL U 140 43.09 25.36 -40.77
C VAL U 140 42.22 24.59 -39.78
N TRP U 141 42.50 24.76 -38.49
CA TRP U 141 41.64 24.19 -37.47
C TRP U 141 40.56 25.18 -37.12
N LEU U 142 39.33 24.84 -37.49
CA LEU U 142 38.17 25.63 -37.10
C LEU U 142 37.49 24.94 -35.94
N ASP U 143 37.34 25.65 -34.81
CA ASP U 143 36.66 25.11 -33.65
C ASP U 143 35.50 26.01 -33.22
N VAL U 144 34.30 25.43 -33.20
CA VAL U 144 33.08 26.18 -32.99
C VAL U 144 32.49 25.75 -31.64
N TYR U 145 32.26 26.72 -30.75
CA TYR U 145 31.74 26.46 -29.40
C TYR U 145 30.38 27.07 -29.14
N VAL U 146 29.39 26.20 -29.00
CA VAL U 146 28.04 26.64 -28.67
C VAL U 146 27.94 26.86 -27.16
N LEU U 147 27.80 28.13 -26.76
CA LEU U 147 27.79 28.51 -25.35
C LEU U 147 26.37 28.65 -24.82
N ASP U 148 25.46 29.09 -25.68
CA ASP U 148 24.08 29.31 -25.30
C ASP U 148 23.21 28.64 -26.36
N TYR U 149 22.47 27.62 -25.96
CA TYR U 149 21.59 26.93 -26.90
C TYR U 149 20.23 27.60 -26.96
N GLY U 150 20.09 28.58 -27.86
CA GLY U 150 18.83 29.32 -28.00
C GLY U 150 18.00 28.93 -29.21
N GLY U 151 18.34 27.79 -29.81
CA GLY U 151 17.63 27.27 -30.98
C GLY U 151 18.23 27.77 -32.28
N ASN U 152 18.09 26.95 -33.33
CA ASN U 152 18.70 27.22 -34.63
C ASN U 152 20.20 27.45 -34.53
N VAL U 153 20.83 26.49 -33.86
CA VAL U 153 22.27 26.50 -33.60
C VAL U 153 23.07 26.44 -34.93
N LEU U 154 22.57 25.66 -35.87
CA LEU U 154 23.22 25.49 -37.16
C LEU U 154 23.50 26.80 -37.91
N ASP U 155 22.49 27.69 -37.94
CA ASP U 155 22.62 28.97 -38.66
C ASP U 155 23.66 29.88 -38.02
N ALA U 156 23.67 29.87 -36.68
CA ALA U 156 24.65 30.62 -35.89
C ALA U 156 26.06 30.07 -36.08
N CYS U 157 26.16 28.76 -36.23
CA CYS U 157 27.44 28.09 -36.44
C CYS U 157 28.05 28.49 -37.77
N THR U 158 27.27 28.39 -38.84
CA THR U 158 27.74 28.81 -40.17
C THR U 158 28.24 30.25 -40.15
N LEU U 159 27.49 31.13 -39.49
CA LEU U 159 27.90 32.54 -39.33
C LEU U 159 29.21 32.71 -38.56
N ALA U 160 29.27 32.14 -37.35
CA ALA U 160 30.49 32.16 -36.54
C ALA U 160 31.69 31.61 -37.31
N SER U 161 31.50 30.49 -38.00
CA SER U 161 32.57 29.86 -38.80
C SER U 161 33.08 30.82 -39.86
N VAL U 162 32.18 31.23 -40.76
CA VAL U 162 32.50 32.19 -41.83
C VAL U 162 33.19 33.44 -41.28
N ALA U 163 32.63 34.02 -40.21
CA ALA U 163 33.22 35.20 -39.58
C ALA U 163 34.63 34.94 -39.04
N ALA U 164 34.81 33.78 -38.40
CA ALA U 164 36.10 33.41 -37.81
C ALA U 164 37.16 33.23 -38.89
N LEU U 165 36.75 32.69 -40.05
CA LEU U 165 37.67 32.53 -41.19
C LEU U 165 38.07 33.89 -41.77
N TYR U 166 37.10 34.80 -41.86
CA TYR U 166 37.35 36.14 -42.40
C TYR U 166 38.19 36.99 -41.49
N ASN U 167 38.24 36.61 -40.20
CA ASN U 167 39.03 37.32 -39.21
C ASN U 167 40.44 36.75 -39.06
N THR U 168 40.67 35.58 -39.66
CA THR U 168 41.94 34.88 -39.55
C THR U 168 43.12 35.62 -40.20
N LYS U 169 44.22 35.67 -39.43
CA LYS U 169 45.49 36.25 -39.86
C LYS U 169 46.51 35.16 -40.15
N VAL U 170 47.11 35.19 -41.34
CA VAL U 170 48.19 34.26 -41.71
C VAL U 170 49.57 34.87 -41.44
N TYR U 171 50.51 34.05 -41.01
CA TYR U 171 51.82 34.51 -40.55
C TYR U 171 52.97 34.21 -41.52
N LYS U 172 54.12 34.84 -41.27
CA LYS U 172 55.32 34.65 -42.10
C LYS U 172 55.88 33.24 -41.94
N VAL U 173 56.29 32.65 -43.05
CA VAL U 173 56.80 31.27 -43.06
C VAL U 173 58.33 31.26 -43.22
N VAL U 182 57.19 28.84 -38.27
CA VAL U 182 56.26 29.97 -38.30
C VAL U 182 56.75 31.12 -37.39
N ASN U 183 56.61 32.36 -37.86
CA ASN U 183 57.16 33.57 -37.21
C ASN U 183 56.05 34.49 -36.65
N LYS U 184 55.30 33.96 -35.68
CA LYS U 184 53.94 34.41 -35.34
C LYS U 184 53.70 35.89 -34.96
N ASN U 185 54.68 36.76 -35.15
CA ASN U 185 54.47 38.18 -34.91
C ASN U 185 54.64 39.08 -36.15
N GLU U 186 54.81 38.43 -37.31
CA GLU U 186 54.72 39.10 -38.59
C GLU U 186 53.51 38.55 -39.35
N VAL U 187 52.58 39.43 -39.69
CA VAL U 187 51.37 39.05 -40.41
C VAL U 187 51.53 39.27 -41.91
N VAL U 188 51.48 38.17 -42.67
CA VAL U 188 51.61 38.18 -44.13
C VAL U 188 50.32 38.60 -44.83
N GLY U 189 49.20 38.00 -44.45
CA GLY U 189 47.90 38.26 -45.09
C GLY U 189 46.73 37.54 -44.45
N LYS U 190 45.63 37.43 -45.21
CA LYS U 190 44.40 36.75 -44.75
C LYS U 190 44.19 35.47 -45.55
N LEU U 191 43.21 34.66 -45.14
CA LEU U 191 42.90 33.38 -45.81
C LEU U 191 42.36 33.54 -47.22
N PRO U 192 42.69 32.58 -48.11
CA PRO U 192 42.13 32.57 -49.48
C PRO U 192 40.62 32.28 -49.48
N LEU U 193 39.85 33.32 -49.21
CA LEU U 193 38.39 33.21 -49.15
C LEU U 193 37.71 33.84 -50.35
N ASN U 194 36.97 33.02 -51.08
CA ASN U 194 36.28 33.47 -52.28
C ASN U 194 35.06 34.32 -51.97
N TYR U 195 34.25 33.88 -50.99
CA TYR U 195 33.04 34.57 -50.59
C TYR U 195 32.49 33.99 -49.29
N PRO U 196 31.62 34.76 -48.58
CA PRO U 196 30.90 34.20 -47.44
C PRO U 196 29.79 33.22 -47.87
N VAL U 197 29.31 32.42 -46.92
CA VAL U 197 28.25 31.45 -47.13
C VAL U 197 27.28 31.61 -45.98
N VAL U 198 25.98 31.60 -46.27
CA VAL U 198 24.97 31.59 -45.22
C VAL U 198 24.12 30.33 -45.21
N THR U 199 23.73 29.88 -44.03
CA THR U 199 22.81 28.76 -43.92
C THR U 199 21.53 29.28 -43.31
N ILE U 200 20.43 29.00 -43.98
CA ILE U 200 19.11 29.43 -43.51
C ILE U 200 18.27 28.20 -43.19
N SER U 201 17.81 28.15 -41.93
CA SER U 201 16.93 27.09 -41.49
C SER U 201 15.48 27.55 -41.48
N VAL U 202 14.63 26.74 -42.11
CA VAL U 202 13.19 26.95 -42.17
C VAL U 202 12.52 25.79 -41.41
N ALA U 203 11.79 26.13 -40.35
CA ALA U 203 11.05 25.14 -39.56
C ALA U 203 9.63 24.99 -40.07
N LYS U 204 9.11 23.78 -40.00
CA LYS U 204 7.75 23.49 -40.40
C LYS U 204 6.97 23.20 -39.13
N VAL U 205 6.32 24.22 -38.58
CA VAL U 205 5.47 24.07 -37.43
C VAL U 205 4.02 24.01 -37.90
N ASP U 206 3.34 22.90 -37.61
CA ASP U 206 1.93 22.73 -37.94
C ASP U 206 1.76 22.69 -39.47
N LYS U 207 1.25 23.79 -40.03
CA LYS U 207 1.11 23.97 -41.48
C LYS U 207 1.76 25.28 -41.94
N TYR U 208 2.65 25.81 -41.11
CA TYR U 208 3.32 27.08 -41.40
C TYR U 208 4.81 26.89 -41.56
N LEU U 209 5.44 27.71 -42.38
CA LEU U 209 6.89 27.70 -42.50
C LEU U 209 7.45 28.95 -41.83
N VAL U 210 8.46 28.72 -41.00
CA VAL U 210 8.99 29.72 -40.09
C VAL U 210 10.51 29.79 -40.21
N VAL U 211 11.02 30.96 -40.58
CA VAL U 211 12.45 31.20 -40.76
C VAL U 211 13.18 31.41 -39.43
N ASP U 212 14.34 30.77 -39.25
CA ASP U 212 15.11 30.86 -38.01
C ASP U 212 14.25 30.62 -36.76
N PRO U 213 13.94 29.34 -36.46
CA PRO U 213 13.12 29.02 -35.30
C PRO U 213 13.88 29.21 -34.00
N ASP U 214 13.21 29.76 -32.98
CA ASP U 214 13.82 29.93 -31.66
C ASP U 214 13.75 28.62 -30.84
N LEU U 215 14.06 28.70 -29.56
CA LEU U 215 14.05 27.53 -28.70
C LEU U 215 12.67 26.88 -28.63
N ASP U 216 11.63 27.69 -28.40
CA ASP U 216 10.26 27.20 -28.32
C ASP U 216 9.76 26.60 -29.62
N GLU U 217 10.03 27.28 -30.73
CA GLU U 217 9.55 26.87 -32.05
C GLU U 217 10.16 25.56 -32.53
N GLU U 218 11.43 25.32 -32.14
CA GLU U 218 12.11 24.08 -32.48
C GLU U 218 11.53 22.87 -31.75
N SER U 219 11.02 23.08 -30.55
CA SER U 219 10.47 21.96 -29.80
C SER U 219 9.02 21.59 -30.18
N ILE U 220 8.36 22.43 -30.98
CA ILE U 220 7.00 22.14 -31.43
C ILE U 220 6.93 21.82 -32.91
N MET U 221 8.05 21.98 -33.61
CA MET U 221 8.13 21.79 -35.05
C MET U 221 8.06 20.31 -35.44
N ASP U 222 7.60 20.05 -36.67
CA ASP U 222 7.61 18.70 -37.22
C ASP U 222 9.02 18.34 -37.63
N ALA U 223 9.59 19.14 -38.51
CA ALA U 223 10.98 19.00 -38.94
C ALA U 223 11.46 20.34 -39.45
N LYS U 224 12.76 20.52 -39.52
CA LYS U 224 13.31 21.74 -40.14
C LYS U 224 14.24 21.38 -41.28
N ILE U 225 14.39 22.31 -42.22
CA ILE U 225 15.25 22.07 -43.38
C ILE U 225 16.18 23.26 -43.53
N SER U 226 17.47 23.00 -43.77
CA SER U 226 18.48 24.05 -43.77
C SER U 226 19.09 24.16 -45.15
N PHE U 227 19.11 25.38 -45.70
CA PHE U 227 19.69 25.65 -47.02
C PHE U 227 20.93 26.53 -46.90
N SER U 228 22.04 26.10 -47.52
CA SER U 228 23.26 26.89 -47.57
C SER U 228 23.36 27.58 -48.92
N TYR U 229 23.73 28.87 -48.91
CA TYR U 229 23.81 29.68 -50.13
C TYR U 229 25.14 30.43 -50.30
N THR U 230 25.62 30.51 -51.54
CA THR U 230 26.70 31.43 -51.87
C THR U 230 26.05 32.76 -52.25
N PRO U 231 26.82 33.87 -52.30
CA PRO U 231 26.28 35.19 -52.62
C PRO U 231 25.55 35.35 -53.97
N ASP U 232 25.91 34.61 -55.02
CA ASP U 232 25.02 34.62 -56.20
C ASP U 232 24.02 33.45 -56.20
N LEU U 233 23.60 33.11 -54.98
CA LEU U 233 22.40 32.33 -54.70
C LEU U 233 22.36 30.97 -55.39
N LYS U 234 23.48 30.26 -55.30
CA LYS U 234 23.57 28.86 -55.65
C LYS U 234 23.37 28.07 -54.36
N ILE U 235 22.49 27.06 -54.39
CA ILE U 235 22.32 26.15 -53.26
C ILE U 235 23.58 25.26 -53.13
N VAL U 236 24.14 25.23 -51.93
CA VAL U 236 25.46 24.66 -51.69
C VAL U 236 25.44 23.55 -50.61
N GLY U 237 24.26 23.32 -50.04
CA GLY U 237 24.05 22.30 -49.01
C GLY U 237 22.61 22.33 -48.50
N ILE U 238 22.00 21.16 -48.39
CA ILE U 238 20.67 21.06 -47.80
C ILE U 238 20.66 19.96 -46.76
N GLN U 239 20.06 20.24 -45.61
CA GLN U 239 19.96 19.24 -44.55
C GLN U 239 18.58 19.27 -43.89
N LYS U 240 17.77 18.25 -44.21
CA LYS U 240 16.54 18.03 -43.45
C LYS U 240 16.91 17.47 -42.09
N SER U 241 16.21 17.95 -41.06
CA SER U 241 16.55 17.68 -39.66
C SER U 241 15.27 17.69 -38.80
N GLY U 242 15.17 16.74 -37.88
CA GLY U 242 14.01 16.69 -36.99
C GLY U 242 13.25 15.38 -37.07
N LYS U 243 12.53 15.10 -35.98
CA LYS U 243 11.76 13.87 -35.76
C LYS U 243 10.37 13.97 -36.38
N GLY U 244 10.29 14.49 -37.60
CA GLY U 244 9.04 14.50 -38.34
C GLY U 244 9.30 14.58 -39.83
N SER U 245 8.21 14.71 -40.58
CA SER U 245 8.28 14.77 -42.03
C SER U 245 7.73 16.09 -42.60
N MET U 246 8.01 16.32 -43.88
CA MET U 246 7.66 17.56 -44.57
C MET U 246 7.10 17.20 -45.94
N SER U 247 6.10 17.93 -46.42
CA SER U 247 5.50 17.62 -47.73
C SER U 247 6.37 18.14 -48.88
N LEU U 248 6.04 17.73 -50.09
CA LEU U 248 6.82 18.12 -51.27
C LEU U 248 6.73 19.61 -51.52
N GLN U 249 5.51 20.12 -51.51
CA GLN U 249 5.19 21.54 -51.64
C GLN U 249 5.81 22.40 -50.54
N ASP U 250 6.08 21.78 -49.39
CA ASP U 250 6.70 22.46 -48.25
C ASP U 250 8.16 22.77 -48.48
N ILE U 251 8.91 21.76 -48.93
CA ILE U 251 10.33 21.92 -49.26
C ILE U 251 10.55 22.94 -50.38
N ASP U 252 9.69 22.88 -51.40
CA ASP U 252 9.67 23.86 -52.47
C ASP U 252 9.53 25.29 -51.92
N GLN U 253 8.42 25.54 -51.23
CA GLN U 253 8.17 26.84 -50.63
C GLN U 253 9.27 27.25 -49.69
N ALA U 254 9.70 26.33 -48.85
CA ALA U 254 10.73 26.60 -47.85
C ALA U 254 11.92 27.23 -48.52
N GLU U 255 12.36 26.65 -49.64
CA GLU U 255 13.57 27.10 -50.32
C GLU U 255 13.40 28.51 -50.92
N ASN U 256 12.21 28.83 -51.41
CA ASN U 256 11.95 30.18 -51.89
C ASN U 256 12.12 31.19 -50.79
N THR U 257 11.53 30.86 -49.65
CA THR U 257 11.63 31.69 -48.46
C THR U 257 13.09 31.77 -48.02
N ALA U 258 13.73 30.61 -47.91
CA ALA U 258 15.11 30.52 -47.48
C ALA U 258 16.04 31.41 -48.29
N ARG U 259 15.80 31.43 -49.60
CA ARG U 259 16.68 32.13 -50.54
C ARG U 259 16.49 33.65 -50.50
N SER U 260 15.25 34.11 -50.42
CA SER U 260 14.98 35.55 -50.35
C SER U 260 15.39 36.11 -48.99
N THR U 261 15.49 35.22 -48.00
CA THR U 261 16.04 35.57 -46.71
C THR U 261 17.55 35.69 -46.82
N ALA U 262 18.16 34.72 -47.50
CA ALA U 262 19.61 34.65 -47.68
C ALA U 262 20.21 35.97 -48.14
N VAL U 263 19.51 36.66 -49.03
CA VAL U 263 19.98 37.93 -49.56
C VAL U 263 20.15 38.98 -48.44
N LYS U 264 19.12 39.13 -47.60
CA LYS U 264 19.13 40.00 -46.42
C LYS U 264 20.26 39.64 -45.46
N LEU U 265 20.31 38.36 -45.10
CA LEU U 265 21.30 37.86 -44.13
C LEU U 265 22.72 38.06 -44.63
N LEU U 266 22.92 37.89 -45.94
CA LEU U 266 24.25 38.06 -46.55
C LEU U 266 24.74 39.50 -46.46
N GLU U 267 23.87 40.47 -46.75
CA GLU U 267 24.26 41.88 -46.67
C GLU U 267 24.55 42.29 -45.23
N GLU U 268 23.84 41.68 -44.28
CA GLU U 268 24.05 42.00 -42.89
C GLU U 268 25.34 41.37 -42.37
N LEU U 269 25.59 40.12 -42.77
CA LEU U 269 26.84 39.44 -42.43
C LEU U 269 28.02 40.26 -42.94
N LYS U 270 27.92 40.74 -44.19
CA LYS U 270 29.02 41.51 -44.81
C LYS U 270 29.30 42.81 -44.07
N LYS U 271 28.24 43.45 -43.58
CA LYS U 271 28.39 44.69 -42.80
C LYS U 271 29.20 44.47 -41.55
N HIS U 272 28.96 43.36 -40.88
CA HIS U 272 29.72 42.97 -39.70
C HIS U 272 31.17 42.65 -40.03
N LEU U 273 31.35 41.92 -41.13
CA LEU U 273 32.69 41.53 -41.55
C LEU U 273 33.32 42.52 -42.57
N GLY U 274 32.95 43.80 -42.47
CA GLY U 274 33.55 44.90 -43.25
C GLY U 274 33.58 44.62 -44.72
N ARG V 9 39.48 12.48 -63.98
CA ARG V 9 38.01 12.61 -64.23
C ARG V 9 37.60 11.88 -65.50
N PRO V 10 36.75 10.83 -65.37
CA PRO V 10 36.05 10.30 -66.54
C PRO V 10 34.78 11.09 -66.86
N LYS V 11 34.69 11.60 -68.10
CA LYS V 11 33.45 12.24 -68.56
C LYS V 11 32.29 11.32 -68.18
N LEU V 12 31.41 11.83 -67.33
CA LEU V 12 30.41 10.96 -66.73
C LEU V 12 29.30 10.56 -67.75
N ILE V 13 28.58 11.55 -68.26
CA ILE V 13 27.74 11.35 -69.43
C ILE V 13 28.66 11.37 -70.67
N LEU V 14 28.45 10.41 -71.58
CA LEU V 14 29.27 10.25 -72.78
C LEU V 14 28.64 10.84 -74.05
N ASP V 15 29.22 10.47 -75.20
CA ASP V 15 28.91 11.07 -76.50
C ASP V 15 27.47 10.86 -76.95
N ASP V 16 27.02 9.61 -76.87
CA ASP V 16 25.69 9.22 -77.36
C ASP V 16 24.67 9.09 -76.23
N GLY V 17 24.97 9.68 -75.07
CA GLY V 17 24.00 9.84 -74.00
C GLY V 17 24.23 9.04 -72.73
N LYS V 18 24.74 7.82 -72.87
CA LYS V 18 24.91 6.90 -71.73
C LYS V 18 26.08 7.25 -70.78
N ARG V 19 25.80 7.08 -69.49
CA ARG V 19 26.76 7.29 -68.40
C ARG V 19 27.89 6.23 -68.38
N THR V 20 28.72 6.31 -67.34
CA THR V 20 29.85 5.39 -67.13
C THR V 20 29.47 3.91 -67.04
N ASP V 21 28.29 3.62 -66.48
CA ASP V 21 27.79 2.23 -66.37
C ASP V 21 26.77 1.88 -67.44
N GLY V 22 26.72 2.68 -68.50
CA GLY V 22 25.85 2.43 -69.66
C GLY V 22 24.38 2.73 -69.46
N ARG V 23 24.06 3.49 -68.41
CA ARG V 23 22.71 3.95 -68.15
C ARG V 23 22.44 5.33 -68.74
N LYS V 24 21.20 5.54 -69.19
CA LYS V 24 20.72 6.88 -69.55
C LYS V 24 20.52 7.68 -68.26
N PRO V 25 20.48 9.03 -68.35
CA PRO V 25 20.33 9.89 -67.15
C PRO V 25 19.05 9.64 -66.34
N ASP V 26 18.06 9.01 -67.00
CA ASP V 26 16.78 8.65 -66.39
C ASP V 26 16.61 7.12 -66.32
N GLU V 27 17.56 6.43 -65.71
CA GLU V 27 17.43 5.00 -65.47
C GLU V 27 17.94 4.57 -64.09
N LEU V 28 17.15 3.73 -63.42
CA LEU V 28 17.56 3.17 -62.14
C LEU V 28 18.54 2.02 -62.36
N ARG V 29 19.34 1.75 -61.34
CA ARG V 29 20.14 0.53 -61.29
C ARG V 29 19.19 -0.64 -61.05
N SER V 30 19.73 -1.87 -61.16
CA SER V 30 18.94 -3.07 -60.90
C SER V 30 18.58 -3.16 -59.42
N ILE V 31 17.37 -3.60 -59.13
CA ILE V 31 16.88 -3.71 -57.75
C ILE V 31 16.60 -5.16 -57.35
N LYS V 32 17.04 -5.52 -56.16
CA LYS V 32 16.74 -6.82 -55.57
C LYS V 32 16.33 -6.64 -54.10
N ILE V 33 15.17 -7.19 -53.76
CA ILE V 33 14.68 -7.13 -52.38
C ILE V 33 14.29 -8.54 -51.91
N GLU V 34 14.80 -8.94 -50.74
CA GLU V 34 14.40 -10.18 -50.06
C GLU V 34 13.95 -9.84 -48.63
N LEU V 35 12.85 -10.46 -48.18
CA LEU V 35 12.31 -10.25 -46.82
C LEU V 35 12.39 -11.48 -45.94
N GLY V 36 12.51 -11.25 -44.62
CA GLY V 36 12.53 -12.34 -43.62
C GLY V 36 13.68 -13.30 -43.84
N VAL V 37 14.85 -12.73 -44.13
CA VAL V 37 16.03 -13.53 -44.44
C VAL V 37 16.77 -13.98 -43.17
N LEU V 38 16.59 -13.24 -42.07
CA LEU V 38 17.20 -13.60 -40.78
C LEU V 38 16.18 -14.27 -39.87
N LYS V 39 16.47 -15.49 -39.43
CA LYS V 39 15.53 -16.29 -38.63
C LYS V 39 15.32 -15.77 -37.20
N ASN V 40 16.39 -15.32 -36.55
CA ASN V 40 16.34 -14.89 -35.14
C ASN V 40 16.01 -13.41 -34.90
N ALA V 41 15.77 -12.66 -35.98
CA ALA V 41 15.29 -11.28 -35.91
C ALA V 41 13.74 -11.27 -35.97
N ASP V 42 13.11 -10.18 -35.50
CA ASP V 42 11.65 -10.03 -35.58
C ASP V 42 11.22 -9.68 -37.00
N GLY V 43 12.12 -8.97 -37.68
CA GLY V 43 11.95 -8.61 -39.06
C GLY V 43 13.30 -8.36 -39.68
N SER V 44 13.46 -8.81 -40.92
CA SER V 44 14.70 -8.62 -41.66
C SER V 44 14.46 -8.39 -43.17
N ALA V 45 15.44 -7.78 -43.84
CA ALA V 45 15.38 -7.54 -45.27
C ALA V 45 16.76 -7.28 -45.83
N ILE V 46 16.99 -7.75 -47.05
CA ILE V 46 18.18 -7.41 -47.82
C ILE V 46 17.73 -6.57 -49.01
N PHE V 47 18.35 -5.40 -49.18
CA PHE V 47 18.01 -4.53 -50.29
C PHE V 47 19.23 -4.30 -51.15
N GLU V 48 19.02 -4.45 -52.46
CA GLU V 48 20.04 -4.13 -53.46
C GLU V 48 19.63 -2.97 -54.36
N MET V 49 20.58 -2.07 -54.57
CA MET V 49 20.51 -1.16 -55.69
C MET V 49 21.81 -1.26 -56.43
N GLY V 50 21.79 -1.98 -57.54
CA GLY V 50 22.97 -2.24 -58.34
C GLY V 50 23.99 -2.95 -57.48
N ASN V 51 25.06 -2.25 -57.13
CA ASN V 51 26.12 -2.84 -56.34
C ASN V 51 26.10 -2.47 -54.87
N THR V 52 25.09 -1.72 -54.44
CA THR V 52 24.97 -1.36 -53.04
C THR V 52 23.99 -2.32 -52.40
N LYS V 53 24.51 -3.22 -51.58
CA LYS V 53 23.70 -4.21 -50.87
C LYS V 53 23.68 -3.89 -49.37
N ALA V 54 22.49 -3.74 -48.77
CA ALA V 54 22.37 -3.57 -47.32
C ALA V 54 21.49 -4.66 -46.69
N ILE V 55 21.84 -5.08 -45.48
CA ILE V 55 20.99 -5.98 -44.70
C ILE V 55 20.49 -5.25 -43.45
N ALA V 56 19.21 -5.43 -43.12
CA ALA V 56 18.63 -4.76 -41.96
C ALA V 56 17.90 -5.78 -41.10
N ALA V 57 18.18 -5.73 -39.80
CA ALA V 57 17.48 -6.55 -38.82
C ALA V 57 16.72 -5.67 -37.83
N VAL V 58 15.51 -6.09 -37.45
CA VAL V 58 14.72 -5.38 -36.45
C VAL V 58 14.49 -6.31 -35.28
N TYR V 59 14.74 -5.84 -34.06
CA TYR V 59 14.38 -6.60 -32.87
C TYR V 59 13.25 -5.89 -32.14
N GLY V 60 12.06 -6.47 -32.33
CA GLY V 60 10.75 -5.81 -32.17
C GLY V 60 10.42 -5.25 -30.80
N PRO V 61 9.32 -4.49 -30.69
CA PRO V 61 9.06 -3.70 -29.48
C PRO V 61 9.32 -4.51 -28.20
N LYS V 62 10.20 -3.98 -27.36
CA LYS V 62 10.67 -4.69 -26.16
C LYS V 62 10.93 -3.72 -24.99
N GLU V 63 10.67 -4.19 -23.77
CA GLU V 63 10.98 -3.44 -22.54
C GLU V 63 12.39 -2.85 -22.62
N MET V 64 12.58 -1.59 -22.16
CA MET V 64 13.92 -0.98 -22.27
C MET V 64 14.87 -1.23 -21.10
N HIS V 65 16.11 -1.60 -21.46
CA HIS V 65 17.15 -2.01 -20.53
C HIS V 65 17.25 -1.11 -19.27
N PRO V 66 17.85 0.10 -19.38
CA PRO V 66 17.82 1.03 -18.24
C PRO V 66 16.61 1.96 -18.35
N ARG V 67 15.61 1.72 -17.50
CA ARG V 67 14.29 2.34 -17.68
C ARG V 67 14.25 3.88 -17.74
N HIS V 68 15.28 4.55 -17.18
CA HIS V 68 15.33 6.01 -17.19
C HIS V 68 15.55 6.60 -18.60
N LEU V 69 16.03 5.74 -19.51
CA LEU V 69 16.29 6.13 -20.89
C LEU V 69 15.08 5.88 -21.82
N SER V 70 14.05 5.24 -21.29
CA SER V 70 12.83 4.99 -22.05
C SER V 70 11.94 6.22 -22.05
N LEU V 71 10.92 6.20 -22.90
CA LEU V 71 9.99 7.31 -23.00
C LEU V 71 8.61 6.88 -22.51
N PRO V 72 7.93 7.79 -21.76
CA PRO V 72 6.63 7.51 -21.16
C PRO V 72 5.50 7.28 -22.17
N ASP V 73 5.59 7.91 -23.34
CA ASP V 73 4.52 7.93 -24.36
C ASP V 73 4.90 7.24 -25.67
N ARG V 74 6.20 7.12 -25.92
CA ARG V 74 6.71 6.67 -27.20
C ARG V 74 7.60 5.45 -27.04
N ALA V 75 7.83 4.76 -28.15
CA ALA V 75 8.95 3.82 -28.26
C ALA V 75 10.21 4.64 -28.58
N VAL V 76 11.36 4.12 -28.17
CA VAL V 76 12.62 4.73 -28.51
C VAL V 76 13.23 3.92 -29.64
N LEU V 77 13.43 4.55 -30.80
CA LEU V 77 14.10 3.90 -31.91
C LEU V 77 15.58 3.93 -31.67
N ARG V 78 16.25 2.80 -31.93
CA ARG V 78 17.69 2.70 -31.82
C ARG V 78 18.19 2.24 -33.17
N VAL V 79 18.85 3.13 -33.88
CA VAL V 79 19.26 2.85 -35.25
C VAL V 79 20.79 2.85 -35.40
N ARG V 80 21.32 1.84 -36.10
CA ARG V 80 22.75 1.72 -36.32
C ARG V 80 23.03 1.56 -37.81
N TYR V 81 23.67 2.57 -38.40
CA TYR V 81 24.18 2.45 -39.76
C TYR V 81 25.64 2.06 -39.67
N HIS V 82 26.02 1.01 -40.38
CA HIS V 82 27.39 0.50 -40.31
C HIS V 82 27.84 -0.13 -41.61
N MET V 83 29.12 0.08 -41.93
CA MET V 83 29.74 -0.48 -43.12
C MET V 83 30.78 -1.53 -42.77
N THR V 84 30.59 -2.73 -43.33
CA THR V 84 31.52 -3.82 -43.11
C THR V 84 32.85 -3.40 -43.72
N PRO V 85 33.97 -3.80 -43.10
CA PRO V 85 35.29 -3.42 -43.62
C PRO V 85 35.50 -3.77 -45.08
N PHE V 86 34.77 -4.77 -45.57
CA PHE V 86 34.92 -5.28 -46.94
C PHE V 86 33.81 -4.82 -47.89
N SER V 87 33.20 -3.68 -47.57
CA SER V 87 32.09 -3.15 -48.38
C SER V 87 32.61 -2.20 -49.44
N THR V 88 33.86 -1.78 -49.27
CA THR V 88 34.47 -0.76 -50.11
C THR V 88 35.75 -1.27 -50.71
N ASP V 89 36.60 -0.35 -51.15
CA ASP V 89 37.89 -0.72 -51.69
C ASP V 89 39.10 -0.47 -50.79
N GLU V 90 39.08 0.58 -49.97
CA GLU V 90 40.27 0.91 -49.13
C GLU V 90 40.27 0.36 -47.66
N ARG V 91 39.82 -0.90 -47.49
CA ARG V 91 39.27 -1.42 -46.22
C ARG V 91 38.84 -0.34 -45.24
N LYS V 92 37.53 -0.21 -45.06
CA LYS V 92 36.98 0.74 -44.09
C LYS V 92 37.20 0.27 -42.66
N ASN V 93 37.78 1.12 -41.82
CA ASN V 93 37.96 0.83 -40.39
C ASN V 93 36.62 0.50 -39.73
N PRO V 94 36.54 -0.63 -38.98
CA PRO V 94 35.27 -1.01 -38.31
C PRO V 94 34.81 -0.04 -37.21
N ALA V 95 35.74 0.63 -36.56
CA ALA V 95 35.43 1.69 -35.58
C ALA V 95 34.59 2.78 -36.26
N PRO V 96 33.50 3.23 -35.58
CA PRO V 96 32.53 4.12 -36.23
C PRO V 96 33.13 5.47 -36.60
N SER V 97 32.88 5.87 -37.86
CA SER V 97 33.37 7.13 -38.41
C SER V 97 32.35 8.25 -38.19
N ARG V 98 32.82 9.50 -38.12
CA ARG V 98 31.94 10.65 -37.95
C ARG V 98 30.80 10.62 -38.95
N ARG V 99 31.10 10.13 -40.14
CA ARG V 99 30.13 9.97 -41.22
C ARG V 99 29.08 8.89 -40.94
N GLU V 100 29.50 7.80 -40.32
CA GLU V 100 28.57 6.75 -39.90
C GLU V 100 27.68 7.26 -38.78
N ILE V 101 28.25 8.07 -37.89
CA ILE V 101 27.50 8.68 -36.79
C ILE V 101 26.42 9.64 -37.29
N GLU V 102 26.77 10.53 -38.22
CA GLU V 102 25.81 11.42 -38.83
C GLU V 102 24.74 10.64 -39.56
N LEU V 103 25.14 9.68 -40.39
CA LEU V 103 24.20 8.87 -41.19
C LEU V 103 23.18 8.10 -40.37
N SER V 104 23.62 7.60 -39.21
CA SER V 104 22.75 6.95 -38.23
C SER V 104 21.64 7.90 -37.70
N LYS V 105 22.04 9.12 -37.34
CA LYS V 105 21.10 10.13 -36.85
C LYS V 105 20.09 10.52 -37.93
N VAL V 106 20.57 10.65 -39.16
CA VAL V 106 19.73 11.03 -40.28
C VAL V 106 18.72 9.90 -40.59
N ILE V 107 19.19 8.66 -40.64
CA ILE V 107 18.33 7.50 -40.87
C ILE V 107 17.32 7.30 -39.74
N ARG V 108 17.73 7.55 -38.50
CA ARG V 108 16.81 7.41 -37.36
C ARG V 108 15.64 8.43 -37.43
N GLU V 109 15.98 9.68 -37.68
CA GLU V 109 15.01 10.76 -37.80
C GLU V 109 14.10 10.49 -38.96
N ALA V 110 14.66 9.89 -39.99
CA ALA V 110 13.85 9.47 -41.13
C ALA V 110 12.79 8.45 -40.71
N LEU V 111 13.21 7.39 -40.01
CA LEU V 111 12.30 6.31 -39.62
C LEU V 111 11.30 6.76 -38.57
N GLU V 112 11.70 7.75 -37.77
CA GLU V 112 10.83 8.27 -36.72
C GLU V 112 9.60 8.96 -37.27
N SER V 113 9.70 9.48 -38.48
CA SER V 113 8.55 10.10 -39.12
C SER V 113 7.58 9.06 -39.69
N ALA V 114 8.06 7.85 -39.96
CA ALA V 114 7.23 6.81 -40.55
C ALA V 114 6.63 5.86 -39.51
N VAL V 115 7.46 5.40 -38.58
CA VAL V 115 7.05 4.42 -37.53
C VAL V 115 6.16 5.07 -36.46
N LEU V 116 5.00 4.46 -36.22
CA LEU V 116 4.07 4.93 -35.20
C LEU V 116 4.53 4.56 -33.78
N VAL V 117 5.54 5.27 -33.30
CA VAL V 117 6.15 4.99 -31.99
C VAL V 117 5.23 5.24 -30.81
N GLU V 118 4.27 6.14 -30.96
CA GLU V 118 3.29 6.42 -29.91
C GLU V 118 2.59 5.15 -29.37
N LEU V 119 2.56 4.10 -30.20
CA LEU V 119 1.83 2.86 -29.89
C LEU V 119 2.52 1.96 -28.86
N PHE V 120 3.82 2.16 -28.66
CA PHE V 120 4.60 1.27 -27.79
C PHE V 120 5.40 2.05 -26.73
N PRO V 121 4.71 2.59 -25.71
CA PRO V 121 5.42 3.40 -24.72
C PRO V 121 6.27 2.52 -23.83
N ARG V 122 7.36 3.08 -23.32
CA ARG V 122 8.31 2.36 -22.47
C ARG V 122 9.06 1.21 -23.14
N THR V 123 9.03 1.18 -24.47
CA THR V 123 9.69 0.13 -25.24
C THR V 123 10.78 0.71 -26.15
N ALA V 124 11.64 -0.18 -26.66
CA ALA V 124 12.66 0.18 -27.62
C ALA V 124 12.60 -0.73 -28.84
N ILE V 125 12.63 -0.12 -30.03
CA ILE V 125 12.69 -0.84 -31.28
C ILE V 125 14.10 -0.68 -31.83
N ASP V 126 14.78 -1.79 -32.04
CA ASP V 126 16.19 -1.79 -32.44
C ASP V 126 16.36 -2.12 -33.91
N VAL V 127 16.79 -1.14 -34.69
CA VAL V 127 17.03 -1.31 -36.12
C VAL V 127 18.53 -1.31 -36.45
N PHE V 128 19.08 -2.48 -36.70
CA PHE V 128 20.47 -2.61 -37.11
C PHE V 128 20.57 -2.74 -38.62
N THR V 129 21.57 -2.07 -39.19
CA THR V 129 21.78 -2.02 -40.63
C THR V 129 23.27 -2.20 -40.94
N GLU V 130 23.60 -3.20 -41.75
CA GLU V 130 24.97 -3.36 -42.27
C GLU V 130 24.99 -3.15 -43.79
N ILE V 131 25.98 -2.39 -44.25
CA ILE V 131 26.27 -2.25 -45.69
C ILE V 131 27.32 -3.29 -46.10
N LEU V 132 26.91 -4.22 -46.97
CA LEU V 132 27.76 -5.35 -47.39
C LEU V 132 28.60 -5.03 -48.62
N GLN V 133 28.09 -4.09 -49.42
CA GLN V 133 28.78 -3.56 -50.59
C GLN V 133 28.36 -2.11 -50.73
N ALA V 134 29.36 -1.23 -50.83
CA ALA V 134 29.08 0.19 -50.96
C ALA V 134 29.44 0.67 -52.36
N ASP V 135 28.43 1.23 -53.05
CA ASP V 135 28.60 1.84 -54.35
C ASP V 135 27.69 3.04 -54.44
N ALA V 136 27.75 3.89 -53.41
CA ALA V 136 26.94 5.10 -53.34
C ALA V 136 25.45 4.81 -53.11
N GLY V 137 24.75 5.80 -52.54
CA GLY V 137 23.33 5.69 -52.20
C GLY V 137 23.08 4.75 -51.03
N SER V 138 24.17 4.37 -50.35
CA SER V 138 24.15 3.39 -49.25
C SER V 138 23.34 3.84 -48.05
N ARG V 139 23.21 5.15 -47.85
CA ARG V 139 22.39 5.66 -46.77
C ARG V 139 20.92 5.44 -47.10
N LEU V 140 20.60 5.37 -48.39
CA LEU V 140 19.22 5.16 -48.82
C LEU V 140 18.86 3.69 -48.91
N VAL V 141 19.79 2.88 -49.43
CA VAL V 141 19.62 1.43 -49.51
C VAL V 141 19.44 0.86 -48.09
N SER V 142 20.16 1.46 -47.15
CA SER V 142 20.07 1.13 -45.73
C SER V 142 18.69 1.48 -45.17
N LEU V 143 18.23 2.70 -45.44
CA LEU V 143 16.99 3.20 -44.90
C LEU V 143 15.81 2.39 -45.40
N MET V 144 15.82 2.04 -46.68
CA MET V 144 14.75 1.24 -47.27
C MET V 144 14.78 -0.20 -46.75
N ALA V 145 15.98 -0.79 -46.64
CA ALA V 145 16.12 -2.12 -46.04
C ALA V 145 15.54 -2.11 -44.63
N ALA V 146 15.74 -1.01 -43.91
CA ALA V 146 15.19 -0.81 -42.56
C ALA V 146 13.68 -0.73 -42.57
N SER V 147 13.14 0.16 -43.40
CA SER V 147 11.69 0.34 -43.55
C SER V 147 10.99 -0.99 -43.80
N LEU V 148 11.59 -1.79 -44.69
CA LEU V 148 11.03 -3.08 -45.07
C LEU V 148 11.18 -4.10 -43.96
N ALA V 149 12.28 -4.02 -43.22
CA ALA V 149 12.51 -4.93 -42.10
C ALA V 149 11.54 -4.65 -40.96
N LEU V 150 11.15 -3.39 -40.80
CA LEU V 150 10.11 -3.00 -39.85
C LEU V 150 8.76 -3.55 -40.26
N ALA V 151 8.39 -3.35 -41.53
CA ALA V 151 7.18 -3.94 -42.09
C ALA V 151 7.16 -5.46 -41.93
N ASP V 152 8.32 -6.10 -42.10
CA ASP V 152 8.45 -7.56 -41.92
C ASP V 152 8.25 -7.96 -40.44
N ALA V 153 8.75 -7.10 -39.55
CA ALA V 153 8.54 -7.26 -38.09
C ALA V 153 7.10 -6.95 -37.68
N GLY V 154 6.28 -6.54 -38.65
CA GLY V 154 4.86 -6.28 -38.43
C GLY V 154 4.62 -5.06 -37.57
N ILE V 155 5.52 -4.08 -37.66
CA ILE V 155 5.43 -2.84 -36.89
C ILE V 155 4.70 -1.78 -37.72
N PRO V 156 3.62 -1.20 -37.14
CA PRO V 156 2.76 -0.24 -37.84
C PRO V 156 3.51 1.02 -38.26
N MET V 157 3.35 1.40 -39.53
CA MET V 157 3.96 2.63 -40.05
C MET V 157 2.97 3.43 -40.91
N ARG V 158 3.19 4.75 -40.98
CA ARG V 158 2.36 5.61 -41.81
C ARG V 158 2.38 5.16 -43.26
N ASP V 159 3.58 4.79 -43.72
CA ASP V 159 3.81 4.35 -45.08
C ASP V 159 5.18 3.68 -45.14
N LEU V 160 5.47 3.00 -46.25
CA LEU V 160 6.84 2.55 -46.55
C LEU V 160 7.72 3.73 -46.95
N ILE V 161 9.03 3.57 -46.81
CA ILE V 161 9.97 4.61 -47.25
C ILE V 161 10.73 4.15 -48.50
N ALA V 162 10.62 4.94 -49.56
CA ALA V 162 11.37 4.70 -50.79
C ALA V 162 12.29 5.89 -51.07
N GLY V 163 13.46 5.63 -51.65
CA GLY V 163 14.44 6.68 -51.85
C GLY V 163 15.48 6.48 -52.93
N VAL V 164 15.80 7.56 -53.64
CA VAL V 164 16.90 7.61 -54.61
C VAL V 164 17.80 8.78 -54.35
N ALA V 165 19.05 8.63 -54.79
CA ALA V 165 19.96 9.77 -54.84
C ALA V 165 19.88 10.33 -56.26
N VAL V 166 19.63 11.64 -56.35
CA VAL V 166 19.64 12.30 -57.65
C VAL V 166 20.84 13.27 -57.65
N GLY V 167 21.45 13.49 -58.81
CA GLY V 167 22.66 14.30 -58.88
C GLY V 167 22.84 15.01 -60.22
N LYS V 168 23.96 15.72 -60.37
CA LYS V 168 24.20 16.59 -61.53
C LYS V 168 25.62 16.43 -62.04
N ALA V 169 25.87 15.36 -62.78
CA ALA V 169 27.23 15.03 -63.23
C ALA V 169 27.84 16.07 -64.21
N ASP V 170 27.80 15.78 -65.50
CA ASP V 170 28.40 16.63 -66.54
C ASP V 170 27.45 17.80 -66.92
N GLY V 171 27.02 18.61 -65.95
CA GLY V 171 25.98 19.64 -66.16
C GLY V 171 24.60 19.03 -66.45
N VAL V 172 24.55 17.69 -66.48
CA VAL V 172 23.32 16.92 -66.74
C VAL V 172 22.78 16.29 -65.44
N ILE V 173 21.48 16.41 -65.21
CA ILE V 173 20.85 15.83 -64.04
C ILE V 173 20.60 14.33 -64.26
N ILE V 174 21.08 13.52 -63.33
CA ILE V 174 21.07 12.06 -63.46
C ILE V 174 20.42 11.41 -62.25
N LEU V 175 19.89 10.21 -62.44
CA LEU V 175 19.15 9.53 -61.38
C LEU V 175 19.93 8.31 -60.91
N ASP V 176 20.03 8.16 -59.59
CA ASP V 176 20.69 6.99 -58.95
C ASP V 176 22.17 6.83 -59.32
N LEU V 177 23.06 7.33 -58.45
CA LEU V 177 24.48 7.52 -58.80
C LEU V 177 25.40 6.30 -58.54
N ASN V 178 26.46 6.14 -59.36
CA ASN V 178 27.56 5.21 -59.06
C ASN V 178 28.41 5.83 -57.97
N GLU V 179 29.47 5.12 -57.54
CA GLU V 179 30.45 5.75 -56.66
C GLU V 179 31.23 6.76 -57.49
N THR V 180 31.42 6.44 -58.77
CA THR V 180 32.12 7.31 -59.71
C THR V 180 31.39 8.65 -59.90
N GLU V 181 30.07 8.59 -60.03
CA GLU V 181 29.26 9.79 -60.17
C GLU V 181 29.19 10.60 -58.88
N ASP V 182 29.18 9.89 -57.76
CA ASP V 182 29.20 10.51 -56.44
C ASP V 182 30.53 11.23 -56.31
N MET V 183 31.55 10.59 -56.87
CA MET V 183 32.97 10.94 -56.69
C MET V 183 33.37 12.21 -57.43
N TRP V 184 32.82 12.40 -58.62
CA TRP V 184 33.25 13.45 -59.52
C TRP V 184 32.14 14.37 -60.01
N GLY V 185 30.90 14.06 -59.65
CA GLY V 185 29.75 14.90 -60.03
C GLY V 185 29.68 16.22 -59.26
N GLU V 186 29.00 17.22 -59.84
CA GLU V 186 28.89 18.55 -59.20
C GLU V 186 28.07 18.46 -57.92
N ALA V 187 27.05 17.61 -57.93
CA ALA V 187 26.06 17.50 -56.85
C ALA V 187 25.57 16.06 -56.67
N ASP V 188 25.12 15.76 -55.46
CA ASP V 188 24.54 14.47 -55.11
C ASP V 188 23.52 14.79 -54.04
N MET V 189 22.29 14.38 -54.31
CA MET V 189 21.18 14.76 -53.49
C MET V 189 20.34 13.53 -53.20
N PRO V 190 20.60 12.87 -52.05
CA PRO V 190 19.73 11.78 -51.61
C PRO V 190 18.33 12.30 -51.17
N ILE V 191 17.27 11.65 -51.64
CA ILE V 191 15.89 11.99 -51.26
C ILE V 191 15.12 10.73 -50.89
N ALA V 192 14.46 10.73 -49.73
CA ALA V 192 13.65 9.59 -49.34
C ALA V 192 12.24 10.05 -49.00
N MET V 193 11.26 9.31 -49.47
CA MET V 193 9.85 9.70 -49.34
C MET V 193 8.99 8.62 -48.74
N MET V 194 7.87 9.05 -48.17
CA MET V 194 6.70 8.20 -47.94
C MET V 194 5.73 8.46 -49.12
N PRO V 195 5.91 7.73 -50.23
CA PRO V 195 5.36 8.11 -51.54
C PRO V 195 3.85 8.29 -51.56
N SER V 196 3.13 7.46 -50.79
CA SER V 196 1.66 7.52 -50.78
C SER V 196 1.12 8.74 -50.06
N LEU V 197 1.95 9.32 -49.18
CA LEU V 197 1.61 10.54 -48.45
C LEU V 197 2.29 11.80 -49.03
N ASN V 198 3.17 11.60 -50.01
CA ASN V 198 4.03 12.66 -50.55
C ASN V 198 4.81 13.41 -49.48
N GLN V 199 5.38 12.64 -48.57
CA GLN V 199 6.09 13.16 -47.42
C GLN V 199 7.58 12.86 -47.53
N VAL V 200 8.39 13.91 -47.48
CA VAL V 200 9.82 13.76 -47.54
C VAL V 200 10.36 13.47 -46.17
N THR V 201 10.99 12.32 -46.08
CA THR V 201 11.45 11.69 -44.84
C THR V 201 12.93 12.00 -44.57
N LEU V 202 13.70 11.99 -45.66
CA LEU V 202 15.11 12.34 -45.66
C LEU V 202 15.39 13.23 -46.86
N PHE V 203 16.23 14.24 -46.66
CA PHE V 203 16.57 15.16 -47.72
C PHE V 203 17.90 15.83 -47.47
N GLN V 204 18.86 15.56 -48.35
CA GLN V 204 20.19 16.14 -48.24
C GLN V 204 20.73 16.57 -49.59
N LEU V 205 21.72 17.46 -49.58
CA LEU V 205 22.47 17.79 -50.77
C LEU V 205 23.87 18.16 -50.38
N ASN V 206 24.82 17.45 -50.96
CA ASN V 206 26.22 17.87 -50.93
C ASN V 206 26.70 18.18 -52.34
N GLY V 207 27.39 19.29 -52.52
CA GLY V 207 27.74 19.76 -53.84
C GLY V 207 27.05 21.07 -54.12
N SER V 208 26.83 21.37 -55.40
CA SER V 208 26.41 22.71 -55.82
C SER V 208 25.29 22.64 -56.87
N MET V 209 24.26 23.48 -56.72
CA MET V 209 23.12 23.52 -57.66
C MET V 209 22.43 24.89 -57.76
N THR V 210 21.95 25.23 -58.95
CA THR V 210 21.12 26.43 -59.10
C THR V 210 19.72 26.07 -58.63
N PRO V 211 18.95 27.06 -58.15
CA PRO V 211 17.59 26.79 -57.67
C PRO V 211 16.73 26.02 -58.67
N ASP V 212 16.90 26.29 -59.97
CA ASP V 212 16.17 25.56 -61.03
C ASP V 212 16.64 24.10 -61.10
N GLU V 213 17.95 23.93 -61.24
CA GLU V 213 18.61 22.63 -61.27
C GLU V 213 18.08 21.76 -60.14
N PHE V 214 17.95 22.36 -58.96
CA PHE V 214 17.45 21.73 -57.75
C PHE V 214 16.01 21.25 -57.93
N ARG V 215 15.18 22.09 -58.55
CA ARG V 215 13.78 21.74 -58.80
C ARG V 215 13.58 20.66 -59.87
N GLN V 216 14.48 20.59 -60.84
CA GLN V 216 14.44 19.53 -61.84
C GLN V 216 14.84 18.21 -61.23
N ALA V 217 16.00 18.23 -60.54
CA ALA V 217 16.54 17.05 -59.87
C ALA V 217 15.49 16.46 -58.94
N PHE V 218 14.77 17.35 -58.28
CA PHE V 218 13.70 16.95 -57.39
C PHE V 218 12.64 16.13 -58.14
N ASP V 219 11.92 16.75 -59.08
CA ASP V 219 10.97 16.05 -60.01
C ASP V 219 11.40 14.63 -60.42
N LEU V 220 12.62 14.51 -60.95
CA LEU V 220 13.15 13.23 -61.43
C LEU V 220 13.20 12.22 -60.29
N ALA V 221 13.69 12.66 -59.13
CA ALA V 221 13.79 11.82 -57.92
C ALA V 221 12.44 11.21 -57.57
N VAL V 222 11.40 12.02 -57.66
CA VAL V 222 10.03 11.57 -57.35
C VAL V 222 9.63 10.39 -58.24
N LYS V 223 9.86 10.54 -59.54
CA LYS V 223 9.53 9.49 -60.53
C LYS V 223 10.26 8.18 -60.23
N GLY V 224 11.54 8.27 -59.90
CA GLY V 224 12.34 7.12 -59.50
C GLY V 224 11.81 6.48 -58.23
N ILE V 225 11.53 7.31 -57.23
CA ILE V 225 10.96 6.86 -55.96
C ILE V 225 9.68 6.06 -56.19
N ASN V 226 8.83 6.55 -57.10
CA ASN V 226 7.56 5.92 -57.40
C ASN V 226 7.72 4.51 -57.96
N ILE V 227 8.75 4.32 -58.77
CA ILE V 227 9.02 3.01 -59.35
C ILE V 227 9.52 2.03 -58.30
N ILE V 228 10.45 2.50 -57.45
CA ILE V 228 10.97 1.71 -56.35
C ILE V 228 9.89 1.31 -55.33
N TYR V 229 9.05 2.28 -55.00
CA TYR V 229 7.95 2.08 -54.08
C TYR V 229 7.10 0.89 -54.53
N ASN V 230 6.83 0.79 -55.83
CA ASN V 230 6.01 -0.29 -56.37
C ASN V 230 6.64 -1.64 -56.14
N LEU V 231 7.96 -1.68 -56.15
CA LEU V 231 8.69 -2.91 -55.92
C LEU V 231 8.69 -3.29 -54.45
N GLU V 232 8.73 -2.27 -53.60
CA GLU V 232 8.64 -2.46 -52.16
C GLU V 232 7.29 -3.04 -51.81
N ARG V 233 6.24 -2.42 -52.35
CA ARG V 233 4.87 -2.86 -52.15
C ARG V 233 4.67 -4.28 -52.65
N GLU V 234 5.42 -4.64 -53.68
CA GLU V 234 5.37 -5.97 -54.25
C GLU V 234 6.19 -6.98 -53.43
N ALA V 235 7.38 -6.56 -53.00
CA ALA V 235 8.26 -7.40 -52.17
C ALA V 235 7.64 -7.75 -50.82
N LEU V 236 6.65 -6.96 -50.41
CA LEU V 236 5.96 -7.18 -49.16
C LEU V 236 4.99 -8.36 -49.29
N LYS V 237 4.37 -8.47 -50.46
CA LYS V 237 3.42 -9.54 -50.75
C LYS V 237 4.10 -10.89 -51.05
N SER V 238 5.15 -10.87 -51.86
CA SER V 238 5.78 -12.10 -52.35
C SER V 238 7.14 -12.45 -51.70
N LYS V 239 7.63 -11.57 -50.82
CA LYS V 239 8.90 -11.77 -50.07
C LYS V 239 10.18 -11.67 -50.89
N TYR V 240 10.07 -11.69 -52.23
CA TYR V 240 11.24 -11.67 -53.11
C TYR V 240 10.95 -10.96 -54.45
N VAL V 241 11.79 -9.98 -54.78
CA VAL V 241 11.61 -9.15 -55.99
C VAL V 241 12.93 -8.89 -56.72
N GLU V 242 12.92 -9.03 -58.04
CA GLU V 242 14.09 -8.78 -58.89
C GLU V 242 13.73 -7.93 -60.11
N PHE V 243 14.39 -6.78 -60.23
CA PHE V 243 14.04 -5.77 -61.23
C PHE V 243 15.26 -5.34 -62.04
N LYS V 244 15.25 -5.66 -63.34
CA LYS V 244 16.34 -5.26 -64.24
C LYS V 244 16.33 -3.77 -64.58
N GLU V 245 17.52 -3.24 -64.90
CA GLU V 245 17.76 -1.81 -65.27
C GLU V 245 16.88 -1.26 -66.40
N GLU V 246 16.11 -0.21 -66.10
CA GLU V 246 15.26 0.45 -67.11
C GLU V 246 14.80 1.87 -66.74
N GLY V 247 14.33 2.57 -67.77
CA GLY V 247 14.00 4.00 -67.74
C GLY V 247 12.80 4.41 -66.92
N MET W 1 34.76 15.70 -16.61
CA MET W 1 33.73 16.26 -15.68
C MET W 1 33.82 15.63 -14.27
N SER W 2 34.23 16.43 -13.28
CA SER W 2 34.48 15.95 -11.91
C SER W 2 33.31 16.19 -11.00
N SER W 3 32.78 15.12 -10.39
CA SER W 3 31.61 15.22 -9.52
C SER W 3 31.76 14.56 -8.15
N THR W 4 31.04 15.10 -7.17
CA THR W 4 31.05 14.61 -5.81
C THR W 4 30.80 13.10 -5.83
N PRO W 5 31.72 12.31 -5.24
CA PRO W 5 31.60 10.85 -5.28
C PRO W 5 30.38 10.37 -4.50
N SER W 6 29.53 9.55 -5.15
CA SER W 6 28.30 9.05 -4.54
C SER W 6 28.52 7.80 -3.67
N ASN W 7 29.69 7.17 -3.84
CA ASN W 7 30.22 6.23 -2.88
C ASN W 7 30.01 6.88 -1.52
N GLN W 8 30.62 8.06 -1.35
CA GLN W 8 30.47 8.93 -0.18
C GLN W 8 30.28 8.14 1.11
N ASN W 9 31.29 7.32 1.43
CA ASN W 9 31.25 6.44 2.60
C ASN W 9 31.07 7.25 3.91
N ILE W 10 29.79 7.43 4.29
CA ILE W 10 29.38 8.32 5.37
C ILE W 10 29.60 7.69 6.75
N ILE W 11 30.05 8.50 7.70
CA ILE W 11 30.38 8.02 9.05
C ILE W 11 29.59 8.83 10.10
N PRO W 12 28.70 8.14 10.85
CA PRO W 12 27.69 8.75 11.73
C PRO W 12 28.23 9.84 12.67
N ILE W 13 27.35 10.77 13.04
CA ILE W 13 27.73 11.90 13.89
C ILE W 13 28.19 11.40 15.25
N ILE W 14 27.60 10.29 15.70
CA ILE W 14 27.90 9.71 17.02
C ILE W 14 29.32 9.16 17.06
N LYS W 15 29.73 8.45 16.00
CA LYS W 15 31.09 7.91 15.92
C LYS W 15 32.13 9.01 15.77
N LYS W 16 31.76 10.09 15.09
CA LYS W 16 32.65 11.26 14.95
C LYS W 16 32.99 11.91 16.31
N GLU W 17 31.98 12.05 17.18
CA GLU W 17 32.17 12.65 18.50
C GLU W 17 32.96 11.76 19.46
N SER W 18 33.05 10.48 19.16
CA SER W 18 33.85 9.54 19.96
C SER W 18 35.32 9.76 19.69
N ILE W 19 35.64 9.92 18.41
CA ILE W 19 37.01 10.11 17.96
C ILE W 19 37.51 11.50 18.37
N VAL W 20 36.65 12.51 18.26
CA VAL W 20 36.99 13.88 18.63
C VAL W 20 37.20 13.99 20.14
N SER W 21 36.39 13.30 20.93
CA SER W 21 36.55 13.31 22.39
C SER W 21 37.89 12.75 22.84
N LEU W 22 38.45 11.86 22.02
CA LEU W 22 39.78 11.31 22.27
C LEU W 22 40.84 12.32 21.88
N PHE W 23 40.61 13.03 20.78
CA PHE W 23 41.53 14.07 20.29
C PHE W 23 41.73 15.16 21.34
N GLU W 24 40.65 15.50 22.06
CA GLU W 24 40.75 16.46 23.15
C GLU W 24 41.85 16.02 24.11
N LYS W 25 41.88 14.72 24.37
CA LYS W 25 42.81 14.19 25.34
C LYS W 25 44.13 13.81 24.68
N GLY W 26 44.32 14.27 23.44
CA GLY W 26 45.60 14.10 22.75
C GLY W 26 45.96 12.65 22.39
N ILE W 27 44.97 11.77 22.36
CA ILE W 27 45.18 10.37 22.02
C ILE W 27 44.25 9.99 20.87
N ARG W 28 44.59 8.95 20.13
CA ARG W 28 43.73 8.46 19.03
C ARG W 28 43.24 7.05 19.27
N GLN W 29 42.44 6.55 18.33
CA GLN W 29 41.84 5.24 18.44
C GLN W 29 42.91 4.17 18.59
N ASP W 30 43.93 4.23 17.73
CA ASP W 30 45.01 3.22 17.63
C ASP W 30 46.10 3.37 18.69
N GLY W 31 46.06 4.49 19.39
CA GLY W 31 46.89 4.68 20.55
C GLY W 31 47.88 5.81 20.41
N ARG W 32 48.14 6.21 19.17
CA ARG W 32 49.18 7.19 18.93
C ARG W 32 48.75 8.62 19.26
N LYS W 33 49.74 9.47 19.52
CA LYS W 33 49.54 10.89 19.76
C LYS W 33 49.14 11.59 18.48
N LEU W 34 48.60 12.79 18.62
CA LEU W 34 48.08 13.54 17.48
C LEU W 34 49.11 13.74 16.36
N THR W 35 50.39 13.65 16.69
CA THR W 35 51.46 13.96 15.73
C THR W 35 52.27 12.74 15.23
N ASP W 36 51.88 11.53 15.63
CA ASP W 36 52.62 10.30 15.31
C ASP W 36 52.28 9.73 13.94
N TYR W 37 53.30 9.20 13.28
CA TYR W 37 53.07 8.38 12.10
C TYR W 37 52.72 6.94 12.49
N ARG W 38 52.07 6.22 11.58
CA ARG W 38 51.74 4.83 11.81
C ARG W 38 52.98 3.98 11.62
N PRO W 39 52.94 2.72 12.10
CA PRO W 39 54.05 1.78 11.89
C PRO W 39 54.40 1.65 10.41
N LEU W 40 55.70 1.65 10.11
CA LEU W 40 56.17 1.68 8.72
C LEU W 40 57.03 0.46 8.33
N SER W 41 56.55 -0.31 7.35
CA SER W 41 57.33 -1.43 6.79
C SER W 41 57.74 -1.14 5.36
N ILE W 42 58.99 -1.39 5.01
CA ILE W 42 59.41 -1.32 3.60
C ILE W 42 60.18 -2.57 3.26
N THR W 43 59.72 -3.27 2.23
CA THR W 43 60.38 -4.43 1.68
C THR W 43 60.88 -4.03 0.29
N LEU W 44 62.20 -3.97 0.12
CA LEU W 44 62.79 -3.63 -1.17
C LEU W 44 62.87 -4.85 -2.09
N ASP W 45 62.96 -4.61 -3.41
CA ASP W 45 63.02 -5.68 -4.39
C ASP W 45 61.93 -6.71 -4.02
N TYR W 46 60.66 -6.28 -4.16
CA TYR W 46 59.54 -7.20 -3.95
C TYR W 46 59.04 -7.82 -5.27
N ALA W 47 58.86 -6.96 -6.27
CA ALA W 47 58.55 -7.42 -7.63
C ALA W 47 59.85 -7.67 -8.36
N LYS W 48 60.13 -8.95 -8.59
CA LYS W 48 61.46 -9.36 -9.05
C LYS W 48 61.78 -8.95 -10.47
N LYS W 49 60.77 -8.87 -11.33
CA LYS W 49 60.99 -8.49 -12.73
C LYS W 49 61.04 -6.98 -12.97
N ALA W 50 60.79 -6.21 -11.93
CA ALA W 50 61.01 -4.76 -11.98
C ALA W 50 62.50 -4.48 -11.96
N ASP W 51 62.89 -3.34 -12.54
CA ASP W 51 64.26 -2.87 -12.42
C ASP W 51 64.53 -2.62 -10.94
N GLY W 52 63.55 -2.05 -10.26
CA GLY W 52 63.61 -1.81 -8.83
C GLY W 52 62.20 -1.66 -8.29
N SER W 53 61.95 -2.23 -7.13
CA SER W 53 60.61 -2.17 -6.55
C SER W 53 60.64 -2.02 -5.04
N ALA W 54 59.52 -1.62 -4.48
CA ALA W 54 59.37 -1.46 -3.03
C ALA W 54 57.91 -1.64 -2.60
N LEU W 55 57.70 -2.51 -1.62
CA LEU W 55 56.39 -2.70 -1.02
C LEU W 55 56.35 -2.02 0.34
N VAL W 56 55.47 -1.04 0.46
CA VAL W 56 55.38 -0.20 1.64
C VAL W 56 54.10 -0.51 2.43
N LYS W 57 54.24 -0.83 3.71
CA LYS W 57 53.11 -0.91 4.61
C LYS W 57 53.18 0.24 5.63
N LEU W 58 52.29 1.22 5.45
CA LEU W 58 52.10 2.30 6.42
C LEU W 58 50.75 2.08 7.07
N GLY W 59 50.75 1.55 8.29
CA GLY W 59 49.51 1.14 8.93
C GLY W 59 48.88 0.02 8.12
N THR W 60 47.61 0.16 7.77
CA THR W 60 46.92 -0.83 6.93
C THR W 60 47.04 -0.54 5.43
N THR W 61 47.48 0.69 5.08
CA THR W 61 47.70 1.09 3.69
C THR W 61 48.88 0.34 3.09
N MET W 62 48.68 -0.23 1.90
CA MET W 62 49.78 -0.90 1.19
C MET W 62 49.95 -0.40 -0.22
N VAL W 63 51.16 0.05 -0.51
CA VAL W 63 51.51 0.50 -1.84
C VAL W 63 52.69 -0.33 -2.34
N LEU W 64 52.59 -0.80 -3.58
CA LEU W 64 53.71 -1.44 -4.25
C LEU W 64 54.11 -0.59 -5.44
N ALA W 65 55.36 -0.14 -5.47
CA ALA W 65 55.84 0.67 -6.59
C ALA W 65 57.00 -0.03 -7.27
N GLY W 66 57.04 0.06 -8.60
CA GLY W 66 58.08 -0.60 -9.35
C GLY W 66 58.53 0.24 -10.52
N THR W 67 59.83 0.22 -10.77
CA THR W 67 60.43 0.96 -11.90
C THR W 67 60.80 0.02 -13.04
N LYS W 68 60.71 0.55 -14.25
CA LYS W 68 61.03 -0.19 -15.46
C LYS W 68 61.71 0.80 -16.37
N LEU W 69 62.97 0.52 -16.74
CA LEU W 69 63.79 1.46 -17.52
C LEU W 69 63.78 1.14 -19.00
N GLU W 70 63.75 2.18 -19.82
CA GLU W 70 63.73 2.04 -21.27
C GLU W 70 64.57 3.10 -21.97
N ILE W 71 65.00 2.80 -23.20
CA ILE W 71 65.76 3.76 -24.00
C ILE W 71 64.92 4.32 -25.15
N ASP W 72 64.76 5.63 -25.18
CA ASP W 72 63.97 6.27 -26.22
C ASP W 72 64.71 7.49 -26.73
N LYS W 73 64.19 8.10 -27.79
CA LYS W 73 64.66 9.40 -28.25
C LYS W 73 64.07 10.48 -27.33
N PRO W 74 64.91 11.44 -26.86
CA PRO W 74 64.39 12.48 -25.97
C PRO W 74 63.41 13.39 -26.68
N TYR W 75 62.59 14.08 -25.90
CA TYR W 75 61.61 15.02 -26.43
C TYR W 75 62.25 16.05 -27.36
N GLU W 76 61.53 16.44 -28.41
CA GLU W 76 62.00 17.55 -29.25
C GLU W 76 62.12 18.85 -28.45
N ASP W 77 61.23 19.01 -27.46
CA ASP W 77 61.27 20.14 -26.51
C ASP W 77 62.47 20.08 -25.54
N THR W 78 62.66 18.92 -24.91
CA THR W 78 63.70 18.71 -23.89
C THR W 78 64.77 17.73 -24.38
N PRO W 79 65.73 18.22 -25.20
CA PRO W 79 66.71 17.36 -25.88
C PRO W 79 67.85 16.83 -25.00
N ASN W 80 68.11 17.50 -23.88
CA ASN W 80 69.19 17.13 -22.95
C ASN W 80 68.73 16.46 -21.65
N GLN W 81 67.55 15.82 -21.68
CA GLN W 81 66.90 15.27 -20.48
C GLN W 81 66.40 13.86 -20.73
N GLY W 82 66.50 13.04 -19.69
CA GLY W 82 65.78 11.76 -19.62
C GLY W 82 64.35 12.00 -19.18
N ASN W 83 63.58 10.93 -19.14
CA ASN W 83 62.18 11.06 -18.83
C ASN W 83 61.81 10.35 -17.55
N LEU W 84 60.88 10.95 -16.79
CA LEU W 84 60.23 10.27 -15.68
C LEU W 84 58.73 10.25 -15.89
N ILE W 85 58.15 9.05 -15.91
CA ILE W 85 56.71 8.92 -16.06
C ILE W 85 56.12 8.18 -14.87
N VAL W 86 55.42 8.94 -14.04
CA VAL W 86 54.77 8.39 -12.85
C VAL W 86 53.34 7.97 -13.19
N ASN W 87 52.91 6.88 -12.58
CA ASN W 87 51.59 6.37 -12.84
C ASN W 87 51.03 5.63 -11.63
N VAL W 88 49.89 6.11 -11.13
CA VAL W 88 49.28 5.53 -9.94
C VAL W 88 48.02 4.78 -10.32
N GLU W 89 47.81 3.62 -9.70
CA GLU W 89 46.59 2.83 -9.91
C GLU W 89 46.02 2.32 -8.60
N LEU W 90 44.77 2.70 -8.31
CA LEU W 90 44.04 2.27 -7.13
C LEU W 90 43.27 1.01 -7.50
N LEU W 91 43.19 0.04 -6.59
CA LEU W 91 42.66 -1.28 -6.94
C LEU W 91 41.38 -1.73 -6.25
N PRO W 92 41.20 -1.35 -4.96
CA PRO W 92 40.00 -1.76 -4.20
C PRO W 92 38.67 -1.32 -4.80
N ASP W 104 41.62 7.15 -13.55
CA ASP W 104 40.65 7.47 -12.50
C ASP W 104 40.39 8.98 -12.37
N GLU W 105 40.98 9.62 -11.37
CA GLU W 105 40.81 11.05 -11.04
C GLU W 105 41.57 11.35 -9.75
N ASN W 106 41.43 10.46 -8.76
CA ASN W 106 42.24 10.54 -7.55
C ASN W 106 43.56 9.91 -7.84
N ALA W 107 43.55 8.90 -8.68
CA ALA W 107 44.77 8.27 -9.15
C ALA W 107 45.63 9.29 -9.92
N ILE W 108 45.01 9.94 -10.90
CA ILE W 108 45.66 10.99 -11.67
C ILE W 108 46.26 12.07 -10.76
N GLU W 109 45.46 12.58 -9.83
CA GLU W 109 45.93 13.57 -8.88
C GLU W 109 47.08 13.07 -8.02
N LEU W 110 47.02 11.81 -7.59
CA LEU W 110 48.09 11.22 -6.83
C LEU W 110 49.38 11.13 -7.65
N ALA W 111 49.23 10.74 -8.92
CA ALA W 111 50.36 10.60 -9.82
C ALA W 111 51.06 11.93 -9.99
N ARG W 112 50.27 12.98 -10.24
CA ARG W 112 50.82 14.31 -10.47
C ARG W 112 51.51 14.88 -9.25
N VAL W 113 50.90 14.71 -8.08
CA VAL W 113 51.47 15.22 -6.84
C VAL W 113 52.85 14.60 -6.54
N VAL W 114 52.96 13.28 -6.72
CA VAL W 114 54.22 12.57 -6.53
C VAL W 114 55.25 13.01 -7.57
N ASP W 115 54.86 12.96 -8.85
CA ASP W 115 55.69 13.41 -9.96
C ASP W 115 56.28 14.78 -9.66
N ARG W 116 55.41 15.76 -9.44
CA ARG W 116 55.84 17.13 -9.14
C ARG W 116 56.89 17.23 -8.06
N SER W 117 56.73 16.45 -6.97
CA SER W 117 57.62 16.58 -5.83
C SER W 117 58.94 15.85 -6.06
N LEU W 118 58.93 14.84 -6.92
CA LEU W 118 60.17 14.16 -7.32
C LEU W 118 60.96 14.96 -8.34
N ARG W 119 60.23 15.73 -9.14
CA ARG W 119 60.80 16.47 -10.25
C ARG W 119 61.30 17.85 -9.81
N ASP W 120 60.45 18.59 -9.10
CA ASP W 120 60.78 19.95 -8.64
C ASP W 120 61.85 19.98 -7.55
N SER W 121 61.94 18.90 -6.76
CA SER W 121 63.01 18.77 -5.78
C SER W 121 64.32 18.44 -6.48
N LYS W 122 64.21 17.96 -7.72
CA LYS W 122 65.30 17.31 -8.46
C LYS W 122 65.99 16.28 -7.57
N ALA W 123 65.17 15.46 -6.91
CA ALA W 123 65.61 14.26 -6.18
C ALA W 123 66.15 13.25 -7.18
N LEU W 124 65.48 13.17 -8.32
CA LEU W 124 66.02 12.49 -9.48
C LEU W 124 66.51 13.53 -10.50
N ASP W 125 67.77 13.41 -10.90
CA ASP W 125 68.34 14.31 -11.89
C ASP W 125 68.16 13.73 -13.28
N LEU W 126 67.19 14.29 -14.01
CA LEU W 126 66.87 13.82 -15.35
C LEU W 126 67.95 14.11 -16.39
N THR W 127 68.75 15.14 -16.15
CA THR W 127 69.79 15.53 -17.10
C THR W 127 70.98 14.57 -17.03
N LYS W 128 70.98 13.71 -16.02
CA LYS W 128 71.97 12.64 -15.87
C LYS W 128 71.48 11.27 -16.39
N LEU W 129 70.31 11.25 -17.05
CA LEU W 129 69.78 10.06 -17.71
C LEU W 129 69.94 10.14 -19.24
N VAL W 130 70.94 10.91 -19.69
CA VAL W 130 71.23 11.05 -21.11
C VAL W 130 72.32 10.06 -21.49
N ILE W 131 72.12 9.35 -22.60
CA ILE W 131 73.14 8.46 -23.12
C ILE W 131 73.91 9.18 -24.25
N GLU W 132 73.25 9.43 -25.38
CA GLU W 132 73.81 10.32 -26.40
C GLU W 132 72.84 11.45 -26.61
N PRO W 133 73.25 12.68 -26.24
CA PRO W 133 72.40 13.87 -26.24
C PRO W 133 71.67 14.07 -27.55
N GLY W 134 70.37 14.30 -27.49
CA GLY W 134 69.56 14.45 -28.69
C GLY W 134 69.25 13.15 -29.43
N LYS W 135 70.07 12.11 -29.23
CA LYS W 135 69.86 10.80 -29.88
C LYS W 135 69.10 9.79 -29.02
N SER W 136 69.62 9.51 -27.82
CA SER W 136 68.98 8.53 -26.94
C SER W 136 69.16 8.79 -25.44
N VAL W 137 68.05 8.68 -24.69
CA VAL W 137 68.02 8.87 -23.24
C VAL W 137 67.26 7.75 -22.53
N TRP W 138 67.45 7.63 -21.22
CA TRP W 138 66.67 6.73 -20.36
C TRP W 138 65.29 7.30 -20.06
N THR W 139 64.26 6.45 -20.12
CA THR W 139 62.93 6.81 -19.66
C THR W 139 62.70 5.95 -18.43
N VAL W 140 62.43 6.60 -17.31
CA VAL W 140 62.11 5.88 -16.09
C VAL W 140 60.60 5.75 -15.94
N TRP W 141 60.09 4.53 -16.08
CA TRP W 141 58.69 4.28 -15.81
C TRP W 141 58.48 3.92 -14.35
N LEU W 142 57.85 4.82 -13.59
CA LEU W 142 57.46 4.53 -12.22
C LEU W 142 55.96 4.18 -12.16
N ASP W 143 55.64 2.99 -11.66
CA ASP W 143 54.25 2.56 -11.53
C ASP W 143 53.92 2.17 -10.09
N VAL W 144 52.93 2.85 -9.54
CA VAL W 144 52.61 2.74 -8.14
C VAL W 144 51.25 2.10 -8.00
N TYR W 145 51.19 1.00 -7.26
CA TYR W 145 49.95 0.25 -7.10
C TYR W 145 49.45 0.23 -5.66
N VAL W 146 48.31 0.87 -5.42
CA VAL W 146 47.68 0.87 -4.11
C VAL W 146 46.85 -0.39 -3.97
N LEU W 147 47.27 -1.27 -3.07
CA LEU W 147 46.65 -2.58 -2.92
C LEU W 147 45.65 -2.58 -1.77
N ASP W 148 45.93 -1.77 -0.77
CA ASP W 148 45.12 -1.74 0.43
C ASP W 148 44.92 -0.28 0.79
N TYR W 149 43.67 0.19 0.72
CA TYR W 149 43.36 1.59 0.98
C TYR W 149 43.08 1.79 2.44
N GLY W 150 44.12 2.05 3.21
CA GLY W 150 44.00 2.24 4.66
C GLY W 150 44.09 3.69 5.09
N GLY W 151 43.97 4.62 4.15
CA GLY W 151 44.00 6.04 4.48
C GLY W 151 45.39 6.64 4.36
N ASN W 152 45.43 7.91 3.97
CA ASN W 152 46.70 8.62 3.73
C ASN W 152 47.55 7.90 2.69
N VAL W 153 46.91 7.60 1.57
CA VAL W 153 47.53 6.89 0.48
C VAL W 153 48.69 7.68 -0.13
N LEU W 154 48.53 9.00 -0.18
CA LEU W 154 49.57 9.89 -0.72
C LEU W 154 50.93 9.72 -0.06
N ASP W 155 50.97 9.71 1.27
CA ASP W 155 52.24 9.61 1.99
C ASP W 155 52.92 8.29 1.70
N ALA W 156 52.11 7.24 1.65
CA ALA W 156 52.59 5.91 1.34
C ALA W 156 53.10 5.82 -0.09
N CYS W 157 52.44 6.54 -1.00
CA CYS W 157 52.88 6.58 -2.40
C CYS W 157 54.25 7.24 -2.58
N THR W 158 54.43 8.41 -1.97
CA THR W 158 55.70 9.09 -2.00
C THR W 158 56.80 8.15 -1.49
N LEU W 159 56.54 7.43 -0.40
CA LEU W 159 57.52 6.52 0.17
C LEU W 159 57.87 5.37 -0.77
N ALA W 160 56.86 4.66 -1.23
CA ALA W 160 57.02 3.58 -2.18
C ALA W 160 57.80 4.02 -3.42
N SER W 161 57.45 5.20 -3.95
CA SER W 161 58.11 5.76 -5.12
C SER W 161 59.59 5.95 -4.87
N VAL W 162 59.90 6.80 -3.89
CA VAL W 162 61.27 7.09 -3.53
C VAL W 162 62.05 5.80 -3.32
N ALA W 163 61.44 4.88 -2.56
CA ALA W 163 62.07 3.58 -2.29
C ALA W 163 62.31 2.75 -3.55
N ALA W 164 61.35 2.76 -4.46
CA ALA W 164 61.47 2.02 -5.72
C ALA W 164 62.59 2.60 -6.59
N LEU W 165 62.76 3.91 -6.56
CA LEU W 165 63.81 4.57 -7.30
C LEU W 165 65.17 4.24 -6.72
N TYR W 166 65.26 4.19 -5.39
CA TYR W 166 66.52 3.88 -4.74
C TYR W 166 66.93 2.43 -4.89
N ASN W 167 65.98 1.59 -5.24
CA ASN W 167 66.23 0.17 -5.45
C ASN W 167 66.54 -0.17 -6.91
N THR W 168 66.34 0.80 -7.79
CA THR W 168 66.49 0.61 -9.23
C THR W 168 67.93 0.35 -9.64
N LYS W 169 68.09 -0.65 -10.51
CA LYS W 169 69.36 -1.07 -11.10
C LYS W 169 69.42 -0.68 -12.57
N VAL W 170 70.46 0.07 -12.95
CA VAL W 170 70.67 0.44 -14.37
C VAL W 170 71.59 -0.58 -15.06
N TYR W 171 71.32 -0.85 -16.34
CA TYR W 171 72.04 -1.91 -17.07
C TYR W 171 73.06 -1.39 -18.09
N LYS W 172 73.87 -2.30 -18.64
CA LYS W 172 74.87 -1.95 -19.64
C LYS W 172 74.25 -1.60 -20.97
N VAL W 173 74.77 -0.55 -21.60
CA VAL W 173 74.23 -0.05 -22.86
C VAL W 173 75.13 -0.39 -24.06
N GLU W 174 74.62 -1.20 -24.99
CA GLU W 174 75.35 -1.53 -26.21
C GLU W 174 75.52 -0.32 -27.14
N ILE W 180 72.53 1.71 -28.44
CA ILE W 180 72.13 0.82 -29.52
C ILE W 180 71.18 -0.29 -29.04
N SER W 181 71.45 -0.82 -27.84
CA SER W 181 70.67 -1.92 -27.20
C SER W 181 70.96 -2.03 -25.68
N VAL W 182 70.10 -2.74 -24.96
CA VAL W 182 70.30 -2.96 -23.52
C VAL W 182 70.73 -4.39 -23.21
N ASN W 183 71.76 -4.53 -22.40
CA ASN W 183 72.24 -5.82 -21.94
C ASN W 183 71.81 -6.08 -20.50
N LYS W 184 70.65 -6.72 -20.33
CA LYS W 184 69.95 -6.73 -19.03
C LYS W 184 70.48 -7.65 -17.92
N ASN W 185 71.64 -8.28 -18.13
CA ASN W 185 72.23 -9.10 -17.08
C ASN W 185 73.58 -8.60 -16.58
N GLU W 186 74.00 -7.44 -17.08
CA GLU W 186 75.12 -6.70 -16.52
C GLU W 186 74.61 -5.41 -15.90
N VAL W 187 74.85 -5.25 -14.61
CA VAL W 187 74.42 -4.08 -13.87
C VAL W 187 75.55 -3.03 -13.79
N VAL W 188 75.32 -1.89 -14.41
CA VAL W 188 76.27 -0.78 -14.43
C VAL W 188 76.27 0.06 -13.12
N GLY W 189 75.09 0.44 -12.65
CA GLY W 189 74.96 1.28 -11.45
C GLY W 189 73.52 1.52 -11.03
N LYS W 190 73.31 2.54 -10.20
CA LYS W 190 71.96 2.92 -9.75
C LYS W 190 71.53 4.24 -10.38
N LEU W 191 70.35 4.73 -10.04
CA LEU W 191 69.83 5.98 -10.60
C LEU W 191 70.52 7.23 -10.03
N PRO W 192 70.66 8.31 -10.84
CA PRO W 192 71.20 9.59 -10.35
C PRO W 192 70.23 10.25 -9.38
N LEU W 193 70.27 9.80 -8.12
CA LEU W 193 69.38 10.30 -7.09
C LEU W 193 70.10 11.20 -6.13
N ASN W 194 69.66 12.45 -6.03
CA ASN W 194 70.29 13.44 -5.14
C ASN W 194 69.97 13.22 -3.66
N TYR W 195 68.71 12.94 -3.36
CA TYR W 195 68.25 12.70 -2.00
C TYR W 195 66.85 12.13 -2.02
N PRO W 196 66.42 11.48 -0.91
CA PRO W 196 65.00 11.10 -0.75
C PRO W 196 64.10 12.31 -0.50
N VAL W 197 62.80 12.10 -0.66
CA VAL W 197 61.80 13.13 -0.44
C VAL W 197 60.67 12.48 0.38
N VAL W 198 60.17 13.19 1.38
CA VAL W 198 59.00 12.71 2.12
C VAL W 198 57.80 13.64 1.98
N THR W 199 56.61 13.05 1.91
CA THR W 199 55.38 13.82 1.94
C THR W 199 54.65 13.55 3.26
N ILE W 200 54.33 14.63 3.97
CA ILE W 200 53.61 14.51 5.23
C ILE W 200 52.22 15.16 5.13
N SER W 201 51.20 14.34 5.38
CA SER W 201 49.83 14.79 5.34
C SER W 201 49.34 15.07 6.75
N VAL W 202 48.78 16.26 6.93
CA VAL W 202 48.19 16.70 8.20
C VAL W 202 46.69 16.91 7.97
N ALA W 203 45.87 16.16 8.71
CA ALA W 203 44.42 16.28 8.59
C ALA W 203 43.90 17.27 9.63
N LYS W 204 42.84 17.97 9.27
CA LYS W 204 42.19 18.89 10.16
C LYS W 204 40.84 18.31 10.51
N VAL W 205 40.78 17.62 11.66
CA VAL W 205 39.54 17.05 12.19
C VAL W 205 39.03 17.91 13.34
N ASP W 206 37.76 18.34 13.26
CA ASP W 206 37.17 19.27 14.22
C ASP W 206 38.04 20.51 14.33
N LYS W 207 38.71 20.69 15.46
CA LYS W 207 39.62 21.83 15.70
C LYS W 207 41.04 21.34 16.03
N TYR W 208 41.34 20.12 15.61
CA TYR W 208 42.63 19.49 15.91
C TYR W 208 43.39 19.20 14.62
N LEU W 209 44.72 19.26 14.69
CA LEU W 209 45.55 18.83 13.57
C LEU W 209 46.16 17.48 13.87
N VAL W 210 46.03 16.56 12.92
CA VAL W 210 46.38 15.16 13.09
C VAL W 210 47.31 14.68 11.97
N VAL W 211 48.48 14.20 12.34
CA VAL W 211 49.47 13.74 11.38
C VAL W 211 49.15 12.31 10.91
N ASP W 212 49.29 12.07 9.60
CA ASP W 212 49.02 10.77 8.99
C ASP W 212 47.66 10.21 9.48
N PRO W 213 46.56 10.70 8.90
CA PRO W 213 45.25 10.21 9.30
C PRO W 213 45.00 8.80 8.76
N ASP W 214 44.35 7.97 9.57
CA ASP W 214 43.96 6.62 9.13
C ASP W 214 42.64 6.63 8.31
N LEU W 215 42.07 5.46 8.06
CA LEU W 215 40.87 5.34 7.28
C LEU W 215 39.71 6.13 7.89
N ASP W 216 39.50 5.93 9.20
CA ASP W 216 38.43 6.58 9.95
C ASP W 216 38.60 8.09 10.05
N GLU W 217 39.81 8.53 10.36
CA GLU W 217 40.08 9.95 10.53
C GLU W 217 39.87 10.73 9.23
N GLU W 218 40.23 10.13 8.10
CA GLU W 218 40.06 10.77 6.80
C GLU W 218 38.60 10.98 6.44
N SER W 219 37.73 10.10 6.92
CA SER W 219 36.32 10.22 6.59
C SER W 219 35.57 11.19 7.52
N ILE W 220 36.23 11.65 8.59
CA ILE W 220 35.63 12.65 9.48
C ILE W 220 36.29 14.03 9.42
N MET W 221 37.38 14.13 8.67
CA MET W 221 38.17 15.35 8.57
C MET W 221 37.48 16.38 7.71
N ASP W 222 37.79 17.66 7.94
CA ASP W 222 37.31 18.75 7.09
C ASP W 222 38.06 18.77 5.77
N ALA W 223 39.38 18.86 5.88
CA ALA W 223 40.29 18.81 4.75
C ALA W 223 41.65 18.38 5.26
N LYS W 224 42.50 17.87 4.37
CA LYS W 224 43.89 17.59 4.72
C LYS W 224 44.85 18.34 3.81
N ILE W 225 46.03 18.63 4.32
CA ILE W 225 47.04 19.34 3.56
C ILE W 225 48.34 18.54 3.61
N SER W 226 48.99 18.40 2.46
CA SER W 226 50.18 17.57 2.34
C SER W 226 51.41 18.39 1.99
N PHE W 227 52.48 18.23 2.78
CA PHE W 227 53.73 18.92 2.55
C PHE W 227 54.86 17.96 2.14
N SER W 228 55.57 18.32 1.08
CA SER W 228 56.70 17.53 0.60
C SER W 228 57.98 18.20 1.04
N TYR W 229 58.91 17.43 1.59
CA TYR W 229 60.18 17.99 2.04
C TYR W 229 61.42 17.30 1.48
N THR W 230 62.46 18.07 1.23
CA THR W 230 63.79 17.51 1.00
C THR W 230 64.49 17.37 2.36
N PRO W 231 65.59 16.57 2.43
CA PRO W 231 66.25 16.35 3.73
C PRO W 231 66.76 17.62 4.38
N ASP W 232 67.06 18.65 3.59
CA ASP W 232 67.40 19.97 4.18
C ASP W 232 66.17 20.86 4.46
N LEU W 233 65.01 20.20 4.55
CA LEU W 233 63.75 20.80 5.03
C LEU W 233 63.32 22.03 4.23
N LYS W 234 63.45 21.90 2.91
CA LYS W 234 62.86 22.83 1.96
C LYS W 234 61.50 22.26 1.56
N ILE W 235 60.48 23.12 1.57
CA ILE W 235 59.15 22.71 1.09
C ILE W 235 59.20 22.61 -0.43
N VAL W 236 58.74 21.47 -0.94
CA VAL W 236 58.97 21.10 -2.32
C VAL W 236 57.66 20.79 -3.05
N GLY W 237 56.57 20.83 -2.29
CA GLY W 237 55.21 20.65 -2.81
C GLY W 237 54.17 20.72 -1.71
N ILE W 238 53.10 21.44 -2.00
CA ILE W 238 51.96 21.48 -1.08
C ILE W 238 50.67 21.17 -1.83
N GLN W 239 49.84 20.31 -1.23
CA GLN W 239 48.54 19.97 -1.82
C GLN W 239 47.45 19.93 -0.77
N LYS W 240 46.58 20.95 -0.76
CA LYS W 240 45.36 20.89 0.02
C LYS W 240 44.41 19.93 -0.68
N SER W 241 43.69 19.15 0.12
CA SER W 241 42.86 18.07 -0.37
C SER W 241 41.67 17.85 0.58
N GLY W 242 40.50 17.58 0.03
CA GLY W 242 39.33 17.30 0.85
C GLY W 242 38.24 18.30 0.56
N LYS W 243 37.01 17.96 0.85
CA LYS W 243 35.91 18.82 0.43
C LYS W 243 35.61 19.96 1.40
N GLY W 244 36.41 20.11 2.44
CA GLY W 244 36.21 21.19 3.41
C GLY W 244 37.26 22.26 3.33
N SER W 245 37.26 23.14 4.31
CA SER W 245 38.20 24.25 4.35
C SER W 245 39.05 24.25 5.62
N MET W 246 40.08 25.09 5.62
CA MET W 246 41.03 25.16 6.70
C MET W 246 41.36 26.62 6.96
N SER W 247 41.57 27.00 8.22
CA SER W 247 41.87 28.40 8.54
C SER W 247 43.33 28.75 8.25
N LEU W 248 43.63 30.04 8.31
CA LEU W 248 44.98 30.52 8.00
C LEU W 248 45.97 30.02 9.03
N GLN W 249 45.59 30.12 10.30
CA GLN W 249 46.49 29.75 11.38
C GLN W 249 46.60 28.24 11.51
N ASP W 250 45.70 27.52 10.82
CA ASP W 250 45.75 26.06 10.71
C ASP W 250 46.86 25.60 9.78
N ILE W 251 46.89 26.18 8.58
CA ILE W 251 47.91 25.85 7.58
C ILE W 251 49.31 26.18 8.09
N ASP W 252 49.41 27.30 8.80
CA ASP W 252 50.64 27.69 9.48
C ASP W 252 51.11 26.60 10.46
N GLN W 253 50.28 26.30 11.47
CA GLN W 253 50.56 25.24 12.45
C GLN W 253 50.80 23.88 11.82
N ALA W 254 49.97 23.54 10.84
CA ALA W 254 50.09 22.27 10.14
C ALA W 254 51.53 22.07 9.63
N GLU W 255 52.08 23.10 9.02
CA GLU W 255 53.40 23.01 8.39
C GLU W 255 54.51 22.84 9.43
N ASN W 256 54.37 23.49 10.59
CA ASN W 256 55.34 23.30 11.67
C ASN W 256 55.35 21.85 12.13
N THR W 257 54.15 21.31 12.34
CA THR W 257 54.00 19.93 12.71
C THR W 257 54.54 19.03 11.60
N ALA W 258 54.11 19.30 10.38
CA ALA W 258 54.53 18.52 9.20
C ALA W 258 56.05 18.42 9.07
N ARG W 259 56.72 19.53 9.34
CA ARG W 259 58.16 19.62 9.16
C ARG W 259 58.96 18.92 10.25
N SER W 260 58.53 19.07 11.51
CA SER W 260 59.21 18.38 12.61
C SER W 260 58.92 16.88 12.61
N THR W 261 57.85 16.49 11.90
CA THR W 261 57.56 15.10 11.62
C THR W 261 58.49 14.59 10.53
N ALA W 262 58.67 15.42 9.50
CA ALA W 262 59.51 15.06 8.34
C ALA W 262 60.90 14.58 8.70
N VAL W 263 61.49 15.18 9.74
CA VAL W 263 62.80 14.78 10.24
C VAL W 263 62.83 13.33 10.74
N LYS W 264 61.90 12.94 11.61
CA LYS W 264 61.78 11.54 12.09
C LYS W 264 61.50 10.55 10.94
N LEU W 265 60.57 10.92 10.04
CA LEU W 265 60.22 10.06 8.90
C LEU W 265 61.39 9.86 7.94
N LEU W 266 62.13 10.94 7.68
CA LEU W 266 63.28 10.85 6.79
C LEU W 266 64.33 9.90 7.35
N GLU W 267 64.51 9.95 8.67
CA GLU W 267 65.52 9.13 9.33
C GLU W 267 65.12 7.67 9.29
N GLU W 268 63.81 7.43 9.36
CA GLU W 268 63.32 6.06 9.30
C GLU W 268 63.32 5.52 7.87
N LEU W 269 62.92 6.34 6.91
CA LEU W 269 63.01 5.98 5.49
C LEU W 269 64.43 5.58 5.11
N LYS W 270 65.42 6.37 5.54
CA LYS W 270 66.81 6.10 5.23
C LYS W 270 67.30 4.78 5.79
N LYS W 271 66.85 4.45 7.00
CA LYS W 271 67.20 3.16 7.62
C LYS W 271 66.76 1.99 6.78
N HIS W 272 65.53 2.08 6.24
CA HIS W 272 64.99 1.08 5.34
C HIS W 272 65.75 0.98 4.01
N LEU W 273 66.09 2.13 3.44
CA LEU W 273 66.86 2.16 2.18
C LEU W 273 68.30 1.64 2.33
N GLY W 274 68.89 1.85 3.50
CA GLY W 274 70.30 1.59 3.73
C GLY W 274 71.16 2.84 3.62
N ILE W 275 71.17 3.63 4.70
CA ILE W 275 72.01 4.86 4.87
C ILE W 275 71.59 6.03 3.96
N GLU X 8 65.55 28.60 -23.92
CA GLU X 8 66.50 29.49 -23.18
C GLU X 8 65.77 30.47 -22.25
N ARG X 9 66.20 30.53 -20.99
CA ARG X 9 65.48 31.26 -19.95
C ARG X 9 65.63 32.79 -20.08
N PRO X 10 64.50 33.53 -20.15
CA PRO X 10 64.45 35.00 -20.04
C PRO X 10 64.53 35.56 -18.61
N LYS X 11 64.90 36.84 -18.49
CA LYS X 11 64.88 37.54 -17.19
C LYS X 11 63.44 37.88 -16.73
N LEU X 12 63.06 37.36 -15.56
CA LEU X 12 61.69 37.54 -15.02
C LEU X 12 61.46 38.84 -14.23
N ILE X 13 62.51 39.29 -13.54
CA ILE X 13 62.58 40.63 -12.97
C ILE X 13 63.72 41.36 -13.71
N LEU X 14 63.34 42.46 -14.36
CA LEU X 14 64.24 43.22 -15.20
C LEU X 14 65.13 44.18 -14.42
N ASP X 15 65.94 44.94 -15.14
CA ASP X 15 66.99 45.75 -14.55
C ASP X 15 66.55 46.81 -13.55
N ASP X 16 65.28 47.19 -13.63
CA ASP X 16 64.73 48.14 -12.68
C ASP X 16 63.85 47.44 -11.63
N GLY X 17 64.05 46.14 -11.46
CA GLY X 17 63.32 45.34 -10.46
C GLY X 17 61.90 44.95 -10.83
N LYS X 18 61.39 45.57 -11.90
CA LYS X 18 60.04 45.33 -12.42
C LYS X 18 59.98 44.12 -13.33
N ARG X 19 58.77 43.65 -13.57
CA ARG X 19 58.60 42.37 -14.22
C ARG X 19 58.49 42.49 -15.73
N THR X 20 58.33 41.34 -16.38
CA THR X 20 58.23 41.23 -17.84
C THR X 20 57.07 42.00 -18.46
N ASP X 21 55.95 42.09 -17.75
CA ASP X 21 54.80 42.86 -18.22
C ASP X 21 54.70 44.28 -17.60
N GLY X 22 55.80 44.75 -17.04
CA GLY X 22 55.87 46.11 -16.49
C GLY X 22 55.20 46.31 -15.14
N ARG X 23 54.90 45.21 -14.45
CA ARG X 23 54.32 45.26 -13.11
C ARG X 23 55.38 45.14 -12.02
N LYS X 24 55.17 45.87 -10.91
CA LYS X 24 55.95 45.65 -9.70
C LYS X 24 55.58 44.29 -9.07
N PRO X 25 56.46 43.75 -8.18
CA PRO X 25 56.19 42.43 -7.63
C PRO X 25 54.87 42.31 -6.85
N ASP X 26 54.26 43.43 -6.50
CA ASP X 26 53.07 43.46 -5.63
C ASP X 26 51.77 43.89 -6.32
N GLU X 27 51.76 43.92 -7.65
CA GLU X 27 50.62 44.43 -8.40
C GLU X 27 49.81 43.35 -9.11
N LEU X 28 48.49 43.45 -9.02
CA LEU X 28 47.61 42.55 -9.74
C LEU X 28 47.53 42.92 -11.21
N ARG X 29 47.12 41.97 -12.04
CA ARG X 29 46.77 42.25 -13.43
C ARG X 29 45.43 42.98 -13.45
N SER X 30 45.04 43.48 -14.62
CA SER X 30 43.73 44.11 -14.74
C SER X 30 42.61 43.08 -14.57
N ILE X 31 41.54 43.49 -13.92
CA ILE X 31 40.40 42.60 -13.65
C ILE X 31 39.13 43.08 -14.34
N LYS X 32 38.42 42.14 -14.94
CA LYS X 32 37.12 42.41 -15.53
C LYS X 32 36.14 41.30 -15.15
N ILE X 33 35.00 41.68 -14.57
CA ILE X 33 33.96 40.72 -14.18
C ILE X 33 32.62 41.16 -14.74
N GLU X 34 31.87 40.23 -15.35
CA GLU X 34 30.47 40.51 -15.76
C GLU X 34 29.52 39.33 -15.65
N LEU X 35 28.44 39.58 -14.93
CA LEU X 35 27.51 38.57 -14.47
C LEU X 35 26.25 38.44 -15.33
N GLY X 36 25.67 37.25 -15.34
CA GLY X 36 24.42 36.95 -16.05
C GLY X 36 24.55 37.13 -17.54
N VAL X 37 25.67 36.69 -18.11
CA VAL X 37 25.97 36.92 -19.51
C VAL X 37 25.33 35.86 -20.42
N LEU X 38 25.06 34.69 -19.86
CA LEU X 38 24.36 33.63 -20.57
C LEU X 38 22.88 33.58 -20.23
N LYS X 39 22.07 33.63 -21.28
CA LYS X 39 20.61 33.74 -21.20
C LYS X 39 19.93 32.46 -20.72
N ASN X 40 20.43 31.31 -21.17
CA ASN X 40 19.81 30.01 -20.90
C ASN X 40 20.40 29.22 -19.73
N ALA X 41 21.35 29.83 -19.05
CA ALA X 41 21.91 29.26 -17.83
C ALA X 41 21.17 29.81 -16.63
N ASP X 42 21.22 29.08 -15.52
CA ASP X 42 20.60 29.51 -14.28
C ASP X 42 21.45 30.59 -13.59
N GLY X 43 22.75 30.62 -13.91
CA GLY X 43 23.66 31.67 -13.46
C GLY X 43 24.91 31.59 -14.30
N SER X 44 25.46 32.76 -14.65
CA SER X 44 26.68 32.82 -15.46
C SER X 44 27.59 33.99 -15.08
N ALA X 45 28.85 33.89 -15.46
CA ALA X 45 29.84 34.95 -15.22
C ALA X 45 31.05 34.79 -16.14
N ILE X 46 31.59 35.94 -16.57
CA ILE X 46 32.88 35.99 -17.26
C ILE X 46 33.87 36.68 -16.33
N PHE X 47 35.02 36.06 -16.11
CA PHE X 47 36.06 36.65 -15.26
C PHE X 47 37.35 36.79 -16.06
N GLU X 48 37.98 37.97 -15.97
CA GLU X 48 39.26 38.26 -16.62
C GLU X 48 40.34 38.71 -15.66
N MET X 49 41.42 37.96 -15.60
CA MET X 49 42.62 38.45 -14.97
C MET X 49 43.67 38.64 -16.02
N GLY X 50 43.89 39.90 -16.40
CA GLY X 50 44.81 40.26 -17.46
C GLY X 50 44.39 39.57 -18.73
N ASN X 51 45.16 38.57 -19.14
CA ASN X 51 44.87 37.86 -20.38
C ASN X 51 44.23 36.49 -20.18
N THR X 52 43.91 36.15 -18.94
CA THR X 52 43.22 34.91 -18.66
C THR X 52 41.72 35.18 -18.48
N LYS X 53 40.91 34.78 -19.46
CA LYS X 53 39.46 34.95 -19.46
C LYS X 53 38.74 33.60 -19.41
N ALA X 54 37.91 33.42 -18.38
CA ALA X 54 37.07 32.23 -18.18
C ALA X 54 35.58 32.56 -18.18
N ILE X 55 34.78 31.66 -18.74
CA ILE X 55 33.35 31.78 -18.68
C ILE X 55 32.79 30.60 -17.90
N ALA X 56 31.84 30.87 -17.02
CA ALA X 56 31.25 29.85 -16.18
C ALA X 56 29.73 29.89 -16.22
N ALA X 57 29.13 28.73 -16.46
CA ALA X 57 27.68 28.57 -16.45
C ALA X 57 27.27 27.62 -15.34
N VAL X 58 26.15 27.93 -14.70
CA VAL X 58 25.61 27.05 -13.67
C VAL X 58 24.22 26.64 -14.12
N TYR X 59 23.94 25.34 -14.08
CA TYR X 59 22.58 24.84 -14.28
C TYR X 59 22.00 24.31 -12.96
N GLY X 60 21.11 25.14 -12.40
CA GLY X 60 20.73 25.20 -10.98
C GLY X 60 20.11 23.96 -10.42
N PRO X 61 19.96 23.87 -9.08
CA PRO X 61 19.59 22.62 -8.44
C PRO X 61 18.47 21.89 -9.20
N LYS X 62 18.77 20.67 -9.68
CA LYS X 62 17.84 19.87 -10.48
C LYS X 62 17.90 18.42 -10.02
N GLU X 63 16.78 17.70 -10.09
CA GLU X 63 16.76 16.26 -9.75
C GLU X 63 17.73 15.47 -10.66
N MET X 64 18.38 14.45 -10.12
CA MET X 64 19.50 13.83 -10.82
C MET X 64 19.13 12.70 -11.74
N HIS X 65 19.74 12.73 -12.93
CA HIS X 65 19.47 11.79 -14.02
C HIS X 65 19.33 10.30 -13.60
N PRO X 66 20.47 9.61 -13.31
CA PRO X 66 20.35 8.26 -12.75
C PRO X 66 20.36 8.31 -11.22
N ARG X 67 19.20 8.06 -10.61
CA ARG X 67 18.98 8.36 -9.18
C ARG X 67 19.95 7.69 -8.20
N HIS X 68 20.56 6.57 -8.60
CA HIS X 68 21.52 5.86 -7.74
C HIS X 68 22.82 6.64 -7.50
N LEU X 69 23.08 7.62 -8.37
CA LEU X 69 24.27 8.46 -8.28
C LEU X 69 24.04 9.75 -7.47
N SER X 70 22.80 9.99 -7.07
CA SER X 70 22.49 11.15 -6.26
C SER X 70 22.79 10.88 -4.79
N LEU X 71 22.78 11.93 -3.99
CA LEU X 71 23.03 11.78 -2.56
C LEU X 71 21.78 12.08 -1.74
N PRO X 72 21.55 11.28 -0.68
CA PRO X 72 20.34 11.39 0.15
C PRO X 72 20.22 12.71 0.93
N ASP X 73 21.35 13.31 1.28
CA ASP X 73 21.38 14.47 2.16
C ASP X 73 21.94 15.71 1.49
N ARG X 74 22.68 15.52 0.40
CA ARG X 74 23.43 16.57 -0.25
C ARG X 74 23.04 16.73 -1.71
N ALA X 75 23.40 17.88 -2.27
CA ALA X 75 23.44 18.06 -3.71
C ALA X 75 24.78 17.53 -4.19
N VAL X 76 24.81 17.00 -5.41
CA VAL X 76 26.06 16.54 -6.01
C VAL X 76 26.54 17.64 -6.94
N LEU X 77 27.75 18.16 -6.69
CA LEU X 77 28.33 19.15 -7.58
C LEU X 77 28.94 18.43 -8.74
N ARG X 78 28.70 18.95 -9.94
CA ARG X 78 29.33 18.44 -11.15
C ARG X 78 30.13 19.56 -11.81
N VAL X 79 31.44 19.45 -11.76
CA VAL X 79 32.32 20.53 -12.20
C VAL X 79 33.18 20.09 -13.38
N ARG X 80 33.30 20.97 -14.38
CA ARG X 80 34.08 20.70 -15.58
C ARG X 80 35.01 21.86 -15.90
N TYR X 81 36.31 21.64 -15.72
CA TYR X 81 37.31 22.63 -16.14
C TYR X 81 37.75 22.26 -17.54
N HIS X 82 37.69 23.21 -18.46
CA HIS X 82 38.04 22.94 -19.85
C HIS X 82 38.67 24.12 -20.55
N MET X 83 39.65 23.83 -21.40
CA MET X 83 40.32 24.85 -22.19
C MET X 83 39.96 24.72 -23.65
N THR X 84 39.47 25.80 -24.25
CA THR X 84 39.14 25.82 -25.67
C THR X 84 40.44 25.66 -26.43
N PRO X 85 40.41 24.96 -27.58
CA PRO X 85 41.63 24.71 -28.35
C PRO X 85 42.41 25.98 -28.71
N PHE X 86 41.71 27.12 -28.75
CA PHE X 86 42.31 28.41 -29.13
C PHE X 86 42.61 29.34 -27.94
N SER X 87 42.79 28.74 -26.75
CA SER X 87 43.00 29.52 -25.54
C SER X 87 44.48 29.76 -25.34
N THR X 88 45.28 28.96 -26.03
CA THR X 88 46.72 28.98 -25.85
C THR X 88 47.42 29.43 -27.13
N ASP X 89 48.73 29.62 -27.11
CA ASP X 89 49.45 29.89 -28.36
C ASP X 89 49.49 28.66 -29.28
N GLU X 90 49.87 27.51 -28.71
CA GLU X 90 49.75 26.24 -29.44
C GLU X 90 48.41 25.57 -29.15
N ARG X 91 47.78 25.05 -30.21
CA ARG X 91 46.43 24.48 -30.13
C ARG X 91 46.33 23.29 -29.17
N LYS X 92 45.64 23.48 -28.04
CA LYS X 92 45.51 22.43 -27.01
C LYS X 92 44.37 21.49 -27.33
N ASN X 93 44.71 20.21 -27.56
CA ASN X 93 43.74 19.17 -27.91
C ASN X 93 42.45 19.26 -27.07
N PRO X 94 41.27 19.19 -27.73
CA PRO X 94 39.98 19.28 -27.01
C PRO X 94 39.69 18.10 -26.08
N ALA X 95 40.19 16.92 -26.42
CA ALA X 95 40.11 15.74 -25.55
C ALA X 95 40.75 16.06 -24.20
N PRO X 96 40.07 15.69 -23.09
CA PRO X 96 40.49 16.12 -21.75
C PRO X 96 41.85 15.58 -21.35
N SER X 97 42.72 16.46 -20.87
CA SER X 97 44.08 16.09 -20.48
C SER X 97 44.11 15.73 -18.99
N ARG X 98 45.09 14.91 -18.58
CA ARG X 98 45.26 14.55 -17.18
C ARG X 98 45.28 15.79 -16.29
N ARG X 99 45.85 16.87 -16.80
CA ARG X 99 45.91 18.13 -16.08
C ARG X 99 44.53 18.79 -15.93
N GLU X 100 43.69 18.67 -16.97
CA GLU X 100 42.31 19.14 -16.91
C GLU X 100 41.48 18.30 -15.93
N ILE X 101 41.77 17.00 -15.87
CA ILE X 101 41.09 16.07 -14.95
C ILE X 101 41.41 16.35 -13.48
N GLU X 102 42.69 16.60 -13.18
CA GLU X 102 43.09 17.02 -11.84
C GLU X 102 42.53 18.39 -11.49
N LEU X 103 42.64 19.36 -12.39
CA LEU X 103 42.12 20.71 -12.10
C LEU X 103 40.64 20.75 -11.77
N SER X 104 39.86 19.93 -12.48
CA SER X 104 38.44 19.79 -12.23
C SER X 104 38.16 19.28 -10.83
N LYS X 105 38.89 18.25 -10.40
CA LYS X 105 38.73 17.69 -9.06
C LYS X 105 39.12 18.70 -8.00
N VAL X 106 40.16 19.47 -8.28
CA VAL X 106 40.61 20.48 -7.34
C VAL X 106 39.60 21.61 -7.20
N ILE X 107 39.09 22.08 -8.35
CA ILE X 107 38.04 23.11 -8.40
C ILE X 107 36.72 22.65 -7.77
N ARG X 108 36.32 21.40 -8.00
CA ARG X 108 35.10 20.90 -7.37
C ARG X 108 35.21 20.87 -5.86
N GLU X 109 36.28 20.29 -5.32
CA GLU X 109 36.51 20.24 -3.89
C GLU X 109 36.57 21.63 -3.26
N ALA X 110 37.09 22.59 -4.03
CA ALA X 110 37.12 23.97 -3.60
C ALA X 110 35.69 24.53 -3.42
N LEU X 111 34.85 24.35 -4.45
CA LEU X 111 33.47 24.83 -4.41
C LEU X 111 32.62 24.11 -3.38
N GLU X 112 32.92 22.83 -3.15
CA GLU X 112 32.19 22.04 -2.17
C GLU X 112 32.32 22.59 -0.77
N SER X 113 33.42 23.29 -0.48
CA SER X 113 33.58 23.89 0.84
C SER X 113 32.79 25.18 1.00
N ALA X 114 32.44 25.81 -0.12
CA ALA X 114 31.70 27.07 -0.12
C ALA X 114 30.18 26.89 -0.27
N VAL X 115 29.76 26.08 -1.23
CA VAL X 115 28.35 25.86 -1.52
C VAL X 115 27.68 25.00 -0.47
N LEU X 116 26.54 25.47 0.04
CA LEU X 116 25.76 24.77 1.06
C LEU X 116 24.92 23.67 0.42
N VAL X 117 25.59 22.57 0.04
CA VAL X 117 24.96 21.47 -0.68
C VAL X 117 23.93 20.72 0.16
N GLU X 118 24.05 20.83 1.47
CA GLU X 118 23.20 20.12 2.41
C GLU X 118 21.75 20.64 2.37
N LEU X 119 21.50 21.62 1.51
CA LEU X 119 20.19 22.26 1.31
C LEU X 119 19.36 21.65 0.18
N PHE X 120 20.02 20.93 -0.72
CA PHE X 120 19.37 20.40 -1.91
C PHE X 120 19.65 18.91 -2.08
N PRO X 121 19.02 18.07 -1.24
CA PRO X 121 19.28 16.64 -1.33
C PRO X 121 18.67 16.06 -2.60
N ARG X 122 19.29 15.00 -3.11
CA ARG X 122 18.82 14.31 -4.32
C ARG X 122 18.86 15.18 -5.56
N THR X 123 19.62 16.27 -5.51
CA THR X 123 19.77 17.16 -6.66
C THR X 123 21.21 17.23 -7.11
N ALA X 124 21.41 17.77 -8.30
CA ALA X 124 22.75 18.02 -8.86
C ALA X 124 22.88 19.46 -9.34
N ILE X 125 23.98 20.09 -8.95
CA ILE X 125 24.31 21.41 -9.46
C ILE X 125 25.47 21.26 -10.43
N ASP X 126 25.23 21.67 -11.67
CA ASP X 126 26.24 21.62 -12.71
C ASP X 126 26.98 22.94 -12.77
N VAL X 127 28.30 22.87 -12.77
CA VAL X 127 29.14 24.04 -12.97
C VAL X 127 30.08 23.76 -14.13
N PHE X 128 29.80 24.38 -15.28
CA PHE X 128 30.67 24.27 -16.45
C PHE X 128 31.54 25.50 -16.59
N THR X 129 32.81 25.28 -16.91
CA THR X 129 33.81 26.33 -16.97
C THR X 129 34.68 26.14 -18.21
N GLU X 130 34.78 27.17 -19.04
CA GLU X 130 35.64 27.10 -20.20
C GLU X 130 36.62 28.27 -20.23
N ILE X 131 37.91 27.96 -20.39
CA ILE X 131 38.96 28.97 -20.48
C ILE X 131 39.10 29.43 -21.92
N LEU X 132 38.82 30.70 -22.16
CA LEU X 132 38.82 31.26 -23.51
C LEU X 132 40.20 31.81 -23.91
N GLN X 133 40.95 32.23 -22.89
CA GLN X 133 42.33 32.67 -23.04
C GLN X 133 43.09 32.22 -21.82
N ALA X 134 44.23 31.56 -22.05
CA ALA X 134 45.05 31.07 -20.95
C ALA X 134 46.38 31.83 -20.90
N ASP X 135 46.67 32.50 -19.78
CA ASP X 135 47.98 33.13 -19.55
C ASP X 135 48.39 32.91 -18.08
N ALA X 136 48.13 31.71 -17.57
CA ALA X 136 48.40 31.34 -16.18
C ALA X 136 47.34 31.84 -15.21
N GLY X 137 47.22 31.14 -14.08
CA GLY X 137 46.21 31.41 -13.06
C GLY X 137 44.82 31.01 -13.50
N SER X 138 44.74 30.23 -14.59
CA SER X 138 43.47 29.82 -15.21
C SER X 138 42.63 28.92 -14.34
N ARG X 139 43.25 28.17 -13.43
CA ARG X 139 42.49 27.37 -12.48
C ARG X 139 41.77 28.25 -11.47
N LEU X 140 42.36 29.40 -11.16
CA LEU X 140 41.76 30.36 -10.23
C LEU X 140 40.73 31.28 -10.87
N VAL X 141 41.01 31.73 -12.08
CA VAL X 141 40.07 32.54 -12.85
C VAL X 141 38.84 31.73 -13.16
N SER X 142 39.02 30.42 -13.36
CA SER X 142 37.91 29.47 -13.52
C SER X 142 37.09 29.33 -12.25
N LEU X 143 37.78 29.16 -11.12
CA LEU X 143 37.15 28.95 -9.81
C LEU X 143 36.29 30.14 -9.37
N MET X 144 36.82 31.34 -9.55
CA MET X 144 36.11 32.57 -9.22
C MET X 144 34.94 32.84 -10.14
N ALA X 145 35.11 32.59 -11.43
CA ALA X 145 34.03 32.71 -12.40
C ALA X 145 32.90 31.79 -12.00
N ALA X 146 33.25 30.59 -11.53
CA ALA X 146 32.28 29.60 -11.01
C ALA X 146 31.56 30.11 -9.76
N SER X 147 32.34 30.54 -8.76
CA SER X 147 31.80 31.07 -7.52
C SER X 147 30.77 32.16 -7.80
N LEU X 148 31.12 33.07 -8.68
CA LEU X 148 30.24 34.17 -9.04
C LEU X 148 29.01 33.69 -9.82
N ALA X 149 29.21 32.71 -10.69
CA ALA X 149 28.10 32.15 -11.48
C ALA X 149 27.09 31.45 -10.58
N LEU X 150 27.59 30.86 -9.50
CA LEU X 150 26.75 30.28 -8.48
C LEU X 150 25.93 31.34 -7.77
N ALA X 151 26.61 32.40 -7.31
CA ALA X 151 25.94 33.56 -6.67
C ALA X 151 24.89 34.16 -7.59
N ASP X 152 25.22 34.24 -8.89
CA ASP X 152 24.29 34.69 -9.92
C ASP X 152 23.08 33.75 -10.05
N ALA X 153 23.34 32.44 -9.96
CA ALA X 153 22.27 31.44 -9.95
C ALA X 153 21.46 31.44 -8.64
N GLY X 154 21.86 32.30 -7.71
CA GLY X 154 21.17 32.49 -6.44
C GLY X 154 21.28 31.27 -5.54
N ILE X 155 22.41 30.57 -5.64
CA ILE X 155 22.65 29.40 -4.81
C ILE X 155 23.41 29.79 -3.55
N PRO X 156 22.89 29.41 -2.37
CA PRO X 156 23.45 29.82 -1.08
C PRO X 156 24.88 29.31 -0.88
N MET X 157 25.76 30.20 -0.41
CA MET X 157 27.15 29.80 -0.15
C MET X 157 27.62 30.44 1.14
N ARG X 158 28.61 29.82 1.79
CA ARG X 158 29.22 30.36 3.01
C ARG X 158 29.84 31.72 2.74
N ASP X 159 30.48 31.84 1.60
CA ASP X 159 31.13 33.08 1.19
C ASP X 159 31.44 32.98 -0.31
N LEU X 160 31.84 34.09 -0.90
CA LEU X 160 32.44 34.09 -2.23
C LEU X 160 33.87 33.52 -2.17
N ILE X 161 34.35 33.03 -3.31
CA ILE X 161 35.74 32.56 -3.41
C ILE X 161 36.59 33.52 -4.26
N ALA X 162 37.64 34.05 -3.65
CA ALA X 162 38.60 34.90 -4.32
C ALA X 162 39.99 34.24 -4.30
N GLY X 163 40.77 34.45 -5.36
CA GLY X 163 42.06 33.76 -5.44
C GLY X 163 43.12 34.38 -6.34
N VAL X 164 44.38 34.27 -5.91
CA VAL X 164 45.53 34.66 -6.73
C VAL X 164 46.59 33.59 -6.73
N ALA X 165 47.38 33.53 -7.81
CA ALA X 165 48.60 32.73 -7.81
C ALA X 165 49.76 33.62 -7.37
N VAL X 166 50.47 33.18 -6.33
CA VAL X 166 51.66 33.89 -5.87
C VAL X 166 52.87 33.01 -6.23
N GLY X 167 54.03 33.61 -6.51
CA GLY X 167 55.16 32.81 -6.96
C GLY X 167 56.49 33.40 -6.57
N ASP X 170 62.58 35.22 -9.69
CA ASP X 170 64.03 35.45 -9.77
C ASP X 170 64.74 35.46 -8.39
N GLY X 171 64.13 34.83 -7.40
CA GLY X 171 64.51 34.96 -5.99
C GLY X 171 63.59 35.93 -5.28
N VAL X 172 62.76 36.62 -6.06
CA VAL X 172 61.81 37.62 -5.55
C VAL X 172 60.37 37.07 -5.55
N ILE X 173 59.64 37.28 -4.46
CA ILE X 173 58.24 36.87 -4.37
C ILE X 173 57.32 37.84 -5.10
N ILE X 174 56.55 37.31 -6.04
CA ILE X 174 55.70 38.10 -6.94
C ILE X 174 54.21 37.69 -6.85
N LEU X 175 53.33 38.62 -7.20
CA LEU X 175 51.90 38.36 -7.09
C LEU X 175 51.26 38.31 -8.46
N ASP X 176 50.46 37.26 -8.69
CA ASP X 176 49.66 37.08 -9.92
C ASP X 176 50.50 36.92 -11.18
N LEU X 177 50.78 35.67 -11.56
CA LEU X 177 51.82 35.36 -12.57
C LEU X 177 51.36 35.40 -14.06
N ASN X 178 52.28 35.80 -14.95
CA ASN X 178 52.13 35.60 -16.40
C ASN X 178 52.20 34.11 -16.75
N GLU X 179 52.21 33.81 -18.05
CA GLU X 179 52.54 32.47 -18.55
C GLU X 179 54.06 32.36 -18.60
N THR X 180 54.73 33.50 -18.68
CA THR X 180 56.19 33.57 -18.67
C THR X 180 56.75 33.32 -17.27
N GLU X 181 56.12 33.91 -16.26
CA GLU X 181 56.56 33.74 -14.88
C GLU X 181 56.23 32.34 -14.39
N ASP X 182 55.14 31.78 -14.88
CA ASP X 182 54.75 30.41 -14.56
C ASP X 182 55.77 29.40 -15.10
N MET X 183 56.20 29.60 -16.33
CA MET X 183 57.08 28.64 -16.99
C MET X 183 58.60 28.73 -16.61
N TRP X 184 59.05 29.89 -16.14
CA TRP X 184 60.47 30.06 -15.76
C TRP X 184 60.74 30.39 -14.29
N GLY X 185 59.69 30.65 -13.52
CA GLY X 185 59.87 30.96 -12.10
C GLY X 185 60.24 29.73 -11.29
N GLU X 186 60.92 29.95 -10.17
CA GLU X 186 61.29 28.87 -9.25
C GLU X 186 60.08 28.20 -8.54
N ALA X 187 58.95 28.92 -8.43
CA ALA X 187 57.73 28.44 -7.77
C ALA X 187 56.46 29.09 -8.31
N ASP X 188 55.35 28.36 -8.25
CA ASP X 188 54.01 28.86 -8.57
C ASP X 188 53.00 28.26 -7.59
N MET X 189 52.37 29.14 -6.79
CA MET X 189 51.52 28.73 -5.68
C MET X 189 50.13 29.38 -5.75
N PRO X 190 49.18 28.69 -6.41
CA PRO X 190 47.81 29.20 -6.42
C PRO X 190 47.13 29.04 -5.05
N ILE X 191 46.44 30.09 -4.60
CA ILE X 191 45.73 30.11 -3.31
C ILE X 191 44.36 30.72 -3.51
N ALA X 192 43.34 30.01 -3.06
CA ALA X 192 41.96 30.52 -3.10
C ALA X 192 41.32 30.54 -1.70
N MET X 193 40.63 31.64 -1.40
CA MET X 193 40.08 31.82 -0.07
C MET X 193 38.62 32.18 -0.09
N MET X 194 37.95 31.92 1.04
CA MET X 194 36.69 32.56 1.39
C MET X 194 37.08 33.65 2.36
N PRO X 195 37.37 34.86 1.83
CA PRO X 195 38.09 35.94 2.54
C PRO X 195 37.43 36.39 3.85
N SER X 196 36.10 36.46 3.87
CA SER X 196 35.38 36.91 5.07
C SER X 196 35.43 35.93 6.22
N LEU X 197 35.70 34.66 5.90
CA LEU X 197 35.81 33.59 6.90
C LEU X 197 37.26 33.20 7.17
N ASN X 198 38.17 33.75 6.35
CA ASN X 198 39.59 33.40 6.36
C ASN X 198 39.82 31.91 6.15
N GLN X 199 39.09 31.35 5.19
CA GLN X 199 39.12 29.92 4.94
C GLN X 199 39.77 29.64 3.62
N VAL X 200 40.79 28.80 3.65
CA VAL X 200 41.49 28.44 2.43
C VAL X 200 40.76 27.27 1.77
N THR X 201 40.29 27.56 0.56
CA THR X 201 39.42 26.71 -0.23
C THR X 201 40.21 25.84 -1.19
N LEU X 202 41.25 26.43 -1.80
CA LEU X 202 42.20 25.77 -2.70
C LEU X 202 43.60 26.20 -2.30
N PHE X 203 44.53 25.26 -2.30
CA PHE X 203 45.92 25.55 -1.97
C PHE X 203 46.89 24.57 -2.64
N GLN X 204 47.74 25.08 -3.53
CA GLN X 204 48.71 24.24 -4.22
C GLN X 204 50.06 24.93 -4.34
N LEU X 205 51.11 24.14 -4.53
CA LEU X 205 52.41 24.69 -4.88
C LEU X 205 53.13 23.69 -5.76
N ASN X 206 53.51 24.17 -6.94
CA ASN X 206 54.49 23.47 -7.77
C ASN X 206 55.75 24.32 -7.91
N GLY X 207 56.90 23.69 -7.72
CA GLY X 207 58.16 24.39 -7.65
C GLY X 207 58.77 24.20 -6.29
N SER X 208 59.60 25.17 -5.89
CA SER X 208 60.47 25.00 -4.73
C SER X 208 60.46 26.26 -3.88
N MET X 209 60.38 26.09 -2.56
CA MET X 209 60.39 27.22 -1.63
C MET X 209 60.95 26.86 -0.25
N THR X 210 61.60 27.84 0.39
CA THR X 210 61.99 27.68 1.79
C THR X 210 60.76 27.95 2.64
N PRO X 211 60.68 27.35 3.85
CA PRO X 211 59.55 27.60 4.76
C PRO X 211 59.25 29.10 5.00
N ASP X 212 60.31 29.91 4.98
CA ASP X 212 60.25 31.37 5.12
C ASP X 212 59.61 32.05 3.92
N GLU X 213 60.19 31.84 2.75
CA GLU X 213 59.63 32.29 1.48
C GLU X 213 58.12 31.95 1.39
N PHE X 214 57.78 30.69 1.72
CA PHE X 214 56.39 30.19 1.72
C PHE X 214 55.45 31.05 2.57
N ARG X 215 55.90 31.40 3.77
CA ARG X 215 55.13 32.27 4.65
C ARG X 215 55.02 33.72 4.18
N GLN X 216 56.02 34.22 3.46
CA GLN X 216 55.95 35.56 2.85
C GLN X 216 54.99 35.58 1.67
N ALA X 217 55.19 34.65 0.74
CA ALA X 217 54.30 34.44 -0.40
C ALA X 217 52.83 34.32 0.00
N PHE X 218 52.52 33.59 1.07
CA PHE X 218 51.15 33.48 1.61
C PHE X 218 50.58 34.84 2.08
N ASP X 219 51.40 35.58 2.82
CA ASP X 219 51.04 36.89 3.35
C ASP X 219 50.68 37.88 2.22
N LEU X 220 51.43 37.83 1.12
CA LEU X 220 51.17 38.67 -0.05
C LEU X 220 49.89 38.25 -0.78
N ALA X 221 49.70 36.92 -0.94
CA ALA X 221 48.50 36.34 -1.57
C ALA X 221 47.20 36.79 -0.89
N VAL X 222 47.20 36.80 0.44
CA VAL X 222 46.06 37.29 1.23
C VAL X 222 45.65 38.71 0.82
N LYS X 223 46.64 39.62 0.79
CA LYS X 223 46.41 41.03 0.44
C LYS X 223 45.79 41.19 -0.94
N GLY X 224 46.29 40.41 -1.90
CA GLY X 224 45.77 40.41 -3.26
C GLY X 224 44.34 39.88 -3.28
N ILE X 225 44.13 38.75 -2.61
CA ILE X 225 42.80 38.14 -2.48
C ILE X 225 41.78 39.17 -1.94
N ASN X 226 42.17 39.92 -0.93
CA ASN X 226 41.31 40.93 -0.35
C ASN X 226 40.87 42.00 -1.33
N ILE X 227 41.77 42.40 -2.23
CA ILE X 227 41.44 43.40 -3.25
C ILE X 227 40.47 42.85 -4.29
N ILE X 228 40.72 41.60 -4.72
CA ILE X 228 39.85 40.90 -5.68
C ILE X 228 38.45 40.66 -5.12
N TYR X 229 38.41 40.25 -3.87
CA TYR X 229 37.17 40.00 -3.15
C TYR X 229 36.26 41.22 -3.19
N ASN X 230 36.84 42.39 -2.98
CA ASN X 230 36.09 43.64 -3.03
C ASN X 230 35.43 43.87 -4.37
N LEU X 231 36.11 43.47 -5.43
CA LEU X 231 35.58 43.65 -6.78
C LEU X 231 34.46 42.65 -7.02
N GLU X 232 34.62 41.44 -6.47
CA GLU X 232 33.59 40.40 -6.56
C GLU X 232 32.31 40.87 -5.88
N ARG X 233 32.44 41.27 -4.61
CA ARG X 233 31.35 41.87 -3.85
C ARG X 233 30.50 42.85 -4.68
N GLU X 234 31.17 43.77 -5.36
CA GLU X 234 30.56 44.88 -6.08
C GLU X 234 30.21 44.55 -7.56
N ALA X 235 30.82 43.50 -8.10
CA ALA X 235 30.35 42.91 -9.36
C ALA X 235 29.02 42.24 -9.14
N LEU X 236 28.74 41.87 -7.89
CA LEU X 236 27.52 41.20 -7.50
C LEU X 236 26.34 42.18 -7.48
N LYS X 237 26.59 43.40 -7.00
CA LYS X 237 25.57 44.45 -7.00
C LYS X 237 25.33 44.99 -8.40
N SER X 238 26.41 45.41 -9.07
CA SER X 238 26.30 46.18 -10.32
C SER X 238 26.41 45.36 -11.61
N LYS X 239 26.67 44.05 -11.49
CA LYS X 239 26.76 43.11 -12.62
C LYS X 239 27.98 43.28 -13.55
N TYR X 240 28.69 44.39 -13.42
CA TYR X 240 29.82 44.69 -14.29
C TYR X 240 30.91 45.50 -13.57
N VAL X 241 32.14 45.01 -13.61
CA VAL X 241 33.27 45.66 -12.94
C VAL X 241 34.54 45.65 -13.81
N GLU X 242 35.18 46.83 -13.93
CA GLU X 242 36.46 47.03 -14.64
C GLU X 242 37.53 47.63 -13.67
N PHE X 243 38.67 46.96 -13.53
CA PHE X 243 39.71 47.38 -12.58
C PHE X 243 41.09 47.40 -13.24
N LYS X 244 41.67 48.60 -13.38
CA LYS X 244 43.01 48.76 -13.95
C LYS X 244 44.08 48.27 -12.97
N GLU X 245 45.13 47.63 -13.52
CA GLU X 245 46.33 47.22 -12.77
C GLU X 245 46.71 48.18 -11.64
N GLU X 246 46.87 47.66 -10.43
CA GLU X 246 47.40 48.49 -9.34
C GLU X 246 48.06 47.71 -8.18
N GLY X 247 48.86 48.43 -7.42
CA GLY X 247 49.60 47.89 -6.29
C GLY X 247 48.80 47.49 -5.07
N VAL X 248 49.33 46.51 -4.34
CA VAL X 248 48.91 46.19 -2.96
C VAL X 248 49.83 46.98 -2.02
PB ADP Y . -9.16 -13.13 53.80
O1B ADP Y . -10.07 -12.50 52.76
O2B ADP Y . -7.73 -12.71 53.65
O3B ADP Y . -9.70 -12.97 55.20
PA ADP Y . -9.01 -15.99 54.47
O1A ADP Y . -10.30 -16.18 55.22
O2A ADP Y . -8.48 -17.18 53.71
O3A ADP Y . -9.17 -14.73 53.45
O5' ADP Y . -7.83 -15.48 55.44
C5' ADP Y . -7.83 -15.69 56.86
C4' ADP Y . -7.33 -14.47 57.64
O4' ADP Y . -6.29 -14.91 58.54
C3' ADP Y . -6.70 -13.36 56.79
O3' ADP Y . -7.56 -12.25 56.50
C2' ADP Y . -5.50 -12.90 57.58
O2' ADP Y . -5.88 -11.88 58.50
C1' ADP Y . -5.08 -14.16 58.33
N9 ADP Y . -4.12 -14.94 57.47
C8 ADP Y . -4.28 -15.23 56.16
N7 ADP Y . -3.24 -15.94 55.66
C5 ADP Y . -2.36 -16.11 56.66
C6 ADP Y . -1.04 -16.77 56.82
N6 ADP Y . -0.44 -17.40 55.78
N1 ADP Y . -0.45 -16.72 58.04
C2 ADP Y . -1.03 -16.10 59.10
N3 ADP Y . -2.23 -15.48 59.02
C4 ADP Y . -2.94 -15.45 57.85
PB ADP Z . 9.65 -46.15 29.72
O1B ADP Z . 9.54 -46.63 28.28
O2B ADP Z . 9.75 -44.67 29.92
O3B ADP Z . 8.71 -46.79 30.72
PA ADP Z . 11.95 -46.13 31.33
O1A ADP Z . 13.17 -47.03 31.32
O2A ADP Z . 12.12 -44.65 31.22
O3A ADP Z . 11.10 -46.70 30.10
O5' ADP Z . 10.97 -46.39 32.59
C5' ADP Z . 10.44 -47.69 32.82
C4' ADP Z . 9.53 -47.70 34.05
O4' ADP Z . 10.18 -47.17 35.21
C3' ADP Z . 8.30 -46.82 33.94
O3' ADP Z . 7.33 -47.29 33.02
C2' ADP Z . 7.86 -46.81 35.39
O2' ADP Z . 7.19 -48.00 35.84
C1' ADP Z . 9.16 -46.74 36.13
N9 ADP Z . 9.33 -45.34 36.64
C8 ADP Z . 9.85 -44.28 36.00
N7 ADP Z . 9.81 -43.17 36.79
C5 ADP Z . 9.26 -43.52 37.95
C6 ADP Z . 8.91 -42.84 39.23
N6 ADP Z . 9.16 -41.53 39.41
N1 ADP Z . 8.32 -43.58 40.20
C2 ADP Z . 8.07 -44.91 40.05
N3 ADP Z . 8.35 -45.58 38.91
C4 ADP Z . 8.93 -44.95 37.84
PB ADP AA . 34.93 -10.03 42.98
O1B ADP AA . 35.75 -8.85 42.49
O2B ADP AA . 33.54 -10.04 42.41
O3B ADP AA . 35.62 -11.37 42.87
PA ADP AA . 33.65 -10.28 45.57
O1A ADP AA . 33.57 -9.38 46.79
O2A ADP AA . 32.36 -10.47 44.80
O3A ADP AA . 34.80 -9.71 44.57
O5' ADP AA . 34.24 -11.72 46.05
C5' ADP AA . 34.16 -12.90 45.22
C4' ADP AA . 35.00 -14.08 45.74
O4' ADP AA . 34.24 -14.88 46.69
C3' ADP AA . 35.34 -15.01 44.58
O3' ADP AA . 36.55 -14.64 43.92
C2' ADP AA . 35.38 -16.43 45.16
O2' ADP AA . 36.75 -16.90 45.23
C1' ADP AA . 34.75 -16.35 46.58
PB ADP BA . -13.65 -41.97 -35.17
O1B ADP BA . -12.16 -41.83 -34.94
O2B ADP BA . -14.51 -41.10 -34.28
O3B ADP BA . -14.02 -41.94 -36.63
PA ADP BA . -15.43 -44.07 -34.51
O1A ADP BA . -15.29 -45.42 -33.83
O2A ADP BA . -16.32 -43.01 -33.91
O3A ADP BA . -13.94 -43.48 -34.68
O5' ADP BA . -15.84 -44.29 -36.06
C5' ADP BA . -17.18 -44.20 -36.54
C4' ADP BA . -17.18 -43.85 -38.03
O4' ADP BA . -18.48 -44.13 -38.54
C3' ADP BA . -16.93 -42.35 -38.24
O3' ADP BA . -15.67 -42.05 -38.86
C2' ADP BA . -18.04 -41.87 -39.15
O2' ADP BA . -17.59 -41.76 -40.51
C1' ADP BA . -19.13 -42.92 -39.00
N9 ADP BA . -20.08 -42.35 -38.00
C8 ADP BA . -20.18 -42.65 -36.68
N7 ADP BA . -21.13 -41.91 -36.06
C5 ADP BA . -21.68 -41.11 -36.99
C6 ADP BA . -22.75 -40.07 -37.03
N6 ADP BA . -23.43 -39.75 -35.91
N1 ADP BA . -23.02 -39.46 -38.22
C2 ADP BA . -22.35 -39.77 -39.33
N3 ADP BA . -21.37 -40.68 -39.37
C4 ADP BA . -20.99 -41.39 -38.27
PB ADP CA . -40.41 -8.00 -39.56
O1B ADP CA . -41.73 -8.58 -39.11
O2B ADP CA . -40.61 -7.22 -40.96
O3B ADP CA . -39.22 -8.92 -39.74
PA ADP CA . -40.87 -5.42 -38.29
O1A ADP CA . -40.74 -4.65 -39.58
O2A ADP CA . -40.14 -4.79 -37.12
O3A ADP CA . -40.02 -6.79 -38.53
O5' ADP CA . -42.28 -5.87 -37.95
PB ADP DA . -44.50 -34.51 -2.49
O1B ADP DA . -45.78 -34.53 -1.66
O2B ADP DA . -43.42 -33.71 -1.81
O3B ADP DA . -44.11 -35.86 -3.06
PA ADP DA . -46.29 -33.64 -4.43
O1A ADP DA . -47.31 -33.00 -3.48
O2A ADP DA . -46.18 -33.14 -5.85
O3A ADP DA . -44.84 -33.60 -3.77
O5' ADP DA . -46.53 -35.22 -4.48
C5' ADP DA . -46.01 -35.90 -5.61
C4' ADP DA . -46.13 -37.41 -5.51
O4' ADP DA . -46.72 -37.85 -6.74
C3' ADP DA . -44.74 -38.03 -5.49
O3' ADP DA . -44.37 -38.46 -4.17
C2' ADP DA . -44.78 -39.12 -6.55
O2' ADP DA . -45.27 -40.36 -6.05
C1' ADP DA . -45.80 -38.60 -7.53
N9 ADP DA . -45.08 -37.80 -8.56
C8 ADP DA . -44.73 -36.50 -8.51
N7 ADP DA . -44.08 -36.11 -9.63
C5 ADP DA . -44.01 -37.18 -10.45
C6 ADP DA . -43.44 -37.50 -11.82
N6 ADP DA . -42.80 -36.58 -12.59
N1 ADP DA . -43.60 -38.76 -12.29
C2 ADP DA . -44.24 -39.71 -11.57
N3 ADP DA . -44.76 -39.51 -10.33
C4 ADP DA . -44.67 -38.28 -9.73
PB ADP EA . -3.14 46.88 30.90
O1B ADP EA . -2.05 47.65 31.64
O2B ADP EA . -2.83 45.42 30.72
O3B ADP EA . -4.52 47.07 31.45
PA ADP EA . -3.26 49.03 28.98
O1A ADP EA . -2.14 49.76 29.67
O2A ADP EA . -3.33 49.13 27.47
O3A ADP EA . -3.20 47.46 29.39
O5' ADP EA . -4.69 49.48 29.58
C5' ADP EA . -4.83 50.35 30.72
C4' ADP EA . -6.08 50.10 31.59
O4' ADP EA . -7.11 51.08 31.29
C3' ADP EA . -6.77 48.74 31.49
O3' ADP EA . -6.38 47.86 32.55
C2' ADP EA . -8.23 49.03 31.67
O2' ADP EA . -8.48 49.11 33.07
C1' ADP EA . -8.37 50.41 31.09
N9 ADP EA . -8.77 50.39 29.65
C8 ADP EA . -7.94 50.37 28.57
N7 ADP EA . -8.63 50.36 27.39
C5 ADP EA . -9.93 50.38 27.71
C6 ADP EA . -11.22 50.39 26.96
N6 ADP EA . -11.22 50.38 25.61
N1 ADP EA . -12.38 50.43 27.66
C2 ADP EA . -12.40 50.45 29.00
N3 ADP EA . -11.28 50.45 29.76
C4 ADP EA . -10.04 50.40 29.19
PB ADP FA . -12.03 52.81 -13.23
O1B ADP FA . -11.55 51.94 -14.36
O2B ADP FA . -12.67 52.02 -12.13
O3B ADP FA . -11.08 53.90 -12.79
PA ADP FA . -14.63 53.74 -12.91
O1A ADP FA . -15.75 54.02 -13.91
O2A ADP FA . -14.75 52.56 -12.01
O3A ADP FA . -13.31 53.56 -13.83
O5' ADP FA . -14.27 55.02 -11.99
C5' ADP FA . -13.35 56.02 -12.47
C4' ADP FA . -12.68 56.87 -11.38
O4' ADP FA . -13.61 57.34 -10.39
C3' ADP FA . -11.58 56.20 -10.56
O3' ADP FA . -10.35 56.01 -11.26
C2' ADP FA . -11.48 57.16 -9.37
O2' ADP FA . -10.68 58.33 -9.61
C1' ADP FA . -12.90 57.66 -9.20
N9 ADP FA . -13.43 56.87 -8.07
C8 ADP FA . -13.91 55.63 -8.12
N7 ADP FA . -14.30 55.22 -6.90
C5 ADP FA . -14.05 56.22 -6.03
C6 ADP FA . -14.21 56.44 -4.57
N6 ADP FA . -14.74 55.48 -3.77
N1 ADP FA . -13.80 57.64 -4.05
C2 ADP FA . -13.28 58.62 -4.83
N3 ADP FA . -13.12 58.48 -6.17
C4 ADP FA . -13.47 57.32 -6.81
PB ADP GA . -42.53 33.01 13.51
O1B ADP GA . -42.62 31.51 13.64
O2B ADP GA . -41.15 33.46 13.15
O3B ADP GA . -43.66 33.60 12.69
PA ADP GA . -42.40 35.13 15.47
O1A ADP GA . -42.82 35.17 16.92
O2A ADP GA . -41.02 35.60 15.08
O3A ADP GA . -42.64 33.58 15.02
O5' ADP GA . -43.50 35.88 14.57
C5' ADP GA . -43.62 37.29 14.45
C4' ADP GA . -44.04 37.60 13.03
O4' ADP GA . -43.89 39.01 12.80
C3' ADP GA . -43.15 36.93 12.00
O3' ADP GA . -43.67 35.69 11.49
C2' ADP GA . -42.97 37.97 10.93
O2' ADP GA . -44.14 38.03 10.11
C1' ADP GA . -43.03 39.27 11.68
N9 ADP GA . -41.67 39.75 12.09
C8 ADP GA . -40.82 39.24 13.02
N7 ADP GA . -39.68 39.96 13.14
C5 ADP GA . -39.78 40.99 12.27
C6 ADP GA . -38.94 42.16 11.87
N6 ADP GA . -37.74 42.38 12.44
N1 ADP GA . -39.42 43.00 10.92
C2 ADP GA . -40.62 42.81 10.35
N3 ADP GA . -41.45 41.78 10.66
C4 ADP GA . -41.09 40.85 11.59
PB ADP HA . 49.42 -17.18 -19.31
O1B ADP HA . 49.20 -18.37 -18.40
O2B ADP HA . 48.13 -16.66 -19.88
O3B ADP HA . 50.34 -16.13 -18.78
PA ADP HA . 50.30 -17.01 -22.00
O1A ADP HA . 50.45 -18.05 -23.07
O2A ADP HA . 49.19 -16.00 -22.13
O3A ADP HA . 50.21 -17.78 -20.58
O5' ADP HA . 51.70 -16.20 -21.86
C5' ADP HA . 52.72 -16.78 -21.06
C4' ADP HA . 53.74 -15.75 -20.60
O4' ADP HA . 54.09 -14.88 -21.67
C3' ADP HA . 53.25 -14.83 -19.48
O3' ADP HA . 53.31 -15.41 -18.18
C2' ADP HA . 54.22 -13.69 -19.61
O2' ADP HA . 55.42 -13.90 -18.85
C1' ADP HA . 54.54 -13.65 -21.09
N9 ADP HA . 53.76 -12.52 -21.61
C8 ADP HA . 52.46 -12.53 -21.93
N7 ADP HA . 52.06 -11.30 -22.35
C5 ADP HA . 53.13 -10.50 -22.27
C6 ADP HA . 53.38 -9.09 -22.56
N6 ADP HA . 52.38 -8.32 -23.03
N1 ADP HA . 54.64 -8.62 -22.37
C2 ADP HA . 55.64 -9.41 -21.92
N3 ADP HA . 55.47 -10.72 -21.62
C4 ADP HA . 54.24 -11.30 -21.78
PB ADP IA . 26.63 7.51 -49.55
O1B ADP IA . 25.38 7.45 -50.41
O2B ADP IA . 26.35 8.11 -48.20
O3B ADP IA . 27.41 6.22 -49.51
PA ADP IA . 28.76 9.43 -49.62
O1A ADP IA . 28.99 10.74 -50.35
O2A ADP IA . 28.46 9.53 -48.14
O3A ADP IA . 27.57 8.58 -50.31
O5' ADP IA . 30.08 8.49 -49.86
C5' ADP IA . 30.65 8.19 -51.16
C4' ADP IA . 31.35 6.82 -51.21
O4' ADP IA . 32.36 6.70 -50.19
C3' ADP IA . 30.42 5.61 -51.02
O3' ADP IA . 29.99 5.04 -52.27
C2' ADP IA . 31.21 4.60 -50.22
O2' ADP IA . 31.53 3.47 -51.05
C1' ADP IA . 32.49 5.30 -49.75
PB ADP JA . 47.06 27.32 -14.75
O1B ADP JA . 46.24 28.07 -13.73
O2B ADP JA . 46.78 25.84 -14.80
O3B ADP JA . 47.11 27.98 -16.11
PA ADP JA . 49.65 26.17 -14.36
O1A ADP JA . 50.76 26.32 -13.32
O2A ADP JA . 48.94 24.84 -14.46
O3A ADP JA . 48.56 27.36 -14.14
O5' ADP JA . 50.23 26.54 -15.85
C5' ADP JA . 50.27 27.85 -16.46
C4' ADP JA . 50.39 27.80 -17.99
O4' ADP JA . 51.11 26.61 -18.42
C3' ADP JA . 49.05 27.76 -18.71
O3' ADP JA . 48.49 29.07 -18.97
C2' ADP JA . 49.30 26.98 -19.99
O2' ADP JA . 49.08 27.83 -21.14
C1' ADP JA . 50.79 26.48 -19.95
#